data_8BOZ
#
_entry.id   8BOZ
#
_cell.length_a   67.860
_cell.length_b   449.070
_cell.length_c   116.230
_cell.angle_alpha   90.00
_cell.angle_beta   93.18
_cell.angle_gamma   90.00
#
_symmetry.space_group_name_H-M   'P 1 21 1'
#
loop_
_entity.id
_entity.type
_entity.pdbx_description
1 polymer 'Transmembrane protein'
2 polymer Lipoprotein
3 non-polymer 'CALCIUM ION'
#
loop_
_entity_poly.entity_id
_entity_poly.type
_entity_poly.pdbx_seq_one_letter_code
_entity_poly.pdbx_strand_id
1 'polypeptide(L)'
;MSTNKSEPTRKVDVHLTDNGTPFAYSMTSHKNVKVRAEVQPPLQLPGLIIFVHGVNSEGEWYDYAERSLCAGLNQRLGLE
GEHGLKENNYEGGFFVNSDKSEGGWEHTYEIEGSQKKWVSGPRKITKGGDGRSPVIRFYWGYRAADNETDTYAIPLKNKK
GDNYYDLPPESRKAKGPWFWGGGPFQNGCNQLVSLWSKTGFNNNPSLLGVPLPFSTQVLNGERDRLLSDAPPRHYYAHAA
GRLAKLIKTIRNQHPEDTVTVLSHSQGTMIALAAAAIEAPDALFVMNSPYALENEPTTYISYPIKEIISRKARSATFADI
VKKVAENKTRLKQQGCDNLLAGMSSDGNSWIPEGKTHNGLPERDNHGTTWIYCNPHDRVMGSSPLRSIGWQGLPDTKDGT
PHTLFKQAGDTLYVRILGRNTPCGGTPTAQTHFSNLGDGKPFWDSTTTLLQRATWPDPDSGQTLTINAPQVPEPLTAEEL
KNFDQDYARDEKQSGGAGYAYGQINPETKKPVDTDYRYYISLYGYFDRKMVPKKDSGYYQSGPGSKEDRVKYEKQSQEEM
LEEVRTYVQRPTDHSTLPSDERFMSRVVAYDLPIGYCWHSWDKAGLEELRRQADWLESDDYYFSGKLTVPPIPPAIKQDV
AEDAEQRKAEEKARLRNV
;
A,C,E,G,I,K,M,O
2 'polypeptide(L)'
;MLKEWMIFTCSLLTLAGASLPLSGCISRGQESISEGAAFGAGILREPGATKKADTKDLNVPPPVYGPPQVIFRIDDNRYF
TLENYTHCENGQTFYNNKAKNIHVKILDASGYLFKGRLFWLSTRDDFLAFPATLNTRHASCMGSNKGCMNAVIVTTDGGK
RRSGVPYGSYTQNPTGATRDYDMLVMNDGFYLLRYRGGQGRFSPVILRWILSTEDSSGVVRSEDAYELFRPGEEVPSTGF
YKIDLSRFYPKNNVMEMQCDRTLEPVQPSESKIQ
;
B,D,F,H,J,L,N,P
#
loop_
_chem_comp.id
_chem_comp.type
_chem_comp.name
_chem_comp.formula
CA non-polymer 'CALCIUM ION' 'Ca 2'
#
# COMPACT_ATOMS: atom_id res chain seq x y z
N GLU A 38 -17.36 -34.92 -31.54
CA GLU A 38 -16.21 -35.53 -30.90
C GLU A 38 -16.32 -35.46 -29.38
N VAL A 39 -15.72 -36.43 -28.70
CA VAL A 39 -15.69 -36.49 -27.24
C VAL A 39 -14.30 -36.94 -26.83
N GLN A 40 -13.53 -36.01 -26.25
CA GLN A 40 -12.12 -36.27 -25.92
C GLN A 40 -12.01 -36.57 -24.42
N PRO A 41 -11.83 -37.83 -24.02
CA PRO A 41 -11.73 -38.15 -22.60
C PRO A 41 -10.28 -38.22 -22.15
N PRO A 42 -10.03 -38.23 -20.84
CA PRO A 42 -8.65 -38.34 -20.35
C PRO A 42 -8.14 -39.77 -20.41
N LEU A 43 -6.82 -39.91 -20.25
CA LEU A 43 -6.19 -41.22 -20.31
C LEU A 43 -6.36 -41.97 -18.98
N GLN A 44 -5.61 -41.55 -17.95
CA GLN A 44 -5.69 -42.13 -16.61
C GLN A 44 -5.37 -43.63 -16.64
N LEU A 45 -4.12 -43.95 -17.03
CA LEU A 45 -3.71 -45.34 -17.12
C LEU A 45 -3.27 -45.87 -15.76
N PRO A 46 -3.51 -47.17 -15.49
CA PRO A 46 -3.14 -47.73 -14.19
C PRO A 46 -1.82 -48.47 -14.20
N GLY A 47 -0.73 -47.75 -14.47
CA GLY A 47 0.58 -48.38 -14.49
C GLY A 47 1.04 -48.78 -15.87
N LEU A 48 2.28 -48.43 -16.22
CA LEU A 48 2.82 -48.75 -17.54
C LEU A 48 3.25 -50.20 -17.61
N ILE A 49 3.25 -50.74 -18.83
CA ILE A 49 3.63 -52.13 -19.09
C ILE A 49 4.64 -52.13 -20.23
N ILE A 50 5.70 -52.92 -20.06
CA ILE A 50 6.79 -52.99 -21.03
C ILE A 50 6.83 -54.41 -21.60
N PHE A 51 6.51 -54.53 -22.89
CA PHE A 51 6.62 -55.82 -23.57
C PHE A 51 8.04 -56.05 -24.01
N VAL A 52 8.61 -57.18 -23.61
CA VAL A 52 9.99 -57.54 -23.95
C VAL A 52 9.93 -58.81 -24.78
N HIS A 53 10.31 -58.70 -26.05
CA HIS A 53 10.21 -59.83 -26.98
C HIS A 53 11.37 -60.80 -26.75
N GLY A 54 11.53 -61.76 -27.66
CA GLY A 54 12.56 -62.78 -27.51
C GLY A 54 13.66 -62.72 -28.55
N VAL A 55 14.14 -63.88 -28.97
CA VAL A 55 15.21 -63.98 -29.96
C VAL A 55 14.60 -64.14 -31.34
N ASN A 56 15.26 -63.52 -32.34
CA ASN A 56 14.80 -63.41 -33.74
C ASN A 56 13.32 -63.04 -33.83
N SER A 57 12.83 -62.35 -32.81
CA SER A 57 11.44 -61.93 -32.74
C SER A 57 11.35 -60.41 -32.85
N GLU A 58 10.29 -59.94 -33.52
CA GLU A 58 10.00 -58.52 -33.63
C GLU A 58 8.69 -58.18 -32.91
N GLY A 59 8.41 -58.87 -31.81
CA GLY A 59 7.19 -58.64 -31.06
C GLY A 59 5.96 -59.08 -31.81
N GLU A 60 5.95 -60.34 -32.28
CA GLU A 60 4.78 -60.85 -32.98
C GLU A 60 3.58 -60.94 -32.05
N TRP A 61 3.79 -61.45 -30.84
CA TRP A 61 2.71 -61.57 -29.86
C TRP A 61 2.32 -60.24 -29.25
N TYR A 62 3.00 -59.14 -29.61
CA TYR A 62 2.75 -57.86 -28.96
C TYR A 62 1.32 -57.38 -29.21
N ASP A 63 0.91 -57.33 -30.47
CA ASP A 63 -0.37 -56.71 -30.84
C ASP A 63 -1.53 -57.29 -30.05
N TYR A 64 -1.59 -58.62 -29.97
CA TYR A 64 -2.82 -59.30 -29.59
C TYR A 64 -2.61 -60.09 -28.31
N ALA A 65 -1.53 -59.78 -27.60
CA ALA A 65 -1.50 -59.77 -26.14
C ALA A 65 -1.96 -58.42 -25.61
N GLU A 66 -1.61 -57.34 -26.33
CA GLU A 66 -2.06 -56.00 -25.97
C GLU A 66 -3.58 -55.91 -26.02
N ARG A 67 -4.19 -56.34 -27.12
CA ARG A 67 -5.63 -56.27 -27.26
C ARG A 67 -6.33 -57.04 -26.13
N SER A 68 -5.91 -58.28 -25.92
CA SER A 68 -6.57 -59.12 -24.92
C SER A 68 -6.35 -58.57 -23.51
N LEU A 69 -5.15 -58.08 -23.23
CA LEU A 69 -4.86 -57.58 -21.89
C LEU A 69 -5.62 -56.29 -21.60
N CYS A 70 -5.80 -55.45 -22.62
CA CYS A 70 -6.60 -54.24 -22.44
C CYS A 70 -8.06 -54.57 -22.17
N ALA A 71 -8.60 -55.57 -22.88
CA ALA A 71 -9.98 -55.99 -22.65
C ALA A 71 -10.14 -56.57 -21.26
N GLY A 72 -9.15 -57.35 -20.81
CA GLY A 72 -9.22 -57.91 -19.47
C GLY A 72 -9.17 -56.84 -18.39
N LEU A 73 -8.30 -55.85 -18.55
CA LEU A 73 -8.26 -54.73 -17.62
C LEU A 73 -9.57 -53.95 -17.63
N ASN A 74 -10.17 -53.81 -18.81
CA ASN A 74 -11.42 -53.05 -18.92
C ASN A 74 -12.55 -53.72 -18.16
N GLN A 75 -12.62 -55.05 -18.20
CA GLN A 75 -13.63 -55.74 -17.41
C GLN A 75 -13.24 -55.78 -15.93
N ARG A 76 -11.97 -56.01 -15.64
CA ARG A 76 -11.53 -56.14 -14.25
C ARG A 76 -11.81 -54.87 -13.45
N LEU A 77 -11.51 -53.71 -14.02
CA LEU A 77 -11.63 -52.44 -13.32
C LEU A 77 -12.92 -51.71 -13.63
N GLY A 78 -13.89 -52.37 -14.24
CA GLY A 78 -15.19 -51.78 -14.46
C GLY A 78 -15.24 -50.66 -15.48
N LEU A 79 -14.17 -50.45 -16.24
CA LEU A 79 -14.19 -49.42 -17.27
C LEU A 79 -15.15 -49.80 -18.39
N GLU A 80 -15.86 -48.80 -18.92
CA GLU A 80 -16.80 -49.00 -20.00
C GLU A 80 -16.85 -47.73 -20.84
N GLY A 81 -17.61 -47.80 -21.94
CA GLY A 81 -17.83 -46.67 -22.82
C GLY A 81 -16.52 -46.12 -23.38
N GLU A 82 -16.55 -44.83 -23.75
CA GLU A 82 -15.35 -44.17 -24.24
C GLU A 82 -14.25 -44.09 -23.19
N HIS A 83 -14.57 -44.36 -21.91
CA HIS A 83 -13.57 -44.35 -20.85
C HIS A 83 -12.67 -45.57 -20.88
N GLY A 84 -13.12 -46.68 -21.46
CA GLY A 84 -12.36 -47.91 -21.41
C GLY A 84 -11.05 -47.81 -22.17
N LEU A 85 -10.13 -48.70 -21.80
CA LEU A 85 -8.85 -48.79 -22.48
C LEU A 85 -9.00 -49.52 -23.80
N LYS A 86 -8.08 -49.25 -24.72
CA LYS A 86 -8.09 -49.91 -26.02
C LYS A 86 -6.66 -49.97 -26.54
N GLU A 87 -6.42 -50.96 -27.41
CA GLU A 87 -5.07 -51.21 -27.90
C GLU A 87 -4.66 -50.18 -28.94
N ASN A 88 -3.36 -50.03 -29.11
CA ASN A 88 -2.84 -49.30 -30.25
C ASN A 88 -2.91 -50.19 -31.49
N ASN A 89 -2.88 -49.55 -32.66
CA ASN A 89 -2.82 -50.26 -33.93
C ASN A 89 -1.66 -49.71 -34.72
N TYR A 90 -0.80 -50.60 -35.22
CA TYR A 90 0.40 -50.20 -35.92
C TYR A 90 0.32 -50.61 -37.38
N GLU A 91 1.13 -49.97 -38.21
CA GLU A 91 1.12 -50.22 -39.64
C GLU A 91 1.60 -51.64 -39.93
N GLY A 92 0.82 -52.38 -40.72
CA GLY A 92 1.18 -53.73 -41.09
C GLY A 92 2.28 -53.77 -42.13
N GLY A 93 2.66 -54.99 -42.50
CA GLY A 93 3.67 -55.19 -43.52
C GLY A 93 3.10 -55.06 -44.92
N PHE A 94 3.97 -55.29 -45.90
CA PHE A 94 3.58 -55.17 -47.31
C PHE A 94 4.62 -55.89 -48.16
N PHE A 95 4.43 -55.82 -49.47
CA PHE A 95 5.33 -56.39 -50.46
C PHE A 95 6.11 -55.28 -51.16
N VAL A 96 7.25 -55.65 -51.72
CA VAL A 96 8.03 -54.74 -52.55
C VAL A 96 8.51 -55.47 -53.81
N LYS A 116 6.32 -60.80 -54.95
CA LYS A 116 7.38 -59.98 -54.37
C LYS A 116 7.99 -60.65 -53.15
N LYS A 117 8.29 -59.86 -52.13
CA LYS A 117 8.96 -60.35 -50.94
C LYS A 117 8.41 -59.63 -49.72
N TRP A 118 8.25 -60.36 -48.62
CA TRP A 118 7.67 -59.79 -47.41
C TRP A 118 8.60 -58.75 -46.79
N VAL A 119 7.98 -57.73 -46.19
CA VAL A 119 8.70 -56.68 -45.47
C VAL A 119 7.96 -56.42 -44.16
N SER A 120 8.70 -56.43 -43.06
CA SER A 120 8.12 -56.07 -41.77
C SER A 120 7.65 -54.62 -41.82
N GLY A 121 6.42 -54.39 -41.39
CA GLY A 121 5.84 -53.07 -41.42
C GLY A 121 6.61 -52.08 -40.58
N PRO A 122 6.57 -50.81 -40.97
CA PRO A 122 7.23 -49.77 -40.16
C PRO A 122 6.53 -49.61 -38.81
N ARG A 123 7.35 -49.48 -37.77
CA ARG A 123 6.83 -49.37 -36.40
C ARG A 123 6.28 -47.95 -36.18
N LYS A 124 5.16 -47.68 -36.85
CA LYS A 124 4.48 -46.40 -36.78
C LYS A 124 3.01 -46.63 -36.52
N ILE A 125 2.41 -45.72 -35.75
CA ILE A 125 0.98 -45.82 -35.46
C ILE A 125 0.20 -45.57 -36.74
N THR A 126 -0.81 -46.40 -36.99
CA THR A 126 -1.65 -46.21 -38.16
C THR A 126 -2.55 -45.00 -37.96
N LYS A 127 -3.08 -44.48 -39.08
CA LYS A 127 -3.96 -43.33 -39.03
C LYS A 127 -5.18 -43.64 -38.16
N GLY A 128 -5.41 -42.81 -37.15
CA GLY A 128 -6.50 -43.05 -36.21
C GLY A 128 -6.33 -44.31 -35.41
N GLY A 129 -5.09 -44.69 -35.09
CA GLY A 129 -4.83 -45.93 -34.38
C GLY A 129 -4.30 -45.74 -32.98
N ASP A 130 -4.07 -44.48 -32.57
CA ASP A 130 -3.59 -44.20 -31.23
C ASP A 130 -4.73 -44.42 -30.25
N GLY A 131 -4.60 -45.44 -29.39
CA GLY A 131 -5.62 -45.77 -28.42
C GLY A 131 -5.11 -45.63 -26.99
N ARG A 132 -6.05 -45.72 -26.04
CA ARG A 132 -5.74 -45.62 -24.62
C ARG A 132 -5.13 -46.94 -24.17
N SER A 133 -3.79 -47.03 -24.27
CA SER A 133 -3.07 -48.27 -24.01
C SER A 133 -1.89 -47.99 -23.09
N PRO A 134 -1.68 -48.79 -22.05
CA PRO A 134 -0.54 -48.58 -21.16
C PRO A 134 0.68 -49.41 -21.54
N VAL A 135 0.73 -49.89 -22.79
CA VAL A 135 1.77 -50.79 -23.24
C VAL A 135 2.91 -49.99 -23.84
N ILE A 136 4.12 -50.20 -23.33
CA ILE A 136 5.34 -49.68 -23.93
C ILE A 136 6.01 -50.83 -24.64
N ARG A 137 5.98 -50.81 -25.97
CA ARG A 137 6.51 -51.91 -26.77
C ARG A 137 8.02 -51.76 -26.86
N PHE A 138 8.72 -52.40 -25.93
CA PHE A 138 10.18 -52.41 -25.98
C PHE A 138 10.66 -53.27 -27.14
N TYR A 139 11.84 -52.93 -27.65
CA TYR A 139 12.46 -53.68 -28.73
C TYR A 139 13.96 -53.71 -28.53
N TRP A 140 14.59 -54.80 -28.97
CA TRP A 140 16.03 -54.95 -28.91
C TRP A 140 16.48 -55.90 -30.03
N GLY A 141 17.78 -55.88 -30.29
CA GLY A 141 18.32 -56.70 -31.35
C GLY A 141 19.83 -56.53 -31.43
N TYR A 142 20.40 -57.04 -32.53
CA TYR A 142 21.83 -57.01 -32.76
C TYR A 142 22.14 -56.33 -34.08
N ARG A 143 23.07 -55.39 -34.06
CA ARG A 143 23.56 -54.72 -35.25
C ARG A 143 25.02 -55.08 -35.51
N ALA A 144 25.37 -55.22 -36.78
CA ALA A 144 26.75 -55.46 -37.17
C ALA A 144 27.54 -54.15 -37.20
N ALA A 145 28.85 -54.27 -37.01
CA ALA A 145 29.72 -53.11 -36.98
C ALA A 145 29.81 -52.46 -38.36
N ASP A 146 30.49 -51.30 -38.40
CA ASP A 146 30.60 -50.55 -39.65
C ASP A 146 31.50 -51.22 -40.68
N ASN A 147 32.29 -52.22 -40.30
CA ASN A 147 33.19 -52.87 -41.24
C ASN A 147 33.26 -54.38 -41.06
N GLU A 148 32.36 -54.97 -40.27
CA GLU A 148 32.39 -56.37 -39.90
C GLU A 148 31.03 -57.01 -40.10
N THR A 149 30.35 -56.65 -41.18
CA THR A 149 28.99 -57.11 -41.41
C THR A 149 28.93 -58.61 -41.61
N ASP A 150 29.52 -59.11 -42.69
CA ASP A 150 29.41 -60.53 -43.05
C ASP A 150 30.55 -61.40 -42.51
N THR A 151 31.01 -61.18 -41.28
CA THR A 151 31.83 -62.16 -40.59
C THR A 151 31.02 -63.28 -39.95
N TYR A 152 29.75 -63.01 -39.64
CA TYR A 152 28.89 -63.99 -39.00
C TYR A 152 27.77 -64.31 -39.98
N ALA A 153 27.75 -65.54 -40.48
CA ALA A 153 26.71 -65.96 -41.42
C ALA A 153 25.37 -66.08 -40.70
N ILE A 154 24.81 -64.95 -40.33
CA ILE A 154 23.52 -64.89 -39.63
C ILE A 154 22.59 -63.98 -40.41
N PRO A 155 21.28 -64.10 -40.21
CA PRO A 155 20.35 -63.26 -40.96
C PRO A 155 20.55 -61.79 -40.61
N LEU A 156 20.44 -60.93 -41.64
CA LEU A 156 20.66 -59.50 -41.47
C LEU A 156 19.70 -58.74 -42.38
N LYS A 157 19.07 -57.72 -41.83
CA LYS A 157 18.12 -56.89 -42.57
C LYS A 157 18.28 -55.45 -42.13
N ASN A 158 18.02 -54.52 -43.06
CA ASN A 158 18.06 -53.11 -42.75
C ASN A 158 16.71 -52.66 -42.22
N LYS A 159 16.61 -51.37 -41.89
CA LYS A 159 15.35 -50.83 -41.36
C LYS A 159 14.22 -50.97 -42.37
N LYS A 160 14.52 -50.76 -43.66
CA LYS A 160 13.50 -50.86 -44.69
C LYS A 160 13.06 -52.30 -44.96
N GLY A 161 13.78 -53.28 -44.43
CA GLY A 161 13.39 -54.67 -44.58
C GLY A 161 13.96 -55.36 -45.79
N ASP A 162 15.25 -55.18 -46.04
CA ASP A 162 15.94 -55.78 -47.18
C ASP A 162 16.94 -56.81 -46.68
N ASN A 163 17.04 -57.93 -47.40
CA ASN A 163 17.97 -58.98 -47.03
C ASN A 163 19.39 -58.59 -47.41
N TYR A 164 20.31 -58.68 -46.45
CA TYR A 164 21.70 -58.32 -46.71
C TYR A 164 22.29 -59.17 -47.84
N TYR A 165 21.94 -60.45 -47.87
CA TYR A 165 22.50 -61.36 -48.86
C TYR A 165 21.79 -61.30 -50.21
N ASP A 166 21.01 -60.24 -50.45
CA ASP A 166 20.29 -60.08 -51.71
C ASP A 166 20.72 -58.82 -52.46
N LEU A 167 21.71 -58.09 -51.97
CA LEU A 167 22.19 -56.88 -52.60
C LEU A 167 23.67 -57.01 -52.95
N PRO A 168 24.14 -56.28 -53.95
CA PRO A 168 25.56 -56.37 -54.31
C PRO A 168 26.43 -55.90 -53.18
N PRO A 169 27.64 -56.46 -53.04
CA PRO A 169 28.50 -56.08 -51.91
C PRO A 169 28.88 -54.61 -51.88
N GLU A 170 29.13 -54.02 -53.06
CA GLU A 170 29.49 -52.61 -53.11
C GLU A 170 28.34 -51.72 -52.64
N SER A 171 27.11 -52.08 -53.03
CA SER A 171 25.95 -51.34 -52.52
C SER A 171 25.72 -51.61 -51.04
N ARG A 172 25.99 -52.84 -50.60
CA ARG A 172 25.75 -53.20 -49.22
C ARG A 172 26.55 -52.30 -48.28
N LYS A 173 25.84 -51.72 -47.30
CA LYS A 173 26.35 -50.89 -46.22
C LYS A 173 26.63 -49.46 -46.70
N ALA A 174 26.35 -49.14 -47.95
CA ALA A 174 26.26 -47.74 -48.34
C ALA A 174 25.28 -47.01 -47.41
N LYS A 175 24.08 -47.57 -47.25
CA LYS A 175 23.14 -47.10 -46.24
C LYS A 175 22.20 -48.25 -45.91
N GLY A 176 21.55 -48.13 -44.76
CA GLY A 176 20.76 -49.20 -44.21
C GLY A 176 21.62 -50.01 -43.27
N PRO A 177 21.83 -49.48 -42.04
CA PRO A 177 22.62 -50.22 -41.04
C PRO A 177 22.08 -51.62 -40.85
N TRP A 178 22.92 -52.63 -41.05
CA TRP A 178 22.46 -54.00 -41.06
C TRP A 178 22.38 -54.57 -39.64
N PHE A 179 21.32 -55.31 -39.38
CA PHE A 179 20.97 -55.76 -38.05
C PHE A 179 19.93 -56.86 -38.17
N TRP A 180 19.57 -57.45 -37.03
CA TRP A 180 18.49 -58.42 -36.96
C TRP A 180 17.67 -58.14 -35.71
N GLY A 181 16.36 -58.03 -35.88
CA GLY A 181 15.48 -57.68 -34.78
C GLY A 181 15.28 -58.80 -33.78
N GLY A 182 15.88 -58.67 -32.61
CA GLY A 182 15.79 -59.69 -31.58
C GLY A 182 17.04 -60.51 -31.36
N GLY A 183 18.10 -60.20 -32.09
CA GLY A 183 19.36 -60.92 -31.85
C GLY A 183 19.36 -62.25 -32.58
N PRO A 184 20.51 -62.77 -33.03
CA PRO A 184 20.59 -64.00 -33.83
C PRO A 184 19.52 -65.06 -33.50
N PHE A 185 19.90 -66.11 -32.78
CA PHE A 185 18.96 -67.21 -32.42
C PHE A 185 19.73 -68.33 -31.75
N GLN A 186 20.77 -68.80 -32.43
CA GLN A 186 21.61 -69.88 -31.86
C GLN A 186 22.39 -69.31 -30.68
N ASN A 187 21.94 -68.19 -30.13
CA ASN A 187 22.74 -67.52 -29.07
C ASN A 187 21.97 -67.43 -27.77
N GLY A 188 20.99 -68.30 -27.53
CA GLY A 188 20.40 -68.15 -26.23
C GLY A 188 21.29 -68.66 -25.13
N CYS A 189 20.80 -68.53 -23.90
CA CYS A 189 21.55 -68.98 -22.73
C CYS A 189 20.59 -69.15 -21.56
N ASN A 190 21.07 -69.85 -20.53
CA ASN A 190 20.27 -70.20 -19.36
C ASN A 190 20.82 -69.57 -18.08
N GLN A 191 21.55 -68.47 -18.19
CA GLN A 191 22.02 -67.74 -17.03
C GLN A 191 22.25 -66.29 -17.41
N LEU A 192 22.34 -65.43 -16.39
CA LEU A 192 22.47 -64.00 -16.62
C LEU A 192 23.91 -63.57 -16.93
N VAL A 193 24.90 -64.29 -16.39
CA VAL A 193 26.28 -63.87 -16.60
C VAL A 193 26.68 -64.00 -18.07
N SER A 194 26.07 -64.94 -18.80
CA SER A 194 26.41 -65.14 -20.19
C SER A 194 25.97 -63.98 -21.09
N LEU A 195 25.12 -63.08 -20.58
CA LEU A 195 24.79 -61.89 -21.36
C LEU A 195 25.98 -60.93 -21.45
N TRP A 196 26.94 -61.02 -20.53
CA TRP A 196 28.15 -60.21 -20.58
C TRP A 196 29.31 -60.94 -21.25
N SER A 197 29.05 -62.08 -21.87
CA SER A 197 30.11 -62.90 -22.43
C SER A 197 30.79 -62.20 -23.60
N LYS A 198 32.13 -62.16 -23.56
CA LYS A 198 32.93 -61.68 -24.68
C LYS A 198 32.98 -62.69 -25.82
N THR A 199 32.33 -63.84 -25.69
CA THR A 199 32.41 -64.93 -26.66
C THR A 199 31.01 -65.37 -27.04
N GLY A 200 30.77 -65.51 -28.35
CA GLY A 200 29.48 -65.95 -28.85
C GLY A 200 29.39 -67.46 -28.97
N PHE A 201 28.27 -67.90 -29.54
CA PHE A 201 28.02 -69.32 -29.71
C PHE A 201 29.05 -69.94 -30.65
N ASN A 202 29.59 -71.09 -30.26
CA ASN A 202 30.54 -71.84 -31.07
C ASN A 202 29.88 -73.14 -31.50
N ASN A 203 29.93 -73.44 -32.80
CA ASN A 203 29.26 -74.58 -33.38
C ASN A 203 30.15 -75.83 -33.49
N ASN A 204 31.44 -75.70 -33.23
CA ASN A 204 32.37 -76.79 -33.45
C ASN A 204 32.04 -77.98 -32.56
N PRO A 205 32.33 -79.21 -33.02
CA PRO A 205 31.97 -80.46 -32.33
C PRO A 205 32.53 -80.56 -30.92
N VAL A 210 22.24 -82.62 -29.47
CA VAL A 210 21.55 -81.39 -29.79
C VAL A 210 22.01 -80.29 -28.83
N PRO A 211 22.36 -79.11 -29.39
CA PRO A 211 22.94 -78.06 -28.56
C PRO A 211 22.04 -76.88 -28.30
N LEU A 212 21.98 -75.93 -29.24
CA LEU A 212 21.18 -74.71 -29.13
C LEU A 212 20.16 -74.69 -30.27
N PRO A 213 19.10 -75.49 -30.17
CA PRO A 213 18.06 -75.50 -31.19
C PRO A 213 16.93 -74.55 -30.86
N PHE A 214 16.30 -74.03 -31.91
CA PHE A 214 15.27 -73.01 -31.71
C PHE A 214 14.23 -73.11 -32.83
N SER A 215 13.78 -74.32 -33.11
CA SER A 215 12.82 -74.60 -34.20
C SER A 215 13.38 -73.96 -35.47
N THR A 216 12.50 -73.49 -36.37
CA THR A 216 12.84 -72.78 -37.59
C THR A 216 14.17 -73.22 -38.19
N GLN A 217 14.40 -74.53 -38.18
CA GLN A 217 15.64 -75.14 -38.64
C GLN A 217 15.44 -76.65 -38.65
N VAL A 218 15.88 -77.30 -39.72
CA VAL A 218 15.64 -78.73 -39.85
C VAL A 218 16.27 -79.47 -38.68
N LEU A 219 15.65 -80.60 -38.33
CA LEU A 219 16.23 -81.57 -37.41
C LEU A 219 16.50 -82.86 -38.17
N ASN A 220 16.97 -83.88 -37.43
CA ASN A 220 17.47 -85.13 -38.01
C ASN A 220 18.00 -85.02 -39.45
N ARG A 223 26.39 -81.11 -42.54
CA ARG A 223 26.49 -81.02 -41.10
C ARG A 223 26.54 -79.56 -40.64
N ASP A 224 25.54 -79.16 -39.86
CA ASP A 224 25.40 -77.80 -39.34
C ASP A 224 25.20 -76.79 -40.46
N ARG A 225 23.93 -76.58 -40.83
CA ARG A 225 23.52 -75.72 -41.94
C ARG A 225 23.70 -74.26 -41.60
N LEU A 226 22.80 -73.78 -40.76
CA LEU A 226 22.63 -72.37 -40.44
C LEU A 226 23.39 -71.99 -39.17
N LEU A 227 24.03 -72.97 -38.53
CA LEU A 227 24.65 -72.78 -37.23
C LEU A 227 26.04 -72.16 -37.37
N SER A 228 26.11 -71.03 -38.04
CA SER A 228 27.37 -70.31 -38.10
C SER A 228 27.71 -69.75 -36.72
N ASP A 229 29.00 -69.51 -36.50
CA ASP A 229 29.47 -69.06 -35.20
C ASP A 229 28.90 -67.69 -34.89
N ALA A 230 28.18 -67.59 -33.76
CA ALA A 230 27.43 -66.40 -33.41
C ALA A 230 28.34 -65.30 -32.86
N PRO A 231 27.95 -64.03 -33.00
CA PRO A 231 28.78 -62.93 -32.50
C PRO A 231 28.71 -62.85 -30.98
N PRO A 232 29.60 -62.07 -30.35
CA PRO A 232 29.58 -61.97 -28.88
C PRO A 232 28.24 -61.47 -28.37
N ARG A 233 27.96 -61.81 -27.10
CA ARG A 233 26.63 -61.66 -26.52
C ARG A 233 26.44 -60.34 -25.78
N HIS A 234 27.32 -59.35 -25.97
CA HIS A 234 27.13 -58.07 -25.29
C HIS A 234 25.79 -57.43 -25.64
N TYR A 235 25.31 -57.65 -26.87
CA TYR A 235 24.05 -57.06 -27.29
C TYR A 235 22.89 -57.49 -26.42
N TYR A 236 23.03 -58.59 -25.68
CA TYR A 236 22.06 -58.95 -24.64
C TYR A 236 22.17 -57.97 -23.48
N ALA A 237 23.32 -57.97 -22.80
CA ALA A 237 23.50 -57.12 -21.62
C ALA A 237 23.24 -55.66 -21.95
N HIS A 238 23.76 -55.19 -23.09
CA HIS A 238 23.50 -53.81 -23.52
C HIS A 238 22.01 -53.53 -23.60
N ALA A 239 21.25 -54.41 -24.25
CA ALA A 239 19.81 -54.24 -24.34
C ALA A 239 19.17 -54.22 -22.97
N ALA A 240 19.69 -55.05 -22.05
CA ALA A 240 19.19 -55.03 -20.68
C ALA A 240 19.46 -53.68 -20.01
N GLY A 241 20.65 -53.12 -20.25
CA GLY A 241 20.93 -51.80 -19.72
C GLY A 241 19.98 -50.74 -20.24
N ARG A 242 19.63 -50.81 -21.53
CA ARG A 242 18.63 -49.90 -22.08
C ARG A 242 17.31 -50.02 -21.32
N LEU A 243 16.88 -51.27 -21.06
CA LEU A 243 15.64 -51.48 -20.32
C LEU A 243 15.75 -50.93 -18.90
N ALA A 244 16.85 -51.24 -18.20
CA ALA A 244 17.09 -50.66 -16.89
C ALA A 244 17.19 -49.14 -16.93
N LYS A 245 17.56 -48.56 -18.07
CA LYS A 245 17.47 -47.11 -18.24
C LYS A 245 16.02 -46.66 -18.25
N LEU A 246 15.22 -47.24 -19.16
CA LEU A 246 13.84 -46.81 -19.34
C LEU A 246 13.06 -46.87 -18.04
N ILE A 247 13.21 -47.97 -17.29
CA ILE A 247 12.52 -48.11 -16.00
C ILE A 247 12.89 -46.94 -15.09
N LYS A 248 14.18 -46.77 -14.81
CA LYS A 248 14.63 -45.65 -13.99
C LYS A 248 14.20 -44.32 -14.59
N THR A 249 14.25 -44.21 -15.92
CA THR A 249 13.80 -42.99 -16.60
C THR A 249 12.33 -42.73 -16.31
N ILE A 250 11.49 -43.77 -16.39
CA ILE A 250 10.09 -43.64 -16.03
C ILE A 250 9.95 -43.14 -14.59
N ARG A 251 10.66 -43.78 -13.66
CA ARG A 251 10.54 -43.43 -12.26
C ARG A 251 11.01 -42.00 -12.00
N ASN A 252 11.94 -41.50 -12.80
CA ASN A 252 12.31 -40.09 -12.71
C ASN A 252 11.14 -39.20 -13.11
N GLN A 253 10.57 -39.46 -14.29
CA GLN A 253 9.48 -38.63 -14.79
C GLN A 253 8.18 -38.88 -14.01
N HIS A 254 7.97 -40.10 -13.55
CA HIS A 254 6.68 -40.49 -12.97
C HIS A 254 6.94 -41.32 -11.71
N PRO A 255 6.71 -40.76 -10.52
CA PRO A 255 7.09 -41.47 -9.30
C PRO A 255 6.00 -42.34 -8.70
N GLU A 256 4.73 -41.92 -8.82
CA GLU A 256 3.62 -42.59 -8.16
C GLU A 256 2.85 -43.52 -9.09
N ASP A 257 3.46 -43.92 -10.21
CA ASP A 257 2.86 -44.87 -11.14
C ASP A 257 3.51 -46.24 -10.97
N THR A 258 2.99 -47.23 -11.70
CA THR A 258 3.42 -48.61 -11.60
C THR A 258 4.16 -49.03 -12.87
N VAL A 259 5.24 -49.76 -12.69
CA VAL A 259 6.06 -50.25 -13.81
C VAL A 259 5.97 -51.77 -13.83
N THR A 260 5.48 -52.32 -14.94
CA THR A 260 5.38 -53.76 -15.15
C THR A 260 6.22 -54.16 -16.34
N VAL A 261 7.05 -55.19 -16.16
CA VAL A 261 7.85 -55.76 -17.24
C VAL A 261 7.29 -57.12 -17.58
N LEU A 262 7.07 -57.36 -18.88
CA LEU A 262 6.39 -58.57 -19.36
C LEU A 262 7.29 -59.17 -20.44
N SER A 263 8.07 -60.19 -20.07
CA SER A 263 9.14 -60.71 -20.91
C SER A 263 8.80 -62.09 -21.45
N HIS A 264 9.51 -62.46 -22.52
CA HIS A 264 9.30 -63.72 -23.21
C HIS A 264 10.61 -64.27 -23.75
N SER A 265 10.73 -65.59 -23.74
CA SER A 265 11.89 -66.30 -24.27
C SER A 265 13.20 -65.76 -23.69
N GLN A 266 14.22 -65.64 -24.54
CA GLN A 266 15.48 -65.05 -24.11
C GLN A 266 15.30 -63.66 -23.54
N GLY A 267 14.27 -62.94 -23.98
CA GLY A 267 14.03 -61.61 -23.45
C GLY A 267 13.89 -61.57 -21.94
N THR A 268 13.50 -62.69 -21.34
CA THR A 268 13.41 -62.78 -19.89
C THR A 268 14.74 -62.43 -19.23
N MET A 269 15.84 -63.00 -19.73
CA MET A 269 17.17 -62.67 -19.23
C MET A 269 17.42 -61.16 -19.28
N ILE A 270 17.22 -60.56 -20.45
CA ILE A 270 17.32 -59.10 -20.58
C ILE A 270 16.49 -58.40 -19.53
N ALA A 271 15.23 -58.82 -19.39
CA ALA A 271 14.35 -58.24 -18.37
C ALA A 271 14.89 -58.50 -16.97
N LEU A 272 15.28 -59.75 -16.69
CA LEU A 272 15.82 -60.08 -15.37
C LEU A 272 17.07 -59.28 -15.06
N ALA A 273 17.92 -59.04 -16.06
CA ALA A 273 19.12 -58.26 -15.83
C ALA A 273 18.79 -56.82 -15.49
N ALA A 274 17.75 -56.26 -16.12
CA ALA A 274 17.31 -54.92 -15.77
C ALA A 274 16.73 -54.88 -14.37
N ALA A 275 16.18 -56.00 -13.89
CA ALA A 275 15.67 -56.03 -12.52
C ALA A 275 16.80 -55.93 -11.50
N ALA A 276 17.96 -56.55 -11.80
CA ALA A 276 19.09 -56.46 -10.89
C ALA A 276 19.74 -55.07 -10.91
N ILE A 277 19.41 -54.25 -11.91
CA ILE A 277 19.91 -52.88 -11.97
C ILE A 277 18.84 -51.95 -11.42
N GLU A 278 17.65 -52.00 -12.00
CA GLU A 278 16.52 -51.19 -11.55
C GLU A 278 15.27 -52.06 -11.64
N ALA A 279 14.90 -52.68 -10.51
CA ALA A 279 13.78 -53.60 -10.50
C ALA A 279 12.46 -52.86 -10.66
N PRO A 280 11.54 -53.38 -11.44
CA PRO A 280 10.24 -52.73 -11.62
C PRO A 280 9.29 -53.09 -10.48
N ASP A 281 8.07 -52.57 -10.57
CA ASP A 281 7.03 -52.88 -9.59
C ASP A 281 6.39 -54.23 -9.83
N ALA A 282 6.68 -54.88 -10.95
CA ALA A 282 6.17 -56.21 -11.25
C ALA A 282 7.00 -56.81 -12.37
N LEU A 283 7.26 -58.12 -12.27
CA LEU A 283 8.02 -58.83 -13.28
C LEU A 283 7.27 -60.09 -13.68
N PHE A 284 7.13 -60.31 -14.98
CA PHE A 284 6.49 -61.49 -15.53
C PHE A 284 7.46 -62.14 -16.51
N VAL A 285 7.76 -63.42 -16.29
CA VAL A 285 8.65 -64.16 -17.17
C VAL A 285 7.85 -65.29 -17.81
N MET A 286 7.64 -65.20 -19.13
CA MET A 286 6.98 -66.25 -19.88
C MET A 286 8.04 -67.09 -20.59
N ASN A 287 7.91 -68.41 -20.50
CA ASN A 287 8.80 -69.35 -21.19
C ASN A 287 10.26 -68.92 -21.05
N SER A 288 10.72 -68.88 -19.81
CA SER A 288 12.07 -68.43 -19.55
C SER A 288 13.07 -69.58 -19.79
N PRO A 289 14.24 -69.28 -20.34
CA PRO A 289 15.31 -70.29 -20.41
C PRO A 289 16.13 -70.41 -19.13
N TYR A 290 15.75 -69.75 -18.05
CA TYR A 290 16.49 -69.84 -16.81
C TYR A 290 16.45 -71.27 -16.27
N ALA A 291 17.62 -71.82 -15.97
CA ALA A 291 17.75 -73.16 -15.42
C ALA A 291 18.61 -73.10 -14.17
N LEU A 292 18.13 -73.71 -13.08
CA LEU A 292 18.86 -73.70 -11.83
C LEU A 292 19.92 -74.78 -11.75
N GLU A 293 20.04 -75.63 -12.77
CA GLU A 293 21.07 -76.66 -12.81
C GLU A 293 21.70 -76.68 -14.20
N ASN A 294 22.99 -77.00 -14.23
CA ASN A 294 23.75 -77.05 -15.48
C ASN A 294 23.57 -78.44 -16.09
N GLU A 295 22.83 -78.51 -17.19
CA GLU A 295 22.67 -79.77 -17.90
C GLU A 295 23.96 -80.14 -18.63
N PRO A 296 24.11 -81.40 -19.05
CA PRO A 296 25.34 -81.78 -19.78
C PRO A 296 25.64 -80.90 -20.97
N THR A 297 24.62 -80.45 -21.70
CA THR A 297 24.86 -79.53 -22.81
C THR A 297 25.40 -78.20 -22.33
N THR A 298 24.87 -77.69 -21.21
CA THR A 298 25.44 -76.49 -20.61
C THR A 298 26.90 -76.71 -20.22
N TYR A 299 27.24 -77.94 -19.82
CA TYR A 299 28.63 -78.24 -19.46
C TYR A 299 29.55 -78.18 -20.67
N ILE A 300 29.10 -78.74 -21.80
CA ILE A 300 29.98 -78.89 -22.96
C ILE A 300 30.04 -77.63 -23.82
N SER A 301 29.05 -76.75 -23.75
CA SER A 301 28.97 -75.60 -24.63
C SER A 301 29.56 -74.33 -24.02
N TYR A 302 29.12 -73.96 -22.82
CA TYR A 302 29.52 -72.70 -22.22
C TYR A 302 30.98 -72.76 -21.77
N PRO A 303 31.65 -71.62 -21.66
CA PRO A 303 33.00 -71.60 -21.10
C PRO A 303 32.97 -71.83 -19.59
N ILE A 304 34.16 -72.05 -19.03
CA ILE A 304 34.27 -72.33 -17.60
C ILE A 304 33.78 -71.15 -16.78
N LYS A 305 34.02 -69.92 -17.26
CA LYS A 305 33.61 -68.74 -16.53
C LYS A 305 32.09 -68.65 -16.42
N GLU A 306 31.35 -69.19 -17.38
CA GLU A 306 29.90 -69.06 -17.45
C GLU A 306 29.20 -70.39 -17.22
N ILE A 307 29.68 -71.18 -16.27
CA ILE A 307 29.01 -72.40 -15.82
C ILE A 307 28.72 -72.18 -14.34
N ILE A 308 27.51 -71.73 -14.04
CA ILE A 308 27.18 -71.20 -12.72
C ILE A 308 26.60 -72.31 -11.85
N SER A 309 26.99 -72.29 -10.57
CA SER A 309 26.56 -73.32 -9.64
C SER A 309 25.06 -73.22 -9.36
N ARG A 310 24.51 -74.32 -8.84
CA ARG A 310 23.09 -74.38 -8.55
C ARG A 310 22.70 -73.35 -7.50
N LYS A 311 23.43 -73.31 -6.39
CA LYS A 311 23.13 -72.33 -5.35
C LYS A 311 23.24 -70.91 -5.87
N ALA A 312 24.18 -70.66 -6.78
CA ALA A 312 24.37 -69.32 -7.31
C ALA A 312 23.22 -68.90 -8.22
N ARG A 313 22.76 -69.80 -9.09
CA ARG A 313 21.63 -69.47 -9.95
C ARG A 313 20.36 -69.27 -9.13
N SER A 314 20.15 -70.10 -8.11
CA SER A 314 18.98 -69.94 -7.25
C SER A 314 19.05 -68.64 -6.46
N ALA A 315 20.24 -68.30 -5.95
CA ALA A 315 20.39 -67.06 -5.21
C ALA A 315 20.21 -65.86 -6.11
N THR A 316 20.68 -65.93 -7.36
CA THR A 316 20.49 -64.85 -8.31
C THR A 316 19.00 -64.56 -8.53
N PHE A 317 18.24 -65.61 -8.84
CA PHE A 317 16.80 -65.44 -9.04
C PHE A 317 16.13 -64.92 -7.78
N ALA A 318 16.47 -65.50 -6.63
CA ALA A 318 15.84 -65.10 -5.38
C ALA A 318 16.13 -63.64 -5.05
N ASP A 319 17.37 -63.20 -5.25
CA ASP A 319 17.71 -61.81 -4.99
C ASP A 319 17.03 -60.85 -5.95
N ILE A 320 16.79 -61.31 -7.20
CA ILE A 320 16.07 -60.46 -8.14
C ILE A 320 14.61 -60.33 -7.73
N VAL A 321 13.99 -61.43 -7.27
CA VAL A 321 12.61 -61.35 -6.80
C VAL A 321 12.50 -60.46 -5.57
N LYS A 322 13.49 -60.53 -4.68
CA LYS A 322 13.48 -59.65 -3.51
C LYS A 322 13.65 -58.19 -3.92
N LYS A 323 14.52 -57.93 -4.90
CA LYS A 323 14.70 -56.56 -5.38
C LYS A 323 13.42 -56.02 -5.99
N VAL A 324 12.67 -56.87 -6.69
CA VAL A 324 11.39 -56.44 -7.26
C VAL A 324 10.36 -56.26 -6.15
N ALA A 325 10.34 -57.19 -5.18
CA ALA A 325 9.40 -57.11 -4.08
C ALA A 325 9.68 -55.93 -3.14
N GLU A 326 10.83 -55.28 -3.29
CA GLU A 326 11.12 -54.10 -2.48
C GLU A 326 10.05 -53.02 -2.66
N ASN A 327 9.50 -52.91 -3.86
CA ASN A 327 8.56 -51.84 -4.23
C ASN A 327 7.11 -52.22 -3.96
N LYS A 328 6.82 -52.90 -2.85
CA LYS A 328 5.46 -53.29 -2.51
C LYS A 328 4.83 -52.40 -1.45
N THR A 329 5.42 -51.23 -1.20
CA THR A 329 4.93 -50.29 -0.18
C THR A 329 4.93 -48.88 -0.78
N ARG A 330 3.75 -48.43 -1.22
CA ARG A 330 3.59 -47.08 -1.75
C ARG A 330 2.42 -46.40 -1.05
N LEU A 331 2.41 -45.07 -1.11
CA LEU A 331 1.38 -44.27 -0.47
C LEU A 331 0.00 -44.59 -1.03
N LYS A 332 -0.87 -45.15 -0.19
CA LYS A 332 -2.22 -45.50 -0.62
C LYS A 332 -3.14 -44.29 -0.54
N TRP A 350 -6.89 -48.76 -8.80
CA TRP A 350 -7.74 -49.72 -8.12
C TRP A 350 -7.78 -49.44 -6.63
N ILE A 351 -8.72 -50.08 -5.95
CA ILE A 351 -8.82 -50.03 -4.50
C ILE A 351 -8.92 -51.46 -4.01
N PRO A 352 -7.90 -52.00 -3.32
CA PRO A 352 -8.00 -53.38 -2.84
C PRO A 352 -9.19 -53.61 -1.92
N GLU A 353 -9.90 -52.55 -1.54
CA GLU A 353 -11.24 -52.68 -0.98
C GLU A 353 -12.25 -52.82 -2.13
N GLY A 354 -12.11 -53.93 -2.87
CA GLY A 354 -13.05 -54.30 -3.90
C GLY A 354 -13.13 -55.80 -4.12
N LYS A 355 -14.35 -56.35 -4.13
CA LYS A 355 -14.58 -57.76 -4.39
C LYS A 355 -15.33 -57.90 -5.71
N THR A 356 -14.81 -58.75 -6.60
CA THR A 356 -15.33 -58.83 -7.97
C THR A 356 -16.70 -59.50 -7.98
N HIS A 357 -17.26 -59.60 -9.19
CA HIS A 357 -18.60 -60.17 -9.36
C HIS A 357 -18.64 -61.66 -9.05
N ASN A 358 -17.49 -62.33 -9.03
CA ASN A 358 -17.42 -63.76 -8.73
C ASN A 358 -17.00 -64.03 -7.29
N GLY A 359 -17.18 -63.06 -6.39
CA GLY A 359 -16.88 -63.26 -4.99
C GLY A 359 -15.41 -63.35 -4.64
N LEU A 360 -14.52 -62.98 -5.55
CA LEU A 360 -13.10 -63.01 -5.23
C LEU A 360 -12.61 -61.59 -4.93
N PRO A 361 -11.63 -61.46 -4.02
CA PRO A 361 -11.15 -60.11 -3.66
C PRO A 361 -10.11 -59.62 -4.65
N GLU A 362 -10.30 -58.39 -5.13
CA GLU A 362 -9.27 -57.76 -5.95
C GLU A 362 -7.98 -57.64 -5.15
N ARG A 363 -6.86 -57.88 -5.81
CA ARG A 363 -5.57 -58.01 -5.14
C ARG A 363 -4.61 -56.94 -5.63
N ASP A 364 -3.92 -56.30 -4.68
CA ASP A 364 -2.79 -55.43 -4.99
C ASP A 364 -1.60 -56.34 -5.28
N ASN A 365 -1.11 -56.31 -6.52
CA ASN A 365 -0.05 -57.21 -6.96
C ASN A 365 1.31 -56.51 -7.02
N HIS A 366 1.56 -55.57 -6.10
CA HIS A 366 2.83 -54.87 -6.07
C HIS A 366 3.97 -55.82 -5.72
N GLY A 367 5.09 -55.65 -6.41
CA GLY A 367 6.31 -56.37 -6.07
C GLY A 367 6.24 -57.87 -6.28
N THR A 368 5.38 -58.33 -7.18
CA THR A 368 5.26 -59.76 -7.45
C THR A 368 6.10 -60.15 -8.65
N THR A 369 6.49 -61.42 -8.69
CA THR A 369 7.24 -61.99 -9.81
C THR A 369 6.55 -63.28 -10.21
N TRP A 370 6.12 -63.35 -11.47
CA TRP A 370 5.30 -64.44 -11.96
C TRP A 370 6.04 -65.26 -13.02
N ILE A 371 5.96 -66.57 -12.89
CA ILE A 371 6.59 -67.50 -13.81
C ILE A 371 5.49 -68.25 -14.54
N TYR A 372 5.35 -67.98 -15.83
CA TYR A 372 4.40 -68.68 -16.69
C TYR A 372 5.14 -69.75 -17.48
N CYS A 373 4.61 -70.97 -17.46
CA CYS A 373 5.28 -72.09 -18.11
C CYS A 373 4.32 -72.79 -19.07
N ASN A 374 4.90 -73.40 -20.10
CA ASN A 374 4.17 -74.16 -21.11
C ASN A 374 4.77 -75.56 -21.18
N PRO A 375 4.01 -76.61 -20.84
CA PRO A 375 4.58 -77.96 -20.83
C PRO A 375 4.78 -78.59 -22.21
N HIS A 376 4.49 -77.87 -23.29
CA HIS A 376 4.69 -78.38 -24.64
C HIS A 376 5.79 -77.63 -25.39
N ASP A 377 6.52 -76.75 -24.70
CA ASP A 377 7.53 -75.91 -25.33
C ASP A 377 8.65 -76.73 -25.92
N ARG A 378 8.66 -76.87 -27.26
CA ARG A 378 9.70 -77.65 -27.92
C ARG A 378 11.08 -77.02 -27.80
N VAL A 379 11.17 -75.77 -27.40
CA VAL A 379 12.46 -75.12 -27.17
C VAL A 379 12.89 -75.26 -25.72
N MET A 380 11.97 -74.99 -24.79
CA MET A 380 12.31 -75.01 -23.38
C MET A 380 12.16 -76.39 -22.75
N GLY A 381 11.49 -77.32 -23.43
CA GLY A 381 11.45 -78.71 -22.99
C GLY A 381 12.56 -79.57 -23.53
N SER A 382 13.30 -79.07 -24.52
CA SER A 382 14.41 -79.82 -25.09
C SER A 382 15.48 -80.07 -24.04
N SER A 383 16.11 -81.24 -24.12
CA SER A 383 17.12 -81.69 -23.17
C SER A 383 18.27 -80.70 -22.95
N PRO A 384 18.69 -79.90 -23.94
CA PRO A 384 19.71 -78.89 -23.65
C PRO A 384 19.27 -77.84 -22.65
N LEU A 385 17.99 -77.52 -22.58
CA LEU A 385 17.50 -76.47 -21.69
C LEU A 385 16.74 -77.06 -20.52
N ARG A 386 15.52 -77.55 -20.73
CA ARG A 386 14.65 -78.05 -19.66
C ARG A 386 14.59 -77.03 -18.53
N SER A 387 14.10 -75.84 -18.88
CA SER A 387 14.19 -74.65 -18.05
C SER A 387 12.88 -74.38 -17.32
N ILE A 388 12.88 -73.30 -16.54
CA ILE A 388 11.71 -72.95 -15.74
C ILE A 388 10.54 -72.49 -16.58
N GLY A 389 10.79 -72.09 -17.84
CA GLY A 389 9.68 -71.78 -18.72
C GLY A 389 8.89 -72.99 -19.17
N TRP A 390 9.38 -74.19 -18.87
CA TRP A 390 8.70 -75.42 -19.26
C TRP A 390 8.24 -76.22 -18.04
N GLN A 391 9.13 -76.53 -17.11
CA GLN A 391 8.76 -77.29 -15.92
C GLN A 391 8.45 -76.41 -14.73
N GLY A 392 8.61 -75.09 -14.85
CA GLY A 392 8.37 -74.21 -13.71
C GLY A 392 9.31 -74.51 -12.57
N LEU A 393 8.78 -74.40 -11.35
CA LEU A 393 9.53 -74.79 -10.16
C LEU A 393 9.00 -76.14 -9.68
N PRO A 394 9.61 -77.25 -10.11
CA PRO A 394 9.05 -78.56 -9.78
C PRO A 394 9.27 -78.93 -8.32
N ASP A 395 8.49 -79.90 -7.87
CA ASP A 395 8.50 -80.30 -6.47
C ASP A 395 9.60 -81.33 -6.22
N THR A 396 9.95 -81.49 -4.93
CA THR A 396 11.01 -82.39 -4.55
C THR A 396 10.58 -83.84 -4.75
N LYS A 397 11.52 -84.76 -4.49
CA LYS A 397 11.23 -86.18 -4.64
C LYS A 397 10.15 -86.66 -3.69
N ASP A 398 9.83 -85.90 -2.65
CA ASP A 398 8.87 -86.31 -1.63
C ASP A 398 7.66 -85.38 -1.55
N GLY A 399 7.45 -84.54 -2.57
CA GLY A 399 6.28 -83.70 -2.65
C GLY A 399 6.43 -82.30 -2.08
N THR A 400 7.44 -82.07 -1.25
CA THR A 400 7.64 -80.74 -0.69
C THR A 400 7.86 -79.72 -1.82
N PRO A 401 7.22 -78.55 -1.75
CA PRO A 401 7.41 -77.53 -2.80
C PRO A 401 8.86 -77.17 -3.05
N HIS A 402 9.10 -76.46 -4.15
CA HIS A 402 10.46 -76.15 -4.57
C HIS A 402 11.19 -75.31 -3.52
N THR A 403 12.51 -75.50 -3.45
CA THR A 403 13.33 -74.77 -2.48
C THR A 403 13.38 -73.28 -2.77
N LEU A 404 13.17 -72.87 -4.02
CA LEU A 404 13.26 -71.45 -4.38
C LEU A 404 12.11 -70.63 -3.81
N PHE A 405 10.97 -71.26 -3.52
CA PHE A 405 9.83 -70.53 -2.97
C PHE A 405 10.21 -69.85 -1.66
N LYS A 406 10.82 -70.58 -0.73
CA LYS A 406 11.26 -69.99 0.53
C LYS A 406 12.36 -68.96 0.30
N GLN A 407 13.20 -69.16 -0.72
CA GLN A 407 14.28 -68.21 -0.98
C GLN A 407 13.75 -66.86 -1.42
N ALA A 408 12.89 -66.85 -2.43
CA ALA A 408 12.35 -65.59 -2.96
C ALA A 408 11.23 -65.01 -2.10
N GLY A 409 10.76 -65.74 -1.10
CA GLY A 409 9.71 -65.23 -0.23
C GLY A 409 8.32 -65.54 -0.72
N ASP A 410 7.35 -64.72 -0.31
CA ASP A 410 5.94 -64.92 -0.63
C ASP A 410 5.48 -64.10 -1.83
N THR A 411 6.39 -63.46 -2.55
CA THR A 411 6.06 -62.64 -3.70
C THR A 411 6.36 -63.33 -5.03
N LEU A 412 6.70 -64.62 -5.00
CA LEU A 412 6.99 -65.40 -6.19
C LEU A 412 5.83 -66.33 -6.48
N TYR A 413 5.32 -66.29 -7.71
CA TYR A 413 4.17 -67.08 -8.10
C TYR A 413 4.47 -67.82 -9.40
N VAL A 414 3.75 -68.92 -9.62
CA VAL A 414 3.95 -69.78 -10.76
C VAL A 414 2.59 -70.14 -11.36
N ARG A 415 2.48 -70.07 -12.68
CA ARG A 415 1.28 -70.49 -13.40
C ARG A 415 1.67 -71.38 -14.58
N ILE A 416 0.81 -72.35 -14.88
CA ILE A 416 1.05 -73.29 -15.95
C ILE A 416 -0.07 -73.19 -16.97
N LEU A 417 0.26 -73.45 -18.24
CA LEU A 417 -0.71 -73.35 -19.33
C LEU A 417 -0.43 -74.50 -20.29
N GLY A 418 -1.15 -75.60 -20.13
CA GLY A 418 -0.99 -76.77 -20.97
C GLY A 418 -2.30 -77.48 -21.18
N ARG A 419 -2.28 -78.54 -21.98
CA ARG A 419 -3.50 -79.25 -22.32
C ARG A 419 -4.00 -80.04 -21.12
N ASN A 420 -5.33 -80.18 -21.03
CA ASN A 420 -5.98 -80.90 -19.94
C ASN A 420 -5.50 -80.41 -18.59
N THR A 421 -5.37 -79.09 -18.46
CA THR A 421 -4.84 -78.51 -17.23
C THR A 421 -5.50 -77.15 -16.99
N PRO A 422 -6.20 -76.98 -15.87
CA PRO A 422 -6.78 -75.68 -15.56
C PRO A 422 -5.71 -74.62 -15.36
N CYS A 423 -6.00 -73.41 -15.83
CA CYS A 423 -5.15 -72.25 -15.56
C CYS A 423 -6.00 -71.16 -14.92
N GLY A 424 -5.53 -70.64 -13.80
CA GLY A 424 -6.26 -69.61 -13.07
C GLY A 424 -7.23 -70.14 -12.04
N GLY A 425 -7.21 -71.42 -11.73
CA GLY A 425 -8.12 -72.02 -10.77
C GLY A 425 -7.60 -71.90 -9.34
N THR A 426 -8.22 -72.69 -8.46
CA THR A 426 -7.79 -72.74 -7.08
C THR A 426 -6.36 -73.26 -6.99
N PRO A 427 -5.49 -72.62 -6.20
CA PRO A 427 -4.11 -73.11 -6.08
C PRO A 427 -4.07 -74.57 -5.67
N THR A 428 -3.12 -75.31 -6.26
CA THR A 428 -2.95 -76.73 -5.99
C THR A 428 -1.51 -77.00 -5.57
N ALA A 429 -1.33 -78.06 -4.79
CA ALA A 429 -0.02 -78.38 -4.24
C ALA A 429 0.83 -79.16 -5.24
N GLN A 430 0.38 -80.36 -5.61
CA GLN A 430 1.09 -81.19 -6.58
C GLN A 430 0.26 -81.21 -7.87
N THR A 431 0.45 -80.19 -8.69
CA THR A 431 -0.20 -80.14 -9.99
C THR A 431 0.51 -81.07 -10.95
N HIS A 432 -0.28 -81.85 -11.70
CA HIS A 432 0.28 -82.88 -12.57
C HIS A 432 1.14 -82.25 -13.68
N PHE A 433 2.30 -82.84 -13.90
CA PHE A 433 3.19 -82.42 -14.98
C PHE A 433 3.51 -83.58 -15.93
N SER A 434 4.15 -84.64 -15.43
CA SER A 434 4.57 -85.72 -16.32
C SER A 434 3.41 -86.56 -16.82
N ASN A 435 2.32 -86.65 -16.05
CA ASN A 435 1.13 -87.38 -16.46
C ASN A 435 0.02 -86.35 -16.70
N LEU A 436 -0.14 -85.95 -17.96
CA LEU A 436 -1.06 -84.87 -18.28
C LEU A 436 -2.52 -85.29 -18.21
N GLY A 437 -2.81 -86.58 -18.07
CA GLY A 437 -4.15 -87.01 -17.72
C GLY A 437 -5.11 -87.24 -18.86
N ASP A 438 -4.62 -87.52 -20.07
CA ASP A 438 -5.54 -87.86 -21.16
C ASP A 438 -5.01 -89.00 -22.02
N GLY A 439 -4.09 -89.82 -21.50
CA GLY A 439 -3.60 -90.97 -22.22
C GLY A 439 -2.54 -90.65 -23.24
N LYS A 440 -2.67 -89.49 -23.90
CA LYS A 440 -1.70 -89.08 -24.90
C LYS A 440 -0.32 -88.94 -24.25
N PRO A 441 0.74 -89.23 -25.00
CA PRO A 441 2.10 -89.02 -24.46
C PRO A 441 2.34 -87.55 -24.17
N PHE A 442 3.41 -87.31 -23.39
CA PHE A 442 3.70 -85.93 -22.98
C PHE A 442 4.07 -85.05 -24.16
N TRP A 443 4.68 -85.62 -25.19
CA TRP A 443 5.21 -84.86 -26.31
C TRP A 443 4.35 -85.10 -27.55
N ASP A 444 3.89 -84.00 -28.16
CA ASP A 444 3.06 -84.07 -29.36
C ASP A 444 3.82 -84.68 -30.54
N SER A 445 3.53 -85.96 -30.83
CA SER A 445 4.08 -86.67 -31.98
C SER A 445 5.61 -86.75 -31.90
N THR A 446 6.08 -87.40 -30.84
CA THR A 446 7.51 -87.61 -30.61
C THR A 446 7.72 -89.10 -30.38
N THR A 447 8.16 -89.81 -31.40
CA THR A 447 8.24 -91.27 -31.35
C THR A 447 9.64 -91.83 -31.57
N THR A 448 10.39 -91.29 -32.53
CA THR A 448 11.68 -91.88 -32.87
C THR A 448 12.70 -91.67 -31.74
N LEU A 449 13.76 -92.49 -31.78
CA LEU A 449 14.78 -92.43 -30.72
C LEU A 449 15.46 -91.06 -30.68
N LEU A 450 15.73 -90.48 -31.86
CA LEU A 450 16.35 -89.17 -31.88
C LEU A 450 15.41 -88.08 -31.37
N GLN A 451 14.14 -88.15 -31.78
CA GLN A 451 13.16 -87.18 -31.28
C GLN A 451 13.01 -87.26 -29.77
N ARG A 452 12.94 -88.48 -29.23
CA ARG A 452 12.83 -88.64 -27.79
C ARG A 452 14.14 -88.32 -27.09
N ALA A 453 15.28 -88.39 -27.78
CA ALA A 453 16.53 -87.95 -27.18
C ALA A 453 16.61 -86.43 -27.13
N THR A 454 16.04 -85.74 -28.12
CA THR A 454 16.03 -84.29 -28.12
C THR A 454 14.99 -83.74 -27.15
N TRP A 455 13.84 -84.40 -27.04
CA TRP A 455 12.75 -83.99 -26.16
C TRP A 455 12.41 -85.15 -25.22
N PRO A 456 13.25 -85.44 -24.24
CA PRO A 456 12.97 -86.56 -23.34
C PRO A 456 11.79 -86.26 -22.44
N ASP A 457 11.06 -87.32 -22.10
CA ASP A 457 9.92 -87.17 -21.21
C ASP A 457 10.39 -86.67 -19.85
N PRO A 458 9.58 -85.85 -19.16
CA PRO A 458 9.95 -85.40 -17.82
C PRO A 458 10.05 -86.58 -16.86
N ASP A 459 10.77 -86.35 -15.76
CA ASP A 459 11.02 -87.41 -14.80
C ASP A 459 9.71 -87.99 -14.28
N SER A 460 9.78 -89.23 -13.80
CA SER A 460 8.59 -89.97 -13.42
C SER A 460 7.88 -89.29 -12.26
N GLY A 461 6.63 -88.89 -12.49
CA GLY A 461 5.82 -88.32 -11.43
C GLY A 461 6.17 -86.91 -11.04
N GLN A 462 6.81 -86.14 -11.91
CA GLN A 462 7.12 -84.75 -11.60
C GLN A 462 5.85 -83.96 -11.32
N THR A 463 5.93 -83.02 -10.38
CA THR A 463 4.77 -82.27 -9.95
C THR A 463 5.13 -80.80 -9.79
N LEU A 464 4.09 -79.96 -9.87
CA LEU A 464 4.23 -78.51 -9.75
C LEU A 464 3.36 -77.98 -8.61
N THR A 465 3.87 -76.95 -7.95
CA THR A 465 3.05 -76.10 -7.09
C THR A 465 2.58 -74.89 -7.89
N ILE A 466 1.27 -74.68 -7.90
CA ILE A 466 0.70 -73.48 -8.51
C ILE A 466 0.13 -72.62 -7.38
N ASN A 467 0.98 -71.80 -6.77
CA ASN A 467 0.57 -70.95 -5.65
C ASN A 467 -0.08 -69.66 -6.10
N ALA A 468 -0.25 -69.45 -7.39
CA ALA A 468 -0.87 -68.23 -7.88
C ALA A 468 -2.34 -68.16 -7.46
N PRO A 469 -2.90 -66.96 -7.28
CA PRO A 469 -4.29 -66.84 -6.87
C PRO A 469 -5.28 -67.36 -7.91
N GLN A 470 -6.57 -67.28 -7.60
CA GLN A 470 -7.63 -67.66 -8.52
C GLN A 470 -8.15 -66.42 -9.24
N VAL A 471 -8.82 -66.66 -10.36
CA VAL A 471 -9.36 -65.57 -11.19
C VAL A 471 -10.86 -65.79 -11.31
N PRO A 472 -11.62 -64.75 -11.67
CA PRO A 472 -13.08 -64.91 -11.71
C PRO A 472 -13.56 -65.88 -12.77
N GLU A 473 -12.91 -65.90 -13.94
CA GLU A 473 -13.26 -66.81 -15.03
C GLU A 473 -12.02 -67.60 -15.40
N PRO A 474 -11.73 -68.69 -14.68
CA PRO A 474 -10.54 -69.49 -14.98
C PRO A 474 -10.75 -70.34 -16.22
N LEU A 475 -9.66 -70.99 -16.64
CA LEU A 475 -9.65 -71.80 -17.85
C LEU A 475 -9.84 -73.26 -17.47
N THR A 476 -10.96 -73.84 -17.89
CA THR A 476 -11.20 -75.25 -17.63
C THR A 476 -10.23 -76.11 -18.42
N ALA A 477 -9.91 -77.27 -17.86
CA ALA A 477 -9.06 -78.23 -18.58
C ALA A 477 -9.73 -78.71 -19.87
N GLU A 478 -11.06 -78.63 -19.96
CA GLU A 478 -11.73 -78.98 -21.20
C GLU A 478 -11.55 -77.90 -22.27
N GLU A 479 -11.47 -76.64 -21.87
CA GLU A 479 -11.15 -75.58 -22.82
C GLU A 479 -9.75 -75.75 -23.40
N LEU A 480 -8.83 -76.29 -22.60
CA LEU A 480 -7.45 -76.46 -23.04
C LEU A 480 -7.15 -77.88 -23.50
N LYS A 481 -8.16 -78.74 -23.64
CA LYS A 481 -7.92 -80.07 -24.18
C LYS A 481 -7.35 -80.01 -25.59
N ASN A 482 -7.59 -78.92 -26.32
CA ASN A 482 -6.97 -78.63 -27.61
C ASN A 482 -6.16 -77.35 -27.42
N PHE A 483 -4.88 -77.52 -27.08
CA PHE A 483 -3.98 -76.39 -26.88
C PHE A 483 -2.57 -76.79 -27.30
N ASP A 484 -2.25 -78.07 -27.17
CA ASP A 484 -0.97 -78.60 -27.63
C ASP A 484 -1.13 -78.95 -29.11
N GLN A 485 -0.48 -78.17 -29.97
CA GLN A 485 -0.63 -78.32 -31.40
C GLN A 485 0.16 -79.53 -31.91
N ASP A 486 0.13 -79.74 -33.22
CA ASP A 486 0.86 -80.84 -33.84
C ASP A 486 0.90 -80.58 -35.35
N TYR A 487 1.56 -81.50 -36.06
CA TYR A 487 1.62 -81.48 -37.51
C TYR A 487 0.21 -81.46 -38.11
N ALA A 488 -0.17 -80.36 -38.76
CA ALA A 488 -1.46 -80.33 -39.44
C ALA A 488 -1.52 -81.37 -40.55
N ARG A 489 -0.43 -81.51 -41.30
CA ARG A 489 -0.33 -82.53 -42.34
C ARG A 489 1.14 -82.69 -42.69
N ASP A 490 1.71 -83.85 -42.41
CA ASP A 490 3.13 -84.12 -42.62
C ASP A 490 3.36 -85.04 -43.81
N GLU A 491 2.56 -84.89 -44.86
CA GLU A 491 2.79 -85.61 -46.10
C GLU A 491 3.82 -84.88 -46.96
N LYS A 492 4.24 -85.54 -48.04
CA LYS A 492 5.20 -84.93 -48.95
C LYS A 492 4.57 -83.71 -49.64
N GLN A 493 5.42 -82.75 -49.98
CA GLN A 493 4.97 -81.48 -50.54
C GLN A 493 5.30 -81.40 -52.02
N SER A 494 4.48 -80.64 -52.74
CA SER A 494 4.61 -80.57 -54.20
C SER A 494 5.85 -79.79 -54.62
N GLY A 495 6.15 -78.69 -53.92
CA GLY A 495 7.32 -77.90 -54.24
C GLY A 495 7.04 -76.41 -54.36
N GLY A 496 5.84 -76.06 -54.81
CA GLY A 496 5.46 -74.67 -54.93
C GLY A 496 4.14 -74.36 -54.25
N ALA A 497 3.22 -75.32 -54.28
CA ALA A 497 1.87 -75.15 -53.72
C ALA A 497 1.72 -76.15 -52.58
N GLY A 498 2.08 -75.74 -51.37
CA GLY A 498 1.96 -76.60 -50.21
C GLY A 498 2.09 -75.78 -48.93
N TYR A 499 2.08 -76.51 -47.82
CA TYR A 499 2.18 -75.91 -46.49
C TYR A 499 3.52 -76.31 -45.87
N ALA A 500 4.56 -75.58 -46.24
CA ALA A 500 5.92 -75.89 -45.78
C ALA A 500 6.77 -74.64 -45.90
N TYR A 501 7.61 -74.41 -44.89
CA TYR A 501 8.54 -73.29 -44.76
C TYR A 501 8.55 -72.33 -45.96
N GLY A 502 9.35 -72.65 -46.96
CA GLY A 502 9.42 -71.84 -48.15
C GLY A 502 8.40 -72.20 -49.21
N GLN A 503 7.12 -72.07 -48.87
CA GLN A 503 6.05 -72.29 -49.83
C GLN A 503 5.03 -71.15 -49.71
N ILE A 504 3.88 -71.31 -50.35
CA ILE A 504 2.82 -70.32 -50.32
C ILE A 504 1.55 -71.01 -49.82
N ASN A 505 1.06 -70.56 -48.66
CA ASN A 505 -0.22 -71.03 -48.12
C ASN A 505 -1.30 -70.93 -49.19
N PRO A 506 -1.78 -72.08 -49.71
CA PRO A 506 -2.66 -72.05 -50.89
C PRO A 506 -4.00 -71.39 -50.63
N GLU A 507 -4.23 -71.01 -49.37
CA GLU A 507 -5.49 -70.39 -48.96
C GLU A 507 -5.40 -68.87 -48.88
N THR A 508 -4.43 -68.36 -48.11
CA THR A 508 -4.18 -66.94 -47.99
C THR A 508 -3.24 -66.39 -49.06
N LYS A 509 -2.78 -67.24 -49.98
CA LYS A 509 -1.85 -66.85 -51.04
C LYS A 509 -0.62 -66.12 -50.48
N LYS A 510 -0.32 -66.37 -49.21
CA LYS A 510 0.80 -65.77 -48.51
C LYS A 510 1.81 -66.83 -48.13
N PRO A 511 3.10 -66.49 -48.12
CA PRO A 511 4.12 -67.46 -47.72
C PRO A 511 3.82 -68.05 -46.35
N VAL A 512 4.18 -69.33 -46.20
CA VAL A 512 3.97 -70.05 -44.95
C VAL A 512 4.68 -69.31 -43.82
N ASP A 513 6.01 -69.34 -43.85
CA ASP A 513 6.83 -68.61 -42.89
C ASP A 513 7.63 -67.54 -43.65
N THR A 514 7.50 -66.30 -43.20
CA THR A 514 8.11 -65.18 -43.94
C THR A 514 9.64 -65.19 -43.82
N ASP A 515 10.15 -65.48 -42.62
CA ASP A 515 11.59 -65.40 -42.36
C ASP A 515 12.43 -66.19 -43.36
N TYR A 516 11.83 -67.18 -44.02
CA TYR A 516 12.43 -67.98 -45.07
C TYR A 516 13.46 -67.23 -45.91
N ARG A 517 12.99 -66.19 -46.61
CA ARG A 517 13.88 -65.40 -47.46
C ARG A 517 15.14 -64.95 -46.70
N TYR A 518 14.97 -64.43 -45.49
CA TYR A 518 16.10 -63.95 -44.71
C TYR A 518 16.82 -65.12 -44.03
N TYR A 519 16.85 -66.30 -44.67
CA TYR A 519 17.45 -67.46 -44.04
C TYR A 519 18.05 -68.45 -45.04
N ILE A 520 17.38 -68.64 -46.19
CA ILE A 520 17.87 -69.58 -47.19
C ILE A 520 19.34 -69.37 -47.53
N SER A 521 19.83 -68.14 -47.39
CA SER A 521 21.24 -67.87 -47.62
C SER A 521 22.07 -68.23 -46.38
N GLU A 558 22.11 -81.63 -56.09
CA GLU A 558 22.39 -80.21 -56.29
C GLU A 558 21.42 -79.36 -55.48
N GLU A 559 20.27 -79.05 -56.09
CA GLU A 559 19.22 -78.33 -55.39
C GLU A 559 18.79 -79.05 -54.12
N MET A 560 19.06 -80.36 -54.06
CA MET A 560 18.91 -81.24 -52.90
C MET A 560 18.61 -80.50 -51.61
N LEU A 561 19.64 -79.86 -51.04
CA LEU A 561 19.47 -79.09 -49.81
C LEU A 561 18.34 -78.07 -49.95
N GLU A 562 18.48 -77.12 -50.89
CA GLU A 562 17.41 -76.16 -51.16
C GLU A 562 16.11 -76.84 -51.56
N GLU A 563 16.17 -78.07 -52.10
CA GLU A 563 14.96 -78.84 -52.36
C GLU A 563 14.38 -79.47 -51.10
N VAL A 564 15.20 -79.69 -50.06
CA VAL A 564 14.67 -80.06 -48.75
C VAL A 564 14.22 -78.85 -47.95
N ARG A 565 14.31 -77.65 -48.51
CA ARG A 565 13.75 -76.47 -47.87
C ARG A 565 12.23 -76.49 -47.95
N THR A 566 11.65 -77.68 -47.80
CA THR A 566 10.21 -77.87 -47.66
C THR A 566 9.88 -78.66 -46.40
N TYR A 567 10.83 -78.81 -45.49
CA TYR A 567 10.61 -79.48 -44.22
C TYR A 567 9.42 -78.85 -43.50
N VAL A 568 8.38 -79.65 -43.26
CA VAL A 568 7.23 -79.14 -42.52
C VAL A 568 7.66 -78.92 -41.07
N GLN A 569 8.00 -77.67 -40.76
CA GLN A 569 8.50 -77.33 -39.44
C GLN A 569 7.49 -77.73 -38.38
N ARG A 570 7.95 -78.49 -37.40
CA ARG A 570 7.07 -78.99 -36.34
C ARG A 570 6.60 -77.83 -35.48
N PRO A 571 5.29 -77.61 -35.34
CA PRO A 571 4.80 -76.57 -34.44
C PRO A 571 5.41 -76.70 -33.05
N THR A 572 6.01 -75.62 -32.58
CA THR A 572 6.67 -75.57 -31.28
C THR A 572 5.90 -74.61 -30.37
N ASP A 573 5.23 -75.17 -29.36
CA ASP A 573 4.37 -74.38 -28.49
C ASP A 573 5.17 -73.39 -27.64
N HIS A 574 5.82 -72.44 -28.31
CA HIS A 574 6.59 -71.39 -27.66
C HIS A 574 5.85 -70.07 -27.60
N SER A 575 5.17 -69.69 -28.69
CA SER A 575 4.38 -68.48 -28.75
C SER A 575 2.92 -68.72 -28.39
N THR A 576 2.54 -69.95 -28.04
CA THR A 576 1.16 -70.23 -27.71
C THR A 576 0.73 -69.51 -26.42
N LEU A 577 1.61 -69.49 -25.41
CA LEU A 577 1.23 -68.87 -24.14
C LEU A 577 1.05 -67.37 -24.27
N PRO A 578 2.01 -66.59 -24.81
CA PRO A 578 1.79 -65.13 -24.86
C PRO A 578 0.69 -64.72 -25.82
N SER A 579 0.49 -65.44 -26.92
CA SER A 579 -0.51 -65.05 -27.91
C SER A 579 -1.93 -65.41 -27.52
N ASP A 580 -2.11 -66.22 -26.48
CA ASP A 580 -3.44 -66.72 -26.13
C ASP A 580 -4.32 -65.57 -25.62
N GLU A 581 -5.43 -65.33 -26.31
CA GLU A 581 -6.34 -64.27 -25.92
C GLU A 581 -7.01 -64.58 -24.58
N ARG A 582 -7.36 -65.84 -24.36
CA ARG A 582 -8.03 -66.23 -23.12
C ARG A 582 -7.11 -66.07 -21.92
N PHE A 583 -5.84 -66.44 -22.07
CA PHE A 583 -4.92 -66.40 -20.94
C PHE A 583 -4.66 -64.98 -20.47
N MET A 584 -4.48 -64.04 -21.40
CA MET A 584 -4.22 -62.66 -21.02
C MET A 584 -5.48 -61.99 -20.48
N SER A 585 -6.62 -62.18 -21.16
CA SER A 585 -7.83 -61.47 -20.79
C SER A 585 -8.38 -61.94 -19.45
N ARG A 586 -8.24 -63.23 -19.13
CA ARG A 586 -8.89 -63.81 -17.96
C ARG A 586 -7.96 -64.16 -16.81
N VAL A 587 -6.64 -64.14 -17.03
CA VAL A 587 -5.71 -64.54 -15.97
C VAL A 587 -4.66 -63.44 -15.74
N VAL A 588 -3.88 -63.14 -16.77
CA VAL A 588 -2.78 -62.18 -16.61
C VAL A 588 -3.31 -60.80 -16.28
N ALA A 589 -4.47 -60.42 -16.83
CA ALA A 589 -5.05 -59.12 -16.53
C ALA A 589 -5.26 -58.94 -15.04
N TYR A 590 -5.80 -59.97 -14.38
CA TYR A 590 -5.96 -59.91 -12.93
C TYR A 590 -4.63 -60.06 -12.20
N ASP A 591 -3.62 -60.63 -12.85
CA ASP A 591 -2.30 -60.79 -12.25
C ASP A 591 -1.47 -59.52 -12.29
N LEU A 592 -1.93 -58.49 -12.99
CA LEU A 592 -1.18 -57.25 -13.06
C LEU A 592 -1.43 -56.39 -11.82
N PRO A 593 -0.43 -55.63 -11.39
CA PRO A 593 -0.63 -54.68 -10.29
C PRO A 593 -1.16 -53.35 -10.80
N ILE A 594 -1.88 -52.67 -9.92
CA ILE A 594 -2.51 -51.40 -10.23
C ILE A 594 -2.19 -50.41 -9.13
N GLY A 595 -1.66 -49.24 -9.51
CA GLY A 595 -1.39 -48.21 -8.53
C GLY A 595 -2.67 -47.65 -7.94
N TYR A 596 -2.57 -47.20 -6.68
CA TYR A 596 -3.77 -46.74 -5.98
C TYR A 596 -4.27 -45.41 -6.51
N CYS A 597 -3.37 -44.54 -6.98
CA CYS A 597 -3.74 -43.22 -7.48
C CYS A 597 -3.36 -43.13 -8.95
N TRP A 598 -4.34 -43.32 -9.83
CA TRP A 598 -4.09 -43.23 -11.26
C TRP A 598 -3.71 -41.81 -11.64
N HIS A 599 -3.10 -41.67 -12.82
CA HIS A 599 -2.51 -40.40 -13.24
C HIS A 599 -2.96 -40.09 -14.65
N SER A 600 -3.71 -39.00 -14.81
CA SER A 600 -4.06 -38.46 -16.12
C SER A 600 -2.79 -38.30 -16.95
N TRP A 601 -2.63 -39.13 -17.98
CA TRP A 601 -1.32 -39.27 -18.59
C TRP A 601 -1.02 -38.12 -19.53
N ASP A 602 0.19 -38.12 -20.05
CA ASP A 602 0.78 -37.00 -20.75
C ASP A 602 0.66 -37.20 -22.26
N LYS A 603 0.56 -36.10 -22.98
CA LYS A 603 0.33 -36.13 -24.42
C LYS A 603 1.49 -36.79 -25.15
N ALA A 604 2.65 -36.11 -25.18
CA ALA A 604 3.80 -36.59 -25.92
C ALA A 604 4.85 -37.25 -25.03
N GLY A 605 4.70 -37.15 -23.71
CA GLY A 605 5.63 -37.85 -22.83
C GLY A 605 5.61 -39.35 -23.06
N LEU A 606 4.41 -39.92 -23.14
CA LEU A 606 4.28 -41.37 -23.37
C LEU A 606 4.85 -41.77 -24.72
N GLU A 607 4.63 -40.94 -25.74
CA GLU A 607 5.21 -41.24 -27.05
C GLU A 607 6.73 -41.19 -27.01
N GLU A 608 7.31 -40.31 -26.18
CA GLU A 608 8.76 -40.28 -26.00
C GLU A 608 9.25 -41.56 -25.33
N LEU A 609 8.45 -42.11 -24.40
CA LEU A 609 8.79 -43.38 -23.79
C LEU A 609 8.84 -44.49 -24.82
N ARG A 610 7.83 -44.56 -25.69
CA ARG A 610 7.81 -45.55 -26.75
C ARG A 610 8.97 -45.36 -27.71
N ARG A 611 9.32 -44.10 -28.01
CA ARG A 611 10.46 -43.83 -28.87
C ARG A 611 11.75 -44.31 -28.23
N GLN A 612 11.90 -44.10 -26.92
CA GLN A 612 13.07 -44.58 -26.21
C GLN A 612 13.09 -46.10 -26.12
N ALA A 613 11.92 -46.75 -26.21
CA ALA A 613 11.87 -48.20 -26.12
C ALA A 613 12.34 -48.84 -27.42
N ASP A 614 11.86 -48.35 -28.55
CA ASP A 614 12.24 -48.90 -29.85
C ASP A 614 13.68 -48.50 -30.16
N TRP A 615 14.57 -49.50 -30.16
CA TRP A 615 15.99 -49.24 -30.36
C TRP A 615 16.29 -48.78 -31.78
N LEU A 616 15.37 -48.96 -32.72
CA LEU A 616 15.50 -48.36 -34.04
C LEU A 616 15.28 -46.87 -34.03
N GLU A 617 14.89 -46.29 -32.89
CA GLU A 617 14.60 -44.87 -32.79
C GLU A 617 15.46 -44.13 -31.78
N SER A 618 16.17 -44.84 -30.90
CA SER A 618 16.97 -44.19 -29.87
C SER A 618 18.32 -44.83 -29.60
N ASP A 619 18.51 -46.11 -29.88
CA ASP A 619 19.76 -46.79 -29.55
C ASP A 619 20.86 -46.32 -30.49
N ASP A 620 21.87 -45.65 -29.94
CA ASP A 620 23.06 -45.31 -30.72
C ASP A 620 23.78 -46.57 -31.20
N TYR A 621 23.54 -47.71 -30.56
CA TYR A 621 24.06 -48.97 -31.06
C TYR A 621 23.51 -49.29 -32.44
N TYR A 622 22.30 -48.82 -32.75
CA TYR A 622 21.75 -49.03 -34.09
C TYR A 622 22.26 -47.99 -35.07
N PHE A 623 22.50 -46.76 -34.62
CA PHE A 623 22.95 -45.72 -35.53
C PHE A 623 24.44 -45.86 -35.86
N SER A 624 25.27 -45.99 -34.83
CA SER A 624 26.71 -46.14 -35.01
C SER A 624 27.20 -47.54 -34.65
N GLY A 625 26.84 -48.04 -33.47
CA GLY A 625 27.29 -49.34 -33.01
C GLY A 625 27.91 -49.29 -31.64
N LYS A 626 27.79 -48.13 -30.98
CA LYS A 626 28.43 -47.89 -29.68
C LYS A 626 27.69 -48.66 -28.60
N LEU A 627 28.21 -49.85 -28.27
CA LEU A 627 27.65 -50.63 -27.17
C LEU A 627 27.96 -49.96 -25.85
N THR A 628 26.96 -49.86 -24.99
CA THR A 628 27.12 -49.36 -23.61
C THR A 628 26.75 -50.50 -22.67
N VAL A 629 27.73 -51.35 -22.38
CA VAL A 629 27.52 -52.54 -21.56
C VAL A 629 27.51 -52.15 -20.08
N PRO A 630 26.40 -52.36 -19.37
CA PRO A 630 26.39 -52.01 -17.94
C PRO A 630 27.18 -53.03 -17.14
N PRO A 631 27.68 -52.65 -15.98
CA PRO A 631 28.42 -53.61 -15.13
C PRO A 631 27.48 -54.63 -14.53
N ILE A 632 28.06 -55.77 -14.14
CA ILE A 632 27.29 -56.87 -13.57
C ILE A 632 26.79 -56.47 -12.18
N PRO A 633 25.48 -56.44 -11.96
CA PRO A 633 24.93 -56.00 -10.68
C PRO A 633 25.31 -56.96 -9.57
N PRO A 634 25.20 -56.54 -8.30
CA PRO A 634 25.54 -57.45 -7.21
C PRO A 634 24.61 -58.64 -7.10
N ALA A 635 23.36 -58.51 -7.58
CA ALA A 635 22.40 -59.60 -7.47
C ALA A 635 22.74 -60.77 -8.38
N ILE A 636 23.59 -60.57 -9.38
CA ILE A 636 23.96 -61.62 -10.32
C ILE A 636 25.25 -62.26 -9.84
N LYS A 637 25.15 -63.50 -9.35
CA LYS A 637 26.29 -64.24 -8.85
C LYS A 637 27.02 -64.95 -9.98
N GLN A 638 28.33 -65.09 -9.83
CA GLN A 638 29.18 -65.74 -10.82
C GLN A 638 29.93 -66.92 -10.20
N ASP A 639 29.33 -67.57 -9.21
CA ASP A 639 29.95 -68.71 -8.53
C ASP A 639 29.94 -69.91 -9.45
N VAL A 640 31.09 -70.21 -10.05
CA VAL A 640 31.21 -71.35 -10.95
C VAL A 640 31.30 -72.64 -10.14
N ALA A 641 30.57 -73.66 -10.57
CA ALA A 641 30.65 -74.96 -9.94
C ALA A 641 31.94 -75.68 -10.38
N GLU A 642 32.41 -76.58 -9.51
CA GLU A 642 33.60 -77.37 -9.80
C GLU A 642 33.28 -78.31 -10.95
N ASP A 643 33.39 -77.77 -12.16
CA ASP A 643 32.94 -78.43 -13.37
C ASP A 643 34.03 -78.59 -14.42
N ALA A 644 35.26 -78.16 -14.12
CA ALA A 644 36.35 -78.30 -15.09
C ALA A 644 36.55 -79.76 -15.46
N GLU A 645 36.56 -80.64 -14.46
CA GLU A 645 36.65 -82.07 -14.74
C GLU A 645 35.37 -82.59 -15.38
N GLN A 646 34.21 -82.13 -14.90
CA GLN A 646 32.93 -82.63 -15.40
C GLN A 646 32.71 -82.26 -16.86
N ARG A 647 33.31 -81.16 -17.32
CA ARG A 647 33.23 -80.82 -18.74
C ARG A 647 33.90 -81.89 -19.59
N LYS A 648 35.02 -82.45 -19.11
CA LYS A 648 35.69 -83.52 -19.83
C LYS A 648 34.84 -84.79 -19.88
N ALA A 649 34.05 -85.05 -18.82
CA ALA A 649 33.20 -86.23 -18.80
C ALA A 649 32.19 -86.19 -19.94
N GLU A 650 31.49 -85.06 -20.10
CA GLU A 650 30.54 -84.92 -21.20
C GLU A 650 31.27 -84.79 -22.54
N GLU A 651 32.46 -84.18 -22.54
CA GLU A 651 33.20 -84.02 -23.79
C GLU A 651 33.64 -85.36 -24.35
N LYS A 652 34.06 -86.29 -23.48
CA LYS A 652 34.53 -87.58 -23.94
C LYS A 652 33.42 -88.38 -24.62
N ALA A 653 32.19 -88.25 -24.12
CA ALA A 653 31.08 -88.99 -24.71
C ALA A 653 30.83 -88.60 -26.16
N ARG A 654 31.08 -87.33 -26.51
CA ARG A 654 30.87 -86.89 -27.89
C ARG A 654 31.84 -87.58 -28.84
N LEU A 655 33.00 -87.98 -28.35
CA LEU A 655 33.96 -88.66 -29.22
C LEU A 655 33.42 -89.99 -29.72
N ARG A 656 32.68 -90.70 -28.88
CA ARG A 656 32.05 -91.97 -29.24
C ARG A 656 33.07 -92.99 -29.75
N PRO B 41 20.20 36.82 29.72
CA PRO B 41 20.33 35.61 28.89
C PRO B 41 19.01 35.22 28.24
N PRO B 42 19.07 34.69 27.02
CA PRO B 42 17.84 34.31 26.31
C PRO B 42 17.14 33.15 27.00
N LEU B 43 15.81 33.15 26.89
CA LEU B 43 14.96 32.16 27.56
C LEU B 43 14.32 31.26 26.50
N GLN B 44 14.94 30.11 26.26
CA GLN B 44 14.41 29.09 25.36
C GLN B 44 14.19 27.80 26.15
N LEU B 45 13.04 27.16 25.92
CA LEU B 45 12.65 25.97 26.67
C LEU B 45 12.41 24.79 25.73
N PRO B 46 12.60 23.56 26.21
CA PRO B 46 12.38 22.39 25.35
C PRO B 46 10.94 21.91 25.35
N GLY B 47 10.18 22.27 26.38
CA GLY B 47 8.79 21.86 26.48
C GLY B 47 8.24 21.96 27.89
N LEU B 48 7.01 22.44 28.02
CA LEU B 48 6.43 22.69 29.33
C LEU B 48 6.03 21.40 30.02
N ILE B 49 6.13 21.40 31.35
CA ILE B 49 5.70 20.29 32.19
C ILE B 49 4.65 20.82 33.16
N ILE B 50 3.56 20.09 33.31
CA ILE B 50 2.42 20.51 34.12
C ILE B 50 2.36 19.59 35.33
N PHE B 51 2.64 20.13 36.50
CA PHE B 51 2.54 19.36 37.74
C PHE B 51 1.09 19.34 38.19
N VAL B 52 0.60 18.17 38.59
CA VAL B 52 -0.78 18.00 39.03
C VAL B 52 -0.77 17.36 40.42
N HIS B 53 -1.34 18.06 41.39
CA HIS B 53 -1.39 17.58 42.76
C HIS B 53 -2.55 16.61 42.95
N GLY B 54 -2.54 15.91 44.09
CA GLY B 54 -3.56 14.94 44.42
C GLY B 54 -4.55 15.46 45.44
N VAL B 55 -5.19 14.53 46.15
CA VAL B 55 -6.15 14.87 47.18
C VAL B 55 -5.43 15.35 48.44
N ASN B 56 -5.88 16.48 48.98
CA ASN B 56 -5.39 17.02 50.24
C ASN B 56 -3.87 17.22 50.19
N SER B 57 -3.42 17.86 49.11
CA SER B 57 -2.02 18.21 48.94
C SER B 57 -1.95 19.45 48.08
N GLU B 58 -1.16 20.43 48.53
CA GLU B 58 -0.94 21.66 47.77
C GLU B 58 0.36 21.60 46.98
N GLY B 59 0.74 20.41 46.51
CA GLY B 59 1.96 20.24 45.76
C GLY B 59 3.21 20.33 46.61
N GLU B 60 3.27 19.56 47.69
CA GLU B 60 4.45 19.59 48.55
C GLU B 60 5.67 19.06 47.83
N TRP B 61 5.49 18.09 46.95
CA TRP B 61 6.61 17.55 46.17
C TRP B 61 7.01 18.47 45.03
N TYR B 62 6.24 19.52 44.74
CA TYR B 62 6.48 20.35 43.57
C TYR B 62 7.88 20.95 43.59
N ASP B 63 8.24 21.59 44.71
CA ASP B 63 9.53 22.29 44.78
C ASP B 63 10.68 21.34 44.53
N TYR B 64 10.71 20.21 45.25
CA TYR B 64 11.87 19.34 45.21
C TYR B 64 11.88 18.46 43.97
N ALA B 65 10.71 18.21 43.38
CA ALA B 65 10.66 17.58 42.07
C ALA B 65 11.17 18.54 41.00
N GLU B 66 10.97 19.84 41.19
CA GLU B 66 11.50 20.83 40.25
C GLU B 66 13.01 20.89 40.31
N ARG B 67 13.59 20.77 41.53
CA ARG B 67 15.01 20.53 41.70
C ARG B 67 15.51 19.47 40.73
N SER B 68 15.04 18.24 40.95
CA SER B 68 15.60 17.09 40.25
C SER B 68 15.40 17.17 38.75
N LEU B 69 14.21 17.61 38.32
CA LEU B 69 13.92 17.65 36.89
C LEU B 69 14.81 18.67 36.19
N CYS B 70 15.01 19.84 36.80
CA CYS B 70 15.90 20.84 36.22
C CYS B 70 17.34 20.32 36.15
N ALA B 71 17.80 19.67 37.22
CA ALA B 71 19.15 19.11 37.21
C ALA B 71 19.28 18.00 36.18
N GLY B 72 18.27 17.14 36.08
CA GLY B 72 18.32 16.07 35.10
C GLY B 72 18.26 16.58 33.68
N LEU B 73 17.43 17.60 33.42
CA LEU B 73 17.37 18.17 32.08
C LEU B 73 18.66 18.89 31.72
N ASN B 74 19.34 19.47 32.71
CA ASN B 74 20.62 20.13 32.43
C ASN B 74 21.67 19.12 31.99
N GLN B 75 21.74 17.97 32.67
CA GLN B 75 22.69 16.93 32.27
C GLN B 75 22.25 16.26 30.97
N ARG B 76 20.96 15.95 30.84
CA ARG B 76 20.49 15.20 29.68
C ARG B 76 20.58 16.00 28.39
N LEU B 77 20.74 17.33 28.47
CA LEU B 77 20.82 18.17 27.28
C LEU B 77 22.18 18.85 27.14
N GLY B 78 23.12 18.60 28.05
CA GLY B 78 24.42 19.23 27.98
C GLY B 78 24.40 20.71 28.26
N LEU B 79 23.40 21.21 28.97
CA LEU B 79 23.26 22.64 29.22
C LEU B 79 24.07 23.03 30.45
N GLU B 80 24.83 24.11 30.33
CA GLU B 80 25.76 24.52 31.38
C GLU B 80 25.65 26.03 31.57
N GLY B 81 26.26 26.51 32.67
CA GLY B 81 26.33 27.92 32.96
C GLY B 81 24.95 28.55 33.09
N GLU B 82 24.89 29.85 32.74
CA GLU B 82 23.62 30.56 32.79
C GLU B 82 22.61 30.02 31.78
N HIS B 83 23.06 29.24 30.80
CA HIS B 83 22.14 28.61 29.86
C HIS B 83 21.28 27.54 30.51
N GLY B 84 21.73 26.98 31.63
CA GLY B 84 21.02 25.89 32.25
C GLY B 84 19.73 26.31 32.93
N LEU B 85 18.93 25.31 33.30
CA LEU B 85 17.62 25.54 33.90
C LEU B 85 17.73 25.59 35.42
N LYS B 86 16.97 26.52 36.01
CA LYS B 86 16.92 26.69 37.45
C LYS B 86 15.47 26.70 37.91
N GLU B 87 15.22 26.13 39.08
CA GLU B 87 13.85 26.02 39.59
C GLU B 87 13.31 27.38 39.97
N ASN B 88 12.03 27.60 39.67
CA ASN B 88 11.34 28.82 40.09
C ASN B 88 11.06 28.73 41.58
N ASN B 89 11.68 29.60 42.36
CA ASN B 89 11.54 29.55 43.82
C ASN B 89 10.37 30.42 44.25
N TYR B 90 9.54 29.87 45.13
CA TYR B 90 8.37 30.56 45.66
C TYR B 90 8.53 30.77 47.16
N GLU B 91 7.84 31.80 47.66
CA GLU B 91 7.90 32.10 49.08
C GLU B 91 7.31 30.96 49.90
N GLY B 92 8.03 30.53 50.93
CA GLY B 92 7.56 29.48 51.80
C GLY B 92 6.58 29.99 52.84
N GLY B 93 6.09 29.04 53.64
CA GLY B 93 5.17 29.38 54.71
C GLY B 93 5.86 30.13 55.84
N PHE B 94 5.04 30.72 56.70
CA PHE B 94 5.52 31.47 57.84
C PHE B 94 4.60 31.24 59.03
N PHE B 95 4.99 31.76 60.18
CA PHE B 95 4.21 31.68 61.40
C PHE B 95 3.44 32.98 61.64
N VAL B 96 2.40 32.88 62.46
CA VAL B 96 1.62 34.05 62.86
C VAL B 96 1.37 34.01 64.35
N LYS B 116 1.11 30.39 68.36
CA LYS B 116 1.85 30.34 67.10
C LYS B 116 1.34 29.22 66.21
N LYS B 117 0.70 29.59 65.10
CA LYS B 117 0.01 28.63 64.23
C LYS B 117 0.57 28.73 62.81
N TRP B 118 0.87 27.57 62.23
CA TRP B 118 1.46 27.53 60.89
C TRP B 118 0.47 28.06 59.85
N VAL B 119 1.03 28.66 58.80
CA VAL B 119 0.26 29.16 57.67
C VAL B 119 0.99 28.79 56.39
N SER B 120 0.28 28.18 55.45
CA SER B 120 0.87 27.85 54.16
C SER B 120 1.23 29.11 53.39
N GLY B 121 2.37 29.08 52.72
CA GLY B 121 2.88 30.23 52.02
C GLY B 121 2.13 30.56 50.75
N PRO B 122 2.09 31.84 50.39
CA PRO B 122 1.42 32.25 49.15
C PRO B 122 2.22 31.82 47.92
N ARG B 123 1.49 31.67 46.81
CA ARG B 123 2.09 31.29 45.52
C ARG B 123 3.03 32.34 44.95
N LYS B 124 3.32 33.44 45.66
CA LYS B 124 4.16 34.49 45.10
C LYS B 124 5.60 34.00 44.93
N ILE B 125 6.15 34.23 43.74
CA ILE B 125 7.54 33.91 43.49
C ILE B 125 8.42 34.77 44.38
N THR B 126 9.41 34.16 45.00
CA THR B 126 10.23 34.87 45.98
C THR B 126 11.11 35.91 45.29
N LYS B 127 11.65 36.82 46.11
CA LYS B 127 12.51 37.88 45.60
C LYS B 127 13.74 37.29 44.93
N GLY B 128 13.87 37.52 43.63
CA GLY B 128 14.97 36.95 42.88
C GLY B 128 14.90 35.44 42.74
N GLY B 129 13.70 34.89 42.61
CA GLY B 129 13.54 33.46 42.49
C GLY B 129 13.13 33.01 41.10
N ASP B 130 12.63 33.96 40.30
CA ASP B 130 12.20 33.68 38.93
C ASP B 130 13.34 33.10 38.11
N GLY B 131 13.34 31.78 37.91
CA GLY B 131 14.35 31.10 37.13
C GLY B 131 13.82 30.57 35.81
N ARG B 132 14.65 29.75 35.17
CA ARG B 132 14.32 29.13 33.89
C ARG B 132 13.92 27.69 34.16
N SER B 133 12.61 27.41 34.11
CA SER B 133 12.10 26.08 34.36
C SER B 133 10.80 25.88 33.59
N PRO B 134 10.58 24.69 33.02
CA PRO B 134 9.35 24.43 32.28
C PRO B 134 8.19 23.93 33.13
N VAL B 135 8.29 24.03 34.45
CA VAL B 135 7.28 23.49 35.35
C VAL B 135 6.16 24.51 35.51
N ILE B 136 4.96 24.15 35.04
CA ILE B 136 3.77 24.95 35.27
C ILE B 136 2.94 24.25 36.32
N ARG B 137 3.15 24.61 37.59
CA ARG B 137 2.45 23.93 38.68
C ARG B 137 0.96 24.26 38.65
N PHE B 138 0.14 23.23 38.52
CA PHE B 138 -1.30 23.35 38.47
C PHE B 138 -1.89 23.02 39.83
N TYR B 139 -2.92 23.74 40.23
CA TYR B 139 -3.57 23.53 41.51
C TYR B 139 -5.08 23.49 41.34
N TRP B 140 -5.73 22.81 42.29
CA TRP B 140 -7.17 22.55 42.22
C TRP B 140 -7.64 22.13 43.61
N GLY B 141 -8.95 22.15 43.80
CA GLY B 141 -9.51 21.74 45.08
C GLY B 141 -11.02 21.93 45.10
N TYR B 142 -11.57 21.83 46.30
CA TYR B 142 -13.01 21.99 46.52
C TYR B 142 -13.24 23.29 47.28
N ARG B 143 -14.09 24.15 46.72
CA ARG B 143 -14.46 25.41 47.34
C ARG B 143 -15.92 25.34 47.79
N ALA B 144 -16.16 25.65 49.06
CA ALA B 144 -17.52 25.62 49.58
C ALA B 144 -18.36 26.75 48.99
N ALA B 145 -19.60 26.43 48.64
CA ALA B 145 -20.52 27.46 48.17
C ALA B 145 -20.68 28.54 49.23
N ASP B 146 -21.01 29.75 48.76
CA ASP B 146 -21.07 30.92 49.65
C ASP B 146 -21.92 30.62 50.89
N ASN B 147 -23.11 30.07 50.70
CA ASN B 147 -23.85 29.56 51.84
C ASN B 147 -23.22 28.26 52.34
N GLU B 148 -23.25 27.20 51.53
CA GLU B 148 -22.87 25.88 52.03
C GLU B 148 -21.40 25.77 52.43
N THR B 149 -21.08 26.37 53.58
CA THR B 149 -19.75 26.27 54.18
C THR B 149 -19.70 25.10 55.16
N ASP B 150 -20.42 25.23 56.28
CA ASP B 150 -20.37 24.27 57.37
C ASP B 150 -21.37 23.12 57.21
N THR B 151 -21.79 22.82 55.99
CA THR B 151 -22.68 21.69 55.74
C THR B 151 -21.92 20.38 55.89
N TYR B 152 -20.98 20.14 54.99
CA TYR B 152 -20.14 18.94 55.04
C TYR B 152 -19.00 19.17 56.04
N ALA B 153 -18.90 18.30 57.04
CA ALA B 153 -17.94 18.47 58.13
C ALA B 153 -16.56 18.04 57.67
N ILE B 154 -15.90 18.93 56.95
CA ILE B 154 -14.54 18.68 56.45
C ILE B 154 -13.69 19.89 56.82
N PRO B 155 -12.36 19.82 56.73
CA PRO B 155 -11.54 20.98 57.06
C PRO B 155 -11.51 21.99 55.92
N LEU B 156 -11.59 23.27 56.28
CA LEU B 156 -11.60 24.36 55.31
C LEU B 156 -10.58 25.41 55.74
N LYS B 157 -10.24 26.26 54.77
CA LYS B 157 -9.35 27.39 55.01
C LYS B 157 -9.56 28.41 53.91
N ASN B 158 -9.35 29.68 54.25
CA ASN B 158 -9.34 30.74 53.26
C ASN B 158 -7.97 30.81 52.60
N LYS B 159 -7.80 31.78 51.69
CA LYS B 159 -6.50 31.94 51.03
C LYS B 159 -5.42 32.33 52.04
N LYS B 160 -5.76 33.19 53.00
CA LYS B 160 -4.77 33.69 53.95
C LYS B 160 -4.29 32.63 54.92
N GLY B 161 -4.96 31.48 54.98
CA GLY B 161 -4.50 30.39 55.83
C GLY B 161 -5.11 30.40 57.21
N ASP B 162 -6.45 30.48 57.27
CA ASP B 162 -7.18 30.54 58.53
C ASP B 162 -8.13 29.34 58.62
N ASN B 163 -8.06 28.62 59.72
CA ASN B 163 -8.93 27.46 59.90
C ASN B 163 -10.35 27.94 60.12
N TYR B 164 -11.30 27.36 59.37
CA TYR B 164 -12.68 27.82 59.41
C TYR B 164 -13.32 27.58 60.78
N TYR B 165 -12.89 26.54 61.49
CA TYR B 165 -13.49 26.18 62.76
C TYR B 165 -12.90 26.93 63.94
N ASP B 166 -11.87 27.76 63.71
CA ASP B 166 -11.27 28.56 64.76
C ASP B 166 -11.72 30.01 64.73
N LEU B 167 -12.77 30.32 63.98
CA LEU B 167 -13.28 31.68 63.85
C LEU B 167 -14.74 31.74 64.26
N PRO B 168 -15.20 32.87 64.80
CA PRO B 168 -16.61 33.01 65.16
C PRO B 168 -17.50 33.02 63.92
N PRO B 169 -18.80 32.81 64.07
CA PRO B 169 -19.67 32.78 62.89
C PRO B 169 -19.76 34.11 62.16
N GLU B 170 -19.67 35.23 62.88
CA GLU B 170 -19.80 36.53 62.24
C GLU B 170 -18.64 36.82 61.29
N SER B 171 -17.42 36.45 61.69
CA SER B 171 -16.28 36.59 60.80
C SER B 171 -16.31 35.56 59.68
N ARG B 172 -17.01 34.45 59.87
CA ARG B 172 -17.06 33.39 58.87
C ARG B 172 -17.88 33.82 57.67
N LYS B 173 -17.36 33.54 56.47
CA LYS B 173 -17.99 33.83 55.19
C LYS B 173 -18.02 35.33 54.93
N ALA B 174 -17.73 36.14 55.96
CA ALA B 174 -17.48 37.55 55.72
C ALA B 174 -16.33 37.73 54.74
N LYS B 175 -15.23 37.00 54.96
CA LYS B 175 -14.10 36.94 54.05
C LYS B 175 -13.16 35.82 54.50
N GLY B 176 -12.69 35.00 53.56
CA GLY B 176 -13.08 35.10 52.17
C GLY B 176 -13.72 33.82 51.68
N PRO B 177 -13.34 33.39 50.47
CA PRO B 177 -13.77 32.07 50.01
C PRO B 177 -13.08 30.98 50.84
N TRP B 178 -13.84 29.94 51.16
CA TRP B 178 -13.33 28.83 51.96
C TRP B 178 -13.21 27.59 51.11
N PHE B 179 -12.08 26.90 51.23
CA PHE B 179 -11.72 25.84 50.30
C PHE B 179 -10.63 24.98 50.94
N TRP B 180 -10.39 23.82 50.32
CA TRP B 180 -9.18 23.04 50.59
C TRP B 180 -8.64 22.52 49.27
N GLY B 181 -7.32 22.67 49.10
CA GLY B 181 -6.70 22.27 47.85
C GLY B 181 -6.71 20.77 47.66
N GLY B 182 -6.87 20.35 46.40
CA GLY B 182 -6.95 18.94 46.07
C GLY B 182 -8.22 18.25 46.52
N GLY B 183 -9.21 19.00 47.00
CA GLY B 183 -10.41 18.40 47.53
C GLY B 183 -10.15 17.78 48.89
N PRO B 184 -11.21 17.40 49.65
CA PRO B 184 -11.03 16.71 50.92
C PRO B 184 -10.38 15.35 50.67
N PHE B 185 -9.99 14.64 51.73
CA PHE B 185 -9.22 13.38 51.53
C PHE B 185 -10.12 12.21 51.20
N GLN B 186 -11.05 11.87 52.10
CA GLN B 186 -11.88 10.66 51.89
C GLN B 186 -12.71 10.81 50.62
N ASN B 187 -12.10 10.70 49.45
CA ASN B 187 -12.90 10.74 48.19
C ASN B 187 -12.07 10.22 47.03
N GLY B 188 -10.87 9.68 47.27
CA GLY B 188 -10.19 9.18 46.09
C GLY B 188 -10.90 8.02 45.43
N CYS B 189 -11.34 8.20 44.20
CA CYS B 189 -12.07 7.18 43.46
C CYS B 189 -11.12 6.43 42.52
N ASN B 190 -11.55 5.23 42.13
CA ASN B 190 -10.73 4.35 41.31
C ASN B 190 -11.26 4.20 39.88
N GLN B 191 -12.11 5.12 39.43
CA GLN B 191 -12.46 5.20 38.02
C GLN B 191 -12.74 6.66 37.67
N LEU B 192 -12.71 6.95 36.38
CA LEU B 192 -12.93 8.32 35.93
C LEU B 192 -14.39 8.73 35.94
N VAL B 193 -15.32 7.78 36.04
CA VAL B 193 -16.73 8.14 35.99
C VAL B 193 -17.16 8.85 37.26
N SER B 194 -16.60 8.44 38.41
CA SER B 194 -16.93 9.11 39.67
C SER B 194 -16.36 10.52 39.74
N LEU B 195 -15.50 10.92 38.81
CA LEU B 195 -15.09 12.31 38.72
C LEU B 195 -16.26 13.23 38.39
N TRP B 196 -17.30 12.70 37.74
CA TRP B 196 -18.51 13.45 37.40
C TRP B 196 -19.64 13.21 38.39
N SER B 197 -19.39 12.46 39.46
CA SER B 197 -20.45 12.08 40.39
C SER B 197 -21.03 13.31 41.09
N LYS B 198 -22.36 13.39 41.09
CA LYS B 198 -23.07 14.42 41.82
C LYS B 198 -23.32 14.03 43.28
N THR B 199 -22.87 12.85 43.70
CA THR B 199 -22.97 12.38 45.07
C THR B 199 -21.62 11.84 45.50
N GLY B 200 -21.07 12.39 46.58
CA GLY B 200 -19.73 12.07 47.04
C GLY B 200 -19.68 10.92 48.01
N PHE B 201 -18.66 10.96 48.88
CA PHE B 201 -18.44 9.89 49.84
C PHE B 201 -19.59 9.79 50.84
N ASN B 202 -19.88 8.56 51.27
CA ASN B 202 -20.90 8.29 52.26
C ASN B 202 -20.34 7.33 53.30
N ASN B 203 -20.74 7.50 54.55
CA ASN B 203 -20.28 6.63 55.63
C ASN B 203 -21.35 5.62 56.03
N VAL B 210 -12.04 -0.44 57.13
CA VAL B 210 -11.40 -0.54 55.82
C VAL B 210 -12.33 -0.08 54.70
N PRO B 211 -12.60 1.23 54.64
CA PRO B 211 -13.36 1.78 53.52
C PRO B 211 -12.46 2.34 52.44
N LEU B 212 -12.76 3.52 51.92
CA LEU B 212 -11.80 4.19 51.05
C LEU B 212 -11.15 5.32 51.85
N PRO B 213 -10.19 5.02 52.73
CA PRO B 213 -9.63 6.05 53.59
C PRO B 213 -8.26 6.47 53.12
N PHE B 214 -7.51 7.15 53.97
CA PHE B 214 -6.16 7.52 53.58
C PHE B 214 -5.22 7.34 54.77
N SER B 215 -4.50 8.39 55.16
CA SER B 215 -3.36 8.16 56.04
C SER B 215 -3.11 9.35 56.96
N THR B 216 -4.18 9.97 57.43
CA THR B 216 -4.08 11.00 58.46
C THR B 216 -4.91 10.67 59.69
N GLN B 217 -5.74 9.64 59.64
CA GLN B 217 -6.63 9.27 60.71
C GLN B 217 -6.04 8.12 61.52
N VAL B 218 -6.79 7.67 62.51
CA VAL B 218 -6.38 6.55 63.35
C VAL B 218 -6.58 5.25 62.58
N LEU B 219 -6.31 4.12 63.23
CA LEU B 219 -6.34 2.85 62.52
C LEU B 219 -7.17 1.79 63.26
N ASN B 220 -7.21 1.86 64.60
CA ASN B 220 -7.88 0.89 65.46
C ASN B 220 -7.15 -0.46 65.45
N ASP B 224 -11.16 8.12 63.37
CA ASP B 224 -12.32 7.24 63.22
C ASP B 224 -13.61 8.07 63.16
N ARG B 225 -13.59 9.25 63.77
CA ARG B 225 -14.73 10.14 63.79
C ARG B 225 -14.63 11.25 62.76
N LEU B 226 -13.53 11.34 62.02
CA LEU B 226 -13.34 12.35 60.99
C LEU B 226 -13.95 11.95 59.65
N LEU B 227 -14.31 10.68 59.46
CA LEU B 227 -14.90 10.22 58.21
C LEU B 227 -16.33 10.69 58.05
N SER B 228 -16.55 12.01 58.11
CA SER B 228 -17.88 12.54 57.83
C SER B 228 -18.17 12.46 56.34
N ASP B 229 -19.45 12.57 55.98
CA ASP B 229 -19.84 12.53 54.59
C ASP B 229 -19.23 13.70 53.83
N ALA B 230 -18.78 13.43 52.62
CA ALA B 230 -18.03 14.38 51.79
C ALA B 230 -18.96 15.10 50.83
N PRO B 231 -18.53 16.25 50.30
CA PRO B 231 -19.36 16.96 49.31
C PRO B 231 -19.30 16.28 47.96
N PRO B 232 -20.23 16.59 47.05
CA PRO B 232 -20.25 15.92 45.75
C PRO B 232 -18.94 16.09 45.00
N ARG B 233 -18.63 15.10 44.16
CA ARG B 233 -17.33 15.01 43.49
C ARG B 233 -17.28 15.78 42.17
N HIS B 234 -17.99 16.90 42.07
CA HIS B 234 -17.93 17.69 40.84
C HIS B 234 -16.53 18.25 40.59
N TYR B 235 -15.82 18.61 41.66
CA TYR B 235 -14.57 19.36 41.50
C TYR B 235 -13.52 18.55 40.78
N TYR B 236 -13.60 17.22 40.85
CA TYR B 236 -12.69 16.39 40.06
C TYR B 236 -12.87 16.64 38.57
N ALA B 237 -14.11 16.55 38.09
CA ALA B 237 -14.36 16.81 36.67
C ALA B 237 -14.11 18.27 36.31
N HIS B 238 -14.41 19.20 37.22
CA HIS B 238 -14.15 20.60 36.97
C HIS B 238 -12.65 20.85 36.77
N ALA B 239 -11.83 20.31 37.67
CA ALA B 239 -10.39 20.43 37.52
C ALA B 239 -9.89 19.72 36.27
N ALA B 240 -10.56 18.62 35.88
CA ALA B 240 -10.18 17.92 34.66
C ALA B 240 -10.43 18.79 33.44
N GLY B 241 -11.61 19.41 33.36
CA GLY B 241 -11.89 20.33 32.26
C GLY B 241 -10.98 21.54 32.28
N ARG B 242 -10.61 22.00 33.47
CA ARG B 242 -9.69 23.13 33.58
C ARG B 242 -8.32 22.78 33.04
N LEU B 243 -7.80 21.59 33.41
CA LEU B 243 -6.51 21.17 32.89
C LEU B 243 -6.55 21.00 31.38
N ALA B 244 -7.62 20.38 30.86
CA ALA B 244 -7.78 20.26 29.41
C ALA B 244 -7.85 21.63 28.76
N LYS B 245 -8.54 22.58 29.40
CA LYS B 245 -8.59 23.94 28.88
C LYS B 245 -7.20 24.55 28.83
N LEU B 246 -6.38 24.29 29.85
CA LEU B 246 -5.04 24.87 29.90
C LEU B 246 -4.15 24.28 28.81
N ILE B 247 -4.24 22.98 28.57
CA ILE B 247 -3.50 22.39 27.45
C ILE B 247 -3.96 22.98 26.14
N LYS B 248 -5.24 23.31 26.03
CA LYS B 248 -5.76 23.92 24.81
C LYS B 248 -5.14 25.31 24.59
N THR B 249 -5.05 26.12 25.64
CA THR B 249 -4.41 27.42 25.50
C THR B 249 -2.92 27.29 25.23
N ILE B 250 -2.27 26.27 25.79
CA ILE B 250 -0.84 26.07 25.53
C ILE B 250 -0.61 25.72 24.06
N ARG B 251 -1.43 24.82 23.53
CA ARG B 251 -1.28 24.42 22.13
C ARG B 251 -1.71 25.52 21.17
N ASN B 252 -2.56 26.45 21.61
CA ASN B 252 -2.94 27.57 20.77
C ASN B 252 -1.84 28.62 20.72
N GLN B 253 -1.23 28.94 21.87
CA GLN B 253 -0.19 29.96 21.92
C GLN B 253 1.13 29.46 21.35
N HIS B 254 1.52 28.24 21.68
CA HIS B 254 2.74 27.62 21.14
C HIS B 254 2.39 26.27 20.54
N PRO B 255 1.90 26.24 19.29
CA PRO B 255 1.56 24.96 18.66
C PRO B 255 2.70 23.95 18.61
N GLU B 256 3.94 24.41 18.48
CA GLU B 256 5.06 23.53 18.13
C GLU B 256 5.99 23.26 19.31
N ASP B 257 5.43 23.01 20.49
CA ASP B 257 6.20 22.66 21.66
C ASP B 257 5.56 21.45 22.34
N THR B 258 6.36 20.75 23.14
CA THR B 258 5.90 19.56 23.84
C THR B 258 5.20 19.94 25.13
N VAL B 259 4.11 19.23 25.43
CA VAL B 259 3.33 19.44 26.65
C VAL B 259 3.35 18.14 27.44
N THR B 260 3.88 18.19 28.66
CA THR B 260 3.95 17.04 29.53
C THR B 260 3.09 17.26 30.76
N VAL B 261 2.33 16.23 31.14
CA VAL B 261 1.51 16.25 32.34
C VAL B 261 2.12 15.26 33.33
N LEU B 262 2.34 15.71 34.56
CA LEU B 262 3.01 14.91 35.59
C LEU B 262 2.10 14.89 36.82
N SER B 263 1.46 13.75 37.05
CA SER B 263 0.38 13.63 38.02
C SER B 263 0.77 12.75 39.19
N HIS B 264 -0.03 12.83 40.25
CA HIS B 264 0.19 12.05 41.47
C HIS B 264 -1.13 11.75 42.15
N SER B 265 -1.24 10.54 42.71
CA SER B 265 -2.42 10.07 43.42
C SER B 265 -3.70 10.43 42.69
N GLN B 266 -4.64 11.06 43.39
CA GLN B 266 -5.91 11.42 42.77
C GLN B 266 -5.71 12.38 41.60
N GLY B 267 -4.62 13.13 41.58
CA GLY B 267 -4.32 13.98 40.44
C GLY B 267 -4.16 13.21 39.15
N THR B 268 -3.84 11.92 39.24
CA THR B 268 -3.77 11.10 38.04
C THR B 268 -5.10 11.07 37.30
N MET B 269 -6.18 10.73 38.02
CA MET B 269 -7.50 10.71 37.41
C MET B 269 -7.84 12.04 36.75
N ILE B 270 -7.41 13.14 37.37
CA ILE B 270 -7.58 14.46 36.76
C ILE B 270 -6.87 14.51 35.42
N ALA B 271 -5.62 14.08 35.39
CA ALA B 271 -4.84 14.06 34.16
C ALA B 271 -5.49 13.17 33.11
N LEU B 272 -5.91 11.97 33.52
CA LEU B 272 -6.56 11.05 32.60
C LEU B 272 -7.80 11.69 31.98
N ALA B 273 -8.66 12.29 32.82
CA ALA B 273 -9.87 12.89 32.30
C ALA B 273 -9.56 14.12 31.43
N ALA B 274 -8.48 14.84 31.74
CA ALA B 274 -8.05 15.91 30.86
C ALA B 274 -7.50 15.36 29.55
N ALA B 275 -6.81 14.22 29.62
CA ALA B 275 -6.29 13.59 28.41
C ALA B 275 -7.42 13.13 27.51
N ALA B 276 -8.53 12.67 28.10
CA ALA B 276 -9.68 12.25 27.31
C ALA B 276 -10.35 13.43 26.61
N ILE B 277 -10.08 14.65 27.06
CA ILE B 277 -10.60 15.85 26.42
C ILE B 277 -9.57 16.46 25.47
N GLU B 278 -8.33 16.66 25.97
CA GLU B 278 -7.22 17.14 25.14
C GLU B 278 -5.98 16.39 25.61
N ALA B 279 -5.59 15.36 24.88
CA ALA B 279 -4.48 14.51 25.29
C ALA B 279 -3.16 15.25 25.16
N PRO B 280 -2.36 15.32 26.22
CA PRO B 280 -1.03 15.95 26.10
C PRO B 280 -0.09 15.07 25.30
N ASP B 281 1.06 15.66 24.97
CA ASP B 281 2.06 14.94 24.19
C ASP B 281 2.69 13.80 24.98
N ALA B 282 2.59 13.82 26.30
CA ALA B 282 3.04 12.73 27.14
C ALA B 282 2.34 12.84 28.49
N LEU B 283 2.15 11.69 29.15
CA LEU B 283 1.39 11.65 30.38
C LEU B 283 2.05 10.68 31.35
N PHE B 284 2.10 11.07 32.63
CA PHE B 284 2.77 10.31 33.67
C PHE B 284 1.82 10.14 34.84
N VAL B 285 1.58 8.90 35.25
CA VAL B 285 0.71 8.60 36.38
C VAL B 285 1.56 8.03 37.51
N MET B 286 1.63 8.77 38.62
CA MET B 286 2.43 8.40 39.77
C MET B 286 1.49 8.04 40.91
N ASN B 287 1.52 6.77 41.33
CA ASN B 287 0.67 6.27 42.40
C ASN B 287 -0.82 6.46 42.07
N SER B 288 -1.22 5.94 40.91
CA SER B 288 -2.54 6.22 40.35
C SER B 288 -3.60 5.29 40.94
N PRO B 289 -4.72 5.84 41.44
CA PRO B 289 -5.78 4.96 41.97
C PRO B 289 -6.64 4.35 40.89
N TYR B 290 -6.24 4.50 39.63
CA TYR B 290 -6.97 3.85 38.56
C TYR B 290 -6.86 2.33 38.70
N ALA B 291 -7.96 1.67 39.07
CA ALA B 291 -7.99 0.24 39.29
C ALA B 291 -8.78 -0.45 38.19
N LEU B 292 -8.25 -1.57 37.70
CA LEU B 292 -8.83 -2.28 36.57
C LEU B 292 -9.84 -3.35 36.97
N GLU B 293 -10.13 -3.49 38.26
CA GLU B 293 -11.11 -4.45 38.74
C GLU B 293 -11.88 -3.87 39.91
N ASN B 294 -13.12 -4.32 40.08
CA ASN B 294 -13.99 -3.86 41.16
C ASN B 294 -13.73 -4.70 42.40
N GLU B 295 -13.13 -4.09 43.42
CA GLU B 295 -12.92 -4.75 44.69
C GLU B 295 -14.24 -4.87 45.43
N PRO B 296 -14.30 -5.70 46.48
CA PRO B 296 -15.54 -5.75 47.27
C PRO B 296 -15.94 -4.41 47.86
N THR B 297 -14.96 -3.62 48.32
CA THR B 297 -15.27 -2.28 48.80
C THR B 297 -15.86 -1.41 47.69
N THR B 298 -15.45 -1.65 46.43
CA THR B 298 -16.04 -0.92 45.32
C THR B 298 -17.51 -1.27 45.14
N TYR B 299 -17.86 -2.56 45.25
CA TYR B 299 -19.25 -2.97 45.17
C TYR B 299 -20.07 -2.34 46.30
N ILE B 300 -19.49 -2.25 47.49
CA ILE B 300 -20.24 -1.81 48.67
C ILE B 300 -20.22 -0.30 48.86
N SER B 301 -19.36 0.43 48.15
CA SER B 301 -19.24 1.87 48.33
C SER B 301 -19.97 2.65 47.24
N TYR B 302 -19.56 2.48 45.98
CA TYR B 302 -20.04 3.33 44.90
C TYR B 302 -21.48 2.98 44.54
N PRO B 303 -22.20 3.93 43.93
CA PRO B 303 -23.53 3.61 43.40
C PRO B 303 -23.44 2.60 42.27
N ILE B 304 -24.60 2.08 41.88
CA ILE B 304 -24.65 1.08 40.83
C ILE B 304 -24.15 1.66 39.51
N LYS B 305 -24.47 2.93 39.25
CA LYS B 305 -24.04 3.55 37.99
C LYS B 305 -22.52 3.60 37.86
N GLU B 306 -21.81 3.69 38.98
CA GLU B 306 -20.37 3.94 38.97
C GLU B 306 -19.55 2.71 39.38
N ILE B 307 -20.02 1.52 39.05
CA ILE B 307 -19.22 0.32 39.26
C ILE B 307 -18.89 -0.24 37.89
N ILE B 308 -17.78 0.24 37.32
CA ILE B 308 -17.50 0.06 35.90
C ILE B 308 -16.84 -1.30 35.68
N SER B 309 -17.24 -1.97 34.61
CA SER B 309 -16.77 -3.32 34.34
C SER B 309 -15.27 -3.33 34.06
N ARG B 310 -14.67 -4.51 34.21
CA ARG B 310 -13.23 -4.65 34.01
C ARG B 310 -12.83 -4.28 32.59
N LYS B 311 -13.56 -4.79 31.59
CA LYS B 311 -13.25 -4.48 30.20
C LYS B 311 -13.42 -3.00 29.92
N ALA B 312 -14.37 -2.34 30.60
CA ALA B 312 -14.59 -0.92 30.36
C ALA B 312 -13.45 -0.07 30.94
N ARG B 313 -12.97 -0.42 32.13
CA ARG B 313 -11.85 0.31 32.70
C ARG B 313 -10.59 0.15 31.85
N SER B 314 -10.32 -1.08 31.40
CA SER B 314 -9.20 -1.29 30.49
C SER B 314 -9.38 -0.51 29.20
N ALA B 315 -10.61 -0.48 28.67
CA ALA B 315 -10.87 0.25 27.45
C ALA B 315 -10.65 1.75 27.64
N THR B 316 -11.10 2.28 28.79
CA THR B 316 -10.95 3.70 29.05
C THR B 316 -9.48 4.10 29.11
N PHE B 317 -8.67 3.34 29.87
CA PHE B 317 -7.25 3.62 29.95
C PHE B 317 -6.58 3.47 28.59
N ALA B 318 -6.87 2.38 27.89
CA ALA B 318 -6.23 2.14 26.60
C ALA B 318 -6.57 3.25 25.61
N ASP B 319 -7.85 3.65 25.54
CA ASP B 319 -8.25 4.69 24.61
C ASP B 319 -7.57 6.02 24.94
N ILE B 320 -7.40 6.31 26.22
CA ILE B 320 -6.70 7.54 26.60
C ILE B 320 -5.25 7.48 26.17
N VAL B 321 -4.61 6.32 26.33
CA VAL B 321 -3.22 6.17 25.92
C VAL B 321 -3.08 6.32 24.42
N LYS B 322 -4.06 5.81 23.67
CA LYS B 322 -4.03 6.00 22.21
C LYS B 322 -4.26 7.46 21.83
N LYS B 323 -5.12 8.16 22.58
CA LYS B 323 -5.33 9.58 22.32
C LYS B 323 -4.06 10.39 22.57
N VAL B 324 -3.29 10.01 23.59
CA VAL B 324 -2.00 10.64 23.82
C VAL B 324 -1.02 10.25 22.72
N ALA B 325 -1.03 8.97 22.33
CA ALA B 325 -0.12 8.50 21.28
C ALA B 325 -0.39 9.16 19.93
N GLU B 326 -1.60 9.67 19.71
CA GLU B 326 -1.89 10.37 18.46
C GLU B 326 -0.97 11.57 18.27
N ASN B 327 -0.45 12.12 19.37
CA ASN B 327 0.43 13.28 19.32
C ASN B 327 1.88 12.92 19.12
N LYS B 328 2.18 11.66 18.75
CA LYS B 328 3.54 11.29 18.42
C LYS B 328 3.99 11.81 17.06
N THR B 329 3.08 12.42 16.31
CA THR B 329 3.40 12.97 14.99
C THR B 329 2.96 14.43 14.89
N TRP B 350 17.89 20.29 17.86
CA TRP B 350 18.29 19.16 18.68
C TRP B 350 17.98 17.84 17.98
N ILE B 351 18.97 16.96 17.90
CA ILE B 351 18.82 15.70 17.18
C ILE B 351 18.23 14.64 18.11
N PRO B 352 17.20 13.90 17.67
CA PRO B 352 16.69 12.80 18.49
C PRO B 352 17.35 11.48 18.13
N GLU B 353 18.52 11.55 17.49
CA GLU B 353 19.27 10.36 17.08
C GLU B 353 20.68 10.34 17.64
N GLY B 354 20.98 11.19 18.61
CA GLY B 354 22.31 11.24 19.20
C GLY B 354 22.49 10.19 20.28
N LYS B 355 23.60 10.34 21.01
CA LYS B 355 23.96 9.40 22.08
C LYS B 355 24.47 10.18 23.27
N THR B 356 23.98 9.81 24.46
CA THR B 356 24.41 10.43 25.71
C THR B 356 25.82 9.93 26.04
N HIS B 357 26.38 10.40 27.17
CA HIS B 357 27.76 10.07 27.52
C HIS B 357 27.96 8.57 27.68
N ASN B 358 26.93 7.83 28.09
CA ASN B 358 27.05 6.40 28.33
C ASN B 358 26.83 5.56 27.08
N GLY B 359 26.88 6.17 25.89
CA GLY B 359 26.65 5.45 24.65
C GLY B 359 25.24 4.96 24.43
N LEU B 360 24.30 5.32 25.31
CA LEU B 360 22.91 4.95 25.08
C LEU B 360 22.27 5.90 24.07
N PRO B 361 21.49 5.37 23.13
CA PRO B 361 20.84 6.23 22.13
C PRO B 361 19.62 6.92 22.71
N GLU B 362 19.73 8.24 22.93
CA GLU B 362 18.63 8.93 23.56
C GLU B 362 17.44 9.00 22.60
N ARG B 363 16.26 8.84 23.18
CA ARG B 363 15.03 8.54 22.47
C ARG B 363 14.11 9.77 22.47
N ASP B 364 13.36 9.93 21.38
CA ASP B 364 12.25 10.85 21.37
C ASP B 364 11.10 10.17 22.10
N ASN B 365 10.43 10.92 22.98
CA ASN B 365 9.42 10.35 23.85
C ASN B 365 8.05 10.99 23.63
N HIS B 366 7.72 11.25 22.36
CA HIS B 366 6.43 11.80 22.02
C HIS B 366 5.34 10.73 22.12
N GLY B 367 4.15 11.15 22.57
CA GLY B 367 3.00 10.27 22.60
C GLY B 367 3.04 9.17 23.65
N THR B 368 4.10 9.09 24.44
CA THR B 368 4.22 8.01 25.40
C THR B 368 3.32 8.25 26.62
N THR B 369 3.05 7.18 27.34
CA THR B 369 2.30 7.24 28.61
C THR B 369 3.01 6.34 29.61
N TRP B 370 3.37 6.89 30.76
CA TRP B 370 4.21 6.20 31.73
C TRP B 370 3.43 5.96 33.02
N ILE B 371 3.57 4.75 33.55
CA ILE B 371 2.93 4.35 34.80
C ILE B 371 4.03 4.06 35.81
N TYR B 372 4.14 4.91 36.83
CA TYR B 372 5.11 4.75 37.89
C TYR B 372 4.41 4.20 39.12
N CYS B 373 4.90 3.08 39.64
CA CYS B 373 4.25 2.40 40.75
C CYS B 373 5.25 2.13 41.87
N ASN B 374 4.74 2.17 43.10
CA ASN B 374 5.52 1.91 44.31
C ASN B 374 4.92 0.72 45.02
N PRO B 375 5.69 -0.33 45.31
CA PRO B 375 5.14 -1.48 46.05
C PRO B 375 4.89 -1.23 47.52
N HIS B 376 5.16 -0.01 48.01
CA HIS B 376 5.09 0.28 49.42
C HIS B 376 4.01 1.30 49.78
N ASP B 377 3.25 1.78 48.81
CA ASP B 377 2.26 2.81 49.07
C ASP B 377 1.18 2.26 49.98
N ARG B 378 1.19 2.67 51.25
CA ARG B 378 0.24 2.12 52.20
C ARG B 378 -1.21 2.43 51.81
N VAL B 379 -1.43 3.58 51.19
CA VAL B 379 -2.77 3.93 50.73
C VAL B 379 -3.14 3.15 49.49
N MET B 380 -2.23 3.05 48.52
CA MET B 380 -2.55 2.46 47.24
C MET B 380 -2.50 0.94 47.26
N GLY B 381 -1.72 0.35 48.16
CA GLY B 381 -1.72 -1.10 48.31
C GLY B 381 -2.81 -1.64 49.20
N SER B 382 -3.58 -0.76 49.83
CA SER B 382 -4.68 -1.19 50.67
C SER B 382 -5.70 -1.97 49.86
N SER B 383 -6.36 -2.93 50.53
CA SER B 383 -7.33 -3.81 49.90
C SER B 383 -8.45 -3.08 49.15
N PRO B 384 -8.89 -1.90 49.59
CA PRO B 384 -9.94 -1.20 48.81
C PRO B 384 -9.44 -0.56 47.53
N LEU B 385 -8.13 -0.44 47.33
CA LEU B 385 -7.62 0.09 46.08
C LEU B 385 -6.87 -0.99 45.30
N ARG B 386 -5.61 -1.23 45.68
CA ARG B 386 -4.74 -2.18 44.98
C ARG B 386 -4.78 -1.94 43.48
N SER B 387 -4.56 -0.69 43.09
CA SER B 387 -4.66 -0.26 41.71
C SER B 387 -3.29 -0.28 41.06
N ILE B 388 -3.18 0.37 39.89
CA ILE B 388 -1.94 0.34 39.12
C ILE B 388 -0.82 1.10 39.82
N GLY B 389 -1.15 2.05 40.69
CA GLY B 389 -0.11 2.79 41.37
C GLY B 389 0.73 1.97 42.34
N TRP B 390 0.27 0.77 42.68
CA TRP B 390 0.95 -0.07 43.67
C TRP B 390 1.41 -1.41 43.11
N GLN B 391 0.61 -2.05 42.26
CA GLN B 391 1.01 -3.29 41.61
C GLN B 391 1.27 -3.10 40.13
N GLY B 392 1.36 -1.87 39.65
CA GLY B 392 1.65 -1.62 38.25
C GLY B 392 0.68 -2.33 37.32
N LEU B 393 1.23 -2.97 36.29
CA LEU B 393 0.50 -3.87 35.42
C LEU B 393 1.03 -5.27 35.63
N PRO B 394 0.50 -6.04 36.58
CA PRO B 394 1.10 -7.33 36.93
C PRO B 394 0.90 -8.36 35.83
N ASP B 395 1.88 -9.26 35.73
CA ASP B 395 1.83 -10.30 34.72
C ASP B 395 0.77 -11.35 35.07
N THR B 396 0.40 -12.14 34.07
CA THR B 396 -0.60 -13.17 34.24
C THR B 396 -0.02 -14.35 35.04
N LYS B 397 -0.89 -15.30 35.38
CA LYS B 397 -0.48 -16.44 36.18
C LYS B 397 0.53 -17.33 35.47
N ASP B 398 0.68 -17.19 34.16
CA ASP B 398 1.59 -18.03 33.39
C ASP B 398 2.78 -17.26 32.84
N GLY B 399 3.02 -16.03 33.31
CA GLY B 399 4.17 -15.26 32.93
C GLY B 399 3.97 -14.30 31.78
N THR B 400 2.91 -14.47 31.00
CA THR B 400 2.65 -13.57 29.89
C THR B 400 2.38 -12.16 30.41
N PRO B 401 2.97 -11.13 29.82
CA PRO B 401 2.70 -9.75 30.27
C PRO B 401 1.22 -9.41 30.24
N HIS B 402 0.88 -8.35 30.96
CA HIS B 402 -0.51 -8.05 31.24
C HIS B 402 -1.22 -7.57 29.96
N THR B 403 -2.55 -7.76 29.96
CA THR B 403 -3.33 -7.57 28.73
C THR B 403 -3.35 -6.11 28.27
N LEU B 404 -3.32 -5.16 29.19
CA LEU B 404 -3.40 -3.75 28.80
C LEU B 404 -2.19 -3.32 27.98
N PHE B 405 -1.06 -4.02 28.10
CA PHE B 405 0.11 -3.72 27.27
C PHE B 405 -0.24 -3.84 25.79
N LYS B 406 -0.85 -4.96 25.40
CA LYS B 406 -1.29 -5.11 24.02
C LYS B 406 -2.50 -4.23 23.72
N GLN B 407 -3.31 -3.92 24.74
CA GLN B 407 -4.52 -3.14 24.52
C GLN B 407 -4.19 -1.71 24.11
N ALA B 408 -3.26 -1.07 24.81
CA ALA B 408 -2.96 0.33 24.55
C ALA B 408 -1.96 0.54 23.43
N GLY B 409 -1.04 -0.39 23.23
CA GLY B 409 -0.03 -0.29 22.19
C GLY B 409 1.36 -0.24 22.77
N ASP B 410 2.32 0.07 21.91
CA ASP B 410 3.72 0.18 22.30
C ASP B 410 4.06 1.53 22.91
N THR B 411 3.06 2.38 23.16
CA THR B 411 3.28 3.70 23.70
C THR B 411 3.11 3.76 25.21
N LEU B 412 2.88 2.63 25.87
CA LEU B 412 2.63 2.57 27.30
C LEU B 412 3.79 1.86 27.97
N TYR B 413 4.44 2.53 28.92
CA TYR B 413 5.57 1.98 29.64
C TYR B 413 5.29 2.00 31.13
N VAL B 414 5.94 1.09 31.86
CA VAL B 414 5.73 0.92 33.29
C VAL B 414 7.09 0.87 33.99
N ARG B 415 7.23 1.63 35.07
CA ARG B 415 8.41 1.63 35.91
C ARG B 415 8.01 1.35 37.35
N ILE B 416 8.96 0.84 38.13
CA ILE B 416 8.72 0.56 39.54
C ILE B 416 9.87 1.16 40.36
N LEU B 417 9.50 1.72 41.52
CA LEU B 417 10.45 2.28 42.47
C LEU B 417 10.22 1.59 43.80
N GLY B 418 11.11 0.67 44.16
CA GLY B 418 10.89 -0.15 45.34
C GLY B 418 12.19 -0.57 46.01
N ARG B 419 12.03 -1.08 47.23
CA ARG B 419 13.17 -1.52 48.02
C ARG B 419 13.86 -2.69 47.35
N ASN B 420 15.19 -2.64 47.31
CA ASN B 420 16.02 -3.69 46.71
C ASN B 420 15.53 -4.02 45.29
N THR B 421 15.17 -2.98 44.56
CA THR B 421 14.64 -3.12 43.20
C THR B 421 15.23 -2.04 42.32
N PRO B 422 16.03 -2.39 41.32
CA PRO B 422 16.61 -1.37 40.44
C PRO B 422 15.52 -0.61 39.69
N CYS B 423 15.81 0.65 39.36
CA CYS B 423 14.88 1.49 38.63
C CYS B 423 15.66 2.25 37.57
N GLY B 424 15.49 1.88 36.31
CA GLY B 424 16.22 2.46 35.21
C GLY B 424 17.19 1.54 34.51
N GLY B 425 17.16 0.24 34.80
CA GLY B 425 18.05 -0.71 34.18
C GLY B 425 17.45 -1.37 32.95
N THR B 426 18.01 -2.51 32.59
CA THR B 426 17.53 -3.26 31.43
C THR B 426 16.08 -3.62 31.63
N PRO B 427 15.21 -3.39 30.64
CA PRO B 427 13.81 -3.81 30.76
C PRO B 427 13.67 -5.29 31.02
N THR B 428 13.22 -5.66 32.22
CA THR B 428 13.11 -7.05 32.62
C THR B 428 11.66 -7.51 32.50
N ALA B 429 11.47 -8.72 31.96
CA ALA B 429 10.13 -9.19 31.64
C ALA B 429 9.31 -9.45 32.90
N GLN B 430 9.88 -10.17 33.87
CA GLN B 430 9.16 -10.55 35.08
C GLN B 430 9.94 -10.03 36.29
N THR B 431 9.70 -8.76 36.63
CA THR B 431 10.38 -8.13 37.75
C THR B 431 9.72 -8.53 39.07
N HIS B 432 10.55 -8.81 40.06
CA HIS B 432 10.05 -9.33 41.33
C HIS B 432 9.18 -8.30 42.04
N PHE B 433 8.01 -8.76 42.49
CA PHE B 433 7.08 -7.90 43.22
C PHE B 433 6.67 -8.53 44.55
N SER B 434 6.17 -9.75 44.52
CA SER B 434 5.72 -10.40 45.74
C SER B 434 6.88 -10.63 46.70
N ASN B 435 8.03 -11.05 46.17
CA ASN B 435 9.21 -11.34 46.96
C ASN B 435 10.30 -10.34 46.60
N LEU B 436 10.54 -9.38 47.48
CA LEU B 436 11.56 -8.37 47.25
C LEU B 436 12.97 -8.88 47.47
N GLY B 437 13.12 -10.12 47.95
CA GLY B 437 14.42 -10.77 48.03
C GLY B 437 15.37 -10.22 49.07
N ASP B 438 14.85 -9.84 50.25
CA ASP B 438 15.73 -9.37 51.31
C ASP B 438 15.34 -9.92 52.68
N GLY B 439 14.51 -10.96 52.73
CA GLY B 439 14.14 -11.57 53.98
C GLY B 439 13.03 -10.84 54.72
N LYS B 440 12.92 -9.53 54.50
CA LYS B 440 11.89 -8.75 55.17
C LYS B 440 10.52 -9.04 54.57
N PRO B 441 9.46 -8.90 55.37
CA PRO B 441 8.11 -9.05 54.83
C PRO B 441 7.77 -7.94 53.85
N PHE B 442 6.69 -8.16 53.10
CA PHE B 442 6.27 -7.19 52.09
C PHE B 442 5.92 -5.85 52.73
N TRP B 443 5.20 -5.88 53.84
CA TRP B 443 4.69 -4.67 54.48
C TRP B 443 5.54 -4.33 55.69
N ASP B 444 6.02 -3.09 55.75
CA ASP B 444 6.85 -2.66 56.86
C ASP B 444 6.04 -2.65 58.16
N SER B 445 6.36 -3.56 59.08
CA SER B 445 5.73 -3.64 60.40
C SER B 445 4.21 -3.74 60.28
N THR B 446 3.77 -4.88 59.75
CA THR B 446 2.35 -5.18 59.62
C THR B 446 2.16 -6.62 60.07
N THR B 447 1.69 -6.80 61.30
CA THR B 447 1.65 -8.11 61.93
C THR B 447 0.27 -8.51 62.44
N THR B 448 -0.51 -7.57 62.96
CA THR B 448 -1.79 -7.90 63.54
C THR B 448 -2.77 -8.35 62.47
N LEU B 449 -3.84 -9.03 62.91
CA LEU B 449 -4.84 -9.53 61.97
C LEU B 449 -5.50 -8.38 61.21
N LEU B 450 -5.78 -7.28 61.89
CA LEU B 450 -6.45 -6.16 61.23
C LEU B 450 -5.49 -5.43 60.28
N GLN B 451 -4.23 -5.29 60.68
CA GLN B 451 -3.25 -4.67 59.78
C GLN B 451 -3.07 -5.49 58.52
N ARG B 452 -2.92 -6.81 58.67
CA ARG B 452 -2.73 -7.68 57.51
C ARG B 452 -4.02 -7.88 56.72
N ALA B 453 -5.17 -7.56 57.30
CA ALA B 453 -6.42 -7.60 56.54
C ALA B 453 -6.67 -6.32 55.76
N THR B 454 -6.18 -5.18 56.27
CA THR B 454 -6.26 -3.93 55.53
C THR B 454 -5.18 -3.86 54.45
N TRP B 455 -3.99 -4.41 54.74
CA TRP B 455 -2.85 -4.39 53.82
C TRP B 455 -2.44 -5.84 53.52
N PRO B 456 -3.22 -6.57 52.74
CA PRO B 456 -2.89 -7.95 52.46
C PRO B 456 -1.70 -8.06 51.51
N ASP B 457 -0.91 -9.12 51.70
CA ASP B 457 0.21 -9.39 50.82
C ASP B 457 -0.27 -9.65 49.40
N PRO B 458 0.57 -9.42 48.40
CA PRO B 458 0.16 -9.68 47.02
C PRO B 458 0.04 -11.18 46.76
N ASP B 459 -0.64 -11.49 45.67
CA ASP B 459 -0.82 -12.89 45.28
C ASP B 459 0.54 -13.58 45.18
N SER B 460 0.54 -14.88 45.49
CA SER B 460 1.78 -15.64 45.60
C SER B 460 2.61 -15.53 44.32
N GLY B 461 3.81 -14.98 44.44
CA GLY B 461 4.70 -14.84 43.30
C GLY B 461 4.21 -13.90 42.24
N GLN B 462 3.61 -12.77 42.63
CA GLN B 462 3.19 -11.78 41.65
C GLN B 462 4.40 -11.11 41.02
N THR B 463 4.32 -10.84 39.72
CA THR B 463 5.43 -10.30 38.96
C THR B 463 4.96 -9.11 38.11
N LEU B 464 5.87 -8.19 37.89
CA LEU B 464 5.65 -7.03 37.03
C LEU B 464 6.44 -7.15 35.75
N THR B 465 5.89 -6.56 34.68
CA THR B 465 6.63 -6.35 33.45
C THR B 465 7.13 -4.92 33.42
N ILE B 466 8.42 -4.74 33.18
CA ILE B 466 9.04 -3.44 33.10
C ILE B 466 9.59 -3.29 31.69
N ASN B 467 8.87 -2.55 30.85
CA ASN B 467 9.24 -2.35 29.45
C ASN B 467 9.82 -0.97 29.20
N ALA B 468 9.94 -0.13 30.22
CA ALA B 468 10.51 1.20 30.02
C ALA B 468 12.00 1.09 29.72
N PRO B 469 12.54 1.96 28.86
CA PRO B 469 13.94 1.81 28.42
C PRO B 469 14.96 2.03 29.54
N GLN B 470 16.24 2.00 29.18
CA GLN B 470 17.32 2.15 30.14
C GLN B 470 17.77 3.61 30.21
N VAL B 471 18.27 4.00 31.37
CA VAL B 471 18.77 5.34 31.61
C VAL B 471 20.29 5.26 31.80
N PRO B 472 21.04 6.34 31.56
CA PRO B 472 22.51 6.24 31.65
C PRO B 472 23.02 5.98 33.06
N GLU B 473 22.38 6.57 34.08
CA GLU B 473 22.79 6.40 35.47
C GLU B 473 21.63 5.76 36.24
N PRO B 474 21.47 4.45 36.16
CA PRO B 474 20.34 3.79 36.79
C PRO B 474 20.54 3.65 38.30
N LEU B 475 19.46 3.25 38.97
CA LEU B 475 19.43 3.12 40.42
C LEU B 475 19.73 1.68 40.81
N THR B 476 20.76 1.48 41.63
CA THR B 476 21.09 0.15 42.08
C THR B 476 20.14 -0.31 43.18
N ALA B 477 20.22 -1.59 43.53
CA ALA B 477 19.42 -2.12 44.62
C ALA B 477 19.93 -1.61 45.97
N GLU B 478 21.25 -1.50 46.12
CA GLU B 478 21.82 -0.97 47.35
C GLU B 478 21.48 0.51 47.54
N GLU B 479 21.29 1.23 46.43
CA GLU B 479 20.81 2.61 46.53
C GLU B 479 19.39 2.66 47.09
N LEU B 480 18.60 1.63 46.83
CA LEU B 480 17.19 1.60 47.23
C LEU B 480 16.92 0.62 48.37
N LYS B 481 17.97 0.08 49.00
CA LYS B 481 17.77 -0.79 50.15
C LYS B 481 17.00 -0.07 51.25
N ASN B 482 17.46 1.13 51.61
CA ASN B 482 16.74 1.97 52.58
C ASN B 482 15.89 2.95 51.78
N PHE B 483 14.73 2.47 51.36
CA PHE B 483 13.71 3.24 50.68
C PHE B 483 12.35 3.13 51.35
N ASP B 484 12.02 1.96 51.88
CA ASP B 484 10.76 1.76 52.60
C ASP B 484 10.87 2.46 53.95
N GLN B 485 10.22 3.61 54.08
CA GLN B 485 10.20 4.31 55.35
C GLN B 485 9.28 3.59 56.32
N ASP B 486 9.75 3.39 57.54
CA ASP B 486 9.00 2.72 58.60
C ASP B 486 8.88 3.67 59.79
N TYR B 487 8.24 3.20 60.85
CA TYR B 487 8.10 3.98 62.07
C TYR B 487 9.47 4.42 62.59
N ALA B 488 9.57 5.67 62.99
CA ALA B 488 10.76 6.12 63.69
C ALA B 488 10.89 5.42 65.04
N ARG B 489 9.83 5.48 65.85
CA ARG B 489 9.75 4.75 67.12
C ARG B 489 8.30 4.74 67.54
N ASP B 490 7.71 3.55 67.67
CA ASP B 490 6.29 3.41 67.95
C ASP B 490 6.00 3.24 69.44
N GLU B 491 6.84 3.81 70.29
CA GLU B 491 6.58 3.77 71.72
C GLU B 491 5.62 4.89 72.12
N LYS B 492 5.18 4.86 73.38
CA LYS B 492 4.27 5.88 73.89
C LYS B 492 4.94 7.25 73.86
N GLN B 493 4.13 8.29 74.07
CA GLN B 493 4.60 9.66 73.96
C GLN B 493 4.24 10.45 75.21
N SER B 494 5.03 11.49 75.47
CA SER B 494 4.85 12.33 76.65
C SER B 494 3.47 12.98 76.66
N GLY B 495 3.21 13.85 75.70
CA GLY B 495 1.91 14.50 75.60
C GLY B 495 2.00 15.93 75.12
N GLY B 496 3.18 16.54 75.23
CA GLY B 496 3.37 17.91 74.78
C GLY B 496 4.51 18.06 73.80
N ALA B 497 5.56 17.26 73.97
CA ALA B 497 6.74 17.32 73.11
C ALA B 497 7.19 15.91 72.80
N GLY B 498 7.26 15.59 71.51
CA GLY B 498 7.67 14.27 71.07
C GLY B 498 7.67 14.13 69.56
N TYR B 499 7.26 12.95 69.08
CA TYR B 499 7.17 12.67 67.63
C TYR B 499 5.82 12.03 67.37
N ALA B 500 4.78 12.87 67.28
CA ALA B 500 3.43 12.38 67.07
C ALA B 500 2.61 13.44 66.34
N TYR B 501 1.38 13.05 65.99
CA TYR B 501 0.52 13.90 65.15
C TYR B 501 0.34 15.29 65.73
N GLY B 502 -0.05 15.39 66.99
CA GLY B 502 -0.31 16.68 67.60
C GLY B 502 0.77 17.10 68.59
N GLN B 503 2.03 16.97 68.20
CA GLN B 503 3.14 17.31 69.06
C GLN B 503 4.12 18.20 68.31
N ILE B 504 5.05 18.79 69.08
CA ILE B 504 6.09 19.65 68.53
C ILE B 504 7.39 18.86 68.51
N ASN B 505 8.04 18.84 67.35
CA ASN B 505 9.28 18.09 67.18
C ASN B 505 10.38 18.74 68.00
N PRO B 506 10.86 18.12 69.08
CA PRO B 506 11.79 18.83 69.98
C PRO B 506 13.12 19.15 69.34
N GLU B 507 13.51 18.40 68.32
CA GLU B 507 14.78 18.60 67.61
C GLU B 507 14.72 19.69 66.56
N THR B 508 13.54 20.31 66.35
CA THR B 508 13.42 21.44 65.45
C THR B 508 12.50 22.53 65.96
N LYS B 509 11.80 22.33 67.07
CA LYS B 509 10.89 23.32 67.65
C LYS B 509 9.76 23.70 66.69
N LYS B 510 9.34 22.76 65.86
CA LYS B 510 8.24 22.91 64.92
C LYS B 510 7.29 21.73 65.08
N PRO B 511 6.02 21.88 64.72
CA PRO B 511 5.08 20.76 64.84
C PRO B 511 5.46 19.62 63.90
N VAL B 512 5.11 18.40 64.31
CA VAL B 512 5.45 17.22 63.52
C VAL B 512 4.61 17.17 62.25
N ASP B 513 3.29 17.33 62.40
CA ASP B 513 2.36 17.35 61.27
C ASP B 513 1.72 18.73 61.23
N THR B 514 2.01 19.50 60.18
CA THR B 514 1.53 20.87 60.08
C THR B 514 0.02 20.97 59.88
N ASP B 515 -0.64 19.87 59.54
CA ASP B 515 -2.08 19.88 59.32
C ASP B 515 -2.88 19.52 60.57
N TYR B 516 -2.22 19.28 61.70
CA TYR B 516 -2.93 18.91 62.91
C TYR B 516 -3.94 19.97 63.31
N ARG B 517 -3.51 21.23 63.37
CA ARG B 517 -4.41 22.32 63.74
C ARG B 517 -5.59 22.40 62.79
N TYR B 518 -5.35 22.16 61.50
CA TYR B 518 -6.42 22.26 60.52
C TYR B 518 -7.39 21.09 60.59
N TYR B 519 -7.07 20.05 61.37
CA TYR B 519 -7.84 18.81 61.40
C TYR B 519 -8.33 18.42 62.79
N ILE B 520 -7.59 18.73 63.84
CA ILE B 520 -7.95 18.31 65.20
C ILE B 520 -9.35 18.78 65.54
N SER B 521 -9.77 19.91 64.99
CA SER B 521 -11.15 20.36 65.10
C SER B 521 -12.10 19.23 64.71
N LEU B 522 -12.95 18.86 65.67
CA LEU B 522 -13.76 17.64 65.59
C LEU B 522 -12.88 16.39 65.56
N GLU B 559 -13.21 14.31 75.38
CA GLU B 559 -12.07 14.71 76.21
C GLU B 559 -10.90 13.78 76.01
N MET B 560 -11.18 12.47 76.01
CA MET B 560 -10.12 11.49 75.81
C MET B 560 -9.66 11.43 74.36
N LEU B 561 -10.58 11.67 73.42
CA LEU B 561 -10.23 11.59 72.00
C LEU B 561 -9.14 12.59 71.65
N GLU B 562 -9.26 13.83 72.12
CA GLU B 562 -8.20 14.81 71.92
C GLU B 562 -6.93 14.40 72.65
N GLU B 563 -7.05 13.76 73.81
CA GLU B 563 -5.88 13.29 74.55
C GLU B 563 -5.14 12.18 73.82
N VAL B 564 -5.83 11.44 72.94
CA VAL B 564 -5.22 10.37 72.16
C VAL B 564 -4.77 10.91 70.78
N ARG B 565 -4.69 12.24 70.63
CA ARG B 565 -4.10 12.86 69.45
C ARG B 565 -2.56 12.85 69.47
N THR B 566 -1.97 11.95 70.26
CA THR B 566 -0.56 11.61 70.18
C THR B 566 -0.34 10.32 69.42
N TYR B 567 -1.27 9.98 68.52
CA TYR B 567 -1.19 8.74 67.75
C TYR B 567 -0.01 8.80 66.80
N VAL B 568 0.95 7.89 66.98
CA VAL B 568 2.11 7.82 66.10
C VAL B 568 1.66 7.42 64.69
N GLN B 569 1.55 8.40 63.81
CA GLN B 569 1.02 8.15 62.48
C GLN B 569 1.94 7.22 61.70
N ARG B 570 1.33 6.26 61.02
CA ARG B 570 2.11 5.29 60.26
C ARG B 570 2.70 5.95 59.02
N PRO B 571 3.99 5.80 58.76
CA PRO B 571 4.55 6.30 57.50
C PRO B 571 3.88 5.64 56.30
N THR B 572 3.57 6.45 55.30
CA THR B 572 2.87 5.97 54.10
C THR B 572 3.69 6.37 52.88
N ASP B 573 4.26 5.38 52.22
CA ASP B 573 5.23 5.61 51.16
C ASP B 573 4.58 6.22 49.92
N HIS B 574 3.48 6.96 50.14
CA HIS B 574 2.77 7.62 49.06
C HIS B 574 3.63 8.69 48.40
N SER B 575 4.22 9.57 49.20
CA SER B 575 4.98 10.72 48.71
C SER B 575 6.47 10.45 48.59
N THR B 576 6.91 9.21 48.81
CA THR B 576 8.32 8.90 48.62
C THR B 576 8.70 8.92 47.15
N LEU B 577 7.79 8.48 46.28
CA LEU B 577 8.12 8.38 44.86
C LEU B 577 8.28 9.74 44.20
N PRO B 578 7.36 10.71 44.35
CA PRO B 578 7.51 11.95 43.58
C PRO B 578 8.65 12.82 44.04
N SER B 579 8.81 13.02 45.35
CA SER B 579 9.80 13.94 45.89
C SER B 579 11.17 13.31 46.07
N ASP B 580 11.48 12.26 45.30
CA ASP B 580 12.80 11.63 45.38
C ASP B 580 13.72 12.30 44.36
N GLU B 581 14.86 12.80 44.85
CA GLU B 581 15.85 13.41 43.96
C GLU B 581 16.36 12.41 42.92
N ARG B 582 16.64 11.18 43.36
CA ARG B 582 17.28 10.21 42.47
C ARG B 582 16.35 9.78 41.35
N PHE B 583 15.07 9.59 41.66
CA PHE B 583 14.14 9.10 40.64
C PHE B 583 13.94 10.13 39.53
N MET B 584 13.71 11.39 39.87
CA MET B 584 13.39 12.38 38.86
C MET B 584 14.61 12.93 38.15
N SER B 585 15.79 12.88 38.77
CA SER B 585 16.98 13.42 38.14
C SER B 585 17.74 12.40 37.32
N ARG B 586 17.61 11.11 37.66
CA ARG B 586 18.33 10.05 36.96
C ARG B 586 17.45 9.20 36.07
N VAL B 587 16.14 9.23 36.25
CA VAL B 587 15.24 8.33 35.52
C VAL B 587 14.18 9.13 34.78
N VAL B 588 13.42 9.95 35.50
CA VAL B 588 12.28 10.62 34.91
C VAL B 588 12.73 11.64 33.87
N ALA B 589 13.74 12.45 34.22
CA ALA B 589 14.19 13.50 33.31
C ALA B 589 14.58 12.94 31.94
N TYR B 590 15.07 11.71 31.89
CA TYR B 590 15.33 11.07 30.61
C TYR B 590 14.07 10.56 29.94
N ASP B 591 12.97 10.44 30.69
CA ASP B 591 11.69 10.02 30.12
C ASP B 591 10.90 11.17 29.53
N LEU B 592 11.21 12.40 29.90
CA LEU B 592 10.46 13.55 29.40
C LEU B 592 10.58 13.65 27.87
N PRO B 593 9.54 14.13 27.21
CA PRO B 593 9.64 14.41 25.77
C PRO B 593 10.15 15.82 25.51
N ILE B 594 11.05 15.92 24.52
CA ILE B 594 11.67 17.18 24.15
C ILE B 594 11.31 17.47 22.70
N GLY B 595 10.75 18.65 22.45
CA GLY B 595 10.46 19.05 21.08
C GLY B 595 11.74 19.20 20.28
N TYR B 596 11.63 18.89 18.98
CA TYR B 596 12.79 18.98 18.10
C TYR B 596 13.04 20.42 17.65
N CYS B 597 11.98 21.21 17.49
CA CYS B 597 12.08 22.59 17.05
C CYS B 597 11.81 23.49 18.26
N TRP B 598 12.89 23.83 18.97
CA TRP B 598 12.77 24.65 20.16
C TRP B 598 12.32 26.07 19.80
N HIS B 599 12.04 26.87 20.82
CA HIS B 599 11.56 28.23 20.62
C HIS B 599 11.65 28.99 21.92
N SER B 600 11.98 30.27 21.83
CA SER B 600 12.08 31.11 23.02
C SER B 600 10.71 31.27 23.66
N TRP B 601 10.66 32.02 24.77
CA TRP B 601 9.44 32.09 25.56
C TRP B 601 9.24 33.49 26.11
N ASP B 602 8.03 34.00 25.96
CA ASP B 602 7.66 35.31 26.47
C ASP B 602 7.36 35.20 27.96
N LYS B 603 8.13 35.94 28.77
CA LYS B 603 7.98 35.87 30.22
C LYS B 603 6.56 36.14 30.66
N ALA B 604 5.91 37.14 30.04
CA ALA B 604 4.54 37.48 30.42
C ALA B 604 3.57 36.37 30.05
N GLY B 605 3.72 35.79 28.86
CA GLY B 605 2.85 34.68 28.48
C GLY B 605 3.03 33.46 29.36
N LEU B 606 4.28 33.17 29.73
CA LEU B 606 4.54 32.04 30.62
C LEU B 606 3.96 32.30 32.01
N GLU B 607 4.05 33.53 32.50
CA GLU B 607 3.44 33.87 33.78
C GLU B 607 1.92 33.77 33.70
N GLU B 608 1.33 34.10 32.55
CA GLU B 608 -0.12 33.96 32.38
C GLU B 608 -0.52 32.49 32.40
N LEU B 609 0.28 31.62 31.77
CA LEU B 609 0.03 30.19 31.86
C LEU B 609 0.09 29.71 33.32
N ARG B 610 1.13 30.12 34.04
CA ARG B 610 1.24 29.73 35.45
C ARG B 610 0.06 30.26 36.26
N ARG B 611 -0.34 31.50 36.01
CA ARG B 611 -1.48 32.07 36.71
C ARG B 611 -2.77 31.32 36.39
N GLN B 612 -2.94 30.92 35.13
CA GLN B 612 -4.12 30.14 34.75
C GLN B 612 -4.13 28.76 35.38
N ALA B 613 -2.95 28.24 35.75
CA ALA B 613 -2.88 26.93 36.40
C ALA B 613 -3.38 27.03 37.84
N ASP B 614 -2.76 27.90 38.63
CA ASP B 614 -3.16 28.10 40.03
C ASP B 614 -4.60 28.60 40.10
N TRP B 615 -5.49 27.78 40.63
CA TRP B 615 -6.92 28.11 40.61
C TRP B 615 -7.27 29.24 41.57
N LEU B 616 -6.40 29.54 42.54
CA LEU B 616 -6.65 30.69 43.41
C LEU B 616 -6.55 32.02 42.67
N GLU B 617 -6.15 32.01 41.40
CA GLU B 617 -6.01 33.23 40.61
C GLU B 617 -6.88 33.26 39.37
N SER B 618 -7.44 32.14 38.93
CA SER B 618 -8.15 32.11 37.66
C SER B 618 -9.54 31.49 37.79
N ASP B 619 -9.68 30.51 38.67
CA ASP B 619 -10.91 29.74 38.76
C ASP B 619 -12.03 30.60 39.33
N ASP B 620 -13.10 30.78 38.54
CA ASP B 620 -14.29 31.45 39.06
C ASP B 620 -14.90 30.66 40.21
N TYR B 621 -14.91 29.33 40.10
CA TYR B 621 -15.43 28.48 41.16
C TYR B 621 -14.75 28.76 42.49
N TYR B 622 -13.48 29.18 42.47
CA TYR B 622 -12.86 29.65 43.71
C TYR B 622 -13.50 30.94 44.19
N PHE B 623 -13.56 31.96 43.33
CA PHE B 623 -14.04 33.27 43.74
C PHE B 623 -15.51 33.25 44.09
N SER B 624 -16.37 32.97 43.12
CA SER B 624 -17.81 32.92 43.35
C SER B 624 -18.29 31.53 43.75
N GLY B 625 -17.97 30.53 42.94
CA GLY B 625 -18.42 29.17 43.21
C GLY B 625 -19.09 28.54 42.01
N LYS B 626 -18.93 29.16 40.84
CA LYS B 626 -19.56 28.69 39.62
C LYS B 626 -18.75 27.55 39.03
N LEU B 627 -19.25 26.32 39.19
CA LEU B 627 -18.61 25.16 38.57
C LEU B 627 -18.83 25.18 37.06
N THR B 628 -17.84 24.65 36.33
CA THR B 628 -17.92 24.46 34.88
C THR B 628 -17.58 23.00 34.62
N VAL B 629 -18.57 22.13 34.77
CA VAL B 629 -18.38 20.69 34.63
C VAL B 629 -18.42 20.32 33.14
N PRO B 630 -17.35 19.79 32.58
CA PRO B 630 -17.35 19.39 31.18
C PRO B 630 -18.24 18.18 30.96
N PRO B 631 -18.69 17.95 29.73
CA PRO B 631 -19.40 16.70 29.45
C PRO B 631 -18.45 15.52 29.48
N ILE B 632 -19.02 14.34 29.72
CA ILE B 632 -18.20 13.12 29.83
C ILE B 632 -17.56 12.84 28.46
N PRO B 633 -16.25 12.67 28.39
CA PRO B 633 -15.59 12.48 27.09
C PRO B 633 -15.97 11.14 26.48
N PRO B 634 -15.88 11.01 25.16
CA PRO B 634 -16.27 9.74 24.52
C PRO B 634 -15.34 8.59 24.88
N ALA B 635 -14.09 8.87 25.24
CA ALA B 635 -13.16 7.79 25.57
C ALA B 635 -13.53 7.13 26.89
N ILE B 636 -14.01 7.92 27.86
CA ILE B 636 -14.35 7.40 29.18
C ILE B 636 -15.63 6.58 29.04
N LYS B 637 -15.51 5.25 29.17
CA LYS B 637 -16.65 4.36 29.04
C LYS B 637 -17.40 4.26 30.37
N GLN B 638 -18.69 3.90 30.28
CA GLN B 638 -19.55 3.81 31.45
C GLN B 638 -20.27 2.47 31.52
N ASP B 639 -19.66 1.43 30.94
CA ASP B 639 -20.25 0.09 30.97
C ASP B 639 -20.19 -0.47 32.38
N VAL B 640 -21.34 -0.56 33.03
CA VAL B 640 -21.44 -1.16 34.36
C VAL B 640 -21.45 -2.69 34.22
N ALA B 641 -21.06 -3.38 35.28
CA ALA B 641 -20.97 -4.86 35.20
C ALA B 641 -22.14 -5.52 35.92
N GLU B 642 -22.14 -6.85 35.99
CA GLU B 642 -23.18 -7.57 36.77
C GLU B 642 -22.85 -7.43 38.25
N ASP B 643 -23.34 -6.36 38.89
CA ASP B 643 -22.99 -6.07 40.30
C ASP B 643 -24.25 -5.99 41.15
N ALA B 644 -25.38 -5.64 40.53
CA ALA B 644 -26.64 -5.48 41.29
C ALA B 644 -26.68 -6.55 42.38
N GLU B 645 -26.22 -7.75 42.08
CA GLU B 645 -26.21 -8.86 43.06
C GLU B 645 -24.92 -8.83 43.87
N GLN B 646 -23.78 -8.94 43.20
CA GLN B 646 -22.50 -9.02 43.94
C GLN B 646 -22.54 -8.02 45.09
N ARG B 647 -23.07 -6.82 44.84
CA ARG B 647 -23.22 -5.85 45.95
C ARG B 647 -23.87 -6.57 47.12
N LYS B 648 -25.12 -6.97 46.96
CA LYS B 648 -25.83 -7.71 48.03
C LYS B 648 -24.82 -8.58 48.76
N ALA B 649 -24.25 -9.54 48.05
CA ALA B 649 -23.24 -10.41 48.68
C ALA B 649 -22.33 -9.54 49.55
N GLU B 650 -21.57 -8.63 48.92
CA GLU B 650 -20.62 -7.87 49.72
C GLU B 650 -21.28 -7.26 50.94
N GLU B 651 -22.49 -6.73 50.77
CA GLU B 651 -23.18 -6.09 51.90
C GLU B 651 -23.61 -7.12 52.94
N LYS B 652 -23.98 -8.32 52.49
CA LYS B 652 -24.51 -9.32 53.42
C LYS B 652 -23.47 -9.74 54.45
N ALA B 653 -22.21 -9.86 54.05
CA ALA B 653 -21.17 -10.25 54.98
C ALA B 653 -21.06 -9.28 56.14
N ARG B 654 -21.04 -7.98 55.83
CA ARG B 654 -20.94 -6.95 56.87
C ARG B 654 -22.27 -6.80 57.61
N LEU C 58 -0.59 -93.87 -49.45
CA LEU C 58 -0.79 -95.31 -49.27
C LEU C 58 -2.09 -95.70 -49.97
N ASN C 59 -2.69 -96.84 -49.60
CA ASN C 59 -3.94 -97.26 -50.20
C ASN C 59 -5.08 -96.37 -49.70
N VAL C 60 -5.09 -95.12 -50.15
CA VAL C 60 -6.03 -94.13 -49.62
C VAL C 60 -7.44 -94.44 -50.12
N PRO C 61 -8.46 -94.33 -49.28
CA PRO C 61 -9.84 -94.43 -49.77
C PRO C 61 -10.29 -93.09 -50.35
N PRO C 62 -11.09 -93.11 -51.41
CA PRO C 62 -11.55 -91.86 -52.01
C PRO C 62 -12.55 -91.16 -51.10
N PRO C 63 -12.48 -89.83 -50.99
CA PRO C 63 -13.41 -89.10 -50.13
C PRO C 63 -14.68 -88.70 -50.86
N VAL C 64 -15.74 -88.52 -50.07
CA VAL C 64 -17.03 -88.08 -50.59
C VAL C 64 -17.22 -86.62 -50.20
N TYR C 65 -17.63 -85.80 -51.17
CA TYR C 65 -17.86 -84.38 -50.95
C TYR C 65 -19.36 -84.09 -50.92
N GLY C 66 -19.72 -83.06 -50.17
CA GLY C 66 -21.09 -82.62 -50.11
C GLY C 66 -21.46 -81.77 -51.31
N PRO C 67 -22.76 -81.54 -51.46
CA PRO C 67 -23.24 -80.78 -52.61
C PRO C 67 -22.99 -79.30 -52.43
N PRO C 68 -22.80 -78.55 -53.53
CA PRO C 68 -22.54 -77.12 -53.41
C PRO C 68 -23.69 -76.40 -52.71
N GLN C 69 -23.32 -75.52 -51.78
CA GLN C 69 -24.30 -74.73 -51.04
C GLN C 69 -23.78 -73.30 -50.90
N VAL C 70 -24.72 -72.36 -50.97
CA VAL C 70 -24.36 -70.95 -50.85
C VAL C 70 -23.99 -70.64 -49.40
N ILE C 71 -22.91 -69.87 -49.22
CA ILE C 71 -22.48 -69.44 -47.90
C ILE C 71 -22.54 -67.94 -47.71
N PHE C 72 -22.66 -67.16 -48.79
CA PHE C 72 -22.90 -65.72 -48.70
C PHE C 72 -23.61 -65.29 -49.96
N ARG C 73 -24.87 -64.89 -49.83
CA ARG C 73 -25.72 -64.53 -50.96
C ARG C 73 -25.66 -63.02 -51.13
N ILE C 74 -24.95 -62.56 -52.17
CA ILE C 74 -24.89 -61.13 -52.47
C ILE C 74 -26.27 -60.62 -52.89
N ASP C 75 -26.85 -61.26 -53.90
CA ASP C 75 -28.21 -60.91 -54.33
C ASP C 75 -28.81 -62.13 -55.01
N ASP C 76 -29.70 -61.88 -55.98
CA ASP C 76 -30.32 -62.99 -56.69
C ASP C 76 -29.32 -63.66 -57.64
N ASN C 77 -28.60 -62.86 -58.41
CA ASN C 77 -27.74 -63.36 -59.47
C ASN C 77 -26.36 -63.74 -58.96
N ARG C 78 -25.78 -62.94 -58.07
CA ARG C 78 -24.43 -63.15 -57.58
C ARG C 78 -24.48 -63.79 -56.20
N TYR C 79 -23.69 -64.84 -56.00
CA TYR C 79 -23.62 -65.52 -54.71
C TYR C 79 -22.34 -66.34 -54.63
N PHE C 80 -21.91 -66.59 -53.41
CA PHE C 80 -20.70 -67.37 -53.13
C PHE C 80 -21.11 -68.78 -52.73
N THR C 81 -20.59 -69.78 -53.44
CA THR C 81 -20.91 -71.18 -53.18
C THR C 81 -19.68 -71.93 -52.70
N LEU C 82 -19.85 -72.72 -51.65
CA LEU C 82 -18.81 -73.61 -51.15
C LEU C 82 -19.09 -75.02 -51.64
N GLU C 83 -18.06 -75.66 -52.19
CA GLU C 83 -18.23 -76.97 -52.81
C GLU C 83 -16.92 -77.75 -52.71
N ASN C 84 -17.02 -79.05 -52.98
CA ASN C 84 -15.88 -79.98 -52.94
C ASN C 84 -15.28 -80.03 -51.53
N TYR C 85 -16.11 -80.43 -50.57
CA TYR C 85 -15.82 -80.26 -49.16
C TYR C 85 -16.26 -81.49 -48.37
N THR C 86 -15.54 -81.78 -47.29
CA THR C 86 -15.94 -82.83 -46.37
C THR C 86 -16.75 -82.28 -45.20
N HIS C 87 -16.48 -81.06 -44.77
CA HIS C 87 -17.26 -80.38 -43.75
C HIS C 87 -17.21 -78.88 -44.03
N CYS C 88 -17.94 -78.12 -43.22
CA CYS C 88 -18.05 -76.68 -43.45
C CYS C 88 -16.77 -75.91 -43.16
N GLU C 89 -15.71 -76.57 -42.68
CA GLU C 89 -14.44 -75.90 -42.41
C GLU C 89 -13.36 -76.26 -43.42
N ASN C 90 -13.74 -76.78 -44.59
CA ASN C 90 -12.78 -77.04 -45.65
C ASN C 90 -13.51 -77.02 -46.99
N GLY C 91 -12.76 -77.27 -48.06
CA GLY C 91 -13.31 -77.22 -49.40
C GLY C 91 -12.80 -76.04 -50.19
N GLN C 92 -13.59 -75.59 -51.17
CA GLN C 92 -13.28 -74.39 -51.93
C GLN C 92 -14.53 -73.54 -52.06
N THR C 93 -14.33 -72.24 -52.23
CA THR C 93 -15.43 -71.29 -52.41
C THR C 93 -15.32 -70.65 -53.78
N PHE C 94 -16.41 -70.67 -54.53
CA PHE C 94 -16.47 -70.17 -55.89
C PHE C 94 -17.41 -68.98 -55.97
N TYR C 95 -17.11 -68.07 -56.89
CA TYR C 95 -17.97 -66.93 -57.16
C TYR C 95 -18.88 -67.27 -58.34
N ASN C 96 -20.19 -67.05 -58.16
CA ASN C 96 -21.18 -67.42 -59.16
C ASN C 96 -21.98 -66.20 -59.58
N ASN C 97 -22.13 -66.04 -60.89
CA ASN C 97 -22.99 -65.01 -61.48
C ASN C 97 -23.77 -65.70 -62.60
N LYS C 98 -25.06 -65.98 -62.34
CA LYS C 98 -25.85 -66.72 -63.31
C LYS C 98 -26.05 -65.92 -64.59
N ALA C 99 -26.16 -64.60 -64.49
CA ALA C 99 -26.38 -63.78 -65.68
C ALA C 99 -25.18 -63.85 -66.61
N LYS C 100 -23.97 -63.68 -66.08
CA LYS C 100 -22.76 -63.79 -66.88
C LYS C 100 -22.23 -65.22 -66.94
N ASN C 101 -22.93 -66.18 -66.33
CA ASN C 101 -22.56 -67.59 -66.37
C ASN C 101 -21.15 -67.82 -65.81
N ILE C 102 -20.85 -67.14 -64.71
CA ILE C 102 -19.52 -67.20 -64.10
C ILE C 102 -19.48 -68.34 -63.10
N HIS C 103 -18.37 -69.09 -63.11
CA HIS C 103 -18.10 -70.08 -62.06
C HIS C 103 -16.57 -70.21 -61.96
N VAL C 104 -15.98 -69.38 -61.10
CA VAL C 104 -14.53 -69.34 -60.91
C VAL C 104 -14.22 -69.53 -59.43
N LYS C 105 -13.06 -70.12 -59.17
CA LYS C 105 -12.64 -70.40 -57.79
C LYS C 105 -12.06 -69.14 -57.16
N ILE C 106 -12.37 -68.94 -55.87
CA ILE C 106 -11.88 -67.80 -55.11
C ILE C 106 -10.94 -68.24 -53.99
N LEU C 107 -11.41 -69.13 -53.12
CA LEU C 107 -10.61 -69.64 -52.01
C LEU C 107 -10.38 -71.13 -52.15
N ASP C 108 -9.17 -71.58 -51.81
CA ASP C 108 -8.88 -72.99 -51.64
C ASP C 108 -9.24 -73.48 -50.24
N ALA C 109 -10.01 -72.69 -49.49
CA ALA C 109 -10.45 -73.07 -48.16
C ALA C 109 -11.90 -72.63 -47.99
N SER C 110 -12.52 -73.10 -46.90
CA SER C 110 -13.90 -72.78 -46.63
C SER C 110 -14.03 -71.32 -46.23
N GLY C 111 -15.00 -70.63 -46.83
CA GLY C 111 -15.30 -69.26 -46.43
C GLY C 111 -16.06 -69.13 -45.15
N TYR C 112 -16.60 -70.24 -44.63
CA TYR C 112 -17.31 -70.21 -43.36
C TYR C 112 -16.39 -69.85 -42.20
N LEU C 113 -15.08 -70.05 -42.34
CA LEU C 113 -14.16 -69.72 -41.25
C LEU C 113 -14.20 -68.23 -40.93
N PHE C 114 -14.50 -67.39 -41.92
CA PHE C 114 -14.65 -65.96 -41.66
C PHE C 114 -15.96 -65.73 -40.90
N LYS C 115 -15.84 -65.40 -39.62
CA LYS C 115 -16.99 -65.18 -38.76
C LYS C 115 -17.37 -63.71 -38.63
N GLY C 116 -16.69 -62.82 -39.34
CA GLY C 116 -17.00 -61.41 -39.30
C GLY C 116 -18.22 -61.07 -40.11
N ARG C 117 -18.29 -59.80 -40.53
CA ARG C 117 -19.38 -59.29 -41.34
C ARG C 117 -18.85 -58.85 -42.69
N LEU C 118 -19.64 -59.08 -43.74
CA LEU C 118 -19.27 -58.72 -45.10
C LEU C 118 -20.41 -57.97 -45.76
N PHE C 119 -20.09 -56.83 -46.37
CA PHE C 119 -21.08 -55.98 -47.02
C PHE C 119 -20.66 -55.81 -48.48
N TRP C 120 -21.36 -56.48 -49.39
CA TRP C 120 -21.03 -56.44 -50.81
C TRP C 120 -21.80 -55.31 -51.46
N LEU C 121 -21.10 -54.23 -51.82
CA LEU C 121 -21.67 -53.14 -52.59
C LEU C 121 -21.09 -53.06 -53.99
N SER C 122 -20.11 -53.90 -54.32
CA SER C 122 -19.49 -53.87 -55.63
C SER C 122 -20.44 -54.41 -56.70
N THR C 123 -20.65 -53.62 -57.75
CA THR C 123 -21.45 -54.05 -58.89
C THR C 123 -20.59 -54.65 -60.00
N ARG C 124 -19.29 -54.76 -59.78
CA ARG C 124 -18.36 -55.24 -60.80
C ARG C 124 -18.11 -56.72 -60.61
N ASP C 125 -18.24 -57.48 -61.69
CA ASP C 125 -17.90 -58.90 -61.68
C ASP C 125 -16.45 -59.17 -62.08
N ASP C 126 -15.68 -58.12 -62.38
CA ASP C 126 -14.27 -58.25 -62.70
C ASP C 126 -13.36 -57.98 -61.51
N PHE C 127 -13.83 -57.19 -60.54
CA PHE C 127 -13.10 -56.95 -59.30
C PHE C 127 -13.74 -57.75 -58.18
N LEU C 128 -12.96 -58.65 -57.58
CA LEU C 128 -13.44 -59.48 -56.48
C LEU C 128 -12.44 -59.44 -55.34
N ALA C 129 -12.95 -59.31 -54.12
CA ALA C 129 -12.14 -59.38 -52.92
C ALA C 129 -12.88 -60.24 -51.91
N PHE C 130 -12.20 -61.24 -51.34
CA PHE C 130 -12.84 -62.20 -50.47
C PHE C 130 -11.89 -62.59 -49.34
N PRO C 131 -12.35 -62.61 -48.09
CA PRO C 131 -11.45 -62.82 -46.96
C PRO C 131 -10.94 -64.26 -46.89
N ALA C 132 -9.62 -64.42 -46.96
CA ALA C 132 -8.98 -65.71 -46.81
C ALA C 132 -8.64 -65.91 -45.34
N THR C 133 -9.32 -66.86 -44.69
CA THR C 133 -9.16 -67.10 -43.26
C THR C 133 -8.72 -68.52 -43.02
N LEU C 134 -7.72 -68.69 -42.16
CA LEU C 134 -7.17 -70.01 -41.88
C LEU C 134 -7.94 -70.67 -40.74
N ASN C 135 -7.82 -71.99 -40.66
CA ASN C 135 -8.56 -72.76 -39.65
C ASN C 135 -7.70 -72.90 -38.40
N THR C 136 -8.28 -72.52 -37.26
CA THR C 136 -7.56 -72.60 -35.99
C THR C 136 -7.18 -74.04 -35.66
N ARG C 137 -8.09 -74.99 -35.91
CA ARG C 137 -7.82 -76.37 -35.54
C ARG C 137 -6.85 -77.03 -36.50
N HIS C 138 -6.83 -76.61 -37.76
CA HIS C 138 -5.97 -77.22 -38.78
C HIS C 138 -5.34 -76.13 -39.62
N ALA C 139 -4.05 -75.87 -39.39
CA ALA C 139 -3.28 -74.92 -40.17
C ALA C 139 -1.81 -75.14 -39.89
N SER C 140 -0.97 -74.98 -40.92
CA SER C 140 0.45 -75.25 -40.78
C SER C 140 1.17 -74.18 -39.97
N CYS C 141 0.60 -72.99 -39.82
CA CYS C 141 1.24 -71.94 -39.07
C CYS C 141 0.90 -71.96 -37.58
N MET C 142 0.00 -72.83 -37.15
CA MET C 142 -0.29 -72.95 -35.72
C MET C 142 0.93 -73.49 -34.99
N GLY C 143 1.18 -72.95 -33.81
CA GLY C 143 2.36 -73.30 -33.04
C GLY C 143 3.63 -72.59 -33.47
N SER C 144 3.69 -72.08 -34.70
CA SER C 144 4.88 -71.38 -35.16
C SER C 144 5.17 -70.18 -34.26
N ASN C 145 6.45 -69.83 -34.19
CA ASN C 145 6.89 -68.81 -33.23
C ASN C 145 6.29 -67.44 -33.51
N LYS C 146 5.83 -67.20 -34.73
CA LYS C 146 5.17 -65.94 -35.07
C LYS C 146 3.66 -66.06 -35.05
N GLY C 147 3.11 -67.20 -35.46
CA GLY C 147 1.67 -67.38 -35.46
C GLY C 147 1.08 -67.49 -36.85
N CYS C 148 -0.12 -66.94 -37.03
CA CYS C 148 -0.81 -66.97 -38.30
C CYS C 148 -1.25 -65.57 -38.67
N MET C 149 -1.49 -65.36 -39.96
CA MET C 149 -1.91 -64.06 -40.47
C MET C 149 -2.94 -64.27 -41.55
N ASN C 150 -4.16 -63.79 -41.30
CA ASN C 150 -5.22 -63.87 -42.31
C ASN C 150 -4.94 -62.86 -43.42
N ALA C 151 -5.68 -62.98 -44.51
CA ALA C 151 -5.48 -62.10 -45.65
C ALA C 151 -6.78 -62.02 -46.44
N VAL C 152 -6.73 -61.29 -47.55
CA VAL C 152 -7.84 -61.17 -48.48
C VAL C 152 -7.35 -61.57 -49.86
N ILE C 153 -8.14 -62.38 -50.56
CA ILE C 153 -7.82 -62.77 -51.94
C ILE C 153 -8.45 -61.75 -52.86
N VAL C 154 -7.61 -61.08 -53.66
CA VAL C 154 -8.06 -60.01 -54.55
C VAL C 154 -7.70 -60.40 -55.98
N THR C 155 -8.71 -60.39 -56.85
CA THR C 155 -8.51 -60.58 -58.27
C THR C 155 -9.12 -59.40 -59.01
N THR C 156 -8.43 -58.94 -60.06
CA THR C 156 -8.90 -57.83 -60.87
C THR C 156 -9.14 -58.23 -62.32
N ASP C 157 -9.06 -59.53 -62.63
CA ASP C 157 -9.27 -60.02 -63.98
C ASP C 157 -10.50 -60.93 -64.09
N GLY C 158 -11.37 -60.93 -63.09
CA GLY C 158 -12.54 -61.77 -63.08
C GLY C 158 -12.40 -63.04 -62.28
N GLY C 159 -11.18 -63.44 -61.94
CA GLY C 159 -10.97 -64.62 -61.11
C GLY C 159 -9.90 -65.56 -61.62
N LYS C 160 -9.35 -65.29 -62.80
CA LYS C 160 -8.33 -66.17 -63.37
C LYS C 160 -7.01 -66.05 -62.61
N ARG C 161 -6.52 -64.83 -62.44
CA ARG C 161 -5.29 -64.56 -61.70
C ARG C 161 -5.66 -64.09 -60.29
N ARG C 162 -5.14 -64.77 -59.28
CA ARG C 162 -5.48 -64.49 -57.89
C ARG C 162 -4.25 -64.01 -57.14
N SER C 163 -4.47 -63.07 -56.22
CA SER C 163 -3.42 -62.51 -55.38
C SER C 163 -3.91 -62.45 -53.94
N GLY C 164 -2.95 -62.33 -53.01
CA GLY C 164 -3.28 -62.30 -51.60
C GLY C 164 -2.70 -61.10 -50.86
N VAL C 165 -3.57 -60.27 -50.30
CA VAL C 165 -3.15 -59.08 -49.55
C VAL C 165 -3.28 -59.39 -48.07
N PRO C 166 -2.18 -59.55 -47.33
CA PRO C 166 -2.29 -59.85 -45.91
C PRO C 166 -2.78 -58.66 -45.09
N TYR C 167 -3.63 -58.95 -44.11
CA TYR C 167 -4.14 -57.95 -43.18
C TYR C 167 -4.02 -58.50 -41.76
N GLY C 168 -4.40 -57.67 -40.80
CA GLY C 168 -4.43 -58.10 -39.41
C GLY C 168 -3.05 -58.29 -38.82
N SER C 169 -3.04 -58.84 -37.61
CA SER C 169 -1.82 -59.08 -36.85
C SER C 169 -1.60 -60.57 -36.67
N TYR C 170 -0.36 -60.93 -36.35
CA TYR C 170 0.01 -62.32 -36.13
C TYR C 170 -0.74 -62.88 -34.93
N THR C 171 -1.35 -64.05 -35.11
CA THR C 171 -2.20 -64.62 -34.07
C THR C 171 -2.13 -66.14 -34.07
N GLN C 172 -2.55 -66.71 -32.94
CA GLN C 172 -2.77 -68.14 -32.78
C GLN C 172 -4.25 -68.50 -32.85
N ASN C 173 -5.04 -67.69 -33.55
CA ASN C 173 -6.47 -67.94 -33.70
C ASN C 173 -6.97 -67.19 -34.93
N PRO C 174 -6.72 -67.70 -36.13
CA PRO C 174 -7.13 -66.96 -37.34
C PRO C 174 -8.64 -66.77 -37.44
N THR C 175 -9.43 -67.79 -37.06
CA THR C 175 -10.87 -67.63 -37.08
C THR C 175 -11.33 -66.67 -35.99
N GLY C 176 -10.71 -66.75 -34.80
CA GLY C 176 -11.10 -65.89 -33.70
C GLY C 176 -10.88 -64.41 -33.95
N ALA C 177 -9.98 -64.07 -34.87
CA ALA C 177 -9.79 -62.67 -35.22
C ALA C 177 -10.91 -62.14 -36.11
N THR C 178 -11.47 -63.01 -36.96
CA THR C 178 -12.54 -62.57 -37.87
C THR C 178 -13.77 -62.09 -37.11
N ARG C 179 -14.03 -62.66 -35.93
CA ARG C 179 -15.17 -62.26 -35.12
C ARG C 179 -15.14 -60.79 -34.73
N ASP C 180 -14.05 -60.08 -35.04
CA ASP C 180 -13.89 -58.67 -34.69
C ASP C 180 -13.75 -57.78 -35.92
N TYR C 181 -14.14 -58.26 -37.10
CA TYR C 181 -13.84 -57.55 -38.34
C TYR C 181 -15.11 -57.29 -39.14
N ASP C 182 -15.14 -56.13 -39.78
CA ASP C 182 -16.14 -55.79 -40.80
C ASP C 182 -15.41 -55.53 -42.11
N MET C 183 -16.01 -55.96 -43.22
CA MET C 183 -15.38 -55.82 -44.53
C MET C 183 -16.41 -55.33 -45.53
N LEU C 184 -16.12 -54.22 -46.18
CA LEU C 184 -16.96 -53.65 -47.23
C LEU C 184 -16.27 -53.83 -48.57
N VAL C 185 -17.00 -54.30 -49.57
CA VAL C 185 -16.47 -54.49 -50.91
C VAL C 185 -17.16 -53.49 -51.83
N MET C 186 -16.52 -52.34 -52.05
CA MET C 186 -17.06 -51.29 -52.89
C MET C 186 -16.56 -51.44 -54.33
N ASN C 187 -17.19 -50.71 -55.24
CA ASN C 187 -16.75 -50.70 -56.63
C ASN C 187 -15.30 -50.27 -56.77
N ASP C 188 -14.82 -49.42 -55.87
CA ASP C 188 -13.49 -48.83 -55.97
C ASP C 188 -12.45 -49.55 -55.11
N GLY C 189 -12.80 -50.65 -54.50
CA GLY C 189 -11.85 -51.38 -53.67
C GLY C 189 -12.57 -52.07 -52.53
N PHE C 190 -11.96 -52.04 -51.35
CA PHE C 190 -12.56 -52.67 -50.18
C PHE C 190 -11.96 -52.08 -48.91
N TYR C 191 -12.79 -52.02 -47.87
CA TYR C 191 -12.44 -51.45 -46.58
C TYR C 191 -12.50 -52.53 -45.50
N LEU C 192 -11.55 -52.49 -44.56
CA LEU C 192 -11.54 -53.40 -43.41
C LEU C 192 -11.57 -52.59 -42.12
N LEU C 193 -12.54 -52.90 -41.27
CA LEU C 193 -12.66 -52.28 -39.96
C LEU C 193 -12.34 -53.31 -38.89
N ARG C 194 -11.33 -53.03 -38.08
CA ARG C 194 -10.94 -53.88 -36.96
C ARG C 194 -11.32 -53.16 -35.67
N TYR C 195 -12.22 -53.78 -34.90
CA TYR C 195 -12.75 -53.13 -33.70
C TYR C 195 -11.83 -53.38 -32.51
N ARG C 196 -11.64 -52.34 -31.71
CA ARG C 196 -10.79 -52.37 -30.53
C ARG C 196 -11.63 -52.31 -29.27
N GLY C 197 -10.96 -52.39 -28.13
CA GLY C 197 -11.65 -52.40 -26.85
C GLY C 197 -12.05 -53.80 -26.43
N GLY C 198 -13.07 -53.85 -25.57
CA GLY C 198 -13.58 -55.12 -25.09
C GLY C 198 -14.89 -55.52 -25.75
N GLN C 199 -15.99 -55.33 -25.02
CA GLN C 199 -17.29 -55.69 -25.54
C GLN C 199 -17.73 -54.71 -26.64
N GLY C 200 -18.68 -55.15 -27.45
CA GLY C 200 -19.23 -54.33 -28.51
C GLY C 200 -18.29 -54.09 -29.66
N ARG C 201 -18.84 -53.70 -30.82
CA ARG C 201 -18.05 -53.36 -31.99
C ARG C 201 -17.86 -51.85 -31.99
N PHE C 202 -16.90 -51.39 -31.20
CA PHE C 202 -16.64 -49.99 -30.97
C PHE C 202 -15.21 -49.64 -31.33
N SER C 203 -14.99 -48.34 -31.58
CA SER C 203 -13.68 -47.74 -31.83
C SER C 203 -12.89 -48.54 -32.86
N PRO C 204 -13.19 -48.39 -34.14
CA PRO C 204 -12.51 -49.19 -35.16
C PRO C 204 -11.31 -48.49 -35.77
N VAL C 205 -10.41 -49.29 -36.32
CA VAL C 205 -9.35 -48.83 -37.20
C VAL C 205 -9.73 -49.26 -38.61
N ILE C 206 -9.67 -48.33 -39.55
CA ILE C 206 -10.16 -48.53 -40.91
C ILE C 206 -8.98 -48.59 -41.85
N LEU C 207 -8.90 -49.66 -42.63
CA LEU C 207 -7.86 -49.83 -43.64
C LEU C 207 -8.52 -49.96 -45.00
N ARG C 208 -8.07 -49.13 -45.95
CA ARG C 208 -8.69 -49.02 -47.26
C ARG C 208 -7.71 -49.43 -48.35
N TRP C 209 -8.21 -50.18 -49.33
CA TRP C 209 -7.46 -50.63 -50.49
C TRP C 209 -8.21 -50.23 -51.74
N ILE C 210 -7.48 -49.73 -52.74
CA ILE C 210 -8.09 -49.22 -53.96
C ILE C 210 -7.31 -49.73 -55.18
N LEU C 211 -8.02 -49.83 -56.31
CA LEU C 211 -7.40 -50.30 -57.54
C LEU C 211 -6.18 -49.47 -57.94
N SER C 212 -5.17 -50.18 -58.44
CA SER C 212 -4.00 -49.56 -59.03
C SER C 212 -3.39 -50.55 -60.01
N THR C 213 -2.82 -50.03 -61.09
CA THR C 213 -2.17 -50.87 -62.08
C THR C 213 -0.65 -50.89 -61.92
N GLU C 214 -0.13 -50.30 -60.84
CA GLU C 214 1.31 -50.30 -60.58
C GLU C 214 1.74 -51.42 -59.64
N ASP C 215 0.81 -52.28 -59.20
CA ASP C 215 1.14 -53.35 -58.27
C ASP C 215 0.61 -54.68 -58.78
N SER C 216 1.30 -55.76 -58.39
CA SER C 216 0.93 -57.09 -58.84
C SER C 216 -0.43 -57.51 -58.28
N SER C 217 -0.73 -57.09 -57.05
CA SER C 217 -2.04 -57.43 -56.47
C SER C 217 -3.17 -56.81 -57.26
N GLY C 218 -2.98 -55.58 -57.73
CA GLY C 218 -4.04 -54.80 -58.33
C GLY C 218 -4.62 -53.74 -57.42
N VAL C 219 -4.32 -53.79 -56.12
CA VAL C 219 -4.78 -52.82 -55.15
C VAL C 219 -3.60 -52.31 -54.33
N VAL C 220 -3.76 -51.11 -53.79
CA VAL C 220 -2.80 -50.51 -52.88
C VAL C 220 -3.56 -49.70 -51.84
N ARG C 221 -3.00 -49.65 -50.65
CA ARG C 221 -3.65 -48.94 -49.54
C ARG C 221 -3.76 -47.45 -49.81
N SER C 222 -4.98 -46.93 -49.71
CA SER C 222 -5.23 -45.50 -49.74
C SER C 222 -5.11 -44.97 -48.31
N GLU C 223 -4.14 -44.09 -48.08
CA GLU C 223 -4.03 -43.45 -46.77
C GLU C 223 -5.28 -42.68 -46.43
N ASP C 224 -5.94 -42.09 -47.44
CA ASP C 224 -7.13 -41.27 -47.25
C ASP C 224 -8.35 -42.18 -47.09
N ALA C 225 -8.42 -42.83 -45.93
CA ALA C 225 -9.59 -43.62 -45.56
C ALA C 225 -10.49 -42.79 -44.67
N TYR C 226 -11.26 -43.46 -43.79
CA TYR C 226 -12.18 -42.78 -42.86
C TYR C 226 -13.16 -41.85 -43.58
N GLU C 227 -13.50 -42.15 -44.83
CA GLU C 227 -14.54 -41.45 -45.55
C GLU C 227 -15.92 -42.03 -45.30
N LEU C 228 -16.03 -42.99 -44.36
CA LEU C 228 -17.32 -43.58 -44.02
C LEU C 228 -18.22 -42.61 -43.29
N PHE C 229 -17.65 -41.60 -42.63
CA PHE C 229 -18.38 -40.76 -41.67
C PHE C 229 -17.92 -39.32 -41.86
N ARG C 230 -18.64 -38.57 -42.72
CA ARG C 230 -18.37 -37.18 -43.03
C ARG C 230 -16.91 -36.98 -43.42
N PRO C 231 -16.57 -37.11 -44.71
CA PRO C 231 -15.15 -37.16 -45.10
C PRO C 231 -14.36 -35.90 -44.80
N GLY C 232 -14.98 -34.93 -44.12
CA GLY C 232 -14.26 -33.75 -43.67
C GLY C 232 -14.48 -33.50 -42.19
N GLU C 233 -14.42 -34.56 -41.39
CA GLU C 233 -14.74 -34.51 -39.97
C GLU C 233 -13.50 -34.44 -39.08
N GLU C 234 -12.31 -34.31 -39.66
CA GLU C 234 -11.06 -34.23 -38.90
C GLU C 234 -10.90 -35.42 -37.96
N VAL C 235 -10.48 -36.56 -38.50
CA VAL C 235 -10.36 -37.79 -37.70
C VAL C 235 -9.33 -37.59 -36.60
N PRO C 236 -9.63 -37.95 -35.35
CA PRO C 236 -8.66 -37.73 -34.26
C PRO C 236 -7.71 -38.90 -34.08
N SER C 237 -6.93 -38.87 -33.00
CA SER C 237 -5.96 -39.94 -32.75
C SER C 237 -6.66 -41.24 -32.38
N THR C 238 -7.74 -41.17 -31.59
CA THR C 238 -8.43 -42.38 -31.19
C THR C 238 -9.28 -42.96 -32.33
N GLY C 239 -10.13 -42.13 -32.94
CA GLY C 239 -10.81 -42.54 -34.16
C GLY C 239 -12.26 -42.95 -34.05
N PHE C 240 -13.16 -41.96 -34.14
CA PHE C 240 -14.59 -42.14 -34.37
C PHE C 240 -15.22 -43.26 -33.56
N TYR C 241 -15.68 -42.95 -32.35
CA TYR C 241 -16.32 -43.88 -31.44
C TYR C 241 -17.80 -43.51 -31.36
N LYS C 242 -18.65 -44.19 -32.13
CA LYS C 242 -18.25 -45.21 -33.09
C LYS C 242 -18.78 -44.84 -34.48
N ILE C 243 -18.84 -45.81 -35.39
CA ILE C 243 -19.19 -45.56 -36.79
C ILE C 243 -20.43 -46.37 -37.15
N ASP C 244 -21.31 -45.75 -37.93
CA ASP C 244 -22.58 -46.36 -38.33
C ASP C 244 -22.45 -46.92 -39.74
N LEU C 245 -22.89 -48.16 -39.92
CA LEU C 245 -22.87 -48.82 -41.22
C LEU C 245 -24.27 -49.20 -41.71
N SER C 246 -25.32 -48.67 -41.08
CA SER C 246 -26.68 -48.98 -41.51
C SER C 246 -26.95 -48.50 -42.94
N ARG C 247 -26.20 -47.52 -43.42
CA ARG C 247 -26.31 -47.11 -44.82
C ARG C 247 -25.80 -48.18 -45.77
N PHE C 248 -25.03 -49.14 -45.27
CA PHE C 248 -24.53 -50.25 -46.08
C PHE C 248 -25.27 -51.56 -45.83
N TYR C 249 -26.18 -51.58 -44.86
CA TYR C 249 -26.91 -52.79 -44.53
C TYR C 249 -27.63 -53.33 -45.76
N PRO C 250 -27.45 -54.60 -46.11
CA PRO C 250 -28.05 -55.12 -47.34
C PRO C 250 -29.56 -55.30 -47.21
N LYS C 251 -30.21 -55.36 -48.37
CA LYS C 251 -31.67 -55.45 -48.40
C LYS C 251 -32.15 -56.80 -47.89
N ASN C 252 -31.40 -57.87 -48.16
CA ASN C 252 -31.77 -59.20 -47.71
C ASN C 252 -31.41 -59.47 -46.27
N ASN C 253 -30.63 -58.61 -45.63
CA ASN C 253 -30.24 -58.75 -44.23
C ASN C 253 -29.42 -60.04 -44.03
N VAL C 254 -28.31 -60.11 -44.76
CA VAL C 254 -27.31 -61.17 -44.57
C VAL C 254 -25.96 -60.50 -44.37
N MET C 255 -25.27 -60.87 -43.30
CA MET C 255 -24.00 -60.24 -42.97
C MET C 255 -22.91 -61.25 -42.66
N GLU C 256 -23.25 -62.35 -41.97
CA GLU C 256 -22.29 -63.38 -41.63
C GLU C 256 -22.36 -64.54 -42.61
N MET C 257 -21.28 -65.32 -42.65
CA MET C 257 -21.24 -66.52 -43.48
C MET C 257 -22.00 -67.63 -42.79
N GLN C 258 -22.86 -68.33 -43.54
CA GLN C 258 -23.68 -69.39 -43.00
C GLN C 258 -23.39 -70.69 -43.72
N CYS C 259 -23.49 -71.80 -42.99
CA CYS C 259 -23.28 -73.13 -43.54
C CYS C 259 -24.27 -74.09 -42.91
N ASP C 260 -24.70 -75.07 -43.70
CA ASP C 260 -25.67 -76.08 -43.28
C ASP C 260 -24.92 -77.39 -43.07
N ARG C 261 -24.68 -77.74 -41.80
CA ARG C 261 -23.93 -78.94 -41.47
C ARG C 261 -24.64 -80.22 -41.90
N THR C 262 -25.96 -80.16 -42.11
CA THR C 262 -26.72 -81.36 -42.46
C THR C 262 -26.26 -81.95 -43.78
N LEU C 263 -25.69 -81.13 -44.66
CA LEU C 263 -25.19 -81.61 -45.95
C LEU C 263 -23.76 -82.11 -45.88
N GLU C 264 -23.18 -82.17 -44.69
CA GLU C 264 -21.83 -82.73 -44.54
C GLU C 264 -21.90 -84.24 -44.68
N PRO C 265 -21.21 -84.85 -45.64
CA PRO C 265 -21.36 -86.29 -45.89
C PRO C 265 -20.49 -87.12 -44.96
N VAL C 266 -21.13 -87.94 -44.13
CA VAL C 266 -20.39 -88.89 -43.30
C VAL C 266 -20.04 -90.12 -44.13
N GLN C 267 -19.10 -90.89 -43.61
CA GLN C 267 -18.71 -92.12 -44.31
C GLN C 267 -18.14 -93.13 -43.31
N PRO C 268 -18.74 -94.31 -43.19
CA PRO C 268 -18.25 -95.29 -42.24
C PRO C 268 -17.30 -96.29 -42.88
N SER C 269 -16.07 -95.88 -43.20
CA SER C 269 -15.08 -96.70 -43.88
C SER C 269 -13.96 -97.10 -42.93
N GLU C 270 -13.16 -98.08 -43.36
CA GLU C 270 -11.98 -98.55 -42.65
C GLU C 270 -12.33 -99.00 -41.23
N SER C 271 -13.02 -100.14 -41.17
CA SER C 271 -13.36 -100.75 -39.89
C SER C 271 -12.14 -101.31 -39.17
N LYS C 272 -11.01 -101.45 -39.86
CA LYS C 272 -9.79 -101.95 -39.25
C LYS C 272 -8.57 -101.55 -40.08
N GLN D 40 16.56 -7.74 -66.87
CA GLN D 40 15.59 -8.40 -67.74
C GLN D 40 16.05 -8.57 -69.20
N PRO D 41 16.70 -7.56 -69.79
CA PRO D 41 17.25 -7.73 -71.14
C PRO D 41 18.32 -8.81 -71.24
N PRO D 42 19.23 -8.97 -70.22
CA PRO D 42 20.33 -9.93 -70.40
C PRO D 42 19.94 -11.40 -70.53
N LEU D 43 20.84 -12.28 -70.05
CA LEU D 43 20.82 -13.73 -70.23
C LEU D 43 21.35 -14.11 -71.62
N GLN D 44 22.50 -13.53 -71.98
CA GLN D 44 23.20 -13.89 -73.22
C GLN D 44 24.70 -13.73 -72.93
N LEU D 45 25.32 -14.82 -72.49
CA LEU D 45 26.68 -14.80 -71.98
C LEU D 45 27.66 -15.30 -73.01
N PRO D 46 28.72 -14.55 -73.33
CA PRO D 46 29.66 -14.99 -74.37
C PRO D 46 30.43 -16.25 -74.01
N GLY D 47 30.46 -16.64 -72.74
CA GLY D 47 31.15 -17.86 -72.34
C GLY D 47 30.96 -18.10 -70.87
N LEU D 48 31.53 -19.21 -70.40
CA LEU D 48 31.55 -19.54 -68.99
C LEU D 48 32.99 -19.59 -68.50
N ILE D 49 33.21 -19.05 -67.29
CA ILE D 49 34.54 -18.93 -66.72
C ILE D 49 34.52 -19.56 -65.33
N ILE D 50 35.51 -20.39 -65.04
CA ILE D 50 35.58 -21.13 -63.78
C ILE D 50 36.76 -20.61 -62.98
N PHE D 51 36.47 -20.01 -61.83
CA PHE D 51 37.51 -19.49 -60.94
C PHE D 51 37.95 -20.59 -59.99
N VAL D 52 39.23 -20.96 -60.06
CA VAL D 52 39.80 -21.99 -59.21
C VAL D 52 40.83 -21.33 -58.30
N HIS D 53 40.63 -21.45 -56.99
CA HIS D 53 41.50 -20.80 -56.02
C HIS D 53 42.70 -21.68 -55.69
N GLY D 54 43.51 -21.22 -54.74
CA GLY D 54 44.70 -21.95 -54.34
C GLY D 54 44.54 -22.65 -53.01
N VAL D 55 45.50 -22.48 -52.12
CA VAL D 55 45.54 -23.18 -50.85
C VAL D 55 45.20 -22.19 -49.73
N ASN D 56 44.59 -22.72 -48.67
CA ASN D 56 44.09 -21.98 -47.50
C ASN D 56 43.36 -20.69 -47.87
N SER D 57 42.85 -20.62 -49.11
CA SER D 57 42.07 -19.49 -49.58
C SER D 57 40.66 -19.95 -49.91
N GLU D 58 39.73 -19.01 -49.88
CA GLU D 58 38.31 -19.28 -50.13
C GLU D 58 37.79 -18.39 -51.24
N GLY D 59 38.53 -18.32 -52.35
CA GLY D 59 38.15 -17.47 -53.47
C GLY D 59 38.06 -16.01 -53.08
N GLU D 60 39.08 -15.53 -52.37
CA GLU D 60 39.05 -14.16 -51.86
C GLU D 60 39.42 -13.14 -52.93
N TRP D 61 40.23 -13.53 -53.92
CA TRP D 61 40.48 -12.67 -55.06
C TRP D 61 39.39 -12.75 -56.11
N TYR D 62 38.42 -13.65 -55.94
CA TYR D 62 37.37 -13.84 -56.94
C TYR D 62 36.60 -12.55 -57.20
N ASP D 63 36.50 -11.66 -56.21
CA ASP D 63 35.57 -10.54 -56.32
C ASP D 63 36.07 -9.49 -57.31
N TYR D 64 37.27 -8.95 -57.10
CA TYR D 64 37.82 -8.06 -58.12
C TYR D 64 38.25 -8.81 -59.37
N ALA D 65 38.58 -10.08 -59.26
CA ALA D 65 38.81 -10.88 -60.46
C ALA D 65 37.60 -10.82 -61.38
N GLU D 66 36.41 -11.00 -60.80
CA GLU D 66 35.17 -10.91 -61.57
C GLU D 66 34.89 -9.48 -62.00
N ARG D 67 35.14 -8.51 -61.11
CA ARG D 67 34.81 -7.12 -61.41
C ARG D 67 35.64 -6.60 -62.57
N SER D 68 36.95 -6.73 -62.49
CA SER D 68 37.80 -6.25 -63.58
C SER D 68 37.55 -7.04 -64.86
N LEU D 69 37.25 -8.33 -64.73
CA LEU D 69 37.06 -9.15 -65.91
C LEU D 69 35.75 -8.81 -66.62
N CYS D 70 34.69 -8.52 -65.84
CA CYS D 70 33.43 -8.14 -66.44
C CYS D 70 33.53 -6.77 -67.13
N ALA D 71 34.17 -5.80 -66.47
CA ALA D 71 34.32 -4.48 -67.06
C ALA D 71 35.13 -4.53 -68.34
N GLY D 72 36.22 -5.29 -68.34
CA GLY D 72 37.01 -5.44 -69.56
C GLY D 72 36.24 -6.11 -70.68
N LEU D 73 35.45 -7.13 -70.34
CA LEU D 73 34.63 -7.79 -71.34
C LEU D 73 33.56 -6.86 -71.89
N ASN D 74 33.02 -5.97 -71.05
CA ASN D 74 32.02 -5.02 -71.53
C ASN D 74 32.64 -4.02 -72.49
N GLN D 75 33.84 -3.52 -72.18
CA GLN D 75 34.50 -2.56 -73.06
C GLN D 75 34.93 -3.23 -74.37
N ARG D 76 35.44 -4.46 -74.30
CA ARG D 76 35.94 -5.12 -75.50
C ARG D 76 34.81 -5.48 -76.45
N LEU D 77 33.73 -6.05 -75.94
CA LEU D 77 32.67 -6.58 -76.77
C LEU D 77 31.60 -5.55 -77.13
N GLY D 78 31.76 -4.30 -76.71
CA GLY D 78 30.80 -3.27 -77.06
C GLY D 78 29.43 -3.45 -76.42
N LEU D 79 29.39 -3.93 -75.19
CA LEU D 79 28.13 -4.03 -74.45
C LEU D 79 27.93 -2.78 -73.61
N GLU D 80 26.69 -2.30 -73.57
CA GLU D 80 26.36 -1.09 -72.84
C GLU D 80 24.93 -1.19 -72.31
N GLY D 81 24.67 -0.41 -71.26
CA GLY D 81 23.34 -0.37 -70.68
C GLY D 81 22.99 -1.63 -69.92
N GLU D 82 21.69 -1.93 -69.88
CA GLU D 82 21.22 -3.15 -69.21
C GLU D 82 21.76 -4.41 -69.87
N HIS D 83 22.18 -4.33 -71.13
CA HIS D 83 22.79 -5.47 -71.80
C HIS D 83 24.20 -5.77 -71.31
N GLY D 84 24.81 -4.86 -70.54
CA GLY D 84 26.17 -5.06 -70.10
C GLY D 84 26.30 -6.18 -69.09
N LEU D 85 27.56 -6.54 -68.83
CA LEU D 85 27.89 -7.57 -67.87
C LEU D 85 28.09 -6.94 -66.50
N LYS D 86 27.44 -7.51 -65.49
CA LYS D 86 27.56 -7.04 -64.12
C LYS D 86 27.98 -8.21 -63.23
N GLU D 87 28.52 -7.88 -62.07
CA GLU D 87 29.06 -8.91 -61.19
C GLU D 87 27.97 -9.51 -60.32
N ASN D 88 28.27 -10.67 -59.76
CA ASN D 88 27.38 -11.36 -58.84
C ASN D 88 27.87 -11.04 -57.43
N ASN D 89 27.17 -10.16 -56.73
CA ASN D 89 27.58 -9.76 -55.40
C ASN D 89 27.12 -10.78 -54.37
N TYR D 90 28.06 -11.27 -53.57
CA TYR D 90 27.76 -12.23 -52.51
C TYR D 90 27.83 -11.54 -51.16
N GLU D 91 27.15 -12.14 -50.18
CA GLU D 91 27.13 -11.59 -48.84
C GLU D 91 28.52 -11.64 -48.22
N GLY D 92 28.82 -10.63 -47.39
CA GLY D 92 30.12 -10.51 -46.77
C GLY D 92 30.14 -11.04 -45.34
N GLY D 93 31.34 -11.06 -44.78
CA GLY D 93 31.54 -11.54 -43.43
C GLY D 93 30.98 -10.59 -42.38
N PHE D 94 31.08 -11.03 -41.13
CA PHE D 94 30.51 -10.28 -40.01
C PHE D 94 31.15 -10.80 -38.72
N PHE D 95 30.78 -10.16 -37.62
CA PHE D 95 31.25 -10.52 -36.28
C PHE D 95 30.24 -11.40 -35.55
N VAL D 96 30.74 -12.15 -34.58
CA VAL D 96 29.90 -12.90 -33.66
C VAL D 96 30.41 -12.72 -32.23
N LYS D 116 34.37 -8.49 -31.51
CA LYS D 116 34.23 -9.89 -31.13
C LYS D 116 35.21 -10.77 -31.90
N LYS D 117 34.67 -11.57 -32.83
CA LYS D 117 35.47 -12.48 -33.63
C LYS D 117 35.00 -12.43 -35.07
N TRP D 118 35.96 -12.50 -36.00
CA TRP D 118 35.63 -12.48 -37.42
C TRP D 118 35.01 -13.80 -37.84
N VAL D 119 34.06 -13.73 -38.77
CA VAL D 119 33.37 -14.90 -39.30
C VAL D 119 33.24 -14.74 -40.81
N SER D 120 33.70 -15.74 -41.56
CA SER D 120 33.55 -15.73 -43.00
C SER D 120 32.08 -15.87 -43.38
N GLY D 121 31.59 -14.94 -44.19
CA GLY D 121 30.19 -14.91 -44.56
C GLY D 121 29.77 -16.13 -45.34
N PRO D 122 28.47 -16.42 -45.33
CA PRO D 122 27.97 -17.54 -46.13
C PRO D 122 28.07 -17.24 -47.62
N ARG D 123 28.31 -18.29 -48.40
CA ARG D 123 28.48 -18.16 -49.85
C ARG D 123 27.10 -18.13 -50.52
N LYS D 124 26.37 -17.06 -50.24
CA LYS D 124 25.06 -16.82 -50.82
C LYS D 124 25.04 -15.44 -51.47
N ILE D 125 24.18 -15.29 -52.48
CA ILE D 125 24.08 -14.04 -53.22
C ILE D 125 23.32 -13.02 -52.37
N THR D 126 23.83 -11.79 -52.33
CA THR D 126 23.17 -10.74 -51.57
C THR D 126 21.85 -10.35 -52.21
N LYS D 127 21.06 -9.57 -51.47
CA LYS D 127 19.75 -9.14 -51.95
C LYS D 127 19.89 -8.26 -53.19
N GLY D 128 19.24 -8.67 -54.28
CA GLY D 128 19.41 -7.99 -55.55
C GLY D 128 20.86 -8.01 -55.98
N GLY D 129 21.45 -9.20 -56.00
CA GLY D 129 22.89 -9.30 -56.18
C GLY D 129 23.36 -9.77 -57.54
N ASP D 130 22.79 -10.86 -58.05
CA ASP D 130 23.33 -11.46 -59.26
C ASP D 130 23.08 -10.57 -60.49
N GLY D 131 24.05 -10.56 -61.39
CA GLY D 131 23.93 -9.86 -62.65
C GLY D 131 24.42 -10.69 -63.81
N ARG D 132 24.65 -10.07 -64.95
CA ARG D 132 25.18 -10.78 -66.10
C ARG D 132 26.63 -11.19 -65.86
N SER D 133 26.84 -12.40 -65.36
CA SER D 133 28.15 -12.85 -64.90
C SER D 133 28.52 -14.17 -65.57
N PRO D 134 29.61 -14.22 -66.33
CA PRO D 134 30.07 -15.48 -66.91
C PRO D 134 30.97 -16.32 -66.00
N VAL D 135 31.07 -15.97 -64.72
CA VAL D 135 32.03 -16.56 -63.81
C VAL D 135 31.34 -17.64 -62.98
N ILE D 136 31.94 -18.82 -62.95
CA ILE D 136 31.48 -19.92 -62.09
C ILE D 136 32.47 -20.05 -60.95
N ARG D 137 31.99 -19.82 -59.74
CA ARG D 137 32.84 -19.84 -58.54
C ARG D 137 33.11 -21.28 -58.14
N PHE D 138 34.28 -21.80 -58.53
CA PHE D 138 34.69 -23.12 -58.09
C PHE D 138 35.37 -23.04 -56.73
N TYR D 139 35.05 -23.98 -55.86
CA TYR D 139 35.61 -24.05 -54.53
C TYR D 139 36.02 -25.48 -54.23
N TRP D 140 37.09 -25.64 -53.46
CA TRP D 140 37.55 -26.97 -53.05
C TRP D 140 38.32 -26.82 -51.74
N GLY D 141 38.64 -27.97 -51.15
CA GLY D 141 39.40 -27.96 -49.92
C GLY D 141 39.61 -29.36 -49.39
N TYR D 142 40.15 -29.43 -48.18
CA TYR D 142 40.39 -30.68 -47.48
C TYR D 142 39.41 -30.78 -46.31
N ARG D 143 38.66 -31.87 -46.25
CA ARG D 143 37.70 -32.10 -45.20
C ARG D 143 38.18 -33.28 -44.35
N ALA D 144 38.41 -33.01 -43.06
CA ALA D 144 38.91 -34.05 -42.16
C ALA D 144 37.84 -35.12 -41.95
N ALA D 145 38.30 -36.34 -41.69
CA ALA D 145 37.40 -37.48 -41.54
C ALA D 145 36.59 -37.34 -40.24
N ASP D 146 35.60 -38.22 -40.11
CA ASP D 146 34.71 -38.18 -38.95
C ASP D 146 35.47 -38.45 -37.66
N ASN D 147 36.46 -39.34 -37.71
CA ASN D 147 37.22 -39.74 -36.53
C ASN D 147 38.55 -39.02 -36.42
N GLU D 148 39.17 -38.66 -37.54
CA GLU D 148 40.53 -38.14 -37.57
C GLU D 148 40.57 -36.62 -37.59
N THR D 149 39.73 -35.96 -36.78
CA THR D 149 39.64 -34.50 -36.85
C THR D 149 40.87 -33.85 -36.23
N ASP D 150 41.21 -34.22 -35.00
CA ASP D 150 42.29 -33.56 -34.26
C ASP D 150 43.60 -34.34 -34.28
N THR D 151 43.80 -35.21 -35.26
CA THR D 151 45.07 -35.91 -35.39
C THR D 151 46.14 -35.00 -35.99
N TYR D 152 45.93 -34.56 -37.23
CA TYR D 152 46.86 -33.64 -37.87
C TYR D 152 46.65 -32.23 -37.31
N ALA D 153 47.75 -31.59 -36.90
CA ALA D 153 47.68 -30.29 -36.26
C ALA D 153 47.66 -29.18 -37.32
N ILE D 154 46.50 -29.05 -37.96
CA ILE D 154 46.29 -28.05 -39.01
C ILE D 154 45.07 -27.21 -38.63
N PRO D 155 44.97 -25.97 -39.10
CA PRO D 155 43.79 -25.16 -38.79
C PRO D 155 42.55 -25.73 -39.45
N LEU D 156 41.43 -25.59 -38.75
CA LEU D 156 40.16 -26.16 -39.20
C LEU D 156 39.03 -25.21 -38.82
N LYS D 157 37.90 -25.40 -39.50
CA LYS D 157 36.71 -24.60 -39.23
C LYS D 157 35.50 -25.31 -39.83
N ASN D 158 34.32 -24.98 -39.31
CA ASN D 158 33.08 -25.52 -39.82
C ASN D 158 32.51 -24.60 -40.91
N LYS D 159 31.32 -24.95 -41.40
CA LYS D 159 30.71 -24.14 -42.46
C LYS D 159 30.32 -22.75 -41.93
N LYS D 160 29.85 -22.68 -40.68
CA LYS D 160 29.42 -21.40 -40.14
C LYS D 160 30.60 -20.48 -39.87
N GLY D 161 31.73 -21.04 -39.42
CA GLY D 161 32.91 -20.24 -39.17
C GLY D 161 33.42 -20.33 -37.75
N ASP D 162 33.28 -21.49 -37.13
CA ASP D 162 33.77 -21.72 -35.78
C ASP D 162 35.12 -22.43 -35.84
N ASN D 163 36.01 -22.08 -34.92
CA ASN D 163 37.34 -22.67 -34.87
C ASN D 163 37.28 -23.98 -34.07
N TYR D 164 37.75 -25.06 -34.68
CA TYR D 164 37.75 -26.36 -34.01
C TYR D 164 38.55 -26.32 -32.72
N TYR D 165 39.73 -25.71 -32.75
CA TYR D 165 40.56 -25.62 -31.56
C TYR D 165 40.04 -24.58 -30.56
N ASP D 166 38.91 -23.94 -30.85
CA ASP D 166 38.29 -22.97 -29.97
C ASP D 166 36.93 -23.47 -29.48
N LEU D 167 36.75 -24.78 -29.46
CA LEU D 167 35.51 -25.42 -29.07
C LEU D 167 35.82 -26.62 -28.18
N PRO D 168 34.94 -26.92 -27.22
CA PRO D 168 35.15 -28.11 -26.38
C PRO D 168 34.96 -29.38 -27.18
N PRO D 169 35.47 -30.52 -26.69
CA PRO D 169 35.40 -31.75 -27.49
C PRO D 169 33.99 -32.21 -27.81
N GLU D 170 33.09 -32.17 -26.82
CA GLU D 170 31.77 -32.76 -27.02
C GLU D 170 30.93 -31.92 -27.97
N SER D 171 31.05 -30.59 -27.89
CA SER D 171 30.39 -29.73 -28.86
C SER D 171 31.00 -29.89 -30.24
N ARG D 172 32.30 -30.16 -30.31
CA ARG D 172 32.96 -30.40 -31.59
C ARG D 172 32.47 -31.71 -32.19
N LYS D 173 32.45 -31.74 -33.53
CA LYS D 173 32.04 -32.90 -34.32
C LYS D 173 30.54 -33.15 -34.19
N ALA D 174 29.86 -32.44 -33.29
CA ALA D 174 28.40 -32.47 -33.26
C ALA D 174 27.87 -31.90 -34.56
N LYS D 175 28.11 -30.61 -34.78
CA LYS D 175 27.86 -29.95 -36.06
C LYS D 175 28.93 -28.90 -36.28
N GLY D 176 29.61 -28.97 -37.41
CA GLY D 176 29.40 -30.01 -38.40
C GLY D 176 30.70 -30.57 -38.93
N PRO D 177 30.76 -30.84 -40.22
CA PRO D 177 32.00 -31.32 -40.83
C PRO D 177 33.10 -30.26 -40.75
N TRP D 178 34.32 -30.70 -40.47
CA TRP D 178 35.45 -29.82 -40.24
C TRP D 178 36.41 -29.89 -41.43
N PHE D 179 36.88 -28.72 -41.85
CA PHE D 179 37.59 -28.62 -43.13
C PHE D 179 38.35 -27.29 -43.18
N TRP D 180 39.04 -27.09 -44.30
CA TRP D 180 39.53 -25.78 -44.71
C TRP D 180 39.52 -25.70 -46.22
N GLY D 181 38.94 -24.62 -46.75
CA GLY D 181 38.86 -24.46 -48.19
C GLY D 181 40.24 -24.20 -48.78
N GLY D 182 40.67 -25.05 -49.71
CA GLY D 182 42.04 -24.91 -50.24
C GLY D 182 42.99 -25.87 -49.56
N GLY D 183 42.60 -26.43 -48.42
CA GLY D 183 43.43 -27.46 -47.77
C GLY D 183 44.66 -26.90 -47.12
N PRO D 184 45.38 -27.69 -46.30
CA PRO D 184 46.55 -27.21 -45.60
C PRO D 184 47.54 -26.61 -46.60
N PHE D 185 48.26 -25.57 -46.19
CA PHE D 185 49.18 -24.89 -47.13
C PHE D 185 50.43 -25.73 -47.35
N GLN D 186 50.90 -26.39 -46.31
CA GLN D 186 52.19 -27.11 -46.45
C GLN D 186 52.05 -28.32 -47.36
N ASN D 187 50.96 -28.42 -48.13
CA ASN D 187 50.77 -29.66 -48.94
C ASN D 187 50.99 -29.34 -50.42
N GLY D 188 51.61 -28.20 -50.71
CA GLY D 188 51.87 -27.85 -52.09
C GLY D 188 52.87 -28.78 -52.74
N CYS D 189 52.86 -28.77 -54.07
CA CYS D 189 53.71 -29.66 -54.85
C CYS D 189 54.00 -29.03 -56.20
N ASN D 190 55.12 -29.43 -56.79
CA ASN D 190 55.58 -28.89 -58.06
C ASN D 190 55.44 -29.90 -59.20
N GLN D 191 54.49 -30.82 -59.08
CA GLN D 191 54.15 -31.73 -60.17
C GLN D 191 52.73 -32.22 -59.94
N LEU D 192 52.15 -32.83 -60.99
CA LEU D 192 50.80 -33.33 -60.89
C LEU D 192 50.71 -34.72 -60.27
N VAL D 193 51.83 -35.45 -60.20
CA VAL D 193 51.80 -36.81 -59.71
C VAL D 193 51.51 -36.83 -58.21
N SER D 194 52.06 -35.87 -57.47
CA SER D 194 51.82 -35.82 -56.04
C SER D 194 50.38 -35.47 -55.69
N LEU D 195 49.56 -35.07 -56.67
CA LEU D 195 48.15 -34.80 -56.39
C LEU D 195 47.41 -36.07 -55.97
N TRP D 196 47.83 -37.22 -56.47
CA TRP D 196 47.25 -38.50 -56.07
C TRP D 196 47.99 -39.16 -54.92
N SER D 197 48.97 -38.47 -54.34
CA SER D 197 49.79 -39.07 -53.30
C SER D 197 48.96 -39.44 -52.08
N LYS D 198 49.14 -40.66 -51.59
CA LYS D 198 48.50 -41.12 -50.36
C LYS D 198 49.23 -40.67 -49.11
N THR D 199 50.37 -40.00 -49.26
CA THR D 199 51.15 -39.51 -48.13
C THR D 199 51.27 -37.99 -48.24
N GLY D 200 50.98 -37.30 -47.14
CA GLY D 200 51.07 -35.85 -47.10
C GLY D 200 52.45 -35.37 -46.72
N PHE D 201 52.51 -34.08 -46.36
CA PHE D 201 53.78 -33.47 -45.97
C PHE D 201 54.32 -34.11 -44.70
N ASN D 202 55.61 -34.42 -44.70
CA ASN D 202 56.28 -35.00 -43.55
C ASN D 202 57.45 -34.10 -43.17
N ASN D 203 57.54 -33.74 -41.89
CA ASN D 203 58.61 -32.90 -41.38
C ASN D 203 59.80 -33.70 -40.87
N ASN D 204 59.91 -34.97 -41.22
CA ASN D 204 60.98 -35.83 -40.74
C ASN D 204 62.07 -36.01 -41.80
N LEU D 208 71.49 -21.88 -46.81
CA LEU D 208 70.67 -22.59 -45.78
C LEU D 208 69.69 -23.54 -46.48
N GLY D 209 68.39 -23.45 -46.19
CA GLY D 209 67.46 -24.43 -46.77
C GLY D 209 66.04 -23.90 -46.99
N VAL D 210 65.13 -24.16 -46.06
CA VAL D 210 63.69 -23.78 -46.21
C VAL D 210 63.03 -24.85 -47.08
N PRO D 211 61.95 -25.52 -46.62
CA PRO D 211 61.34 -26.62 -47.36
C PRO D 211 60.10 -26.25 -48.16
N LEU D 212 58.93 -26.28 -47.53
CA LEU D 212 57.68 -25.84 -48.16
C LEU D 212 57.20 -24.56 -47.51
N PRO D 213 57.71 -23.40 -47.94
CA PRO D 213 57.27 -22.13 -47.37
C PRO D 213 56.09 -21.56 -48.15
N PHE D 214 55.16 -20.96 -47.42
CA PHE D 214 53.94 -20.48 -48.06
C PHE D 214 53.44 -19.21 -47.37
N SER D 215 54.35 -18.26 -47.12
CA SER D 215 54.01 -17.02 -46.45
C SER D 215 53.26 -17.32 -45.16
N THR D 216 52.27 -16.47 -44.82
CA THR D 216 51.43 -16.57 -43.62
C THR D 216 52.00 -17.50 -42.54
N GLN D 217 53.25 -17.24 -42.15
CA GLN D 217 53.97 -18.00 -41.13
C GLN D 217 55.18 -17.16 -40.73
N VAL D 218 55.95 -17.66 -39.76
CA VAL D 218 57.10 -16.92 -39.25
C VAL D 218 58.26 -17.06 -40.22
N LEU D 219 59.28 -16.22 -40.04
CA LEU D 219 60.51 -16.29 -40.81
C LEU D 219 61.65 -16.70 -39.87
N ASN D 220 62.88 -16.62 -40.38
CA ASN D 220 64.11 -17.08 -39.73
C ASN D 220 63.86 -18.03 -38.57
N GLY D 221 63.88 -17.51 -37.34
CA GLY D 221 63.47 -18.18 -36.11
C GLY D 221 64.12 -19.53 -35.93
N GLU D 222 63.43 -20.42 -35.22
CA GLU D 222 63.90 -21.78 -35.01
C GLU D 222 62.96 -22.78 -35.66
N ARG D 223 62.14 -23.44 -34.85
CA ARG D 223 61.10 -24.32 -35.33
C ARG D 223 59.75 -23.60 -35.27
N ASP D 224 58.87 -23.97 -36.19
CA ASP D 224 57.51 -23.42 -36.26
C ASP D 224 56.54 -24.59 -36.15
N ARG D 225 55.92 -24.73 -34.97
CA ARG D 225 55.03 -25.86 -34.71
C ARG D 225 53.97 -26.01 -35.78
N LEU D 226 53.52 -24.89 -36.36
CA LEU D 226 52.55 -24.87 -37.44
C LEU D 226 52.94 -25.86 -38.54
N LEU D 227 54.24 -25.95 -38.84
CA LEU D 227 54.77 -26.88 -39.83
C LEU D 227 54.61 -28.30 -39.32
N SER D 228 53.36 -28.78 -39.36
CA SER D 228 53.02 -30.10 -38.87
C SER D 228 52.80 -31.05 -40.03
N ASP D 229 53.12 -32.32 -39.80
CA ASP D 229 52.87 -33.37 -40.79
C ASP D 229 51.43 -33.30 -41.27
N ALA D 230 51.29 -33.20 -42.58
CA ALA D 230 50.03 -32.87 -43.22
C ALA D 230 49.21 -34.12 -43.46
N PRO D 231 47.91 -33.98 -43.77
CA PRO D 231 47.11 -35.15 -44.11
C PRO D 231 47.33 -35.55 -45.57
N PRO D 232 46.87 -36.73 -45.98
CA PRO D 232 47.12 -37.19 -47.35
C PRO D 232 46.52 -36.25 -48.39
N ARG D 233 47.16 -36.22 -49.55
CA ARG D 233 46.88 -35.25 -50.61
C ARG D 233 45.74 -35.67 -51.54
N HIS D 234 44.93 -36.67 -51.17
CA HIS D 234 43.89 -37.15 -52.08
C HIS D 234 42.94 -36.02 -52.47
N TYR D 235 42.61 -35.13 -51.53
CA TYR D 235 41.63 -34.09 -51.80
C TYR D 235 42.03 -33.21 -52.97
N TYR D 236 43.32 -33.12 -53.27
CA TYR D 236 43.79 -32.44 -54.46
C TYR D 236 43.24 -33.12 -55.71
N ALA D 237 43.64 -34.37 -55.93
CA ALA D 237 43.17 -35.11 -57.10
C ALA D 237 41.65 -35.22 -57.11
N HIS D 238 41.04 -35.38 -55.93
CA HIS D 238 39.58 -35.43 -55.85
C HIS D 238 38.96 -34.14 -56.37
N ALA D 239 39.45 -32.99 -55.89
CA ALA D 239 38.96 -31.71 -56.39
C ALA D 239 39.19 -31.59 -57.89
N ALA D 240 40.33 -32.08 -58.38
CA ALA D 240 40.59 -32.07 -59.81
C ALA D 240 39.53 -32.87 -60.56
N GLY D 241 39.21 -34.06 -60.06
CA GLY D 241 38.16 -34.85 -60.70
C GLY D 241 36.81 -34.15 -60.68
N ARG D 242 36.49 -33.48 -59.57
CA ARG D 242 35.26 -32.70 -59.50
C ARG D 242 35.25 -31.62 -60.58
N LEU D 243 36.34 -30.87 -60.69
CA LEU D 243 36.43 -29.84 -61.73
C LEU D 243 36.34 -30.46 -63.11
N ALA D 244 36.98 -31.60 -63.31
CA ALA D 244 36.87 -32.30 -64.59
C ALA D 244 35.43 -32.72 -64.85
N LYS D 245 34.76 -33.27 -63.83
CA LYS D 245 33.35 -33.59 -63.96
C LYS D 245 32.53 -32.36 -64.31
N LEU D 246 32.81 -31.23 -63.65
CA LEU D 246 32.10 -30.00 -63.95
C LEU D 246 32.27 -29.60 -65.41
N ILE D 247 33.51 -29.63 -65.91
CA ILE D 247 33.76 -29.32 -67.31
C ILE D 247 32.92 -30.23 -68.21
N LYS D 248 33.01 -31.54 -67.99
CA LYS D 248 32.21 -32.47 -68.77
C LYS D 248 30.72 -32.22 -68.57
N THR D 249 30.33 -31.81 -67.37
CA THR D 249 28.93 -31.49 -67.11
C THR D 249 28.48 -30.32 -67.99
N ILE D 250 29.30 -29.27 -68.07
CA ILE D 250 28.96 -28.13 -68.92
C ILE D 250 28.87 -28.56 -70.38
N ARG D 251 29.79 -29.42 -70.82
CA ARG D 251 29.81 -29.82 -72.22
C ARG D 251 28.59 -30.66 -72.61
N ASN D 252 27.85 -31.19 -71.64
CA ASN D 252 26.63 -31.92 -71.93
C ASN D 252 25.39 -31.03 -71.93
N GLN D 253 25.49 -29.84 -71.34
CA GLN D 253 24.35 -28.91 -71.26
C GLN D 253 24.37 -27.86 -72.35
N HIS D 254 25.50 -27.19 -72.55
CA HIS D 254 25.65 -26.15 -73.57
C HIS D 254 26.91 -26.43 -74.38
N PRO D 255 26.94 -27.53 -75.16
CA PRO D 255 28.16 -27.91 -75.89
C PRO D 255 28.72 -26.81 -76.79
N GLU D 256 27.87 -25.84 -77.16
CA GLU D 256 28.25 -24.77 -78.08
C GLU D 256 28.66 -23.49 -77.36
N ASP D 257 29.17 -23.60 -76.14
CA ASP D 257 29.69 -22.46 -75.40
C ASP D 257 31.14 -22.68 -75.03
N THR D 258 31.91 -21.60 -75.02
CA THR D 258 33.32 -21.68 -74.68
C THR D 258 33.51 -21.70 -73.17
N VAL D 259 34.26 -22.68 -72.68
CA VAL D 259 34.53 -22.84 -71.25
C VAL D 259 35.97 -22.42 -70.98
N THR D 260 36.16 -21.68 -69.88
CA THR D 260 37.46 -21.13 -69.52
C THR D 260 37.74 -21.43 -68.07
N VAL D 261 38.94 -21.95 -67.78
CA VAL D 261 39.40 -22.20 -66.43
C VAL D 261 40.44 -21.14 -66.07
N LEU D 262 40.24 -20.47 -64.94
CA LEU D 262 41.11 -19.38 -64.50
C LEU D 262 41.62 -19.77 -63.13
N SER D 263 42.93 -20.04 -63.04
CA SER D 263 43.50 -20.71 -61.87
C SER D 263 44.61 -19.88 -61.24
N HIS D 264 44.76 -20.07 -59.92
CA HIS D 264 45.75 -19.36 -59.11
C HIS D 264 46.48 -20.35 -58.21
N SER D 265 47.81 -20.19 -58.15
CA SER D 265 48.67 -21.05 -57.35
C SER D 265 48.41 -22.54 -57.58
N GLN D 266 48.04 -23.25 -56.51
CA GLN D 266 47.79 -24.68 -56.61
C GLN D 266 46.60 -24.98 -57.51
N GLY D 267 45.70 -24.02 -57.71
CA GLY D 267 44.58 -24.25 -58.62
C GLY D 267 45.04 -24.64 -60.01
N THR D 268 46.19 -24.10 -60.44
CA THR D 268 46.80 -24.53 -61.69
C THR D 268 46.98 -26.04 -61.73
N MET D 269 47.63 -26.59 -60.69
CA MET D 269 47.77 -28.03 -60.57
C MET D 269 46.41 -28.71 -60.66
N ILE D 270 45.43 -28.21 -59.91
CA ILE D 270 44.09 -28.77 -59.97
C ILE D 270 43.51 -28.59 -61.38
N ALA D 271 43.71 -27.40 -61.96
CA ALA D 271 43.19 -27.16 -63.32
C ALA D 271 43.90 -28.03 -64.34
N LEU D 272 45.23 -28.14 -64.24
CA LEU D 272 45.98 -29.01 -65.15
C LEU D 272 45.54 -30.46 -65.03
N ALA D 273 45.36 -30.94 -63.80
CA ALA D 273 44.92 -32.33 -63.61
C ALA D 273 43.52 -32.55 -64.16
N ALA D 274 42.64 -31.57 -63.99
CA ALA D 274 41.31 -31.68 -64.58
C ALA D 274 41.36 -31.49 -66.09
N ALA D 275 42.26 -30.63 -66.58
CA ALA D 275 42.41 -30.46 -68.02
C ALA D 275 42.95 -31.72 -68.67
N ALA D 276 43.78 -32.48 -67.96
CA ALA D 276 44.23 -33.76 -68.48
C ALA D 276 43.11 -34.78 -68.58
N ILE D 277 42.00 -34.55 -67.87
CA ILE D 277 40.83 -35.42 -67.93
C ILE D 277 39.89 -34.90 -69.01
N GLU D 278 39.39 -33.68 -68.82
CA GLU D 278 38.54 -33.00 -69.80
C GLU D 278 39.08 -31.58 -69.97
N ALA D 279 39.85 -31.38 -71.02
CA ALA D 279 40.53 -30.10 -71.21
C ALA D 279 39.51 -29.01 -71.52
N PRO D 280 39.60 -27.84 -70.89
CA PRO D 280 38.71 -26.73 -71.22
C PRO D 280 39.11 -26.12 -72.56
N ASP D 281 38.25 -25.22 -73.05
CA ASP D 281 38.50 -24.56 -74.32
C ASP D 281 39.63 -23.55 -74.23
N ALA D 282 40.07 -23.17 -73.02
CA ALA D 282 41.26 -22.38 -72.81
C ALA D 282 41.61 -22.42 -71.33
N LEU D 283 42.90 -22.32 -71.03
CA LEU D 283 43.41 -22.48 -69.68
C LEU D 283 44.35 -21.34 -69.35
N PHE D 284 44.11 -20.70 -68.20
CA PHE D 284 45.01 -19.70 -67.64
C PHE D 284 45.56 -20.23 -66.32
N VAL D 285 46.86 -20.09 -66.12
CA VAL D 285 47.53 -20.58 -64.92
C VAL D 285 48.31 -19.43 -64.29
N MET D 286 47.86 -18.97 -63.13
CA MET D 286 48.53 -17.90 -62.40
C MET D 286 49.41 -18.48 -61.32
N ASN D 287 50.65 -17.98 -61.24
CA ASN D 287 51.55 -18.25 -60.13
C ASN D 287 51.67 -19.74 -59.87
N SER D 288 51.85 -20.50 -60.95
CA SER D 288 51.82 -21.96 -60.84
C SER D 288 53.07 -22.46 -60.10
N PRO D 289 52.92 -23.48 -59.25
CA PRO D 289 54.08 -24.13 -58.66
C PRO D 289 54.71 -25.23 -59.51
N TYR D 290 54.16 -25.49 -60.69
CA TYR D 290 54.67 -26.51 -61.60
C TYR D 290 56.07 -26.16 -62.08
N ALA D 291 57.09 -26.83 -61.55
CA ALA D 291 58.47 -26.57 -61.92
C ALA D 291 58.98 -27.70 -62.82
N LEU D 292 59.70 -27.33 -63.87
CA LEU D 292 60.23 -28.30 -64.82
C LEU D 292 61.51 -28.96 -64.33
N GLU D 293 62.00 -28.61 -63.15
CA GLU D 293 63.22 -29.18 -62.59
C GLU D 293 62.89 -29.90 -61.30
N ASN D 294 63.89 -30.58 -60.75
CA ASN D 294 63.78 -31.28 -59.48
C ASN D 294 64.84 -30.68 -58.55
N GLU D 295 64.44 -29.64 -57.82
CA GLU D 295 65.37 -28.93 -56.96
C GLU D 295 65.82 -29.83 -55.81
N PRO D 296 66.98 -29.55 -55.21
CA PRO D 296 67.46 -30.38 -54.10
C PRO D 296 66.44 -30.53 -52.97
N THR D 297 65.66 -29.49 -52.68
CA THR D 297 64.60 -29.62 -51.70
C THR D 297 63.54 -30.62 -52.17
N THR D 298 63.21 -30.59 -53.46
CA THR D 298 62.29 -31.58 -54.02
C THR D 298 62.87 -32.98 -53.90
N TYR D 299 64.19 -33.13 -54.09
CA TYR D 299 64.83 -34.43 -53.96
C TYR D 299 64.73 -34.95 -52.52
N ILE D 300 64.98 -34.07 -51.53
CA ILE D 300 65.08 -34.50 -50.14
C ILE D 300 63.75 -34.54 -49.42
N SER D 301 62.67 -34.08 -50.04
CA SER D 301 61.37 -34.01 -49.38
C SER D 301 60.36 -35.02 -49.93
N TYR D 302 60.24 -35.11 -51.25
CA TYR D 302 59.21 -35.95 -51.84
C TYR D 302 59.64 -37.40 -51.85
N PRO D 303 58.69 -38.33 -51.86
CA PRO D 303 59.03 -39.75 -52.01
C PRO D 303 59.66 -40.04 -53.37
N ILE D 304 60.36 -41.18 -53.43
CA ILE D 304 61.01 -41.59 -54.68
C ILE D 304 59.97 -41.78 -55.77
N LYS D 305 58.79 -42.29 -55.40
CA LYS D 305 57.72 -42.52 -56.37
C LYS D 305 57.28 -41.23 -57.06
N GLU D 306 57.50 -40.08 -56.44
CA GLU D 306 56.98 -38.80 -56.93
C GLU D 306 58.10 -37.78 -57.09
N ILE D 307 59.18 -38.18 -57.76
CA ILE D 307 60.24 -37.27 -58.19
C ILE D 307 60.33 -37.41 -59.70
N ILE D 308 59.58 -36.59 -60.41
CA ILE D 308 59.38 -36.76 -61.85
C ILE D 308 60.58 -36.20 -62.60
N SER D 309 60.98 -36.89 -63.67
CA SER D 309 62.07 -36.43 -64.50
C SER D 309 61.68 -35.15 -65.24
N ARG D 310 62.69 -34.31 -65.50
CA ARG D 310 62.43 -33.05 -66.19
C ARG D 310 61.80 -33.28 -67.55
N LYS D 311 62.24 -34.33 -68.26
CA LYS D 311 61.67 -34.64 -69.56
C LYS D 311 60.19 -35.01 -69.43
N ALA D 312 59.84 -35.80 -68.41
CA ALA D 312 58.44 -36.17 -68.22
C ALA D 312 57.59 -34.98 -67.82
N ARG D 313 58.15 -34.07 -67.04
CA ARG D 313 57.40 -32.88 -66.65
C ARG D 313 57.09 -32.00 -67.85
N SER D 314 58.10 -31.68 -68.65
CA SER D 314 57.88 -30.90 -69.86
C SER D 314 56.91 -31.60 -70.80
N ALA D 315 57.09 -32.91 -70.99
CA ALA D 315 56.18 -33.67 -71.85
C ALA D 315 54.75 -33.63 -71.32
N THR D 316 54.61 -33.74 -70.00
CA THR D 316 53.30 -33.63 -69.37
C THR D 316 52.65 -32.31 -69.77
N PHE D 317 53.21 -31.20 -69.26
CA PHE D 317 52.66 -29.87 -69.52
C PHE D 317 52.33 -29.68 -71.00
N ALA D 318 53.18 -30.19 -71.89
CA ALA D 318 52.94 -30.03 -73.31
C ALA D 318 51.68 -30.75 -73.75
N ASP D 319 51.42 -31.93 -73.16
CA ASP D 319 50.25 -32.71 -73.56
C ASP D 319 48.95 -32.08 -73.07
N ILE D 320 48.94 -31.50 -71.86
CA ILE D 320 47.75 -30.76 -71.44
C ILE D 320 47.50 -29.58 -72.37
N VAL D 321 48.57 -28.87 -72.75
CA VAL D 321 48.40 -27.74 -73.67
C VAL D 321 47.84 -28.22 -75.00
N LYS D 322 48.33 -29.35 -75.50
CA LYS D 322 47.80 -29.90 -76.75
C LYS D 322 46.35 -30.34 -76.58
N LYS D 323 46.02 -30.97 -75.45
CA LYS D 323 44.64 -31.41 -75.24
C LYS D 323 43.69 -30.22 -75.14
N VAL D 324 44.14 -29.12 -74.53
CA VAL D 324 43.35 -27.89 -74.56
C VAL D 324 43.30 -27.33 -75.97
N ALA D 325 44.42 -27.37 -76.70
CA ALA D 325 44.45 -26.91 -78.07
C ALA D 325 43.53 -27.71 -78.99
N GLU D 326 43.21 -28.96 -78.63
CA GLU D 326 42.25 -29.73 -79.40
C GLU D 326 40.91 -29.00 -79.50
N ASN D 327 40.50 -28.31 -78.44
CA ASN D 327 39.18 -27.68 -78.42
C ASN D 327 39.03 -26.55 -79.42
N LYS D 328 40.11 -26.13 -80.08
CA LYS D 328 40.04 -25.09 -81.09
C LYS D 328 39.37 -25.54 -82.39
N THR D 329 38.84 -26.76 -82.47
CA THR D 329 38.17 -27.25 -83.67
C THR D 329 36.80 -26.59 -83.88
N ARG D 330 36.73 -25.29 -83.65
CA ARG D 330 35.50 -24.51 -83.85
C ARG D 330 34.34 -25.03 -82.99
N LEU D 331 34.67 -25.57 -81.82
CA LEU D 331 33.68 -26.07 -80.86
C LEU D 331 32.73 -27.08 -81.50
N ASN D 348 23.69 -13.83 -80.06
CA ASN D 348 23.38 -14.16 -81.45
C ASN D 348 24.62 -14.69 -82.16
N SER D 349 25.60 -13.83 -82.39
CA SER D 349 26.86 -14.20 -83.03
C SER D 349 27.82 -13.04 -82.86
N TRP D 350 29.04 -13.21 -83.36
CA TRP D 350 30.05 -12.17 -83.21
C TRP D 350 31.16 -12.38 -84.22
N ILE D 351 31.60 -11.28 -84.84
CA ILE D 351 32.67 -11.28 -85.83
C ILE D 351 34.03 -11.44 -85.17
N PRO D 352 34.80 -12.46 -85.53
CA PRO D 352 36.20 -12.54 -85.07
C PRO D 352 37.19 -11.85 -85.99
N GLU D 353 36.73 -11.30 -87.12
CA GLU D 353 37.60 -10.62 -88.06
C GLU D 353 37.57 -9.10 -87.91
N GLY D 354 36.76 -8.58 -86.98
CA GLY D 354 36.76 -7.15 -86.74
C GLY D 354 37.88 -6.72 -85.82
N LYS D 355 38.18 -5.42 -85.86
CA LYS D 355 39.28 -4.84 -85.12
C LYS D 355 38.75 -3.93 -84.02
N THR D 356 39.37 -4.02 -82.84
CA THR D 356 39.07 -3.08 -81.77
C THR D 356 39.52 -1.69 -82.16
N HIS D 357 38.71 -0.67 -81.80
CA HIS D 357 38.93 0.70 -82.25
C HIS D 357 40.34 1.21 -81.97
N ASN D 358 41.08 0.56 -81.06
CA ASN D 358 42.48 0.90 -80.82
C ASN D 358 43.42 0.23 -81.81
N GLY D 359 42.93 -0.15 -82.99
CA GLY D 359 43.77 -0.65 -84.05
C GLY D 359 44.27 -2.07 -83.89
N LEU D 360 43.69 -2.85 -82.98
CA LEU D 360 44.08 -4.23 -82.85
C LEU D 360 42.93 -5.15 -83.24
N PRO D 361 43.20 -6.27 -83.89
CA PRO D 361 42.12 -7.17 -84.32
C PRO D 361 41.70 -8.14 -83.23
N GLU D 362 40.40 -8.42 -83.19
CA GLU D 362 39.87 -9.40 -82.25
C GLU D 362 40.41 -10.78 -82.57
N ARG D 363 40.97 -11.45 -81.57
CA ARG D 363 41.59 -12.75 -81.74
C ARG D 363 40.71 -13.82 -81.12
N ASP D 364 40.42 -14.86 -81.90
CA ASP D 364 39.63 -16.00 -81.43
C ASP D 364 40.54 -16.88 -80.58
N ASN D 365 40.44 -16.77 -79.27
CA ASN D 365 41.39 -17.39 -78.35
C ASN D 365 41.03 -18.83 -77.98
N HIS D 366 40.39 -19.58 -78.89
CA HIS D 366 40.11 -20.98 -78.60
C HIS D 366 41.38 -21.78 -78.41
N GLY D 367 41.32 -22.76 -77.50
CA GLY D 367 42.40 -23.71 -77.32
C GLY D 367 43.73 -23.09 -76.94
N THR D 368 43.71 -22.05 -76.11
CA THR D 368 44.91 -21.33 -75.74
C THR D 368 45.24 -21.55 -74.28
N THR D 369 46.52 -21.76 -73.99
CA THR D 369 47.01 -21.93 -72.63
C THR D 369 47.92 -20.76 -72.29
N TRP D 370 47.65 -20.11 -71.16
CA TRP D 370 48.34 -18.89 -70.77
C TRP D 370 49.00 -19.07 -69.42
N ILE D 371 50.30 -18.78 -69.34
CA ILE D 371 51.06 -18.83 -68.10
C ILE D 371 51.30 -17.40 -67.66
N TYR D 372 50.69 -17.00 -66.54
CA TYR D 372 50.91 -15.70 -65.94
C TYR D 372 51.86 -15.87 -64.76
N CYS D 373 52.88 -15.02 -64.70
CA CYS D 373 53.88 -15.11 -63.64
C CYS D 373 54.12 -13.75 -63.01
N ASN D 374 54.63 -13.78 -61.78
CA ASN D 374 54.91 -12.57 -61.00
C ASN D 374 56.32 -12.70 -60.44
N PRO D 375 57.27 -11.88 -60.90
CA PRO D 375 58.66 -12.04 -60.44
C PRO D 375 58.89 -11.64 -58.99
N HIS D 376 57.85 -11.25 -58.25
CA HIS D 376 57.96 -10.90 -56.85
C HIS D 376 57.24 -11.89 -55.94
N ASP D 377 56.88 -13.06 -56.46
CA ASP D 377 56.17 -14.07 -55.68
C ASP D 377 57.15 -14.73 -54.73
N ARG D 378 57.16 -14.29 -53.48
CA ARG D 378 58.11 -14.82 -52.50
C ARG D 378 57.81 -16.28 -52.16
N VAL D 379 56.55 -16.69 -52.30
CA VAL D 379 56.23 -18.11 -52.13
C VAL D 379 56.73 -18.91 -53.32
N MET D 380 56.58 -18.36 -54.52
CA MET D 380 56.67 -19.15 -55.74
C MET D 380 58.04 -19.05 -56.42
N GLY D 381 58.87 -18.10 -56.00
CA GLY D 381 60.20 -17.96 -56.56
C GLY D 381 61.28 -18.38 -55.58
N SER D 382 60.87 -18.84 -54.41
CA SER D 382 61.83 -19.31 -53.42
C SER D 382 62.56 -20.55 -53.93
N SER D 383 63.80 -20.72 -53.45
CA SER D 383 64.71 -21.77 -53.90
C SER D 383 64.10 -23.17 -53.92
N PRO D 384 63.17 -23.52 -53.02
CA PRO D 384 62.51 -24.84 -53.15
C PRO D 384 61.63 -24.95 -54.38
N LEU D 385 60.97 -23.86 -54.79
CA LEU D 385 60.11 -23.92 -55.97
C LEU D 385 60.80 -23.36 -57.20
N ARG D 386 60.94 -22.05 -57.28
CA ARG D 386 61.44 -21.36 -58.47
C ARG D 386 60.73 -21.89 -59.72
N SER D 387 59.40 -21.86 -59.67
CA SER D 387 58.57 -22.52 -60.66
C SER D 387 58.14 -21.55 -61.75
N ILE D 388 57.31 -22.05 -62.67
CA ILE D 388 56.88 -21.27 -63.83
C ILE D 388 55.98 -20.10 -63.42
N GLY D 389 55.43 -20.12 -62.21
CA GLY D 389 54.68 -18.98 -61.74
C GLY D 389 55.53 -17.77 -61.37
N TRP D 390 56.86 -17.92 -61.39
CA TRP D 390 57.77 -16.84 -61.05
C TRP D 390 58.68 -16.48 -62.21
N GLN D 391 59.44 -17.44 -62.74
CA GLN D 391 60.35 -17.19 -63.84
C GLN D 391 59.77 -17.56 -65.19
N GLY D 392 58.48 -17.89 -65.25
CA GLY D 392 57.83 -18.22 -66.51
C GLY D 392 58.56 -19.31 -67.25
N LEU D 393 58.70 -19.11 -68.56
CA LEU D 393 59.50 -19.98 -69.43
C LEU D 393 60.75 -19.21 -69.84
N PRO D 394 61.81 -19.23 -69.04
CA PRO D 394 62.98 -18.40 -69.33
C PRO D 394 63.69 -18.83 -70.60
N ASP D 395 64.42 -17.88 -71.18
CA ASP D 395 65.16 -18.14 -72.40
C ASP D 395 66.42 -18.95 -72.08
N THR D 396 67.05 -19.48 -73.13
CA THR D 396 68.22 -20.32 -72.97
C THR D 396 69.42 -19.50 -72.54
N LYS D 397 70.57 -20.17 -72.44
CA LYS D 397 71.82 -19.50 -72.09
C LYS D 397 72.44 -18.75 -73.25
N ASP D 398 71.90 -18.90 -74.46
CA ASP D 398 72.41 -18.19 -75.64
C ASP D 398 71.33 -17.34 -76.31
N GLY D 399 70.18 -17.16 -75.66
CA GLY D 399 69.16 -16.25 -76.13
C GLY D 399 67.96 -16.91 -76.79
N THR D 400 68.07 -18.18 -77.17
CA THR D 400 66.97 -18.87 -77.81
C THR D 400 65.80 -19.02 -76.83
N PRO D 401 64.54 -18.92 -77.30
CA PRO D 401 63.40 -19.16 -76.41
C PRO D 401 63.39 -20.54 -75.77
N HIS D 402 62.40 -20.78 -74.91
CA HIS D 402 62.33 -22.03 -74.16
C HIS D 402 61.89 -23.18 -75.06
N THR D 403 62.34 -24.38 -74.70
CA THR D 403 62.00 -25.57 -75.48
C THR D 403 60.52 -25.91 -75.38
N LEU D 404 59.87 -25.51 -74.29
CA LEU D 404 58.45 -25.84 -74.11
C LEU D 404 57.57 -25.12 -75.13
N PHE D 405 58.03 -24.00 -75.69
CA PHE D 405 57.26 -23.33 -76.74
C PHE D 405 57.10 -24.23 -77.95
N LYS D 406 58.20 -24.84 -78.40
CA LYS D 406 58.12 -25.77 -79.52
C LYS D 406 57.46 -27.07 -79.13
N GLN D 407 57.54 -27.44 -77.85
CA GLN D 407 56.91 -28.68 -77.38
C GLN D 407 55.40 -28.56 -77.38
N ALA D 408 54.88 -27.56 -76.68
CA ALA D 408 53.43 -27.41 -76.57
C ALA D 408 52.83 -26.84 -77.85
N GLY D 409 53.56 -25.99 -78.56
CA GLY D 409 53.10 -25.50 -79.84
C GLY D 409 52.81 -24.02 -79.89
N ASP D 410 51.88 -23.63 -80.76
CA ASP D 410 51.54 -22.23 -80.99
C ASP D 410 50.36 -21.76 -80.15
N THR D 411 49.93 -22.56 -79.18
CA THR D 411 48.80 -22.20 -78.33
C THR D 411 49.21 -21.95 -76.88
N LEU D 412 50.50 -21.85 -76.60
CA LEU D 412 51.02 -21.51 -75.28
C LEU D 412 51.58 -20.10 -75.29
N TYR D 413 51.17 -19.29 -74.33
CA TYR D 413 51.62 -17.91 -74.22
C TYR D 413 52.02 -17.61 -72.79
N VAL D 414 52.92 -16.64 -72.64
CA VAL D 414 53.50 -16.28 -71.35
C VAL D 414 53.35 -14.78 -71.16
N ARG D 415 52.92 -14.39 -69.96
CA ARG D 415 52.82 -12.98 -69.59
C ARG D 415 53.41 -12.78 -68.20
N ILE D 416 54.20 -11.73 -68.05
CA ILE D 416 54.84 -11.39 -66.78
C ILE D 416 54.34 -10.03 -66.32
N LEU D 417 53.93 -9.94 -65.06
CA LEU D 417 53.43 -8.72 -64.45
C LEU D 417 54.34 -8.38 -63.29
N GLY D 418 55.33 -7.51 -63.54
CA GLY D 418 56.30 -7.15 -62.54
C GLY D 418 56.54 -5.65 -62.50
N ARG D 419 57.35 -5.24 -61.53
CA ARG D 419 57.71 -3.84 -61.39
C ARG D 419 58.56 -3.40 -62.58
N ASN D 420 58.22 -2.24 -63.15
CA ASN D 420 58.96 -1.66 -64.26
C ASN D 420 59.04 -2.60 -65.47
N THR D 421 57.99 -3.40 -65.66
CA THR D 421 57.91 -4.31 -66.81
C THR D 421 56.53 -4.13 -67.44
N PRO D 422 56.44 -3.72 -68.71
CA PRO D 422 55.13 -3.55 -69.32
C PRO D 422 54.38 -4.86 -69.42
N CYS D 423 53.06 -4.76 -69.50
CA CYS D 423 52.19 -5.91 -69.66
C CYS D 423 51.20 -5.63 -70.78
N GLY D 424 51.11 -6.54 -71.74
CA GLY D 424 50.26 -6.35 -72.90
C GLY D 424 50.90 -5.60 -74.04
N GLY D 425 52.20 -5.33 -73.98
CA GLY D 425 52.87 -4.61 -75.04
C GLY D 425 53.22 -5.52 -76.20
N THR D 426 53.88 -4.92 -77.19
CA THR D 426 54.37 -5.66 -78.34
C THR D 426 55.25 -6.82 -77.87
N PRO D 427 55.02 -8.04 -78.35
CA PRO D 427 55.79 -9.20 -77.88
C PRO D 427 57.30 -8.99 -77.95
N THR D 428 57.96 -9.04 -76.80
CA THR D 428 59.41 -8.92 -76.71
C THR D 428 60.01 -10.32 -76.51
N ALA D 429 61.01 -10.66 -77.32
CA ALA D 429 61.53 -12.01 -77.35
C ALA D 429 62.46 -12.31 -76.19
N GLN D 430 63.17 -11.30 -75.68
CA GLN D 430 64.10 -11.49 -74.57
C GLN D 430 63.91 -10.39 -73.54
N THR D 431 62.69 -10.27 -73.03
CA THR D 431 62.41 -9.27 -72.02
C THR D 431 63.22 -9.55 -70.77
N HIS D 432 63.52 -8.49 -70.03
CA HIS D 432 64.43 -8.57 -68.90
C HIS D 432 63.78 -9.26 -67.70
N PHE D 433 64.60 -9.98 -66.95
CA PHE D 433 64.15 -10.65 -65.73
C PHE D 433 65.08 -10.39 -64.57
N SER D 434 66.36 -10.75 -64.73
CA SER D 434 67.31 -10.67 -63.62
C SER D 434 67.43 -9.24 -63.10
N ASN D 435 67.39 -8.26 -63.99
CA ASN D 435 67.51 -6.86 -63.60
C ASN D 435 66.32 -6.10 -64.18
N LEU D 436 65.49 -5.54 -63.30
CA LEU D 436 64.29 -4.83 -63.72
C LEU D 436 64.56 -3.42 -64.20
N GLY D 437 65.80 -2.95 -64.11
CA GLY D 437 66.15 -1.66 -64.68
C GLY D 437 65.63 -0.45 -63.95
N ASP D 438 65.64 -0.48 -62.61
CA ASP D 438 65.26 0.68 -61.83
C ASP D 438 66.20 0.90 -60.65
N GLY D 439 67.39 0.30 -60.67
CA GLY D 439 68.35 0.46 -59.61
C GLY D 439 68.07 -0.42 -58.41
N LYS D 440 66.79 -0.53 -58.05
CA LYS D 440 66.41 -1.31 -56.89
C LYS D 440 66.70 -2.79 -57.12
N PRO D 441 67.12 -3.52 -56.10
CA PRO D 441 67.45 -4.94 -56.27
C PRO D 441 66.23 -5.75 -56.69
N PHE D 442 66.50 -7.02 -57.04
CA PHE D 442 65.43 -7.90 -57.50
C PHE D 442 64.46 -8.21 -56.36
N TRP D 443 64.98 -8.72 -55.25
CA TRP D 443 64.18 -9.03 -54.09
C TRP D 443 64.16 -7.83 -53.15
N ASP D 444 62.98 -7.45 -52.69
CA ASP D 444 62.83 -6.28 -51.83
C ASP D 444 63.07 -6.65 -50.37
N SER D 445 63.92 -5.86 -49.71
CA SER D 445 64.21 -6.03 -48.29
C SER D 445 64.70 -7.44 -47.98
N THR D 446 65.54 -7.97 -48.85
CA THR D 446 66.13 -9.30 -48.67
C THR D 446 67.63 -9.10 -48.47
N THR D 447 68.03 -9.05 -47.20
CA THR D 447 69.38 -8.62 -46.83
C THR D 447 70.18 -9.70 -46.14
N THR D 448 69.61 -10.39 -45.16
CA THR D 448 70.39 -11.31 -44.34
C THR D 448 70.82 -12.53 -45.14
N LEU D 449 71.81 -13.25 -44.59
CA LEU D 449 72.30 -14.47 -45.23
C LEU D 449 71.18 -15.50 -45.37
N LEU D 450 70.36 -15.66 -44.33
CA LEU D 450 69.26 -16.62 -44.40
C LEU D 450 68.22 -16.18 -45.42
N GLN D 451 67.97 -14.87 -45.53
CA GLN D 451 67.00 -14.38 -46.48
C GLN D 451 67.42 -14.67 -47.92
N ARG D 452 68.58 -14.15 -48.33
CA ARG D 452 69.05 -14.38 -49.68
C ARG D 452 69.37 -15.85 -49.95
N ALA D 453 69.54 -16.66 -48.90
CA ALA D 453 69.62 -18.09 -49.10
C ALA D 453 68.25 -18.68 -49.42
N THR D 454 67.22 -18.22 -48.72
CA THR D 454 65.86 -18.69 -49.01
C THR D 454 65.40 -18.20 -50.38
N TRP D 455 65.54 -16.90 -50.64
CA TRP D 455 65.17 -16.29 -51.92
C TRP D 455 66.45 -15.85 -52.64
N PRO D 456 67.07 -16.73 -53.44
CA PRO D 456 68.26 -16.32 -54.17
C PRO D 456 67.90 -15.62 -55.46
N ASP D 457 68.71 -14.62 -55.81
CA ASP D 457 68.47 -13.85 -57.03
C ASP D 457 68.50 -14.77 -58.24
N PRO D 458 67.72 -14.47 -59.27
CA PRO D 458 67.79 -15.27 -60.51
C PRO D 458 69.19 -15.19 -61.11
N ASP D 459 69.49 -16.19 -61.93
CA ASP D 459 70.81 -16.26 -62.56
C ASP D 459 71.09 -15.00 -63.35
N SER D 460 72.37 -14.63 -63.42
CA SER D 460 72.76 -13.38 -64.04
C SER D 460 72.40 -13.36 -65.52
N GLY D 461 71.60 -12.38 -65.91
CA GLY D 461 71.24 -12.22 -67.30
C GLY D 461 70.06 -13.04 -67.77
N GLN D 462 69.25 -13.56 -66.84
CA GLN D 462 68.10 -14.36 -67.23
C GLN D 462 67.06 -13.48 -67.94
N THR D 463 66.41 -14.06 -68.95
CA THR D 463 65.44 -13.33 -69.75
C THR D 463 64.23 -14.21 -70.00
N LEU D 464 63.09 -13.57 -70.26
CA LEU D 464 61.85 -14.25 -70.62
C LEU D 464 61.49 -13.98 -72.07
N THR D 465 60.61 -14.81 -72.60
CA THR D 465 60.01 -14.63 -73.91
C THR D 465 58.52 -14.40 -73.73
N ILE D 466 58.03 -13.26 -74.22
CA ILE D 466 56.62 -12.92 -74.09
C ILE D 466 55.96 -13.00 -75.46
N ASN D 467 55.54 -14.20 -75.85
CA ASN D 467 54.87 -14.40 -77.13
C ASN D 467 53.39 -14.02 -77.09
N ALA D 468 52.90 -13.55 -75.95
CA ALA D 468 51.51 -13.16 -75.85
C ALA D 468 51.24 -11.92 -76.70
N PRO D 469 50.01 -11.78 -77.24
CA PRO D 469 49.74 -10.67 -78.16
C PRO D 469 49.71 -9.32 -77.48
N GLN D 470 49.40 -8.29 -78.25
CA GLN D 470 49.26 -6.94 -77.72
C GLN D 470 47.81 -6.70 -77.29
N VAL D 471 47.63 -5.68 -76.46
CA VAL D 471 46.29 -5.32 -76.00
C VAL D 471 46.03 -3.85 -76.35
N PRO D 472 44.77 -3.44 -76.52
CA PRO D 472 44.50 -2.04 -76.87
C PRO D 472 45.01 -1.04 -75.84
N GLU D 473 44.87 -1.34 -74.56
CA GLU D 473 45.29 -0.46 -73.47
C GLU D 473 46.33 -1.19 -72.62
N PRO D 474 47.61 -1.13 -72.99
CA PRO D 474 48.63 -1.85 -72.23
C PRO D 474 48.89 -1.26 -70.85
N LEU D 475 49.77 -1.91 -70.09
CA LEU D 475 50.19 -1.43 -68.78
C LEU D 475 51.60 -0.87 -68.92
N THR D 476 51.73 0.45 -68.80
CA THR D 476 53.03 1.09 -68.90
C THR D 476 53.89 0.75 -67.68
N ALA D 477 55.20 0.64 -67.91
CA ALA D 477 56.12 0.38 -66.82
C ALA D 477 56.15 1.51 -65.80
N GLU D 478 55.67 2.70 -66.17
CA GLU D 478 55.52 3.79 -65.21
C GLU D 478 54.35 3.51 -64.27
N GLU D 479 53.34 2.77 -64.73
CA GLU D 479 52.24 2.37 -63.85
C GLU D 479 52.71 1.34 -62.83
N LEU D 480 53.54 0.40 -63.26
CA LEU D 480 53.95 -0.72 -62.44
C LEU D 480 55.21 -0.45 -61.64
N LYS D 481 55.74 0.77 -61.68
CA LYS D 481 56.93 1.07 -60.88
C LYS D 481 56.67 0.88 -59.39
N ASN D 482 55.40 0.95 -58.96
CA ASN D 482 54.98 0.56 -57.62
C ASN D 482 54.06 -0.65 -57.77
N PHE D 483 54.67 -1.82 -57.84
CA PHE D 483 53.97 -3.09 -57.89
C PHE D 483 54.55 -4.10 -56.91
N ASP D 484 55.87 -4.14 -56.76
CA ASP D 484 56.52 -5.01 -55.78
C ASP D 484 56.33 -4.44 -54.39
N GLN D 485 55.29 -4.90 -53.69
CA GLN D 485 54.98 -4.37 -52.37
C GLN D 485 55.99 -4.83 -51.34
N ASP D 486 56.33 -3.95 -50.41
CA ASP D 486 57.29 -4.26 -49.35
C ASP D 486 56.68 -3.96 -47.98
N TYR D 487 57.53 -3.95 -46.96
CA TYR D 487 57.07 -3.65 -45.61
C TYR D 487 56.46 -2.25 -45.55
N ALA D 488 55.26 -2.15 -44.96
CA ALA D 488 54.64 -0.84 -44.78
C ALA D 488 55.39 -0.03 -43.73
N ARG D 489 55.71 -0.65 -42.59
CA ARG D 489 56.51 0.00 -41.55
C ARG D 489 57.11 -1.14 -40.71
N ASP D 490 58.35 -1.52 -41.04
CA ASP D 490 58.99 -2.70 -40.47
C ASP D 490 59.57 -2.47 -39.08
N GLU D 491 59.11 -1.46 -38.34
CA GLU D 491 59.58 -1.23 -36.98
C GLU D 491 58.82 -2.13 -36.01
N LYS D 492 59.04 -1.93 -34.71
CA LYS D 492 58.36 -2.72 -33.70
C LYS D 492 56.94 -2.18 -33.46
N GLN D 493 56.18 -2.91 -32.65
CA GLN D 493 54.78 -2.61 -32.43
C GLN D 493 54.48 -2.46 -30.94
N SER D 494 53.33 -1.85 -30.65
CA SER D 494 52.97 -1.57 -29.27
C SER D 494 52.57 -2.84 -28.53
N GLY D 495 51.69 -3.65 -29.13
CA GLY D 495 51.26 -4.89 -28.51
C GLY D 495 49.77 -5.16 -28.66
N GLY D 496 48.96 -4.12 -28.54
CA GLY D 496 47.51 -4.29 -28.64
C GLY D 496 46.93 -3.68 -29.90
N ALA D 497 47.41 -2.49 -30.26
CA ALA D 497 46.94 -1.77 -31.44
C ALA D 497 48.11 -1.44 -32.34
N GLY D 498 47.99 -1.75 -33.62
CA GLY D 498 49.08 -1.47 -34.55
C GLY D 498 48.88 -2.18 -35.87
N TYR D 499 49.99 -2.44 -36.55
CA TYR D 499 50.00 -3.08 -37.86
C TYR D 499 50.89 -4.31 -37.79
N ALA D 500 50.34 -5.40 -37.23
CA ALA D 500 51.07 -6.65 -37.10
C ALA D 500 50.10 -7.81 -37.26
N TYR D 501 50.65 -9.02 -37.25
CA TYR D 501 49.85 -10.22 -37.53
C TYR D 501 48.66 -10.34 -36.58
N GLY D 502 48.91 -10.22 -35.27
CA GLY D 502 47.86 -10.38 -34.29
C GLY D 502 47.27 -9.10 -33.75
N GLN D 503 47.74 -7.94 -34.19
CA GLN D 503 47.28 -6.67 -33.65
C GLN D 503 45.93 -6.30 -34.26
N ILE D 504 45.47 -5.09 -33.98
CA ILE D 504 44.23 -4.55 -34.53
C ILE D 504 44.56 -3.24 -35.22
N ASN D 505 44.11 -3.10 -36.46
CA ASN D 505 44.43 -1.91 -37.25
C ASN D 505 43.78 -0.68 -36.61
N PRO D 506 44.55 0.38 -36.35
CA PRO D 506 43.98 1.56 -35.70
C PRO D 506 43.16 2.44 -36.65
N GLU D 507 43.51 2.41 -37.94
CA GLU D 507 42.79 3.22 -38.91
C GLU D 507 41.35 2.75 -39.09
N THR D 508 41.09 1.46 -38.89
CA THR D 508 39.79 0.88 -39.20
C THR D 508 39.17 0.09 -38.06
N LYS D 509 39.87 -0.11 -36.94
CA LYS D 509 39.35 -0.86 -35.79
C LYS D 509 38.93 -2.27 -36.20
N LYS D 510 39.72 -2.89 -37.06
CA LYS D 510 39.50 -4.25 -37.53
C LYS D 510 40.78 -5.06 -37.41
N PRO D 511 40.69 -6.38 -37.30
CA PRO D 511 41.90 -7.20 -37.22
C PRO D 511 42.76 -7.03 -38.46
N VAL D 512 44.08 -7.08 -38.25
CA VAL D 512 45.01 -6.88 -39.36
C VAL D 512 44.99 -8.08 -40.30
N ASP D 513 45.11 -9.28 -39.74
CA ASP D 513 45.00 -10.52 -40.50
C ASP D 513 43.81 -11.30 -39.98
N THR D 514 42.84 -11.56 -40.85
CA THR D 514 41.60 -12.18 -40.41
C THR D 514 41.71 -13.69 -40.20
N ASP D 515 42.80 -14.32 -40.64
CA ASP D 515 43.04 -15.73 -40.35
C ASP D 515 43.92 -15.93 -39.11
N TYR D 516 44.24 -14.88 -38.38
CA TYR D 516 45.10 -15.04 -37.21
C TYR D 516 44.44 -15.91 -36.16
N ARG D 517 43.12 -15.78 -36.00
CA ARG D 517 42.42 -16.55 -34.98
C ARG D 517 42.44 -18.05 -35.31
N TYR D 518 42.25 -18.40 -36.58
CA TYR D 518 42.22 -19.81 -36.96
C TYR D 518 43.59 -20.46 -36.91
N TYR D 519 44.65 -19.66 -36.93
CA TYR D 519 46.02 -20.17 -37.00
C TYR D 519 46.76 -20.15 -35.67
N ILE D 520 46.40 -19.24 -34.76
CA ILE D 520 47.18 -19.07 -33.54
C ILE D 520 47.13 -20.33 -32.67
N SER D 521 45.91 -20.81 -32.40
CA SER D 521 45.62 -21.94 -31.50
C SER D 521 46.71 -23.00 -31.51
N LEU D 522 47.11 -23.43 -32.71
CA LEU D 522 48.14 -24.45 -32.84
C LEU D 522 49.43 -24.04 -32.16
N TYR D 523 49.91 -22.82 -32.44
CA TYR D 523 51.14 -22.31 -31.85
C TYR D 523 51.07 -22.38 -30.33
N GLY D 524 52.03 -23.09 -29.72
CA GLY D 524 52.00 -23.30 -28.30
C GLY D 524 53.37 -23.46 -27.67
N TYR D 525 53.95 -24.65 -27.76
CA TYR D 525 55.28 -24.89 -27.20
C TYR D 525 56.38 -24.27 -28.05
N PHE D 526 56.03 -23.52 -29.11
CA PHE D 526 56.98 -22.82 -29.96
C PHE D 526 57.60 -21.60 -29.26
N ASP D 527 57.99 -21.72 -28.00
CA ASP D 527 58.63 -20.64 -27.25
C ASP D 527 60.13 -20.83 -27.30
N ARG D 528 60.84 -19.81 -27.79
CA ARG D 528 62.27 -19.92 -28.04
C ARG D 528 63.06 -19.40 -26.84
N LYS D 529 64.39 -19.49 -26.93
CA LYS D 529 65.27 -19.07 -25.85
C LYS D 529 65.34 -17.54 -25.78
N MET D 530 66.12 -17.03 -24.82
CA MET D 530 66.30 -15.59 -24.66
C MET D 530 67.48 -15.29 -23.75
N VAL D 531 67.20 -14.80 -22.55
CA VAL D 531 68.24 -14.44 -21.58
C VAL D 531 67.70 -14.55 -20.16
N SER D 556 63.31 -18.50 -20.97
CA SER D 556 63.20 -18.88 -22.37
C SER D 556 61.76 -18.76 -22.85
N GLN D 557 60.91 -19.68 -22.39
CA GLN D 557 59.50 -19.72 -22.78
C GLN D 557 58.81 -18.39 -22.49
N GLU D 558 58.31 -18.23 -21.26
CA GLU D 558 57.65 -17.00 -20.84
C GLU D 558 56.51 -16.60 -21.76
N GLU D 559 55.84 -17.59 -22.37
CA GLU D 559 54.75 -17.38 -23.32
C GLU D 559 55.22 -16.68 -24.59
N MET D 560 56.54 -16.44 -24.75
CA MET D 560 57.10 -15.67 -25.86
C MET D 560 56.40 -15.92 -27.19
N LEU D 561 56.17 -17.19 -27.53
CA LEU D 561 55.47 -17.54 -28.76
C LEU D 561 54.22 -16.69 -28.96
N GLU D 562 53.27 -16.76 -28.02
CA GLU D 562 52.09 -15.91 -28.09
C GLU D 562 52.45 -14.43 -28.00
N GLU D 563 53.47 -14.10 -27.20
CA GLU D 563 53.86 -12.70 -27.03
C GLU D 563 54.46 -12.11 -28.31
N VAL D 564 55.14 -12.92 -29.11
CA VAL D 564 55.75 -12.44 -30.35
C VAL D 564 54.82 -12.75 -31.52
N ARG D 565 53.52 -12.88 -31.25
CA ARG D 565 52.52 -12.91 -32.31
C ARG D 565 52.32 -11.54 -32.93
N THR D 566 53.06 -10.53 -32.49
CA THR D 566 53.09 -9.21 -33.12
C THR D 566 54.08 -9.15 -34.28
N TYR D 567 54.38 -10.29 -34.90
CA TYR D 567 55.31 -10.32 -36.02
C TYR D 567 54.78 -9.48 -37.17
N VAL D 568 55.66 -8.65 -37.75
CA VAL D 568 55.32 -7.87 -38.93
C VAL D 568 55.44 -8.80 -40.14
N GLN D 569 54.30 -9.21 -40.66
CA GLN D 569 54.29 -10.18 -41.75
C GLN D 569 54.82 -9.55 -43.03
N ARG D 570 55.62 -10.32 -43.77
CA ARG D 570 56.28 -9.82 -44.97
C ARG D 570 55.34 -9.95 -46.16
N PRO D 571 55.00 -8.84 -46.82
CA PRO D 571 54.18 -8.93 -48.04
C PRO D 571 54.75 -9.91 -49.05
N THR D 572 53.90 -10.80 -49.53
CA THR D 572 54.26 -11.79 -50.54
C THR D 572 53.39 -11.55 -51.76
N ASP D 573 53.98 -10.95 -52.79
CA ASP D 573 53.24 -10.56 -53.99
C ASP D 573 52.66 -11.78 -54.70
N HIS D 574 51.88 -12.56 -53.98
CA HIS D 574 51.32 -13.81 -54.48
C HIS D 574 49.87 -13.65 -54.94
N SER D 575 49.12 -12.76 -54.31
CA SER D 575 47.76 -12.43 -54.73
C SER D 575 47.67 -11.10 -55.45
N THR D 576 48.79 -10.37 -55.56
CA THR D 576 48.77 -9.10 -56.29
C THR D 576 48.35 -9.29 -57.73
N LEU D 577 48.81 -10.39 -58.35
CA LEU D 577 48.54 -10.60 -59.78
C LEU D 577 47.07 -10.86 -60.04
N PRO D 578 46.42 -11.84 -59.40
CA PRO D 578 45.00 -12.07 -59.70
C PRO D 578 44.08 -10.97 -59.21
N SER D 579 44.49 -10.24 -58.16
CA SER D 579 43.64 -9.20 -57.59
C SER D 579 43.80 -7.85 -58.27
N ASP D 580 44.78 -7.70 -59.16
CA ASP D 580 45.04 -6.42 -59.80
C ASP D 580 43.89 -6.07 -60.75
N GLU D 581 43.25 -4.93 -60.52
CA GLU D 581 42.18 -4.50 -61.40
C GLU D 581 42.70 -4.11 -62.77
N ARG D 582 43.91 -3.54 -62.84
CA ARG D 582 44.45 -3.11 -64.11
C ARG D 582 44.79 -4.29 -65.00
N PHE D 583 45.29 -5.38 -64.41
CA PHE D 583 45.71 -6.54 -65.20
C PHE D 583 44.51 -7.22 -65.85
N MET D 584 43.47 -7.53 -65.07
CA MET D 584 42.35 -8.29 -65.62
C MET D 584 41.49 -7.42 -66.53
N SER D 585 41.21 -6.18 -66.14
CA SER D 585 40.33 -5.34 -66.94
C SER D 585 40.96 -4.93 -68.26
N ARG D 586 42.29 -4.96 -68.36
CA ARG D 586 42.98 -4.45 -69.53
C ARG D 586 43.79 -5.49 -70.29
N VAL D 587 44.07 -6.64 -69.70
CA VAL D 587 44.89 -7.66 -70.36
C VAL D 587 44.13 -8.98 -70.47
N VAL D 588 43.76 -9.54 -69.31
CA VAL D 588 43.15 -10.86 -69.29
C VAL D 588 41.80 -10.86 -70.02
N ALA D 589 41.06 -9.76 -69.92
CA ALA D 589 39.76 -9.66 -70.58
C ALA D 589 39.90 -9.77 -72.10
N TYR D 590 41.04 -9.38 -72.64
CA TYR D 590 41.30 -9.52 -74.07
C TYR D 590 42.00 -10.83 -74.41
N ASP D 591 42.51 -11.56 -73.42
CA ASP D 591 43.10 -12.87 -73.64
C ASP D 591 42.09 -14.00 -73.51
N LEU D 592 40.89 -13.71 -72.99
CA LEU D 592 39.88 -14.74 -72.81
C LEU D 592 39.49 -15.34 -74.16
N PRO D 593 38.99 -16.59 -74.16
CA PRO D 593 38.56 -17.23 -75.41
C PRO D 593 37.09 -16.98 -75.72
N ILE D 594 36.66 -15.72 -75.60
CA ILE D 594 35.26 -15.39 -75.82
C ILE D 594 34.92 -15.55 -77.28
N GLY D 595 35.13 -16.74 -77.83
CA GLY D 595 34.69 -17.00 -79.18
C GLY D 595 33.20 -17.20 -79.20
N TYR D 596 32.46 -16.16 -78.78
CA TYR D 596 31.00 -16.10 -78.69
C TYR D 596 30.34 -17.15 -79.57
N CYS D 597 30.33 -16.90 -80.88
CA CYS D 597 29.81 -17.83 -81.87
C CYS D 597 28.51 -18.46 -81.39
N TRP D 598 27.52 -17.58 -81.17
CA TRP D 598 26.19 -17.92 -80.68
C TRP D 598 26.20 -18.19 -79.19
N HIS D 599 25.17 -17.74 -78.48
CA HIS D 599 25.09 -17.91 -77.03
C HIS D 599 23.68 -17.60 -76.56
N SER D 600 23.29 -18.22 -75.44
CA SER D 600 22.01 -18.06 -74.77
C SER D 600 22.05 -18.85 -73.47
N TRP D 601 21.33 -18.37 -72.45
CA TRP D 601 21.49 -18.98 -71.13
C TRP D 601 20.25 -18.77 -70.29
N ASP D 602 20.05 -19.68 -69.35
CA ASP D 602 18.98 -19.64 -68.35
C ASP D 602 19.57 -19.37 -66.97
N LYS D 603 18.69 -19.18 -65.99
CA LYS D 603 19.08 -18.90 -64.61
C LYS D 603 19.15 -20.13 -63.71
N ALA D 604 18.17 -21.04 -63.81
CA ALA D 604 18.13 -22.17 -62.91
C ALA D 604 19.32 -23.10 -63.11
N GLY D 605 19.58 -23.51 -64.35
CA GLY D 605 20.73 -24.36 -64.61
C GLY D 605 22.05 -23.69 -64.27
N LEU D 606 22.12 -22.37 -64.45
CA LEU D 606 23.34 -21.65 -64.08
C LEU D 606 23.58 -21.72 -62.57
N GLU D 607 22.52 -21.54 -61.78
CA GLU D 607 22.65 -21.67 -60.34
C GLU D 607 23.02 -23.08 -59.94
N GLU D 608 22.50 -24.08 -60.65
CA GLU D 608 22.84 -25.46 -60.36
C GLU D 608 24.31 -25.74 -60.67
N LEU D 609 24.83 -25.18 -61.76
CA LEU D 609 26.25 -25.31 -62.06
C LEU D 609 27.09 -24.63 -60.99
N ARG D 610 26.67 -23.46 -60.52
CA ARG D 610 27.42 -22.78 -59.47
C ARG D 610 27.39 -23.58 -58.16
N ARG D 611 26.26 -24.19 -57.83
CA ARG D 611 26.18 -24.99 -56.61
C ARG D 611 26.93 -26.31 -56.76
N GLN D 612 27.05 -26.81 -57.99
CA GLN D 612 27.88 -28.00 -58.22
C GLN D 612 29.36 -27.66 -58.09
N ALA D 613 29.77 -26.46 -58.49
CA ALA D 613 31.17 -26.07 -58.40
C ALA D 613 31.62 -25.92 -56.96
N ASP D 614 30.78 -25.30 -56.12
CA ASP D 614 31.09 -25.20 -54.70
C ASP D 614 30.97 -26.57 -54.05
N TRP D 615 31.98 -26.97 -53.29
CA TRP D 615 32.03 -28.31 -52.73
C TRP D 615 31.27 -28.44 -51.42
N LEU D 616 30.80 -27.33 -50.85
CA LEU D 616 29.94 -27.40 -49.67
C LEU D 616 28.48 -27.61 -50.02
N GLU D 617 28.15 -27.76 -51.30
CA GLU D 617 26.79 -28.01 -51.73
C GLU D 617 26.64 -29.22 -52.64
N SER D 618 27.73 -29.91 -52.98
CA SER D 618 27.62 -31.00 -53.95
C SER D 618 28.61 -32.12 -53.70
N ASP D 619 29.71 -31.83 -52.99
CA ASP D 619 30.75 -32.83 -52.78
C ASP D 619 30.42 -33.67 -51.56
N ASP D 620 30.20 -34.97 -51.78
CA ASP D 620 30.00 -35.88 -50.67
C ASP D 620 31.23 -36.00 -49.79
N TYR D 621 32.40 -35.57 -50.29
CA TYR D 621 33.59 -35.52 -49.45
C TYR D 621 33.43 -34.49 -48.33
N TYR D 622 32.55 -33.51 -48.48
CA TYR D 622 32.31 -32.55 -47.41
C TYR D 622 31.36 -33.12 -46.36
N PHE D 623 30.21 -33.64 -46.81
CA PHE D 623 29.18 -34.09 -45.86
C PHE D 623 29.65 -35.31 -45.08
N SER D 624 30.27 -36.28 -45.75
CA SER D 624 30.67 -37.53 -45.10
C SER D 624 32.16 -37.78 -45.15
N GLY D 625 32.83 -37.44 -46.25
CA GLY D 625 34.25 -37.68 -46.37
C GLY D 625 34.57 -38.80 -47.34
N LYS D 626 33.70 -39.03 -48.30
CA LYS D 626 33.85 -40.11 -49.27
C LYS D 626 34.68 -39.59 -50.45
N LEU D 627 35.98 -39.88 -50.43
CA LEU D 627 36.85 -39.50 -51.53
C LEU D 627 36.45 -40.24 -52.80
N THR D 628 36.26 -39.48 -53.87
CA THR D 628 36.04 -40.04 -55.21
C THR D 628 37.24 -39.69 -56.08
N VAL D 629 38.35 -40.37 -55.83
CA VAL D 629 39.62 -40.07 -56.48
C VAL D 629 39.57 -40.54 -57.93
N PRO D 630 39.71 -39.64 -58.90
CA PRO D 630 39.70 -40.09 -60.30
C PRO D 630 40.96 -40.87 -60.62
N PRO D 631 40.91 -41.75 -61.63
CA PRO D 631 42.13 -42.45 -62.04
C PRO D 631 43.12 -41.50 -62.68
N ILE D 632 44.38 -41.94 -62.71
CA ILE D 632 45.49 -41.12 -63.19
C ILE D 632 45.40 -40.93 -64.71
N PRO D 633 45.34 -39.69 -65.19
CA PRO D 633 45.30 -39.45 -66.64
C PRO D 633 46.52 -40.03 -67.32
N PRO D 634 46.43 -40.29 -68.64
CA PRO D 634 47.61 -40.79 -69.36
C PRO D 634 48.59 -39.70 -69.76
N ALA D 635 48.13 -38.45 -69.90
CA ALA D 635 49.03 -37.35 -70.21
C ALA D 635 49.91 -36.95 -69.03
N ILE D 636 49.60 -37.43 -67.83
CA ILE D 636 50.42 -37.18 -66.65
C ILE D 636 51.46 -38.29 -66.59
N LYS D 637 52.65 -38.00 -67.11
CA LYS D 637 53.72 -39.00 -67.11
C LYS D 637 54.25 -39.23 -65.70
N GLN D 638 54.50 -40.49 -65.37
CA GLN D 638 55.02 -40.88 -64.07
C GLN D 638 56.51 -41.24 -64.12
N ASP D 639 57.21 -40.84 -65.19
CA ASP D 639 58.61 -41.17 -65.35
C ASP D 639 59.44 -40.56 -64.22
N VAL D 640 60.32 -41.36 -63.64
CA VAL D 640 61.11 -40.97 -62.48
C VAL D 640 62.58 -40.90 -62.88
N ALA D 641 63.28 -39.89 -62.36
CA ALA D 641 64.67 -39.66 -62.71
C ALA D 641 65.60 -40.47 -61.79
N GLU D 642 66.90 -40.29 -62.00
CA GLU D 642 67.93 -40.96 -61.20
C GLU D 642 68.12 -40.18 -59.92
N ASP D 643 67.49 -40.67 -58.84
CA ASP D 643 67.29 -39.90 -57.63
C ASP D 643 67.82 -40.54 -56.36
N ALA D 644 67.88 -41.88 -56.30
CA ALA D 644 68.27 -42.55 -55.05
C ALA D 644 69.63 -42.08 -54.58
N GLU D 645 70.58 -41.91 -55.50
CA GLU D 645 71.88 -41.36 -55.12
C GLU D 645 71.75 -39.93 -54.62
N GLN D 646 70.88 -39.14 -55.24
CA GLN D 646 70.78 -37.73 -54.87
C GLN D 646 70.07 -37.54 -53.53
N ARG D 647 69.05 -38.35 -53.25
CA ARG D 647 68.33 -38.16 -51.98
C ARG D 647 69.26 -38.39 -50.79
N LYS D 648 70.00 -39.49 -50.82
CA LYS D 648 71.00 -39.72 -49.78
C LYS D 648 72.06 -38.63 -49.80
N ALA D 649 72.48 -38.21 -51.00
CA ALA D 649 73.46 -37.14 -51.10
C ALA D 649 72.94 -35.83 -50.53
N GLU D 650 71.68 -35.48 -50.83
CA GLU D 650 71.10 -34.26 -50.29
C GLU D 650 71.01 -34.33 -48.77
N GLU D 651 70.59 -35.49 -48.24
CA GLU D 651 70.54 -35.65 -46.79
C GLU D 651 71.93 -35.59 -46.18
N LYS D 652 72.93 -36.16 -46.87
CA LYS D 652 74.30 -36.11 -46.38
C LYS D 652 74.83 -34.68 -46.36
N ALA D 653 74.46 -33.88 -47.36
CA ALA D 653 74.87 -32.48 -47.38
C ALA D 653 74.26 -31.71 -46.21
N ARG D 654 73.01 -32.00 -45.87
CA ARG D 654 72.34 -31.36 -44.76
C ARG D 654 72.56 -32.14 -43.47
N ASN E 59 13.37 -3.19 79.62
CA ASN E 59 14.23 -4.36 79.42
C ASN E 59 15.66 -3.94 79.09
N VAL E 60 15.79 -2.96 78.22
CA VAL E 60 17.12 -2.52 77.79
C VAL E 60 17.82 -1.79 78.94
N PRO E 61 19.08 -2.11 79.23
CA PRO E 61 19.83 -1.34 80.22
C PRO E 61 20.18 0.03 79.65
N PRO E 62 20.48 1.00 80.51
CA PRO E 62 20.80 2.35 80.03
C PRO E 62 22.03 2.34 79.14
N PRO E 63 22.03 3.10 78.05
CA PRO E 63 23.18 3.10 77.14
C PRO E 63 24.34 3.90 77.70
N VAL E 64 25.50 3.72 77.07
CA VAL E 64 26.70 4.46 77.41
C VAL E 64 26.94 5.51 76.34
N TYR E 65 27.09 6.76 76.76
CA TYR E 65 27.29 7.86 75.84
C TYR E 65 28.79 8.11 75.62
N GLY E 66 29.12 8.57 74.42
CA GLY E 66 30.48 8.88 74.10
C GLY E 66 30.94 10.17 74.76
N PRO E 67 32.22 10.49 74.59
CA PRO E 67 32.76 11.72 75.17
C PRO E 67 32.47 12.91 74.29
N PRO E 68 32.20 14.08 74.89
CA PRO E 68 31.89 15.26 74.08
C PRO E 68 33.04 15.63 73.17
N GLN E 69 32.70 16.04 71.95
CA GLN E 69 33.69 16.36 70.92
C GLN E 69 33.23 17.58 70.14
N VAL E 70 34.20 18.37 69.68
CA VAL E 70 33.91 19.58 68.94
C VAL E 70 33.53 19.22 67.50
N ILE E 71 32.49 19.88 66.99
CA ILE E 71 32.01 19.65 65.64
C ILE E 71 32.05 20.90 64.77
N PHE E 72 32.21 22.07 65.37
CA PHE E 72 32.34 23.31 64.61
C PHE E 72 33.03 24.34 65.50
N ARG E 73 34.19 24.82 65.07
CA ARG E 73 35.00 25.74 65.88
C ARG E 73 34.81 27.15 65.34
N ILE E 74 34.03 27.95 66.07
CA ILE E 74 33.93 29.38 65.77
C ILE E 74 35.30 30.01 65.87
N ASP E 75 35.93 29.86 67.03
CA ASP E 75 37.33 30.24 67.25
C ASP E 75 37.82 29.46 68.47
N ASP E 76 38.88 29.97 69.11
CA ASP E 76 39.48 29.28 70.26
C ASP E 76 38.45 29.07 71.33
N ASN E 77 37.73 30.14 71.66
CA ASN E 77 36.93 30.23 72.87
C ASN E 77 35.50 29.82 72.62
N ARG E 78 34.98 30.09 71.43
CA ARG E 78 33.62 29.74 71.05
C ARG E 78 33.66 28.53 70.12
N TYR E 79 32.96 27.47 70.51
CA TYR E 79 32.94 26.23 69.74
C TYR E 79 31.69 25.45 70.09
N PHE E 80 31.30 24.56 69.19
CA PHE E 80 30.11 23.75 69.33
C PHE E 80 30.50 22.31 69.58
N THR E 81 29.87 21.67 70.57
CA THR E 81 30.21 20.30 70.94
C THR E 81 29.00 19.39 70.77
N LEU E 82 29.28 18.10 70.62
CA LEU E 82 28.28 17.05 70.56
C LEU E 82 28.43 16.17 71.79
N GLU E 83 27.39 16.14 72.64
CA GLU E 83 27.44 15.44 73.91
C GLU E 83 26.26 14.50 74.06
N ASN E 84 26.43 13.50 74.90
CA ASN E 84 25.38 12.53 75.24
C ASN E 84 24.84 11.86 73.97
N TYR E 85 25.75 11.19 73.26
CA TYR E 85 25.46 10.65 71.94
C TYR E 85 25.95 9.21 71.85
N THR E 86 25.16 8.39 71.15
CA THR E 86 25.59 7.02 70.83
C THR E 86 26.32 6.96 69.50
N HIS E 87 25.99 7.84 68.56
CA HIS E 87 26.70 7.95 67.30
C HIS E 87 26.61 9.38 66.80
N CYS E 88 27.33 9.66 65.70
CA CYS E 88 27.49 11.04 65.24
C CYS E 88 26.18 11.68 64.81
N GLU E 89 25.14 10.89 64.53
CA GLU E 89 23.90 11.42 63.99
C GLU E 89 22.81 11.56 65.06
N ASN E 90 23.18 11.54 66.34
CA ASN E 90 22.21 11.71 67.41
C ASN E 90 22.91 12.34 68.62
N GLY E 91 22.10 12.71 69.61
CA GLY E 91 22.62 13.34 70.82
C GLY E 91 22.17 14.77 70.98
N GLN E 92 22.93 15.55 71.76
CA GLN E 92 22.66 16.97 71.93
C GLN E 92 23.85 17.79 71.48
N THR E 93 23.57 18.97 70.94
CA THR E 93 24.58 19.91 70.48
C THR E 93 24.59 21.11 71.42
N PHE E 94 25.74 21.35 72.06
CA PHE E 94 25.90 22.42 73.03
C PHE E 94 26.77 23.53 72.45
N TYR E 95 26.47 24.77 72.87
CA TYR E 95 27.30 25.92 72.52
C TYR E 95 28.22 26.23 73.71
N ASN E 96 29.49 26.44 73.40
CA ASN E 96 30.50 26.68 74.43
C ASN E 96 31.18 28.02 74.20
N ASN E 97 31.30 28.81 75.26
CA ASN E 97 32.13 30.00 75.27
C ASN E 97 32.88 29.99 76.60
N LYS E 98 34.12 29.49 76.58
CA LYS E 98 34.88 29.34 77.82
C LYS E 98 35.20 30.68 78.46
N ALA E 99 35.27 31.76 77.67
CA ALA E 99 35.50 33.09 78.19
C ALA E 99 34.44 33.45 79.22
N LYS E 100 33.22 33.67 78.76
CA LYS E 100 32.10 33.95 79.65
C LYS E 100 31.59 32.73 80.38
N ASN E 101 32.28 31.59 80.25
CA ASN E 101 31.93 30.35 80.93
C ASN E 101 30.50 29.93 80.61
N ILE E 102 30.25 29.71 79.31
CA ILE E 102 28.93 29.40 78.78
C ILE E 102 28.94 27.98 78.23
N HIS E 103 27.94 27.20 78.63
CA HIS E 103 27.76 25.83 78.13
C HIS E 103 26.26 25.53 78.16
N VAL E 104 25.58 25.85 77.05
CA VAL E 104 24.14 25.74 76.95
C VAL E 104 23.78 24.82 75.79
N LYS E 105 22.61 24.19 75.89
CA LYS E 105 22.16 23.25 74.88
C LYS E 105 21.45 23.99 73.75
N ILE E 106 21.83 23.67 72.51
CA ILE E 106 21.26 24.31 71.34
C ILE E 106 20.30 23.36 70.63
N LEU E 107 20.80 22.19 70.25
CA LEU E 107 20.01 21.20 69.54
C LEU E 107 19.74 19.98 70.42
N ASP E 108 18.50 19.52 70.44
CA ASP E 108 18.18 18.20 70.95
C ASP E 108 18.53 17.09 69.99
N ALA E 109 19.09 17.44 68.82
CA ALA E 109 19.63 16.50 67.85
C ALA E 109 21.11 16.79 67.65
N SER E 110 21.72 16.11 66.70
CA SER E 110 23.14 16.27 66.41
C SER E 110 23.36 17.27 65.28
N GLY E 111 24.46 18.02 65.38
CA GLY E 111 24.77 19.03 64.39
C GLY E 111 25.50 18.51 63.16
N TYR E 112 26.09 17.32 63.24
CA TYR E 112 26.80 16.75 62.10
C TYR E 112 25.86 16.44 60.94
N LEU E 113 24.54 16.42 61.17
CA LEU E 113 23.60 16.17 60.10
C LEU E 113 23.57 17.32 59.10
N PHE E 114 23.91 18.53 59.53
CA PHE E 114 23.94 19.68 58.63
C PHE E 114 25.21 19.60 57.79
N LYS E 115 25.06 19.12 56.54
CA LYS E 115 26.18 19.00 55.62
C LYS E 115 26.34 20.23 54.73
N GLY E 116 25.97 21.40 55.23
CA GLY E 116 26.21 22.65 54.52
C GLY E 116 27.40 23.40 55.08
N ARG E 117 27.51 24.66 54.67
CA ARG E 117 28.58 25.53 55.12
C ARG E 117 28.04 26.56 56.11
N LEU E 118 28.76 26.76 57.20
CA LEU E 118 28.40 27.72 58.23
C LEU E 118 29.54 28.71 58.40
N PHE E 119 29.20 30.00 58.41
CA PHE E 119 30.18 31.07 58.59
C PHE E 119 29.73 31.91 59.78
N TRP E 120 30.36 31.69 60.92
CA TRP E 120 30.00 32.39 62.14
C TRP E 120 30.69 33.74 62.18
N LEU E 121 29.90 34.80 62.36
CA LEU E 121 30.44 36.16 62.35
C LEU E 121 29.92 37.04 63.47
N SER E 122 28.98 36.57 64.29
CA SER E 122 28.40 37.38 65.35
C SER E 122 29.17 37.15 66.64
N THR E 123 29.90 38.17 67.08
CA THR E 123 30.53 38.10 68.40
C THR E 123 29.50 38.10 69.52
N ARG E 124 28.24 38.36 69.23
CA ARG E 124 27.20 38.41 70.25
C ARG E 124 26.92 37.01 70.78
N ASP E 125 26.91 36.87 72.10
CA ASP E 125 26.72 35.57 72.73
C ASP E 125 25.28 35.32 73.20
N ASP E 126 24.49 36.37 73.38
CA ASP E 126 23.09 36.20 73.77
C ASP E 126 22.16 35.94 72.59
N PHE E 127 22.64 36.12 71.37
CA PHE E 127 21.90 35.74 70.16
C PHE E 127 22.63 34.57 69.51
N LEU E 128 21.94 33.45 69.36
CA LEU E 128 22.50 32.26 68.75
C LEU E 128 21.54 31.72 67.70
N ALA E 129 22.09 31.35 66.55
CA ALA E 129 21.36 30.68 65.49
C ALA E 129 22.13 29.44 65.07
N PHE E 130 21.41 28.36 64.80
CA PHE E 130 22.07 27.09 64.53
C PHE E 130 21.12 26.20 63.72
N PRO E 131 21.60 25.55 62.66
CA PRO E 131 20.69 24.87 61.73
C PRO E 131 20.21 23.53 62.29
N ALA E 132 18.94 23.48 62.66
CA ALA E 132 18.32 22.24 63.10
C ALA E 132 17.99 21.39 61.88
N THR E 133 18.60 20.21 61.79
CA THR E 133 18.46 19.35 60.63
C THR E 133 17.95 17.98 61.06
N LEU E 134 17.23 17.33 60.16
CA LEU E 134 16.55 16.07 60.44
C LEU E 134 17.27 14.92 59.75
N ASN E 135 17.62 13.90 60.52
CA ASN E 135 18.21 12.69 59.95
C ASN E 135 17.17 12.00 59.08
N THR E 136 17.59 11.58 57.88
CA THR E 136 16.67 10.94 56.96
C THR E 136 16.34 9.50 57.38
N ARG E 137 17.24 8.85 58.09
CA ARG E 137 17.05 7.46 58.47
C ARG E 137 16.52 7.32 59.90
N HIS E 138 16.20 8.42 60.56
CA HIS E 138 15.55 8.42 61.87
C HIS E 138 14.80 9.74 62.01
N ALA E 139 13.54 9.73 61.58
CA ALA E 139 12.69 10.92 61.67
C ALA E 139 11.23 10.50 61.56
N SER E 140 10.39 11.10 62.39
CA SER E 140 8.98 10.73 62.41
C SER E 140 8.27 11.13 61.13
N CYS E 141 8.62 12.29 60.57
CA CYS E 141 7.97 12.76 59.35
C CYS E 141 8.43 12.02 58.10
N MET E 142 9.42 11.13 58.22
CA MET E 142 9.91 10.41 57.04
C MET E 142 8.82 9.51 56.49
N GLY E 143 8.67 9.54 55.16
CA GLY E 143 7.63 8.77 54.53
C GLY E 143 6.23 9.25 54.79
N SER E 144 6.06 10.47 55.31
CA SER E 144 4.73 11.02 55.49
C SER E 144 4.17 11.48 54.14
N ASN E 145 2.98 12.05 54.18
CA ASN E 145 2.37 12.55 52.95
C ASN E 145 2.98 13.86 52.50
N LYS E 146 3.45 14.69 53.43
CA LYS E 146 4.15 15.92 53.08
C LYS E 146 5.65 15.70 52.99
N GLY E 147 6.25 15.18 54.06
CA GLY E 147 7.68 14.98 54.16
C GLY E 147 8.22 15.66 55.39
N CYS E 148 9.51 15.95 55.36
CA CYS E 148 10.17 16.64 56.46
C CYS E 148 10.62 18.02 56.03
N MET E 149 10.84 18.88 57.01
CA MET E 149 11.23 20.27 56.76
C MET E 149 12.19 20.71 57.85
N ASN E 150 13.40 21.07 57.47
CA ASN E 150 14.41 21.51 58.44
C ASN E 150 14.09 22.93 58.91
N ALA E 151 14.90 23.42 59.85
CA ALA E 151 14.67 24.73 60.44
C ALA E 151 15.97 25.22 61.06
N VAL E 152 15.91 26.37 61.73
CA VAL E 152 17.05 26.94 62.44
C VAL E 152 16.61 27.21 63.88
N ILE E 153 17.34 26.64 64.83
CA ILE E 153 17.11 26.97 66.23
C ILE E 153 17.64 28.37 66.49
N VAL E 154 16.77 29.24 67.01
CA VAL E 154 17.10 30.63 67.26
C VAL E 154 16.78 30.95 68.72
N THR E 155 17.75 31.53 69.42
CA THR E 155 17.54 32.03 70.78
C THR E 155 18.08 33.45 70.87
N THR E 156 17.37 34.29 71.62
CA THR E 156 17.77 35.67 71.83
C THR E 156 18.03 35.98 73.30
N ASP E 157 18.14 34.95 74.14
CA ASP E 157 18.37 35.12 75.57
C ASP E 157 19.43 34.14 76.07
N GLY E 158 20.41 33.84 75.23
CA GLY E 158 21.51 32.99 75.65
C GLY E 158 21.16 31.52 75.75
N GLY E 159 20.01 31.11 75.21
CA GLY E 159 19.62 29.72 75.22
C GLY E 159 18.58 29.35 76.25
N LYS E 160 18.21 30.28 77.15
CA LYS E 160 17.21 29.98 78.15
C LYS E 160 15.86 29.67 77.50
N ARG E 161 15.45 30.51 76.55
CA ARG E 161 14.26 30.24 75.74
C ARG E 161 14.71 30.02 74.30
N ARG E 162 14.33 28.87 73.74
CA ARG E 162 14.74 28.48 72.40
C ARG E 162 13.51 28.32 71.51
N SER E 163 13.61 28.83 70.29
CA SER E 163 12.54 28.72 69.31
C SER E 163 13.12 28.25 67.98
N GLY E 164 12.23 27.93 67.04
CA GLY E 164 12.66 27.40 65.76
C GLY E 164 12.02 28.09 64.57
N VAL E 165 12.84 28.48 63.59
CA VAL E 165 12.39 29.16 62.40
C VAL E 165 12.49 28.18 61.23
N PRO E 166 11.37 27.72 60.67
CA PRO E 166 11.44 26.79 59.54
C PRO E 166 11.97 27.47 58.28
N TYR E 167 12.65 26.67 57.46
CA TYR E 167 13.16 27.14 56.17
C TYR E 167 13.09 25.99 55.18
N GLY E 168 13.27 26.32 53.91
CA GLY E 168 13.35 25.30 52.88
C GLY E 168 12.00 24.74 52.48
N SER E 169 12.07 23.71 51.63
CA SER E 169 10.89 23.08 51.07
C SER E 169 10.63 21.73 51.74
N TYR E 170 9.59 21.03 51.26
CA TYR E 170 9.20 19.74 51.81
C TYR E 170 9.95 18.65 51.05
N THR E 171 10.96 18.06 51.69
CA THR E 171 11.81 17.06 51.07
C THR E 171 11.76 15.76 51.86
N GLN E 172 12.12 14.67 51.18
CA GLN E 172 12.28 13.37 51.81
C GLN E 172 13.73 13.05 52.13
N ASN E 173 14.63 14.02 51.94
CA ASN E 173 16.04 13.87 52.29
C ASN E 173 16.47 15.15 52.99
N PRO E 174 16.07 15.34 54.25
CA PRO E 174 16.43 16.58 54.95
C PRO E 174 17.93 16.73 55.14
N THR E 175 18.64 15.64 55.42
CA THR E 175 20.09 15.72 55.55
C THR E 175 20.74 16.03 54.21
N GLY E 176 20.27 15.41 53.14
CA GLY E 176 20.83 15.65 51.81
C GLY E 176 20.47 16.99 51.22
N ALA E 177 19.50 17.70 51.80
CA ALA E 177 19.20 19.06 51.34
C ALA E 177 20.20 20.06 51.88
N THR E 178 20.71 19.83 53.10
CA THR E 178 21.72 20.73 53.68
C THR E 178 23.01 20.73 52.89
N ARG E 179 23.27 19.69 52.09
CA ARG E 179 24.41 19.65 51.18
C ARG E 179 24.34 20.73 50.07
N ASP E 180 23.36 21.64 50.18
CA ASP E 180 23.10 22.68 49.20
C ASP E 180 22.82 24.03 49.88
N TYR E 181 23.24 24.20 51.13
CA TYR E 181 22.88 25.37 51.92
C TYR E 181 24.11 26.02 52.53
N ASP E 182 24.15 27.34 52.45
CA ASP E 182 25.17 28.15 53.12
C ASP E 182 24.49 29.08 54.10
N MET E 183 24.93 29.05 55.35
CA MET E 183 24.30 29.82 56.41
C MET E 183 25.32 30.77 57.03
N LEU E 184 25.01 32.06 57.03
CA LEU E 184 25.84 33.09 57.64
C LEU E 184 25.20 33.55 58.93
N VAL E 185 25.96 33.52 60.02
CA VAL E 185 25.46 34.04 61.28
C VAL E 185 26.05 35.42 61.55
N MET E 186 25.33 36.46 61.16
CA MET E 186 25.78 37.83 61.34
C MET E 186 25.39 38.37 62.72
N ASN E 187 25.91 39.56 63.03
CA ASN E 187 25.55 40.18 64.31
C ASN E 187 24.10 40.64 64.29
N ASP E 188 23.61 41.10 63.15
CA ASP E 188 22.23 41.58 63.03
C ASP E 188 21.22 40.47 62.81
N GLY E 189 21.66 39.24 62.56
CA GLY E 189 20.76 38.13 62.34
C GLY E 189 21.44 36.94 61.69
N PHE E 190 20.79 36.34 60.69
CA PHE E 190 21.41 35.24 59.95
C PHE E 190 20.81 35.18 58.55
N TYR E 191 21.65 34.80 57.59
CA TYR E 191 21.27 34.70 56.20
C TYR E 191 21.36 33.24 55.75
N LEU E 192 20.53 32.86 54.78
CA LEU E 192 20.53 31.52 54.22
C LEU E 192 20.67 31.57 52.70
N LEU E 193 21.37 30.59 52.14
CA LEU E 193 21.67 30.54 50.72
C LEU E 193 21.34 29.15 50.18
N ARG E 194 20.28 29.04 49.39
CA ARG E 194 19.93 27.80 48.72
C ARG E 194 20.40 27.86 47.27
N TYR E 195 21.26 26.92 46.89
CA TYR E 195 21.87 26.93 45.57
C TYR E 195 21.05 26.09 44.60
N ARG E 196 20.75 26.67 43.45
CA ARG E 196 19.93 26.02 42.44
C ARG E 196 20.80 25.45 41.33
N GLY E 197 20.16 24.69 40.44
CA GLY E 197 20.86 24.08 39.33
C GLY E 197 21.59 22.82 39.73
N GLY E 198 22.33 22.29 38.77
CA GLY E 198 23.08 21.06 38.97
C GLY E 198 24.41 21.28 39.67
N GLN E 199 25.50 21.01 38.96
CA GLN E 199 26.83 21.11 39.53
C GLN E 199 27.13 22.55 39.96
N GLY E 200 28.03 22.68 40.92
CA GLY E 200 28.45 23.99 41.40
C GLY E 200 27.45 24.67 42.29
N ARG E 201 27.92 25.61 43.11
CA ARG E 201 27.07 26.39 44.00
C ARG E 201 26.83 27.76 43.37
N PHE E 202 25.96 27.78 42.37
CA PHE E 202 25.68 28.97 41.59
C PHE E 202 24.18 29.26 41.62
N SER E 203 23.84 30.47 41.15
CA SER E 203 22.45 30.90 41.00
C SER E 203 21.63 30.69 42.27
N PRO E 204 21.95 31.37 43.36
CA PRO E 204 21.31 31.09 44.64
C PRO E 204 20.11 31.99 44.92
N VAL E 205 19.37 31.63 45.96
CA VAL E 205 18.30 32.45 46.51
C VAL E 205 18.67 32.80 47.94
N ILE E 206 18.40 34.05 48.33
CA ILE E 206 18.88 34.60 49.59
C ILE E 206 17.67 34.87 50.48
N LEU E 207 17.76 34.44 51.74
CA LEU E 207 16.76 34.75 52.76
C LEU E 207 17.45 35.30 53.99
N ARG E 208 16.94 36.43 54.50
CA ARG E 208 17.55 37.13 55.61
C ARG E 208 16.58 37.19 56.79
N TRP E 209 17.13 37.07 58.00
CA TRP E 209 16.38 37.25 59.23
C TRP E 209 17.16 38.20 60.12
N ILE E 210 16.46 39.16 60.73
CA ILE E 210 17.08 40.14 61.61
C ILE E 210 16.27 40.22 62.89
N LEU E 211 16.94 40.70 63.95
CA LEU E 211 16.34 40.72 65.28
C LEU E 211 15.18 41.71 65.34
N SER E 212 14.16 41.37 66.12
CA SER E 212 13.03 42.26 66.38
C SER E 212 12.28 41.73 67.58
N THR E 213 12.20 42.53 68.65
CA THR E 213 11.62 42.07 69.89
C THR E 213 10.12 41.86 69.81
N GLU E 214 9.46 42.40 68.77
CA GLU E 214 8.01 42.27 68.68
C GLU E 214 7.58 40.84 68.36
N ASP E 215 8.39 40.09 67.63
CA ASP E 215 8.06 38.71 67.33
C ASP E 215 8.37 37.81 68.52
N SER E 216 7.59 36.74 68.66
CA SER E 216 7.80 35.81 69.76
C SER E 216 9.14 35.10 69.63
N SER E 217 9.48 34.65 68.42
CA SER E 217 10.75 33.98 68.20
C SER E 217 11.94 34.91 68.40
N GLY E 218 11.73 36.22 68.26
CA GLY E 218 12.78 37.19 68.42
C GLY E 218 13.37 37.69 67.11
N VAL E 219 13.21 36.95 66.03
CA VAL E 219 13.72 37.33 64.72
C VAL E 219 12.54 37.52 63.78
N VAL E 220 12.82 38.16 62.64
CA VAL E 220 11.81 38.37 61.61
C VAL E 220 12.54 38.52 60.28
N ARG E 221 11.88 38.07 59.21
CA ARG E 221 12.51 38.08 57.89
C ARG E 221 12.75 39.50 57.40
N SER E 222 13.86 39.69 56.69
CA SER E 222 14.22 40.97 56.10
C SER E 222 14.17 40.83 54.58
N GLU E 223 13.22 41.51 53.96
CA GLU E 223 13.14 41.51 52.50
C GLU E 223 14.27 42.30 51.85
N ASP E 224 15.07 43.02 52.63
CA ASP E 224 16.21 43.79 52.13
C ASP E 224 17.49 42.98 52.10
N ALA E 225 17.41 41.69 51.75
CA ALA E 225 18.60 40.86 51.65
C ALA E 225 19.33 41.12 50.33
N TYR E 226 20.19 40.18 49.93
CA TYR E 226 20.97 40.29 48.70
C TYR E 226 21.86 41.53 48.68
N GLU E 227 22.20 42.07 49.86
CA GLU E 227 23.19 43.13 49.96
C GLU E 227 24.60 42.57 50.05
N LEU E 228 24.77 41.27 49.82
CA LEU E 228 26.09 40.64 49.83
C LEU E 228 26.96 41.12 48.68
N PHE E 229 26.38 41.76 47.67
CA PHE E 229 27.12 42.24 46.50
C PHE E 229 26.56 43.61 46.14
N ARG E 230 27.19 44.67 46.67
CA ARG E 230 26.85 46.07 46.41
C ARG E 230 25.37 46.32 46.65
N PRO E 231 24.98 46.78 47.84
CA PRO E 231 23.54 46.85 48.19
C PRO E 231 22.69 47.68 47.23
N GLY E 232 23.32 48.27 46.22
CA GLY E 232 22.58 48.94 45.16
C GLY E 232 22.83 48.29 43.80
N GLU E 233 22.97 46.97 43.79
CA GLU E 233 23.29 46.24 42.57
C GLU E 233 22.05 45.95 41.71
N GLU E 234 20.87 46.38 42.15
CA GLU E 234 19.63 46.14 41.42
C GLU E 234 19.43 44.65 41.17
N VAL E 235 19.01 43.91 42.20
CA VAL E 235 18.86 42.46 42.11
C VAL E 235 17.82 42.11 41.04
N PRO E 236 18.17 41.27 40.06
CA PRO E 236 17.22 40.96 38.99
C PRO E 236 16.26 39.84 39.38
N SER E 237 15.48 39.37 38.40
CA SER E 237 14.53 38.30 38.68
C SER E 237 15.24 36.97 38.89
N THR E 238 16.24 36.67 38.05
CA THR E 238 16.92 35.39 38.16
C THR E 238 17.83 35.34 39.38
N GLY E 239 18.31 36.49 39.85
CA GLY E 239 19.32 36.53 40.88
C GLY E 239 20.72 36.49 40.31
N PHE E 240 21.68 36.90 41.13
CA PHE E 240 23.07 36.90 40.71
C PHE E 240 23.50 35.46 40.45
N TYR E 241 24.11 35.20 39.30
CA TYR E 241 24.56 33.83 39.01
C TYR E 241 25.60 33.38 40.04
N LYS E 242 26.62 34.22 40.26
CA LYS E 242 27.69 33.91 41.20
C LYS E 242 27.62 34.86 42.39
N ILE E 243 27.86 34.31 43.58
CA ILE E 243 27.99 35.09 44.81
C ILE E 243 29.31 34.73 45.45
N ASP E 244 30.16 35.74 45.68
CA ASP E 244 31.47 35.52 46.29
C ASP E 244 31.36 35.65 47.79
N LEU E 245 31.70 34.58 48.51
CA LEU E 245 31.71 34.59 49.97
C LEU E 245 33.13 34.59 50.53
N SER E 246 34.13 34.88 49.70
CA SER E 246 35.52 34.78 50.12
C SER E 246 35.81 35.71 51.29
N ARG E 247 35.15 36.87 51.33
CA ARG E 247 35.34 37.79 52.44
C ARG E 247 34.91 37.19 53.76
N PHE E 248 34.12 36.12 53.73
CA PHE E 248 33.61 35.48 54.94
C PHE E 248 34.31 34.18 55.28
N TYR E 249 35.25 33.73 54.44
CA TYR E 249 36.00 32.51 54.72
C TYR E 249 36.82 32.69 55.98
N PRO E 250 36.58 31.92 57.04
CA PRO E 250 37.30 32.14 58.29
C PRO E 250 38.76 31.72 58.18
N LYS E 251 39.55 32.18 59.16
CA LYS E 251 40.99 31.92 59.13
C LYS E 251 41.29 30.43 59.28
N ASN E 252 40.61 29.76 60.21
CA ASN E 252 40.80 28.33 60.41
C ASN E 252 40.27 27.48 59.27
N ASN E 253 39.63 28.10 58.28
CA ASN E 253 39.06 27.40 57.13
C ASN E 253 38.00 26.38 57.56
N VAL E 254 37.26 26.69 58.62
CA VAL E 254 36.18 25.82 59.08
C VAL E 254 34.90 26.21 58.33
N MET E 255 34.35 25.26 57.59
CA MET E 255 33.15 25.49 56.79
C MET E 255 32.04 24.51 57.16
N GLU E 256 32.30 23.21 57.04
CA GLU E 256 31.29 22.19 57.26
C GLU E 256 31.38 21.68 58.71
N MET E 257 30.58 20.66 59.02
CA MET E 257 30.58 20.05 60.34
C MET E 257 31.32 18.72 60.28
N GLN E 258 32.28 18.53 61.18
CA GLN E 258 33.07 17.32 61.25
C GLN E 258 32.75 16.55 62.52
N CYS E 259 32.74 15.23 62.42
CA CYS E 259 32.52 14.35 63.56
C CYS E 259 33.51 13.20 63.50
N ASP E 260 34.20 12.94 64.60
CA ASP E 260 35.18 11.85 64.68
C ASP E 260 34.45 10.59 65.10
N ARG E 261 34.23 9.69 64.14
CA ARG E 261 33.50 8.45 64.40
C ARG E 261 34.24 7.54 65.37
N THR E 262 35.56 7.68 65.49
CA THR E 262 36.34 6.77 66.31
C THR E 262 35.95 6.81 67.78
N LEU E 263 35.34 7.90 68.23
CA LEU E 263 34.94 8.04 69.62
C LEU E 263 33.56 7.45 69.92
N GLU E 264 32.87 6.94 68.90
CA GLU E 264 31.56 6.34 69.11
C GLU E 264 31.68 5.11 70.01
N PRO E 265 30.97 5.06 71.13
CA PRO E 265 31.13 3.93 72.05
C PRO E 265 30.41 2.69 71.56
N VAL E 266 31.10 1.56 71.65
CA VAL E 266 30.50 0.25 71.35
C VAL E 266 29.80 -0.26 72.61
N GLN E 267 28.53 -0.57 72.49
CA GLN E 267 27.72 -0.98 73.63
C GLN E 267 27.41 -2.47 73.52
N PRO E 268 27.98 -3.33 74.38
CA PRO E 268 27.68 -4.76 74.39
C PRO E 268 26.61 -5.13 75.42
N LEU F 58 69.70 7.94 -28.17
CA LEU F 58 68.73 7.32 -29.05
C LEU F 58 67.35 7.93 -28.86
N ASN F 59 67.08 9.02 -29.58
CA ASN F 59 65.78 9.69 -29.52
C ASN F 59 65.55 10.40 -30.84
N VAL F 60 64.54 9.95 -31.58
CA VAL F 60 64.23 10.58 -32.87
C VAL F 60 63.35 11.79 -32.62
N PRO F 61 63.69 12.96 -33.17
CA PRO F 61 62.83 14.13 -33.02
C PRO F 61 61.55 13.97 -33.80
N PRO F 62 60.40 14.30 -33.21
CA PRO F 62 59.14 14.16 -33.93
C PRO F 62 59.11 15.07 -35.14
N PRO F 63 58.34 14.71 -36.16
CA PRO F 63 58.35 15.50 -37.41
C PRO F 63 57.41 16.68 -37.36
N VAL F 64 57.36 17.43 -38.45
CA VAL F 64 56.49 18.61 -38.55
C VAL F 64 55.15 18.19 -39.14
N TYR F 65 54.08 18.79 -38.65
CA TYR F 65 52.73 18.51 -39.11
C TYR F 65 52.14 19.75 -39.75
N GLY F 66 51.31 19.54 -40.77
CA GLY F 66 50.62 20.62 -41.42
C GLY F 66 49.50 21.17 -40.56
N PRO F 67 49.06 22.39 -40.86
CA PRO F 67 47.95 22.97 -40.10
C PRO F 67 46.65 22.24 -40.40
N PRO F 68 45.77 22.10 -39.40
CA PRO F 68 44.48 21.44 -39.65
C PRO F 68 43.71 22.13 -40.76
N GLN F 69 43.13 21.33 -41.64
CA GLN F 69 42.43 21.83 -42.81
C GLN F 69 41.15 21.03 -43.02
N VAL F 70 40.15 21.70 -43.60
CA VAL F 70 38.86 21.07 -43.85
C VAL F 70 38.96 20.24 -45.12
N ILE F 71 38.65 18.95 -45.02
CA ILE F 71 38.63 18.06 -46.18
C ILE F 71 37.21 17.71 -46.62
N PHE F 72 36.21 17.98 -45.78
CA PHE F 72 34.81 17.72 -46.15
C PHE F 72 33.93 18.59 -45.28
N ARG F 73 33.16 19.47 -45.88
CA ARG F 73 32.30 20.41 -45.17
C ARG F 73 30.84 20.06 -45.45
N ILE F 74 30.12 19.68 -44.39
CA ILE F 74 28.69 19.41 -44.54
C ILE F 74 27.93 20.69 -44.85
N ASP F 75 28.21 21.75 -44.08
CA ASP F 75 27.62 23.07 -44.29
C ASP F 75 28.44 24.07 -43.49
N ASP F 76 27.92 25.29 -43.34
CA ASP F 76 28.65 26.34 -42.65
C ASP F 76 28.98 25.99 -41.20
N ASN F 77 28.43 24.90 -40.66
CA ASN F 77 28.59 24.52 -39.27
C ASN F 77 29.41 23.24 -39.10
N ARG F 78 29.00 22.16 -39.74
CA ARG F 78 29.60 20.84 -39.55
C ARG F 78 30.64 20.59 -40.63
N TYR F 79 31.83 20.16 -40.23
CA TYR F 79 32.91 19.93 -41.17
C TYR F 79 33.95 19.00 -40.56
N PHE F 80 34.68 18.31 -41.43
CA PHE F 80 35.71 17.35 -41.04
C PHE F 80 37.09 17.96 -41.31
N THR F 81 38.00 17.80 -40.36
CA THR F 81 39.33 18.40 -40.44
C THR F 81 40.41 17.34 -40.33
N LEU F 82 41.40 17.41 -41.23
CA LEU F 82 42.59 16.59 -41.14
C LEU F 82 43.64 17.31 -40.31
N GLU F 83 44.21 16.61 -39.33
CA GLU F 83 45.16 17.21 -38.40
C GLU F 83 46.33 16.27 -38.18
N ASN F 84 47.44 16.84 -37.68
CA ASN F 84 48.63 16.09 -37.31
C ASN F 84 49.11 15.19 -38.44
N TYR F 85 49.30 15.80 -39.61
CA TYR F 85 49.60 15.06 -40.83
C TYR F 85 50.91 15.55 -41.43
N THR F 86 51.60 14.64 -42.12
CA THR F 86 52.78 14.99 -42.91
C THR F 86 52.45 15.19 -44.38
N HIS F 87 51.40 14.54 -44.86
CA HIS F 87 50.85 14.78 -46.18
C HIS F 87 49.36 14.44 -46.15
N CYS F 88 48.69 14.66 -47.28
CA CYS F 88 47.24 14.50 -47.34
C CYS F 88 46.79 13.05 -47.14
N GLU F 89 47.70 12.08 -47.03
CA GLU F 89 47.35 10.67 -46.95
C GLU F 89 47.69 10.04 -45.62
N ASN F 90 47.89 10.84 -44.57
CA ASN F 90 48.06 10.31 -43.22
C ASN F 90 47.49 11.34 -42.23
N GLY F 91 47.80 11.15 -40.96
CA GLY F 91 47.26 11.99 -39.91
C GLY F 91 46.00 11.40 -39.29
N GLN F 92 45.24 12.28 -38.64
CA GLN F 92 43.95 11.91 -38.07
C GLN F 92 42.89 12.90 -38.58
N THR F 93 41.65 12.45 -38.67
CA THR F 93 40.55 13.28 -39.12
C THR F 93 39.52 13.43 -38.01
N PHE F 94 39.30 14.66 -37.57
CA PHE F 94 38.31 15.00 -36.56
C PHE F 94 37.02 15.46 -37.22
N TYR F 95 35.94 15.40 -36.44
CA TYR F 95 34.65 15.97 -36.83
C TYR F 95 34.37 17.16 -35.94
N ASN F 96 34.03 18.30 -36.55
CA ASN F 96 33.78 19.53 -35.83
C ASN F 96 32.37 20.04 -36.09
N ASN F 97 31.73 20.52 -35.03
CA ASN F 97 30.48 21.27 -35.13
C ASN F 97 30.70 22.57 -34.34
N LYS F 98 30.69 23.70 -35.03
CA LYS F 98 31.04 24.96 -34.39
C LYS F 98 30.02 25.37 -33.34
N ALA F 99 28.73 25.14 -33.62
CA ALA F 99 27.69 25.58 -32.68
C ALA F 99 27.76 24.82 -31.36
N LYS F 100 28.00 23.50 -31.42
CA LYS F 100 28.05 22.68 -30.22
C LYS F 100 29.45 22.48 -29.69
N ASN F 101 30.46 23.07 -30.33
CA ASN F 101 31.87 22.92 -29.93
C ASN F 101 32.28 21.46 -29.83
N ILE F 102 31.73 20.63 -30.70
CA ILE F 102 32.09 19.21 -30.77
C ILE F 102 33.32 19.08 -31.65
N HIS F 103 34.36 18.43 -31.12
CA HIS F 103 35.61 18.25 -31.85
C HIS F 103 36.20 16.91 -31.41
N VAL F 104 35.93 15.86 -32.19
CA VAL F 104 36.29 14.50 -31.81
C VAL F 104 36.99 13.82 -32.98
N LYS F 105 38.01 13.01 -32.65
CA LYS F 105 38.72 12.25 -33.67
C LYS F 105 37.84 11.12 -34.19
N ILE F 106 37.69 11.04 -35.50
CA ILE F 106 36.86 10.02 -36.14
C ILE F 106 37.72 8.91 -36.75
N LEU F 107 38.72 9.28 -37.54
CA LEU F 107 39.68 8.33 -38.09
C LEU F 107 41.08 8.64 -37.58
N ASP F 108 41.84 7.58 -37.32
CA ASP F 108 43.27 7.69 -37.09
C ASP F 108 44.06 7.68 -38.39
N ALA F 109 43.39 7.87 -39.52
CA ALA F 109 44.03 7.97 -40.82
C ALA F 109 43.35 9.08 -41.61
N SER F 110 43.92 9.40 -42.77
CA SER F 110 43.40 10.49 -43.58
C SER F 110 42.09 10.10 -44.26
N GLY F 111 41.11 11.00 -44.19
CA GLY F 111 39.85 10.80 -44.88
C GLY F 111 39.88 11.16 -46.35
N TYR F 112 40.95 11.84 -46.80
CA TYR F 112 41.11 12.13 -48.21
C TYR F 112 41.26 10.86 -49.04
N LEU F 113 41.59 9.73 -48.41
CA LEU F 113 41.77 8.48 -49.13
C LEU F 113 40.45 7.95 -49.68
N PHE F 114 39.35 8.21 -48.99
CA PHE F 114 38.03 7.84 -49.50
C PHE F 114 37.74 8.66 -50.75
N LYS F 115 37.51 7.96 -51.87
CA LYS F 115 37.33 8.61 -53.16
C LYS F 115 35.90 8.52 -53.67
N GLY F 116 34.95 8.16 -52.81
CA GLY F 116 33.55 8.06 -53.22
C GLY F 116 32.77 9.32 -52.93
N ARG F 117 31.47 9.25 -53.21
CA ARG F 117 30.56 10.34 -52.91
C ARG F 117 29.97 10.15 -51.52
N LEU F 118 29.86 11.25 -50.78
CA LEU F 118 29.32 11.21 -49.42
C LEU F 118 28.19 12.23 -49.30
N PHE F 119 27.06 11.77 -48.78
CA PHE F 119 25.87 12.60 -48.62
C PHE F 119 25.48 12.61 -47.15
N TRP F 120 25.71 13.72 -46.48
CA TRP F 120 25.36 13.87 -45.07
C TRP F 120 23.95 14.40 -44.95
N LEU F 121 23.05 13.60 -44.36
CA LEU F 121 21.68 14.00 -44.10
C LEU F 121 21.33 14.00 -42.62
N SER F 122 22.14 13.38 -41.77
CA SER F 122 21.81 13.26 -40.35
C SER F 122 22.12 14.56 -39.63
N THR F 123 21.11 15.09 -38.94
CA THR F 123 21.30 16.26 -38.09
C THR F 123 21.84 15.90 -36.70
N ARG F 124 22.05 14.62 -36.42
CA ARG F 124 22.48 14.18 -35.11
C ARG F 124 23.99 14.27 -34.96
N ASP F 125 24.44 14.74 -33.80
CA ASP F 125 25.85 14.80 -33.47
C ASP F 125 26.26 13.72 -32.48
N ASP F 126 25.36 12.77 -32.17
CA ASP F 126 25.66 11.64 -31.31
C ASP F 126 25.94 10.36 -32.07
N PHE F 127 25.31 10.18 -33.24
CA PHE F 127 25.57 9.04 -34.12
C PHE F 127 26.37 9.54 -35.31
N LEU F 128 27.56 8.96 -35.51
CA LEU F 128 28.44 9.37 -36.59
C LEU F 128 28.97 8.16 -37.33
N ALA F 129 28.97 8.23 -38.65
CA ALA F 129 29.50 7.17 -39.50
C ALA F 129 30.40 7.80 -40.56
N PHE F 130 31.57 7.22 -40.77
CA PHE F 130 32.55 7.79 -41.68
C PHE F 130 33.31 6.65 -42.36
N PRO F 131 33.46 6.69 -43.68
CA PRO F 131 34.15 5.59 -44.38
C PRO F 131 35.64 5.54 -44.06
N ALA F 132 36.04 4.53 -43.28
CA ALA F 132 37.45 4.32 -42.98
C ALA F 132 38.10 3.58 -44.14
N THR F 133 39.03 4.23 -44.82
CA THR F 133 39.65 3.68 -46.01
C THR F 133 41.17 3.63 -45.84
N LEU F 134 41.77 2.59 -46.43
CA LEU F 134 43.19 2.33 -46.27
C LEU F 134 43.98 2.91 -47.44
N ASN F 135 45.29 3.05 -47.23
CA ASN F 135 46.19 3.57 -48.25
C ASN F 135 46.80 2.42 -49.03
N THR F 136 46.70 2.49 -50.36
CA THR F 136 47.26 1.44 -51.20
C THR F 136 48.78 1.37 -51.07
N ARG F 137 49.42 2.53 -50.91
CA ARG F 137 50.88 2.58 -50.85
C ARG F 137 51.42 2.53 -49.43
N HIS F 138 50.55 2.45 -48.41
CA HIS F 138 51.01 2.33 -47.02
C HIS F 138 49.89 1.65 -46.23
N ALA F 139 49.93 0.32 -46.19
CA ALA F 139 48.97 -0.46 -45.42
C ALA F 139 49.58 -1.79 -45.07
N SER F 140 49.29 -2.27 -43.86
CA SER F 140 49.86 -3.55 -43.41
C SER F 140 49.38 -4.70 -44.27
N CYS F 141 48.13 -4.65 -44.72
CA CYS F 141 47.54 -5.76 -45.46
C CYS F 141 47.98 -5.81 -46.92
N MET F 142 48.63 -4.76 -47.43
CA MET F 142 49.11 -4.79 -48.81
C MET F 142 50.18 -5.86 -48.98
N GLY F 143 50.12 -6.56 -50.11
CA GLY F 143 51.02 -7.66 -50.37
C GLY F 143 50.62 -8.96 -49.72
N SER F 144 49.69 -8.96 -48.78
CA SER F 144 49.25 -10.19 -48.15
C SER F 144 48.54 -11.08 -49.16
N ASN F 145 48.52 -12.38 -48.86
CA ASN F 145 47.82 -13.33 -49.73
C ASN F 145 46.33 -13.04 -49.80
N LYS F 146 45.78 -12.33 -48.81
CA LYS F 146 44.37 -12.00 -48.82
C LYS F 146 44.10 -10.72 -49.61
N GLY F 147 44.78 -9.64 -49.23
CA GLY F 147 44.47 -8.32 -49.74
C GLY F 147 44.12 -7.38 -48.61
N CYS F 148 43.22 -6.44 -48.92
CA CYS F 148 42.80 -5.44 -47.96
C CYS F 148 41.29 -5.26 -48.02
N MET F 149 40.69 -5.04 -46.86
CA MET F 149 39.26 -4.80 -46.75
C MET F 149 39.01 -3.46 -46.09
N ASN F 150 38.01 -2.74 -46.59
CA ASN F 150 37.69 -1.41 -46.09
C ASN F 150 36.65 -1.53 -44.98
N ALA F 151 36.30 -0.40 -44.36
CA ALA F 151 35.32 -0.41 -43.28
C ALA F 151 34.76 0.98 -43.07
N VAL F 152 33.90 1.12 -42.07
CA VAL F 152 33.26 2.37 -41.70
C VAL F 152 33.37 2.53 -40.19
N ILE F 153 33.89 3.68 -39.76
CA ILE F 153 33.92 4.01 -38.34
C ILE F 153 32.53 4.47 -37.91
N VAL F 154 31.96 3.82 -36.90
CA VAL F 154 30.64 4.14 -36.41
C VAL F 154 30.72 4.36 -34.90
N THR F 155 30.10 5.43 -34.42
CA THR F 155 30.05 5.75 -33.01
C THR F 155 28.66 6.23 -32.64
N THR F 156 28.24 5.93 -31.41
CA THR F 156 26.91 6.29 -30.93
C THR F 156 26.94 7.12 -29.65
N ASP F 157 28.11 7.64 -29.27
CA ASP F 157 28.23 8.47 -28.08
C ASP F 157 29.04 9.72 -28.38
N GLY F 158 28.75 10.38 -29.50
CA GLY F 158 29.46 11.56 -29.94
C GLY F 158 30.87 11.34 -30.44
N GLY F 159 31.46 10.18 -30.18
CA GLY F 159 32.81 9.93 -30.64
C GLY F 159 33.77 9.43 -29.57
N LYS F 160 33.25 9.24 -28.36
CA LYS F 160 34.08 8.75 -27.26
C LYS F 160 34.45 7.29 -27.47
N ARG F 161 33.46 6.45 -27.76
CA ARG F 161 33.69 5.05 -28.06
C ARG F 161 33.51 4.84 -29.56
N ARG F 162 34.55 4.32 -30.21
CA ARG F 162 34.57 4.14 -31.66
C ARG F 162 34.54 2.65 -32.01
N SER F 163 33.81 2.33 -33.07
CA SER F 163 33.69 0.96 -33.55
C SER F 163 33.90 0.94 -35.06
N GLY F 164 34.20 -0.24 -35.59
CA GLY F 164 34.43 -0.40 -37.01
C GLY F 164 33.67 -1.55 -37.62
N VAL F 165 32.82 -1.25 -38.60
CA VAL F 165 32.07 -2.25 -39.33
C VAL F 165 32.68 -2.39 -40.72
N PRO F 166 33.08 -3.59 -41.13
CA PRO F 166 33.69 -3.75 -42.45
C PRO F 166 32.65 -3.73 -43.57
N TYR F 167 33.12 -3.40 -44.77
CA TYR F 167 32.29 -3.43 -45.96
C TYR F 167 33.13 -3.89 -47.14
N GLY F 168 32.45 -4.08 -48.28
CA GLY F 168 33.15 -4.34 -49.51
C GLY F 168 33.73 -5.73 -49.59
N SER F 169 34.71 -5.86 -50.48
CA SER F 169 35.34 -7.14 -50.78
C SER F 169 36.86 -7.00 -50.71
N TYR F 170 37.53 -8.12 -50.45
CA TYR F 170 38.99 -8.14 -50.38
C TYR F 170 39.59 -7.65 -51.69
N THR F 171 40.49 -6.68 -51.58
CA THR F 171 41.14 -6.11 -52.75
C THR F 171 42.58 -5.74 -52.41
N GLN F 172 43.40 -5.65 -53.45
CA GLN F 172 44.76 -5.15 -53.35
C GLN F 172 44.86 -3.67 -53.71
N ASN F 173 43.75 -2.93 -53.59
CA ASN F 173 43.74 -1.49 -53.81
C ASN F 173 42.59 -0.89 -53.01
N PRO F 174 42.81 -0.65 -51.71
CA PRO F 174 41.71 -0.13 -50.88
C PRO F 174 41.26 1.26 -51.30
N THR F 175 42.22 2.14 -51.60
CA THR F 175 41.87 3.46 -52.10
C THR F 175 41.08 3.37 -53.39
N GLY F 176 41.55 2.53 -54.33
CA GLY F 176 40.87 2.39 -55.61
C GLY F 176 39.45 1.88 -55.49
N ALA F 177 39.17 1.08 -54.46
CA ALA F 177 37.83 0.53 -54.28
C ALA F 177 36.81 1.63 -54.07
N THR F 178 37.17 2.66 -53.31
CA THR F 178 36.21 3.69 -52.91
C THR F 178 35.74 4.54 -54.10
N ARG F 179 36.46 4.51 -55.22
CA ARG F 179 36.05 5.31 -56.37
C ARG F 179 34.72 4.87 -56.94
N ASP F 180 34.24 3.68 -56.58
CA ASP F 180 32.96 3.15 -57.04
C ASP F 180 31.94 3.04 -55.91
N TYR F 181 31.97 3.99 -54.98
CA TYR F 181 31.15 3.90 -53.78
C TYR F 181 30.43 5.20 -53.49
N ASP F 182 29.18 5.09 -53.05
CA ASP F 182 28.40 6.20 -52.52
C ASP F 182 27.94 5.85 -51.12
N MET F 183 27.87 6.86 -50.26
CA MET F 183 27.50 6.67 -48.87
C MET F 183 26.46 7.70 -48.45
N LEU F 184 25.37 7.21 -47.87
CA LEU F 184 24.35 8.06 -47.26
C LEU F 184 24.49 7.94 -45.74
N VAL F 185 24.48 9.09 -45.07
CA VAL F 185 24.50 9.13 -43.60
C VAL F 185 23.20 9.79 -43.16
N MET F 186 22.24 8.97 -42.75
CA MET F 186 20.93 9.46 -42.31
C MET F 186 20.84 9.38 -40.78
N ASN F 187 19.84 10.07 -40.24
CA ASN F 187 19.65 10.07 -38.79
C ASN F 187 19.33 8.68 -38.24
N ASP F 188 18.91 7.75 -39.11
CA ASP F 188 18.54 6.41 -38.68
C ASP F 188 19.58 5.36 -39.08
N GLY F 189 20.76 5.77 -39.52
CA GLY F 189 21.79 4.84 -39.91
C GLY F 189 22.61 5.29 -41.10
N PHE F 190 23.08 4.36 -41.92
CA PHE F 190 23.87 4.73 -43.09
C PHE F 190 23.74 3.67 -44.17
N TYR F 191 23.75 4.14 -45.42
CA TYR F 191 23.53 3.31 -46.60
C TYR F 191 24.77 3.30 -47.47
N LEU F 192 25.07 2.16 -48.08
CA LEU F 192 26.18 2.02 -49.02
C LEU F 192 25.64 1.66 -50.39
N LEU F 193 25.91 2.50 -51.37
CA LEU F 193 25.63 2.19 -52.77
C LEU F 193 26.93 1.73 -53.43
N ARG F 194 26.88 0.57 -54.06
CA ARG F 194 28.08 -0.19 -54.38
C ARG F 194 28.04 -0.49 -55.87
N TYR F 195 28.84 0.23 -56.64
CA TYR F 195 28.61 0.40 -58.07
C TYR F 195 29.20 -0.73 -58.90
N ARG F 196 28.49 -1.12 -59.95
CA ARG F 196 28.93 -2.16 -60.86
C ARG F 196 28.91 -1.59 -62.28
N GLY F 197 28.93 -2.47 -63.28
CA GLY F 197 28.90 -2.06 -64.66
C GLY F 197 30.24 -1.57 -65.17
N GLY F 198 30.34 -1.44 -66.49
CA GLY F 198 31.59 -1.01 -67.09
C GLY F 198 32.03 0.37 -66.62
N GLN F 199 31.08 1.27 -66.43
CA GLN F 199 31.36 2.62 -65.96
C GLN F 199 30.06 3.28 -65.53
N GLY F 200 30.20 4.32 -64.70
CA GLY F 200 29.07 5.12 -64.30
C GLY F 200 28.34 4.55 -63.09
N ARG F 201 27.39 5.34 -62.59
CA ARG F 201 26.56 4.97 -61.44
C ARG F 201 25.46 4.03 -61.91
N PHE F 202 25.86 2.81 -62.24
CA PHE F 202 24.96 1.81 -62.80
C PHE F 202 24.88 0.59 -61.89
N SER F 203 23.74 -0.10 -61.95
CA SER F 203 23.43 -1.33 -61.23
C SER F 203 23.93 -1.32 -59.79
N PRO F 204 23.56 -0.33 -58.98
CA PRO F 204 24.13 -0.25 -57.63
C PRO F 204 23.56 -1.32 -56.72
N VAL F 205 24.38 -1.72 -55.75
CA VAL F 205 23.97 -2.65 -54.69
C VAL F 205 23.90 -1.87 -53.39
N ILE F 206 22.80 -2.00 -52.67
CA ILE F 206 22.50 -1.18 -51.51
C ILE F 206 22.62 -2.03 -50.25
N LEU F 207 23.37 -1.53 -49.27
CA LEU F 207 23.51 -2.13 -47.95
C LEU F 207 23.12 -1.08 -46.92
N ARG F 208 22.10 -1.36 -46.13
CA ARG F 208 21.57 -0.41 -45.16
C ARG F 208 21.81 -0.91 -43.74
N TRP F 209 22.45 -0.08 -42.93
CA TRP F 209 22.60 -0.31 -41.49
C TRP F 209 21.74 0.69 -40.75
N ILE F 210 21.05 0.22 -39.71
CA ILE F 210 20.22 1.09 -38.88
C ILE F 210 20.60 0.90 -37.41
N LEU F 211 20.26 1.91 -36.61
CA LEU F 211 20.64 1.91 -35.20
C LEU F 211 19.95 0.79 -34.44
N SER F 212 20.66 0.21 -33.47
CA SER F 212 20.11 -0.81 -32.61
C SER F 212 20.89 -0.80 -31.30
N THR F 213 20.16 -0.86 -30.18
CA THR F 213 20.80 -0.72 -28.87
C THR F 213 21.54 -1.98 -28.43
N GLU F 214 21.14 -3.15 -28.94
CA GLU F 214 21.66 -4.40 -28.40
C GLU F 214 23.04 -4.75 -28.94
N ASP F 215 23.38 -4.28 -30.14
CA ASP F 215 24.66 -4.64 -30.73
C ASP F 215 25.79 -3.85 -30.07
N SER F 216 27.01 -4.36 -30.24
CA SER F 216 28.18 -3.70 -29.66
C SER F 216 28.62 -2.49 -30.48
N SER F 217 28.49 -2.57 -31.81
CA SER F 217 28.87 -1.45 -32.66
C SER F 217 27.86 -0.30 -32.60
N GLY F 218 26.63 -0.58 -32.17
CA GLY F 218 25.58 0.40 -32.14
C GLY F 218 24.63 0.33 -33.33
N VAL F 219 25.03 -0.35 -34.40
CA VAL F 219 24.21 -0.48 -35.60
C VAL F 219 24.11 -1.96 -35.97
N VAL F 220 23.11 -2.27 -36.79
CA VAL F 220 22.96 -3.61 -37.34
C VAL F 220 22.35 -3.47 -38.73
N ARG F 221 22.73 -4.38 -39.62
CA ARG F 221 22.29 -4.32 -41.00
C ARG F 221 20.84 -4.77 -41.12
N SER F 222 20.01 -3.93 -41.73
CA SER F 222 18.60 -4.23 -41.96
C SER F 222 18.41 -4.64 -43.42
N GLU F 223 17.78 -5.80 -43.63
CA GLU F 223 17.52 -6.29 -44.98
C GLU F 223 16.41 -5.53 -45.67
N ASP F 224 15.85 -4.50 -45.04
CA ASP F 224 14.81 -3.67 -45.65
C ASP F 224 15.39 -2.48 -46.39
N ALA F 225 16.55 -2.67 -47.04
CA ALA F 225 17.17 -1.61 -47.80
C ALA F 225 16.40 -1.34 -49.09
N TYR F 226 17.06 -0.75 -50.08
CA TYR F 226 16.44 -0.36 -51.35
C TYR F 226 15.27 0.57 -51.15
N GLU F 227 15.21 1.26 -50.01
CA GLU F 227 14.20 2.27 -49.74
C GLU F 227 14.54 3.61 -50.40
N LEU F 228 15.50 3.62 -51.32
CA LEU F 228 15.90 4.86 -51.98
C LEU F 228 14.73 5.49 -52.72
N PHE F 229 14.07 4.72 -53.58
CA PHE F 229 12.90 5.18 -54.33
C PHE F 229 11.83 4.11 -54.25
N ARG F 230 10.64 4.51 -53.80
CA ARG F 230 9.51 3.62 -53.58
C ARG F 230 9.95 2.44 -52.70
N PRO F 231 10.03 2.63 -51.38
CA PRO F 231 10.55 1.57 -50.51
C PRO F 231 9.69 0.31 -50.48
N GLY F 232 8.61 0.28 -51.26
CA GLY F 232 7.77 -0.89 -51.36
C GLY F 232 7.70 -1.45 -52.76
N GLU F 233 8.38 -0.82 -53.71
CA GLU F 233 8.41 -1.31 -55.08
C GLU F 233 9.18 -2.61 -55.18
N GLU F 234 8.89 -3.38 -56.22
CA GLU F 234 9.51 -4.68 -56.38
C GLU F 234 11.00 -4.53 -56.70
N VAL F 235 11.82 -5.34 -56.03
CA VAL F 235 13.26 -5.32 -56.22
C VAL F 235 13.64 -6.55 -57.04
N PRO F 236 14.05 -6.39 -58.30
CA PRO F 236 14.44 -7.55 -59.10
C PRO F 236 15.73 -8.17 -58.58
N SER F 237 16.07 -9.32 -59.15
CA SER F 237 17.30 -10.01 -58.76
C SER F 237 18.54 -9.19 -59.10
N THR F 238 18.42 -8.24 -60.02
CA THR F 238 19.52 -7.33 -60.33
C THR F 238 19.44 -6.07 -59.46
N GLY F 239 18.30 -5.38 -59.50
CA GLY F 239 18.10 -4.16 -58.74
C GLY F 239 18.41 -2.88 -59.48
N PHE F 240 18.82 -2.97 -60.75
CA PHE F 240 19.20 -1.80 -61.53
C PHE F 240 17.98 -1.21 -62.21
N TYR F 241 17.63 0.02 -61.85
CA TYR F 241 16.71 0.84 -62.63
C TYR F 241 17.13 2.30 -62.57
N LYS F 242 18.45 2.52 -62.54
CA LYS F 242 19.06 3.85 -62.46
C LYS F 242 18.54 4.60 -61.24
N ILE F 243 19.02 4.15 -60.08
CA ILE F 243 18.65 4.75 -58.80
C ILE F 243 19.07 6.21 -58.81
N ASP F 244 18.09 7.12 -58.86
CA ASP F 244 18.35 8.55 -58.92
C ASP F 244 18.48 9.10 -57.51
N LEU F 245 19.64 9.66 -57.19
CA LEU F 245 19.92 10.22 -55.87
C LEU F 245 19.71 11.72 -55.83
N SER F 246 19.02 12.28 -56.84
CA SER F 246 18.89 13.73 -56.96
C SER F 246 18.29 14.37 -55.70
N ARG F 247 17.49 13.62 -54.95
CA ARG F 247 16.92 14.16 -53.73
C ARG F 247 17.99 14.40 -52.67
N PHE F 248 19.02 13.55 -52.64
CA PHE F 248 20.02 13.60 -51.58
C PHE F 248 21.26 14.41 -51.94
N TYR F 249 21.27 15.06 -53.09
CA TYR F 249 22.36 15.98 -53.41
C TYR F 249 22.34 17.15 -52.43
N PRO F 250 23.48 17.52 -51.84
CA PRO F 250 23.50 18.57 -50.83
C PRO F 250 23.39 19.95 -51.46
N LYS F 251 23.10 20.94 -50.61
CA LYS F 251 22.95 22.31 -51.08
C LYS F 251 24.29 22.92 -51.48
N ASN F 252 25.33 22.67 -50.69
CA ASN F 252 26.64 23.25 -50.94
C ASN F 252 27.41 22.55 -52.05
N ASN F 253 26.84 21.51 -52.67
CA ASN F 253 27.47 20.78 -53.76
C ASN F 253 28.83 20.22 -53.34
N VAL F 254 28.86 19.57 -52.19
CA VAL F 254 30.05 18.90 -51.69
C VAL F 254 29.84 17.39 -51.83
N MET F 255 30.74 16.74 -52.56
CA MET F 255 30.61 15.32 -52.89
C MET F 255 31.78 14.50 -52.37
N GLU F 256 32.99 14.79 -52.85
CA GLU F 256 34.17 14.02 -52.55
C GLU F 256 35.11 14.81 -51.66
N MET F 257 36.22 14.19 -51.32
CA MET F 257 37.22 14.80 -50.45
C MET F 257 38.20 15.62 -51.29
N GLN F 258 38.53 16.80 -50.80
CA GLN F 258 39.52 17.65 -51.44
C GLN F 258 40.54 18.10 -50.40
N CYS F 259 41.81 18.05 -50.78
CA CYS F 259 42.91 18.33 -49.86
C CYS F 259 43.85 19.34 -50.49
N ASP F 260 44.17 20.41 -49.75
CA ASP F 260 45.10 21.43 -50.23
C ASP F 260 46.51 20.90 -50.03
N ARG F 261 47.11 20.40 -51.11
CA ARG F 261 48.45 19.83 -51.03
C ARG F 261 49.51 20.88 -50.69
N THR F 262 49.23 22.16 -50.96
CA THR F 262 50.20 23.21 -50.67
C THR F 262 50.46 23.38 -49.18
N LEU F 263 49.57 22.86 -48.33
CA LEU F 263 49.76 22.92 -46.88
C LEU F 263 50.60 21.77 -46.36
N GLU F 264 51.05 20.86 -47.22
CA GLU F 264 51.89 19.76 -46.78
C GLU F 264 53.21 20.31 -46.24
N PRO F 265 53.58 19.97 -45.00
CA PRO F 265 54.82 20.51 -44.42
C PRO F 265 56.05 19.88 -45.06
N VAL F 266 56.84 20.72 -45.72
CA VAL F 266 58.09 20.25 -46.33
C VAL F 266 59.14 20.09 -45.24
N GLN F 267 59.97 19.06 -45.37
CA GLN F 267 60.98 18.73 -44.36
C GLN F 267 62.25 18.27 -45.06
N PRO F 268 63.16 19.20 -45.39
CA PRO F 268 64.44 18.80 -46.00
C PRO F 268 65.36 18.10 -45.02
N SER F 269 64.84 17.11 -44.30
CA SER F 269 65.64 16.34 -43.35
C SER F 269 64.87 15.06 -43.01
N GLU F 270 65.60 14.10 -42.46
CA GLU F 270 65.05 12.80 -42.10
C GLU F 270 64.36 12.12 -43.27
N VAL G 39 58.00 -14.71 10.79
CA VAL G 39 56.71 -14.17 11.16
C VAL G 39 56.67 -12.66 10.90
N GLN G 40 55.54 -12.18 10.37
CA GLN G 40 55.43 -10.79 9.97
C GLN G 40 55.20 -9.89 11.19
N PRO G 41 54.15 -10.09 11.99
CA PRO G 41 53.87 -9.16 13.09
C PRO G 41 54.36 -9.72 14.41
N PRO G 42 54.14 -9.02 15.54
CA PRO G 42 54.49 -9.61 16.85
C PRO G 42 53.33 -10.30 17.54
N LEU G 43 52.33 -9.52 17.97
CA LEU G 43 51.10 -10.02 18.60
C LEU G 43 51.34 -10.55 20.01
N GLN G 44 51.13 -9.69 21.01
CA GLN G 44 51.23 -10.08 22.41
C GLN G 44 49.95 -10.80 22.83
N LEU G 45 49.87 -11.15 24.11
CA LEU G 45 48.76 -11.98 24.57
C LEU G 45 48.16 -11.44 25.85
N PRO G 46 46.82 -11.41 25.94
CA PRO G 46 46.17 -10.94 27.18
C PRO G 46 46.26 -11.96 28.31
N GLY G 47 45.77 -13.17 28.05
CA GLY G 47 45.80 -14.24 29.02
C GLY G 47 45.36 -15.56 28.40
N LEU G 48 46.17 -16.60 28.57
CA LEU G 48 45.85 -17.90 27.98
C LEU G 48 44.51 -18.42 28.48
N ILE G 49 43.75 -19.00 27.56
CA ILE G 49 42.46 -19.61 27.87
C ILE G 49 42.53 -21.08 27.49
N ILE G 50 42.12 -21.95 28.41
CA ILE G 50 42.21 -23.39 28.22
C ILE G 50 40.79 -23.92 28.04
N PHE G 51 40.47 -24.37 26.82
CA PHE G 51 39.18 -24.97 26.54
C PHE G 51 39.17 -26.40 27.06
N VAL G 52 38.03 -26.82 27.61
CA VAL G 52 37.92 -28.15 28.22
C VAL G 52 36.57 -28.74 27.83
N HIS G 53 36.59 -29.83 27.08
CA HIS G 53 35.36 -30.41 26.54
C HIS G 53 34.64 -31.27 27.57
N GLY G 54 33.70 -32.10 27.11
CA GLY G 54 32.90 -32.94 28.00
C GLY G 54 33.11 -34.42 27.76
N VAL G 55 32.01 -35.18 27.69
CA VAL G 55 32.06 -36.62 27.47
C VAL G 55 31.82 -36.90 25.99
N ASN G 56 32.37 -38.04 25.53
CA ASN G 56 32.44 -38.47 24.14
C ASN G 56 32.54 -37.32 23.14
N SER G 57 33.24 -36.25 23.53
CA SER G 57 33.37 -35.04 22.73
C SER G 57 34.84 -34.80 22.40
N GLU G 58 35.07 -34.16 21.26
CA GLU G 58 36.41 -33.81 20.79
C GLU G 58 36.54 -32.30 20.61
N GLY G 59 35.89 -31.54 21.49
CA GLY G 59 35.93 -30.09 21.39
C GLY G 59 35.28 -29.56 20.13
N GLU G 60 34.04 -29.98 19.88
CA GLU G 60 33.34 -29.53 18.68
C GLU G 60 33.02 -28.05 18.74
N TRP G 61 32.63 -27.55 19.91
CA TRP G 61 32.35 -26.13 20.09
C TRP G 61 33.61 -25.29 20.18
N TYR G 62 34.79 -25.91 20.17
CA TYR G 62 36.04 -25.15 20.30
C TYR G 62 36.17 -24.11 19.19
N ASP G 63 35.70 -24.45 17.98
CA ASP G 63 35.91 -23.58 16.83
C ASP G 63 35.24 -22.23 17.02
N TYR G 64 33.91 -22.21 17.17
CA TYR G 64 33.24 -20.92 17.33
C TYR G 64 33.52 -20.29 18.69
N ALA G 65 33.81 -21.10 19.71
CA ALA G 65 34.22 -20.52 20.99
C ALA G 65 35.49 -19.70 20.82
N GLU G 66 36.46 -20.23 20.07
CA GLU G 66 37.69 -19.50 19.82
C GLU G 66 37.45 -18.26 18.96
N ARG G 67 36.72 -18.42 17.86
CA ARG G 67 36.56 -17.30 16.92
C ARG G 67 35.71 -16.19 17.52
N SER G 68 34.68 -16.55 18.29
CA SER G 68 33.82 -15.53 18.86
C SER G 68 34.47 -14.85 20.06
N LEU G 69 35.26 -15.58 20.83
CA LEU G 69 36.02 -14.96 21.90
C LEU G 69 37.06 -13.99 21.34
N CYS G 70 37.76 -14.39 20.28
CA CYS G 70 38.75 -13.51 19.67
C CYS G 70 38.11 -12.23 19.16
N ALA G 71 36.99 -12.36 18.43
CA ALA G 71 36.29 -11.16 17.96
C ALA G 71 35.81 -10.32 19.12
N GLY G 72 35.34 -10.96 20.20
CA GLY G 72 34.89 -10.21 21.35
C GLY G 72 35.99 -9.42 22.00
N LEU G 73 37.14 -10.05 22.22
CA LEU G 73 38.27 -9.34 22.83
C LEU G 73 38.81 -8.25 21.93
N ASN G 74 38.78 -8.46 20.60
CA ASN G 74 39.22 -7.43 19.68
C ASN G 74 38.33 -6.19 19.78
N GLN G 75 37.01 -6.39 19.79
CA GLN G 75 36.10 -5.29 20.05
C GLN G 75 36.29 -4.73 21.46
N ARG G 76 36.75 -5.57 22.38
CA ARG G 76 36.82 -5.21 23.79
C ARG G 76 38.01 -4.32 24.09
N LEU G 77 39.16 -4.62 23.48
CA LEU G 77 40.40 -3.89 23.71
C LEU G 77 40.75 -2.96 22.56
N GLY G 78 39.80 -2.70 21.66
CA GLY G 78 40.07 -1.81 20.53
C GLY G 78 41.18 -2.30 19.61
N LEU G 79 41.36 -3.61 19.51
CA LEU G 79 42.39 -4.16 18.65
C LEU G 79 41.91 -4.16 17.20
N GLU G 80 42.78 -3.69 16.31
CA GLU G 80 42.49 -3.64 14.89
C GLU G 80 43.78 -3.97 14.13
N GLY G 81 43.65 -4.11 12.82
CA GLY G 81 44.81 -4.36 12.00
C GLY G 81 45.46 -5.70 12.29
N GLU G 82 46.70 -5.83 11.80
CA GLU G 82 47.49 -7.02 12.08
C GLU G 82 47.77 -7.21 13.56
N HIS G 83 47.47 -6.21 14.38
CA HIS G 83 47.67 -6.29 15.82
C HIS G 83 46.54 -7.05 16.52
N GLY G 84 45.42 -7.27 15.83
CA GLY G 84 44.29 -7.96 16.43
C GLY G 84 44.47 -9.45 16.51
N LEU G 85 43.45 -10.11 17.04
CA LEU G 85 43.50 -11.55 17.28
C LEU G 85 42.76 -12.30 16.18
N LYS G 86 43.28 -13.49 15.86
CA LYS G 86 42.69 -14.36 14.84
C LYS G 86 42.70 -15.80 15.34
N GLU G 87 41.61 -16.50 15.09
CA GLU G 87 41.49 -17.88 15.54
C GLU G 87 42.51 -18.77 14.83
N ASN G 88 42.84 -19.89 15.48
CA ASN G 88 43.70 -20.89 14.90
C ASN G 88 42.86 -21.86 14.08
N ASN G 89 43.23 -22.05 12.81
CA ASN G 89 42.50 -22.93 11.91
C ASN G 89 43.16 -24.29 11.87
N TYR G 90 42.36 -25.35 11.99
CA TYR G 90 42.87 -26.71 12.11
C TYR G 90 42.38 -27.56 10.95
N GLU G 91 43.04 -28.68 10.75
CA GLU G 91 42.65 -29.62 9.70
C GLU G 91 41.30 -30.25 10.03
N GLY G 92 40.48 -30.43 8.99
CA GLY G 92 39.16 -31.00 9.14
C GLY G 92 39.10 -32.47 8.77
N GLY G 93 37.89 -33.02 8.88
CA GLY G 93 37.69 -34.43 8.59
C GLY G 93 37.53 -34.71 7.11
N PHE G 94 37.57 -35.99 6.78
CA PHE G 94 37.48 -36.45 5.39
C PHE G 94 36.83 -37.83 5.38
N PHE G 95 36.97 -38.52 4.25
CA PHE G 95 36.38 -39.84 4.05
C PHE G 95 37.47 -40.87 3.78
N VAL G 96 37.09 -42.14 3.86
CA VAL G 96 38.00 -43.25 3.57
C VAL G 96 37.32 -44.27 2.67
N LYS G 116 31.90 -43.01 1.31
CA LYS G 116 32.09 -44.28 2.00
C LYS G 116 31.84 -44.12 3.49
N LYS G 117 32.92 -44.01 4.27
CA LYS G 117 32.84 -43.85 5.71
C LYS G 117 33.57 -42.57 6.12
N TRP G 118 33.10 -41.96 7.20
CA TRP G 118 33.62 -40.67 7.66
C TRP G 118 34.65 -40.87 8.76
N VAL G 119 35.70 -40.04 8.74
CA VAL G 119 36.77 -40.09 9.71
C VAL G 119 37.02 -38.68 10.23
N SER G 120 37.19 -38.56 11.56
CA SER G 120 37.52 -37.27 12.15
C SER G 120 38.92 -36.84 11.75
N GLY G 121 39.07 -35.55 11.47
CA GLY G 121 40.33 -35.00 11.03
C GLY G 121 41.38 -34.98 12.12
N PRO G 122 42.65 -35.09 11.72
CA PRO G 122 43.73 -35.01 12.71
C PRO G 122 43.86 -33.61 13.27
N ARG G 123 44.37 -33.52 14.50
CA ARG G 123 44.50 -32.24 15.21
C ARG G 123 45.83 -31.61 14.83
N LYS G 124 45.87 -31.00 13.65
CA LYS G 124 47.04 -30.31 13.15
C LYS G 124 46.60 -28.99 12.53
N ILE G 125 47.35 -27.93 12.82
CA ILE G 125 47.04 -26.62 12.26
C ILE G 125 47.32 -26.64 10.77
N THR G 126 46.35 -26.19 9.98
CA THR G 126 46.47 -26.20 8.53
C THR G 126 47.52 -25.19 8.07
N LYS G 127 47.89 -25.28 6.80
CA LYS G 127 48.86 -24.36 6.22
C LYS G 127 48.31 -22.94 6.24
N GLY G 128 49.11 -22.01 6.76
CA GLY G 128 48.66 -20.64 6.87
C GLY G 128 47.52 -20.43 7.84
N GLY G 129 47.48 -21.22 8.92
CA GLY G 129 46.37 -21.16 9.86
C GLY G 129 46.74 -20.61 11.22
N ASP G 130 48.04 -20.64 11.55
CA ASP G 130 48.49 -20.15 12.85
C ASP G 130 48.18 -18.67 13.01
N GLY G 131 47.12 -18.36 13.76
CA GLY G 131 46.74 -16.99 14.04
C GLY G 131 47.01 -16.62 15.49
N ARG G 132 46.77 -15.34 15.79
CA ARG G 132 46.97 -14.81 17.14
C ARG G 132 45.75 -15.18 17.98
N SER G 133 45.90 -16.22 18.80
CA SER G 133 44.80 -16.67 19.64
C SER G 133 45.35 -17.25 20.94
N PRO G 134 44.77 -16.90 22.08
CA PRO G 134 45.24 -17.43 23.37
C PRO G 134 44.62 -18.75 23.79
N VAL G 135 43.85 -19.40 22.92
CA VAL G 135 43.10 -20.59 23.30
C VAL G 135 44.04 -21.80 23.25
N ILE G 136 44.28 -22.40 24.41
CA ILE G 136 45.00 -23.67 24.50
C ILE G 136 43.95 -24.77 24.50
N ARG G 137 43.90 -25.54 23.42
CA ARG G 137 42.89 -26.58 23.27
C ARG G 137 43.30 -27.80 24.07
N PHE G 138 42.62 -28.03 25.19
CA PHE G 138 42.88 -29.17 26.06
C PHE G 138 41.98 -30.33 25.70
N TYR G 139 42.53 -31.54 25.77
CA TYR G 139 41.78 -32.75 25.44
C TYR G 139 42.06 -33.82 26.48
N TRP G 140 41.06 -34.67 26.72
CA TRP G 140 41.19 -35.78 27.64
C TRP G 140 40.21 -36.88 27.22
N GLY G 141 40.44 -38.06 27.76
CA GLY G 141 39.57 -39.18 27.43
C GLY G 141 39.97 -40.45 28.15
N TYR G 142 39.44 -41.56 27.67
CA TYR G 142 39.70 -42.88 28.22
C TYR G 142 40.45 -43.73 27.20
N ARG G 143 41.44 -44.48 27.67
CA ARG G 143 42.24 -45.36 26.83
C ARG G 143 42.12 -46.78 27.36
N ALA G 144 41.84 -47.72 26.47
CA ALA G 144 41.67 -49.11 26.87
C ALA G 144 43.00 -49.73 27.25
N ALA G 145 43.00 -50.49 28.34
CA ALA G 145 44.18 -51.25 28.72
C ALA G 145 44.51 -52.27 27.65
N ASP G 146 45.82 -52.49 27.42
CA ASP G 146 46.26 -53.33 26.31
C ASP G 146 45.62 -54.71 26.33
N ASN G 147 45.31 -55.23 27.52
CA ASN G 147 44.67 -56.53 27.64
C ASN G 147 43.18 -56.44 27.94
N GLU G 148 42.66 -55.24 28.19
CA GLU G 148 41.26 -55.05 28.54
C GLU G 148 40.51 -54.27 27.46
N THR G 149 40.82 -54.54 26.20
CA THR G 149 40.23 -53.80 25.09
C THR G 149 38.71 -53.94 25.08
N ASP G 150 38.22 -55.14 24.75
CA ASP G 150 36.79 -55.39 24.67
C ASP G 150 36.21 -55.87 26.00
N THR G 151 36.87 -55.59 27.12
CA THR G 151 36.29 -55.93 28.41
C THR G 151 35.03 -55.13 28.68
N TYR G 152 35.04 -53.85 28.37
CA TYR G 152 33.84 -53.02 28.48
C TYR G 152 33.28 -52.75 27.10
N ALA G 153 31.97 -52.99 26.95
CA ALA G 153 31.30 -52.80 25.67
C ALA G 153 30.89 -51.34 25.53
N ILE G 154 31.87 -50.53 25.14
CA ILE G 154 31.64 -49.11 24.82
C ILE G 154 32.39 -48.78 23.55
N PRO G 155 31.88 -47.81 22.78
CA PRO G 155 32.50 -47.50 21.49
C PRO G 155 33.95 -47.06 21.66
N LEU G 156 34.77 -47.38 20.65
CA LEU G 156 36.19 -47.13 20.73
C LEU G 156 36.72 -46.79 19.35
N LYS G 157 37.88 -46.14 19.32
CA LYS G 157 38.56 -45.82 18.06
C LYS G 157 40.02 -45.54 18.35
N ASN G 158 40.82 -45.53 17.29
CA ASN G 158 42.24 -45.20 17.37
C ASN G 158 42.46 -43.76 16.92
N LYS G 159 43.73 -43.35 16.88
CA LYS G 159 44.05 -42.00 16.43
C LYS G 159 43.67 -41.81 14.97
N LYS G 160 43.83 -42.87 14.16
CA LYS G 160 43.53 -42.76 12.73
C LYS G 160 42.03 -42.64 12.46
N GLY G 161 41.19 -42.95 13.44
CA GLY G 161 39.75 -42.89 13.25
C GLY G 161 39.17 -44.18 12.75
N ASP G 162 39.58 -45.30 13.35
CA ASP G 162 39.13 -46.62 12.96
C ASP G 162 38.27 -47.22 14.07
N ASN G 163 37.07 -47.64 13.72
CA ASN G 163 36.19 -48.27 14.70
C ASN G 163 36.82 -49.57 15.20
N TYR G 164 36.84 -49.74 16.52
CA TYR G 164 37.41 -50.94 17.11
C TYR G 164 36.65 -52.18 16.67
N TYR G 165 35.32 -52.07 16.55
CA TYR G 165 34.48 -53.20 16.21
C TYR G 165 34.38 -53.47 14.71
N ASP G 166 34.99 -52.61 13.88
CA ASP G 166 35.01 -52.81 12.44
C ASP G 166 36.24 -53.56 11.97
N LEU G 167 37.02 -54.11 12.89
CA LEU G 167 38.27 -54.79 12.59
C LEU G 167 38.22 -56.23 13.09
N PRO G 168 39.02 -57.13 12.51
CA PRO G 168 39.10 -58.49 13.03
C PRO G 168 40.17 -58.60 14.11
N PRO G 169 40.11 -59.64 14.94
CA PRO G 169 40.95 -59.65 16.16
C PRO G 169 42.43 -59.54 15.91
N GLU G 170 42.95 -60.08 14.82
CA GLU G 170 44.40 -60.00 14.59
C GLU G 170 44.83 -58.61 14.16
N SER G 171 43.89 -57.75 13.76
CA SER G 171 44.18 -56.35 13.48
C SER G 171 43.92 -55.46 14.69
N ARG G 172 42.94 -55.81 15.52
CA ARG G 172 42.70 -55.06 16.74
C ARG G 172 43.82 -55.34 17.75
N LYS G 173 44.19 -54.30 18.50
CA LYS G 173 45.30 -54.34 19.46
C LYS G 173 46.64 -54.56 18.76
N ALA G 174 46.60 -55.04 17.51
CA ALA G 174 47.79 -54.90 16.67
C ALA G 174 48.20 -53.44 16.57
N LYS G 175 47.23 -52.55 16.28
CA LYS G 175 47.50 -51.12 16.15
C LYS G 175 46.23 -50.31 15.91
N GLY G 176 46.10 -49.17 16.59
CA GLY G 176 47.11 -48.73 17.55
C GLY G 176 46.55 -48.74 18.96
N PRO G 177 46.82 -47.69 19.73
CA PRO G 177 46.11 -47.51 21.00
C PRO G 177 44.64 -47.23 20.74
N TRP G 178 43.79 -47.78 21.60
CA TRP G 178 42.34 -47.64 21.48
C TRP G 178 41.84 -46.70 22.56
N PHE G 179 41.01 -45.74 22.17
CA PHE G 179 40.58 -44.69 23.08
C PHE G 179 39.25 -44.13 22.64
N TRP G 180 38.70 -43.27 23.49
CA TRP G 180 37.61 -42.38 23.12
C TRP G 180 37.77 -41.06 23.85
N GLY G 181 37.74 -39.96 23.11
CA GLY G 181 37.95 -38.66 23.71
C GLY G 181 36.77 -38.25 24.61
N GLY G 182 37.07 -37.66 25.75
CA GLY G 182 35.97 -37.20 26.61
C GLY G 182 35.44 -38.36 27.41
N GLY G 183 35.90 -39.58 27.12
CA GLY G 183 35.51 -40.72 27.96
C GLY G 183 34.13 -41.24 27.64
N PRO G 184 33.77 -42.47 28.07
CA PRO G 184 32.49 -43.06 27.73
C PRO G 184 31.35 -42.19 28.27
N PHE G 185 30.25 -42.13 27.52
CA PHE G 185 29.06 -41.38 28.01
C PHE G 185 28.46 -42.17 29.17
N GLN G 186 27.38 -41.67 29.77
CA GLN G 186 26.69 -42.42 30.83
C GLN G 186 27.65 -42.67 31.99
N ASN G 187 28.79 -41.96 31.99
CA ASN G 187 29.73 -42.07 33.12
C ASN G 187 29.94 -40.67 33.70
N GLY G 188 29.04 -39.72 33.39
CA GLY G 188 29.27 -38.44 34.01
C GLY G 188 28.67 -38.30 35.39
N CYS G 189 29.53 -38.18 36.41
CA CYS G 189 29.09 -38.09 37.78
C CYS G 189 28.60 -36.67 38.09
N ASN G 190 28.08 -36.49 39.31
CA ASN G 190 27.62 -35.18 39.75
C ASN G 190 28.31 -34.67 41.02
N GLN G 191 29.30 -35.39 41.54
CA GLN G 191 30.20 -34.84 42.55
C GLN G 191 31.64 -35.08 42.13
N LEU G 192 32.56 -34.37 42.76
CA LEU G 192 33.96 -34.48 42.42
C LEU G 192 34.63 -35.69 43.04
N VAL G 193 34.00 -36.32 44.03
CA VAL G 193 34.61 -37.47 44.68
C VAL G 193 34.59 -38.69 43.77
N SER G 194 33.55 -38.83 42.95
CA SER G 194 33.47 -39.94 42.01
C SER G 194 34.53 -39.87 40.92
N LEU G 195 35.21 -38.73 40.75
CA LEU G 195 36.28 -38.65 39.77
C LEU G 195 37.45 -39.54 40.14
N TRP G 196 37.62 -39.82 41.43
CA TRP G 196 38.66 -40.72 41.91
C TRP G 196 38.16 -42.16 42.04
N SER G 197 36.92 -42.44 41.67
CA SER G 197 36.33 -43.75 41.90
C SER G 197 37.05 -44.83 41.11
N LYS G 198 37.41 -45.91 41.81
CA LYS G 198 37.88 -47.12 41.15
C LYS G 198 36.74 -47.98 40.64
N THR G 199 35.51 -47.48 40.76
CA THR G 199 34.30 -48.20 40.39
C THR G 199 33.59 -47.42 39.29
N GLY G 200 33.27 -48.10 38.19
CA GLY G 200 32.64 -47.47 37.05
C GLY G 200 31.13 -47.46 37.15
N PHE G 201 30.50 -47.20 36.00
CA PHE G 201 29.04 -47.22 35.92
C PHE G 201 28.55 -48.66 35.91
N ASN G 202 27.72 -49.01 36.89
CA ASN G 202 27.14 -50.34 37.01
C ASN G 202 25.66 -50.26 36.67
N ASN G 203 25.23 -51.13 35.76
CA ASN G 203 23.84 -51.15 35.32
C ASN G 203 22.92 -51.70 36.41
N VAL G 210 15.25 -41.56 33.32
CA VAL G 210 15.05 -42.11 34.66
C VAL G 210 16.38 -42.56 35.31
N PRO G 211 17.21 -43.37 34.60
CA PRO G 211 18.53 -43.68 35.16
C PRO G 211 19.49 -42.52 34.96
N LEU G 212 20.78 -42.78 34.81
CA LEU G 212 21.67 -41.69 34.43
C LEU G 212 22.17 -41.78 32.99
N PRO G 213 21.29 -41.94 31.96
CA PRO G 213 21.77 -41.81 30.59
C PRO G 213 21.28 -40.51 29.98
N PHE G 214 21.67 -40.22 28.73
CA PHE G 214 21.31 -38.96 28.09
C PHE G 214 21.75 -38.89 26.64
N SER G 215 21.02 -38.09 25.86
CA SER G 215 21.42 -37.63 24.53
C SER G 215 21.52 -38.75 23.50
N THR G 216 22.70 -39.38 23.36
CA THR G 216 22.95 -40.35 22.30
C THR G 216 22.35 -41.72 22.58
N GLN G 217 21.14 -41.78 23.13
CA GLN G 217 20.47 -43.04 23.42
C GLN G 217 19.01 -42.93 23.04
N VAL G 218 18.43 -44.05 22.60
CA VAL G 218 17.03 -44.06 22.22
C VAL G 218 16.16 -43.75 23.44
N LEU G 219 15.07 -43.03 23.19
CA LEU G 219 14.09 -42.75 24.24
C LEU G 219 13.16 -43.94 24.40
N ASN G 220 11.92 -43.69 24.83
CA ASN G 220 10.92 -44.73 25.05
C ASN G 220 11.56 -45.95 25.70
N GLY G 221 11.85 -46.96 24.90
CA GLY G 221 12.72 -48.03 25.33
C GLY G 221 12.06 -49.38 25.53
N GLU G 222 10.92 -49.41 26.21
CA GLU G 222 10.27 -50.64 26.66
C GLU G 222 11.18 -51.48 27.54
N ARG G 223 12.29 -50.90 28.00
CA ARG G 223 13.34 -51.50 28.83
C ARG G 223 14.54 -50.56 28.84
N ASP G 224 15.46 -50.75 27.91
CA ASP G 224 16.63 -49.90 27.75
C ASP G 224 17.32 -50.18 26.42
N ARG G 225 18.60 -49.87 26.32
CA ARG G 225 19.40 -50.17 25.15
C ARG G 225 20.82 -50.49 25.61
N LEU G 226 21.80 -50.22 24.74
CA LEU G 226 23.21 -50.49 24.96
C LEU G 226 23.61 -50.44 26.43
N LEU G 227 23.66 -49.22 26.98
CA LEU G 227 23.87 -48.93 28.40
C LEU G 227 24.64 -50.01 29.15
N SER G 228 25.75 -50.47 28.58
CA SER G 228 26.57 -51.47 29.24
C SER G 228 27.39 -50.81 30.35
N ASP G 229 27.99 -51.65 31.18
CA ASP G 229 28.83 -51.14 32.25
C ASP G 229 30.06 -50.43 31.68
N ALA G 230 30.59 -49.49 32.45
CA ALA G 230 31.66 -48.60 32.01
C ALA G 230 32.94 -48.88 32.77
N PRO G 231 34.10 -48.47 32.23
CA PRO G 231 35.35 -48.63 32.96
C PRO G 231 35.39 -47.73 34.19
N PRO G 232 36.26 -48.03 35.15
CA PRO G 232 36.33 -47.21 36.37
C PRO G 232 36.68 -45.76 36.06
N ARG G 233 36.21 -44.87 36.93
CA ARG G 233 36.28 -43.43 36.71
C ARG G 233 37.66 -42.83 36.96
N HIS G 234 38.69 -43.67 37.16
CA HIS G 234 40.05 -43.19 37.36
C HIS G 234 40.43 -42.05 36.42
N TYR G 235 40.24 -42.27 35.11
CA TYR G 235 40.74 -41.35 34.10
C TYR G 235 40.23 -39.93 34.29
N TYR G 236 39.06 -39.78 34.91
CA TYR G 236 38.55 -38.45 35.23
C TYR G 236 39.56 -37.66 36.07
N ALA G 237 39.88 -38.17 37.26
CA ALA G 237 40.88 -37.52 38.10
C ALA G 237 42.21 -37.34 37.36
N HIS G 238 42.57 -38.29 36.51
CA HIS G 238 43.78 -38.18 35.71
C HIS G 238 43.80 -36.89 34.90
N ALA G 239 42.70 -36.58 34.21
CA ALA G 239 42.64 -35.36 33.43
C ALA G 239 42.88 -34.12 34.28
N ALA G 240 42.28 -34.07 35.48
CA ALA G 240 42.54 -32.97 36.40
C ALA G 240 44.00 -32.93 36.82
N GLY G 241 44.57 -34.09 37.16
CA GLY G 241 45.99 -34.18 37.45
C GLY G 241 46.87 -33.68 36.33
N ARG G 242 46.38 -33.71 35.09
CA ARG G 242 47.08 -33.14 33.94
C ARG G 242 46.81 -31.65 33.78
N LEU G 243 45.54 -31.24 33.92
CA LEU G 243 45.19 -29.83 33.73
C LEU G 243 45.85 -28.95 34.78
N ALA G 244 45.81 -29.39 36.04
CA ALA G 244 46.52 -28.66 37.09
C ALA G 244 48.02 -28.62 36.83
N LYS G 245 48.58 -29.77 36.43
CA LYS G 245 49.95 -29.80 35.93
C LYS G 245 50.17 -28.76 34.85
N LEU G 246 49.28 -28.73 33.86
CA LEU G 246 49.33 -27.70 32.81
C LEU G 246 49.41 -26.30 33.40
N ILE G 247 48.48 -25.97 34.32
CA ILE G 247 48.44 -24.63 34.88
C ILE G 247 49.76 -24.30 35.58
N LYS G 248 50.28 -25.24 36.37
CA LYS G 248 51.53 -25.01 37.08
C LYS G 248 52.67 -24.74 36.10
N THR G 249 52.71 -25.47 34.99
CA THR G 249 53.67 -25.17 33.92
C THR G 249 53.54 -23.72 33.48
N ILE G 250 52.33 -23.27 33.16
CA ILE G 250 52.11 -21.89 32.74
C ILE G 250 52.57 -20.92 33.82
N ARG G 251 52.14 -21.14 35.05
CA ARG G 251 52.47 -20.25 36.17
C ARG G 251 53.94 -20.33 36.55
N ASN G 252 54.77 -20.91 35.67
CA ASN G 252 56.21 -20.87 35.81
C ASN G 252 56.90 -20.39 34.54
N GLN G 253 56.20 -20.36 33.40
CA GLN G 253 56.71 -19.83 32.15
C GLN G 253 56.39 -18.34 32.00
N HIS G 254 55.19 -17.93 32.41
CA HIS G 254 54.79 -16.53 32.38
C HIS G 254 53.90 -16.26 33.60
N PRO G 255 54.46 -16.32 34.81
CA PRO G 255 53.63 -16.19 36.03
C PRO G 255 52.83 -14.90 36.07
N GLU G 256 53.34 -13.89 35.40
CA GLU G 256 52.80 -12.55 35.24
C GLU G 256 51.80 -12.41 34.09
N ASP G 257 51.28 -13.52 33.58
CA ASP G 257 50.10 -13.54 32.71
C ASP G 257 48.98 -14.29 33.42
N THR G 258 47.77 -14.14 32.91
CA THR G 258 46.60 -14.76 33.53
C THR G 258 46.22 -16.04 32.79
N VAL G 259 45.83 -17.05 33.55
CA VAL G 259 45.39 -18.33 33.00
C VAL G 259 43.90 -18.49 33.29
N THR G 260 43.14 -18.90 32.28
CA THR G 260 41.70 -19.06 32.37
C THR G 260 41.33 -20.45 31.91
N VAL G 261 40.39 -21.07 32.61
CA VAL G 261 39.87 -22.38 32.25
C VAL G 261 38.41 -22.20 31.82
N LEU G 262 38.11 -22.62 30.60
CA LEU G 262 36.77 -22.51 30.04
C LEU G 262 36.27 -23.93 29.85
N SER G 263 35.40 -24.39 30.76
CA SER G 263 35.05 -25.79 30.91
C SER G 263 33.59 -26.05 30.53
N HIS G 264 33.32 -27.30 30.17
CA HIS G 264 32.00 -27.72 29.73
C HIS G 264 31.74 -29.16 30.16
N SER G 265 30.48 -29.43 30.55
CA SER G 265 30.04 -30.76 30.98
C SER G 265 30.93 -31.31 32.09
N GLN G 266 31.33 -32.58 31.98
CA GLN G 266 32.31 -33.13 32.93
C GLN G 266 33.59 -32.32 32.96
N GLY G 267 33.89 -31.54 31.92
CA GLY G 267 35.04 -30.67 31.99
C GLY G 267 34.98 -29.73 33.17
N THR G 268 33.77 -29.24 33.49
CA THR G 268 33.58 -28.48 34.72
C THR G 268 34.08 -29.28 35.92
N MET G 269 33.58 -30.50 36.09
CA MET G 269 34.11 -31.42 37.09
C MET G 269 35.63 -31.50 37.00
N ILE G 270 36.14 -31.79 35.81
CA ILE G 270 37.59 -31.87 35.61
C ILE G 270 38.25 -30.58 36.07
N ALA G 271 37.73 -29.44 35.61
CA ALA G 271 38.32 -28.15 35.94
C ALA G 271 38.23 -27.86 37.43
N LEU G 272 37.10 -28.20 38.06
CA LEU G 272 36.96 -27.99 39.50
C LEU G 272 38.00 -28.77 40.28
N ALA G 273 38.16 -30.06 39.97
CA ALA G 273 39.22 -30.84 40.58
C ALA G 273 40.60 -30.31 40.19
N ALA G 274 40.72 -29.74 38.99
CA ALA G 274 41.97 -29.11 38.60
C ALA G 274 42.25 -27.87 39.44
N ALA G 275 41.21 -27.11 39.79
CA ALA G 275 41.40 -25.93 40.60
C ALA G 275 41.80 -26.29 42.03
N ALA G 276 41.25 -27.37 42.57
CA ALA G 276 41.58 -27.78 43.93
C ALA G 276 43.06 -28.15 44.04
N ILE G 277 43.68 -28.59 42.95
CA ILE G 277 45.12 -28.87 42.94
C ILE G 277 45.90 -27.61 42.59
N GLU G 278 45.46 -26.87 41.58
CA GLU G 278 46.14 -25.65 41.16
C GLU G 278 45.07 -24.71 40.58
N ALA G 279 44.61 -23.77 41.39
CA ALA G 279 43.53 -22.89 40.95
C ALA G 279 44.03 -21.92 39.89
N PRO G 280 43.24 -21.67 38.85
CA PRO G 280 43.60 -20.67 37.85
C PRO G 280 43.09 -19.29 38.24
N ASP G 281 43.52 -18.29 37.46
CA ASP G 281 43.11 -16.92 37.73
C ASP G 281 41.63 -16.69 37.41
N ALA G 282 41.01 -17.60 36.67
CA ALA G 282 39.57 -17.56 36.43
C ALA G 282 39.11 -18.96 36.06
N LEU G 283 37.79 -19.17 36.13
CA LEU G 283 37.23 -20.50 35.90
C LEU G 283 35.76 -20.36 35.54
N PHE G 284 35.38 -20.88 34.38
CA PHE G 284 34.01 -20.84 33.88
C PHE G 284 33.50 -22.27 33.75
N VAL G 285 32.29 -22.51 34.25
CA VAL G 285 31.64 -23.82 34.13
C VAL G 285 30.38 -23.64 33.28
N MET G 286 30.39 -24.23 32.09
CA MET G 286 29.23 -24.20 31.19
C MET G 286 28.53 -25.54 31.28
N ASN G 287 27.25 -25.51 31.64
CA ASN G 287 26.43 -26.73 31.73
C ASN G 287 27.12 -27.75 32.64
N SER G 288 27.27 -27.36 33.90
CA SER G 288 27.96 -28.28 34.81
C SER G 288 26.97 -29.27 35.41
N PRO G 289 27.40 -30.51 35.62
CA PRO G 289 26.53 -31.48 36.30
C PRO G 289 26.69 -31.46 37.82
N TYR G 290 27.17 -30.34 38.38
CA TYR G 290 27.36 -30.24 39.83
C TYR G 290 26.00 -30.01 40.48
N ALA G 291 25.42 -31.07 41.04
CA ALA G 291 24.21 -30.94 41.82
C ALA G 291 24.57 -30.71 43.28
N LEU G 292 23.84 -29.81 43.92
CA LEU G 292 24.08 -29.46 45.31
C LEU G 292 23.28 -30.33 46.27
N GLU G 293 22.46 -31.24 45.76
CA GLU G 293 21.67 -32.13 46.60
C GLU G 293 21.66 -33.52 45.98
N ASN G 294 21.41 -34.52 46.83
CA ASN G 294 21.38 -35.91 46.41
C ASN G 294 19.98 -36.25 45.92
N GLU G 295 19.81 -36.37 44.61
CA GLU G 295 18.55 -36.82 44.06
C GLU G 295 18.34 -38.30 44.37
N PRO G 296 17.09 -38.78 44.31
CA PRO G 296 16.84 -40.20 44.62
C PRO G 296 17.67 -41.15 43.76
N THR G 297 17.86 -40.83 42.49
CA THR G 297 18.69 -41.67 41.63
C THR G 297 20.14 -41.64 42.05
N THR G 298 20.60 -40.55 42.67
CA THR G 298 21.95 -40.52 43.21
C THR G 298 22.10 -41.52 44.34
N TYR G 299 21.07 -41.65 45.18
CA TYR G 299 21.06 -42.68 46.20
C TYR G 299 21.08 -44.08 45.60
N ILE G 300 20.34 -44.27 44.50
CA ILE G 300 20.13 -45.62 43.97
C ILE G 300 21.36 -46.11 43.20
N SER G 301 22.11 -45.21 42.57
CA SER G 301 23.17 -45.59 41.66
C SER G 301 24.56 -45.60 42.30
N TYR G 302 24.93 -44.51 42.96
CA TYR G 302 26.29 -44.36 43.45
C TYR G 302 26.55 -45.31 44.61
N PRO G 303 27.82 -45.66 44.85
CA PRO G 303 28.16 -46.40 46.07
C PRO G 303 28.08 -45.51 47.29
N ILE G 304 27.95 -46.15 48.45
CA ILE G 304 27.74 -45.41 49.70
C ILE G 304 28.91 -44.49 49.99
N LYS G 305 30.12 -44.89 49.61
CA LYS G 305 31.30 -44.05 49.84
C LYS G 305 31.30 -42.78 49.03
N GLU G 306 30.42 -42.66 48.02
CA GLU G 306 30.43 -41.53 47.10
C GLU G 306 29.09 -40.79 47.06
N ILE G 307 28.24 -40.99 48.06
CA ILE G 307 26.99 -40.24 48.17
C ILE G 307 27.31 -39.07 49.10
N ILE G 308 27.82 -37.99 48.52
CA ILE G 308 28.37 -36.88 49.29
C ILE G 308 27.25 -36.00 49.80
N SER G 309 27.36 -35.58 51.06
CA SER G 309 26.32 -34.80 51.71
C SER G 309 26.18 -33.42 51.06
N ARG G 310 24.99 -32.84 51.22
CA ARG G 310 24.73 -31.51 50.68
C ARG G 310 25.72 -30.49 51.25
N LYS G 311 25.96 -30.55 52.56
CA LYS G 311 26.90 -29.61 53.19
C LYS G 311 28.30 -29.77 52.61
N ALA G 312 28.72 -31.01 52.34
CA ALA G 312 30.05 -31.23 51.78
C ALA G 312 30.13 -30.75 50.34
N ARG G 313 29.05 -30.91 49.58
CA ARG G 313 29.06 -30.46 48.19
C ARG G 313 29.15 -28.94 48.10
N SER G 314 28.34 -28.23 48.87
CA SER G 314 28.39 -26.77 48.87
C SER G 314 29.72 -26.28 49.42
N ALA G 315 30.25 -26.96 50.44
CA ALA G 315 31.55 -26.57 50.97
C ALA G 315 32.66 -26.79 49.95
N THR G 316 32.59 -27.89 49.21
CA THR G 316 33.62 -28.16 48.20
C THR G 316 33.60 -27.11 47.10
N PHE G 317 32.42 -26.79 46.58
CA PHE G 317 32.33 -25.77 45.54
C PHE G 317 32.76 -24.41 46.07
N ALA G 318 32.33 -24.05 47.28
CA ALA G 318 32.71 -22.76 47.84
C ALA G 318 34.20 -22.68 48.10
N ASP G 319 34.82 -23.78 48.54
CA ASP G 319 36.25 -23.77 48.81
C ASP G 319 37.05 -23.66 47.51
N ILE G 320 36.58 -24.30 46.45
CA ILE G 320 37.25 -24.17 45.15
C ILE G 320 37.13 -22.73 44.65
N VAL G 321 35.96 -22.12 44.83
CA VAL G 321 35.77 -20.73 44.41
C VAL G 321 36.66 -19.80 45.22
N LYS G 322 36.81 -20.07 46.52
CA LYS G 322 37.74 -19.29 47.33
C LYS G 322 39.17 -19.47 46.84
N LYS G 323 39.52 -20.68 46.40
CA LYS G 323 40.88 -20.90 45.94
C LYS G 323 41.13 -20.22 44.60
N VAL G 324 40.09 -20.11 43.77
CA VAL G 324 40.17 -19.22 42.61
C VAL G 324 40.28 -17.78 43.07
N ALA G 325 39.49 -17.40 44.10
CA ALA G 325 39.52 -16.04 44.59
C ALA G 325 40.88 -15.67 45.16
N GLU G 326 41.62 -16.65 45.70
CA GLU G 326 42.97 -16.36 46.19
C GLU G 326 43.87 -15.89 45.06
N ASN G 327 43.65 -16.38 43.84
CA ASN G 327 44.46 -15.97 42.70
C ASN G 327 44.26 -14.49 42.36
N LYS G 328 43.17 -13.88 42.81
CA LYS G 328 42.99 -12.45 42.62
C LYS G 328 44.03 -11.64 43.41
N THR G 329 44.43 -12.14 44.57
CA THR G 329 45.43 -11.42 45.37
C THR G 329 46.77 -11.37 44.68
N ARG G 330 47.14 -12.46 43.99
CA ARG G 330 48.47 -12.52 43.37
C ARG G 330 48.62 -11.51 42.25
N LEU G 331 47.56 -11.30 41.46
CA LEU G 331 47.70 -10.56 40.21
C LEU G 331 47.67 -9.04 40.42
N LYS G 332 46.79 -8.55 41.31
CA LYS G 332 46.82 -7.13 41.63
C LYS G 332 48.16 -6.72 42.23
N GLN G 333 48.80 -7.62 42.97
CA GLN G 333 50.15 -7.40 43.46
C GLN G 333 51.21 -7.78 42.43
N GLN G 334 50.89 -8.64 41.47
CA GLN G 334 51.85 -9.06 40.44
C GLN G 334 52.38 -7.87 39.64
N ASN G 348 53.41 -1.33 32.67
CA ASN G 348 52.22 -2.12 32.41
C ASN G 348 51.71 -1.90 30.99
N SER G 349 50.71 -2.67 30.60
CA SER G 349 50.09 -2.56 29.29
C SER G 349 48.63 -2.17 29.34
N TRP G 350 47.87 -2.73 30.28
CA TRP G 350 46.43 -2.55 30.35
C TRP G 350 46.04 -2.01 31.72
N ILE G 351 44.96 -1.22 31.74
CA ILE G 351 44.47 -0.60 32.97
C ILE G 351 42.97 -0.85 33.09
N PRO G 352 42.46 -1.12 34.29
CA PRO G 352 41.01 -1.30 34.47
C PRO G 352 40.24 -0.02 34.69
N GLU G 353 40.86 1.15 34.48
CA GLU G 353 40.22 2.43 34.73
C GLU G 353 39.50 2.99 33.50
N GLY G 354 39.49 2.27 32.39
CA GLY G 354 38.84 2.76 31.19
C GLY G 354 37.37 2.37 31.12
N LYS G 355 36.57 3.24 30.51
CA LYS G 355 35.15 3.01 30.30
C LYS G 355 34.91 2.70 28.83
N THR G 356 34.14 1.65 28.56
CA THR G 356 33.94 1.21 27.18
C THR G 356 33.12 2.24 26.39
N HIS G 357 33.15 2.08 25.07
CA HIS G 357 32.44 2.98 24.16
C HIS G 357 30.93 2.83 24.24
N ASN G 358 30.42 1.83 24.95
CA ASN G 358 28.99 1.69 25.21
C ASN G 358 28.64 1.97 26.67
N GLY G 359 29.50 2.69 27.39
CA GLY G 359 29.15 3.25 28.68
C GLY G 359 29.47 2.41 29.88
N LEU G 360 30.07 1.23 29.71
CA LEU G 360 30.31 0.42 30.89
C LEU G 360 31.76 0.49 31.32
N PRO G 361 32.02 0.55 32.63
CA PRO G 361 33.40 0.57 33.12
C PRO G 361 34.07 -0.78 32.93
N GLU G 362 35.39 -0.75 32.95
CA GLU G 362 36.16 -1.97 32.74
C GLU G 362 36.50 -2.61 34.08
N ARG G 363 36.70 -3.93 34.05
CA ARG G 363 36.70 -4.73 35.27
C ARG G 363 37.90 -5.67 35.30
N ASP G 364 38.59 -5.68 36.44
CA ASP G 364 39.64 -6.64 36.75
C ASP G 364 39.00 -7.97 37.12
N ASN G 365 38.71 -8.79 36.12
CA ASN G 365 37.99 -10.05 36.33
C ASN G 365 38.85 -11.16 36.91
N HIS G 366 39.80 -10.82 37.78
CA HIS G 366 40.69 -11.82 38.36
C HIS G 366 40.02 -12.56 39.51
N GLY G 367 40.37 -13.84 39.64
CA GLY G 367 39.83 -14.66 40.71
C GLY G 367 38.33 -14.85 40.66
N THR G 368 37.70 -14.61 39.52
CA THR G 368 36.26 -14.70 39.38
C THR G 368 35.86 -16.04 38.80
N THR G 369 34.95 -16.73 39.47
CA THR G 369 34.41 -17.99 39.01
C THR G 369 32.99 -17.78 38.49
N TRP G 370 32.67 -18.37 37.35
CA TRP G 370 31.41 -18.11 36.67
C TRP G 370 30.66 -19.41 36.38
N ILE G 371 29.35 -19.35 36.54
CA ILE G 371 28.45 -20.45 36.23
C ILE G 371 27.57 -20.02 35.06
N TYR G 372 27.53 -20.83 34.01
CA TYR G 372 26.70 -20.57 32.83
C TYR G 372 25.67 -21.68 32.74
N CYS G 373 24.39 -21.30 32.77
CA CYS G 373 23.30 -22.26 32.89
C CYS G 373 22.30 -22.10 31.75
N ASN G 374 21.83 -23.24 31.25
CA ASN G 374 20.87 -23.29 30.16
C ASN G 374 19.60 -23.96 30.65
N PRO G 375 18.45 -23.30 30.61
CA PRO G 375 17.22 -23.93 31.11
C PRO G 375 16.54 -24.82 30.07
N HIS G 376 17.27 -25.20 29.02
CA HIS G 376 16.81 -26.18 28.06
C HIS G 376 17.73 -27.38 27.96
N ASP G 377 18.77 -27.45 28.78
CA ASP G 377 19.72 -28.57 28.75
C ASP G 377 18.99 -29.86 29.12
N ARG G 378 18.49 -30.57 28.10
CA ARG G 378 17.74 -31.80 28.35
C ARG G 378 18.57 -32.84 29.08
N VAL G 379 19.90 -32.78 28.97
CA VAL G 379 20.75 -33.64 29.78
C VAL G 379 20.67 -33.21 31.24
N MET G 380 20.82 -31.92 31.50
CA MET G 380 21.03 -31.43 32.86
C MET G 380 19.75 -31.10 33.60
N GLY G 381 18.67 -30.81 32.89
CA GLY G 381 17.37 -30.64 33.50
C GLY G 381 16.64 -31.92 33.81
N SER G 382 17.24 -33.06 33.48
CA SER G 382 16.64 -34.36 33.77
C SER G 382 16.58 -34.59 35.27
N SER G 383 15.62 -35.42 35.68
CA SER G 383 15.42 -35.71 37.10
C SER G 383 16.68 -36.17 37.83
N PRO G 384 17.53 -37.04 37.28
CA PRO G 384 18.71 -37.47 38.04
C PRO G 384 19.71 -36.36 38.30
N LEU G 385 19.95 -35.48 37.32
CA LEU G 385 20.97 -34.45 37.51
C LEU G 385 20.42 -33.27 38.30
N ARG G 386 19.67 -32.38 37.64
CA ARG G 386 19.14 -31.18 38.29
C ARG G 386 20.26 -30.38 38.97
N SER G 387 21.18 -29.89 38.15
CA SER G 387 22.42 -29.34 38.66
C SER G 387 22.58 -27.88 38.24
N ILE G 388 23.69 -27.29 38.68
CA ILE G 388 23.94 -25.86 38.50
C ILE G 388 24.00 -25.50 37.02
N GLY G 389 24.42 -26.44 36.17
CA GLY G 389 24.40 -26.18 34.74
C GLY G 389 23.02 -26.01 34.15
N TRP G 390 21.98 -26.32 34.91
CA TRP G 390 20.60 -26.19 34.47
C TRP G 390 19.83 -25.12 35.20
N GLN G 391 19.79 -25.17 36.53
CA GLN G 391 19.04 -24.20 37.32
C GLN G 391 19.93 -23.18 38.02
N GLY G 392 21.22 -23.18 37.71
CA GLY G 392 22.13 -22.26 38.38
C GLY G 392 22.11 -22.44 39.89
N LEU G 393 21.93 -21.34 40.60
CA LEU G 393 21.79 -21.35 42.06
C LEU G 393 20.44 -20.72 42.38
N PRO G 394 19.36 -21.51 42.33
CA PRO G 394 18.02 -20.93 42.45
C PRO G 394 17.79 -20.35 43.85
N ASP G 395 17.00 -19.27 43.87
CA ASP G 395 16.74 -18.58 45.13
C ASP G 395 15.88 -19.43 46.06
N THR G 396 16.01 -19.17 47.35
CA THR G 396 15.28 -19.92 48.36
C THR G 396 13.77 -19.64 48.25
N LYS G 397 13.00 -20.29 49.13
CA LYS G 397 11.55 -20.19 49.05
C LYS G 397 11.02 -18.82 49.47
N ASP G 398 11.83 -17.98 50.10
CA ASP G 398 11.42 -16.65 50.51
C ASP G 398 12.19 -15.55 49.77
N GLY G 399 12.50 -15.81 48.49
CA GLY G 399 13.16 -14.83 47.65
C GLY G 399 14.60 -14.55 47.96
N THR G 400 15.11 -14.98 49.11
CA THR G 400 16.50 -14.75 49.46
C THR G 400 17.41 -15.49 48.49
N PRO G 401 18.48 -14.87 48.00
CA PRO G 401 19.39 -15.54 47.07
C PRO G 401 20.00 -16.80 47.67
N HIS G 402 20.69 -17.55 46.82
CA HIS G 402 21.22 -18.84 47.22
C HIS G 402 22.30 -18.71 48.28
N THR G 403 22.35 -19.68 49.18
CA THR G 403 23.29 -19.64 50.29
C THR G 403 24.73 -19.78 49.82
N LEU G 404 24.95 -20.54 48.74
CA LEU G 404 26.31 -20.76 48.26
C LEU G 404 26.96 -19.47 47.79
N PHE G 405 26.16 -18.44 47.49
CA PHE G 405 26.71 -17.13 47.17
C PHE G 405 27.57 -16.61 48.31
N LYS G 406 26.95 -16.37 49.47
CA LYS G 406 27.71 -15.86 50.62
C LYS G 406 28.74 -16.88 51.10
N GLN G 407 28.49 -18.17 50.85
CA GLN G 407 29.45 -19.19 51.25
C GLN G 407 30.75 -19.07 50.46
N ALA G 408 30.65 -18.86 49.15
CA ALA G 408 31.83 -18.79 48.30
C ALA G 408 32.47 -17.41 48.25
N GLY G 409 31.72 -16.36 48.56
CA GLY G 409 32.24 -15.01 48.56
C GLY G 409 31.60 -14.15 47.48
N ASP G 410 32.29 -13.05 47.18
CA ASP G 410 31.81 -12.06 46.21
C ASP G 410 32.41 -12.25 44.82
N THR G 411 33.12 -13.35 44.58
CA THR G 411 33.74 -13.60 43.29
C THR G 411 32.99 -14.63 42.46
N LEU G 412 31.85 -15.11 42.93
CA LEU G 412 31.07 -16.11 42.21
C LEU G 412 29.93 -15.41 41.47
N TYR G 413 29.79 -15.72 40.19
CA TYR G 413 28.77 -15.10 39.35
C TYR G 413 27.99 -16.17 38.61
N VAL G 414 26.78 -15.81 38.20
CA VAL G 414 25.86 -16.73 37.53
C VAL G 414 25.25 -16.01 36.32
N ARG G 415 25.21 -16.70 35.19
CA ARG G 415 24.60 -16.18 33.97
C ARG G 415 23.68 -17.23 33.37
N ILE G 416 22.55 -16.77 32.85
CA ILE G 416 21.55 -17.65 32.25
C ILE G 416 21.39 -17.31 30.77
N LEU G 417 21.28 -18.35 29.95
CA LEU G 417 21.10 -18.21 28.50
C LEU G 417 19.90 -19.05 28.12
N GLY G 418 18.71 -18.44 28.15
CA GLY G 418 17.49 -19.17 27.92
C GLY G 418 16.55 -18.41 27.01
N ARG G 419 15.58 -19.15 26.48
CA ARG G 419 14.60 -18.58 25.56
C ARG G 419 13.81 -17.47 26.23
N ASN G 420 13.73 -16.33 25.54
CA ASN G 420 13.03 -15.14 26.05
C ASN G 420 13.59 -14.71 27.40
N THR G 421 14.93 -14.68 27.48
CA THR G 421 15.60 -14.33 28.73
C THR G 421 16.89 -13.57 28.43
N PRO G 422 17.02 -12.33 28.89
CA PRO G 422 18.23 -11.55 28.58
C PRO G 422 19.47 -12.17 29.21
N CYS G 423 20.61 -11.92 28.55
CA CYS G 423 21.90 -12.36 29.04
C CYS G 423 22.89 -11.22 28.84
N GLY G 424 23.44 -10.71 29.94
CA GLY G 424 24.32 -9.56 29.89
C GLY G 424 23.66 -8.26 30.25
N GLY G 425 22.38 -8.26 30.59
CA GLY G 425 21.66 -7.05 30.95
C GLY G 425 21.97 -6.60 32.37
N THR G 426 21.10 -5.74 32.88
CA THR G 426 21.26 -5.23 34.23
C THR G 426 21.10 -6.38 35.23
N PRO G 427 22.01 -6.53 36.20
CA PRO G 427 21.86 -7.60 37.20
C PRO G 427 20.49 -7.61 37.85
N THR G 428 19.77 -8.71 37.70
CA THR G 428 18.41 -8.86 38.23
C THR G 428 18.39 -9.95 39.28
N ALA G 429 17.66 -9.71 40.37
CA ALA G 429 17.71 -10.60 41.53
C ALA G 429 16.91 -11.87 41.30
N GLN G 430 15.62 -11.73 41.03
CA GLN G 430 14.78 -12.92 40.85
C GLN G 430 14.44 -13.11 39.38
N THR G 431 15.47 -13.35 38.56
CA THR G 431 15.27 -13.61 37.14
C THR G 431 14.38 -14.84 36.96
N HIS G 432 13.35 -14.69 36.13
CA HIS G 432 12.39 -15.78 35.94
C HIS G 432 13.09 -17.03 35.43
N PHE G 433 12.69 -18.18 35.98
CA PHE G 433 13.27 -19.46 35.56
C PHE G 433 12.18 -20.45 35.14
N SER G 434 11.22 -20.71 36.04
CA SER G 434 10.20 -21.72 35.73
C SER G 434 9.20 -21.22 34.71
N ASN G 435 8.83 -19.94 34.76
CA ASN G 435 7.91 -19.34 33.81
C ASN G 435 8.72 -18.43 32.88
N LEU G 436 9.08 -18.97 31.71
CA LEU G 436 9.88 -18.19 30.77
C LEU G 436 9.10 -17.02 30.18
N GLY G 437 7.77 -17.03 30.29
CA GLY G 437 6.98 -15.86 29.96
C GLY G 437 6.59 -15.70 28.51
N ASP G 438 6.60 -16.78 27.73
CA ASP G 438 6.17 -16.71 26.33
C ASP G 438 4.93 -17.54 26.06
N GLY G 439 4.32 -18.13 27.09
CA GLY G 439 3.17 -18.98 26.90
C GLY G 439 3.55 -20.41 26.56
N LYS G 440 4.69 -20.59 25.91
CA LYS G 440 5.14 -21.93 25.54
C LYS G 440 5.58 -22.69 26.79
N PRO G 441 5.30 -24.00 26.85
CA PRO G 441 5.68 -24.78 28.04
C PRO G 441 7.18 -24.79 28.26
N PHE G 442 7.57 -25.11 29.50
CA PHE G 442 8.97 -25.07 29.88
C PHE G 442 9.80 -26.04 29.05
N TRP G 443 9.27 -27.23 28.81
CA TRP G 443 9.97 -28.27 28.07
C TRP G 443 9.40 -28.35 26.66
N ASP G 444 10.27 -28.23 25.67
CA ASP G 444 9.82 -28.27 24.28
C ASP G 444 9.41 -29.70 23.90
N SER G 445 8.15 -29.86 23.52
CA SER G 445 7.63 -31.14 23.04
C SER G 445 7.87 -32.25 24.06
N THR G 446 7.31 -32.06 25.25
CA THR G 446 7.39 -33.03 26.34
C THR G 446 5.98 -33.19 26.90
N THR G 447 5.30 -34.24 26.48
CA THR G 447 3.88 -34.40 26.76
C THR G 447 3.54 -35.69 27.51
N THR G 448 4.15 -36.82 27.15
CA THR G 448 3.74 -38.09 27.73
C THR G 448 4.18 -38.19 29.20
N LEU G 449 3.70 -39.24 29.85
CA LEU G 449 3.97 -39.42 31.27
C LEU G 449 5.43 -39.78 31.52
N LEU G 450 6.03 -40.58 30.63
CA LEU G 450 7.42 -40.97 30.80
C LEU G 450 8.35 -39.78 30.58
N GLN G 451 8.10 -38.98 29.53
CA GLN G 451 8.92 -37.80 29.30
C GLN G 451 8.79 -36.81 30.45
N ARG G 452 7.55 -36.53 30.87
CA ARG G 452 7.33 -35.60 31.97
C ARG G 452 7.88 -36.13 33.29
N ALA G 453 8.04 -37.44 33.43
CA ALA G 453 8.69 -38.02 34.60
C ALA G 453 10.20 -38.08 34.46
N THR G 454 10.73 -37.89 33.25
CA THR G 454 12.17 -37.83 33.03
C THR G 454 12.68 -36.39 33.06
N TRP G 455 11.94 -35.47 32.44
CA TRP G 455 12.22 -34.04 32.50
C TRP G 455 11.01 -33.35 33.11
N PRO G 456 10.86 -33.39 34.44
CA PRO G 456 9.73 -32.71 35.07
C PRO G 456 9.94 -31.20 35.07
N ASP G 457 8.84 -30.47 35.06
CA ASP G 457 8.91 -29.03 35.17
C ASP G 457 9.59 -28.66 36.49
N PRO G 458 10.32 -27.54 36.53
CA PRO G 458 10.95 -27.12 37.78
C PRO G 458 9.90 -26.76 38.82
N ASP G 459 10.35 -26.70 40.08
CA ASP G 459 9.47 -26.41 41.19
C ASP G 459 8.69 -25.13 40.93
N SER G 460 7.45 -25.09 41.44
CA SER G 460 6.51 -24.03 41.12
C SER G 460 7.07 -22.65 41.41
N GLY G 461 7.41 -21.92 40.35
CA GLY G 461 7.86 -20.55 40.50
C GLY G 461 9.27 -20.38 41.04
N GLN G 462 10.22 -21.15 40.52
CA GLN G 462 11.62 -20.90 40.87
C GLN G 462 12.07 -19.56 40.30
N THR G 463 12.82 -18.82 41.11
CA THR G 463 13.55 -17.67 40.63
C THR G 463 15.04 -17.97 40.68
N LEU G 464 15.80 -17.24 39.87
CA LEU G 464 17.24 -17.45 39.75
C LEU G 464 17.94 -16.11 39.89
N THR G 465 19.09 -16.10 40.56
CA THR G 465 19.82 -14.88 40.85
C THR G 465 20.93 -14.70 39.83
N ILE G 466 20.90 -13.58 39.11
CA ILE G 466 21.93 -13.21 38.15
C ILE G 466 22.68 -12.03 38.74
N ASN G 467 23.86 -12.29 39.31
CA ASN G 467 24.69 -11.23 39.87
C ASN G 467 25.80 -10.79 38.93
N ALA G 468 25.85 -11.33 37.73
CA ALA G 468 26.90 -10.96 36.80
C ALA G 468 26.67 -9.53 36.29
N PRO G 469 27.75 -8.80 35.99
CA PRO G 469 27.61 -7.41 35.57
C PRO G 469 26.97 -7.29 34.19
N GLN G 470 26.72 -6.04 33.81
CA GLN G 470 26.16 -5.74 32.51
C GLN G 470 27.25 -5.64 31.44
N VAL G 471 26.89 -6.00 30.22
CA VAL G 471 27.82 -5.96 29.09
C VAL G 471 27.37 -4.86 28.13
N PRO G 472 28.28 -4.34 27.29
CA PRO G 472 27.88 -3.24 26.39
C PRO G 472 26.77 -3.60 25.42
N GLU G 473 26.84 -4.78 24.80
CA GLU G 473 25.83 -5.24 23.85
C GLU G 473 25.17 -6.49 24.42
N PRO G 474 24.19 -6.33 25.31
CA PRO G 474 23.53 -7.51 25.90
C PRO G 474 22.60 -8.17 24.90
N LEU G 475 22.47 -9.49 25.03
CA LEU G 475 21.55 -10.25 24.21
C LEU G 475 20.12 -9.96 24.64
N THR G 476 19.32 -9.39 23.74
CA THR G 476 17.98 -8.96 24.10
C THR G 476 17.08 -10.17 24.33
N ALA G 477 15.89 -9.89 24.87
CA ALA G 477 14.89 -10.95 25.04
C ALA G 477 14.38 -11.43 23.69
N GLU G 478 14.22 -10.52 22.73
CA GLU G 478 13.75 -10.91 21.41
C GLU G 478 14.81 -11.66 20.62
N GLU G 479 16.09 -11.33 20.84
CA GLU G 479 17.15 -12.07 20.17
C GLU G 479 17.11 -13.55 20.52
N LEU G 480 16.72 -13.89 21.74
CA LEU G 480 16.64 -15.28 22.19
C LEU G 480 15.21 -15.79 22.22
N LYS G 481 14.30 -15.13 21.49
CA LYS G 481 12.94 -15.67 21.37
C LYS G 481 12.93 -17.00 20.63
N ASN G 482 13.95 -17.28 19.83
CA ASN G 482 14.12 -18.55 19.14
C ASN G 482 15.48 -19.11 19.52
N PHE G 483 15.51 -19.84 20.64
CA PHE G 483 16.75 -20.40 21.15
C PHE G 483 16.57 -21.83 21.62
N ASP G 484 15.37 -22.18 22.06
CA ASP G 484 15.09 -23.54 22.52
C ASP G 484 14.83 -24.39 21.29
N GLN G 485 15.89 -25.04 20.80
CA GLN G 485 15.76 -25.87 19.60
C GLN G 485 14.88 -27.08 19.88
N ASP G 486 13.97 -27.36 18.94
CA ASP G 486 13.01 -28.44 19.09
C ASP G 486 13.08 -29.39 17.90
N TYR G 487 12.10 -30.27 17.77
CA TYR G 487 12.06 -31.18 16.62
C TYR G 487 11.85 -30.39 15.33
N ALA G 488 12.70 -30.65 14.34
CA ALA G 488 12.47 -30.09 13.01
C ALA G 488 11.26 -30.74 12.36
N ARG G 489 11.20 -32.07 12.41
CA ARG G 489 10.05 -32.81 11.88
C ARG G 489 10.14 -34.22 12.45
N ASP G 490 9.32 -34.51 13.46
CA ASP G 490 9.33 -35.81 14.13
C ASP G 490 8.47 -36.84 13.42
N GLU G 491 8.15 -36.63 12.14
CA GLU G 491 7.41 -37.60 11.37
C GLU G 491 8.32 -38.78 11.00
N LYS G 492 7.71 -39.81 10.40
CA LYS G 492 8.46 -40.99 10.00
C LYS G 492 9.47 -40.65 8.91
N GLN G 493 10.48 -41.50 8.78
CA GLN G 493 11.57 -41.29 7.85
C GLN G 493 11.55 -42.37 6.77
N SER G 494 12.04 -42.01 5.58
CA SER G 494 12.03 -42.94 4.45
C SER G 494 12.85 -44.18 4.75
N GLY G 495 14.06 -43.99 5.27
CA GLY G 495 14.90 -45.12 5.65
C GLY G 495 16.31 -45.04 5.10
N GLY G 496 16.48 -44.38 3.96
CA GLY G 496 17.79 -44.26 3.35
C GLY G 496 18.23 -42.83 3.12
N ALA G 497 17.25 -41.93 2.93
CA ALA G 497 17.54 -40.52 2.69
C ALA G 497 16.57 -39.69 3.52
N GLY G 498 17.11 -38.89 4.44
CA GLY G 498 16.28 -38.05 5.28
C GLY G 498 17.04 -37.43 6.44
N TYR G 499 16.40 -37.38 7.61
CA TYR G 499 16.97 -36.76 8.80
C TYR G 499 16.67 -37.65 10.01
N ALA G 500 17.58 -38.57 10.29
CA ALA G 500 17.45 -39.48 11.43
C ALA G 500 18.85 -39.69 11.99
N TYR G 501 19.00 -40.66 12.90
CA TYR G 501 20.31 -40.94 13.46
C TYR G 501 21.30 -41.31 12.37
N GLY G 502 21.04 -42.43 11.69
CA GLY G 502 21.93 -42.90 10.65
C GLY G 502 21.31 -42.82 9.28
N GLN G 503 20.89 -41.63 8.88
CA GLN G 503 20.41 -41.35 7.55
C GLN G 503 21.43 -40.47 6.84
N ILE G 504 21.06 -39.93 5.69
CA ILE G 504 21.91 -38.99 4.95
C ILE G 504 21.13 -37.71 4.75
N ASN G 505 21.64 -36.61 5.30
CA ASN G 505 21.03 -35.30 5.11
C ASN G 505 21.04 -34.98 3.62
N PRO G 506 19.89 -35.04 2.95
CA PRO G 506 19.86 -34.85 1.49
C PRO G 506 20.00 -33.38 1.08
N GLU G 507 20.00 -32.45 2.02
CA GLU G 507 20.27 -31.06 1.69
C GLU G 507 21.74 -30.84 1.39
N THR G 508 22.62 -31.63 1.99
CA THR G 508 24.05 -31.51 1.80
C THR G 508 24.71 -32.79 1.30
N LYS G 509 23.96 -33.88 1.18
CA LYS G 509 24.51 -35.19 0.81
C LYS G 509 25.62 -35.61 1.77
N LYS G 510 25.38 -35.40 3.06
CA LYS G 510 26.33 -35.70 4.12
C LYS G 510 25.63 -36.47 5.23
N PRO G 511 26.38 -37.26 6.01
CA PRO G 511 25.75 -38.01 7.10
C PRO G 511 25.14 -37.07 8.13
N VAL G 512 24.00 -37.49 8.70
CA VAL G 512 23.30 -36.66 9.67
C VAL G 512 24.10 -36.57 10.97
N ASP G 513 24.49 -37.72 11.53
CA ASP G 513 25.25 -37.78 12.75
C ASP G 513 26.60 -38.43 12.47
N THR G 514 27.68 -37.72 12.85
CA THR G 514 29.02 -38.27 12.64
C THR G 514 29.25 -39.54 13.45
N ASP G 515 28.73 -39.56 14.69
CA ASP G 515 29.01 -40.66 15.61
C ASP G 515 28.25 -41.94 15.29
N TYR G 516 27.34 -41.93 14.31
CA TYR G 516 26.53 -43.10 14.02
C TYR G 516 27.38 -44.33 13.73
N ARG G 517 28.35 -44.20 12.82
CA ARG G 517 29.17 -45.35 12.44
C ARG G 517 29.93 -45.93 13.63
N TYR G 518 30.13 -45.15 14.68
CA TYR G 518 30.85 -45.64 15.86
C TYR G 518 29.93 -46.25 16.90
N TYR G 519 28.68 -45.80 16.99
CA TYR G 519 27.73 -46.31 17.97
C TYR G 519 26.80 -47.37 17.41
N ILE G 520 26.71 -47.51 16.08
CA ILE G 520 25.83 -48.51 15.46
C ILE G 520 26.29 -49.94 15.71
N SER G 521 27.51 -50.15 16.20
CA SER G 521 28.00 -51.50 16.47
C SER G 521 27.26 -52.12 17.65
N LEU G 522 27.70 -51.78 18.87
CA LEU G 522 27.13 -52.24 20.13
C LEU G 522 25.63 -52.44 20.11
N TYR G 523 25.17 -53.58 19.60
CA TYR G 523 23.74 -53.86 19.51
C TYR G 523 23.54 -55.36 19.57
N GLY G 524 22.71 -55.81 20.52
CA GLY G 524 22.55 -57.22 20.77
C GLY G 524 21.20 -57.80 20.40
N TYR G 525 20.13 -57.30 21.00
CA TYR G 525 18.82 -57.90 20.83
C TYR G 525 17.74 -56.83 20.86
N PHE G 526 16.60 -57.15 20.25
CA PHE G 526 15.41 -56.30 20.22
C PHE G 526 14.23 -57.08 19.66
N ASP G 527 13.20 -57.29 20.48
CA ASP G 527 12.06 -58.11 20.11
C ASP G 527 10.81 -57.27 19.91
N ARG G 528 9.81 -57.88 19.28
CA ARG G 528 8.52 -57.25 19.03
C ARG G 528 7.53 -58.34 18.66
N LYS G 529 6.35 -57.93 18.19
CA LYS G 529 5.35 -58.87 17.69
C LYS G 529 4.90 -58.45 16.30
N MET G 530 3.85 -59.08 15.79
CA MET G 530 3.30 -58.68 14.50
C MET G 530 2.77 -57.26 14.57
N VAL G 531 3.05 -56.48 13.53
CA VAL G 531 2.66 -55.06 13.53
C VAL G 531 1.15 -54.96 13.51
N PRO G 532 0.56 -54.04 14.28
CA PRO G 532 -0.91 -53.92 14.29
C PRO G 532 -1.45 -53.35 13.00
N LYS G 533 -1.49 -54.17 11.94
CA LYS G 533 -1.99 -53.74 10.65
C LYS G 533 -3.23 -54.55 10.27
N GLU G 553 3.70 -63.61 16.78
CA GLU G 553 4.62 -62.80 17.57
C GLU G 553 6.06 -63.29 17.40
N LYS G 554 6.85 -62.54 16.63
CA LYS G 554 8.22 -62.91 16.33
C LYS G 554 9.16 -61.77 16.70
N GLN G 555 10.33 -62.12 17.22
CA GLN G 555 11.30 -61.13 17.70
C GLN G 555 11.91 -60.34 16.55
N SER G 556 11.07 -59.86 15.62
CA SER G 556 11.49 -59.11 14.46
C SER G 556 12.72 -59.73 13.80
N GLN G 557 13.70 -58.89 13.48
CA GLN G 557 14.95 -59.34 12.87
C GLN G 557 16.03 -58.32 13.21
N GLU G 558 17.28 -58.77 13.20
CA GLU G 558 18.40 -57.85 13.33
C GLU G 558 18.27 -56.69 12.36
N GLU G 559 17.84 -56.96 11.13
CA GLU G 559 17.55 -55.90 10.17
C GLU G 559 16.62 -54.85 10.76
N MET G 560 15.51 -55.29 11.35
CA MET G 560 14.58 -54.37 12.00
C MET G 560 15.26 -53.61 13.14
N LEU G 561 15.99 -54.32 14.00
CA LEU G 561 16.73 -53.67 15.08
C LEU G 561 17.63 -52.56 14.56
N GLU G 562 18.17 -52.72 13.34
CA GLU G 562 18.93 -51.66 12.69
C GLU G 562 18.07 -50.68 11.91
N GLU G 563 16.84 -51.06 11.54
CA GLU G 563 15.93 -50.11 10.90
C GLU G 563 15.54 -49.01 11.88
N VAL G 564 15.31 -49.37 13.14
CA VAL G 564 14.98 -48.40 14.18
C VAL G 564 16.12 -47.41 14.43
N ARG G 565 17.33 -47.71 13.92
CA ARG G 565 18.40 -46.71 13.93
C ARG G 565 18.07 -45.46 13.08
N THR G 566 16.85 -45.38 12.55
CA THR G 566 16.29 -44.17 11.96
C THR G 566 15.44 -43.39 12.96
N TYR G 567 15.66 -43.60 14.26
CA TYR G 567 14.96 -42.85 15.29
C TYR G 567 15.38 -41.39 15.24
N VAL G 568 14.41 -40.50 15.02
CA VAL G 568 14.70 -39.07 15.00
C VAL G 568 15.22 -38.65 16.37
N GLN G 569 16.48 -38.24 16.43
CA GLN G 569 17.09 -37.91 17.71
C GLN G 569 16.50 -36.64 18.30
N ARG G 570 16.33 -36.66 19.61
CA ARG G 570 15.77 -35.52 20.33
C ARG G 570 16.83 -34.43 20.46
N PRO G 571 16.58 -33.22 19.98
CA PRO G 571 17.55 -32.14 20.19
C PRO G 571 17.76 -31.88 21.67
N THR G 572 19.02 -31.84 22.07
CA THR G 572 19.41 -31.67 23.47
C THR G 572 20.20 -30.38 23.59
N ASP G 573 19.53 -29.28 23.94
CA ASP G 573 20.17 -27.98 24.04
C ASP G 573 21.26 -27.97 25.11
N HIS G 574 22.23 -28.87 24.95
CA HIS G 574 23.37 -29.01 25.84
C HIS G 574 24.61 -28.29 25.32
N SER G 575 24.78 -28.23 24.00
CA SER G 575 25.94 -27.62 23.38
C SER G 575 25.62 -26.27 22.73
N THR G 576 24.37 -25.81 22.81
CA THR G 576 24.03 -24.53 22.20
C THR G 576 24.70 -23.37 22.92
N LEU G 577 24.82 -23.46 24.25
CA LEU G 577 25.41 -22.37 25.02
C LEU G 577 26.87 -22.12 24.67
N PRO G 578 27.76 -23.12 24.62
CA PRO G 578 29.14 -22.83 24.20
C PRO G 578 29.26 -22.49 22.72
N SER G 579 28.42 -23.08 21.86
CA SER G 579 28.53 -22.87 20.43
C SER G 579 27.91 -21.55 19.96
N ASP G 580 27.23 -20.84 20.84
CA ASP G 580 26.55 -19.61 20.45
C ASP G 580 27.56 -18.48 20.27
N GLU G 581 27.65 -17.96 19.03
CA GLU G 581 28.60 -16.89 18.75
C GLU G 581 28.26 -15.63 19.52
N ARG G 582 26.97 -15.34 19.69
CA ARG G 582 26.55 -14.10 20.34
C ARG G 582 26.97 -14.08 21.80
N PHE G 583 26.73 -15.19 22.51
CA PHE G 583 27.09 -15.25 23.93
C PHE G 583 28.58 -15.09 24.14
N MET G 584 29.39 -15.69 23.27
CA MET G 584 30.84 -15.62 23.42
C MET G 584 31.37 -14.22 23.09
N SER G 585 30.91 -13.66 21.97
CA SER G 585 31.49 -12.41 21.48
C SER G 585 30.95 -11.17 22.18
N ARG G 586 29.76 -11.24 22.77
CA ARG G 586 29.14 -10.08 23.40
C ARG G 586 29.10 -10.15 24.92
N VAL G 587 29.38 -11.31 25.52
CA VAL G 587 29.24 -11.47 26.96
C VAL G 587 30.49 -12.09 27.57
N VAL G 588 30.81 -13.31 27.15
CA VAL G 588 31.89 -14.08 27.79
C VAL G 588 33.22 -13.33 27.69
N ALA G 589 33.45 -12.66 26.56
CA ALA G 589 34.70 -11.92 26.37
C ALA G 589 34.87 -10.85 27.45
N TYR G 590 33.80 -10.09 27.72
CA TYR G 590 33.87 -9.09 28.78
C TYR G 590 34.01 -9.72 30.15
N ASP G 591 33.57 -10.98 30.31
CA ASP G 591 33.73 -11.69 31.56
C ASP G 591 35.13 -12.25 31.76
N LEU G 592 35.91 -12.36 30.68
CA LEU G 592 37.23 -12.92 30.77
C LEU G 592 38.16 -12.01 31.57
N PRO G 593 39.15 -12.58 32.26
CA PRO G 593 40.16 -11.76 32.94
C PRO G 593 41.30 -11.38 32.00
N ILE G 594 41.81 -10.17 32.18
CA ILE G 594 42.85 -9.62 31.32
C ILE G 594 43.99 -9.13 32.20
N GLY G 595 45.20 -9.63 31.94
CA GLY G 595 46.33 -9.27 32.78
C GLY G 595 46.66 -7.80 32.69
N TYR G 596 47.20 -7.27 33.79
CA TYR G 596 47.56 -5.86 33.85
C TYR G 596 48.87 -5.58 33.11
N CYS G 597 49.85 -6.47 33.27
CA CYS G 597 51.12 -6.39 32.54
C CYS G 597 51.15 -7.49 31.49
N TRP G 598 51.27 -7.11 30.22
CA TRP G 598 51.16 -8.02 29.11
C TRP G 598 52.54 -8.43 28.61
N HIS G 599 52.61 -9.66 28.12
CA HIS G 599 53.88 -10.21 27.65
C HIS G 599 53.72 -10.86 26.31
N SER G 600 54.74 -10.66 25.50
CA SER G 600 54.77 -11.21 24.16
C SER G 600 54.66 -12.74 24.21
N TRP G 601 54.63 -13.37 23.03
CA TRP G 601 54.48 -14.80 22.94
C TRP G 601 55.65 -15.42 22.18
N ASP G 602 56.17 -16.50 22.72
CA ASP G 602 57.11 -17.36 22.00
C ASP G 602 56.31 -18.43 21.29
N LYS G 603 56.45 -18.50 19.96
CA LYS G 603 55.65 -19.46 19.19
C LYS G 603 55.96 -20.89 19.60
N ALA G 604 57.24 -21.19 19.84
CA ALA G 604 57.62 -22.55 20.23
C ALA G 604 57.04 -22.93 21.58
N GLY G 605 57.05 -22.00 22.54
CA GLY G 605 56.50 -22.30 23.85
C GLY G 605 54.99 -22.52 23.80
N LEU G 606 54.29 -21.68 23.04
CA LEU G 606 52.84 -21.86 22.91
C LEU G 606 52.51 -23.18 22.22
N GLU G 607 53.24 -23.51 21.15
CA GLU G 607 53.04 -24.80 20.50
C GLU G 607 53.31 -25.95 21.47
N GLU G 608 54.34 -25.82 22.31
CA GLU G 608 54.63 -26.84 23.31
C GLU G 608 53.49 -26.96 24.31
N LEU G 609 52.89 -25.83 24.68
CA LEU G 609 51.76 -25.86 25.62
C LEU G 609 50.56 -26.57 25.01
N ARG G 610 50.24 -26.25 23.75
CA ARG G 610 49.13 -26.93 23.09
C ARG G 610 49.40 -28.42 22.96
N ARG G 611 50.67 -28.79 22.73
CA ARG G 611 51.02 -30.21 22.66
C ARG G 611 50.83 -30.88 24.01
N GLN G 612 51.27 -30.22 25.10
CA GLN G 612 51.09 -30.78 26.44
C GLN G 612 49.62 -30.90 26.79
N ALA G 613 48.77 -30.08 26.19
CA ALA G 613 47.33 -30.17 26.44
C ALA G 613 46.71 -31.38 25.76
N ASP G 614 47.00 -31.55 24.47
CA ASP G 614 46.47 -32.69 23.72
C ASP G 614 47.05 -33.97 24.28
N TRP G 615 46.21 -34.79 24.92
CA TRP G 615 46.68 -35.98 25.62
C TRP G 615 47.19 -37.06 24.67
N LEU G 616 46.83 -37.00 23.39
CA LEU G 616 47.40 -37.89 22.39
C LEU G 616 48.81 -37.49 21.99
N GLU G 617 49.40 -36.50 22.64
CA GLU G 617 50.77 -36.08 22.39
C GLU G 617 51.62 -35.99 23.65
N SER G 618 51.02 -36.09 24.83
CA SER G 618 51.77 -35.97 26.08
C SER G 618 51.40 -37.02 27.14
N ASP G 619 50.18 -37.55 27.14
CA ASP G 619 49.73 -38.45 28.19
C ASP G 619 50.24 -39.86 27.89
N ASP G 620 51.15 -40.36 28.73
CA ASP G 620 51.56 -41.76 28.62
C ASP G 620 50.37 -42.69 28.76
N TYR G 621 49.31 -42.23 29.45
CA TYR G 621 48.06 -42.99 29.54
C TYR G 621 47.49 -43.30 28.17
N TYR G 622 47.73 -42.43 27.18
CA TYR G 622 47.30 -42.75 25.82
C TYR G 622 48.19 -43.83 25.21
N PHE G 623 49.50 -43.65 25.31
CA PHE G 623 50.44 -44.60 24.75
C PHE G 623 50.46 -45.90 25.54
N SER G 624 50.98 -45.84 26.78
CA SER G 624 51.15 -47.05 27.59
C SER G 624 49.88 -47.42 28.35
N GLY G 625 49.14 -46.43 28.85
CA GLY G 625 48.02 -46.70 29.72
C GLY G 625 48.35 -46.59 31.18
N LYS G 626 49.29 -45.70 31.54
CA LYS G 626 49.77 -45.56 32.92
C LYS G 626 49.01 -44.42 33.59
N LEU G 627 48.03 -44.79 34.41
CA LEU G 627 47.36 -43.80 35.24
C LEU G 627 48.34 -43.12 36.18
N THR G 628 48.21 -41.80 36.29
CA THR G 628 48.89 -41.01 37.33
C THR G 628 47.81 -40.18 38.01
N VAL G 629 47.08 -40.82 38.92
CA VAL G 629 45.96 -40.18 39.60
C VAL G 629 46.48 -39.38 40.80
N PRO G 630 46.11 -38.12 40.92
CA PRO G 630 46.61 -37.30 42.02
C PRO G 630 45.85 -37.58 43.30
N PRO G 631 46.43 -37.29 44.45
CA PRO G 631 45.69 -37.44 45.71
C PRO G 631 44.54 -36.46 45.78
N ILE G 632 43.48 -36.86 46.47
CA ILE G 632 42.27 -36.04 46.61
C ILE G 632 42.63 -34.78 47.39
N PRO G 633 42.47 -33.60 46.79
CA PRO G 633 42.86 -32.36 47.46
C PRO G 633 41.97 -32.09 48.66
N PRO G 634 42.44 -31.29 49.62
CA PRO G 634 41.62 -31.03 50.82
C PRO G 634 40.39 -30.20 50.53
N ALA G 635 40.37 -29.43 49.45
CA ALA G 635 39.17 -28.67 49.11
C ALA G 635 37.99 -29.59 48.81
N ILE G 636 38.26 -30.80 48.34
CA ILE G 636 37.23 -31.76 48.02
C ILE G 636 36.89 -32.53 49.29
N LYS G 637 35.71 -32.27 49.85
CA LYS G 637 35.26 -32.92 51.07
C LYS G 637 34.59 -34.25 50.75
N GLN G 638 34.74 -35.20 51.66
CA GLN G 638 34.27 -36.56 51.47
C GLN G 638 33.12 -36.90 52.42
N ASP G 639 32.51 -35.89 53.02
CA ASP G 639 31.51 -36.11 54.06
C ASP G 639 30.26 -36.72 53.45
N VAL G 640 29.75 -37.78 54.08
CA VAL G 640 28.62 -38.54 53.57
C VAL G 640 27.39 -38.24 54.42
N ALA G 641 26.26 -37.97 53.76
CA ALA G 641 25.02 -37.75 54.47
C ALA G 641 24.46 -39.08 54.99
N GLU G 642 23.74 -39.00 56.10
CA GLU G 642 23.19 -40.21 56.71
C GLU G 642 22.17 -40.85 55.79
N ASP G 643 22.35 -42.15 55.53
CA ASP G 643 21.44 -42.91 54.68
C ASP G 643 21.51 -44.40 54.99
N ALA G 644 21.44 -45.24 53.95
CA ALA G 644 21.20 -46.68 53.99
C ALA G 644 19.70 -46.94 54.02
N GLU G 645 18.98 -46.29 54.94
CA GLU G 645 17.53 -46.27 54.85
C GLU G 645 17.09 -45.55 53.58
N GLN G 646 17.70 -44.40 53.30
CA GLN G 646 17.45 -43.70 52.04
C GLN G 646 17.95 -44.52 50.86
N ARG G 647 19.07 -45.24 51.03
CA ARG G 647 19.57 -46.09 49.96
C ARG G 647 18.62 -47.24 49.68
N LYS G 648 18.05 -47.83 50.72
CA LYS G 648 17.14 -48.96 50.52
C LYS G 648 15.76 -48.50 50.09
N ALA G 649 15.27 -47.38 50.64
CA ALA G 649 13.91 -46.95 50.37
C ALA G 649 13.70 -46.65 48.89
N GLU G 650 14.67 -46.01 48.24
CA GLU G 650 14.56 -45.74 46.81
C GLU G 650 14.53 -47.04 46.01
N GLU G 651 15.32 -48.03 46.42
CA GLU G 651 15.34 -49.30 45.71
C GLU G 651 14.01 -50.03 45.82
N LYS G 652 13.41 -50.01 47.02
CA LYS G 652 12.14 -50.71 47.22
C LYS G 652 11.04 -50.11 46.36
N ALA G 653 11.01 -48.80 46.21
CA ALA G 653 9.99 -48.12 45.41
C ALA G 653 10.06 -48.54 43.94
N ASN H 59 -3.04 -37.56 3.62
CA ASN H 59 -4.40 -37.04 3.48
C ASN H 59 -4.40 -35.52 3.54
N VAL H 60 -3.24 -34.96 3.89
CA VAL H 60 -3.10 -33.50 3.97
C VAL H 60 -3.22 -32.91 2.57
N PRO H 61 -3.78 -31.70 2.43
CA PRO H 61 -3.85 -31.10 1.10
C PRO H 61 -2.46 -30.74 0.60
N PRO H 62 -2.22 -30.84 -0.70
CA PRO H 62 -0.89 -30.54 -1.23
C PRO H 62 -0.55 -29.08 -1.06
N PRO H 63 0.66 -28.76 -0.59
CA PRO H 63 1.06 -27.37 -0.43
C PRO H 63 1.21 -26.69 -1.79
N VAL H 64 1.06 -25.37 -1.77
CA VAL H 64 1.21 -24.56 -2.97
C VAL H 64 2.66 -24.12 -3.09
N TYR H 65 3.26 -24.36 -4.26
CA TYR H 65 4.66 -24.06 -4.50
C TYR H 65 4.77 -22.75 -5.27
N GLY H 66 5.81 -21.98 -4.97
CA GLY H 66 6.01 -20.69 -5.58
C GLY H 66 6.51 -20.79 -7.00
N PRO H 67 6.58 -19.64 -7.67
CA PRO H 67 7.05 -19.61 -9.06
C PRO H 67 8.56 -19.53 -9.13
N PRO H 68 9.17 -20.12 -10.15
CA PRO H 68 10.63 -20.10 -10.26
C PRO H 68 11.16 -18.68 -10.37
N GLN H 69 12.29 -18.42 -9.71
CA GLN H 69 12.89 -17.09 -9.71
C GLN H 69 14.40 -17.22 -9.64
N VAL H 70 15.08 -16.14 -10.02
CA VAL H 70 16.54 -16.11 -10.08
C VAL H 70 17.09 -15.76 -8.70
N ILE H 71 18.05 -16.55 -8.23
CA ILE H 71 18.76 -16.24 -6.99
C ILE H 71 20.23 -15.93 -7.22
N PHE H 72 20.81 -16.32 -8.35
CA PHE H 72 22.19 -15.98 -8.67
C PHE H 72 22.35 -16.06 -10.18
N ARG H 73 22.70 -14.94 -10.80
CA ARG H 73 22.90 -14.89 -12.25
C ARG H 73 24.39 -14.85 -12.54
N ILE H 74 24.85 -15.82 -13.34
CA ILE H 74 26.24 -15.85 -13.78
C ILE H 74 26.44 -14.90 -14.95
N ASP H 75 25.58 -15.01 -15.96
CA ASP H 75 25.59 -14.14 -17.12
C ASP H 75 24.18 -14.10 -17.69
N ASP H 76 24.04 -13.65 -18.93
CA ASP H 76 22.73 -13.58 -19.56
C ASP H 76 22.18 -14.94 -19.95
N ASN H 77 22.98 -16.00 -19.82
CA ASN H 77 22.58 -17.34 -20.26
C ASN H 77 22.57 -18.35 -19.13
N ARG H 78 23.63 -18.39 -18.32
CA ARG H 78 23.72 -19.32 -17.20
C ARG H 78 23.23 -18.63 -15.93
N TYR H 79 22.26 -19.27 -15.25
CA TYR H 79 21.67 -18.64 -14.08
C TYR H 79 21.05 -19.71 -13.18
N PHE H 80 20.98 -19.40 -11.89
CA PHE H 80 20.51 -20.33 -10.87
C PHE H 80 19.12 -19.91 -10.41
N THR H 81 18.22 -20.87 -10.32
CA THR H 81 16.83 -20.60 -9.98
C THR H 81 16.40 -21.39 -8.75
N LEU H 82 15.64 -20.73 -7.88
CA LEU H 82 14.89 -21.39 -6.83
C LEU H 82 13.49 -21.66 -7.34
N GLU H 83 13.08 -22.93 -7.31
CA GLU H 83 11.71 -23.29 -7.63
C GLU H 83 11.32 -24.49 -6.78
N ASN H 84 10.03 -24.82 -6.83
CA ASN H 84 9.43 -25.86 -5.97
C ASN H 84 9.55 -25.48 -4.50
N TYR H 85 9.37 -24.20 -4.19
CA TYR H 85 9.51 -23.69 -2.83
C TYR H 85 8.18 -23.12 -2.35
N THR H 86 8.01 -23.13 -1.02
CA THR H 86 6.91 -22.41 -0.38
C THR H 86 7.35 -21.06 0.18
N HIS H 87 8.64 -20.91 0.51
CA HIS H 87 9.19 -19.62 0.89
C HIS H 87 10.66 -19.61 0.49
N CYS H 88 11.31 -18.46 0.69
CA CYS H 88 12.65 -18.24 0.18
C CYS H 88 13.70 -19.16 0.80
N GLU H 89 13.35 -19.97 1.80
CA GLU H 89 14.33 -20.77 2.54
C GLU H 89 14.06 -22.25 2.45
N ASN H 90 13.45 -22.71 1.35
CA ASN H 90 13.25 -24.13 1.13
C ASN H 90 13.10 -24.36 -0.38
N GLY H 91 12.76 -25.59 -0.76
CA GLY H 91 12.54 -25.91 -2.16
C GLY H 91 13.72 -26.59 -2.83
N GLN H 92 13.97 -26.24 -4.08
CA GLN H 92 15.08 -26.81 -4.84
C GLN H 92 15.80 -25.71 -5.59
N THR H 93 17.13 -25.83 -5.68
CA THR H 93 17.97 -24.90 -6.40
C THR H 93 18.43 -25.56 -7.70
N PHE H 94 18.20 -24.88 -8.82
CA PHE H 94 18.29 -25.48 -10.14
C PHE H 94 19.27 -24.69 -11.02
N TYR H 95 20.05 -25.41 -11.82
CA TYR H 95 20.93 -24.81 -12.81
C TYR H 95 20.16 -24.65 -14.12
N ASN H 96 20.26 -23.47 -14.73
CA ASN H 96 19.61 -23.18 -16.00
C ASN H 96 20.63 -22.66 -17.00
N ASN H 97 20.67 -23.28 -18.17
CA ASN H 97 21.51 -22.83 -19.28
C ASN H 97 20.65 -22.86 -20.55
N LYS H 98 20.27 -21.67 -21.03
CA LYS H 98 19.38 -21.60 -22.17
C LYS H 98 20.03 -22.05 -23.47
N ALA H 99 21.36 -22.11 -23.52
CA ALA H 99 22.04 -22.55 -24.74
C ALA H 99 21.71 -24.01 -25.04
N LYS H 100 22.11 -24.92 -24.14
CA LYS H 100 21.86 -26.34 -24.31
C LYS H 100 20.55 -26.77 -23.66
N ASN H 101 19.75 -25.83 -23.15
CA ASN H 101 18.50 -26.13 -22.46
C ASN H 101 18.72 -27.09 -21.29
N ILE H 102 19.80 -26.87 -20.55
CA ILE H 102 20.14 -27.68 -19.39
C ILE H 102 19.40 -27.12 -18.18
N HIS H 103 18.60 -27.95 -17.52
CA HIS H 103 17.86 -27.56 -16.32
C HIS H 103 17.95 -28.75 -15.36
N VAL H 104 18.97 -28.75 -14.51
CA VAL H 104 19.30 -29.90 -13.67
C VAL H 104 19.23 -29.50 -12.20
N LYS H 105 18.98 -30.50 -11.35
CA LYS H 105 18.82 -30.26 -9.92
C LYS H 105 20.18 -30.16 -9.24
N ILE H 106 20.45 -29.00 -8.66
CA ILE H 106 21.74 -28.76 -8.00
C ILE H 106 21.61 -29.06 -6.52
N LEU H 107 20.73 -28.33 -5.84
CA LEU H 107 20.62 -28.36 -4.38
C LEU H 107 19.21 -28.74 -3.98
N ASP H 108 19.08 -29.66 -3.03
CA ASP H 108 17.78 -30.09 -2.52
C ASP H 108 17.18 -29.12 -1.52
N ALA H 109 17.75 -27.92 -1.39
CA ALA H 109 17.20 -26.87 -0.55
C ALA H 109 17.45 -25.53 -1.22
N SER H 110 16.96 -24.46 -0.60
CA SER H 110 17.15 -23.13 -1.15
C SER H 110 18.60 -22.68 -0.97
N GLY H 111 19.20 -22.21 -2.06
CA GLY H 111 20.54 -21.64 -1.98
C GLY H 111 20.59 -20.25 -1.40
N TYR H 112 19.43 -19.63 -1.17
CA TYR H 112 19.38 -18.31 -0.56
C TYR H 112 19.93 -18.30 0.86
N LEU H 113 20.04 -19.48 1.49
CA LEU H 113 20.61 -19.57 2.83
C LEU H 113 22.11 -19.31 2.84
N PHE H 114 22.76 -19.38 1.68
CA PHE H 114 24.18 -19.05 1.56
C PHE H 114 24.32 -17.53 1.52
N LYS H 115 24.77 -16.94 2.63
CA LYS H 115 24.90 -15.50 2.75
C LYS H 115 26.30 -14.99 2.39
N GLY H 116 27.17 -15.86 1.91
CA GLY H 116 28.51 -15.48 1.52
C GLY H 116 28.59 -14.95 0.11
N ARG H 117 29.81 -14.86 -0.40
CA ARG H 117 30.06 -14.40 -1.75
C ARG H 117 30.36 -15.57 -2.67
N LEU H 118 29.89 -15.46 -3.92
CA LEU H 118 30.06 -16.51 -4.92
C LEU H 118 30.60 -15.88 -6.20
N PHE H 119 31.60 -16.52 -6.79
CA PHE H 119 32.25 -16.04 -8.00
C PHE H 119 32.28 -17.17 -9.01
N TRP H 120 31.49 -17.07 -10.06
CA TRP H 120 31.44 -18.09 -11.10
C TRP H 120 32.42 -17.73 -12.22
N LEU H 121 33.43 -18.57 -12.41
CA LEU H 121 34.44 -18.37 -13.44
C LEU H 121 34.59 -19.54 -14.40
N SER H 122 34.23 -20.76 -13.98
CA SER H 122 34.39 -21.92 -14.83
C SER H 122 33.46 -21.85 -16.04
N THR H 123 34.03 -21.99 -17.24
CA THR H 123 33.24 -22.02 -18.46
C THR H 123 32.53 -23.35 -18.68
N ARG H 124 32.85 -24.37 -17.90
CA ARG H 124 32.30 -25.69 -18.09
C ARG H 124 30.89 -25.80 -17.51
N ASP H 125 30.15 -26.78 -17.99
CA ASP H 125 28.84 -27.13 -17.43
C ASP H 125 28.78 -28.54 -16.86
N ASP H 126 29.60 -29.46 -17.37
CA ASP H 126 29.65 -30.80 -16.80
C ASP H 126 30.14 -30.78 -15.35
N PHE H 127 31.04 -29.84 -15.03
CA PHE H 127 31.53 -29.66 -13.67
C PHE H 127 30.74 -28.54 -12.99
N LEU H 128 30.12 -28.85 -11.86
CA LEU H 128 29.36 -27.88 -11.09
C LEU H 128 29.66 -28.05 -9.60
N ALA H 129 29.81 -26.93 -8.91
CA ALA H 129 30.07 -26.92 -7.47
C ALA H 129 29.27 -25.77 -6.86
N PHE H 130 28.45 -26.09 -5.86
CA PHE H 130 27.50 -25.13 -5.31
C PHE H 130 27.40 -25.30 -3.81
N PRO H 131 27.39 -24.20 -3.06
CA PRO H 131 27.37 -24.29 -1.59
C PRO H 131 26.05 -24.85 -1.09
N ALA H 132 26.14 -25.94 -0.33
CA ALA H 132 24.99 -26.53 0.34
C ALA H 132 25.00 -26.06 1.79
N THR H 133 24.03 -25.20 2.14
CA THR H 133 23.96 -24.57 3.44
C THR H 133 22.65 -24.94 4.13
N LEU H 134 22.74 -25.35 5.39
CA LEU H 134 21.58 -25.78 6.15
C LEU H 134 20.91 -24.57 6.79
N ASN H 135 19.59 -24.66 6.93
CA ASN H 135 18.82 -23.61 7.58
C ASN H 135 19.02 -23.67 9.09
N THR H 136 19.38 -22.53 9.68
CA THR H 136 19.61 -22.49 11.11
C THR H 136 18.33 -22.75 11.90
N ARG H 137 17.21 -22.21 11.43
CA ARG H 137 15.97 -22.29 12.18
C ARG H 137 15.24 -23.63 12.01
N HIS H 138 15.62 -24.45 11.02
CA HIS H 138 14.95 -25.74 10.80
C HIS H 138 15.99 -26.70 10.23
N ALA H 139 16.57 -27.52 11.10
CA ALA H 139 17.55 -28.53 10.68
C ALA H 139 17.61 -29.61 11.75
N SER H 140 17.82 -30.85 11.30
CA SER H 140 17.92 -31.96 12.23
C SER H 140 19.16 -31.84 13.11
N CYS H 141 20.27 -31.38 12.53
CA CYS H 141 21.51 -31.22 13.28
C CYS H 141 21.43 -30.12 14.33
N MET H 142 20.40 -29.26 14.27
CA MET H 142 20.24 -28.26 15.31
C MET H 142 19.95 -28.90 16.65
N GLY H 143 20.45 -28.27 17.71
CA GLY H 143 20.32 -28.80 19.05
C GLY H 143 21.11 -30.06 19.33
N SER H 144 21.76 -30.65 18.33
CA SER H 144 22.58 -31.83 18.54
C SER H 144 23.79 -31.49 19.40
N ASN H 145 24.34 -32.52 20.05
CA ASN H 145 25.49 -32.31 20.91
C ASN H 145 26.75 -31.95 20.13
N LYS H 146 26.81 -32.31 18.84
CA LYS H 146 27.95 -31.95 18.00
C LYS H 146 27.72 -30.60 17.31
N GLY H 147 26.70 -30.52 16.47
CA GLY H 147 26.37 -29.31 15.76
C GLY H 147 26.16 -29.58 14.29
N CYS H 148 26.12 -28.51 13.52
CA CYS H 148 25.90 -28.58 12.08
C CYS H 148 27.18 -28.21 11.33
N MET H 149 27.37 -28.84 10.18
CA MET H 149 28.50 -28.56 9.31
C MET H 149 27.99 -28.41 7.89
N ASN H 150 28.22 -27.23 7.29
CA ASN H 150 27.79 -27.00 5.93
C ASN H 150 28.63 -27.85 4.96
N ALA H 151 28.25 -27.82 3.69
CA ALA H 151 28.91 -28.63 2.68
C ALA H 151 28.80 -27.94 1.33
N VAL H 152 29.33 -28.60 0.30
CA VAL H 152 29.25 -28.12 -1.07
C VAL H 152 28.88 -29.30 -1.96
N ILE H 153 27.77 -29.16 -2.69
CA ILE H 153 27.35 -30.18 -3.65
C ILE H 153 28.25 -30.08 -4.88
N VAL H 154 28.76 -31.22 -5.33
CA VAL H 154 29.69 -31.27 -6.45
C VAL H 154 29.22 -32.36 -7.40
N THR H 155 29.16 -32.04 -8.69
CA THR H 155 28.83 -33.01 -9.73
C THR H 155 29.82 -32.88 -10.88
N THR H 156 30.16 -34.02 -11.48
CA THR H 156 31.10 -34.08 -12.60
C THR H 156 30.43 -34.55 -13.88
N ASP H 157 29.10 -34.60 -13.92
CA ASP H 157 28.36 -35.08 -15.08
C ASP H 157 27.13 -34.23 -15.33
N GLY H 158 27.27 -32.91 -15.18
CA GLY H 158 26.17 -32.01 -15.45
C GLY H 158 25.00 -32.13 -14.49
N GLY H 159 25.20 -32.72 -13.32
CA GLY H 159 24.15 -32.85 -12.34
C GLY H 159 23.43 -34.18 -12.33
N LYS H 160 23.84 -35.13 -13.18
CA LYS H 160 23.19 -36.45 -13.19
C LYS H 160 23.43 -37.19 -11.88
N ARG H 161 24.67 -37.18 -11.39
CA ARG H 161 25.02 -37.75 -10.10
C ARG H 161 25.71 -36.68 -9.28
N ARG H 162 25.16 -36.38 -8.10
CA ARG H 162 25.67 -35.33 -7.24
C ARG H 162 26.15 -35.92 -5.92
N SER H 163 27.31 -35.46 -5.47
CA SER H 163 27.89 -35.86 -4.19
C SER H 163 28.14 -34.60 -3.35
N GLY H 164 28.60 -34.82 -2.12
CA GLY H 164 28.82 -33.72 -1.20
C GLY H 164 30.24 -33.72 -0.65
N VAL H 165 30.72 -32.51 -0.37
CA VAL H 165 32.05 -32.31 0.21
C VAL H 165 31.87 -31.46 1.46
N PRO H 166 32.26 -31.95 2.64
CA PRO H 166 32.05 -31.18 3.88
C PRO H 166 33.12 -30.11 4.07
N TYR H 167 32.67 -28.89 4.34
CA TYR H 167 33.56 -27.78 4.63
C TYR H 167 33.14 -27.10 5.92
N GLY H 168 34.04 -26.29 6.46
CA GLY H 168 33.73 -25.53 7.66
C GLY H 168 33.93 -26.31 8.94
N SER H 169 33.26 -25.85 9.99
CA SER H 169 33.35 -26.47 11.31
C SER H 169 31.95 -26.56 11.90
N TYR H 170 31.85 -27.29 13.01
CA TYR H 170 30.55 -27.53 13.63
C TYR H 170 29.99 -26.24 14.23
N THR H 171 28.69 -26.03 14.06
CA THR H 171 28.05 -24.79 14.48
C THR H 171 26.62 -25.04 14.91
N GLN H 172 26.04 -24.03 15.55
CA GLN H 172 24.60 -23.93 15.77
C GLN H 172 23.99 -22.78 14.98
N ASN H 173 24.63 -22.38 13.89
CA ASN H 173 24.13 -21.34 13.01
C ASN H 173 24.73 -21.54 11.62
N PRO H 174 24.25 -22.54 10.86
CA PRO H 174 24.85 -22.78 9.53
C PRO H 174 24.65 -21.64 8.56
N THR H 175 23.49 -20.97 8.61
CA THR H 175 23.26 -19.84 7.70
C THR H 175 24.23 -18.69 8.01
N GLY H 176 24.40 -18.36 9.30
CA GLY H 176 25.36 -17.33 9.67
C GLY H 176 26.79 -17.71 9.42
N ALA H 177 27.08 -19.01 9.26
CA ALA H 177 28.44 -19.43 8.95
C ALA H 177 28.88 -18.94 7.57
N THR H 178 27.98 -19.01 6.59
CA THR H 178 28.31 -18.55 5.25
C THR H 178 28.60 -17.06 5.20
N ARG H 179 28.12 -16.30 6.19
CA ARG H 179 28.29 -14.84 6.22
C ARG H 179 29.76 -14.44 6.28
N ASP H 180 30.66 -15.41 6.40
CA ASP H 180 32.09 -15.14 6.44
C ASP H 180 32.86 -15.94 5.38
N TYR H 181 32.17 -16.45 4.36
CA TYR H 181 32.77 -17.35 3.39
C TYR H 181 32.70 -16.77 1.99
N ASP H 182 33.77 -16.98 1.21
CA ASP H 182 33.81 -16.62 -0.20
C ASP H 182 34.16 -17.86 -1.01
N MET H 183 33.40 -18.11 -2.08
CA MET H 183 33.61 -19.27 -2.94
C MET H 183 33.96 -18.82 -4.35
N LEU H 184 35.01 -19.42 -4.91
CA LEU H 184 35.39 -19.24 -6.30
C LEU H 184 35.29 -20.59 -7.00
N VAL H 185 34.59 -20.63 -8.13
CA VAL H 185 34.54 -21.83 -8.97
C VAL H 185 35.25 -21.51 -10.28
N MET H 186 36.24 -22.33 -10.63
CA MET H 186 37.05 -22.14 -11.82
C MET H 186 37.14 -23.45 -12.58
N ASN H 187 37.79 -23.38 -13.76
CA ASN H 187 37.84 -24.54 -14.63
C ASN H 187 38.54 -25.73 -13.98
N ASP H 188 39.51 -25.48 -13.10
CA ASP H 188 40.25 -26.54 -12.45
C ASP H 188 39.58 -27.07 -11.19
N GLY H 189 38.59 -26.36 -10.65
CA GLY H 189 37.91 -26.80 -9.44
C GLY H 189 37.20 -25.67 -8.73
N PHE H 190 37.38 -25.58 -7.41
CA PHE H 190 36.80 -24.47 -6.66
C PHE H 190 37.59 -24.25 -5.39
N TYR H 191 37.71 -22.98 -5.01
CA TYR H 191 38.42 -22.56 -3.80
C TYR H 191 37.43 -21.96 -2.80
N LEU H 192 37.75 -22.12 -1.52
CA LEU H 192 36.96 -21.53 -0.45
C LEU H 192 37.86 -20.70 0.47
N LEU H 193 37.35 -19.54 0.89
CA LEU H 193 38.06 -18.66 1.79
C LEU H 193 37.18 -18.34 2.99
N ARG H 194 37.68 -18.65 4.18
CA ARG H 194 37.03 -18.29 5.43
C ARG H 194 37.86 -17.21 6.10
N TYR H 195 37.25 -16.05 6.33
CA TYR H 195 37.95 -14.91 6.90
C TYR H 195 37.92 -14.99 8.43
N ARG H 196 39.10 -15.05 9.04
CA ARG H 196 39.20 -15.06 10.49
C ARG H 196 39.14 -13.63 11.02
N GLY H 197 39.14 -13.50 12.35
CA GLY H 197 39.09 -12.20 12.99
C GLY H 197 37.69 -11.65 13.13
N GLY H 198 37.60 -10.48 13.76
CA GLY H 198 36.33 -9.84 14.00
C GLY H 198 35.80 -9.03 12.84
N GLN H 199 35.68 -7.72 13.04
CA GLN H 199 35.17 -6.85 11.99
C GLN H 199 36.10 -6.85 10.79
N GLY H 200 35.52 -6.84 9.59
CA GLY H 200 36.27 -6.86 8.35
C GLY H 200 36.62 -8.26 7.90
N ARG H 201 36.84 -8.40 6.60
CA ARG H 201 37.20 -9.68 6.00
C ARG H 201 38.72 -9.74 5.78
N PHE H 202 39.44 -9.84 6.90
CA PHE H 202 40.89 -9.93 6.90
C PHE H 202 41.33 -11.33 7.33
N SER H 203 42.61 -11.61 7.08
CA SER H 203 43.27 -12.87 7.39
C SER H 203 42.44 -14.08 6.93
N PRO H 204 42.39 -14.35 5.63
CA PRO H 204 41.64 -15.50 5.14
C PRO H 204 42.38 -16.81 5.41
N VAL H 205 41.65 -17.91 5.21
CA VAL H 205 42.22 -19.26 5.16
C VAL H 205 41.61 -19.96 3.95
N ILE H 206 42.48 -20.50 3.10
CA ILE H 206 42.08 -20.98 1.78
C ILE H 206 42.10 -22.50 1.76
N LEU H 207 41.09 -23.08 1.12
CA LEU H 207 41.07 -24.51 0.82
C LEU H 207 40.72 -24.67 -0.66
N ARG H 208 41.50 -25.50 -1.35
CA ARG H 208 41.37 -25.68 -2.79
C ARG H 208 40.95 -27.10 -3.11
N TRP H 209 40.16 -27.23 -4.17
CA TRP H 209 39.72 -28.52 -4.67
C TRP H 209 39.92 -28.56 -6.18
N ILE H 210 40.50 -29.65 -6.67
CA ILE H 210 40.74 -29.85 -8.09
C ILE H 210 40.16 -31.18 -8.52
N LEU H 211 39.87 -31.29 -9.81
CA LEU H 211 39.28 -32.50 -10.36
C LEU H 211 40.27 -33.65 -10.32
N SER H 212 39.73 -34.86 -10.13
CA SER H 212 40.57 -36.07 -10.09
C SER H 212 39.67 -37.26 -10.35
N THR H 213 39.97 -38.03 -11.40
CA THR H 213 39.15 -39.17 -11.77
C THR H 213 39.24 -40.31 -10.76
N GLU H 214 40.25 -40.29 -9.89
CA GLU H 214 40.46 -41.37 -8.93
C GLU H 214 39.54 -41.30 -7.73
N ASP H 215 38.72 -40.26 -7.61
CA ASP H 215 37.84 -40.08 -6.45
C ASP H 215 36.39 -40.22 -6.88
N SER H 216 35.59 -40.84 -6.00
CA SER H 216 34.16 -41.01 -6.27
C SER H 216 33.45 -39.66 -6.30
N SER H 217 33.81 -38.76 -5.37
CA SER H 217 33.20 -37.43 -5.34
C SER H 217 33.58 -36.60 -6.55
N GLY H 218 34.65 -36.96 -7.26
CA GLY H 218 35.05 -36.26 -8.45
C GLY H 218 36.10 -35.19 -8.24
N VAL H 219 36.26 -34.69 -7.01
CA VAL H 219 37.24 -33.68 -6.69
C VAL H 219 38.05 -34.13 -5.48
N VAL H 220 39.25 -33.58 -5.37
CA VAL H 220 40.14 -33.85 -4.25
C VAL H 220 40.76 -32.53 -3.79
N ARG H 221 40.97 -32.40 -2.49
CA ARG H 221 41.60 -31.20 -1.95
C ARG H 221 43.04 -31.10 -2.46
N SER H 222 43.41 -29.91 -2.93
CA SER H 222 44.73 -29.66 -3.48
C SER H 222 45.44 -28.59 -2.64
N GLU H 223 46.63 -28.92 -2.15
CA GLU H 223 47.42 -27.99 -1.37
C GLU H 223 48.17 -26.98 -2.24
N ASP H 224 47.83 -26.89 -3.52
CA ASP H 224 48.36 -25.86 -4.40
C ASP H 224 47.57 -24.56 -4.31
N ALA H 225 46.89 -24.33 -3.18
CA ALA H 225 46.12 -23.11 -2.99
C ALA H 225 47.07 -21.93 -2.82
N TYR H 226 46.51 -20.79 -2.41
CA TYR H 226 47.24 -19.52 -2.30
C TYR H 226 47.85 -19.08 -3.64
N GLU H 227 47.36 -19.65 -4.74
CA GLU H 227 47.72 -19.16 -6.07
C GLU H 227 46.98 -17.87 -6.42
N LEU H 228 46.21 -17.33 -5.48
CA LEU H 228 45.53 -16.06 -5.71
C LEU H 228 46.51 -14.90 -5.69
N PHE H 229 47.54 -14.97 -4.87
CA PHE H 229 48.67 -14.07 -4.94
C PHE H 229 49.71 -14.67 -5.88
N ARG H 230 50.96 -14.25 -5.78
CA ARG H 230 52.00 -14.84 -6.61
C ARG H 230 52.20 -16.30 -6.23
N PRO H 231 52.27 -17.22 -7.19
CA PRO H 231 52.49 -18.63 -6.82
C PRO H 231 53.79 -18.83 -6.06
N GLY H 232 54.84 -18.11 -6.44
CA GLY H 232 56.07 -18.07 -5.67
C GLY H 232 56.18 -16.79 -4.87
N GLU H 233 55.33 -16.62 -3.87
CA GLU H 233 55.37 -15.46 -2.99
C GLU H 233 55.68 -15.83 -1.54
N GLU H 234 55.91 -17.11 -1.25
CA GLU H 234 56.25 -17.60 0.09
C GLU H 234 55.12 -17.32 1.08
N VAL H 235 54.23 -18.28 1.26
CA VAL H 235 53.11 -18.13 2.20
C VAL H 235 53.66 -18.15 3.63
N PRO H 236 53.24 -17.22 4.49
CA PRO H 236 53.69 -17.28 5.89
C PRO H 236 52.74 -18.11 6.75
N SER H 237 53.11 -18.28 8.02
CA SER H 237 52.28 -19.11 8.91
C SER H 237 50.95 -18.44 9.24
N THR H 238 50.93 -17.11 9.32
CA THR H 238 49.67 -16.42 9.60
C THR H 238 48.70 -16.55 8.42
N GLY H 239 49.20 -16.38 7.20
CA GLY H 239 48.38 -16.58 6.01
C GLY H 239 48.05 -15.30 5.28
N PHE H 240 49.07 -14.49 4.96
CA PHE H 240 48.88 -13.16 4.42
C PHE H 240 47.87 -12.39 5.25
N TYR H 241 47.05 -11.55 4.63
CA TYR H 241 46.21 -10.68 5.44
C TYR H 241 45.07 -10.08 4.63
N LYS H 242 45.40 -9.32 3.60
CA LYS H 242 44.40 -8.78 2.67
C LYS H 242 44.61 -9.45 1.32
N ILE H 243 43.70 -10.35 0.95
CA ILE H 243 43.70 -10.95 -0.38
C ILE H 243 42.70 -10.17 -1.23
N ASP H 244 43.22 -9.41 -2.19
CA ASP H 244 42.37 -8.65 -3.10
C ASP H 244 41.79 -9.57 -4.15
N LEU H 245 40.47 -9.53 -4.33
CA LEU H 245 39.79 -10.32 -5.35
C LEU H 245 39.11 -9.44 -6.40
N SER H 246 39.51 -8.18 -6.51
CA SER H 246 38.89 -7.29 -7.50
C SER H 246 39.05 -7.82 -8.92
N ARG H 247 40.05 -8.67 -9.15
CA ARG H 247 40.24 -9.28 -10.46
C ARG H 247 39.15 -10.29 -10.80
N PHE H 248 38.34 -10.71 -9.81
CA PHE H 248 37.27 -11.67 -10.02
C PHE H 248 35.89 -11.04 -9.92
N TYR H 249 35.80 -9.75 -9.61
CA TYR H 249 34.52 -9.08 -9.49
C TYR H 249 33.79 -9.12 -10.83
N PRO H 250 32.60 -9.72 -10.91
CA PRO H 250 31.91 -9.83 -12.20
C PRO H 250 31.39 -8.50 -12.70
N LYS H 251 31.04 -8.48 -13.99
CA LYS H 251 30.56 -7.25 -14.61
C LYS H 251 29.20 -6.84 -14.04
N ASN H 252 28.33 -7.81 -13.77
CA ASN H 252 27.04 -7.51 -13.18
C ASN H 252 27.14 -7.05 -11.72
N ASN H 253 28.30 -7.25 -11.08
CA ASN H 253 28.54 -6.82 -9.72
C ASN H 253 27.57 -7.47 -8.74
N VAL H 254 27.32 -8.76 -8.93
CA VAL H 254 26.53 -9.56 -8.00
C VAL H 254 27.46 -10.52 -7.28
N MET H 255 27.28 -10.63 -5.96
CA MET H 255 28.17 -11.45 -5.14
C MET H 255 27.38 -12.35 -4.22
N GLU H 256 26.19 -11.92 -3.80
CA GLU H 256 25.42 -12.57 -2.76
C GLU H 256 24.07 -13.04 -3.30
N MET H 257 23.52 -14.06 -2.65
CA MET H 257 22.25 -14.62 -3.07
C MET H 257 21.12 -13.62 -2.84
N GLN H 258 20.14 -13.62 -3.74
CA GLN H 258 18.99 -12.75 -3.65
C GLN H 258 17.72 -13.57 -3.79
N CYS H 259 16.64 -13.09 -3.18
CA CYS H 259 15.36 -13.76 -3.25
C CYS H 259 14.25 -12.71 -3.20
N ASP H 260 13.19 -12.94 -3.96
CA ASP H 260 12.05 -12.04 -4.02
C ASP H 260 10.99 -12.58 -3.07
N ARG H 261 10.88 -11.95 -1.89
CA ARG H 261 9.97 -12.44 -0.86
C ARG H 261 8.50 -12.20 -1.17
N THR H 262 8.18 -11.39 -2.18
CA THR H 262 6.78 -11.16 -2.52
C THR H 262 6.16 -12.37 -3.21
N LEU H 263 6.97 -13.28 -3.73
CA LEU H 263 6.49 -14.42 -4.50
C LEU H 263 6.16 -15.62 -3.62
N GLU H 264 6.23 -15.48 -2.31
CA GLU H 264 5.90 -16.59 -1.40
C GLU H 264 4.43 -16.92 -1.50
N PRO H 265 4.05 -18.11 -1.94
CA PRO H 265 2.63 -18.47 -2.07
C PRO H 265 2.00 -18.73 -0.72
N VAL H 266 1.18 -17.79 -0.25
CA VAL H 266 0.42 -18.00 0.96
C VAL H 266 -0.72 -18.95 0.67
N GLN H 267 -0.93 -19.92 1.56
CA GLN H 267 -1.98 -20.90 1.39
C GLN H 267 -2.61 -21.17 2.75
N PRO H 268 -3.93 -21.05 2.88
CA PRO H 268 -4.55 -21.27 4.18
C PRO H 268 -4.48 -22.72 4.63
N SER H 269 -3.66 -23.00 5.64
CA SER H 269 -3.55 -24.33 6.22
C SER H 269 -2.78 -24.27 7.54
N VAL I 39 8.53 86.14 48.65
CA VAL I 39 9.75 85.90 49.42
C VAL I 39 9.44 85.09 50.67
N GLN I 40 9.48 83.76 50.54
CA GLN I 40 9.28 82.81 51.63
C GLN I 40 7.96 83.06 52.34
N PRO I 41 6.83 82.65 51.75
CA PRO I 41 5.53 82.85 52.40
C PRO I 41 5.34 81.87 53.54
N PRO I 42 5.00 82.36 54.74
CA PRO I 42 4.70 81.46 55.85
C PRO I 42 3.24 81.05 55.89
N LEU I 43 3.01 79.79 56.25
CA LEU I 43 1.66 79.22 56.27
C LEU I 43 1.13 79.27 57.69
N GLN I 44 -0.06 79.85 57.87
CA GLN I 44 -0.73 79.90 59.17
C GLN I 44 -2.22 79.66 58.90
N LEU I 45 -2.61 78.38 58.95
CA LEU I 45 -3.95 77.99 58.55
C LEU I 45 -4.86 77.98 59.77
N PRO I 46 -5.99 78.70 59.74
CA PRO I 46 -6.85 78.75 60.94
C PRO I 46 -7.50 77.42 61.28
N GLY I 47 -7.84 76.61 60.28
CA GLY I 47 -8.47 75.33 60.54
C GLY I 47 -8.67 74.52 59.28
N LEU I 48 -8.43 73.22 59.37
CA LEU I 48 -8.50 72.36 58.19
C LEU I 48 -9.95 72.15 57.75
N ILE I 49 -10.12 71.99 56.44
CA ILE I 49 -11.43 71.80 55.83
C ILE I 49 -11.42 70.48 55.08
N ILE I 50 -12.51 69.72 55.20
CA ILE I 50 -12.63 68.43 54.54
C ILE I 50 -13.80 68.49 53.57
N PHE I 51 -13.55 68.14 52.31
CA PHE I 51 -14.56 68.16 51.26
C PHE I 51 -15.01 66.73 50.98
N VAL I 52 -16.30 66.49 51.07
CA VAL I 52 -16.88 65.16 50.86
C VAL I 52 -17.91 65.26 49.75
N HIS I 53 -17.76 64.41 48.72
CA HIS I 53 -18.60 64.46 47.53
C HIS I 53 -19.70 63.40 47.62
N GLY I 54 -20.57 63.38 46.61
CA GLY I 54 -21.70 62.48 46.59
C GLY I 54 -21.59 61.36 45.57
N VAL I 55 -22.73 60.91 45.03
CA VAL I 55 -22.71 59.82 44.06
C VAL I 55 -22.13 60.28 42.73
N ASN I 56 -21.71 59.30 41.92
CA ASN I 56 -21.09 59.43 40.61
C ASN I 56 -20.40 60.77 40.34
N SER I 57 -19.75 61.31 41.38
CA SER I 57 -19.07 62.60 41.28
C SER I 57 -17.61 62.42 41.72
N GLU I 58 -16.75 63.30 41.20
CA GLU I 58 -15.32 63.28 41.48
C GLU I 58 -14.87 64.63 41.98
N GLY I 59 -15.64 65.23 42.87
CA GLY I 59 -15.32 66.54 43.39
C GLY I 59 -15.45 67.63 42.35
N GLU I 60 -16.59 67.67 41.66
CA GLU I 60 -16.79 68.67 40.61
C GLU I 60 -16.83 70.08 41.18
N TRP I 61 -17.52 70.27 42.29
CA TRP I 61 -17.58 71.58 42.93
C TRP I 61 -16.39 71.84 43.84
N TYR I 62 -15.49 70.86 44.02
CA TYR I 62 -14.37 71.03 44.94
C TYR I 62 -13.54 72.26 44.58
N ASP I 63 -13.15 72.39 43.31
CA ASP I 63 -12.26 73.46 42.90
C ASP I 63 -12.89 74.83 43.14
N TYR I 64 -14.10 75.04 42.63
CA TYR I 64 -14.70 76.36 42.70
C TYR I 64 -15.15 76.71 44.11
N ALA I 65 -15.60 75.71 44.88
CA ALA I 65 -15.94 75.96 46.27
C ALA I 65 -14.70 76.33 47.09
N GLU I 66 -13.58 75.65 46.83
CA GLU I 66 -12.32 75.99 47.50
C GLU I 66 -11.90 77.42 47.17
N ARG I 67 -12.03 77.81 45.90
CA ARG I 67 -11.68 79.17 45.48
C ARG I 67 -12.52 80.21 46.19
N SER I 68 -13.85 80.08 46.11
CA SER I 68 -14.73 81.05 46.73
C SER I 68 -14.58 81.07 48.24
N LEU I 69 -14.31 79.92 48.86
CA LEU I 69 -14.18 79.87 50.31
C LEU I 69 -12.88 80.51 50.77
N CYS I 70 -11.80 80.33 49.99
CA CYS I 70 -10.56 81.03 50.29
C CYS I 70 -10.74 82.55 50.19
N ALA I 71 -11.45 82.99 49.15
CA ALA I 71 -11.71 84.43 49.01
C ALA I 71 -12.53 84.96 50.16
N GLY I 72 -13.55 84.20 50.58
CA GLY I 72 -14.39 84.65 51.69
C GLY I 72 -13.64 84.73 53.00
N LEU I 73 -12.81 83.73 53.29
CA LEU I 73 -12.03 83.73 54.51
C LEU I 73 -10.99 84.85 54.51
N ASN I 74 -10.42 85.16 53.34
CA ASN I 74 -9.50 86.28 53.23
C ASN I 74 -10.21 87.59 53.53
N GLN I 75 -11.47 87.73 53.10
CA GLN I 75 -12.25 88.92 53.42
C GLN I 75 -12.57 88.99 54.90
N ARG I 76 -12.95 87.86 55.51
CA ARG I 76 -13.37 87.86 56.90
C ARG I 76 -12.20 88.18 57.83
N LEU I 77 -11.09 87.48 57.67
CA LEU I 77 -10.00 87.54 58.62
C LEU I 77 -9.03 88.69 58.38
N GLY I 78 -9.37 89.63 57.50
CA GLY I 78 -8.47 90.73 57.21
C GLY I 78 -7.15 90.34 56.59
N LEU I 79 -6.99 89.10 56.11
CA LEU I 79 -5.75 88.70 55.47
C LEU I 79 -5.56 89.44 54.16
N GLU I 80 -4.33 89.85 53.88
CA GLU I 80 -4.05 90.59 52.65
C GLU I 80 -2.59 90.37 52.28
N GLY I 81 -2.27 90.64 51.01
CA GLY I 81 -0.92 90.45 50.54
C GLY I 81 -0.56 88.99 50.34
N GLU I 82 0.73 88.69 50.50
CA GLU I 82 1.19 87.32 50.37
C GLU I 82 0.66 86.41 51.48
N HIS I 83 0.22 86.98 52.60
CA HIS I 83 -0.32 86.19 53.69
C HIS I 83 -1.68 85.61 53.38
N GLY I 84 -2.35 86.08 52.32
CA GLY I 84 -3.69 85.60 52.01
C GLY I 84 -3.69 84.16 51.55
N LEU I 85 -4.87 83.55 51.65
CA LEU I 85 -5.06 82.15 51.25
C LEU I 85 -5.35 82.09 49.75
N LYS I 86 -4.56 81.28 49.04
CA LYS I 86 -4.79 80.99 47.64
C LYS I 86 -5.20 79.53 47.50
N GLU I 87 -6.09 79.26 46.54
CA GLU I 87 -6.62 77.93 46.37
C GLU I 87 -5.57 76.99 45.78
N ASN I 88 -5.71 75.71 46.08
CA ASN I 88 -4.90 74.71 45.39
C ASN I 88 -5.39 74.56 43.96
N ASN I 89 -4.44 74.36 43.04
CA ASN I 89 -4.77 74.21 41.63
C ASN I 89 -4.18 72.90 41.13
N TYR I 90 -5.02 72.11 40.47
CA TYR I 90 -4.66 70.75 40.06
C TYR I 90 -4.64 70.66 38.53
N GLU I 91 -4.26 69.49 38.04
CA GLU I 91 -4.21 69.24 36.60
C GLU I 91 -5.61 69.00 36.06
N GLY I 92 -5.90 69.58 34.89
CA GLY I 92 -7.20 69.45 34.27
C GLY I 92 -7.29 68.27 33.33
N GLY I 93 -8.51 68.07 32.80
CA GLY I 93 -8.75 66.98 31.87
C GLY I 93 -8.20 67.24 30.49
N PHE I 94 -8.30 66.23 29.63
CA PHE I 94 -7.70 66.31 28.30
C PHE I 94 -8.33 65.26 27.40
N PHE I 95 -8.36 65.57 26.10
CA PHE I 95 -8.76 64.60 25.09
C PHE I 95 -7.66 63.57 24.86
N VAL I 96 -8.07 62.43 24.30
CA VAL I 96 -7.15 61.39 23.87
C VAL I 96 -7.56 60.86 22.50
N LYS I 116 -13.08 61.87 19.42
CA LYS I 116 -12.50 62.44 20.63
C LYS I 116 -13.05 61.75 21.87
N LYS I 117 -12.36 61.91 22.99
CA LYS I 117 -12.76 61.26 24.24
C LYS I 117 -12.25 62.07 25.42
N TRP I 118 -13.15 62.45 26.31
CA TRP I 118 -12.77 63.14 27.54
C TRP I 118 -12.18 62.17 28.55
N VAL I 119 -11.10 62.60 29.19
CA VAL I 119 -10.49 61.88 30.30
C VAL I 119 -10.29 62.86 31.44
N SER I 120 -10.83 62.53 32.62
CA SER I 120 -10.61 63.35 33.80
C SER I 120 -9.12 63.40 34.11
N GLY I 121 -8.61 64.61 34.33
CA GLY I 121 -7.20 64.80 34.59
C GLY I 121 -6.76 64.17 35.89
N PRO I 122 -5.49 63.76 35.95
CA PRO I 122 -4.98 63.16 37.18
C PRO I 122 -4.98 64.16 38.32
N ARG I 123 -5.20 63.65 39.53
CA ARG I 123 -5.35 64.50 40.71
C ARG I 123 -3.99 64.82 41.32
N LYS I 124 -3.16 65.48 40.51
CA LYS I 124 -1.84 65.94 40.91
C LYS I 124 -1.79 67.46 40.81
N ILE I 125 -1.13 68.09 41.78
CA ILE I 125 -1.07 69.53 41.83
C ILE I 125 -0.29 70.06 40.63
N THR I 126 -0.79 71.14 40.03
CA THR I 126 -0.16 71.71 38.85
C THR I 126 1.16 72.38 39.22
N LYS I 127 1.93 72.73 38.19
CA LYS I 127 3.24 73.36 38.37
C LYS I 127 3.13 74.67 39.15
N GLY I 128 3.63 74.68 40.37
CA GLY I 128 3.50 75.84 41.24
C GLY I 128 2.06 76.16 41.53
N GLY I 129 1.31 75.17 42.04
CA GLY I 129 -0.12 75.31 42.19
C GLY I 129 -0.63 75.59 43.58
N ASP I 130 -0.13 74.85 44.57
CA ASP I 130 -0.63 75.01 45.93
C ASP I 130 -0.30 76.41 46.45
N GLY I 131 -1.28 77.01 47.13
CA GLY I 131 -1.13 78.37 47.62
C GLY I 131 -1.67 78.57 49.03
N ARG I 132 -1.42 77.59 49.91
CA ARG I 132 -1.86 77.66 51.30
C ARG I 132 -3.37 77.76 51.42
N SER I 133 -4.06 76.65 51.22
CA SER I 133 -5.49 76.54 51.44
C SER I 133 -5.77 75.47 52.49
N PRO I 134 -6.85 75.60 53.26
CA PRO I 134 -7.14 74.63 54.33
C PRO I 134 -8.02 73.46 53.92
N VAL I 135 -8.25 73.25 52.63
CA VAL I 135 -9.16 72.22 52.16
C VAL I 135 -8.40 70.92 51.93
N ILE I 136 -8.97 69.82 52.42
CA ILE I 136 -8.45 68.48 52.18
C ILE I 136 -9.51 67.74 51.38
N ARG I 137 -9.25 67.55 50.09
CA ARG I 137 -10.23 66.93 49.20
C ARG I 137 -10.29 65.43 49.44
N PHE I 138 -11.44 64.95 49.90
CA PHE I 138 -11.65 63.55 50.17
C PHE I 138 -12.29 62.88 48.96
N TYR I 139 -11.78 61.72 48.59
CA TYR I 139 -12.24 60.98 47.42
C TYR I 139 -12.55 59.55 47.81
N TRP I 140 -13.67 59.04 47.29
CA TRP I 140 -14.11 57.69 47.60
C TRP I 140 -15.00 57.20 46.47
N GLY I 141 -15.23 55.89 46.44
CA GLY I 141 -16.09 55.32 45.43
C GLY I 141 -16.16 53.82 45.61
N TYR I 142 -16.86 53.18 44.67
CA TYR I 142 -17.00 51.73 44.66
C TYR I 142 -16.07 51.14 43.61
N ARG I 143 -15.28 50.15 44.01
CA ARG I 143 -14.42 49.41 43.10
C ARG I 143 -14.95 47.98 43.01
N ALA I 144 -15.38 47.58 41.82
CA ALA I 144 -15.80 46.21 41.61
C ALA I 144 -14.63 45.26 41.89
N ALA I 145 -14.95 44.09 42.44
CA ALA I 145 -13.92 43.13 42.81
C ALA I 145 -13.21 42.62 41.56
N ASP I 146 -12.17 41.80 41.78
CA ASP I 146 -11.38 41.27 40.68
C ASP I 146 -12.18 40.36 39.75
N ASN I 147 -13.41 40.05 40.09
CA ASN I 147 -14.21 39.09 39.33
C ASN I 147 -15.61 39.60 39.02
N GLU I 148 -16.21 40.36 39.92
CA GLU I 148 -17.58 40.85 39.73
C GLU I 148 -17.59 42.15 38.93
N THR I 149 -16.59 42.32 38.06
CA THR I 149 -16.48 43.56 37.29
C THR I 149 -17.70 43.78 36.42
N ASP I 150 -18.06 42.77 35.62
CA ASP I 150 -19.17 42.88 34.69
C ASP I 150 -20.41 42.13 35.16
N THR I 151 -20.48 41.77 36.45
CA THR I 151 -21.69 41.15 36.98
C THR I 151 -22.79 42.20 37.20
N TYR I 152 -22.41 43.39 37.61
CA TYR I 152 -23.34 44.52 37.70
C TYR I 152 -23.11 45.44 36.51
N ALA I 153 -24.21 45.84 35.86
CA ALA I 153 -24.13 46.71 34.70
C ALA I 153 -24.10 48.17 35.17
N ILE I 154 -22.90 48.60 35.56
CA ILE I 154 -22.68 49.96 36.03
C ILE I 154 -21.48 50.53 35.29
N PRO I 155 -21.39 51.86 35.20
CA PRO I 155 -20.20 52.46 34.58
C PRO I 155 -18.96 52.21 35.42
N LEU I 156 -17.82 52.12 34.73
CA LEU I 156 -16.56 51.83 35.40
C LEU I 156 -15.43 52.55 34.67
N LYS I 157 -14.36 52.85 35.40
CA LYS I 157 -13.19 53.48 34.82
C LYS I 157 -12.00 53.23 35.76
N ASN I 158 -10.81 53.25 35.18
CA ASN I 158 -9.59 53.04 35.95
C ASN I 158 -9.02 54.38 36.41
N LYS I 159 -7.82 54.35 36.99
CA LYS I 159 -7.13 55.59 37.33
C LYS I 159 -6.78 56.38 36.08
N LYS I 160 -6.42 55.68 35.00
CA LYS I 160 -6.00 56.32 33.77
C LYS I 160 -7.15 56.91 32.97
N GLY I 161 -8.39 56.54 33.28
CA GLY I 161 -9.55 57.15 32.68
C GLY I 161 -10.19 56.39 31.54
N ASP I 162 -9.78 55.14 31.29
CA ASP I 162 -10.37 54.37 30.20
C ASP I 162 -11.75 53.86 30.61
N ASN I 163 -12.50 53.37 29.62
CA ASN I 163 -13.83 52.83 29.85
C ASN I 163 -13.77 51.30 29.84
N TYR I 164 -14.37 50.68 30.86
CA TYR I 164 -14.35 49.23 30.95
C TYR I 164 -15.10 48.59 29.79
N TYR I 165 -16.23 49.18 29.39
CA TYR I 165 -17.04 48.63 28.32
C TYR I 165 -16.46 48.90 26.93
N ASP I 166 -15.42 49.73 26.82
CA ASP I 166 -14.80 50.03 25.53
C ASP I 166 -13.54 49.22 25.26
N LEU I 167 -13.26 48.21 26.09
CA LEU I 167 -12.06 47.42 25.91
C LEU I 167 -12.41 45.94 25.80
N PRO I 168 -11.64 45.17 25.04
CA PRO I 168 -11.85 43.72 24.99
C PRO I 168 -11.58 43.09 26.34
N PRO I 169 -12.19 41.94 26.63
CA PRO I 169 -12.03 41.35 27.96
C PRO I 169 -10.59 40.98 28.32
N GLU I 170 -9.78 40.60 27.34
CA GLU I 170 -8.40 40.26 27.62
C GLU I 170 -7.59 41.51 27.95
N SER I 171 -7.93 42.65 27.34
CA SER I 171 -7.27 43.90 27.70
C SER I 171 -7.70 44.38 29.08
N ARG I 172 -9.00 44.26 29.38
CA ARG I 172 -9.49 44.62 30.70
C ARG I 172 -8.96 43.66 31.76
N LYS I 173 -9.02 44.11 33.01
CA LYS I 173 -8.58 43.35 34.19
C LYS I 173 -7.07 43.15 34.20
N ALA I 174 -6.41 43.42 33.08
CA ALA I 174 -4.94 43.44 33.06
C ALA I 174 -4.47 44.59 33.93
N LYS I 175 -4.76 45.82 33.51
CA LYS I 175 -4.47 47.02 34.28
C LYS I 175 -5.42 48.12 33.85
N GLY I 176 -5.94 48.87 34.81
CA GLY I 176 -5.69 48.63 36.22
C GLY I 176 -6.98 48.33 36.95
N PRO I 177 -7.02 48.61 38.26
CA PRO I 177 -8.27 48.42 39.01
C PRO I 177 -9.39 49.29 38.47
N TRP I 178 -10.57 48.69 38.32
CA TRP I 178 -11.71 49.35 37.70
C TRP I 178 -12.71 49.74 38.77
N PHE I 179 -12.98 51.03 38.87
CA PHE I 179 -13.78 51.59 39.94
C PHE I 179 -14.71 52.65 39.37
N TRP I 180 -15.37 53.39 40.26
CA TRP I 180 -16.19 54.52 39.87
C TRP I 180 -16.37 55.43 41.09
N GLY I 181 -16.08 56.71 40.93
CA GLY I 181 -16.12 57.63 42.05
C GLY I 181 -17.52 57.79 42.61
N GLY I 182 -17.62 57.98 43.93
CA GLY I 182 -18.96 58.26 44.49
C GLY I 182 -19.87 57.07 44.41
N GLY I 183 -19.45 56.03 43.71
CA GLY I 183 -20.24 54.79 43.71
C GLY I 183 -21.32 54.81 42.67
N PRO I 184 -21.95 53.65 42.37
CA PRO I 184 -22.97 53.56 41.35
C PRO I 184 -24.00 54.70 41.42
N PHE I 185 -24.68 54.96 40.32
CA PHE I 185 -25.61 56.11 40.24
C PHE I 185 -26.73 55.97 41.28
N GLN I 186 -27.80 55.24 40.96
CA GLN I 186 -28.96 55.20 41.89
C GLN I 186 -28.76 54.12 42.94
N ASN I 187 -27.82 54.31 43.85
CA ASN I 187 -27.68 53.35 44.98
C ASN I 187 -27.75 54.14 46.28
N GLY I 188 -27.96 55.46 46.22
CA GLY I 188 -27.95 56.13 47.50
C GLY I 188 -29.13 55.79 48.40
N CYS I 189 -29.13 56.34 49.61
CA CYS I 189 -30.13 55.99 50.60
C CYS I 189 -30.53 57.24 51.39
N ASN I 190 -31.72 57.19 51.99
CA ASN I 190 -32.25 58.29 52.78
C ASN I 190 -32.15 58.05 54.28
N GLN I 191 -31.21 57.20 54.71
CA GLN I 191 -31.04 56.85 56.12
C GLN I 191 -29.74 56.07 56.27
N LEU I 192 -29.14 56.18 57.45
CA LEU I 192 -27.75 55.77 57.64
C LEU I 192 -27.55 54.26 57.69
N VAL I 193 -28.57 53.50 58.12
CA VAL I 193 -28.38 52.07 58.30
C VAL I 193 -28.02 51.38 56.99
N SER I 194 -28.54 51.88 55.87
CA SER I 194 -28.25 51.26 54.57
C SER I 194 -26.78 51.36 54.18
N LEU I 195 -26.00 52.19 54.87
CA LEU I 195 -24.57 52.27 54.54
C LEU I 195 -23.84 50.99 54.91
N TRP I 196 -24.34 50.26 55.91
CA TRP I 196 -23.79 48.95 56.26
C TRP I 196 -24.54 47.81 55.58
N SER I 197 -25.52 48.11 54.74
CA SER I 197 -26.32 47.06 54.10
C SER I 197 -25.45 46.22 53.18
N LYS I 198 -25.62 44.90 53.28
CA LYS I 198 -24.97 43.96 52.38
C LYS I 198 -25.76 43.75 51.10
N THR I 199 -26.86 44.46 50.92
CA THR I 199 -27.70 44.36 49.73
C THR I 199 -27.81 45.74 49.10
N GLY I 200 -27.47 45.84 47.82
CA GLY I 200 -27.57 47.09 47.09
C GLY I 200 -28.97 47.33 46.57
N PHE I 201 -29.05 48.23 45.58
CA PHE I 201 -30.33 48.54 44.98
C PHE I 201 -30.83 47.38 44.13
N ASN I 202 -32.10 47.04 44.28
CA ASN I 202 -32.73 45.99 43.51
C ASN I 202 -33.84 46.58 42.65
N ASN I 203 -34.00 46.04 41.45
CA ASN I 203 -35.00 46.53 40.51
C ASN I 203 -36.15 45.53 40.34
N LEU I 208 -47.74 57.85 37.84
CA LEU I 208 -47.69 58.29 39.23
C LEU I 208 -46.94 57.29 40.10
N GLY I 209 -45.65 57.12 39.81
CA GLY I 209 -44.82 56.19 40.57
C GLY I 209 -43.38 56.16 40.11
N VAL I 210 -42.51 56.85 40.84
CA VAL I 210 -41.09 56.89 40.52
C VAL I 210 -40.29 56.20 41.62
N PRO I 211 -39.09 55.70 41.33
CA PRO I 211 -38.35 54.93 42.34
C PRO I 211 -37.32 55.75 43.09
N LEU I 212 -36.09 55.22 43.19
CA LEU I 212 -34.95 55.95 43.72
C LEU I 212 -34.19 56.60 42.56
N PRO I 213 -34.46 57.89 42.27
CA PRO I 213 -33.92 58.49 41.05
C PRO I 213 -32.74 59.41 41.32
N PHE I 214 -31.94 59.70 40.29
CA PHE I 214 -30.81 60.59 40.43
C PHE I 214 -30.44 61.25 39.10
N SER I 215 -31.44 61.81 38.43
CA SER I 215 -31.24 62.53 37.16
C SER I 215 -30.51 61.61 36.19
N THR I 216 -29.73 62.19 35.28
CA THR I 216 -28.83 61.46 34.37
C THR I 216 -29.52 60.25 33.75
N GLN I 217 -30.81 60.38 33.47
CA GLN I 217 -31.64 59.31 32.94
C GLN I 217 -32.96 59.92 32.49
N VAL I 218 -33.65 59.19 31.60
CA VAL I 218 -34.92 59.65 31.05
C VAL I 218 -35.97 59.69 32.15
N LEU I 219 -36.99 60.54 31.96
CA LEU I 219 -38.03 60.74 32.97
C LEU I 219 -39.41 60.25 32.50
N ASN I 220 -39.45 59.37 31.51
CA ASN I 220 -40.70 58.83 30.97
C ASN I 220 -41.64 59.94 30.48
N ASP I 224 -34.80 53.18 31.31
CA ASP I 224 -35.36 51.93 31.79
C ASP I 224 -34.34 50.80 31.68
N ARG I 225 -33.30 51.02 30.87
CA ARG I 225 -32.27 50.02 30.64
C ARG I 225 -31.03 50.23 31.49
N LEU I 226 -30.68 51.48 31.80
CA LEU I 226 -29.52 51.75 32.63
C LEU I 226 -29.76 51.41 34.10
N LEU I 227 -31.02 51.26 34.51
CA LEU I 227 -31.36 50.92 35.88
C LEU I 227 -31.15 49.42 36.08
N SER I 228 -29.88 49.03 36.20
CA SER I 228 -29.53 47.65 36.51
C SER I 228 -29.38 47.48 38.01
N ASP I 229 -29.29 46.22 38.43
CA ASP I 229 -29.12 45.92 39.85
C ASP I 229 -27.74 46.39 40.32
N ALA I 230 -27.72 47.08 41.46
CA ALA I 230 -26.55 47.77 41.98
C ALA I 230 -25.74 46.87 42.92
N PRO I 231 -24.44 47.11 43.03
CA PRO I 231 -23.61 46.39 43.99
C PRO I 231 -24.02 46.73 45.42
N PRO I 232 -23.57 45.96 46.42
CA PRO I 232 -24.00 46.24 47.79
C PRO I 232 -23.35 47.50 48.33
N ARG I 233 -24.01 48.07 49.35
CA ARG I 233 -23.68 49.40 49.85
C ARG I 233 -22.55 49.41 50.87
N HIS I 234 -21.82 48.30 51.02
CA HIS I 234 -20.70 48.23 51.97
C HIS I 234 -19.79 49.45 51.91
N TYR I 235 -19.36 49.80 50.69
CA TYR I 235 -18.33 50.83 50.53
C TYR I 235 -18.73 52.15 51.16
N TYR I 236 -20.03 52.44 51.21
CA TYR I 236 -20.51 53.62 51.91
C TYR I 236 -19.96 53.67 53.33
N ALA I 237 -20.29 52.66 54.13
CA ALA I 237 -19.78 52.57 55.50
C ALA I 237 -18.25 52.55 55.50
N HIS I 238 -17.65 51.84 54.55
CA HIS I 238 -16.20 51.81 54.44
C HIS I 238 -15.62 53.22 54.31
N ALA I 239 -16.17 54.01 53.39
CA ALA I 239 -15.70 55.38 53.20
C ALA I 239 -15.84 56.19 54.49
N ALA I 240 -16.96 56.03 55.19
CA ALA I 240 -17.17 56.73 56.44
C ALA I 240 -16.06 56.41 57.44
N GLY I 241 -15.68 55.14 57.54
CA GLY I 241 -14.62 54.77 58.46
C GLY I 241 -13.30 55.46 58.13
N ARG I 242 -12.96 55.51 56.84
CA ARG I 242 -11.77 56.25 56.42
C ARG I 242 -11.85 57.71 56.87
N LEU I 243 -13.00 58.35 56.62
CA LEU I 243 -13.20 59.73 57.05
C LEU I 243 -13.03 59.85 58.56
N ALA I 244 -13.68 58.98 59.33
CA ALA I 244 -13.50 58.99 60.78
C ALA I 244 -12.05 58.73 61.15
N LYS I 245 -11.41 57.73 60.51
CA LYS I 245 -9.98 57.52 60.69
C LYS I 245 -9.20 58.78 60.36
N LEU I 246 -9.53 59.42 59.24
CA LEU I 246 -8.87 60.66 58.85
C LEU I 246 -8.99 61.71 59.95
N ILE I 247 -10.20 61.90 60.47
CA ILE I 247 -10.40 62.87 61.56
C ILE I 247 -9.51 62.51 62.74
N LYS I 248 -9.56 61.25 63.17
CA LYS I 248 -8.68 60.79 64.25
C LYS I 248 -7.23 61.08 63.91
N THR I 249 -6.84 60.88 62.66
CA THR I 249 -5.46 61.16 62.23
C THR I 249 -5.05 62.58 62.60
N ILE I 250 -5.81 63.58 62.15
CA ILE I 250 -5.49 64.96 62.52
C ILE I 250 -5.51 65.13 64.03
N ARG I 251 -6.48 64.51 64.71
CA ARG I 251 -6.61 64.69 66.16
C ARG I 251 -5.48 64.06 66.95
N ASN I 252 -4.63 63.25 66.32
CA ASN I 252 -3.42 62.74 66.96
C ASN I 252 -2.19 63.55 66.59
N GLN I 253 -2.36 64.67 65.88
CA GLN I 253 -1.23 65.46 65.39
C GLN I 253 -1.45 66.92 65.69
N HIS I 254 -2.65 67.41 65.40
CA HIS I 254 -2.98 68.81 65.63
C HIS I 254 -4.32 68.96 66.32
N PRO I 255 -4.54 68.34 67.50
CA PRO I 255 -5.88 68.37 68.10
C PRO I 255 -6.35 69.76 68.52
N GLU I 256 -5.58 70.81 68.30
CA GLU I 256 -5.94 72.16 68.71
C GLU I 256 -6.62 72.97 67.61
N ASP I 257 -6.31 72.69 66.35
CA ASP I 257 -6.88 73.44 65.23
C ASP I 257 -8.34 73.05 65.04
N THR I 258 -8.91 73.46 63.91
CA THR I 258 -10.33 73.33 63.63
C THR I 258 -10.54 72.42 62.43
N VAL I 259 -11.24 71.31 62.64
CA VAL I 259 -11.55 70.36 61.58
C VAL I 259 -13.03 70.45 61.26
N THR I 260 -13.35 70.65 59.99
CA THR I 260 -14.72 70.73 59.53
C THR I 260 -14.94 69.71 58.42
N VAL I 261 -16.21 69.52 58.05
CA VAL I 261 -16.57 68.60 56.98
C VAL I 261 -17.67 69.25 56.14
N LEU I 262 -17.40 69.42 54.85
CA LEU I 262 -18.44 69.78 53.90
C LEU I 262 -19.05 68.50 53.35
N SER I 263 -20.37 68.42 53.34
CA SER I 263 -21.05 67.21 52.91
C SER I 263 -22.15 67.55 51.92
N HIS I 264 -22.27 66.72 50.89
CA HIS I 264 -23.16 66.96 49.76
C HIS I 264 -23.82 65.66 49.35
N SER I 265 -25.16 65.63 49.34
CA SER I 265 -25.92 64.44 49.01
C SER I 265 -25.48 63.26 49.87
N GLN I 266 -24.98 62.18 49.23
CA GLN I 266 -24.46 61.06 50.02
C GLN I 266 -23.30 61.47 50.91
N GLY I 267 -22.59 62.55 50.59
CA GLY I 267 -21.55 63.04 51.47
C GLY I 267 -22.05 63.28 52.88
N THR I 268 -23.29 63.73 53.02
CA THR I 268 -23.89 63.86 54.34
C THR I 268 -23.96 62.50 55.04
N MET I 269 -24.48 61.50 54.32
CA MET I 269 -24.56 60.15 54.88
C MET I 269 -23.20 59.65 55.34
N ILE I 270 -22.15 59.94 54.57
CA ILE I 270 -20.81 59.52 54.95
C ILE I 270 -20.31 60.34 56.14
N ALA I 271 -20.47 61.67 56.08
CA ALA I 271 -19.99 62.54 57.14
C ALA I 271 -20.70 62.25 58.45
N LEU I 272 -22.03 62.18 58.42
CA LEU I 272 -22.78 61.81 59.63
C LEU I 272 -22.33 60.47 60.18
N ALA I 273 -22.11 59.48 59.30
CA ALA I 273 -21.68 58.17 59.75
C ALA I 273 -20.31 58.23 60.42
N ALA I 274 -19.40 59.05 59.88
CA ALA I 274 -18.11 59.25 60.53
C ALA I 274 -18.25 60.11 61.78
N ALA I 275 -19.18 61.07 61.78
CA ALA I 275 -19.39 61.91 62.95
C ALA I 275 -19.84 61.08 64.14
N ALA I 276 -20.72 60.09 63.90
CA ALA I 276 -21.12 59.17 64.96
C ALA I 276 -19.94 58.36 65.48
N ILE I 277 -18.90 58.18 64.67
CA ILE I 277 -17.68 57.51 65.10
C ILE I 277 -16.75 58.55 65.72
N GLU I 278 -16.38 59.55 64.92
CA GLU I 278 -15.58 60.67 65.39
C GLU I 278 -16.19 61.95 64.83
N ALA I 279 -16.74 62.77 65.71
CA ALA I 279 -17.40 63.99 65.29
C ALA I 279 -16.39 65.10 65.06
N PRO I 280 -16.47 65.82 63.96
CA PRO I 280 -15.60 66.98 63.75
C PRO I 280 -16.07 68.15 64.60
N ASP I 281 -15.33 69.28 64.48
CA ASP I 281 -15.69 70.48 65.22
C ASP I 281 -16.89 71.21 64.64
N ALA I 282 -17.20 70.98 63.36
CA ALA I 282 -18.39 71.55 62.75
C ALA I 282 -18.72 70.76 61.50
N LEU I 283 -20.02 70.65 61.22
CA LEU I 283 -20.52 69.85 60.11
C LEU I 283 -21.48 70.67 59.26
N PHE I 284 -21.38 70.51 57.95
CA PHE I 284 -22.22 71.21 56.99
C PHE I 284 -22.84 70.17 56.06
N VAL I 285 -24.17 70.08 56.05
CA VAL I 285 -24.87 69.12 55.22
C VAL I 285 -25.63 69.87 54.13
N MET I 286 -25.13 69.78 52.90
CA MET I 286 -25.82 70.30 51.73
C MET I 286 -26.60 69.19 51.06
N ASN I 287 -27.84 69.51 50.68
CA ASN I 287 -28.66 68.61 49.85
C ASN I 287 -28.70 67.20 50.44
N SER I 288 -28.86 67.12 51.76
CA SER I 288 -28.83 65.83 52.44
C SER I 288 -30.10 65.04 52.11
N PRO I 289 -29.98 63.80 51.63
CA PRO I 289 -31.18 63.00 51.39
C PRO I 289 -31.75 62.42 52.68
N TYR I 290 -31.29 62.90 53.83
CA TYR I 290 -31.71 62.32 55.10
C TYR I 290 -33.13 62.71 55.47
N ALA I 291 -34.10 61.88 55.09
CA ALA I 291 -35.48 62.16 55.44
C ALA I 291 -35.71 61.91 56.93
N LEU I 292 -36.89 62.31 57.41
CA LEU I 292 -37.29 62.08 58.79
C LEU I 292 -38.62 61.35 58.89
N GLU I 293 -39.14 60.82 57.80
CA GLU I 293 -40.40 60.09 57.80
C GLU I 293 -40.34 59.04 56.70
N ASN I 294 -40.94 57.88 56.98
CA ASN I 294 -40.89 56.74 56.07
C ASN I 294 -41.83 56.98 54.90
N GLU I 295 -41.27 57.40 53.76
CA GLU I 295 -42.08 57.62 52.58
C GLU I 295 -42.56 56.29 52.00
N PRO I 296 -43.66 56.30 51.24
CA PRO I 296 -44.17 55.04 50.66
C PRO I 296 -43.13 54.28 49.84
N THR I 297 -42.31 54.97 49.06
CA THR I 297 -41.30 54.29 48.26
C THR I 297 -40.20 53.69 49.14
N THR I 298 -39.93 54.31 50.30
CA THR I 298 -38.99 53.70 51.24
C THR I 298 -39.51 52.36 51.73
N TYR I 299 -40.81 52.27 51.98
CA TYR I 299 -41.44 50.99 52.25
C TYR I 299 -41.24 50.02 51.09
N ILE I 300 -41.72 50.40 49.91
CA ILE I 300 -41.78 49.50 48.77
C ILE I 300 -40.42 49.16 48.17
N SER I 301 -39.35 49.81 48.61
CA SER I 301 -38.03 49.56 48.03
C SER I 301 -37.04 48.99 49.03
N TYR I 302 -36.98 49.53 50.25
CA TYR I 302 -35.96 49.12 51.19
C TYR I 302 -36.34 47.83 51.89
N PRO I 303 -35.37 47.08 52.40
CA PRO I 303 -35.69 45.91 53.22
C PRO I 303 -36.28 46.33 54.55
N ILE I 304 -37.04 45.40 55.16
CA ILE I 304 -37.71 45.69 56.42
C ILE I 304 -36.68 46.04 57.50
N LYS I 305 -35.54 45.35 57.49
CA LYS I 305 -34.52 45.58 58.51
C LYS I 305 -33.92 46.98 58.46
N GLU I 306 -34.15 47.72 57.37
CA GLU I 306 -33.58 49.05 57.20
C GLU I 306 -34.61 50.16 57.10
N ILE I 307 -35.91 49.83 57.14
CA ILE I 307 -36.95 50.86 57.16
C ILE I 307 -37.03 51.41 58.58
N ILE I 308 -36.22 52.42 58.86
CA ILE I 308 -36.04 52.92 60.22
C ILE I 308 -37.20 53.84 60.59
N SER I 309 -37.59 53.79 61.86
CA SER I 309 -38.71 54.59 62.35
C SER I 309 -38.39 56.07 62.30
N ARG I 310 -39.45 56.89 62.34
CA ARG I 310 -39.27 58.34 62.31
C ARG I 310 -38.60 58.85 63.58
N LYS I 311 -39.05 58.36 64.74
CA LYS I 311 -38.42 58.77 66.00
C LYS I 311 -36.97 58.34 66.05
N ALA I 312 -36.67 57.13 65.54
CA ALA I 312 -35.29 56.68 65.51
C ALA I 312 -34.45 57.52 64.56
N ARG I 313 -35.02 57.91 63.41
CA ARG I 313 -34.33 58.83 62.52
C ARG I 313 -34.00 60.13 63.21
N SER I 314 -35.00 60.75 63.85
CA SER I 314 -34.78 62.00 64.55
C SER I 314 -33.72 61.85 65.64
N ALA I 315 -33.79 60.77 66.41
CA ALA I 315 -32.83 60.57 67.49
C ALA I 315 -31.41 60.39 66.96
N THR I 316 -31.27 59.67 65.84
CA THR I 316 -29.94 59.48 65.26
C THR I 316 -29.31 60.81 64.86
N PHE I 317 -30.05 61.63 64.12
CA PHE I 317 -29.50 62.91 63.66
C PHE I 317 -29.20 63.82 64.84
N ALA I 318 -30.10 63.88 65.82
CA ALA I 318 -29.89 64.75 66.98
C ALA I 318 -28.72 64.28 67.82
N ASP I 319 -28.57 62.96 67.98
CA ASP I 319 -27.43 62.44 68.75
C ASP I 319 -26.11 62.75 68.04
N ILE I 320 -26.09 62.67 66.71
CA ILE I 320 -24.90 63.06 65.97
C ILE I 320 -24.62 64.55 66.15
N VAL I 321 -25.67 65.36 66.15
CA VAL I 321 -25.49 66.80 66.34
C VAL I 321 -24.90 67.08 67.72
N LYS I 322 -25.38 66.38 68.75
CA LYS I 322 -24.85 66.59 70.09
C LYS I 322 -23.42 66.09 70.21
N LYS I 323 -23.09 64.98 69.54
CA LYS I 323 -21.71 64.50 69.55
C LYS I 323 -20.77 65.47 68.86
N VAL I 324 -21.24 66.16 67.82
CA VAL I 324 -20.47 67.24 67.22
C VAL I 324 -20.39 68.41 68.20
N ALA I 325 -21.50 68.73 68.86
CA ALA I 325 -21.53 69.84 69.80
C ALA I 325 -20.59 69.62 70.98
N GLU I 326 -20.22 68.37 71.26
CA GLU I 326 -19.25 68.10 72.33
C GLU I 326 -17.92 68.78 72.04
N ASN I 327 -17.60 69.01 70.77
CA ASN I 327 -16.39 69.73 70.38
C ASN I 327 -16.48 71.23 70.63
N LYS I 328 -17.53 71.75 71.27
CA LYS I 328 -17.56 73.17 71.63
C LYS I 328 -16.62 73.50 72.77
N THR I 329 -15.77 72.55 73.15
CA THR I 329 -14.83 72.72 74.25
C THR I 329 -13.39 72.52 73.77
N SER I 349 -2.64 84.42 66.71
CA SER I 349 -3.93 83.93 67.20
C SER I 349 -5.07 84.76 66.64
N TRP I 350 -6.30 84.44 67.07
CA TRP I 350 -7.49 85.16 66.63
C TRP I 350 -8.39 85.40 67.83
N ILE I 351 -8.83 86.63 68.01
CA ILE I 351 -9.74 87.01 69.07
C ILE I 351 -11.13 87.20 68.49
N PRO I 352 -12.16 86.54 69.04
CA PRO I 352 -13.52 86.72 68.52
C PRO I 352 -14.27 87.84 69.23
N GLU I 353 -13.54 88.71 69.93
CA GLU I 353 -14.16 89.81 70.66
C GLU I 353 -14.43 91.03 69.78
N GLY I 354 -14.01 91.00 68.52
CA GLY I 354 -14.24 92.10 67.60
C GLY I 354 -15.55 91.99 66.87
N LYS I 355 -15.65 92.72 65.77
CA LYS I 355 -16.86 92.73 64.96
C LYS I 355 -16.48 93.06 63.52
N THR I 356 -17.34 92.64 62.59
CA THR I 356 -17.12 92.91 61.19
C THR I 356 -17.49 94.35 60.86
N HIS I 357 -17.16 94.77 59.63
CA HIS I 357 -17.36 96.16 59.23
C HIS I 357 -18.83 96.55 59.27
N ASN I 358 -19.74 95.60 59.00
CA ASN I 358 -21.17 95.86 59.02
C ASN I 358 -21.79 95.73 60.40
N GLY I 359 -20.99 95.90 61.46
CA GLY I 359 -21.49 95.88 62.82
C GLY I 359 -21.85 94.51 63.35
N LEU I 360 -21.83 93.47 62.52
CA LEU I 360 -22.17 92.14 63.01
C LEU I 360 -21.06 91.61 63.92
N PRO I 361 -21.40 90.87 64.97
CA PRO I 361 -20.37 90.34 65.87
C PRO I 361 -19.80 89.04 65.33
N GLU I 362 -18.47 88.94 65.31
CA GLU I 362 -17.82 87.69 64.95
C GLU I 362 -18.24 86.59 65.91
N ARG I 363 -18.19 85.35 65.44
CA ARG I 363 -18.75 84.25 66.20
C ARG I 363 -17.90 82.99 66.05
N ASP I 364 -17.53 82.42 67.20
CA ASP I 364 -17.00 81.07 67.22
C ASP I 364 -18.10 80.09 66.82
N ASN I 365 -17.72 79.03 66.10
CA ASN I 365 -18.73 78.13 65.56
C ASN I 365 -18.36 76.67 65.76
N HIS I 366 -17.70 76.34 66.87
CA HIS I 366 -17.45 74.94 67.18
C HIS I 366 -18.75 74.20 67.44
N GLY I 367 -18.73 72.89 67.19
CA GLY I 367 -19.85 72.03 67.50
C GLY I 367 -21.14 72.36 66.79
N THR I 368 -21.07 73.20 65.77
CA THR I 368 -22.26 73.62 65.03
C THR I 368 -22.50 72.70 63.84
N THR I 369 -23.78 72.49 63.54
CA THR I 369 -24.20 71.63 62.44
C THR I 369 -25.20 72.40 61.58
N TRP I 370 -24.94 72.45 60.28
CA TRP I 370 -25.65 73.36 59.37
C TRP I 370 -26.32 72.55 58.26
N ILE I 371 -27.64 72.68 58.16
CA ILE I 371 -28.41 72.08 57.08
C ILE I 371 -28.64 73.12 56.01
N TYR I 372 -28.08 72.90 54.83
CA TYR I 372 -28.26 73.78 53.69
C TYR I 372 -29.23 73.12 52.71
N CYS I 373 -30.30 73.83 52.35
CA CYS I 373 -31.36 73.25 51.53
C CYS I 373 -31.63 74.11 50.31
N ASN I 374 -31.87 73.44 49.17
CA ASN I 374 -32.18 74.08 47.90
C ASN I 374 -33.59 73.66 47.48
N PRO I 375 -34.52 74.58 47.31
CA PRO I 375 -35.91 74.20 47.00
C PRO I 375 -36.16 73.87 45.53
N HIS I 376 -35.11 73.74 44.71
CA HIS I 376 -35.28 73.34 43.32
C HIS I 376 -34.53 72.05 43.01
N ASP I 377 -34.02 71.37 44.03
CA ASP I 377 -33.28 70.12 43.84
C ASP I 377 -34.22 69.06 43.28
N ARG I 378 -34.06 68.73 41.99
CA ARG I 378 -34.91 67.74 41.36
C ARG I 378 -34.74 66.35 41.95
N VAL I 379 -33.62 66.09 42.62
CA VAL I 379 -33.43 64.81 43.30
C VAL I 379 -34.12 64.81 44.65
N MET I 380 -33.78 65.79 45.50
CA MET I 380 -34.23 65.76 46.88
C MET I 380 -35.69 66.17 47.03
N GLY I 381 -36.20 66.95 46.08
CA GLY I 381 -37.61 67.32 46.11
C GLY I 381 -38.56 66.27 45.59
N SER I 382 -38.03 65.20 44.98
CA SER I 382 -38.88 64.15 44.44
C SER I 382 -39.63 63.44 45.56
N SER I 383 -40.74 62.80 45.18
CA SER I 383 -41.59 62.13 46.16
C SER I 383 -40.88 61.01 46.94
N PRO I 384 -39.96 60.23 46.37
CA PRO I 384 -39.26 59.24 47.21
C PRO I 384 -38.43 59.88 48.31
N LEU I 385 -37.73 60.97 48.00
CA LEU I 385 -36.92 61.64 49.02
C LEU I 385 -37.76 62.56 49.89
N ARG I 386 -38.16 63.70 49.33
CA ARG I 386 -38.77 64.78 50.11
C ARG I 386 -37.94 65.04 51.36
N SER I 387 -36.64 65.22 51.15
CA SER I 387 -35.64 65.13 52.20
C SER I 387 -35.33 66.49 52.80
N ILE I 388 -34.41 66.50 53.78
CA ILE I 388 -34.02 67.74 54.44
C ILE I 388 -33.09 68.58 53.60
N GLY I 389 -32.47 68.01 52.58
CA GLY I 389 -31.71 68.82 51.64
C GLY I 389 -32.55 69.65 50.70
N TRP I 390 -33.87 69.49 50.74
CA TRP I 390 -34.79 70.23 49.89
C TRP I 390 -35.78 71.07 50.68
N GLN I 391 -36.50 70.46 51.62
CA GLN I 391 -37.45 71.19 52.46
C GLN I 391 -36.87 71.58 53.81
N GLY I 392 -35.58 71.36 54.02
CA GLY I 392 -34.94 71.78 55.26
C GLY I 392 -35.57 71.13 56.47
N LEU I 393 -35.93 71.96 57.46
CA LEU I 393 -36.64 71.53 58.66
C LEU I 393 -37.90 72.37 58.75
N PRO I 394 -38.96 71.98 58.04
CA PRO I 394 -40.13 72.86 57.91
C PRO I 394 -40.91 72.96 59.21
N ASP I 395 -41.68 74.05 59.32
CA ASP I 395 -42.42 74.34 60.53
C ASP I 395 -43.66 73.46 60.62
N THR I 396 -44.16 73.34 61.84
CA THR I 396 -45.36 72.54 62.10
C THR I 396 -46.57 73.20 61.43
N LYS I 397 -47.68 72.45 61.47
CA LYS I 397 -48.92 72.92 60.83
C LYS I 397 -49.53 74.12 61.54
N ASP I 398 -49.06 74.46 62.74
CA ASP I 398 -49.58 75.58 63.51
C ASP I 398 -48.56 76.69 63.72
N GLY I 399 -47.46 76.69 62.97
CA GLY I 399 -46.51 77.78 62.97
C GLY I 399 -45.28 77.58 63.85
N THR I 400 -45.34 76.66 64.80
CA THR I 400 -44.22 76.42 65.69
C THR I 400 -43.03 75.86 64.90
N PRO I 401 -41.80 76.25 65.25
CA PRO I 401 -40.62 75.66 64.60
C PRO I 401 -40.61 74.15 64.73
N HIS I 402 -39.70 73.52 63.98
CA HIS I 402 -39.69 72.07 63.91
C HIS I 402 -39.16 71.47 65.21
N THR I 403 -39.50 70.20 65.42
CA THR I 403 -39.13 69.52 66.66
C THR I 403 -37.63 69.30 66.77
N LEU I 404 -36.96 69.05 65.65
CA LEU I 404 -35.54 68.73 65.68
C LEU I 404 -34.68 69.87 66.20
N PHE I 405 -35.20 71.10 66.18
CA PHE I 405 -34.46 72.23 66.74
C PHE I 405 -34.25 72.05 68.24
N LYS I 406 -35.29 71.62 68.95
CA LYS I 406 -35.15 71.32 70.38
C LYS I 406 -34.55 69.95 70.62
N GLN I 407 -34.72 69.02 69.68
CA GLN I 407 -34.16 67.68 69.84
C GLN I 407 -32.63 67.71 69.74
N ALA I 408 -32.09 68.57 68.88
CA ALA I 408 -30.65 68.65 68.68
C ALA I 408 -29.97 69.77 69.44
N GLY I 409 -30.74 70.76 69.90
CA GLY I 409 -30.19 71.81 70.73
C GLY I 409 -29.92 73.11 69.98
N ASP I 410 -29.03 73.90 70.57
CA ASP I 410 -28.71 75.23 70.08
C ASP I 410 -27.53 75.26 69.12
N THR I 411 -27.17 74.11 68.55
CA THR I 411 -26.04 74.04 67.62
C THR I 411 -26.47 73.68 66.20
N LEU I 412 -27.76 73.52 65.95
CA LEU I 412 -28.26 73.15 64.63
C LEU I 412 -28.88 74.38 63.97
N TYR I 413 -28.35 74.76 62.81
CA TYR I 413 -28.86 75.90 62.06
C TYR I 413 -29.22 75.47 60.64
N VAL I 414 -30.15 76.20 60.04
CA VAL I 414 -30.66 75.90 58.71
C VAL I 414 -30.52 77.14 57.84
N ARG I 415 -29.97 76.96 56.63
CA ARG I 415 -29.94 78.00 55.62
C ARG I 415 -30.60 77.48 54.34
N ILE I 416 -31.28 78.37 53.64
CA ILE I 416 -31.94 78.06 52.38
C ILE I 416 -31.36 78.94 51.29
N LEU I 417 -31.17 78.36 50.11
CA LEU I 417 -30.63 79.06 48.94
C LEU I 417 -31.61 78.80 47.80
N GLY I 418 -32.58 79.70 47.62
CA GLY I 418 -33.63 79.49 46.67
C GLY I 418 -33.94 80.74 45.87
N ARG I 419 -34.72 80.54 44.81
CA ARG I 419 -35.13 81.63 43.94
C ARG I 419 -35.95 82.65 44.73
N ASN I 420 -35.64 83.94 44.53
CA ASN I 420 -36.37 85.05 45.16
C ASN I 420 -36.37 84.91 46.68
N THR I 421 -35.27 84.42 47.23
CA THR I 421 -35.21 84.16 48.66
C THR I 421 -33.86 84.57 49.22
N PRO I 422 -33.83 85.46 50.22
CA PRO I 422 -32.55 85.90 50.77
C PRO I 422 -31.86 84.79 51.54
N CYS I 423 -30.54 84.80 51.47
CA CYS I 423 -29.70 83.85 52.20
C CYS I 423 -28.63 84.63 52.94
N GLY I 424 -28.68 84.58 54.26
CA GLY I 424 -27.73 85.31 55.09
C GLY I 424 -28.26 86.58 55.70
N GLY I 425 -29.57 86.83 55.63
CA GLY I 425 -30.16 88.02 56.19
C GLY I 425 -30.57 87.86 57.63
N THR I 426 -31.52 88.69 58.05
CA THR I 426 -32.04 88.59 59.40
C THR I 426 -32.83 87.29 59.55
N PRO I 427 -32.53 86.47 60.56
CA PRO I 427 -33.24 85.19 60.72
C PRO I 427 -34.74 85.37 60.78
N THR I 428 -35.45 84.64 59.92
CA THR I 428 -36.90 84.75 59.78
C THR I 428 -37.55 83.44 60.20
N ALA I 429 -38.67 83.55 60.92
CA ALA I 429 -39.31 82.38 61.52
C ALA I 429 -40.05 81.54 60.49
N GLN I 430 -41.08 82.10 59.86
CA GLN I 430 -41.75 81.45 58.73
C GLN I 430 -41.16 82.00 57.43
N THR I 431 -40.05 81.39 57.01
CA THR I 431 -39.48 81.69 55.70
C THR I 431 -40.27 80.94 54.64
N HIS I 432 -40.74 81.68 53.63
CA HIS I 432 -41.65 81.10 52.63
C HIS I 432 -41.00 79.94 51.91
N PHE I 433 -41.80 78.91 51.65
CA PHE I 433 -41.31 77.73 50.93
C PHE I 433 -42.30 77.27 49.87
N SER I 434 -43.58 77.12 50.24
CA SER I 434 -44.58 76.68 49.29
C SER I 434 -44.72 77.67 48.13
N ASN I 435 -44.85 78.96 48.45
CA ASN I 435 -44.94 80.02 47.46
C ASN I 435 -43.73 80.93 47.60
N LEU I 436 -42.98 81.09 46.51
CA LEU I 436 -41.77 81.89 46.53
C LEU I 436 -42.01 83.35 46.16
N GLY I 437 -43.26 83.74 45.89
CA GLY I 437 -43.59 85.13 45.72
C GLY I 437 -43.08 85.78 44.45
N ASP I 438 -43.21 85.10 43.31
CA ASP I 438 -42.86 85.72 42.03
C ASP I 438 -43.80 85.28 40.91
N GLY I 439 -44.96 84.70 41.24
CA GLY I 439 -45.91 84.29 40.23
C GLY I 439 -45.55 82.99 39.54
N LYS I 440 -44.25 82.73 39.42
CA LYS I 440 -43.80 81.49 38.81
C LYS I 440 -44.17 80.30 39.69
N PRO I 441 -44.47 79.15 39.10
CA PRO I 441 -44.78 77.96 39.90
C PRO I 441 -43.58 77.51 40.70
N PHE I 442 -43.82 76.56 41.59
CA PHE I 442 -42.73 76.06 42.43
C PHE I 442 -41.77 75.18 41.66
N TRP I 443 -42.25 74.50 40.62
CA TRP I 443 -41.44 73.57 39.83
C TRP I 443 -41.34 74.11 38.41
N ASP I 444 -40.12 74.43 37.98
CA ASP I 444 -39.94 74.97 36.64
C ASP I 444 -40.15 73.89 35.60
N SER I 445 -40.99 74.19 34.59
CA SER I 445 -41.22 73.31 33.45
C SER I 445 -41.73 71.94 33.89
N THR I 446 -42.57 71.93 34.91
CA THR I 446 -43.21 70.72 35.41
C THR I 446 -44.71 70.87 35.23
N THR I 447 -45.26 70.21 34.22
CA THR I 447 -46.66 70.45 33.84
C THR I 447 -47.48 69.19 33.58
N THR I 448 -46.89 68.05 33.20
CA THR I 448 -47.70 66.87 32.91
C THR I 448 -48.03 66.11 34.20
N LEU I 449 -48.90 65.11 34.06
CA LEU I 449 -49.34 64.35 35.23
C LEU I 449 -48.18 63.55 35.83
N LEU I 450 -47.33 63.00 34.98
CA LEU I 450 -46.23 62.17 35.48
C LEU I 450 -45.16 63.02 36.16
N GLN I 451 -44.83 64.18 35.58
CA GLN I 451 -43.85 65.06 36.19
C GLN I 451 -44.32 65.53 37.56
N ARG I 452 -45.56 66.01 37.64
CA ARG I 452 -46.10 66.46 38.92
C ARG I 452 -46.19 65.33 39.93
N ALA I 453 -46.39 64.10 39.46
CA ALA I 453 -46.33 62.96 40.37
C ALA I 453 -44.92 62.75 40.90
N THR I 454 -43.91 62.88 40.03
CA THR I 454 -42.52 62.71 40.45
C THR I 454 -42.08 63.83 41.38
N TRP I 455 -42.47 65.07 41.05
CA TRP I 455 -42.06 66.25 41.80
C TRP I 455 -43.32 66.97 42.26
N PRO I 456 -43.95 66.50 43.34
CA PRO I 456 -45.19 67.13 43.79
C PRO I 456 -44.94 68.43 44.52
N ASP I 457 -45.85 69.39 44.30
CA ASP I 457 -45.76 70.66 45.00
C ASP I 457 -45.83 70.44 46.50
N PRO I 458 -45.11 71.24 47.29
CA PRO I 458 -45.11 71.05 48.74
C PRO I 458 -46.49 71.25 49.34
N ASP I 459 -46.63 70.81 50.59
CA ASP I 459 -47.88 70.98 51.31
C ASP I 459 -48.21 72.47 51.42
N SER I 460 -49.47 72.81 51.15
CA SER I 460 -49.85 74.21 51.04
C SER I 460 -49.50 74.98 52.31
N GLY I 461 -48.80 76.09 52.13
CA GLY I 461 -48.41 76.93 53.25
C GLY I 461 -47.18 76.47 54.02
N GLN I 462 -46.41 75.53 53.48
CA GLN I 462 -45.22 75.06 54.17
C GLN I 462 -44.20 76.18 54.33
N THR I 463 -43.60 76.26 55.51
CA THR I 463 -42.68 77.34 55.85
C THR I 463 -41.45 76.78 56.54
N LEU I 464 -40.28 77.31 56.15
CA LEU I 464 -39.02 76.98 56.80
C LEU I 464 -38.74 77.95 57.94
N THR I 465 -37.96 77.46 58.91
CA THR I 465 -37.41 78.30 59.97
C THR I 465 -35.91 78.42 59.75
N ILE I 466 -35.44 79.65 59.55
CA ILE I 466 -34.03 79.93 59.29
C ILE I 466 -33.47 80.60 60.54
N ASN I 467 -32.86 79.80 61.42
CA ASN I 467 -32.26 80.29 62.64
C ASN I 467 -30.79 80.69 62.45
N ALA I 468 -30.25 80.56 61.24
CA ALA I 468 -28.85 80.83 61.03
C ALA I 468 -28.54 82.32 61.19
N PRO I 469 -27.36 82.65 61.70
CA PRO I 469 -27.02 84.06 61.93
C PRO I 469 -26.91 84.84 60.63
N GLN I 470 -26.89 86.16 60.77
CA GLN I 470 -26.77 87.08 59.65
C GLN I 470 -25.31 87.23 59.23
N VAL I 471 -25.11 87.60 57.97
CA VAL I 471 -23.77 87.83 57.44
C VAL I 471 -23.70 89.26 56.90
N PRO I 472 -22.54 89.91 56.96
CA PRO I 472 -22.46 91.31 56.51
C PRO I 472 -22.70 91.50 55.02
N GLU I 473 -22.53 90.47 54.20
CA GLU I 473 -22.71 90.56 52.75
C GLU I 473 -23.77 89.56 52.31
N PRO I 474 -25.04 89.84 52.56
CA PRO I 474 -26.09 88.86 52.25
C PRO I 474 -26.34 88.68 50.76
N LEU I 475 -27.27 87.80 50.42
CA LEU I 475 -27.72 87.60 49.04
C LEU I 475 -29.12 88.16 48.91
N THR I 476 -29.31 89.08 47.96
CA THR I 476 -30.60 89.73 47.81
C THR I 476 -31.56 88.85 47.03
N ALA I 477 -32.85 89.19 47.11
CA ALA I 477 -33.85 88.50 46.29
C ALA I 477 -33.62 88.79 44.81
N GLU I 478 -33.20 90.01 44.48
CA GLU I 478 -32.87 90.33 43.10
C GLU I 478 -31.66 89.55 42.62
N GLU I 479 -30.73 89.22 43.53
CA GLU I 479 -29.58 88.41 43.15
C GLU I 479 -29.97 86.99 42.79
N LEU I 480 -30.99 86.45 43.44
CA LEU I 480 -31.39 85.07 43.22
C LEU I 480 -32.71 84.92 42.47
N LYS I 481 -33.21 86.01 41.87
CA LYS I 481 -34.38 85.87 41.02
C LYS I 481 -34.11 84.95 39.84
N ASN I 482 -32.85 84.89 39.40
CA ASN I 482 -32.41 83.93 38.39
C ASN I 482 -31.41 82.99 39.06
N PHE I 483 -31.95 82.00 39.73
CA PHE I 483 -31.20 80.93 40.39
C PHE I 483 -31.73 79.56 40.02
N ASP I 484 -33.04 79.38 39.94
CA ASP I 484 -33.65 78.13 39.54
C ASP I 484 -33.40 77.92 38.05
N GLN I 485 -32.36 77.16 37.72
CA GLN I 485 -32.03 76.92 36.32
C GLN I 485 -33.06 75.97 35.70
N ASP I 486 -33.45 76.29 34.48
CA ASP I 486 -34.47 75.54 33.75
C ASP I 486 -33.90 75.07 32.42
N TYR I 487 -34.79 74.59 31.54
CA TYR I 487 -34.36 74.11 30.24
C TYR I 487 -33.75 75.24 29.42
N ALA I 488 -32.62 74.97 28.77
CA ALA I 488 -32.08 75.90 27.78
C ALA I 488 -32.99 75.95 26.57
N ARG I 489 -33.19 74.81 25.91
CA ARG I 489 -34.15 74.67 24.83
C ARG I 489 -34.64 73.23 24.84
N ASP I 490 -35.97 73.05 24.81
CA ASP I 490 -36.57 71.72 24.85
C ASP I 490 -37.14 71.30 23.50
N GLU I 491 -36.49 71.70 22.41
CA GLU I 491 -36.90 71.29 21.08
C GLU I 491 -36.15 70.03 20.65
N LYS I 492 -36.54 69.49 19.50
CA LYS I 492 -35.83 68.36 18.93
C LYS I 492 -34.42 68.75 18.55
N GLN I 493 -33.61 67.76 18.19
CA GLN I 493 -32.19 67.99 17.94
C GLN I 493 -31.77 67.33 16.63
N SER I 494 -30.72 67.87 16.03
CA SER I 494 -30.25 67.39 14.73
C SER I 494 -29.65 66.00 14.84
N GLY I 495 -28.64 65.83 15.71
CA GLY I 495 -28.05 64.53 15.91
C GLY I 495 -26.55 64.55 16.16
N GLY I 496 -25.87 65.57 15.63
CA GLY I 496 -24.44 65.67 15.79
C GLY I 496 -24.00 66.98 16.41
N ALA I 497 -24.77 68.03 16.18
CA ALA I 497 -24.46 69.36 16.68
C ALA I 497 -25.68 69.91 17.39
N GLY I 498 -25.56 70.14 18.69
CA GLY I 498 -26.68 70.65 19.46
C GLY I 498 -26.34 70.74 20.92
N TYR I 499 -27.39 70.66 21.75
CA TYR I 499 -27.26 70.69 23.21
C TYR I 499 -28.10 69.54 23.77
N ALA I 500 -27.48 68.36 23.89
CA ALA I 500 -28.17 67.18 24.41
C ALA I 500 -27.15 66.25 25.04
N TYR I 501 -27.66 65.23 25.73
CA TYR I 501 -26.82 64.35 26.53
C TYR I 501 -25.63 63.82 25.75
N GLY I 502 -25.81 63.54 24.46
CA GLY I 502 -24.76 62.88 23.69
C GLY I 502 -24.15 63.70 22.58
N GLN I 503 -24.67 64.89 22.32
CA GLN I 503 -24.19 65.71 21.22
C GLN I 503 -22.90 66.43 21.63
N ILE I 504 -22.42 67.32 20.76
CA ILE I 504 -21.28 68.18 21.03
C ILE I 504 -21.76 69.62 21.03
N ASN I 505 -21.34 70.38 22.02
CA ASN I 505 -21.73 71.77 22.12
C ASN I 505 -21.04 72.58 21.02
N PRO I 506 -21.78 73.21 20.11
CA PRO I 506 -21.13 73.96 19.02
C PRO I 506 -20.36 75.17 19.50
N GLU I 507 -20.55 75.56 20.75
CA GLU I 507 -20.00 76.80 21.28
C GLU I 507 -18.57 76.62 21.78
N THR I 508 -18.25 75.42 22.28
CA THR I 508 -16.93 75.13 22.80
C THR I 508 -16.26 73.95 22.11
N LYS I 509 -16.93 73.31 21.15
CA LYS I 509 -16.39 72.14 20.44
C LYS I 509 -16.03 71.02 21.42
N LYS I 510 -16.82 70.88 22.47
CA LYS I 510 -16.63 69.90 23.52
C LYS I 510 -17.94 69.17 23.77
N PRO I 511 -17.89 67.96 24.33
CA PRO I 511 -19.13 67.24 24.62
C PRO I 511 -20.00 67.98 25.61
N VAL I 512 -21.31 67.74 25.52
CA VAL I 512 -22.25 68.42 26.41
C VAL I 512 -22.14 67.86 27.82
N ASP I 513 -22.16 66.53 27.95
CA ASP I 513 -22.00 65.85 29.23
C ASP I 513 -20.80 64.91 29.12
N THR I 514 -19.74 65.23 29.86
CA THR I 514 -18.53 64.41 29.80
C THR I 514 -18.76 62.99 30.29
N ASP I 515 -19.85 62.75 31.01
CA ASP I 515 -20.18 61.43 31.51
C ASP I 515 -20.97 60.60 30.50
N TYR I 516 -21.16 61.08 29.28
CA TYR I 516 -22.00 60.37 28.32
C TYR I 516 -21.38 59.06 27.89
N ARG I 517 -20.12 59.09 27.44
CA ARG I 517 -19.53 57.89 26.87
C ARG I 517 -19.33 56.80 27.90
N TYR I 518 -19.17 57.16 29.17
CA TYR I 518 -19.06 56.16 30.23
C TYR I 518 -20.41 55.48 30.50
N TYR I 519 -21.50 56.17 30.20
CA TYR I 519 -22.85 55.69 30.52
C TYR I 519 -23.58 55.06 29.35
N ILE I 520 -23.16 55.33 28.12
CA ILE I 520 -23.90 54.90 26.94
C ILE I 520 -24.01 53.39 26.83
N SER I 521 -23.22 52.64 27.60
CA SER I 521 -23.25 51.18 27.55
C SER I 521 -24.03 50.60 28.73
N TYR I 552 -46.07 47.69 20.06
CA TYR I 552 -46.44 48.84 19.25
C TYR I 552 -45.36 49.92 19.28
N GLU I 553 -44.68 50.03 20.42
CA GLU I 553 -43.58 50.97 20.61
C GLU I 553 -42.39 50.25 21.25
N LYS I 554 -41.96 49.16 20.60
CA LYS I 554 -40.84 48.36 21.09
C LYS I 554 -39.53 49.06 20.74
N GLN I 555 -38.42 48.32 20.85
CA GLN I 555 -37.13 48.86 20.49
C GLN I 555 -37.04 49.06 18.97
N SER I 556 -35.91 49.57 18.50
CA SER I 556 -35.65 49.65 17.06
C SER I 556 -34.14 49.54 16.87
N GLN I 557 -33.69 48.36 16.42
CA GLN I 557 -32.28 48.04 16.21
C GLN I 557 -31.36 48.62 17.27
N GLU I 558 -31.90 48.90 18.46
CA GLU I 558 -31.29 49.66 19.55
C GLU I 558 -30.95 51.10 19.15
N GLU I 559 -30.75 51.36 17.86
CA GLU I 559 -30.41 52.70 17.38
C GLU I 559 -31.46 53.73 17.81
N MET I 560 -32.75 53.37 17.79
CA MET I 560 -33.77 54.21 18.40
C MET I 560 -33.38 54.56 19.82
N LEU I 561 -33.33 53.56 20.71
CA LEU I 561 -32.87 53.75 22.08
C LEU I 561 -31.59 54.59 22.14
N GLU I 562 -30.62 54.28 21.29
CA GLU I 562 -29.40 55.09 21.21
C GLU I 562 -29.69 56.48 20.67
N GLU I 563 -30.37 56.57 19.52
CA GLU I 563 -30.70 57.89 18.97
C GLU I 563 -31.68 58.67 19.85
N VAL I 564 -32.22 58.08 20.93
CA VAL I 564 -32.94 58.86 21.92
C VAL I 564 -31.99 59.62 22.85
N ARG I 565 -30.73 59.19 22.95
CA ARG I 565 -29.74 59.88 23.78
C ARG I 565 -29.69 61.38 23.49
N THR I 566 -30.21 61.82 22.34
CA THR I 566 -30.47 63.22 22.05
C THR I 566 -31.45 63.84 23.05
N TYR I 567 -31.87 63.07 24.05
CA TYR I 567 -32.82 63.54 25.04
C TYR I 567 -32.30 64.78 25.73
N VAL I 568 -33.09 65.85 25.69
CA VAL I 568 -32.75 67.10 26.34
C VAL I 568 -32.74 66.91 27.86
N GLN I 569 -31.54 66.78 28.42
CA GLN I 569 -31.41 66.45 29.84
C GLN I 569 -31.96 67.58 30.70
N ARG I 570 -32.94 67.27 31.53
CA ARG I 570 -33.51 68.25 32.44
C ARG I 570 -32.45 68.70 33.43
N PRO I 571 -32.28 70.00 33.64
CA PRO I 571 -31.32 70.47 34.65
C PRO I 571 -31.86 70.19 36.05
N THR I 572 -31.01 69.61 36.89
CA THR I 572 -31.38 69.26 38.26
C THR I 572 -30.57 70.14 39.20
N ASP I 573 -31.23 71.18 39.74
CA ASP I 573 -30.58 72.14 40.61
C ASP I 573 -30.04 71.45 41.86
N HIS I 574 -29.01 70.63 41.67
CA HIS I 574 -28.39 69.86 42.75
C HIS I 574 -26.97 70.32 43.04
N SER I 575 -26.21 70.68 42.02
CA SER I 575 -24.86 71.20 42.18
C SER I 575 -24.82 72.71 42.23
N THR I 576 -25.96 73.39 42.04
CA THR I 576 -25.98 74.85 42.10
C THR I 576 -25.55 75.35 43.48
N LEU I 577 -26.04 74.69 44.54
CA LEU I 577 -25.71 75.15 45.89
C LEU I 577 -24.24 74.98 46.23
N PRO I 578 -23.61 73.81 46.01
CA PRO I 578 -22.18 73.71 46.35
C PRO I 578 -21.28 74.52 45.42
N SER I 579 -21.60 74.62 44.13
CA SER I 579 -20.74 75.30 43.19
C SER I 579 -20.90 76.82 43.20
N ASP I 580 -21.92 77.35 43.87
CA ASP I 580 -22.18 78.77 43.81
C ASP I 580 -21.08 79.56 44.50
N GLU I 581 -20.58 80.60 43.83
CA GLU I 581 -19.52 81.42 44.38
C GLU I 581 -20.04 82.32 45.50
N ARG I 582 -21.23 82.91 45.32
CA ARG I 582 -21.75 83.86 46.29
C ARG I 582 -22.03 83.20 47.63
N PHE I 583 -22.63 82.01 47.60
CA PHE I 583 -22.99 81.30 48.82
C PHE I 583 -21.75 80.99 49.66
N MET I 584 -20.72 80.44 49.02
CA MET I 584 -19.51 80.09 49.76
C MET I 584 -18.76 81.32 50.23
N SER I 585 -18.62 82.33 49.36
CA SER I 585 -17.75 83.46 49.66
C SER I 585 -18.35 84.40 50.69
N ARG I 586 -19.67 84.61 50.66
CA ARG I 586 -20.29 85.61 51.51
C ARG I 586 -21.15 85.04 52.63
N VAL I 587 -21.53 83.78 52.55
CA VAL I 587 -22.45 83.22 53.54
C VAL I 587 -21.77 82.09 54.31
N VAL I 588 -21.36 81.04 53.60
CA VAL I 588 -20.77 79.86 54.26
C VAL I 588 -19.48 80.25 54.98
N ALA I 589 -18.62 81.03 54.32
CA ALA I 589 -17.31 81.35 54.86
C ALA I 589 -17.38 81.91 56.28
N TYR I 590 -18.46 82.60 56.61
CA TYR I 590 -18.63 83.16 57.95
C TYR I 590 -19.21 82.15 58.93
N ASP I 591 -19.66 81.00 58.44
CA ASP I 591 -20.16 79.93 59.30
C ASP I 591 -19.06 78.95 59.71
N LEU I 592 -17.94 78.91 58.98
CA LEU I 592 -16.84 78.05 59.37
C LEU I 592 -16.28 78.46 60.73
N PRO I 593 -15.87 77.51 61.56
CA PRO I 593 -15.31 77.85 62.86
C PRO I 593 -13.79 78.01 62.80
N ILE I 594 -13.28 78.74 63.80
CA ILE I 594 -11.87 79.11 63.88
C ILE I 594 -11.38 78.81 65.28
N GLY I 595 -10.17 78.25 65.37
CA GLY I 595 -9.58 77.98 66.66
C GLY I 595 -8.84 79.17 67.22
N TYR I 596 -8.36 79.00 68.47
CA TYR I 596 -7.59 80.05 69.13
C TYR I 596 -6.25 80.26 68.42
N CYS I 597 -5.30 79.38 68.66
CA CYS I 597 -3.99 79.45 68.02
C CYS I 597 -4.04 78.77 66.65
N TRP I 598 -3.30 79.33 65.70
CA TRP I 598 -3.20 78.79 64.34
C TRP I 598 -1.80 78.21 64.20
N HIS I 599 -1.68 76.92 64.50
CA HIS I 599 -0.38 76.24 64.53
C HIS I 599 0.25 76.19 63.14
N SER I 600 0.90 77.30 62.75
CA SER I 600 1.63 77.47 61.49
C SER I 600 1.14 76.51 60.41
N TRP I 601 1.93 75.44 60.19
CA TRP I 601 1.56 74.15 59.59
C TRP I 601 2.67 73.62 58.71
N ASP I 602 3.09 72.37 58.95
CA ASP I 602 4.11 71.74 58.13
C ASP I 602 3.44 71.28 56.85
N LYS I 603 3.99 71.68 55.70
CA LYS I 603 3.43 71.34 54.40
C LYS I 603 3.18 69.85 54.27
N ALA I 604 4.26 69.06 54.45
CA ALA I 604 4.19 67.61 54.28
C ALA I 604 2.98 66.99 54.97
N GLY I 605 2.68 67.44 56.19
CA GLY I 605 1.51 67.00 56.91
C GLY I 605 0.25 67.09 56.09
N LEU I 606 -0.08 68.29 55.60
CA LEU I 606 -1.24 68.45 54.73
C LEU I 606 -1.17 67.53 53.52
N GLU I 607 -0.03 67.54 52.81
CA GLU I 607 0.15 66.65 51.66
C GLU I 607 -0.17 65.21 52.02
N GLU I 608 0.44 64.70 53.09
CA GLU I 608 0.11 63.36 53.57
C GLU I 608 -1.38 63.23 53.83
N LEU I 609 -1.96 64.20 54.55
CA LEU I 609 -3.39 64.17 54.81
C LEU I 609 -4.18 64.17 53.51
N ARG I 610 -3.72 64.92 52.52
CA ARG I 610 -4.37 64.91 51.21
C ARG I 610 -4.18 63.58 50.51
N ARG I 611 -3.03 62.93 50.70
CA ARG I 611 -2.84 61.57 50.20
C ARG I 611 -3.82 60.61 50.85
N GLN I 612 -3.86 60.59 52.19
CA GLN I 612 -4.72 59.66 52.90
C GLN I 612 -6.19 59.89 52.56
N ALA I 613 -6.57 61.12 52.21
CA ALA I 613 -7.96 61.39 51.86
C ALA I 613 -8.31 60.80 50.51
N ASP I 614 -7.44 60.98 49.52
CA ASP I 614 -7.67 60.44 48.18
C ASP I 614 -7.52 58.93 48.21
N TRP I 615 -8.62 58.21 48.00
CA TRP I 615 -8.58 56.75 48.07
C TRP I 615 -7.81 56.15 46.91
N LEU I 616 -7.58 56.89 45.83
CA LEU I 616 -6.71 56.42 44.77
C LEU I 616 -5.27 56.24 45.24
N GLU I 617 -4.88 56.92 46.32
CA GLU I 617 -3.51 56.88 46.81
C GLU I 617 -3.36 56.26 48.19
N SER I 618 -4.44 55.83 48.84
CA SER I 618 -4.34 55.34 50.19
C SER I 618 -5.15 54.06 50.43
N ASP I 619 -6.34 53.98 49.85
CA ASP I 619 -7.26 52.91 50.19
C ASP I 619 -6.78 51.57 49.63
N ASP I 620 -6.71 50.56 50.50
CA ASP I 620 -6.50 49.19 50.05
C ASP I 620 -7.68 48.68 49.27
N TYR I 621 -8.87 49.27 49.46
CA TYR I 621 -10.04 48.89 48.70
C TYR I 621 -9.83 49.11 47.20
N TYR I 622 -9.17 50.20 46.84
CA TYR I 622 -8.88 50.44 45.43
C TYR I 622 -7.77 49.53 44.92
N PHE I 623 -6.74 49.31 45.75
CA PHE I 623 -5.61 48.46 45.35
C PHE I 623 -6.06 47.00 45.20
N SER I 624 -6.43 46.37 46.31
CA SER I 624 -6.77 44.94 46.31
C SER I 624 -8.27 44.69 46.31
N GLY I 625 -9.04 45.42 47.11
CA GLY I 625 -10.46 45.16 47.25
C GLY I 625 -10.79 44.76 48.68
N LYS I 626 -9.85 45.00 49.59
CA LYS I 626 -10.01 44.64 50.99
C LYS I 626 -10.92 45.67 51.67
N LEU I 627 -12.18 45.29 51.88
CA LEU I 627 -13.13 46.17 52.52
C LEU I 627 -12.91 46.20 54.03
N THR I 628 -12.75 47.40 54.58
CA THR I 628 -12.60 47.61 56.02
C THR I 628 -13.86 48.34 56.49
N VAL I 629 -14.83 47.58 56.96
CA VAL I 629 -16.15 48.10 57.33
C VAL I 629 -16.18 48.30 58.83
N PRO I 630 -16.28 49.54 59.33
CA PRO I 630 -16.36 49.76 60.78
C PRO I 630 -17.63 49.14 61.35
N PRO I 631 -17.63 48.83 62.64
CA PRO I 631 -18.89 48.41 63.28
C PRO I 631 -19.86 49.58 63.38
N ILE I 632 -21.15 49.24 63.44
CA ILE I 632 -22.21 50.25 63.50
C ILE I 632 -22.02 51.06 64.78
N PRO I 633 -21.91 52.39 64.69
CA PRO I 633 -21.68 53.18 65.90
C PRO I 633 -22.91 53.17 66.80
N PRO I 634 -22.72 53.36 68.11
CA PRO I 634 -23.89 53.37 69.01
C PRO I 634 -24.84 54.53 68.78
N ALA I 635 -24.37 55.62 68.17
CA ALA I 635 -25.23 56.78 67.95
C ALA I 635 -26.33 56.53 66.94
N ILE I 636 -26.20 55.50 66.11
CA ILE I 636 -27.19 55.15 65.09
C ILE I 636 -28.07 54.03 65.64
N LYS I 637 -29.29 54.37 66.02
CA LYS I 637 -30.26 53.35 66.43
C LYS I 637 -30.85 52.69 65.18
N GLN I 638 -30.75 51.35 65.12
CA GLN I 638 -31.25 50.59 63.98
C GLN I 638 -32.72 50.25 64.14
N ASP I 639 -33.42 50.91 65.04
CA ASP I 639 -34.75 50.48 65.47
C ASP I 639 -35.75 50.62 64.33
N VAL I 640 -36.54 49.56 64.11
CA VAL I 640 -37.51 49.48 63.02
C VAL I 640 -38.90 49.71 63.59
N ALA I 641 -39.77 50.30 62.76
CA ALA I 641 -41.14 50.61 63.13
C ALA I 641 -42.09 49.53 62.63
N GLU I 642 -43.38 49.74 62.86
CA GLU I 642 -44.43 48.81 62.42
C GLU I 642 -44.76 49.14 60.97
N ASP I 643 -43.97 48.57 60.06
CA ASP I 643 -44.09 48.86 58.64
C ASP I 643 -44.30 47.62 57.78
N ALA I 644 -44.42 46.43 58.39
CA ALA I 644 -44.58 45.21 57.60
C ALA I 644 -45.84 45.26 56.75
N GLU I 645 -46.96 45.68 57.35
CA GLU I 645 -48.21 45.77 56.61
C GLU I 645 -48.17 46.89 55.57
N GLN I 646 -47.55 48.03 55.92
CA GLN I 646 -47.51 49.16 55.01
C GLN I 646 -46.85 48.83 53.69
N ARG I 647 -45.80 47.99 53.74
CA ARG I 647 -45.20 47.48 52.50
C ARG I 647 -46.25 46.79 51.64
N LYS I 648 -46.96 45.81 52.22
CA LYS I 648 -48.01 45.11 51.49
C LYS I 648 -49.10 46.08 51.02
N ALA I 649 -49.38 47.12 51.81
CA ALA I 649 -50.43 48.07 51.46
C ALA I 649 -50.14 48.74 50.12
N GLU I 650 -49.03 49.48 50.03
CA GLU I 650 -48.64 50.07 48.76
C GLU I 650 -48.39 49.01 47.69
N GLU I 651 -47.88 47.83 48.09
CA GLU I 651 -47.78 46.71 47.16
C GLU I 651 -49.14 46.33 46.61
N LYS I 652 -50.16 46.32 47.46
CA LYS I 652 -51.53 46.13 46.98
C LYS I 652 -51.92 47.24 46.02
N ALA I 653 -51.66 48.50 46.39
CA ALA I 653 -52.04 49.63 45.55
C ALA I 653 -51.57 49.46 44.12
N ARG I 654 -50.38 48.88 43.94
CA ARG I 654 -49.85 48.57 42.61
C ARG I 654 -50.91 47.86 41.76
N LEU I 655 -51.36 46.69 42.21
CA LEU I 655 -52.44 45.89 41.63
C LEU I 655 -52.67 46.12 40.13
N ARG I 656 -51.92 45.40 39.30
CA ARG I 656 -52.02 45.52 37.86
C ARG I 656 -51.79 46.95 37.40
N ASN J 59 -44.65 80.01 9.43
CA ASN J 59 -44.48 79.24 10.65
C ASN J 59 -43.28 79.73 11.45
N VAL J 60 -43.56 80.36 12.59
CA VAL J 60 -42.54 80.96 13.46
C VAL J 60 -41.66 81.88 12.62
N PRO J 61 -42.10 83.11 12.35
CA PRO J 61 -41.35 84.01 11.46
C PRO J 61 -39.91 84.17 11.95
N PRO J 62 -38.95 84.20 11.02
CA PRO J 62 -37.55 84.18 11.44
C PRO J 62 -37.18 85.44 12.20
N PRO J 63 -36.21 85.35 13.10
CA PRO J 63 -35.90 86.49 13.97
C PRO J 63 -35.03 87.53 13.27
N VAL J 64 -34.87 88.66 13.94
CA VAL J 64 -34.07 89.78 13.45
C VAL J 64 -32.69 89.73 14.11
N TYR J 65 -31.65 89.86 13.31
CA TYR J 65 -30.29 89.95 13.81
C TYR J 65 -29.77 91.37 13.64
N GLY J 66 -28.85 91.76 14.51
CA GLY J 66 -28.28 93.09 14.46
C GLY J 66 -27.21 93.21 13.41
N PRO J 67 -26.79 94.45 13.14
CA PRO J 67 -25.69 94.66 12.21
C PRO J 67 -24.38 94.25 12.84
N PRO J 68 -23.41 93.79 12.04
CA PRO J 68 -22.12 93.41 12.60
C PRO J 68 -21.47 94.56 13.34
N GLN J 69 -20.93 94.27 14.51
CA GLN J 69 -20.26 95.28 15.32
C GLN J 69 -18.98 94.68 15.90
N VAL J 70 -17.92 95.50 15.90
CA VAL J 70 -16.65 95.05 16.46
C VAL J 70 -16.75 95.00 17.99
N ILE J 71 -16.06 94.04 18.58
CA ILE J 71 -16.14 93.84 20.02
C ILE J 71 -14.73 93.80 20.61
N PHE J 72 -13.72 93.76 19.74
CA PHE J 72 -12.33 93.74 20.17
C PHE J 72 -11.40 94.10 19.02
N ARG J 73 -10.73 95.24 19.11
CA ARG J 73 -9.87 95.74 18.04
C ARG J 73 -8.42 95.39 18.35
N ILE J 74 -7.87 94.41 17.63
CA ILE J 74 -6.46 94.08 17.78
C ILE J 74 -5.59 95.27 17.39
N ASP J 75 -5.81 95.80 16.19
CA ASP J 75 -5.13 97.00 15.72
C ASP J 75 -6.03 97.67 14.68
N ASP J 76 -5.48 98.61 13.93
CA ASP J 76 -6.22 99.33 12.90
C ASP J 76 -6.77 98.40 11.82
N ASN J 77 -6.33 97.14 11.78
CA ASN J 77 -6.68 96.23 10.70
C ASN J 77 -7.36 94.96 11.17
N ARG J 78 -6.86 94.33 12.23
CA ARG J 78 -7.40 93.07 12.74
C ARG J 78 -8.42 93.34 13.83
N TYR J 79 -9.61 92.76 13.69
CA TYR J 79 -10.66 93.02 14.66
C TYR J 79 -11.68 91.89 14.64
N PHE J 80 -12.31 91.67 15.80
CA PHE J 80 -13.30 90.62 16.00
C PHE J 80 -14.70 91.22 15.98
N THR J 81 -15.61 90.56 15.27
CA THR J 81 -16.95 91.09 15.06
C THR J 81 -18.01 90.15 15.65
N LEU J 82 -19.11 90.74 16.09
CA LEU J 82 -20.31 90.01 16.49
C LEU J 82 -21.35 90.14 15.38
N GLU J 83 -21.75 89.00 14.81
CA GLU J 83 -22.71 88.99 13.71
C GLU J 83 -23.80 87.97 13.99
N ASN J 84 -24.95 88.20 13.35
CA ASN J 84 -26.10 87.28 13.41
C ASN J 84 -26.57 87.08 14.85
N TYR J 85 -26.71 88.18 15.58
CA TYR J 85 -27.06 88.16 16.99
C TYR J 85 -28.39 88.87 17.22
N THR J 86 -29.17 88.34 18.15
CA THR J 86 -30.36 89.04 18.63
C THR J 86 -30.08 89.88 19.87
N HIS J 87 -28.99 89.60 20.57
CA HIS J 87 -28.51 90.43 21.66
C HIS J 87 -27.04 90.09 21.89
N CYS J 88 -26.39 90.84 22.77
CA CYS J 88 -24.95 90.73 22.93
C CYS J 88 -24.49 89.41 23.54
N GLU J 89 -25.40 88.49 23.88
CA GLU J 89 -25.03 87.22 24.47
C GLU J 89 -25.24 86.04 23.53
N ASN J 90 -25.60 86.28 22.27
CA ASN J 90 -25.78 85.22 21.29
C ASN J 90 -25.17 85.65 19.97
N GLY J 91 -25.29 84.79 18.95
CA GLY J 91 -24.73 85.08 17.65
C GLY J 91 -23.33 84.56 17.49
N GLN J 92 -22.79 84.74 16.29
CA GLN J 92 -21.47 84.24 15.94
C GLN J 92 -20.41 85.32 16.09
N THR J 93 -19.19 84.89 16.39
CA THR J 93 -18.05 85.78 16.59
C THR J 93 -17.01 85.52 15.50
N PHE J 94 -16.69 86.55 14.72
CA PHE J 94 -15.82 86.43 13.56
C PHE J 94 -14.47 87.08 13.83
N TYR J 95 -13.45 86.61 13.12
CA TYR J 95 -12.16 87.27 13.04
C TYR J 95 -12.03 87.93 11.67
N ASN J 96 -11.55 89.17 11.65
CA ASN J 96 -11.50 89.95 10.43
C ASN J 96 -10.12 90.56 10.24
N ASN J 97 -9.64 90.53 9.00
CA ASN J 97 -8.40 91.19 8.60
C ASN J 97 -8.65 91.81 7.23
N LYS J 98 -8.66 93.15 7.18
CA LYS J 98 -9.04 93.85 5.95
C LYS J 98 -7.92 93.86 4.91
N ALA J 99 -6.67 93.67 5.31
CA ALA J 99 -5.57 93.67 4.36
C ALA J 99 -5.72 92.56 3.33
N LYS J 100 -5.62 91.31 3.78
CA LYS J 100 -5.73 90.16 2.91
C LYS J 100 -7.14 89.60 2.82
N ASN J 101 -8.14 90.39 3.21
CA ASN J 101 -9.55 90.04 3.05
C ASN J 101 -9.90 88.76 3.79
N ILE J 102 -9.73 88.79 5.12
CA ILE J 102 -10.14 87.71 6.00
C ILE J 102 -11.46 88.07 6.66
N HIS J 103 -12.39 87.12 6.66
CA HIS J 103 -13.67 87.29 7.35
C HIS J 103 -14.21 85.90 7.65
N VAL J 104 -13.74 85.31 8.75
CA VAL J 104 -13.97 83.90 9.04
C VAL J 104 -14.55 83.76 10.44
N LYS J 105 -15.31 82.68 10.64
CA LYS J 105 -15.97 82.43 11.91
C LYS J 105 -15.03 81.73 12.88
N ILE J 106 -15.07 82.17 14.14
CA ILE J 106 -14.28 81.57 15.21
C ILE J 106 -15.18 80.92 16.25
N LEU J 107 -16.19 81.65 16.75
CA LEU J 107 -17.12 81.15 17.75
C LEU J 107 -18.55 81.11 17.21
N ASP J 108 -19.25 80.02 17.52
CA ASP J 108 -20.69 79.95 17.35
C ASP J 108 -21.44 80.53 18.54
N ALA J 109 -20.76 81.34 19.34
CA ALA J 109 -21.35 82.04 20.47
C ALA J 109 -20.70 83.42 20.56
N SER J 110 -21.42 84.35 21.21
CA SER J 110 -20.94 85.72 21.31
C SER J 110 -19.69 85.79 22.18
N GLY J 111 -18.65 86.44 21.65
CA GLY J 111 -17.42 86.64 22.40
C GLY J 111 -17.53 87.64 23.53
N TYR J 112 -18.60 88.45 23.54
CA TYR J 112 -18.82 89.39 24.63
C TYR J 112 -18.89 88.70 25.99
N LEU J 113 -19.21 87.40 26.01
CA LEU J 113 -19.32 86.67 27.27
C LEU J 113 -17.98 86.47 27.96
N PHE J 114 -16.86 86.69 27.27
CA PHE J 114 -15.55 86.66 27.91
C PHE J 114 -15.29 88.01 28.58
N LYS J 115 -15.00 87.98 29.88
CA LYS J 115 -14.89 89.21 30.66
C LYS J 115 -13.51 89.44 31.26
N GLY J 116 -12.55 88.55 31.03
CA GLY J 116 -11.18 88.78 31.44
C GLY J 116 -10.50 89.76 30.50
N ARG J 117 -9.17 89.66 30.45
CA ARG J 117 -8.38 90.48 29.54
C ARG J 117 -7.71 89.61 28.50
N LEU J 118 -7.65 90.12 27.27
CA LEU J 118 -7.05 89.42 26.14
C LEU J 118 -5.95 90.28 25.55
N PHE J 119 -4.78 89.69 25.32
CA PHE J 119 -3.62 90.39 24.79
C PHE J 119 -3.20 89.71 23.49
N TRP J 120 -3.54 90.33 22.36
CA TRP J 120 -3.20 89.79 21.05
C TRP J 120 -1.81 90.27 20.66
N LEU J 121 -0.83 89.37 20.74
CA LEU J 121 0.54 89.70 20.38
C LEU J 121 1.03 88.98 19.14
N SER J 122 0.29 88.00 18.63
CA SER J 122 0.72 87.22 17.49
C SER J 122 0.48 88.01 16.21
N THR J 123 1.56 88.31 15.49
CA THR J 123 1.44 88.92 14.17
C THR J 123 0.78 88.00 13.15
N ARG J 124 0.65 86.72 13.47
CA ARG J 124 0.22 85.72 12.50
C ARG J 124 -1.29 85.78 12.29
N ASP J 125 -1.71 85.34 11.09
CA ASP J 125 -3.11 85.23 10.75
C ASP J 125 -3.55 83.80 10.47
N ASP J 126 -2.62 82.88 10.22
CA ASP J 126 -2.97 81.48 10.03
C ASP J 126 -3.25 80.75 11.34
N PHE J 127 -2.77 81.28 12.46
CA PHE J 127 -2.97 80.67 13.78
C PHE J 127 -3.82 81.60 14.63
N LEU J 128 -4.97 81.12 15.06
CA LEU J 128 -5.90 81.91 15.88
C LEU J 128 -6.30 81.12 17.11
N ALA J 129 -6.48 81.83 18.22
CA ALA J 129 -6.98 81.26 19.46
C ALA J 129 -7.92 82.28 20.09
N PHE J 130 -9.09 81.81 20.54
CA PHE J 130 -10.09 82.73 21.08
C PHE J 130 -10.82 82.06 22.22
N PRO J 131 -10.98 82.75 23.36
CA PRO J 131 -11.64 82.12 24.51
C PRO J 131 -13.13 81.89 24.30
N ALA J 132 -13.53 80.63 24.14
CA ALA J 132 -14.94 80.29 24.01
C ALA J 132 -15.55 80.16 25.40
N THR J 133 -16.49 81.03 25.71
CA THR J 133 -17.09 81.11 27.04
C THR J 133 -18.60 80.96 26.95
N LEU J 134 -19.17 80.23 27.92
CA LEU J 134 -20.58 79.87 27.90
C LEU J 134 -21.42 80.91 28.64
N ASN J 135 -22.67 81.03 28.23
CA ASN J 135 -23.62 81.93 28.88
C ASN J 135 -24.12 81.29 30.16
N THR J 136 -23.97 82.00 31.29
CA THR J 136 -24.49 81.50 32.55
C THR J 136 -26.00 81.34 32.48
N ARG J 137 -26.69 82.28 31.84
CA ARG J 137 -28.14 82.27 31.81
C ARG J 137 -28.73 81.41 30.69
N HIS J 138 -27.91 81.02 29.70
CA HIS J 138 -28.39 80.17 28.61
C HIS J 138 -27.28 79.19 28.27
N ALA J 139 -27.35 78.00 28.88
CA ALA J 139 -26.40 76.93 28.60
C ALA J 139 -26.98 75.61 29.08
N SER J 140 -26.79 74.56 28.29
CA SER J 140 -27.31 73.25 28.66
C SER J 140 -26.62 72.70 29.90
N CYS J 141 -25.30 72.84 29.98
CA CYS J 141 -24.55 72.28 31.10
C CYS J 141 -24.88 72.95 32.43
N MET J 142 -25.57 74.09 32.41
CA MET J 142 -25.98 74.71 33.66
C MET J 142 -27.01 73.86 34.36
N GLY J 143 -26.99 73.88 35.70
CA GLY J 143 -27.85 73.04 36.48
C GLY J 143 -27.50 71.57 36.46
N SER J 144 -26.45 71.17 35.74
CA SER J 144 -26.03 69.78 35.73
C SER J 144 -25.35 69.41 37.05
N ASN J 145 -25.31 68.11 37.33
CA ASN J 145 -24.66 67.63 38.54
C ASN J 145 -23.16 67.91 38.54
N LYS J 146 -22.56 68.08 37.36
CA LYS J 146 -21.14 68.38 37.23
C LYS J 146 -20.89 69.87 37.06
N GLY J 147 -21.54 70.51 36.09
CA GLY J 147 -21.36 71.93 35.87
C GLY J 147 -20.95 72.26 34.44
N CYS J 148 -20.39 73.46 34.25
CA CYS J 148 -19.96 73.92 32.94
C CYS J 148 -18.45 74.16 32.95
N MET J 149 -17.84 73.95 31.79
CA MET J 149 -16.41 74.18 31.61
C MET J 149 -16.20 74.95 30.32
N ASN J 150 -15.39 76.00 30.39
CA ASN J 150 -15.12 76.84 29.24
C ASN J 150 -14.03 76.21 28.38
N ALA J 151 -13.65 76.90 27.31
CA ALA J 151 -12.67 76.37 26.38
C ALA J 151 -12.08 77.51 25.55
N VAL J 152 -11.15 77.17 24.67
CA VAL J 152 -10.56 78.10 23.72
C VAL J 152 -10.64 77.46 22.33
N ILE J 153 -11.27 78.15 21.40
CA ILE J 153 -11.32 77.69 20.01
C ILE J 153 -9.98 77.99 19.36
N VAL J 154 -9.37 76.97 18.77
CA VAL J 154 -8.03 77.08 18.19
C VAL J 154 -8.08 76.63 16.74
N THR J 155 -7.44 77.39 15.86
CA THR J 155 -7.24 77.01 14.47
C THR J 155 -5.82 77.34 14.06
N THR J 156 -5.26 76.50 13.18
CA THR J 156 -3.92 76.69 12.67
C THR J 156 -3.90 76.71 11.14
N ASP J 157 -5.04 77.01 10.52
CA ASP J 157 -5.14 77.02 9.07
C ASP J 157 -5.91 78.22 8.55
N GLY J 158 -6.08 79.26 9.36
CA GLY J 158 -6.82 80.43 8.98
C GLY J 158 -8.28 80.43 9.39
N GLY J 159 -8.83 79.30 9.79
CA GLY J 159 -10.21 79.24 10.22
C GLY J 159 -11.03 78.15 9.56
N LYS J 160 -10.40 77.35 8.70
CA LYS J 160 -11.12 76.26 8.04
C LYS J 160 -11.26 75.05 8.96
N ARG J 161 -10.24 74.75 9.76
CA ARG J 161 -10.29 73.68 10.73
C ARG J 161 -10.51 74.24 12.12
N ARG J 162 -11.55 73.76 12.80
CA ARG J 162 -11.98 74.27 14.09
C ARG J 162 -11.73 73.24 15.17
N SER J 163 -11.04 73.64 16.24
CA SER J 163 -10.74 72.76 17.36
C SER J 163 -11.04 73.50 18.66
N GLY J 164 -11.24 72.72 19.72
CA GLY J 164 -11.55 73.29 21.01
C GLY J 164 -10.72 72.72 22.15
N VAL J 165 -9.87 73.55 22.74
CA VAL J 165 -9.01 73.15 23.85
C VAL J 165 -9.64 73.66 25.14
N PRO J 166 -10.07 72.79 26.04
CA PRO J 166 -10.74 73.25 27.26
C PRO J 166 -9.75 73.68 28.33
N TYR J 167 -10.27 74.48 29.27
CA TYR J 167 -9.47 74.99 30.38
C TYR J 167 -10.38 75.17 31.59
N GLY J 168 -9.76 75.53 32.71
CA GLY J 168 -10.50 75.92 33.89
C GLY J 168 -11.25 74.79 34.58
N SER J 169 -11.85 75.10 35.72
CA SER J 169 -12.56 74.12 36.53
C SER J 169 -14.06 74.17 36.23
N TYR J 170 -14.76 73.14 36.70
CA TYR J 170 -16.21 73.09 36.57
C TYR J 170 -16.85 74.18 37.44
N THR J 171 -17.88 74.83 36.90
CA THR J 171 -18.53 75.90 37.62
C THR J 171 -19.96 76.07 37.12
N GLN J 172 -20.82 76.58 38.00
CA GLN J 172 -22.16 77.00 37.62
C GLN J 172 -22.22 78.48 37.28
N ASN J 173 -21.08 79.08 36.98
CA ASN J 173 -21.01 80.45 36.46
C ASN J 173 -19.86 80.49 35.46
N PRO J 174 -20.09 80.01 34.24
CA PRO J 174 -18.98 79.99 33.25
C PRO J 174 -18.58 81.36 32.78
N THR J 175 -19.56 82.24 32.51
CA THR J 175 -19.24 83.62 32.17
C THR J 175 -18.48 84.31 33.29
N GLY J 176 -18.88 84.06 34.55
CA GLY J 176 -18.28 84.77 35.66
C GLY J 176 -16.82 84.40 35.87
N ALA J 177 -16.49 83.11 35.78
CA ALA J 177 -15.12 82.67 36.05
C ALA J 177 -14.11 83.31 35.10
N THR J 178 -14.57 83.83 33.96
CA THR J 178 -13.67 84.52 33.03
C THR J 178 -13.22 85.87 33.58
N ARG J 179 -13.97 86.46 34.51
CA ARG J 179 -13.61 87.76 35.06
C ARG J 179 -12.25 87.78 35.73
N ASP J 180 -11.62 86.63 35.93
CA ASP J 180 -10.34 86.54 36.63
C ASP J 180 -9.27 85.86 35.79
N TYR J 181 -9.36 85.93 34.47
CA TYR J 181 -8.41 85.30 33.58
C TYR J 181 -7.73 86.32 32.67
N ASP J 182 -6.44 86.12 32.44
CA ASP J 182 -5.67 86.87 31.46
C ASP J 182 -5.20 85.92 30.38
N MET J 183 -5.52 86.25 29.13
CA MET J 183 -5.17 85.42 27.99
C MET J 183 -4.14 86.14 27.13
N LEU J 184 -3.04 85.45 26.84
CA LEU J 184 -2.02 85.92 25.91
C LEU J 184 -2.10 85.08 24.64
N VAL J 185 -2.00 85.75 23.49
CA VAL J 185 -1.95 85.05 22.20
C VAL J 185 -0.62 85.44 21.55
N MET J 186 0.32 84.52 21.53
CA MET J 186 1.64 84.76 20.96
C MET J 186 1.77 84.00 19.65
N ASN J 187 2.79 84.39 18.86
CA ASN J 187 3.03 83.74 17.57
C ASN J 187 3.33 82.25 17.72
N ASP J 188 3.82 81.82 18.88
CA ASP J 188 4.12 80.41 19.12
C ASP J 188 2.96 79.64 19.75
N GLY J 189 1.93 80.33 20.24
CA GLY J 189 0.81 79.66 20.87
C GLY J 189 -0.04 80.60 21.68
N PHE J 190 -0.45 80.18 22.88
CA PHE J 190 -1.21 81.06 23.76
C PHE J 190 -0.99 80.65 25.21
N TYR J 191 -1.25 81.59 26.11
CA TYR J 191 -1.05 81.42 27.54
C TYR J 191 -2.32 81.84 28.28
N LEU J 192 -2.59 81.17 29.40
CA LEU J 192 -3.72 81.54 30.26
C LEU J 192 -3.22 81.73 31.68
N LEU J 193 -3.78 82.74 32.35
CA LEU J 193 -3.40 83.07 33.73
C LEU J 193 -4.66 83.14 34.58
N ARG J 194 -4.71 82.31 35.63
CA ARG J 194 -5.80 82.32 36.59
C ARG J 194 -5.30 82.96 37.87
N TYR J 195 -5.98 84.02 38.30
CA TYR J 195 -5.57 84.78 39.47
C TYR J 195 -6.27 84.23 40.71
N ARG J 196 -5.49 83.79 41.69
CA ARG J 196 -6.02 83.22 42.92
C ARG J 196 -6.23 84.31 43.96
N GLY J 197 -6.48 83.91 45.20
CA GLY J 197 -6.77 84.87 46.25
C GLY J 197 -8.13 85.53 46.04
N GLY J 198 -8.34 86.59 46.82
CA GLY J 198 -9.57 87.34 46.74
C GLY J 198 -9.46 88.55 45.85
N GLN J 199 -9.30 89.73 46.46
CA GLN J 199 -9.19 90.96 45.69
C GLN J 199 -7.88 91.00 44.91
N GLY J 200 -7.90 91.73 43.80
CA GLY J 200 -6.72 91.93 42.99
C GLY J 200 -6.34 90.73 42.16
N ARG J 201 -5.63 90.99 41.07
CA ARG J 201 -5.11 89.95 40.19
C ARG J 201 -3.70 89.55 40.61
N PHE J 202 -3.60 89.08 41.85
CA PHE J 202 -2.34 88.63 42.42
C PHE J 202 -2.29 87.10 42.43
N SER J 203 -1.07 86.56 42.57
CA SER J 203 -0.83 85.14 42.74
C SER J 203 -1.47 84.33 41.61
N PRO J 204 -0.83 84.25 40.45
CA PRO J 204 -1.47 83.58 39.31
C PRO J 204 -0.92 82.19 39.01
N VAL J 205 -1.66 81.43 38.22
CA VAL J 205 -1.22 80.14 37.71
C VAL J 205 -1.24 80.22 36.18
N ILE J 206 -0.15 79.79 35.56
CA ILE J 206 0.05 79.96 34.12
C ILE J 206 -0.04 78.60 33.44
N LEU J 207 -0.71 78.56 32.30
CA LEU J 207 -0.78 77.38 31.45
C LEU J 207 -0.48 77.81 30.02
N ARG J 208 0.39 77.06 29.34
CA ARG J 208 0.88 77.44 28.02
C ARG J 208 0.60 76.32 27.01
N TRP J 209 -0.04 76.69 25.90
CA TRP J 209 -0.21 75.81 24.76
C TRP J 209 0.64 76.33 23.61
N ILE J 210 1.36 75.41 22.94
CA ILE J 210 2.20 75.78 21.82
C ILE J 210 1.87 74.87 20.64
N LEU J 211 2.31 75.31 19.46
CA LEU J 211 1.93 74.67 18.21
C LEU J 211 2.65 73.33 18.04
N SER J 212 2.03 72.45 17.26
CA SER J 212 2.56 71.11 17.01
C SER J 212 1.87 70.51 15.81
N THR J 213 2.64 70.09 14.81
CA THR J 213 2.09 69.50 13.61
C THR J 213 1.72 68.03 13.78
N GLU J 214 2.10 67.41 14.89
CA GLU J 214 1.85 65.99 15.12
C GLU J 214 0.55 65.73 15.89
N ASP J 215 -0.23 66.76 16.19
CA ASP J 215 -1.49 66.59 16.90
C ASP J 215 -2.64 67.12 16.05
N SER J 216 -3.82 66.56 16.27
CA SER J 216 -4.99 66.93 15.48
C SER J 216 -5.45 68.35 15.81
N SER J 217 -5.59 68.66 17.11
CA SER J 217 -6.03 69.98 17.53
C SER J 217 -5.06 71.07 17.07
N GLY J 218 -3.82 70.72 16.74
CA GLY J 218 -2.83 71.65 16.26
C GLY J 218 -1.88 72.15 17.32
N VAL J 219 -2.31 72.19 18.59
CA VAL J 219 -1.49 72.67 19.68
C VAL J 219 -1.49 71.66 20.81
N VAL J 220 -0.41 71.69 21.60
CA VAL J 220 -0.25 70.82 22.75
C VAL J 220 0.37 71.64 23.87
N ARG J 221 0.10 71.24 25.11
CA ARG J 221 0.59 71.99 26.25
C ARG J 221 2.10 71.86 26.37
N SER J 222 2.73 72.95 26.82
CA SER J 222 4.17 72.99 27.08
C SER J 222 4.37 73.24 28.57
N GLU J 223 5.03 72.31 29.24
CA GLU J 223 5.26 72.44 30.68
C GLU J 223 6.21 73.60 31.01
N ASP J 224 7.01 74.04 30.04
CA ASP J 224 8.00 75.11 30.27
C ASP J 224 7.35 76.49 30.12
N ALA J 225 6.29 76.71 30.89
CA ALA J 225 5.61 78.00 30.92
C ALA J 225 6.30 78.90 31.94
N TYR J 226 5.62 79.96 32.37
CA TYR J 226 6.11 80.87 33.41
C TYR J 226 7.44 81.53 33.03
N GLU J 227 7.64 81.77 31.73
CA GLU J 227 8.73 82.61 31.26
C GLU J 227 8.33 84.07 31.15
N LEU J 228 7.18 84.44 31.73
CA LEU J 228 6.68 85.81 31.65
C LEU J 228 7.66 86.78 32.31
N PHE J 229 7.87 86.63 33.61
CA PHE J 229 8.78 87.48 34.36
C PHE J 229 10.07 86.71 34.62
N ARG J 230 11.21 87.32 34.26
CA ARG J 230 12.52 86.71 34.37
C ARG J 230 12.51 85.35 33.68
N PRO J 231 12.80 85.31 32.37
CA PRO J 231 12.65 84.05 31.62
C PRO J 231 13.33 82.86 32.26
N GLY J 232 14.37 83.10 33.07
CA GLY J 232 15.00 82.05 33.83
C GLY J 232 15.46 82.53 35.20
N GLU J 233 14.57 82.53 36.18
CA GLU J 233 14.93 82.82 37.56
C GLU J 233 14.64 81.62 38.45
N GLU J 234 13.37 81.32 38.71
CA GLU J 234 12.94 80.14 39.45
C GLU J 234 11.42 80.12 39.44
N VAL J 235 10.86 78.93 39.51
CA VAL J 235 9.43 78.73 39.72
C VAL J 235 9.22 78.13 41.11
N PRO J 236 8.59 78.85 42.03
CA PRO J 236 8.43 78.32 43.39
C PRO J 236 7.13 77.57 43.58
N SER J 237 6.90 77.08 44.81
CA SER J 237 5.67 76.33 45.08
C SER J 237 4.44 77.19 44.89
N THR J 238 4.48 78.45 45.31
CA THR J 238 3.35 79.34 45.13
C THR J 238 3.33 79.93 43.72
N GLY J 239 4.36 80.69 43.36
CA GLY J 239 4.43 81.37 42.09
C GLY J 239 4.08 82.83 42.14
N PHE J 240 3.61 83.33 43.28
CA PHE J 240 3.22 84.73 43.42
C PHE J 240 4.47 85.59 43.62
N TYR J 241 4.84 86.33 42.57
CA TYR J 241 5.76 87.46 42.72
C TYR J 241 5.27 88.64 41.90
N LYS J 242 3.94 88.79 41.80
CA LYS J 242 3.30 89.89 41.08
C LYS J 242 3.83 89.99 39.65
N ILE J 243 3.44 88.99 38.85
CA ILE J 243 3.84 88.92 37.45
C ILE J 243 3.29 90.14 36.71
N ASP J 244 4.19 91.03 36.30
CA ASP J 244 3.81 92.25 35.61
C ASP J 244 3.68 91.97 34.12
N LEU J 245 2.59 92.45 33.53
CA LEU J 245 2.33 92.28 32.10
C LEU J 245 2.37 93.59 31.33
N SER J 246 2.83 94.67 31.96
CA SER J 246 2.81 95.98 31.31
C SER J 246 3.59 95.98 30.01
N ARG J 247 4.59 95.10 29.88
CA ARG J 247 5.32 94.99 28.63
C ARG J 247 4.40 94.54 27.49
N PHE J 248 3.43 93.69 27.80
CA PHE J 248 2.51 93.15 26.81
C PHE J 248 1.23 93.96 26.69
N TYR J 249 1.10 95.05 27.45
CA TYR J 249 -0.08 95.91 27.34
C TYR J 249 -0.19 96.43 25.92
N PRO J 250 -1.35 96.35 25.28
CA PRO J 250 -1.49 96.83 23.91
C PRO J 250 -1.39 98.35 23.84
N LYS J 251 -0.96 98.85 22.67
CA LYS J 251 -0.80 100.28 22.50
C LYS J 251 -2.14 101.00 22.60
N ASN J 252 -3.16 100.48 21.93
CA ASN J 252 -4.48 101.10 21.92
C ASN J 252 -5.26 100.90 23.22
N ASN J 253 -4.70 100.14 24.17
CA ASN J 253 -5.30 99.95 25.49
C ASN J 253 -6.71 99.34 25.38
N VAL J 254 -6.82 98.28 24.58
CA VAL J 254 -8.05 97.51 24.47
C VAL J 254 -7.84 96.21 25.24
N MET J 255 -8.31 96.19 26.49
CA MET J 255 -8.09 95.06 27.38
C MET J 255 -9.28 94.09 27.36
N GLU J 256 -10.44 94.55 27.81
CA GLU J 256 -11.62 93.71 27.87
C GLU J 256 -12.39 93.78 26.55
N MET J 257 -13.54 93.12 26.53
CA MET J 257 -14.44 93.17 25.39
C MET J 257 -15.35 94.40 25.50
N GLN J 258 -16.27 94.53 24.54
CA GLN J 258 -17.22 95.63 24.55
C GLN J 258 -18.35 95.31 23.59
N CYS J 259 -19.57 95.65 23.99
CA CYS J 259 -20.73 95.48 23.13
C CYS J 259 -21.61 96.72 23.22
N ASP J 260 -22.30 97.01 22.12
CA ASP J 260 -23.18 98.17 22.03
C ASP J 260 -24.62 97.66 22.15
N ARG J 261 -25.17 97.76 23.36
CA ARG J 261 -26.53 97.28 23.60
C ARG J 261 -27.57 98.04 22.79
N THR J 262 -27.25 99.24 22.32
CA THR J 262 -28.22 100.03 21.57
C THR J 262 -28.52 99.44 20.21
N LEU J 263 -27.64 98.58 19.68
CA LEU J 263 -27.86 97.94 18.39
C LEU J 263 -28.60 96.61 18.50
N GLU J 264 -29.03 96.24 19.70
CA GLU J 264 -29.80 95.01 19.86
C GLU J 264 -31.16 95.15 19.17
N PRO J 265 -31.49 94.30 18.22
CA PRO J 265 -32.69 94.55 17.40
C PRO J 265 -33.97 94.33 18.18
N VAL J 266 -35.00 95.09 17.80
CA VAL J 266 -36.34 94.84 18.33
C VAL J 266 -36.90 93.58 17.68
N GLN J 267 -37.97 93.06 18.28
CA GLN J 267 -38.60 91.84 17.78
C GLN J 267 -40.10 92.07 17.69
N PRO J 268 -40.67 92.19 16.49
CA PRO J 268 -42.10 92.44 16.39
C PRO J 268 -42.91 91.15 16.50
N SER J 269 -42.58 90.30 17.45
CA SER J 269 -43.27 89.03 17.65
C SER J 269 -44.37 89.20 18.70
N GLU J 270 -45.24 88.18 18.79
CA GLU J 270 -46.39 88.18 19.70
C GLU J 270 -47.31 89.36 19.42
N SER J 271 -47.82 89.41 18.19
CA SER J 271 -48.73 90.48 17.79
C SER J 271 -50.06 90.36 18.54
N LYS J 272 -50.79 89.27 18.29
CA LYS J 272 -52.01 88.96 19.03
C LYS J 272 -52.03 87.50 19.46
N ILE J 273 -50.87 86.84 19.44
CA ILE J 273 -50.79 85.40 19.65
C ILE J 273 -49.42 85.02 20.19
N GLN J 274 -49.24 83.76 20.54
CA GLN J 274 -47.96 83.27 21.02
C GLN J 274 -47.84 81.76 20.83
N GLU K 38 -49.13 -68.26 14.92
CA GLU K 38 -48.35 -68.08 16.13
C GLU K 38 -46.86 -68.12 15.85
N VAL K 39 -46.12 -68.85 16.69
CA VAL K 39 -44.67 -68.94 16.51
C VAL K 39 -44.33 -69.82 15.32
N GLN K 40 -45.00 -70.96 15.20
CA GLN K 40 -44.71 -71.90 14.11
C GLN K 40 -45.23 -71.35 12.79
N PRO K 41 -44.36 -71.11 11.80
CA PRO K 41 -44.84 -70.66 10.49
C PRO K 41 -45.01 -71.84 9.55
N PRO K 42 -45.66 -71.64 8.39
CA PRO K 42 -45.77 -72.74 7.42
C PRO K 42 -44.43 -73.18 6.90
N LEU K 43 -43.72 -74.00 7.69
CA LEU K 43 -42.33 -74.35 7.40
C LEU K 43 -42.30 -75.59 6.48
N GLN K 44 -41.93 -75.37 5.23
CA GLN K 44 -41.73 -76.45 4.27
C GLN K 44 -40.24 -76.71 4.11
N LEU K 45 -39.90 -77.95 3.75
CA LEU K 45 -38.51 -78.36 3.63
C LEU K 45 -38.25 -78.94 2.24
N PRO K 46 -36.99 -78.86 1.75
CA PRO K 46 -36.73 -79.22 0.35
C PRO K 46 -36.56 -80.71 0.09
N GLY K 47 -36.05 -81.44 1.08
CA GLY K 47 -35.85 -82.86 0.92
C GLY K 47 -35.62 -83.51 2.27
N LEU K 48 -35.69 -84.84 2.28
CA LEU K 48 -35.51 -85.62 3.49
C LEU K 48 -34.12 -86.25 3.49
N ILE K 49 -33.40 -86.10 4.59
CA ILE K 49 -32.05 -86.62 4.74
C ILE K 49 -32.07 -87.70 5.81
N ILE K 50 -31.52 -88.86 5.48
CA ILE K 50 -31.51 -90.01 6.38
C ILE K 50 -30.07 -90.24 6.82
N PHE K 51 -29.80 -90.02 8.12
CA PHE K 51 -28.52 -90.37 8.70
C PHE K 51 -28.48 -91.87 9.01
N VAL K 52 -27.30 -92.46 8.91
CA VAL K 52 -27.13 -93.88 9.21
C VAL K 52 -25.82 -94.05 9.95
N HIS K 53 -25.89 -94.39 11.24
CA HIS K 53 -24.70 -94.55 12.07
C HIS K 53 -24.12 -95.95 11.89
N GLY K 54 -22.79 -96.02 11.88
CA GLY K 54 -22.09 -97.26 11.60
C GLY K 54 -22.03 -98.22 12.77
N VAL K 55 -20.93 -98.96 12.86
CA VAL K 55 -20.70 -99.88 13.96
C VAL K 55 -20.09 -99.15 15.14
N ASN K 56 -20.51 -99.53 16.35
CA ASN K 56 -19.99 -99.07 17.64
C ASN K 56 -20.52 -97.67 17.96
N SER K 57 -21.23 -97.07 17.01
CA SER K 57 -21.70 -95.71 17.17
C SER K 57 -23.20 -95.68 17.39
N GLU K 58 -23.66 -94.60 18.02
CA GLU K 58 -25.07 -94.34 18.26
C GLU K 58 -25.50 -93.04 17.59
N GLY K 59 -24.83 -92.67 16.49
CA GLY K 59 -25.11 -91.43 15.82
C GLY K 59 -24.49 -90.25 16.55
N GLU K 60 -23.21 -90.37 16.91
CA GLU K 60 -22.54 -89.30 17.64
C GLU K 60 -22.39 -88.06 16.77
N TRP K 61 -22.01 -88.24 15.50
CA TRP K 61 -21.86 -87.10 14.60
C TRP K 61 -23.19 -86.50 14.16
N TYR K 62 -24.31 -87.14 14.51
CA TYR K 62 -25.61 -86.69 14.01
C TYR K 62 -25.89 -85.23 14.37
N ASP K 63 -25.40 -84.77 15.52
CA ASP K 63 -25.77 -83.44 16.01
C ASP K 63 -25.20 -82.35 15.11
N TYR K 64 -23.86 -82.27 15.00
CA TYR K 64 -23.29 -81.27 14.09
C TYR K 64 -23.63 -81.54 12.64
N ALA K 65 -23.82 -82.80 12.26
CA ALA K 65 -24.23 -83.08 10.88
C ALA K 65 -25.55 -82.40 10.57
N GLU K 66 -26.55 -82.60 11.43
CA GLU K 66 -27.82 -81.90 11.27
C GLU K 66 -27.65 -80.40 11.38
N ARG K 67 -26.84 -79.95 12.33
CA ARG K 67 -26.68 -78.52 12.59
C ARG K 67 -26.03 -77.81 11.41
N SER K 68 -24.92 -78.35 10.91
CA SER K 68 -24.20 -77.68 9.82
C SER K 68 -24.97 -77.77 8.51
N LEU K 69 -25.64 -78.90 8.26
CA LEU K 69 -26.46 -79.00 7.06
C LEU K 69 -27.57 -77.96 7.08
N CYS K 70 -28.29 -77.84 8.21
CA CYS K 70 -29.34 -76.84 8.33
C CYS K 70 -28.83 -75.45 8.00
N ALA K 71 -27.69 -75.08 8.58
CA ALA K 71 -27.09 -73.77 8.25
C ALA K 71 -26.69 -73.71 6.78
N GLY K 72 -26.27 -74.84 6.21
CA GLY K 72 -25.83 -74.84 4.82
C GLY K 72 -26.96 -74.60 3.85
N LEU K 73 -28.04 -75.38 3.97
CA LEU K 73 -29.19 -75.15 3.09
C LEU K 73 -29.86 -73.82 3.36
N ASN K 74 -29.78 -73.31 4.59
CA ASN K 74 -30.29 -71.96 4.85
C ASN K 74 -29.51 -70.93 4.06
N GLN K 75 -28.18 -71.11 3.96
CA GLN K 75 -27.38 -70.19 3.17
C GLN K 75 -27.64 -70.36 1.68
N ARG K 76 -27.69 -71.62 1.21
CA ARG K 76 -27.83 -71.87 -0.22
C ARG K 76 -29.21 -71.50 -0.73
N LEU K 77 -30.26 -71.82 0.03
CA LEU K 77 -31.63 -71.64 -0.44
C LEU K 77 -32.21 -70.29 -0.08
N GLY K 78 -31.44 -69.41 0.54
CA GLY K 78 -31.92 -68.07 0.84
C GLY K 78 -33.09 -68.05 1.80
N LEU K 79 -33.04 -68.84 2.87
CA LEU K 79 -34.07 -68.88 3.89
C LEU K 79 -33.61 -68.05 5.09
N GLU K 80 -34.44 -67.10 5.49
CA GLU K 80 -34.07 -66.13 6.51
C GLU K 80 -35.16 -66.02 7.57
N GLY K 81 -34.75 -65.57 8.76
CA GLY K 81 -35.68 -65.36 9.85
C GLY K 81 -36.30 -66.66 10.35
N GLU K 82 -37.55 -66.55 10.79
CA GLU K 82 -38.28 -67.72 11.29
C GLU K 82 -38.56 -68.74 10.21
N HIS K 83 -38.39 -68.38 8.94
CA HIS K 83 -38.61 -69.31 7.84
C HIS K 83 -37.48 -70.34 7.68
N GLY K 84 -36.33 -70.12 8.33
CA GLY K 84 -35.19 -70.98 8.11
C GLY K 84 -35.34 -72.35 8.75
N LEU K 85 -34.36 -73.19 8.47
CA LEU K 85 -34.30 -74.52 9.05
C LEU K 85 -33.49 -74.51 10.34
N LYS K 86 -33.85 -75.41 11.25
CA LYS K 86 -33.20 -75.47 12.56
C LYS K 86 -33.07 -76.92 13.00
N GLU K 87 -31.93 -77.25 13.60
CA GLU K 87 -31.70 -78.60 14.07
C GLU K 87 -32.67 -78.97 15.18
N ASN K 88 -32.78 -80.27 15.44
CA ASN K 88 -33.65 -80.79 16.50
C ASN K 88 -32.79 -81.21 17.68
N ASN K 89 -32.85 -80.42 18.75
CA ASN K 89 -32.12 -80.77 19.96
C ASN K 89 -32.79 -81.94 20.65
N TYR K 90 -31.99 -82.84 21.20
CA TYR K 90 -32.48 -84.04 21.87
C TYR K 90 -31.96 -84.08 23.30
N GLU K 91 -32.65 -84.83 24.15
CA GLU K 91 -32.24 -84.98 25.54
C GLU K 91 -30.89 -85.68 25.62
N GLY K 92 -29.91 -85.01 26.23
CA GLY K 92 -28.60 -85.58 26.40
C GLY K 92 -28.54 -86.59 27.53
N GLY K 93 -27.36 -87.18 27.68
CA GLY K 93 -27.15 -88.18 28.72
C GLY K 93 -27.07 -87.57 30.10
N PHE K 94 -26.89 -88.45 31.08
CA PHE K 94 -26.76 -88.05 32.48
C PHE K 94 -26.05 -89.15 33.24
N PHE K 95 -26.02 -89.03 34.56
CA PHE K 95 -25.34 -89.95 35.45
C PHE K 95 -26.36 -90.68 36.33
N VAL K 96 -25.95 -91.85 36.81
CA VAL K 96 -26.77 -92.61 37.76
C VAL K 96 -25.88 -93.12 38.89
N LYS K 116 -20.61 -90.99 38.72
CA LYS K 116 -21.00 -92.38 38.92
C LYS K 116 -20.79 -93.20 37.64
N LYS K 117 -21.88 -93.45 36.92
CA LYS K 117 -21.85 -94.19 35.67
C LYS K 117 -22.58 -93.40 34.60
N TRP K 118 -21.94 -93.22 33.45
CA TRP K 118 -22.59 -92.49 32.36
C TRP K 118 -23.70 -93.33 31.75
N VAL K 119 -24.77 -92.66 31.33
CA VAL K 119 -25.92 -93.31 30.72
C VAL K 119 -26.27 -92.56 29.46
N SER K 120 -26.47 -93.29 28.36
CA SER K 120 -26.91 -92.68 27.11
C SER K 120 -28.27 -92.04 27.30
N GLY K 121 -28.40 -90.79 26.85
CA GLY K 121 -29.64 -90.07 26.96
C GLY K 121 -30.72 -90.67 26.10
N PRO K 122 -31.96 -90.66 26.58
CA PRO K 122 -33.08 -91.14 25.77
C PRO K 122 -33.24 -90.28 24.52
N ARG K 123 -33.48 -90.94 23.39
CA ARG K 123 -33.61 -90.25 22.11
C ARG K 123 -34.99 -89.59 21.99
N LYS K 124 -35.25 -88.67 22.91
CA LYS K 124 -36.49 -87.90 22.95
C LYS K 124 -36.18 -86.43 22.71
N ILE K 125 -37.07 -85.76 21.98
CA ILE K 125 -36.89 -84.34 21.70
C ILE K 125 -36.92 -83.57 23.01
N THR K 126 -35.90 -82.73 23.22
CA THR K 126 -35.86 -81.92 24.42
C THR K 126 -37.02 -80.92 24.43
N LYS K 127 -37.36 -80.44 25.63
CA LYS K 127 -38.48 -79.52 25.79
C LYS K 127 -38.28 -78.28 24.93
N GLY K 128 -39.13 -78.13 23.91
CA GLY K 128 -38.97 -77.04 22.97
C GLY K 128 -37.74 -77.16 22.10
N GLY K 129 -37.45 -78.37 21.62
CA GLY K 129 -36.28 -78.59 20.78
C GLY K 129 -36.63 -79.07 19.39
N ASP K 130 -37.93 -79.27 19.14
CA ASP K 130 -38.41 -79.68 17.83
C ASP K 130 -38.42 -78.47 16.91
N GLY K 131 -37.48 -78.43 15.96
CA GLY K 131 -37.39 -77.32 15.04
C GLY K 131 -37.51 -77.74 13.58
N ARG K 132 -37.29 -76.79 12.67
CA ARG K 132 -37.38 -77.06 11.25
C ARG K 132 -36.18 -77.87 10.77
N SER K 133 -36.26 -79.19 10.86
CA SER K 133 -35.16 -80.05 10.46
C SER K 133 -35.65 -81.08 9.46
N PRO K 134 -34.92 -81.30 8.36
CA PRO K 134 -35.26 -82.37 7.41
C PRO K 134 -34.48 -83.67 7.60
N VAL K 135 -33.74 -83.81 8.69
CA VAL K 135 -32.89 -84.98 8.91
C VAL K 135 -33.68 -86.03 9.67
N ILE K 136 -33.66 -87.26 9.15
CA ILE K 136 -34.29 -88.41 9.78
C ILE K 136 -33.18 -89.29 10.34
N ARG K 137 -33.07 -89.33 11.67
CA ARG K 137 -32.01 -90.08 12.33
C ARG K 137 -32.39 -91.56 12.38
N PHE K 138 -31.79 -92.35 11.49
CA PHE K 138 -32.04 -93.79 11.42
C PHE K 138 -31.09 -94.52 12.36
N TYR K 139 -31.63 -95.47 13.12
CA TYR K 139 -30.86 -96.19 14.12
C TYR K 139 -31.01 -97.69 13.91
N TRP K 140 -29.95 -98.42 14.24
CA TRP K 140 -29.90 -99.87 14.06
C TRP K 140 -28.82 -100.44 14.98
N GLY K 141 -28.84 -101.76 15.14
CA GLY K 141 -27.85 -102.40 15.97
C GLY K 141 -28.09 -103.88 16.06
N TYR K 142 -27.44 -104.51 17.04
CA TYR K 142 -27.57 -105.94 17.28
C TYR K 142 -28.33 -106.16 18.57
N ARG K 143 -29.37 -106.98 18.51
CA ARG K 143 -30.22 -107.31 19.66
C ARG K 143 -30.00 -108.78 20.01
N ALA K 144 -29.42 -109.03 21.17
CA ALA K 144 -29.19 -110.40 21.62
C ALA K 144 -30.52 -111.09 21.86
N ALA K 145 -30.62 -112.34 21.40
CA ALA K 145 -31.86 -113.09 21.53
C ALA K 145 -32.19 -113.33 23.00
N ASP K 146 -33.45 -113.68 23.26
CA ASP K 146 -33.92 -113.89 24.62
C ASP K 146 -33.08 -114.94 25.34
N ASN K 147 -32.64 -115.96 24.62
CA ASN K 147 -31.94 -117.11 25.18
C ASN K 147 -30.44 -117.08 24.94
N GLU K 148 -30.00 -116.60 23.78
CA GLU K 148 -28.57 -116.48 23.49
C GLU K 148 -28.04 -115.12 23.94
N THR K 149 -28.24 -114.80 25.22
CA THR K 149 -27.87 -113.49 25.74
C THR K 149 -26.36 -113.31 25.76
N ASP K 150 -25.66 -114.12 26.55
CA ASP K 150 -24.23 -114.00 26.76
C ASP K 150 -23.45 -115.12 26.06
N THR K 151 -23.93 -115.54 24.90
CA THR K 151 -23.19 -116.53 24.11
C THR K 151 -21.92 -115.92 23.53
N TYR K 152 -22.04 -114.76 22.90
CA TYR K 152 -20.90 -114.04 22.34
C TYR K 152 -20.50 -112.91 23.28
N ALA K 153 -19.21 -112.84 23.60
CA ALA K 153 -18.70 -111.85 24.55
C ALA K 153 -18.53 -110.52 23.84
N ILE K 154 -19.60 -109.72 23.84
CA ILE K 154 -19.57 -108.37 23.29
C ILE K 154 -20.27 -107.44 24.27
N PRO K 155 -19.88 -106.17 24.35
CA PRO K 155 -20.56 -105.24 25.26
C PRO K 155 -22.02 -105.05 24.86
N LEU K 156 -22.91 -105.16 25.84
CA LEU K 156 -24.35 -105.01 25.63
C LEU K 156 -24.89 -103.94 26.57
N LYS K 157 -26.14 -103.56 26.34
CA LYS K 157 -26.87 -102.68 27.25
C LYS K 157 -28.36 -102.87 26.98
N ASN K 158 -29.18 -102.06 27.64
CA ASN K 158 -30.62 -102.04 27.44
C ASN K 158 -31.07 -100.64 27.03
N LYS K 159 -32.38 -100.48 26.86
CA LYS K 159 -32.93 -99.20 26.44
C LYS K 159 -32.61 -98.10 27.44
N LYS K 160 -32.73 -98.40 28.73
CA LYS K 160 -32.44 -97.39 29.75
C LYS K 160 -30.96 -97.07 29.82
N GLY K 161 -30.10 -98.04 29.49
CA GLY K 161 -28.67 -97.79 29.44
C GLY K 161 -27.87 -98.41 30.56
N ASP K 162 -28.26 -99.61 30.99
CA ASP K 162 -27.53 -100.34 32.01
C ASP K 162 -26.60 -101.36 31.36
N ASN K 163 -25.42 -101.53 31.93
CA ASN K 163 -24.47 -102.52 31.40
C ASN K 163 -24.94 -103.93 31.76
N TYR K 164 -24.84 -104.83 30.77
CA TYR K 164 -25.33 -106.18 30.97
C TYR K 164 -24.47 -106.95 31.96
N TYR K 165 -23.16 -106.70 31.97
CA TYR K 165 -22.23 -107.45 32.81
C TYR K 165 -22.11 -106.88 34.21
N ASP K 166 -22.88 -105.84 34.55
CA ASP K 166 -22.95 -105.31 35.91
C ASP K 166 -24.21 -105.77 36.65
N LEU K 167 -25.05 -106.59 36.01
CA LEU K 167 -26.32 -106.95 36.60
C LEU K 167 -26.34 -108.44 36.97
N PRO K 168 -27.12 -108.81 37.99
CA PRO K 168 -27.27 -110.22 38.34
C PRO K 168 -28.24 -110.91 37.40
N PRO K 169 -28.15 -112.24 37.26
CA PRO K 169 -29.04 -112.95 36.33
C PRO K 169 -30.52 -112.82 36.67
N GLU K 170 -30.86 -112.45 37.91
CA GLU K 170 -32.27 -112.20 38.24
C GLU K 170 -32.77 -110.95 37.53
N SER K 171 -31.97 -109.88 37.53
CA SER K 171 -32.35 -108.68 36.81
C SER K 171 -31.95 -108.76 35.34
N ARG K 172 -30.94 -109.56 35.01
CA ARG K 172 -30.61 -109.81 33.61
C ARG K 172 -31.70 -110.65 32.97
N LYS K 173 -32.02 -110.32 31.72
CA LYS K 173 -33.07 -110.97 30.93
C LYS K 173 -34.45 -110.61 31.48
N ALA K 174 -34.52 -110.10 32.70
CA ALA K 174 -35.77 -109.58 33.25
C ALA K 174 -36.24 -108.36 32.45
N LYS K 175 -35.46 -107.29 32.50
CA LYS K 175 -35.73 -106.09 31.70
C LYS K 175 -34.42 -105.37 31.46
N GLY K 176 -34.17 -105.00 30.20
CA GLY K 176 -35.09 -105.32 29.11
C GLY K 176 -34.43 -106.08 27.99
N PRO K 177 -34.99 -105.99 26.78
CA PRO K 177 -34.33 -106.58 25.61
C PRO K 177 -32.90 -106.09 25.46
N TRP K 178 -31.94 -106.99 25.65
CA TRP K 178 -30.54 -106.60 25.65
C TRP K 178 -30.02 -106.45 24.22
N PHE K 179 -29.39 -105.32 23.96
CA PHE K 179 -28.92 -104.94 22.62
C PHE K 179 -27.75 -103.99 22.78
N TRP K 180 -27.21 -103.55 21.65
CA TRP K 180 -26.19 -102.51 21.67
C TRP K 180 -25.99 -102.00 20.25
N GLY K 181 -25.79 -100.69 20.14
CA GLY K 181 -26.03 -100.01 18.87
C GLY K 181 -25.03 -100.36 17.80
N GLY K 182 -25.48 -100.22 16.55
CA GLY K 182 -24.65 -100.42 15.38
C GLY K 182 -24.07 -101.80 15.22
N GLY K 183 -24.43 -102.68 16.16
CA GLY K 183 -23.85 -104.03 16.12
C GLY K 183 -22.45 -104.01 16.68
N PRO K 184 -21.89 -105.15 17.11
CA PRO K 184 -20.59 -105.16 17.74
C PRO K 184 -19.52 -104.77 16.72
N PHE K 185 -18.36 -104.33 17.21
CA PHE K 185 -17.25 -104.00 16.29
C PHE K 185 -16.71 -105.31 15.72
N GLN K 186 -15.73 -105.24 14.82
CA GLN K 186 -15.08 -106.46 14.30
C GLN K 186 -16.02 -107.21 13.34
N ASN K 187 -17.33 -107.09 13.50
CA ASN K 187 -18.25 -107.72 12.52
C ASN K 187 -18.28 -106.85 11.25
N GLY K 188 -17.24 -106.04 11.05
CA GLY K 188 -17.16 -105.18 9.86
C GLY K 188 -16.81 -105.99 8.63
N CYS K 189 -17.21 -105.52 7.45
CA CYS K 189 -16.96 -106.27 6.23
C CYS K 189 -16.74 -105.31 5.08
N ASN K 190 -15.99 -105.77 4.06
CA ASN K 190 -15.63 -104.93 2.93
C ASN K 190 -16.36 -105.31 1.65
N GLN K 191 -17.59 -105.82 1.78
CA GLN K 191 -18.42 -106.14 0.62
C GLN K 191 -19.87 -106.23 1.06
N LEU K 192 -20.77 -106.06 0.10
CA LEU K 192 -22.19 -106.15 0.39
C LEU K 192 -22.64 -107.58 0.67
N VAL K 193 -21.87 -108.58 0.24
CA VAL K 193 -22.32 -109.96 0.33
C VAL K 193 -22.36 -110.43 1.78
N SER K 194 -21.35 -110.06 2.57
CA SER K 194 -21.28 -110.53 3.95
C SER K 194 -22.37 -109.96 4.84
N LEU K 195 -23.28 -109.13 4.32
CA LEU K 195 -24.39 -108.66 5.13
C LEU K 195 -25.45 -109.73 5.34
N TRP K 196 -25.62 -110.64 4.37
CA TRP K 196 -26.50 -111.79 4.53
C TRP K 196 -25.77 -112.98 5.14
N SER K 197 -24.55 -112.79 5.62
CA SER K 197 -23.75 -113.90 6.12
C SER K 197 -24.43 -114.54 7.32
N LYS K 198 -24.49 -115.88 7.31
CA LYS K 198 -25.02 -116.66 8.42
C LYS K 198 -23.94 -116.99 9.45
N THR K 199 -22.70 -116.58 9.21
CA THR K 199 -21.59 -116.84 10.11
C THR K 199 -20.94 -115.52 10.52
N GLY K 200 -20.66 -115.38 11.81
CA GLY K 200 -20.09 -114.16 12.33
C GLY K 200 -18.58 -114.04 12.14
N PHE K 201 -17.90 -113.58 13.18
CA PHE K 201 -16.45 -113.37 13.16
C PHE K 201 -15.79 -114.52 13.92
N ASN K 202 -15.00 -115.31 13.20
CA ASN K 202 -14.23 -116.40 13.78
C ASN K 202 -12.80 -115.94 14.00
N ASN K 203 -12.30 -116.14 15.21
CA ASN K 203 -10.94 -115.72 15.56
C ASN K 203 -9.90 -116.68 15.00
N VAL K 210 -2.94 -106.22 12.03
CA VAL K 210 -2.76 -107.50 11.34
C VAL K 210 -4.03 -108.40 11.34
N PRO K 211 -5.15 -107.99 12.02
CA PRO K 211 -6.42 -108.63 11.71
C PRO K 211 -7.48 -107.63 11.25
N LEU K 212 -8.78 -107.93 11.41
CA LEU K 212 -9.84 -106.96 11.18
C LEU K 212 -10.23 -106.32 12.51
N PRO K 213 -9.70 -105.13 12.85
CA PRO K 213 -10.07 -104.52 14.12
C PRO K 213 -10.55 -103.08 13.95
N PHE K 214 -10.73 -102.37 15.07
CA PHE K 214 -11.10 -100.97 15.04
C PHE K 214 -10.32 -100.23 16.13
N SER K 215 -10.85 -99.10 16.56
CA SER K 215 -10.07 -98.13 17.32
C SER K 215 -10.04 -98.42 18.80
N THR K 216 -11.12 -98.98 19.35
CA THR K 216 -11.27 -99.09 20.80
C THR K 216 -10.64 -100.37 21.36
N GLN K 217 -9.34 -100.56 21.06
CA GLN K 217 -8.59 -101.70 21.58
C GLN K 217 -7.13 -101.30 21.70
N VAL K 218 -6.34 -102.19 22.29
CA VAL K 218 -4.91 -101.97 22.44
C VAL K 218 -4.22 -102.31 21.12
N LEU K 219 -2.95 -101.93 20.98
CA LEU K 219 -2.25 -102.02 19.71
C LEU K 219 -1.27 -103.19 19.62
N ASN K 220 -0.69 -103.61 20.74
CA ASN K 220 0.33 -104.65 20.77
C ASN K 220 1.52 -104.29 19.89
N ASP K 224 -6.05 -108.39 23.72
CA ASP K 224 -6.35 -109.66 23.07
C ASP K 224 -7.46 -110.40 23.81
N ARG K 225 -8.29 -109.64 24.54
CA ARG K 225 -9.41 -110.19 25.28
C ARG K 225 -10.77 -109.80 24.70
N LEU K 226 -10.93 -108.55 24.25
CA LEU K 226 -12.18 -108.13 23.63
C LEU K 226 -12.39 -108.73 22.26
N LEU K 227 -11.35 -109.30 21.65
CA LEU K 227 -11.46 -109.91 20.32
C LEU K 227 -12.10 -111.29 20.43
N SER K 228 -13.38 -111.27 20.81
CA SER K 228 -14.16 -112.49 20.90
C SER K 228 -14.79 -112.83 19.55
N ASP K 229 -15.40 -114.00 19.49
CA ASP K 229 -16.19 -114.34 18.31
C ASP K 229 -17.48 -113.54 18.32
N ALA K 230 -18.06 -113.37 17.13
CA ALA K 230 -19.17 -112.46 16.91
C ALA K 230 -20.41 -113.19 16.44
N PRO K 231 -21.59 -112.63 16.67
CA PRO K 231 -22.83 -113.24 16.20
C PRO K 231 -22.92 -113.20 14.68
N PRO K 232 -23.82 -113.97 14.08
CA PRO K 232 -24.04 -113.88 12.64
C PRO K 232 -24.41 -112.46 12.23
N ARG K 233 -23.94 -112.06 11.05
CA ARG K 233 -24.07 -110.69 10.57
C ARG K 233 -25.41 -110.41 9.91
N HIS K 234 -26.42 -111.26 10.13
CA HIS K 234 -27.74 -111.08 9.53
C HIS K 234 -28.26 -109.65 9.72
N TYR K 235 -28.11 -109.11 10.93
CA TYR K 235 -28.74 -107.84 11.27
C TYR K 235 -28.36 -106.74 10.29
N TYR K 236 -27.16 -106.80 9.73
CA TYR K 236 -26.75 -105.88 8.67
C TYR K 236 -27.78 -105.86 7.55
N ALA K 237 -27.96 -107.00 6.88
CA ALA K 237 -28.95 -107.10 5.81
C ALA K 237 -30.35 -106.76 6.32
N HIS K 238 -30.65 -107.15 7.56
CA HIS K 238 -31.93 -106.80 8.16
C HIS K 238 -32.12 -105.28 8.23
N ALA K 239 -31.11 -104.58 8.75
CA ALA K 239 -31.17 -103.12 8.76
C ALA K 239 -31.33 -102.56 7.35
N ALA K 240 -30.60 -103.15 6.38
CA ALA K 240 -30.72 -102.71 5.00
C ALA K 240 -32.12 -102.88 4.46
N GLY K 241 -32.86 -103.89 4.96
CA GLY K 241 -34.25 -104.04 4.55
C GLY K 241 -35.13 -102.93 5.11
N ARG K 242 -34.96 -102.61 6.40
CA ARG K 242 -35.78 -101.59 7.04
C ARG K 242 -35.63 -100.24 6.34
N LEU K 243 -34.38 -99.78 6.19
CA LEU K 243 -34.13 -98.50 5.52
C LEU K 243 -34.74 -98.48 4.12
N ALA K 244 -34.60 -99.58 3.38
CA ALA K 244 -35.22 -99.67 2.06
C ALA K 244 -36.74 -99.49 2.15
N LYS K 245 -37.38 -100.24 3.06
CA LYS K 245 -38.80 -100.04 3.31
C LYS K 245 -39.10 -98.59 3.69
N LEU K 246 -38.29 -98.02 4.58
CA LEU K 246 -38.45 -96.62 4.96
C LEU K 246 -38.44 -95.72 3.73
N ILE K 247 -37.48 -95.92 2.84
CA ILE K 247 -37.40 -95.12 1.62
C ILE K 247 -38.69 -95.24 0.82
N LYS K 248 -39.15 -96.47 0.58
CA LYS K 248 -40.40 -96.68 -0.14
C LYS K 248 -41.57 -96.03 0.59
N THR K 249 -41.50 -95.94 1.91
CA THR K 249 -42.57 -95.30 2.68
C THR K 249 -42.75 -93.85 2.27
N ILE K 250 -41.64 -93.09 2.21
CA ILE K 250 -41.73 -91.71 1.73
C ILE K 250 -42.31 -91.66 0.33
N ARG K 251 -41.81 -92.52 -0.56
CA ARG K 251 -42.27 -92.51 -1.95
C ARG K 251 -43.69 -93.03 -2.11
N ASN K 252 -44.33 -93.47 -1.03
CA ASN K 252 -45.76 -93.73 -1.02
C ASN K 252 -46.56 -92.56 -0.48
N GLN K 253 -46.02 -91.82 0.48
CA GLN K 253 -46.73 -90.73 1.15
C GLN K 253 -46.47 -89.38 0.50
N HIS K 254 -45.21 -89.02 0.30
CA HIS K 254 -44.81 -87.78 -0.37
C HIS K 254 -43.90 -88.16 -1.53
N PRO K 255 -44.46 -88.66 -2.64
CA PRO K 255 -43.63 -89.16 -3.74
C PRO K 255 -43.05 -88.08 -4.65
N GLU K 256 -43.12 -86.81 -4.26
CA GLU K 256 -42.63 -85.73 -5.11
C GLU K 256 -41.63 -84.87 -4.35
N ASP K 257 -40.93 -85.46 -3.39
CA ASP K 257 -39.81 -84.83 -2.72
C ASP K 257 -38.56 -85.66 -2.98
N THR K 258 -37.43 -85.18 -2.47
CA THR K 258 -36.16 -85.87 -2.62
C THR K 258 -35.83 -86.64 -1.35
N VAL K 259 -35.30 -87.85 -1.52
CA VAL K 259 -34.86 -88.68 -0.41
C VAL K 259 -33.35 -88.85 -0.53
N THR K 260 -32.62 -88.45 0.50
CA THR K 260 -31.17 -88.49 0.52
C THR K 260 -30.71 -89.33 1.70
N VAL K 261 -29.78 -90.24 1.45
CA VAL K 261 -29.21 -91.10 2.48
C VAL K 261 -27.79 -90.61 2.77
N LEU K 262 -27.56 -90.22 4.01
CA LEU K 262 -26.24 -89.75 4.47
C LEU K 262 -25.73 -90.74 5.50
N SER K 263 -24.69 -91.48 5.15
CA SER K 263 -24.30 -92.64 5.94
C SER K 263 -22.78 -92.77 5.99
N HIS K 264 -22.28 -93.27 7.12
CA HIS K 264 -20.86 -93.27 7.43
C HIS K 264 -20.41 -94.65 7.93
N SER K 265 -19.23 -95.06 7.48
CA SER K 265 -18.53 -96.27 7.96
C SER K 265 -19.40 -97.48 7.70
N GLN K 266 -19.66 -98.33 8.68
CA GLN K 266 -20.46 -99.53 8.43
C GLN K 266 -21.88 -99.16 8.00
N GLY K 267 -22.41 -98.06 8.52
CA GLY K 267 -23.75 -97.64 8.14
C GLY K 267 -23.88 -97.43 6.65
N THR K 268 -22.81 -96.92 6.01
CA THR K 268 -22.92 -96.65 4.58
C THR K 268 -22.88 -97.95 3.78
N MET K 269 -22.23 -98.98 4.31
CA MET K 269 -22.31 -100.31 3.70
C MET K 269 -23.75 -100.79 3.68
N ILE K 270 -24.48 -100.56 4.78
CA ILE K 270 -25.90 -100.90 4.85
C ILE K 270 -26.68 -100.15 3.79
N ALA K 271 -26.30 -98.89 3.54
CA ALA K 271 -27.04 -98.06 2.59
C ALA K 271 -26.92 -98.58 1.17
N LEU K 272 -25.75 -99.13 0.81
CA LEU K 272 -25.58 -99.69 -0.53
C LEU K 272 -26.55 -100.84 -0.79
N ALA K 273 -26.86 -101.63 0.24
CA ALA K 273 -27.86 -102.68 0.09
C ALA K 273 -29.26 -102.08 0.01
N ALA K 274 -29.52 -101.00 0.75
CA ALA K 274 -30.80 -100.32 0.64
C ALA K 274 -30.99 -99.74 -0.75
N ALA K 275 -29.92 -99.21 -1.34
CA ALA K 275 -30.00 -98.69 -2.70
C ALA K 275 -30.38 -99.79 -3.68
N ALA K 276 -29.77 -100.98 -3.53
CA ALA K 276 -30.04 -102.08 -4.44
C ALA K 276 -31.48 -102.57 -4.35
N ILE K 277 -32.16 -102.29 -3.23
CA ILE K 277 -33.56 -102.66 -3.07
C ILE K 277 -34.49 -101.51 -3.37
N GLU K 278 -34.15 -100.30 -2.90
CA GLU K 278 -34.92 -99.10 -3.19
C GLU K 278 -33.92 -97.93 -3.17
N ALA K 279 -33.43 -97.57 -4.34
CA ALA K 279 -32.40 -96.54 -4.43
C ALA K 279 -32.98 -95.18 -4.06
N PRO K 280 -32.25 -94.40 -3.27
CA PRO K 280 -32.71 -93.04 -2.95
C PRO K 280 -32.41 -92.08 -4.08
N ASP K 281 -32.93 -90.86 -3.95
CA ASP K 281 -32.66 -89.83 -4.93
C ASP K 281 -31.21 -89.38 -4.90
N ALA K 282 -30.50 -89.62 -3.80
CA ALA K 282 -29.07 -89.34 -3.72
C ALA K 282 -28.48 -90.18 -2.59
N LEU K 283 -27.20 -90.54 -2.74
CA LEU K 283 -26.52 -91.39 -1.78
C LEU K 283 -25.13 -90.83 -1.50
N PHE K 284 -24.80 -90.72 -0.22
CA PHE K 284 -23.50 -90.25 0.24
C PHE K 284 -22.84 -91.35 1.05
N VAL K 285 -21.65 -91.77 0.64
CA VAL K 285 -20.91 -92.81 1.34
C VAL K 285 -19.67 -92.18 1.96
N MET K 286 -19.58 -92.24 3.29
CA MET K 286 -18.59 -91.50 4.06
C MET K 286 -17.71 -92.49 4.82
N ASN K 287 -16.41 -92.48 4.50
CA ASN K 287 -15.45 -93.43 5.06
C ASN K 287 -15.94 -94.87 4.89
N SER K 288 -16.27 -95.20 3.64
CA SER K 288 -16.86 -96.49 3.34
C SER K 288 -15.81 -97.58 3.39
N PRO K 289 -16.05 -98.68 4.11
CA PRO K 289 -15.15 -99.83 4.07
C PRO K 289 -15.31 -100.71 2.84
N TYR K 290 -16.10 -100.29 1.85
CA TYR K 290 -16.16 -101.01 0.58
C TYR K 290 -14.79 -100.98 -0.10
N ALA K 291 -14.34 -102.14 -0.55
CA ALA K 291 -13.07 -102.27 -1.25
C ALA K 291 -13.31 -102.96 -2.58
N LEU K 292 -12.44 -102.67 -3.55
CA LEU K 292 -12.57 -103.21 -4.89
C LEU K 292 -11.62 -104.38 -5.17
N GLU K 293 -10.76 -104.73 -4.21
CA GLU K 293 -9.86 -105.87 -4.35
C GLU K 293 -9.76 -106.58 -3.02
N ASN K 294 -9.42 -107.88 -3.08
CA ASN K 294 -9.34 -108.72 -1.89
C ASN K 294 -7.91 -108.73 -1.38
N GLU K 295 -7.68 -108.07 -0.25
CA GLU K 295 -6.37 -108.07 0.39
C GLU K 295 -6.11 -109.43 1.05
N PRO K 296 -4.86 -109.72 1.40
CA PRO K 296 -4.55 -111.02 2.02
C PRO K 296 -5.39 -111.35 3.24
N THR K 297 -5.74 -110.34 4.05
CA THR K 297 -6.61 -110.59 5.20
C THR K 297 -8.01 -111.01 4.77
N THR K 298 -8.50 -110.48 3.65
CA THR K 298 -9.81 -110.89 3.15
C THR K 298 -9.80 -112.35 2.74
N TYR K 299 -8.69 -112.83 2.17
CA TYR K 299 -8.54 -114.26 1.89
C TYR K 299 -8.54 -115.07 3.19
N ILE K 300 -7.74 -114.66 4.16
CA ILE K 300 -7.48 -115.48 5.34
C ILE K 300 -8.59 -115.43 6.39
N SER K 301 -9.60 -114.58 6.22
CA SER K 301 -10.65 -114.44 7.22
C SER K 301 -12.02 -114.83 6.70
N TYR K 302 -12.46 -114.25 5.59
CA TYR K 302 -13.80 -114.50 5.09
C TYR K 302 -13.92 -115.89 4.49
N PRO K 303 -15.13 -116.46 4.45
CA PRO K 303 -15.32 -117.76 3.81
C PRO K 303 -15.19 -117.65 2.30
N ILE K 304 -15.01 -118.82 1.66
CA ILE K 304 -14.80 -118.86 0.22
C ILE K 304 -16.01 -118.33 -0.53
N LYS K 305 -17.21 -118.68 -0.06
CA LYS K 305 -18.43 -118.20 -0.69
C LYS K 305 -18.59 -116.68 -0.60
N GLU K 306 -17.76 -116.00 0.21
CA GLU K 306 -17.93 -114.58 0.48
C GLU K 306 -16.69 -113.77 0.12
N ILE K 307 -15.79 -114.34 -0.66
CA ILE K 307 -14.64 -113.61 -1.19
C ILE K 307 -14.97 -113.26 -2.64
N ILE K 308 -15.38 -112.02 -2.86
CA ILE K 308 -15.97 -111.59 -4.12
C ILE K 308 -14.87 -111.06 -5.03
N SER K 309 -14.99 -111.36 -6.33
CA SER K 309 -13.99 -110.94 -7.30
C SER K 309 -14.01 -109.44 -7.51
N ARG K 310 -12.88 -108.92 -8.01
CA ARG K 310 -12.75 -107.49 -8.24
C ARG K 310 -13.78 -107.00 -9.26
N LYS K 311 -13.94 -107.73 -10.36
CA LYS K 311 -14.91 -107.35 -11.38
C LYS K 311 -16.33 -107.32 -10.80
N ALA K 312 -16.66 -108.29 -9.94
CA ALA K 312 -17.98 -108.31 -9.35
C ALA K 312 -18.19 -107.16 -8.38
N ARG K 313 -17.18 -106.86 -7.56
CA ARG K 313 -17.28 -105.73 -6.65
C ARG K 313 -17.50 -104.43 -7.40
N SER K 314 -16.70 -104.19 -8.45
CA SER K 314 -16.85 -102.96 -9.22
C SER K 314 -18.18 -102.91 -9.94
N ALA K 315 -18.60 -104.03 -10.54
CA ALA K 315 -19.89 -104.07 -11.23
C ALA K 315 -21.04 -103.87 -10.26
N THR K 316 -20.93 -104.45 -9.06
CA THR K 316 -21.97 -104.26 -8.05
C THR K 316 -22.13 -102.79 -7.69
N PHE K 317 -21.01 -102.12 -7.37
CA PHE K 317 -21.07 -100.73 -6.95
C PHE K 317 -21.54 -99.83 -8.08
N ALA K 318 -21.13 -100.13 -9.32
CA ALA K 318 -21.55 -99.31 -10.45
C ALA K 318 -23.02 -99.51 -10.77
N ASP K 319 -23.52 -100.74 -10.67
CA ASP K 319 -24.95 -100.98 -10.87
C ASP K 319 -25.77 -100.30 -9.78
N ILE K 320 -25.24 -100.26 -8.56
CA ILE K 320 -25.91 -99.52 -7.49
C ILE K 320 -25.99 -98.05 -7.82
N VAL K 321 -24.88 -97.47 -8.28
CA VAL K 321 -24.86 -96.04 -8.62
C VAL K 321 -25.80 -95.76 -9.78
N LYS K 322 -25.86 -96.65 -10.77
CA LYS K 322 -26.77 -96.45 -11.89
C LYS K 322 -28.22 -96.50 -11.44
N LYS K 323 -28.55 -97.43 -10.53
CA LYS K 323 -29.92 -97.52 -10.03
C LYS K 323 -30.27 -96.34 -9.14
N VAL K 324 -29.27 -95.72 -8.52
CA VAL K 324 -29.51 -94.46 -7.81
C VAL K 324 -29.72 -93.33 -8.81
N ALA K 325 -28.84 -93.23 -9.80
CA ALA K 325 -29.00 -92.24 -10.87
C ALA K 325 -30.31 -92.38 -11.63
N GLU K 326 -31.04 -93.48 -11.40
CA GLU K 326 -32.35 -93.65 -12.02
C GLU K 326 -33.29 -92.50 -11.67
N ASN K 327 -33.18 -91.95 -10.45
CA ASN K 327 -34.09 -90.93 -9.98
C ASN K 327 -33.89 -89.57 -10.63
N LYS K 328 -32.91 -89.41 -11.52
CA LYS K 328 -32.74 -88.13 -12.22
C LYS K 328 -34.02 -87.76 -12.97
N THR K 329 -34.62 -88.73 -13.66
CA THR K 329 -35.85 -88.46 -14.40
C THR K 329 -37.06 -88.36 -13.47
N ARG K 330 -37.00 -88.98 -12.29
CA ARG K 330 -38.17 -89.13 -11.45
C ARG K 330 -38.69 -87.78 -10.96
N LEU K 331 -37.84 -87.01 -10.28
CA LEU K 331 -38.26 -85.72 -9.75
C LEU K 331 -38.55 -84.74 -10.88
N LYS K 332 -37.79 -84.84 -11.98
CA LYS K 332 -37.95 -83.89 -13.09
C LYS K 332 -39.33 -84.04 -13.75
N GLN K 333 -39.76 -85.28 -13.99
CA GLN K 333 -41.11 -85.49 -14.53
C GLN K 333 -42.16 -84.95 -13.57
N GLN K 334 -41.96 -85.16 -12.26
CA GLN K 334 -42.86 -84.58 -11.26
C GLN K 334 -42.71 -83.06 -11.23
N GLY K 335 -41.48 -82.56 -11.41
CA GLY K 335 -41.29 -81.12 -11.46
C GLY K 335 -41.88 -80.47 -12.69
N CYS K 336 -41.96 -81.21 -13.79
CA CYS K 336 -42.52 -80.72 -15.04
C CYS K 336 -43.99 -80.32 -14.88
N SER K 345 -49.78 -81.88 -8.74
CA SER K 345 -48.37 -81.56 -8.91
C SER K 345 -48.21 -80.26 -9.71
N ASP K 346 -47.57 -79.26 -9.10
CA ASP K 346 -47.47 -77.93 -9.69
C ASP K 346 -46.01 -77.46 -9.62
N GLY K 347 -45.38 -77.31 -10.78
CA GLY K 347 -44.02 -76.82 -10.83
C GLY K 347 -43.84 -75.39 -10.38
N ASN K 348 -42.69 -74.79 -10.70
CA ASN K 348 -42.31 -73.39 -10.48
C ASN K 348 -41.85 -73.12 -9.04
N SER K 349 -41.86 -74.12 -8.15
CA SER K 349 -41.53 -73.85 -6.74
C SER K 349 -40.05 -73.52 -6.56
N TRP K 350 -39.17 -74.13 -7.35
CA TRP K 350 -37.73 -73.85 -7.27
C TRP K 350 -37.03 -74.28 -8.54
N ILE K 351 -37.08 -73.44 -9.57
CA ILE K 351 -36.35 -73.76 -10.81
C ILE K 351 -34.86 -73.51 -10.58
N PRO K 352 -33.99 -74.49 -10.82
CA PRO K 352 -32.56 -74.33 -10.54
C PRO K 352 -31.78 -73.69 -11.70
N GLU K 353 -32.14 -72.46 -12.03
CA GLU K 353 -31.46 -71.70 -13.08
C GLU K 353 -30.67 -70.51 -12.56
N GLY K 354 -30.82 -70.15 -11.29
CA GLY K 354 -30.05 -69.07 -10.72
C GLY K 354 -28.67 -69.53 -10.25
N LYS K 355 -27.79 -68.55 -10.07
CA LYS K 355 -26.42 -68.81 -9.68
C LYS K 355 -26.15 -68.26 -8.28
N THR K 356 -25.25 -68.92 -7.56
CA THR K 356 -24.87 -68.45 -6.23
C THR K 356 -23.95 -67.23 -6.36
N HIS K 357 -23.83 -66.50 -5.25
CA HIS K 357 -23.13 -65.22 -5.27
C HIS K 357 -21.65 -65.35 -5.57
N ASN K 358 -21.07 -66.56 -5.52
CA ASN K 358 -19.69 -66.77 -5.89
C ASN K 358 -19.52 -67.10 -7.37
N GLY K 359 -20.51 -66.72 -8.21
CA GLY K 359 -20.46 -66.99 -9.62
C GLY K 359 -20.80 -68.40 -10.02
N LEU K 360 -20.88 -69.33 -9.08
CA LEU K 360 -21.19 -70.72 -9.39
C LEU K 360 -22.69 -70.89 -9.66
N PRO K 361 -23.06 -71.83 -10.52
CA PRO K 361 -24.48 -72.10 -10.76
C PRO K 361 -25.01 -73.22 -9.88
N GLU K 362 -26.22 -73.01 -9.36
CA GLU K 362 -26.89 -74.04 -8.58
C GLU K 362 -27.14 -75.27 -9.44
N ARG K 363 -26.89 -76.45 -8.87
CA ARG K 363 -26.88 -77.68 -9.64
C ARG K 363 -28.00 -78.62 -9.19
N ASP K 364 -28.67 -79.20 -10.17
CA ASP K 364 -29.66 -80.25 -9.96
C ASP K 364 -28.92 -81.54 -9.61
N ASN K 365 -28.96 -81.93 -8.33
CA ASN K 365 -28.20 -83.09 -7.85
C ASN K 365 -29.06 -84.32 -7.62
N HIS K 366 -30.09 -84.54 -8.42
CA HIS K 366 -30.87 -85.77 -8.32
C HIS K 366 -30.18 -86.91 -9.06
N GLY K 367 -29.99 -88.02 -8.37
CA GLY K 367 -29.36 -89.19 -8.95
C GLY K 367 -27.87 -89.30 -8.74
N THR K 368 -27.28 -88.44 -7.93
CA THR K 368 -25.84 -88.43 -7.75
C THR K 368 -25.44 -89.30 -6.55
N THR K 369 -24.34 -90.01 -6.71
CA THR K 369 -23.71 -90.77 -5.64
C THR K 369 -22.36 -90.14 -5.32
N TRP K 370 -22.07 -89.93 -4.04
CA TRP K 370 -20.88 -89.23 -3.62
C TRP K 370 -20.04 -90.12 -2.71
N ILE K 371 -18.73 -90.05 -2.90
CA ILE K 371 -17.76 -90.86 -2.14
C ILE K 371 -16.86 -89.90 -1.38
N TYR K 372 -17.04 -89.83 -0.07
CA TYR K 372 -16.24 -88.96 0.79
C TYR K 372 -15.18 -89.81 1.49
N CYS K 373 -13.91 -89.47 1.28
CA CYS K 373 -12.80 -90.18 1.88
C CYS K 373 -12.02 -89.25 2.79
N ASN K 374 -11.32 -89.85 3.76
CA ASN K 374 -10.42 -89.13 4.63
C ASN K 374 -9.08 -89.87 4.61
N PRO K 375 -8.03 -89.28 4.03
CA PRO K 375 -6.75 -90.00 3.91
C PRO K 375 -6.08 -90.31 5.24
N HIS K 376 -6.72 -89.98 6.37
CA HIS K 376 -6.14 -90.21 7.68
C HIS K 376 -6.89 -91.26 8.49
N ASP K 377 -7.95 -91.85 7.90
CA ASP K 377 -8.78 -92.82 8.60
C ASP K 377 -7.97 -94.02 9.06
N ARG K 378 -7.73 -94.12 10.37
CA ARG K 378 -6.91 -95.20 10.91
C ARG K 378 -7.56 -96.56 10.72
N VAL K 379 -8.86 -96.61 10.42
CA VAL K 379 -9.56 -97.87 10.22
C VAL K 379 -9.50 -98.25 8.74
N MET K 380 -10.03 -97.38 7.89
CA MET K 380 -10.03 -97.66 6.45
C MET K 380 -8.66 -97.50 5.83
N GLY K 381 -7.66 -96.99 6.56
CA GLY K 381 -6.31 -96.90 6.05
C GLY K 381 -5.50 -98.13 6.40
N SER K 382 -5.97 -98.91 7.37
CA SER K 382 -5.29 -100.12 7.78
C SER K 382 -5.25 -101.13 6.64
N SER K 383 -4.20 -101.94 6.62
CA SER K 383 -4.00 -102.89 5.53
C SER K 383 -5.17 -103.84 5.29
N PRO K 384 -5.91 -104.31 6.30
CA PRO K 384 -7.04 -105.22 6.00
C PRO K 384 -8.16 -104.56 5.24
N LEU K 385 -8.27 -103.24 5.28
CA LEU K 385 -9.29 -102.55 4.49
C LEU K 385 -8.66 -101.87 3.28
N ARG K 386 -7.95 -100.77 3.52
CA ARG K 386 -7.45 -99.89 2.46
C ARG K 386 -8.53 -99.66 1.41
N SER K 387 -9.69 -99.23 1.91
CA SER K 387 -10.93 -99.20 1.15
C SER K 387 -11.13 -97.83 0.48
N ILE K 388 -12.24 -97.70 -0.25
CA ILE K 388 -12.55 -96.45 -0.95
C ILE K 388 -12.91 -95.33 0.01
N GLY K 389 -13.19 -95.64 1.27
CA GLY K 389 -13.38 -94.59 2.26
C GLY K 389 -12.10 -93.91 2.71
N TRP K 390 -10.95 -94.45 2.32
CA TRP K 390 -9.66 -93.85 2.66
C TRP K 390 -8.92 -93.39 1.41
N GLN K 391 -8.67 -94.29 0.45
CA GLN K 391 -7.95 -93.94 -0.76
C GLN K 391 -8.88 -93.60 -1.93
N GLY K 392 -10.15 -93.34 -1.64
CA GLY K 392 -11.10 -92.94 -2.68
C GLY K 392 -11.07 -93.88 -3.88
N LEU K 393 -10.94 -93.29 -5.06
CA LEU K 393 -10.75 -94.03 -6.32
C LEU K 393 -9.48 -93.50 -6.96
N PRO K 394 -8.33 -94.10 -6.64
CA PRO K 394 -7.05 -93.55 -7.11
C PRO K 394 -6.90 -93.69 -8.63
N ASP K 395 -5.84 -93.06 -9.13
CA ASP K 395 -5.58 -93.01 -10.57
C ASP K 395 -4.67 -94.15 -11.00
N THR K 396 -4.78 -94.51 -12.27
CA THR K 396 -4.02 -95.63 -12.81
C THR K 396 -2.52 -95.28 -12.85
N LYS K 397 -1.73 -96.24 -13.35
CA LYS K 397 -0.29 -96.06 -13.43
C LYS K 397 0.12 -94.99 -14.44
N ASP K 398 -0.82 -94.52 -15.27
CA ASP K 398 -0.52 -93.50 -16.28
C ASP K 398 -1.35 -92.24 -16.08
N GLY K 399 -1.92 -92.05 -14.88
CA GLY K 399 -2.66 -90.84 -14.58
C GLY K 399 -4.10 -90.83 -15.03
N THR K 400 -4.50 -91.76 -15.89
CA THR K 400 -5.89 -91.81 -16.33
C THR K 400 -6.82 -92.00 -15.13
N PRO K 401 -7.98 -91.32 -15.10
CA PRO K 401 -8.94 -91.51 -14.01
C PRO K 401 -9.32 -92.97 -13.79
N HIS K 402 -9.92 -93.27 -12.65
CA HIS K 402 -10.15 -94.65 -12.26
C HIS K 402 -11.15 -95.34 -13.18
N THR K 403 -11.02 -96.67 -13.24
CA THR K 403 -11.86 -97.49 -14.11
C THR K 403 -13.33 -97.48 -13.70
N LEU K 404 -13.62 -97.20 -12.42
CA LEU K 404 -14.99 -97.28 -11.93
C LEU K 404 -15.83 -96.07 -12.33
N PHE K 405 -15.21 -94.94 -12.67
CA PHE K 405 -15.97 -93.78 -13.09
C PHE K 405 -16.78 -94.07 -14.36
N LYS K 406 -16.17 -94.78 -15.31
CA LYS K 406 -16.87 -95.12 -16.54
C LYS K 406 -17.96 -96.16 -16.29
N GLN K 407 -17.72 -97.09 -15.36
CA GLN K 407 -18.71 -98.10 -15.05
C GLN K 407 -19.96 -97.47 -14.43
N ALA K 408 -19.77 -96.65 -13.38
CA ALA K 408 -20.91 -96.02 -12.74
C ALA K 408 -21.47 -94.89 -13.59
N GLY K 409 -20.62 -94.17 -14.32
CA GLY K 409 -21.09 -93.15 -15.22
C GLY K 409 -20.81 -91.73 -14.78
N ASP K 410 -21.69 -90.81 -15.17
CA ASP K 410 -21.50 -89.39 -14.96
C ASP K 410 -22.14 -88.88 -13.66
N THR K 411 -22.66 -89.78 -12.82
CA THR K 411 -23.34 -89.39 -11.60
C THR K 411 -22.58 -89.78 -10.34
N LEU K 412 -21.38 -90.32 -10.47
CA LEU K 412 -20.55 -90.68 -9.33
C LEU K 412 -19.47 -89.62 -9.15
N TYR K 413 -19.41 -89.04 -7.96
CA TYR K 413 -18.44 -87.99 -7.63
C TYR K 413 -17.63 -88.40 -6.41
N VAL K 414 -16.40 -87.90 -6.34
CA VAL K 414 -15.47 -88.22 -5.26
C VAL K 414 -14.97 -86.92 -4.64
N ARG K 415 -14.91 -86.89 -3.31
CA ARG K 415 -14.37 -85.77 -2.57
C ARG K 415 -13.39 -86.26 -1.51
N ILE K 416 -12.27 -85.56 -1.38
CA ILE K 416 -11.30 -85.86 -0.32
C ILE K 416 -11.39 -84.75 0.72
N LEU K 417 -10.95 -85.08 1.93
CA LEU K 417 -10.96 -84.12 3.04
C LEU K 417 -9.80 -84.50 3.96
N GLY K 418 -8.68 -83.81 3.82
CA GLY K 418 -7.48 -84.19 4.56
C GLY K 418 -6.55 -83.02 4.78
N ARG K 419 -5.44 -83.32 5.45
CA ARG K 419 -4.46 -82.30 5.80
C ARG K 419 -3.83 -81.69 4.56
N ASN K 420 -3.82 -80.36 4.49
CA ASN K 420 -3.12 -79.62 3.44
C ASN K 420 -3.69 -79.94 2.04
N THR K 421 -4.97 -80.29 1.98
CA THR K 421 -5.63 -80.61 0.71
C THR K 421 -6.92 -79.81 0.65
N PRO K 422 -7.12 -78.96 -0.37
CA PRO K 422 -8.38 -78.23 -0.49
C PRO K 422 -9.55 -79.19 -0.67
N CYS K 423 -10.72 -78.74 -0.22
CA CYS K 423 -11.95 -79.52 -0.38
C CYS K 423 -13.05 -78.56 -0.84
N GLY K 424 -13.66 -78.88 -1.97
CA GLY K 424 -14.65 -78.00 -2.56
C GLY K 424 -14.10 -76.99 -3.54
N GLY K 425 -12.81 -77.05 -3.85
CA GLY K 425 -12.20 -76.13 -4.78
C GLY K 425 -12.47 -76.52 -6.23
N THR K 426 -11.74 -75.87 -7.12
CA THR K 426 -11.80 -76.21 -8.53
C THR K 426 -11.41 -77.67 -8.72
N PRO K 427 -12.23 -78.48 -9.40
CA PRO K 427 -11.91 -79.91 -9.54
C PRO K 427 -10.55 -80.12 -10.18
N THR K 428 -9.70 -80.88 -9.52
CA THR K 428 -8.36 -81.18 -9.98
C THR K 428 -8.29 -82.62 -10.49
N ALA K 429 -7.49 -82.82 -11.53
CA ALA K 429 -7.39 -84.13 -12.17
C ALA K 429 -6.65 -85.13 -11.28
N GLN K 430 -5.36 -84.90 -11.07
CA GLN K 430 -4.52 -85.83 -10.31
C GLN K 430 -4.26 -85.21 -8.94
N THR K 431 -5.27 -85.29 -8.08
CA THR K 431 -5.15 -84.78 -6.72
C THR K 431 -4.17 -85.64 -5.93
N HIS K 432 -3.18 -84.99 -5.32
CA HIS K 432 -2.14 -85.71 -4.59
C HIS K 432 -2.75 -86.51 -3.45
N PHE K 433 -2.19 -87.70 -3.21
CA PHE K 433 -2.64 -88.55 -2.12
C PHE K 433 -1.45 -89.06 -1.32
N SER K 434 -0.54 -89.78 -1.97
CA SER K 434 0.56 -90.41 -1.27
C SER K 434 1.55 -89.41 -0.68
N ASN K 435 1.55 -88.17 -1.17
CA ASN K 435 2.41 -87.12 -0.64
C ASN K 435 1.55 -85.87 -0.43
N LEU K 436 1.07 -85.69 0.81
CA LEU K 436 0.25 -84.54 1.12
C LEU K 436 1.01 -83.22 1.00
N GLY K 437 2.34 -83.28 0.89
CA GLY K 437 3.13 -82.12 0.53
C GLY K 437 3.35 -81.09 1.63
N ASP K 438 3.81 -81.55 2.80
CA ASP K 438 4.13 -80.63 3.89
C ASP K 438 5.30 -81.12 4.74
N GLY K 439 6.05 -82.12 4.29
CA GLY K 439 7.15 -82.65 5.07
C GLY K 439 6.68 -83.65 6.11
N LYS K 440 5.47 -83.45 6.61
CA LYS K 440 4.93 -84.35 7.61
C LYS K 440 4.70 -85.73 7.01
N PRO K 441 5.07 -86.81 7.72
CA PRO K 441 4.85 -88.15 7.19
C PRO K 441 3.37 -88.41 6.95
N PHE K 442 3.10 -89.39 6.08
CA PHE K 442 1.72 -89.69 5.71
C PHE K 442 0.91 -90.10 6.93
N TRP K 443 1.47 -90.94 7.79
CA TRP K 443 0.77 -91.44 8.97
C TRP K 443 1.28 -90.70 10.20
N ASP K 444 0.36 -90.05 10.91
CA ASP K 444 0.70 -89.27 12.09
C ASP K 444 1.19 -90.18 13.21
N SER K 445 2.46 -90.04 13.57
CA SER K 445 3.09 -90.80 14.65
C SER K 445 2.90 -92.30 14.47
N THR K 446 3.53 -92.80 13.40
CA THR K 446 3.50 -94.22 13.05
C THR K 446 4.93 -94.59 12.65
N THR K 447 5.69 -95.10 13.62
CA THR K 447 7.13 -95.26 13.46
C THR K 447 7.58 -96.72 13.49
N THR K 448 7.20 -97.47 14.53
CA THR K 448 7.76 -98.80 14.71
C THR K 448 7.31 -99.75 13.59
N LEU K 449 7.93 -100.92 13.56
CA LEU K 449 7.70 -101.87 12.47
C LEU K 449 6.24 -102.29 12.41
N LEU K 450 5.67 -102.68 13.57
CA LEU K 450 4.29 -103.12 13.58
C LEU K 450 3.32 -101.99 13.25
N GLN K 451 3.64 -100.77 13.70
CA GLN K 451 2.78 -99.63 13.39
C GLN K 451 2.71 -99.39 11.89
N ARG K 452 3.84 -99.48 11.20
CA ARG K 452 3.84 -99.28 9.76
C ARG K 452 3.23 -100.48 9.03
N ALA K 453 3.43 -101.69 9.54
CA ALA K 453 2.87 -102.87 8.88
C ALA K 453 1.35 -102.92 9.01
N THR K 454 0.80 -102.30 10.04
CA THR K 454 -0.66 -102.25 10.19
C THR K 454 -1.26 -101.12 9.36
N TRP K 455 -0.57 -99.98 9.27
CA TRP K 455 -0.99 -98.84 8.47
C TRP K 455 0.13 -98.53 7.47
N PRO K 456 0.20 -99.26 6.36
CA PRO K 456 1.28 -99.05 5.41
C PRO K 456 1.09 -97.78 4.61
N ASP K 457 2.21 -97.16 4.24
CA ASP K 457 2.15 -96.00 3.36
C ASP K 457 1.55 -96.40 2.01
N PRO K 458 0.75 -95.54 1.39
CA PRO K 458 0.17 -95.90 0.08
C PRO K 458 1.25 -96.07 -0.97
N ASP K 459 0.82 -96.59 -2.12
CA ASP K 459 1.75 -96.81 -3.22
C ASP K 459 2.39 -95.50 -3.66
N SER K 460 3.67 -95.58 -4.01
CA SER K 460 4.44 -94.38 -4.32
C SER K 460 3.82 -93.62 -5.49
N GLY K 461 3.53 -92.35 -5.26
CA GLY K 461 2.96 -91.51 -6.30
C GLY K 461 1.49 -91.72 -6.57
N GLN K 462 0.74 -92.24 -5.59
CA GLN K 462 -0.68 -92.45 -5.79
C GLN K 462 -1.42 -91.11 -5.82
N THR K 463 -2.42 -91.02 -6.69
CA THR K 463 -3.17 -89.79 -6.89
C THR K 463 -4.65 -90.11 -7.04
N LEU K 464 -5.50 -89.16 -6.65
CA LEU K 464 -6.93 -89.25 -6.82
C LEU K 464 -7.41 -88.42 -8.01
N THR K 465 -8.67 -88.62 -8.38
CA THR K 465 -9.36 -87.83 -9.39
C THR K 465 -10.60 -87.25 -8.72
N ILE K 466 -10.46 -86.07 -8.14
CA ILE K 466 -11.59 -85.37 -7.53
C ILE K 466 -12.36 -84.66 -8.64
N ASN K 467 -13.55 -85.17 -8.97
CA ASN K 467 -14.37 -84.63 -10.03
C ASN K 467 -15.58 -83.86 -9.54
N ALA K 468 -15.85 -83.86 -8.24
CA ALA K 468 -17.01 -83.14 -7.72
C ALA K 468 -16.83 -81.64 -7.91
N PRO K 469 -17.91 -80.91 -8.15
CA PRO K 469 -17.77 -79.50 -8.57
C PRO K 469 -17.34 -78.60 -7.41
N GLN K 470 -17.01 -77.36 -7.79
CA GLN K 470 -16.59 -76.36 -6.83
C GLN K 470 -17.77 -75.86 -6.00
N VAL K 471 -17.45 -75.14 -4.93
CA VAL K 471 -18.47 -74.60 -4.03
C VAL K 471 -18.16 -73.14 -3.79
N PRO K 472 -19.15 -72.36 -3.33
CA PRO K 472 -18.91 -70.91 -3.13
C PRO K 472 -17.80 -70.60 -2.14
N GLU K 473 -17.71 -71.34 -1.03
CA GLU K 473 -16.71 -71.11 0.00
C GLU K 473 -15.92 -72.40 0.20
N PRO K 474 -14.96 -72.69 -0.67
CA PRO K 474 -14.20 -73.94 -0.54
C PRO K 474 -13.29 -73.93 0.69
N LEU K 475 -13.08 -75.11 1.24
CA LEU K 475 -12.15 -75.29 2.36
C LEU K 475 -10.72 -75.22 1.82
N THR K 476 -9.99 -74.17 2.19
CA THR K 476 -8.62 -74.04 1.73
C THR K 476 -7.71 -74.98 2.51
N ALA K 477 -6.56 -75.28 1.91
CA ALA K 477 -5.58 -76.12 2.57
C ALA K 477 -5.04 -75.47 3.84
N GLU K 478 -5.11 -74.14 3.96
CA GLU K 478 -4.73 -73.48 5.20
C GLU K 478 -5.70 -73.82 6.32
N GLU K 479 -7.00 -73.84 6.03
CA GLU K 479 -7.98 -74.24 7.03
C GLU K 479 -7.75 -75.67 7.49
N LEU K 480 -7.23 -76.52 6.60
CA LEU K 480 -7.09 -77.95 6.88
C LEU K 480 -5.66 -78.34 7.21
N LYS K 481 -4.79 -77.37 7.47
CA LYS K 481 -3.43 -77.69 7.90
C LYS K 481 -3.45 -78.50 9.19
N ASN K 482 -4.26 -78.08 10.15
CA ASN K 482 -4.47 -78.82 11.39
C ASN K 482 -5.79 -79.59 11.26
N PHE K 483 -5.70 -80.73 10.59
CA PHE K 483 -6.85 -81.63 10.44
C PHE K 483 -6.47 -83.04 10.86
N ASP K 484 -5.24 -83.43 10.60
CA ASP K 484 -4.73 -84.73 11.02
C ASP K 484 -4.43 -84.68 12.51
N GLN K 485 -5.35 -85.18 13.33
CA GLN K 485 -5.18 -85.16 14.77
C GLN K 485 -4.24 -86.27 15.21
N ASP K 486 -3.28 -85.90 16.05
CA ASP K 486 -2.28 -86.84 16.57
C ASP K 486 -2.44 -86.96 18.09
N TYR K 487 -1.46 -87.62 18.72
CA TYR K 487 -1.45 -87.74 20.17
C TYR K 487 -1.31 -86.37 20.81
N ALA K 488 -2.30 -85.97 21.61
CA ALA K 488 -2.16 -84.74 22.38
C ALA K 488 -1.02 -84.85 23.39
N ARG K 489 -0.91 -86.00 24.05
CA ARG K 489 0.19 -86.25 24.99
C ARG K 489 0.24 -87.76 25.22
N ASP K 490 1.28 -88.41 24.72
CA ASP K 490 1.49 -89.84 24.92
C ASP K 490 2.54 -90.14 25.98
N GLU K 491 2.78 -89.21 26.89
CA GLU K 491 3.75 -89.42 27.95
C GLU K 491 3.20 -90.38 29.00
N LYS K 492 4.07 -90.80 29.91
CA LYS K 492 3.66 -91.69 30.99
C LYS K 492 2.65 -90.99 31.88
N GLN K 493 1.57 -91.69 32.21
CA GLN K 493 0.43 -91.10 32.91
C GLN K 493 0.52 -91.38 34.41
N SER K 494 -0.43 -90.79 35.15
CA SER K 494 -0.45 -90.90 36.61
C SER K 494 -1.22 -92.14 37.06
N GLY K 495 -2.50 -92.24 36.68
CA GLY K 495 -3.30 -93.38 37.06
C GLY K 495 -4.74 -93.03 37.41
N GLY K 496 -4.96 -91.78 37.83
CA GLY K 496 -6.29 -91.34 38.19
C GLY K 496 -6.64 -89.99 37.59
N ALA K 497 -5.65 -89.12 37.43
CA ALA K 497 -5.85 -87.77 36.92
C ALA K 497 -4.97 -87.60 35.68
N GLY K 498 -5.56 -87.84 34.51
CA GLY K 498 -4.81 -87.68 33.27
C GLY K 498 -5.67 -87.98 32.07
N TYR K 499 -5.00 -88.20 30.94
CA TYR K 499 -5.65 -88.50 29.67
C TYR K 499 -5.34 -89.93 29.29
N ALA K 500 -6.32 -90.81 29.42
CA ALA K 500 -6.14 -92.22 29.09
C ALA K 500 -7.51 -92.82 28.79
N TYR K 501 -7.53 -94.13 28.53
CA TYR K 501 -8.77 -94.79 28.15
C TYR K 501 -9.78 -94.77 29.28
N GLY K 502 -9.36 -95.11 30.49
CA GLY K 502 -10.27 -95.20 31.61
C GLY K 502 -10.18 -94.07 32.60
N GLN K 503 -9.21 -93.18 32.42
CA GLN K 503 -9.02 -92.08 33.34
C GLN K 503 -10.18 -91.08 33.24
N ILE K 504 -10.10 -90.01 34.01
CA ILE K 504 -11.07 -88.93 34.01
C ILE K 504 -10.37 -87.66 33.54
N ASN K 505 -10.98 -86.96 32.59
CA ASN K 505 -10.44 -85.71 32.10
C ASN K 505 -10.48 -84.67 33.20
N PRO K 506 -9.34 -84.10 33.61
CA PRO K 506 -9.36 -83.11 34.69
C PRO K 506 -9.91 -81.76 34.28
N GLU K 507 -9.86 -81.43 32.98
CA GLU K 507 -10.36 -80.15 32.52
C GLU K 507 -11.88 -80.05 32.57
N THR K 508 -12.58 -81.20 32.58
CA THR K 508 -14.04 -81.19 32.63
C THR K 508 -14.63 -82.01 33.76
N LYS K 509 -13.82 -82.77 34.51
CA LYS K 509 -14.32 -83.68 35.55
C LYS K 509 -15.32 -84.68 34.97
N LYS K 510 -15.03 -85.17 33.77
CA LYS K 510 -15.84 -86.15 33.08
C LYS K 510 -14.95 -87.28 32.59
N PRO K 511 -15.49 -88.48 32.44
CA PRO K 511 -14.68 -89.60 31.94
C PRO K 511 -14.18 -89.32 30.53
N VAL K 512 -12.98 -89.80 30.24
CA VAL K 512 -12.32 -89.47 28.98
C VAL K 512 -13.14 -90.01 27.80
N ASP K 513 -13.48 -91.30 27.83
CA ASP K 513 -14.14 -91.95 26.71
C ASP K 513 -15.28 -92.79 27.25
N THR K 514 -16.51 -92.46 26.88
CA THR K 514 -17.70 -92.98 27.53
C THR K 514 -18.06 -94.42 27.18
N ASP K 515 -17.10 -95.21 26.70
CA ASP K 515 -17.33 -96.63 26.48
C ASP K 515 -16.45 -97.49 27.38
N TYR K 516 -15.68 -96.88 28.28
CA TYR K 516 -14.75 -97.64 29.10
C TYR K 516 -15.50 -98.60 30.04
N ARG K 517 -16.57 -98.12 30.67
CA ARG K 517 -17.29 -98.97 31.62
C ARG K 517 -18.08 -100.06 30.91
N TYR K 518 -18.53 -99.81 29.67
CA TYR K 518 -19.22 -100.85 28.92
C TYR K 518 -18.24 -101.89 28.39
N TYR K 519 -17.03 -101.48 28.07
CA TYR K 519 -16.04 -102.35 27.44
C TYR K 519 -15.10 -103.01 28.44
N ILE K 520 -15.08 -102.55 29.71
CA ILE K 520 -14.13 -103.09 30.67
C ILE K 520 -14.40 -104.56 30.95
N SER K 521 -15.63 -105.01 30.76
CA SER K 521 -15.98 -106.40 30.99
C SER K 521 -15.51 -107.29 29.84
N GLN K 557 0.37 -108.95 36.83
CA GLN K 557 -0.13 -110.19 36.22
C GLN K 557 -1.44 -109.93 35.48
N GLU K 558 -2.26 -110.98 35.34
CA GLU K 558 -3.59 -110.83 34.76
C GLU K 558 -4.45 -109.86 35.56
N GLU K 559 -4.07 -109.55 36.80
CA GLU K 559 -4.69 -108.45 37.54
C GLU K 559 -4.17 -107.10 37.08
N MET K 560 -2.85 -106.99 36.87
CA MET K 560 -2.28 -105.75 36.37
C MET K 560 -2.90 -105.33 35.05
N LEU K 561 -3.16 -106.30 34.16
CA LEU K 561 -3.80 -106.03 32.87
C LEU K 561 -4.99 -105.09 33.02
N GLU K 562 -5.87 -105.36 33.98
CA GLU K 562 -6.96 -104.44 34.29
C GLU K 562 -6.42 -103.04 34.59
N GLU K 563 -5.42 -102.96 35.48
CA GLU K 563 -4.80 -101.69 35.82
C GLU K 563 -3.97 -101.12 34.68
N VAL K 564 -3.78 -101.86 33.59
CA VAL K 564 -3.14 -101.31 32.40
C VAL K 564 -4.24 -100.78 31.48
N ARG K 565 -5.34 -100.33 32.08
CA ARG K 565 -6.37 -99.62 31.34
C ARG K 565 -6.07 -98.13 31.19
N THR K 566 -4.83 -97.73 31.49
CA THR K 566 -4.37 -96.37 31.28
C THR K 566 -3.72 -96.17 29.91
N TYR K 567 -3.89 -97.13 29.00
CA TYR K 567 -3.32 -97.03 27.67
C TYR K 567 -3.92 -95.83 26.93
N VAL K 568 -3.06 -94.91 26.50
CA VAL K 568 -3.53 -93.75 25.75
C VAL K 568 -4.04 -94.22 24.39
N GLN K 569 -5.29 -93.88 24.09
CA GLN K 569 -5.91 -94.33 22.86
C GLN K 569 -5.45 -93.48 21.68
N ARG K 570 -5.11 -94.13 20.58
CA ARG K 570 -4.69 -93.41 19.40
C ARG K 570 -5.87 -92.72 18.75
N PRO K 571 -5.83 -91.40 18.55
CA PRO K 571 -6.94 -90.74 17.86
C PRO K 571 -7.03 -91.22 16.41
N THR K 572 -8.14 -91.86 16.11
CA THR K 572 -8.39 -92.41 14.78
C THR K 572 -9.28 -91.44 14.01
N ASP K 573 -8.68 -90.71 13.07
CA ASP K 573 -9.42 -89.73 12.27
C ASP K 573 -10.53 -90.42 11.49
N HIS K 574 -11.56 -90.88 12.19
CA HIS K 574 -12.67 -91.61 11.60
C HIS K 574 -13.97 -90.84 11.64
N SER K 575 -14.25 -90.16 12.74
CA SER K 575 -15.42 -89.30 12.85
C SER K 575 -15.12 -87.84 12.52
N THR K 576 -13.88 -87.53 12.13
CA THR K 576 -13.54 -86.15 11.80
C THR K 576 -14.32 -85.65 10.60
N LEU K 577 -14.48 -86.49 9.58
CA LEU K 577 -15.21 -86.07 8.39
C LEU K 577 -16.69 -85.85 8.65
N PRO K 578 -17.42 -86.74 9.33
CA PRO K 578 -18.82 -86.42 9.63
C PRO K 578 -18.99 -85.27 10.60
N SER K 579 -18.18 -85.20 11.65
CA SER K 579 -18.37 -84.21 12.70
C SER K 579 -17.90 -82.82 12.31
N ASP K 580 -17.23 -82.66 11.17
CA ASP K 580 -16.66 -81.37 10.81
C ASP K 580 -17.76 -80.41 10.37
N GLU K 581 -17.85 -79.26 11.04
CA GLU K 581 -18.86 -78.26 10.69
C GLU K 581 -18.56 -77.60 9.36
N ARG K 582 -17.29 -77.30 9.09
CA ARG K 582 -16.91 -76.63 7.84
C ARG K 582 -17.31 -77.46 6.63
N PHE K 583 -16.98 -78.75 6.65
CA PHE K 583 -17.29 -79.64 5.53
C PHE K 583 -18.78 -79.65 5.24
N MET K 584 -19.60 -79.95 6.25
CA MET K 584 -21.03 -80.09 6.03
C MET K 584 -21.67 -78.78 5.60
N SER K 585 -21.27 -77.67 6.24
CA SER K 585 -21.93 -76.40 6.00
C SER K 585 -21.54 -75.76 4.68
N ARG K 586 -20.31 -75.97 4.23
CA ARG K 586 -19.79 -75.30 3.04
C ARG K 586 -19.63 -76.19 1.83
N VAL K 587 -19.62 -77.51 2.00
CA VAL K 587 -19.38 -78.41 0.87
C VAL K 587 -20.57 -79.34 0.67
N VAL K 588 -20.92 -80.10 1.70
CA VAL K 588 -21.93 -81.16 1.55
C VAL K 588 -23.28 -80.54 1.23
N ALA K 589 -23.63 -79.44 1.88
CA ALA K 589 -24.95 -78.84 1.69
C ALA K 589 -25.20 -78.47 0.22
N TYR K 590 -24.17 -77.96 -0.46
CA TYR K 590 -24.32 -77.63 -1.87
C TYR K 590 -24.31 -78.87 -2.77
N ASP K 591 -23.84 -80.01 -2.26
CA ASP K 591 -23.88 -81.26 -3.01
C ASP K 591 -25.25 -81.94 -2.92
N LEU K 592 -26.07 -81.56 -1.95
CA LEU K 592 -27.34 -82.21 -1.71
C LEU K 592 -28.31 -81.96 -2.86
N PRO K 593 -29.32 -82.83 -3.01
CA PRO K 593 -30.38 -82.56 -3.98
C PRO K 593 -31.55 -81.81 -3.36
N ILE K 594 -32.19 -81.00 -4.19
CA ILE K 594 -33.29 -80.14 -3.76
C ILE K 594 -34.46 -80.33 -4.72
N GLY K 595 -35.62 -80.65 -4.17
CA GLY K 595 -36.80 -80.88 -4.98
C GLY K 595 -37.23 -79.67 -5.78
N TYR K 596 -37.51 -79.88 -7.07
CA TYR K 596 -37.98 -78.79 -7.92
C TYR K 596 -39.28 -78.20 -7.40
N CYS K 597 -40.18 -79.05 -6.92
CA CYS K 597 -41.39 -78.62 -6.22
C CYS K 597 -41.29 -79.01 -4.75
N TRP K 598 -41.22 -78.02 -3.88
CA TRP K 598 -41.31 -78.25 -2.45
C TRP K 598 -42.75 -78.48 -2.05
N HIS K 599 -42.95 -79.32 -1.03
CA HIS K 599 -44.27 -79.65 -0.54
C HIS K 599 -44.32 -79.38 0.95
N SER K 600 -45.30 -78.59 1.38
CA SER K 600 -45.52 -78.39 2.80
C SER K 600 -45.79 -79.72 3.48
N TRP K 601 -45.19 -79.91 4.64
CA TRP K 601 -45.13 -81.22 5.28
C TRP K 601 -46.08 -81.30 6.47
N ASP K 602 -46.70 -82.47 6.63
CA ASP K 602 -47.49 -82.76 7.81
C ASP K 602 -46.56 -83.12 8.96
N LYS K 603 -46.78 -82.50 10.12
CA LYS K 603 -45.85 -82.69 11.24
C LYS K 603 -45.96 -84.09 11.84
N ALA K 604 -47.20 -84.56 12.05
CA ALA K 604 -47.38 -85.87 12.69
C ALA K 604 -46.85 -86.99 11.81
N GLY K 605 -47.02 -86.89 10.49
CA GLY K 605 -46.44 -87.88 9.61
C GLY K 605 -44.92 -87.94 9.73
N LEU K 606 -44.28 -86.77 9.70
CA LEU K 606 -42.84 -86.71 9.87
C LEU K 606 -42.42 -87.32 11.21
N GLU K 607 -43.22 -87.10 12.26
CA GLU K 607 -42.91 -87.70 13.56
C GLU K 607 -42.98 -89.22 13.48
N GLU K 608 -43.94 -89.76 12.72
CA GLU K 608 -44.07 -91.20 12.59
C GLU K 608 -42.90 -91.78 11.81
N LEU K 609 -42.47 -91.10 10.75
CA LEU K 609 -41.27 -91.54 10.02
C LEU K 609 -40.04 -91.55 10.93
N ARG K 610 -39.89 -90.52 11.76
CA ARG K 610 -38.76 -90.49 12.68
C ARG K 610 -38.86 -91.59 13.72
N ARG K 611 -40.09 -91.95 14.12
CA ARG K 611 -40.28 -93.05 15.06
C ARG K 611 -39.89 -94.38 14.42
N GLN K 612 -40.35 -94.61 13.18
CA GLN K 612 -40.00 -95.84 12.49
C GLN K 612 -38.50 -95.94 12.24
N ALA K 613 -37.83 -94.80 12.04
CA ALA K 613 -36.40 -94.82 11.74
C ALA K 613 -35.60 -95.37 12.91
N ASP K 614 -35.91 -94.91 14.13
CA ASP K 614 -35.24 -95.42 15.32
C ASP K 614 -35.74 -96.84 15.58
N TRP K 615 -34.85 -97.83 15.44
CA TRP K 615 -35.25 -99.22 15.58
C TRP K 615 -35.69 -99.55 17.01
N LEU K 616 -35.28 -98.75 17.99
CA LEU K 616 -35.80 -98.91 19.35
C LEU K 616 -37.29 -98.65 19.44
N GLU K 617 -37.90 -98.05 18.40
CA GLU K 617 -39.31 -97.69 18.45
C GLU K 617 -40.19 -98.54 17.53
N SER K 618 -39.62 -99.23 16.55
CA SER K 618 -40.43 -99.94 15.57
C SER K 618 -39.93 -101.33 15.20
N ASP K 619 -38.64 -101.63 15.36
CA ASP K 619 -38.12 -102.92 14.91
C ASP K 619 -38.62 -104.03 15.82
N ASP K 620 -39.33 -105.00 15.22
CA ASP K 620 -39.75 -106.19 15.97
C ASP K 620 -38.55 -107.00 16.44
N TYR K 621 -37.45 -106.95 15.69
CA TYR K 621 -36.23 -107.65 16.09
C TYR K 621 -35.64 -107.08 17.37
N TYR K 622 -36.06 -105.87 17.77
CA TYR K 622 -35.65 -105.35 19.07
C TYR K 622 -36.56 -105.85 20.19
N PHE K 623 -37.87 -105.72 19.99
CA PHE K 623 -38.82 -106.13 21.03
C PHE K 623 -38.76 -107.64 21.25
N SER K 624 -38.73 -108.42 20.18
CA SER K 624 -38.72 -109.87 20.26
C SER K 624 -37.36 -110.45 19.90
N GLY K 625 -36.86 -110.17 18.70
CA GLY K 625 -35.62 -110.76 18.23
C GLY K 625 -35.84 -111.55 16.96
N LYS K 626 -36.91 -111.22 16.23
CA LYS K 626 -37.25 -111.91 15.00
C LYS K 626 -36.66 -111.12 13.82
N LEU K 627 -35.64 -111.71 13.18
CA LEU K 627 -35.05 -111.06 12.02
C LEU K 627 -36.04 -111.03 10.86
N THR K 628 -35.83 -110.07 9.95
CA THR K 628 -36.57 -109.97 8.70
C THR K 628 -35.53 -109.65 7.62
N VAL K 629 -34.86 -110.69 7.14
CA VAL K 629 -33.77 -110.50 6.19
C VAL K 629 -34.34 -110.40 4.79
N PRO K 630 -33.96 -109.39 4.01
CA PRO K 630 -34.40 -109.33 2.62
C PRO K 630 -33.60 -110.29 1.75
N PRO K 631 -34.16 -110.77 0.66
CA PRO K 631 -33.38 -111.58 -0.28
C PRO K 631 -32.31 -110.73 -0.95
N ILE K 632 -31.25 -111.40 -1.39
CA ILE K 632 -30.14 -110.72 -2.05
C ILE K 632 -30.65 -110.07 -3.33
N PRO K 633 -30.61 -108.75 -3.44
CA PRO K 633 -31.14 -108.08 -4.63
C PRO K 633 -30.23 -108.30 -5.83
N PRO K 634 -30.76 -108.15 -7.05
CA PRO K 634 -29.97 -108.51 -8.24
C PRO K 634 -28.73 -107.67 -8.44
N ALA K 635 -28.62 -106.52 -7.79
CA ALA K 635 -27.46 -105.67 -7.99
C ALA K 635 -26.18 -106.33 -7.46
N ILE K 636 -26.24 -106.87 -6.25
CA ILE K 636 -25.05 -107.46 -5.64
C ILE K 636 -24.74 -108.77 -6.35
N LYS K 637 -23.70 -108.77 -7.16
CA LYS K 637 -23.18 -110.02 -7.72
C LYS K 637 -22.44 -110.79 -6.64
N GLN K 638 -22.36 -112.10 -6.84
CA GLN K 638 -21.67 -113.00 -5.92
C GLN K 638 -20.60 -113.80 -6.65
N ASP K 639 -19.92 -113.15 -7.59
CA ASP K 639 -18.88 -113.79 -8.40
C ASP K 639 -17.64 -113.95 -7.55
N VAL K 640 -17.40 -115.16 -7.05
CA VAL K 640 -16.15 -115.45 -6.36
C VAL K 640 -15.05 -115.64 -7.38
N ALA K 641 -13.81 -115.45 -6.93
CA ALA K 641 -12.65 -115.53 -7.80
C ALA K 641 -11.73 -116.67 -7.36
N GLU K 642 -10.75 -116.98 -8.22
CA GLU K 642 -9.74 -117.96 -7.89
C GLU K 642 -9.00 -117.54 -6.61
N ASP K 643 -9.11 -118.36 -5.58
CA ASP K 643 -8.55 -118.02 -4.28
C ASP K 643 -8.20 -119.26 -3.47
N ALA K 644 -8.66 -120.43 -3.92
CA ALA K 644 -8.45 -121.66 -3.18
C ALA K 644 -6.97 -121.88 -2.90
N GLU K 645 -6.11 -121.64 -3.89
CA GLU K 645 -4.67 -121.69 -3.65
C GLU K 645 -4.24 -120.64 -2.63
N GLN K 646 -4.83 -119.44 -2.72
CA GLN K 646 -4.40 -118.35 -1.85
C GLN K 646 -4.85 -118.54 -0.40
N ARG K 647 -6.04 -119.11 -0.19
CA ARG K 647 -6.51 -119.28 1.18
C ARG K 647 -5.61 -120.26 1.93
N LYS K 648 -5.30 -121.40 1.31
CA LYS K 648 -4.35 -122.32 1.91
C LYS K 648 -2.97 -121.67 2.04
N ALA K 649 -2.58 -120.89 1.03
CA ALA K 649 -1.29 -120.21 1.08
C ALA K 649 -1.24 -119.20 2.23
N GLU K 650 -2.31 -118.41 2.38
CA GLU K 650 -2.35 -117.43 3.47
C GLU K 650 -2.29 -118.12 4.83
N GLU K 651 -3.02 -119.24 4.98
CA GLU K 651 -2.97 -119.98 6.23
C GLU K 651 -1.59 -120.60 6.44
N LYS K 652 -0.95 -121.07 5.37
CA LYS K 652 0.39 -121.63 5.49
C LYS K 652 1.39 -120.57 5.92
N ALA K 653 1.22 -119.34 5.42
CA ALA K 653 2.12 -118.25 5.82
C ALA K 653 1.97 -117.94 7.30
N ARG K 654 0.73 -117.93 7.80
CA ARG K 654 0.48 -117.68 9.21
C ARG K 654 0.57 -118.97 10.02
N PRO L 62 11.35 -77.57 34.09
CA PRO L 62 10.39 -76.64 34.70
C PRO L 62 10.20 -75.37 33.88
N PRO L 63 9.10 -75.28 33.14
CA PRO L 63 8.85 -74.09 32.31
C PRO L 63 8.51 -72.87 33.16
N VAL L 64 8.62 -71.70 32.54
CA VAL L 64 8.27 -70.43 33.16
C VAL L 64 6.80 -70.14 32.89
N TYR L 65 6.11 -69.63 33.90
CA TYR L 65 4.66 -69.44 33.86
C TYR L 65 4.33 -67.95 33.78
N GLY L 66 3.09 -67.67 33.40
CA GLY L 66 2.63 -66.31 33.22
C GLY L 66 2.11 -65.68 34.49
N PRO L 67 2.19 -64.35 34.56
CA PRO L 67 1.62 -63.65 35.72
C PRO L 67 0.12 -63.72 35.72
N PRO L 68 -0.50 -63.94 36.89
CA PRO L 68 -1.97 -64.01 36.95
C PRO L 68 -2.62 -62.77 36.34
N GLN L 69 -3.69 -63.01 35.57
CA GLN L 69 -4.37 -61.93 34.88
C GLN L 69 -5.87 -62.17 34.91
N VAL L 70 -6.63 -61.08 34.89
CA VAL L 70 -8.08 -61.14 34.93
C VAL L 70 -8.61 -61.53 33.57
N ILE L 71 -9.57 -62.45 33.54
CA ILE L 71 -10.20 -62.87 32.29
C ILE L 71 -11.68 -62.57 32.24
N PHE L 72 -12.34 -62.30 33.38
CA PHE L 72 -13.76 -61.96 33.37
C PHE L 72 -14.07 -61.21 34.67
N ARG L 73 -14.52 -59.96 34.54
CA ARG L 73 -14.82 -59.11 35.69
C ARG L 73 -16.31 -59.18 35.98
N ILE L 74 -16.66 -59.82 37.09
CA ILE L 74 -18.05 -59.83 37.54
C ILE L 74 -18.44 -58.43 38.01
N ASP L 75 -17.63 -57.84 38.88
CA ASP L 75 -17.81 -56.47 39.33
C ASP L 75 -16.45 -55.97 39.84
N ASP L 76 -16.46 -54.85 40.56
CA ASP L 76 -15.22 -54.30 41.08
C ASP L 76 -14.56 -55.21 42.09
N ASN L 77 -15.32 -56.11 42.72
CA ASN L 77 -14.79 -57.03 43.72
C ASN L 77 -14.54 -58.42 43.15
N ARG L 78 -15.57 -59.03 42.53
CA ARG L 78 -15.49 -60.40 42.06
C ARG L 78 -14.89 -60.44 40.66
N TYR L 79 -13.93 -61.33 40.45
CA TYR L 79 -13.27 -61.46 39.15
C TYR L 79 -12.63 -62.84 39.05
N PHE L 80 -12.39 -63.25 37.80
CA PHE L 80 -11.77 -64.53 37.49
C PHE L 80 -10.35 -64.31 36.99
N THR L 81 -9.42 -65.15 37.46
CA THR L 81 -8.01 -65.01 37.14
C THR L 81 -7.48 -66.25 36.44
N LEU L 82 -6.79 -66.05 35.32
CA LEU L 82 -5.97 -67.08 34.72
C LEU L 82 -4.63 -67.12 35.46
N GLU L 83 -4.33 -68.27 36.09
CA GLU L 83 -3.14 -68.40 36.89
C GLU L 83 -2.34 -69.62 36.46
N ASN L 84 -1.02 -69.53 36.60
CA ASN L 84 -0.09 -70.61 36.30
C ASN L 84 -0.33 -71.17 34.90
N TYR L 85 -0.05 -70.33 33.91
CA TYR L 85 -0.31 -70.65 32.52
C TYR L 85 0.94 -70.40 31.69
N THR L 86 1.15 -71.26 30.69
CA THR L 86 2.19 -71.03 29.70
C THR L 86 1.71 -70.17 28.55
N HIS L 87 0.40 -70.18 28.28
CA HIS L 87 -0.21 -69.30 27.29
C HIS L 87 -1.70 -69.22 27.60
N CYS L 88 -2.39 -68.35 26.84
CA CYS L 88 -3.79 -68.03 27.15
C CYS L 88 -4.73 -69.22 27.03
N GLU L 89 -4.29 -70.32 26.41
CA GLU L 89 -5.16 -71.46 26.18
C GLU L 89 -5.03 -72.55 27.24
N ASN L 90 -4.06 -72.43 28.15
CA ASN L 90 -3.94 -73.41 29.23
C ASN L 90 -3.81 -72.72 30.59
N GLY L 91 -3.46 -73.49 31.62
CA GLY L 91 -3.37 -72.96 32.96
C GLY L 91 -4.59 -73.33 33.79
N GLN L 92 -4.78 -72.56 34.86
CA GLN L 92 -5.93 -72.73 35.73
C GLN L 92 -6.73 -71.43 35.82
N THR L 93 -8.02 -71.57 36.09
CA THR L 93 -8.93 -70.44 36.22
C THR L 93 -9.43 -70.39 37.66
N PHE L 94 -9.20 -69.26 38.33
CA PHE L 94 -9.52 -69.09 39.74
C PHE L 94 -10.63 -68.08 39.93
N TYR L 95 -11.48 -68.34 40.92
CA TYR L 95 -12.42 -67.34 41.41
C TYR L 95 -11.72 -66.40 42.37
N ASN L 96 -12.24 -65.17 42.46
CA ASN L 96 -11.65 -64.18 43.36
C ASN L 96 -12.74 -63.27 43.91
N ASN L 97 -12.85 -63.21 45.23
CA ASN L 97 -13.63 -62.20 45.93
C ASN L 97 -12.67 -61.52 46.90
N LYS L 98 -12.32 -60.27 46.62
CA LYS L 98 -11.27 -59.61 47.38
C LYS L 98 -11.73 -59.27 48.79
N ALA L 99 -12.99 -58.83 48.94
CA ALA L 99 -13.47 -58.42 50.27
C ALA L 99 -13.49 -59.59 51.24
N LYS L 100 -13.87 -60.78 50.78
CA LYS L 100 -13.86 -61.97 51.60
C LYS L 100 -12.54 -62.73 51.53
N ASN L 101 -11.55 -62.20 50.80
CA ASN L 101 -10.22 -62.79 50.70
C ASN L 101 -10.27 -64.22 50.16
N ILE L 102 -11.17 -64.46 49.21
CA ILE L 102 -11.34 -65.77 48.61
C ILE L 102 -10.48 -65.87 47.35
N HIS L 103 -9.79 -66.99 47.21
CA HIS L 103 -8.96 -67.27 46.03
C HIS L 103 -8.88 -68.78 45.88
N VAL L 104 -9.81 -69.34 45.11
CA VAL L 104 -9.96 -70.79 45.00
C VAL L 104 -9.84 -71.20 43.53
N LYS L 105 -9.31 -72.40 43.31
CA LYS L 105 -9.15 -72.93 41.97
C LYS L 105 -10.45 -73.56 41.49
N ILE L 106 -10.93 -73.13 40.34
CA ILE L 106 -12.20 -73.59 39.78
C ILE L 106 -11.99 -74.55 38.63
N LEU L 107 -11.22 -74.15 37.63
CA LEU L 107 -11.07 -74.91 36.40
C LEU L 107 -9.59 -75.20 36.14
N ASP L 108 -9.29 -76.48 35.88
CA ASP L 108 -7.93 -76.91 35.57
C ASP L 108 -7.51 -76.53 34.16
N ALA L 109 -8.36 -75.86 33.40
CA ALA L 109 -8.03 -75.38 32.06
C ALA L 109 -8.29 -73.88 32.00
N SER L 110 -7.77 -73.25 30.94
CA SER L 110 -7.98 -71.82 30.76
C SER L 110 -9.44 -71.53 30.44
N GLY L 111 -9.95 -70.44 31.00
CA GLY L 111 -11.30 -70.01 30.68
C GLY L 111 -11.44 -69.33 29.34
N TYR L 112 -10.33 -68.84 28.79
CA TYR L 112 -10.37 -68.15 27.49
C TYR L 112 -10.85 -69.06 26.37
N LEU L 113 -10.82 -70.38 26.58
CA LEU L 113 -11.30 -71.29 25.56
C LEU L 113 -12.80 -71.19 25.35
N PHE L 114 -13.54 -70.79 26.39
CA PHE L 114 -14.97 -70.57 26.25
C PHE L 114 -15.21 -69.28 25.49
N LYS L 115 -16.04 -69.35 24.44
CA LYS L 115 -16.26 -68.22 23.55
C LYS L 115 -17.70 -67.75 23.51
N GLY L 116 -18.58 -68.32 24.35
CA GLY L 116 -19.93 -67.82 24.47
C GLY L 116 -20.00 -66.60 25.37
N ARG L 117 -21.22 -66.23 25.73
CA ARG L 117 -21.46 -65.12 26.62
C ARG L 117 -21.83 -65.63 28.00
N LEU L 118 -21.33 -64.92 29.03
CA LEU L 118 -21.57 -65.27 30.42
C LEU L 118 -22.18 -64.09 31.13
N PHE L 119 -23.12 -64.36 32.05
CA PHE L 119 -23.83 -63.32 32.78
C PHE L 119 -23.89 -63.74 34.24
N TRP L 120 -23.08 -63.11 35.08
CA TRP L 120 -22.97 -63.47 36.49
C TRP L 120 -23.94 -62.59 37.28
N LEU L 121 -25.01 -63.20 37.78
CA LEU L 121 -26.00 -62.48 38.58
C LEU L 121 -26.05 -62.94 40.03
N SER L 122 -25.76 -64.21 40.30
CA SER L 122 -25.86 -64.74 41.65
C SER L 122 -24.87 -64.04 42.57
N THR L 123 -25.37 -63.57 43.71
CA THR L 123 -24.51 -62.97 44.73
C THR L 123 -23.87 -64.00 45.63
N ARG L 124 -24.28 -65.26 45.54
CA ARG L 124 -23.70 -66.32 46.37
C ARG L 124 -22.27 -66.61 45.92
N ASP L 125 -21.38 -66.78 46.90
CA ASP L 125 -20.00 -67.18 46.63
C ASP L 125 -19.73 -68.65 46.93
N ASP L 126 -20.59 -69.30 47.72
CA ASP L 126 -20.45 -70.74 47.92
C ASP L 126 -20.83 -71.51 46.66
N PHE L 127 -21.77 -70.99 45.87
CA PHE L 127 -22.23 -71.62 44.64
C PHE L 127 -21.50 -70.98 43.47
N LEU L 128 -20.64 -71.75 42.82
CA LEU L 128 -19.84 -71.26 41.69
C LEU L 128 -19.98 -72.23 40.53
N ALA L 129 -20.56 -71.77 39.43
CA ALA L 129 -20.66 -72.54 38.20
C ALA L 129 -19.83 -71.85 37.12
N PHE L 130 -19.08 -72.65 36.36
CA PHE L 130 -18.14 -72.10 35.41
C PHE L 130 -17.98 -73.01 34.21
N PRO L 131 -17.90 -72.45 33.00
CA PRO L 131 -17.79 -73.29 31.79
C PRO L 131 -16.46 -74.02 31.68
N ALA L 132 -16.50 -75.35 31.76
CA ALA L 132 -15.34 -76.19 31.51
C ALA L 132 -15.30 -76.51 30.02
N THR L 133 -14.31 -75.96 29.32
CA THR L 133 -14.23 -76.06 27.87
C THR L 133 -12.89 -76.65 27.46
N LEU L 134 -12.92 -77.48 26.42
CA LEU L 134 -11.75 -78.19 25.93
C LEU L 134 -11.16 -77.48 24.72
N ASN L 135 -9.84 -77.56 24.58
CA ASN L 135 -9.15 -76.94 23.46
C ASN L 135 -9.26 -77.84 22.23
N THR L 136 -9.47 -77.22 21.07
CA THR L 136 -9.60 -77.98 19.84
C THR L 136 -8.28 -78.61 19.42
N ARG L 137 -7.18 -77.89 19.61
CA ARG L 137 -5.88 -78.36 19.14
C ARG L 137 -5.07 -79.09 20.21
N HIS L 138 -5.61 -79.23 21.42
CA HIS L 138 -4.90 -79.93 22.50
C HIS L 138 -5.95 -80.52 23.44
N ALA L 139 -6.35 -81.77 23.16
CA ALA L 139 -7.33 -82.46 23.97
C ALA L 139 -7.20 -83.96 23.76
N SER L 140 -7.54 -84.72 24.79
CA SER L 140 -7.45 -86.17 24.71
C SER L 140 -8.51 -86.74 23.78
N CYS L 141 -9.76 -86.34 23.98
CA CYS L 141 -10.87 -86.84 23.18
C CYS L 141 -10.82 -86.38 21.72
N MET L 142 -9.79 -85.62 21.33
CA MET L 142 -9.70 -85.18 19.95
C MET L 142 -9.30 -86.34 19.04
N GLY L 143 -9.98 -86.43 17.90
CA GLY L 143 -9.76 -87.54 17.00
C GLY L 143 -10.43 -88.83 17.40
N SER L 144 -11.13 -88.86 18.54
CA SER L 144 -11.84 -90.06 18.94
C SER L 144 -12.99 -90.34 17.99
N ASN L 145 -13.56 -91.54 18.11
CA ASN L 145 -14.64 -91.93 17.22
C ASN L 145 -15.96 -91.26 17.56
N LYS L 146 -16.07 -90.67 18.75
CA LYS L 146 -17.26 -89.92 19.14
C LYS L 146 -17.02 -88.41 19.06
N GLY L 147 -16.01 -87.93 19.76
CA GLY L 147 -15.69 -86.52 19.76
C GLY L 147 -15.37 -86.00 21.15
N CYS L 148 -15.73 -84.76 21.43
CA CYS L 148 -15.49 -84.14 22.72
C CYS L 148 -16.77 -83.52 23.25
N MET L 149 -17.01 -83.67 24.54
CA MET L 149 -18.17 -83.12 25.20
C MET L 149 -17.70 -82.08 26.22
N ASN L 150 -18.21 -80.86 26.10
CA ASN L 150 -17.89 -79.81 27.06
C ASN L 150 -18.73 -80.00 28.32
N ALA L 151 -18.29 -79.34 29.40
CA ALA L 151 -18.90 -79.54 30.71
C ALA L 151 -18.96 -78.22 31.46
N VAL L 152 -19.52 -78.27 32.66
CA VAL L 152 -19.62 -77.12 33.56
C VAL L 152 -19.12 -77.56 34.94
N ILE L 153 -18.14 -76.84 35.47
CA ILE L 153 -17.64 -77.11 36.82
C ILE L 153 -18.57 -76.42 37.81
N VAL L 154 -19.22 -77.21 38.66
CA VAL L 154 -20.16 -76.72 39.65
C VAL L 154 -19.62 -77.08 41.04
N THR L 155 -19.60 -76.10 41.93
CA THR L 155 -19.22 -76.32 43.31
C THR L 155 -20.22 -75.61 44.23
N THR L 156 -20.49 -76.22 45.38
CA THR L 156 -21.44 -75.69 46.35
C THR L 156 -20.81 -75.51 47.73
N ASP L 157 -19.48 -75.39 47.79
CA ASP L 157 -18.78 -75.20 49.05
C ASP L 157 -17.64 -74.20 48.92
N GLY L 158 -17.75 -73.26 47.98
CA GLY L 158 -16.68 -72.30 47.77
C GLY L 158 -15.49 -72.82 47.00
N GLY L 159 -15.56 -74.01 46.44
CA GLY L 159 -14.49 -74.57 45.64
C GLY L 159 -13.73 -75.73 46.24
N LYS L 160 -14.25 -76.38 47.29
CA LYS L 160 -13.57 -77.53 47.86
C LYS L 160 -13.89 -78.81 47.08
N ARG L 161 -15.18 -79.12 46.93
CA ARG L 161 -15.62 -80.26 46.14
C ARG L 161 -16.10 -79.74 44.79
N ARG L 162 -15.49 -80.25 43.71
CA ARG L 162 -15.83 -79.85 42.36
C ARG L 162 -16.52 -81.01 41.65
N SER L 163 -17.58 -80.68 40.91
CA SER L 163 -18.33 -81.67 40.14
C SER L 163 -18.51 -81.15 38.72
N GLY L 164 -18.73 -82.09 37.81
CA GLY L 164 -18.88 -81.75 36.41
C GLY L 164 -20.23 -82.10 35.83
N VAL L 165 -20.95 -81.10 35.33
CA VAL L 165 -22.25 -81.28 34.69
C VAL L 165 -22.03 -81.26 33.18
N PRO L 166 -22.32 -82.35 32.47
CA PRO L 166 -22.08 -82.36 31.03
C PRO L 166 -23.20 -81.68 30.26
N TYR L 167 -22.82 -81.10 29.13
CA TYR L 167 -23.77 -80.40 28.26
C TYR L 167 -23.28 -80.52 26.83
N GLY L 168 -24.02 -79.89 25.91
CA GLY L 168 -23.63 -79.83 24.52
C GLY L 168 -23.72 -81.19 23.84
N SER L 169 -23.15 -81.23 22.64
CA SER L 169 -23.16 -82.42 21.81
C SER L 169 -21.73 -82.83 21.46
N TYR L 170 -21.57 -84.10 21.12
CA TYR L 170 -20.26 -84.60 20.71
C TYR L 170 -19.78 -83.87 19.48
N THR L 171 -18.57 -83.32 19.55
CA THR L 171 -18.01 -82.56 18.44
C THR L 171 -16.50 -82.69 18.43
N GLN L 172 -15.92 -82.43 17.25
CA GLN L 172 -14.48 -82.30 17.09
C GLN L 172 -14.05 -80.84 17.02
N ASN L 173 -14.75 -79.97 17.76
CA ASN L 173 -14.41 -78.57 17.88
C ASN L 173 -15.18 -78.00 19.08
N PRO L 174 -14.74 -78.31 20.30
CA PRO L 174 -15.48 -77.83 21.48
C PRO L 174 -15.43 -76.32 21.63
N THR L 175 -14.29 -75.70 21.30
CA THR L 175 -14.22 -74.25 21.32
C THR L 175 -15.21 -73.64 20.34
N GLY L 176 -15.32 -74.21 19.14
CA GLY L 176 -16.32 -73.76 18.20
C GLY L 176 -17.73 -73.97 18.72
N ALA L 177 -17.96 -75.03 19.48
CA ALA L 177 -19.25 -75.23 20.13
C ALA L 177 -19.55 -74.10 21.10
N THR L 178 -18.54 -73.67 21.86
CA THR L 178 -18.76 -72.61 22.83
C THR L 178 -19.15 -71.30 22.17
N ARG L 179 -18.77 -71.10 20.90
CA ARG L 179 -19.08 -69.85 20.21
C ARG L 179 -20.57 -69.60 20.06
N ASP L 180 -21.44 -70.55 20.43
CA ASP L 180 -22.88 -70.41 20.22
C ASP L 180 -23.67 -70.61 21.51
N TYR L 181 -23.06 -70.38 22.67
CA TYR L 181 -23.72 -70.66 23.94
C TYR L 181 -23.78 -69.42 24.82
N ASP L 182 -24.90 -69.26 25.52
CA ASP L 182 -25.06 -68.25 26.55
C ASP L 182 -25.25 -68.93 27.90
N MET L 183 -24.70 -68.33 28.94
CA MET L 183 -24.75 -68.92 30.28
C MET L 183 -25.16 -67.87 31.31
N LEU L 184 -26.15 -68.21 32.12
CA LEU L 184 -26.67 -67.35 33.17
C LEU L 184 -26.40 -68.01 34.52
N VAL L 185 -25.88 -67.23 35.47
CA VAL L 185 -25.63 -67.72 36.82
C VAL L 185 -26.59 -66.98 37.75
N MET L 186 -27.70 -67.62 38.08
CA MET L 186 -28.70 -67.06 38.97
C MET L 186 -28.49 -67.57 40.40
N ASN L 187 -29.15 -66.89 41.34
CA ASN L 187 -29.05 -67.28 42.75
C ASN L 187 -29.60 -68.68 42.98
N ASP L 188 -30.44 -69.20 42.09
CA ASP L 188 -31.04 -70.51 42.24
C ASP L 188 -30.35 -71.59 41.41
N GLY L 189 -29.33 -71.24 40.65
CA GLY L 189 -28.62 -72.22 39.85
C GLY L 189 -27.97 -71.56 38.64
N PHE L 190 -28.06 -72.24 37.49
CA PHE L 190 -27.50 -71.70 36.26
C PHE L 190 -28.29 -72.21 35.07
N TYR L 191 -28.32 -71.39 34.02
CA TYR L 191 -29.09 -71.64 32.81
C TYR L 191 -28.16 -71.64 31.61
N LEU L 192 -28.43 -72.52 30.65
CA LEU L 192 -27.66 -72.59 29.40
C LEU L 192 -28.59 -72.43 28.21
N LEU L 193 -28.19 -71.60 27.26
CA LEU L 193 -28.94 -71.36 26.04
C LEU L 193 -28.08 -71.72 24.84
N ARG L 194 -28.55 -72.66 24.03
CA ARG L 194 -27.88 -73.02 22.78
C ARG L 194 -28.77 -72.53 21.63
N TYR L 195 -28.18 -71.73 20.75
CA TYR L 195 -28.92 -71.15 19.64
C TYR L 195 -28.85 -72.05 18.41
N ARG L 196 -29.96 -72.15 17.70
CA ARG L 196 -30.09 -73.01 16.53
C ARG L 196 -30.18 -72.16 15.27
N GLY L 197 -30.36 -72.84 14.13
CA GLY L 197 -30.50 -72.15 12.87
C GLY L 197 -29.20 -71.51 12.42
N GLY L 198 -29.34 -70.66 11.39
CA GLY L 198 -28.21 -69.98 10.81
C GLY L 198 -27.69 -68.82 11.63
N GLN L 199 -27.33 -67.73 10.96
CA GLN L 199 -26.73 -66.58 11.63
C GLN L 199 -27.73 -65.90 12.55
N GLY L 200 -27.26 -65.53 13.73
CA GLY L 200 -28.08 -64.87 14.72
C GLY L 200 -28.33 -65.74 15.94
N ARG L 201 -28.78 -65.10 17.01
CA ARG L 201 -29.12 -65.80 18.25
C ARG L 201 -30.63 -66.00 18.32
N PHE L 202 -31.10 -66.89 17.45
CA PHE L 202 -32.52 -67.20 17.32
C PHE L 202 -32.76 -68.68 17.57
N SER L 203 -34.01 -69.01 17.88
CA SER L 203 -34.44 -70.37 18.21
C SER L 203 -33.50 -71.00 19.23
N PRO L 204 -33.54 -70.55 20.47
CA PRO L 204 -32.66 -71.13 21.49
C PRO L 204 -33.33 -72.29 22.23
N VAL L 205 -32.50 -73.16 22.77
CA VAL L 205 -32.93 -74.24 23.64
C VAL L 205 -32.29 -74.03 25.01
N ILE L 206 -33.09 -74.09 26.05
CA ILE L 206 -32.67 -73.73 27.40
C ILE L 206 -32.60 -74.99 28.26
N LEU L 207 -31.55 -75.09 29.07
CA LEU L 207 -31.41 -76.12 30.07
C LEU L 207 -31.13 -75.46 31.42
N ARG L 208 -31.91 -75.82 32.43
CA ARG L 208 -31.89 -75.15 33.72
C ARG L 208 -31.49 -76.13 34.81
N TRP L 209 -30.51 -75.75 35.63
CA TRP L 209 -30.08 -76.52 36.78
C TRP L 209 -30.34 -75.70 38.04
N ILE L 210 -30.96 -76.33 39.04
CA ILE L 210 -31.25 -75.66 40.30
C ILE L 210 -30.58 -76.42 41.43
N LEU L 211 -30.39 -75.72 42.55
CA LEU L 211 -29.70 -76.31 43.70
C LEU L 211 -30.56 -77.38 44.37
N SER L 212 -29.88 -78.40 44.89
CA SER L 212 -30.54 -79.49 45.60
C SER L 212 -29.53 -80.33 46.36
N THR L 213 -29.78 -80.56 47.64
CA THR L 213 -28.83 -81.27 48.49
C THR L 213 -28.87 -82.78 48.29
N GLU L 214 -29.82 -83.31 47.54
CA GLU L 214 -29.94 -84.75 47.36
C GLU L 214 -29.00 -85.30 46.29
N ASP L 215 -28.21 -84.45 45.64
CA ASP L 215 -27.26 -84.88 44.62
C ASP L 215 -25.84 -84.62 45.10
N SER L 216 -24.92 -85.45 44.63
CA SER L 216 -23.51 -85.26 44.98
C SER L 216 -22.96 -83.97 44.41
N SER L 217 -23.43 -83.59 43.22
CA SER L 217 -22.99 -82.34 42.61
C SER L 217 -23.66 -81.11 43.24
N GLY L 218 -24.73 -81.31 44.01
CA GLY L 218 -25.46 -80.23 44.60
C GLY L 218 -26.49 -79.56 43.72
N VAL L 219 -26.58 -79.96 42.44
CA VAL L 219 -27.53 -79.38 41.49
C VAL L 219 -28.17 -80.50 40.69
N VAL L 220 -29.33 -80.18 40.10
CA VAL L 220 -30.06 -81.11 39.27
C VAL L 220 -30.93 -80.31 38.30
N ARG L 221 -31.19 -80.89 37.14
CA ARG L 221 -31.98 -80.20 36.12
C ARG L 221 -33.42 -80.04 36.57
N SER L 222 -33.99 -78.87 36.27
CA SER L 222 -35.40 -78.59 36.51
C SER L 222 -36.11 -78.54 35.17
N GLU L 223 -37.16 -79.34 35.02
CA GLU L 223 -37.97 -79.32 33.82
C GLU L 223 -38.96 -78.16 33.78
N ASP L 224 -38.70 -77.13 34.59
CA ASP L 224 -39.48 -75.90 34.56
C ASP L 224 -38.61 -74.75 34.07
N ALA L 225 -37.87 -74.99 32.99
CA ALA L 225 -36.99 -73.98 32.42
C ALA L 225 -37.84 -72.97 31.63
N TYR L 226 -37.17 -72.13 30.85
CA TYR L 226 -37.82 -71.11 30.03
C TYR L 226 -38.65 -70.14 30.88
N GLU L 227 -38.23 -69.92 32.12
CA GLU L 227 -38.79 -68.84 32.93
C GLU L 227 -38.24 -67.49 32.54
N LEU L 228 -37.45 -67.43 31.47
CA LEU L 228 -36.90 -66.16 30.98
C LEU L 228 -37.99 -65.18 30.60
N PHE L 229 -39.15 -65.69 30.18
CA PHE L 229 -40.25 -64.83 29.70
C PHE L 229 -41.57 -65.40 30.21
N ARG L 230 -41.95 -65.01 31.44
CA ARG L 230 -43.22 -65.33 32.07
C ARG L 230 -43.54 -66.82 31.97
N PRO L 231 -43.21 -67.62 33.00
CA PRO L 231 -43.37 -69.08 32.89
C PRO L 231 -44.78 -69.54 32.55
N GLY L 232 -45.77 -68.66 32.62
CA GLY L 232 -47.09 -68.95 32.08
C GLY L 232 -47.27 -68.37 30.70
N GLU L 233 -46.43 -68.80 29.74
CA GLU L 233 -46.47 -68.30 28.38
C GLU L 233 -46.72 -69.41 27.37
N GLU L 234 -47.01 -70.63 27.82
CA GLU L 234 -47.29 -71.77 26.95
C GLU L 234 -46.14 -71.99 25.97
N VAL L 235 -45.07 -72.63 26.43
CA VAL L 235 -43.90 -72.87 25.58
C VAL L 235 -44.31 -73.78 24.42
N PRO L 236 -43.97 -73.45 23.17
CA PRO L 236 -44.38 -74.30 22.04
C PRO L 236 -43.39 -75.43 21.78
N SER L 237 -43.63 -76.19 20.71
CA SER L 237 -42.74 -77.28 20.37
C SER L 237 -41.41 -76.79 19.81
N THR L 238 -41.35 -75.54 19.35
CA THR L 238 -40.13 -74.95 18.82
C THR L 238 -39.37 -74.14 19.86
N GLY L 239 -40.04 -73.20 20.52
CA GLY L 239 -39.42 -72.40 21.56
C GLY L 239 -38.81 -71.09 21.10
N PHE L 240 -39.19 -70.59 19.93
CA PHE L 240 -38.60 -69.38 19.40
C PHE L 240 -39.31 -68.15 19.96
N TYR L 241 -38.54 -67.29 20.63
CA TYR L 241 -39.00 -65.94 20.98
C TYR L 241 -37.97 -64.88 20.64
N LYS L 242 -36.80 -65.26 20.10
CA LYS L 242 -35.64 -64.38 20.06
C LYS L 242 -35.37 -63.80 21.44
N ILE L 243 -35.29 -64.71 22.42
CA ILE L 243 -35.33 -64.39 23.85
C ILE L 243 -34.38 -63.26 24.20
N ASP L 244 -34.93 -62.18 24.74
CA ASP L 244 -34.15 -61.00 25.07
C ASP L 244 -33.43 -61.21 26.40
N LEU L 245 -32.10 -61.14 26.37
CA LEU L 245 -31.28 -61.20 27.57
C LEU L 245 -30.77 -59.82 27.98
N SER L 246 -31.34 -58.76 27.40
CA SER L 246 -30.83 -57.40 27.64
C SER L 246 -31.07 -56.94 29.07
N ARG L 247 -32.03 -57.53 29.78
CA ARG L 247 -32.21 -57.23 31.19
C ARG L 247 -31.12 -57.85 32.06
N PHE L 248 -30.26 -58.68 31.49
CA PHE L 248 -29.20 -59.36 32.21
C PHE L 248 -27.82 -58.85 31.81
N TYR L 249 -27.74 -57.90 30.89
CA TYR L 249 -26.46 -57.35 30.47
C TYR L 249 -25.78 -56.65 31.65
N PRO L 250 -24.45 -56.71 31.72
CA PRO L 250 -23.74 -56.03 32.81
C PRO L 250 -23.38 -54.59 32.44
N LYS L 251 -23.36 -53.74 33.47
CA LYS L 251 -23.06 -52.33 33.26
C LYS L 251 -21.65 -52.15 32.70
N ASN L 252 -20.69 -52.94 33.19
CA ASN L 252 -19.32 -52.89 32.70
C ASN L 252 -19.16 -53.47 31.30
N ASN L 253 -20.19 -54.13 30.76
CA ASN L 253 -20.26 -54.55 29.36
C ASN L 253 -19.19 -55.59 29.00
N VAL L 254 -18.90 -56.49 29.93
CA VAL L 254 -18.05 -57.65 29.65
C VAL L 254 -18.95 -58.88 29.60
N MET L 255 -19.00 -59.51 28.42
CA MET L 255 -19.79 -60.72 28.23
C MET L 255 -18.99 -61.90 27.71
N GLU L 256 -17.82 -61.67 27.12
CA GLU L 256 -16.97 -62.73 26.62
C GLU L 256 -15.63 -62.71 27.34
N MET L 257 -14.86 -63.78 27.14
CA MET L 257 -13.57 -63.92 27.80
C MET L 257 -12.50 -63.09 27.10
N GLN L 258 -11.67 -62.43 27.89
CA GLN L 258 -10.56 -61.64 27.39
C GLN L 258 -9.26 -62.14 28.00
N CYS L 259 -8.23 -62.28 27.17
CA CYS L 259 -6.91 -62.66 27.62
C CYS L 259 -5.87 -61.77 26.95
N ASP L 260 -4.92 -61.28 27.74
CA ASP L 260 -3.87 -60.40 27.24
C ASP L 260 -2.70 -61.27 26.79
N ARG L 261 -2.56 -61.44 25.47
CA ARG L 261 -1.47 -62.24 24.93
C ARG L 261 -0.11 -61.62 25.20
N THR L 262 -0.06 -60.34 25.58
CA THR L 262 1.22 -59.69 25.83
C THR L 262 1.97 -60.34 27.00
N LEU L 263 1.24 -60.98 27.91
CA LEU L 263 1.83 -61.57 29.11
C LEU L 263 2.29 -63.01 28.90
N GLU L 264 2.05 -63.59 27.72
CA GLU L 264 2.43 -64.96 27.48
C GLU L 264 3.94 -65.10 27.55
N PRO L 265 4.48 -65.94 28.44
CA PRO L 265 5.92 -65.98 28.66
C PRO L 265 6.68 -66.53 27.46
N VAL L 266 7.93 -66.11 27.35
CA VAL L 266 8.85 -66.61 26.33
C VAL L 266 9.90 -67.47 27.02
N GLN L 267 10.12 -68.66 26.47
CA GLN L 267 11.03 -69.63 27.10
C GLN L 267 12.44 -69.49 26.55
N PRO M 41 -25.23 126.51 73.82
CA PRO M 41 -24.90 126.34 72.40
C PRO M 41 -26.07 126.71 71.48
N PRO M 42 -25.80 126.84 70.18
CA PRO M 42 -26.91 127.11 69.24
C PRO M 42 -27.83 125.92 69.05
N LEU M 43 -28.75 126.02 68.09
CA LEU M 43 -29.73 124.96 67.84
C LEU M 43 -29.82 124.70 66.34
N GLN M 44 -28.95 123.81 65.85
CA GLN M 44 -28.93 123.45 64.43
C GLN M 44 -29.82 122.23 64.21
N LEU M 45 -31.11 122.50 64.05
CA LEU M 45 -32.08 121.43 63.87
C LEU M 45 -31.98 120.85 62.45
N PRO M 46 -32.15 119.54 62.29
CA PRO M 46 -32.04 118.94 60.96
C PRO M 46 -33.33 118.87 60.18
N GLY M 47 -34.47 119.23 60.77
CA GLY M 47 -35.75 119.14 60.10
C GLY M 47 -36.89 118.98 61.07
N LEU M 48 -37.97 119.72 60.87
CA LEU M 48 -39.08 119.71 61.81
C LEU M 48 -39.92 118.45 61.67
N ILE M 49 -40.57 118.07 62.76
CA ILE M 49 -41.41 116.88 62.83
C ILE M 49 -42.75 117.31 63.43
N ILE M 50 -43.84 117.03 62.71
CA ILE M 50 -45.17 117.41 63.17
C ILE M 50 -45.85 116.16 63.72
N PHE M 51 -45.94 116.09 65.05
CA PHE M 51 -46.71 115.03 65.68
C PHE M 51 -48.19 115.30 65.52
N VAL M 52 -48.94 114.30 65.09
CA VAL M 52 -50.39 114.42 64.89
C VAL M 52 -51.07 113.27 65.60
N HIS M 53 -51.88 113.59 66.61
CA HIS M 53 -52.57 112.55 67.37
C HIS M 53 -53.82 112.08 66.65
N GLY M 54 -54.75 111.49 67.39
CA GLY M 54 -55.95 110.92 66.80
C GLY M 54 -57.20 111.31 67.57
N VAL M 55 -58.14 110.39 67.64
CA VAL M 55 -59.44 110.64 68.27
C VAL M 55 -59.28 110.58 69.79
N ASN M 56 -60.17 111.31 70.49
CA ASN M 56 -60.20 111.51 71.94
C ASN M 56 -58.82 111.41 72.60
N SER M 57 -57.84 112.09 72.00
CA SER M 57 -56.47 112.09 72.49
C SER M 57 -55.98 113.54 72.62
N GLU M 58 -54.92 113.70 73.41
CA GLU M 58 -54.25 114.99 73.60
C GLU M 58 -52.75 114.81 73.50
N GLY M 59 -52.30 113.97 72.58
CA GLY M 59 -50.87 113.73 72.40
C GLY M 59 -50.21 113.03 73.56
N GLU M 60 -50.84 111.98 74.09
CA GLU M 60 -50.26 111.28 75.24
C GLU M 60 -49.01 110.52 74.86
N TRP M 61 -48.90 110.05 73.61
CA TRP M 61 -47.71 109.38 73.15
C TRP M 61 -46.64 110.34 72.63
N TYR M 62 -46.96 111.64 72.58
CA TYR M 62 -46.01 112.62 72.07
C TYR M 62 -44.70 112.60 72.86
N ASP M 63 -44.79 112.44 74.17
CA ASP M 63 -43.61 112.59 75.02
C ASP M 63 -42.56 111.52 74.72
N TYR M 64 -42.96 110.25 74.72
CA TYR M 64 -42.00 109.18 74.45
C TYR M 64 -41.59 109.15 72.99
N ALA M 65 -42.53 109.42 72.08
CA ALA M 65 -42.16 109.55 70.67
C ALA M 65 -41.07 110.60 70.50
N GLU M 66 -41.22 111.74 71.18
CA GLU M 66 -40.24 112.81 71.09
C GLU M 66 -38.91 112.39 71.69
N ARG M 67 -38.93 111.83 72.91
CA ARG M 67 -37.67 111.50 73.60
C ARG M 67 -36.90 110.44 72.84
N SER M 68 -37.58 109.36 72.43
CA SER M 68 -36.88 108.28 71.73
C SER M 68 -36.43 108.71 70.34
N LEU M 69 -37.19 109.57 69.67
CA LEU M 69 -36.73 110.11 68.40
C LEU M 69 -35.44 110.90 68.58
N CYS M 70 -35.41 111.77 69.61
CA CYS M 70 -34.22 112.57 69.85
C CYS M 70 -33.02 111.69 70.18
N ALA M 71 -33.21 110.68 71.04
CA ALA M 71 -32.11 109.79 71.38
C ALA M 71 -31.60 109.03 70.16
N GLY M 72 -32.52 108.58 69.31
CA GLY M 72 -32.11 107.87 68.10
C GLY M 72 -31.41 108.76 67.11
N LEU M 73 -31.84 110.03 67.01
CA LEU M 73 -31.17 110.95 66.11
C LEU M 73 -29.77 111.29 66.59
N ASN M 74 -29.59 111.43 67.91
CA ASN M 74 -28.24 111.64 68.45
C ASN M 74 -27.34 110.45 68.15
N GLN M 75 -27.86 109.23 68.33
CA GLN M 75 -27.06 108.04 68.07
C GLN M 75 -26.72 107.92 66.60
N ARG M 76 -27.66 108.27 65.72
CA ARG M 76 -27.39 108.18 64.29
C ARG M 76 -26.45 109.29 63.83
N LEU M 77 -26.67 110.52 64.28
CA LEU M 77 -25.94 111.68 63.80
C LEU M 77 -24.70 111.99 64.62
N GLY M 78 -24.37 111.17 65.62
CA GLY M 78 -23.19 111.42 66.43
C GLY M 78 -23.23 112.70 67.24
N LEU M 79 -24.42 113.23 67.49
CA LEU M 79 -24.56 114.45 68.27
C LEU M 79 -24.27 114.15 69.75
N GLU M 80 -23.33 114.91 70.33
CA GLU M 80 -22.91 114.70 71.70
C GLU M 80 -22.97 116.01 72.48
N GLY M 81 -22.97 115.87 73.81
CA GLY M 81 -22.92 117.00 74.72
C GLY M 81 -24.08 117.96 74.52
N GLU M 82 -23.78 119.24 74.74
CA GLU M 82 -24.80 120.28 74.58
C GLU M 82 -25.30 120.39 73.15
N HIS M 83 -24.52 119.91 72.17
CA HIS M 83 -25.02 119.83 70.79
C HIS M 83 -26.10 118.77 70.64
N GLY M 84 -26.19 117.83 71.59
CA GLY M 84 -27.18 116.78 71.47
C GLY M 84 -28.60 117.29 71.57
N LEU M 85 -29.51 116.59 70.88
CA LEU M 85 -30.90 117.00 70.83
C LEU M 85 -31.61 116.54 72.10
N LYS M 86 -32.10 117.50 72.88
CA LYS M 86 -32.81 117.23 74.12
C LYS M 86 -34.29 117.54 73.94
N GLU M 87 -35.14 116.58 74.29
CA GLU M 87 -36.58 116.77 74.12
C GLU M 87 -37.08 117.89 75.01
N ASN M 88 -38.22 118.45 74.63
CA ASN M 88 -38.87 119.47 75.45
C ASN M 88 -39.65 118.81 76.58
N ASN M 89 -39.67 119.48 77.74
CA ASN M 89 -40.43 119.03 78.88
C ASN M 89 -41.58 120.01 79.12
N TYR M 90 -42.79 119.48 79.20
CA TYR M 90 -43.99 120.29 79.37
C TYR M 90 -44.52 120.17 80.79
N GLU M 91 -45.50 121.00 81.10
CA GLU M 91 -46.10 121.02 82.43
C GLU M 91 -47.10 119.88 82.56
N GLY M 92 -46.90 119.00 83.54
CA GLY M 92 -47.79 117.89 83.75
C GLY M 92 -49.06 118.28 84.48
N GLY M 93 -50.03 117.37 84.47
CA GLY M 93 -51.31 117.60 85.11
C GLY M 93 -51.19 117.65 86.63
N PHE M 94 -52.33 117.92 87.25
CA PHE M 94 -52.39 118.02 88.71
C PHE M 94 -53.82 117.72 89.15
N PHE M 95 -54.10 117.99 90.43
CA PHE M 95 -55.39 117.70 91.04
C PHE M 95 -56.06 118.99 91.51
N VAL M 96 -57.38 119.01 91.45
CA VAL M 96 -58.16 120.11 92.02
C VAL M 96 -59.34 119.55 92.81
N LYS M 116 -60.60 114.54 95.28
CA LYS M 116 -60.01 115.33 94.21
C LYS M 116 -60.26 114.69 92.85
N LYS M 117 -60.00 115.44 91.78
CA LYS M 117 -60.19 114.97 90.42
C LYS M 117 -58.98 115.33 89.58
N TRP M 118 -58.72 114.51 88.56
CA TRP M 118 -57.57 114.73 87.69
C TRP M 118 -57.86 115.81 86.67
N VAL M 119 -56.81 116.55 86.31
CA VAL M 119 -56.91 117.66 85.37
C VAL M 119 -55.70 117.61 84.44
N SER M 120 -55.95 117.76 83.14
CA SER M 120 -54.86 117.80 82.17
C SER M 120 -54.00 119.04 82.37
N GLY M 121 -52.70 118.88 82.20
CA GLY M 121 -51.77 119.98 82.36
C GLY M 121 -51.83 120.96 81.19
N PRO M 122 -51.78 122.25 81.50
CA PRO M 122 -51.78 123.26 80.43
C PRO M 122 -50.57 123.11 79.53
N ARG M 123 -50.80 123.20 78.22
CA ARG M 123 -49.77 122.94 77.21
C ARG M 123 -48.77 124.10 77.22
N LYS M 124 -47.86 124.05 78.19
CA LYS M 124 -46.79 125.02 78.30
C LYS M 124 -45.52 124.30 78.71
N ILE M 125 -44.39 124.91 78.38
CA ILE M 125 -43.09 124.34 78.73
C ILE M 125 -42.79 124.65 80.19
N THR M 126 -42.34 123.63 80.93
CA THR M 126 -41.99 123.83 82.32
C THR M 126 -40.75 124.72 82.45
N LYS M 127 -40.50 125.17 83.67
CA LYS M 127 -39.34 126.02 83.94
C LYS M 127 -38.06 125.27 83.62
N GLY M 128 -37.23 125.86 82.78
CA GLY M 128 -36.00 125.20 82.35
C GLY M 128 -36.26 123.92 81.59
N GLY M 129 -37.29 123.90 80.75
CA GLY M 129 -37.68 122.68 80.07
C GLY M 129 -37.41 122.66 78.58
N ASP M 130 -37.31 123.85 77.97
CA ASP M 130 -37.06 123.93 76.54
C ASP M 130 -35.72 123.29 76.20
N GLY M 131 -35.73 122.45 75.17
CA GLY M 131 -34.52 121.79 74.71
C GLY M 131 -34.44 121.81 73.20
N ARG M 132 -33.39 121.18 72.68
CA ARG M 132 -33.18 121.07 71.24
C ARG M 132 -34.09 119.96 70.72
N SER M 133 -35.26 120.33 70.20
CA SER M 133 -36.23 119.36 69.71
C SER M 133 -36.92 119.89 68.47
N PRO M 134 -36.95 119.12 67.38
CA PRO M 134 -37.63 119.56 66.17
C PRO M 134 -39.08 119.12 66.13
N VAL M 135 -39.66 118.84 67.29
CA VAL M 135 -40.99 118.25 67.38
C VAL M 135 -42.02 119.37 67.50
N ILE M 136 -42.79 119.59 66.44
CA ILE M 136 -43.96 120.45 66.48
C ILE M 136 -45.14 119.58 66.91
N ARG M 137 -45.59 119.75 68.15
CA ARG M 137 -46.71 118.95 68.66
C ARG M 137 -48.00 119.58 68.16
N PHE M 138 -48.54 119.03 67.08
CA PHE M 138 -49.79 119.53 66.51
C PHE M 138 -50.99 118.96 67.27
N TYR M 139 -51.96 119.82 67.54
CA TYR M 139 -53.16 119.44 68.26
C TYR M 139 -54.39 119.83 67.44
N TRP M 140 -55.42 118.99 67.51
CA TRP M 140 -56.68 119.21 66.83
C TRP M 140 -57.80 118.62 67.68
N GLY M 141 -59.01 119.08 67.43
CA GLY M 141 -60.15 118.59 68.18
C GLY M 141 -61.44 119.20 67.70
N TYR M 142 -62.52 118.92 68.43
CA TYR M 142 -63.86 119.38 68.10
C TYR M 142 -64.35 120.31 69.20
N ARG M 143 -64.84 121.48 68.79
CA ARG M 143 -65.37 122.48 69.70
C ARG M 143 -66.84 122.72 69.37
N ALA M 144 -67.68 122.78 70.41
CA ALA M 144 -69.11 122.92 70.23
C ALA M 144 -69.50 124.39 70.11
N ALA M 145 -70.44 124.67 69.21
CA ALA M 145 -70.95 126.02 69.06
C ALA M 145 -71.65 126.46 70.34
N ASP M 146 -71.72 127.78 70.53
CA ASP M 146 -72.22 128.35 71.79
C ASP M 146 -73.63 127.88 72.13
N ASN M 147 -74.41 127.45 71.14
CA ASN M 147 -75.81 127.08 71.36
C ASN M 147 -76.06 125.59 71.15
N GLU M 148 -75.01 124.78 71.01
CA GLU M 148 -75.19 123.36 70.71
C GLU M 148 -74.36 122.46 71.62
N THR M 149 -73.98 122.95 72.81
CA THR M 149 -73.15 122.13 73.70
C THR M 149 -73.91 120.93 74.23
N ASP M 150 -75.18 121.12 74.60
CA ASP M 150 -75.95 120.08 75.25
C ASP M 150 -76.72 119.19 74.26
N THR M 151 -76.71 119.53 72.97
CA THR M 151 -77.51 118.78 72.00
C THR M 151 -76.90 117.42 71.67
N TYR M 152 -75.57 117.30 71.69
CA TYR M 152 -74.88 116.09 71.28
C TYR M 152 -74.22 115.45 72.50
N ALA M 153 -74.65 114.24 72.84
CA ALA M 153 -74.23 113.57 74.07
C ALA M 153 -72.82 113.02 73.87
N ILE M 154 -71.85 113.89 74.13
CA ILE M 154 -70.43 113.54 74.04
C ILE M 154 -69.70 114.17 75.22
N PRO M 155 -68.53 113.64 75.57
CA PRO M 155 -67.74 114.26 76.63
C PRO M 155 -67.24 115.63 76.20
N LEU M 156 -67.25 116.56 77.15
CA LEU M 156 -66.84 117.94 76.91
C LEU M 156 -66.09 118.47 78.12
N LYS M 157 -65.28 119.50 77.89
CA LYS M 157 -64.51 120.12 78.96
C LYS M 157 -64.02 121.49 78.50
N ASN M 158 -63.66 122.31 79.48
CA ASN M 158 -63.07 123.61 79.21
C ASN M 158 -61.55 123.48 79.16
N LYS M 159 -60.86 124.59 78.88
CA LYS M 159 -59.41 124.56 78.82
C LYS M 159 -58.79 124.28 80.18
N LYS M 160 -59.53 124.53 81.27
CA LYS M 160 -59.04 124.23 82.60
C LYS M 160 -59.24 122.78 83.00
N GLY M 161 -59.99 122.00 82.23
CA GLY M 161 -60.18 120.60 82.51
C GLY M 161 -61.32 120.31 83.47
N ASP M 162 -62.45 120.99 83.28
CA ASP M 162 -63.63 120.81 84.11
C ASP M 162 -64.72 120.13 83.29
N ASN M 163 -65.33 119.11 83.87
CA ASN M 163 -66.36 118.36 83.15
C ASN M 163 -67.58 119.24 82.89
N TYR M 164 -67.99 119.33 81.63
CA TYR M 164 -69.13 120.16 81.27
C TYR M 164 -70.41 119.69 81.96
N TYR M 165 -70.59 118.38 82.07
CA TYR M 165 -71.77 117.84 82.73
C TYR M 165 -71.71 117.96 84.25
N ASP M 166 -70.57 118.37 84.80
CA ASP M 166 -70.40 118.47 86.25
C ASP M 166 -70.90 119.80 86.81
N LEU M 167 -71.25 120.76 85.96
CA LEU M 167 -71.58 122.09 86.45
C LEU M 167 -73.06 122.40 86.24
N PRO M 168 -73.64 123.26 87.08
CA PRO M 168 -75.02 123.68 86.86
C PRO M 168 -75.15 124.39 85.53
N PRO M 169 -76.34 124.35 84.91
CA PRO M 169 -76.49 124.96 83.58
C PRO M 169 -76.23 126.45 83.54
N GLU M 170 -76.61 127.18 84.59
CA GLU M 170 -76.37 128.62 84.61
C GLU M 170 -74.88 128.94 84.64
N SER M 171 -74.10 128.14 85.39
CA SER M 171 -72.66 128.35 85.42
C SER M 171 -72.01 127.95 84.10
N ARG M 172 -72.61 127.01 83.38
CA ARG M 172 -72.06 126.58 82.10
C ARG M 172 -72.13 127.70 81.08
N LYS M 173 -71.26 127.61 80.06
CA LYS M 173 -71.13 128.54 78.95
C LYS M 173 -70.60 129.91 79.39
N ALA M 174 -70.41 130.13 80.70
CA ALA M 174 -69.74 131.34 81.17
C ALA M 174 -68.35 131.39 80.58
N LYS M 175 -67.43 130.60 81.14
CA LYS M 175 -66.14 130.32 80.53
C LYS M 175 -65.76 128.88 80.83
N GLY M 176 -65.16 128.20 79.86
CA GLY M 176 -64.89 128.80 78.56
C GLY M 176 -65.47 128.03 77.40
N PRO M 177 -64.75 127.99 76.28
CA PRO M 177 -65.20 127.19 75.14
C PRO M 177 -65.20 125.71 75.49
N TRP M 178 -66.25 125.01 75.06
CA TRP M 178 -66.42 123.60 75.35
C TRP M 178 -65.95 122.77 74.16
N PHE M 179 -65.09 121.80 74.43
CA PHE M 179 -64.40 121.07 73.39
C PHE M 179 -64.02 119.69 73.90
N TRP M 180 -63.49 118.87 72.99
CA TRP M 180 -62.90 117.59 73.35
C TRP M 180 -61.73 117.32 72.43
N GLY M 181 -60.59 116.95 73.02
CA GLY M 181 -59.37 116.84 72.25
C GLY M 181 -59.43 115.71 71.24
N GLY M 182 -59.02 116.01 70.00
CA GLY M 182 -59.06 115.01 68.95
C GLY M 182 -60.44 114.59 68.52
N GLY M 183 -61.45 115.33 68.96
CA GLY M 183 -62.82 115.03 68.49
C GLY M 183 -63.39 113.80 69.16
N PRO M 184 -64.73 113.69 69.27
CA PRO M 184 -65.36 112.57 69.95
C PRO M 184 -65.00 111.23 69.31
N PHE M 185 -65.16 110.13 70.04
CA PHE M 185 -64.91 108.79 69.48
C PHE M 185 -66.02 108.43 68.49
N GLN M 186 -65.87 107.33 67.77
CA GLN M 186 -66.93 106.85 66.84
C GLN M 186 -66.96 107.68 65.57
N ASN M 187 -66.77 108.99 65.67
CA ASN M 187 -66.89 109.86 64.47
C ASN M 187 -65.79 109.48 63.48
N GLY M 188 -64.98 108.47 63.81
CA GLY M 188 -63.87 108.05 62.93
C GLY M 188 -64.37 107.59 61.57
N CYS M 189 -63.45 107.24 60.67
CA CYS M 189 -63.86 106.86 59.33
C CYS M 189 -62.70 106.16 58.64
N ASN M 190 -63.04 105.37 57.61
CA ASN M 190 -62.06 104.57 56.89
C ASN M 190 -61.82 105.07 55.47
N GLN M 191 -62.10 106.34 55.20
CA GLN M 191 -61.74 106.98 53.95
C GLN M 191 -61.62 108.48 54.19
N LEU M 192 -61.08 109.18 53.19
CA LEU M 192 -60.82 110.61 53.33
C LEU M 192 -62.01 111.48 52.97
N VAL M 193 -62.97 110.98 52.19
CA VAL M 193 -64.05 111.85 51.73
C VAL M 193 -64.99 112.19 52.88
N SER M 194 -65.12 111.30 53.88
CA SER M 194 -66.00 111.57 55.00
C SER M 194 -65.45 112.67 55.92
N LEU M 195 -64.20 113.11 55.71
CA LEU M 195 -63.68 114.23 56.48
C LEU M 195 -64.35 115.54 56.11
N TRP M 196 -65.00 115.61 54.95
CA TRP M 196 -65.75 116.79 54.53
C TRP M 196 -67.25 116.63 54.75
N SER M 197 -67.67 115.56 55.43
CA SER M 197 -69.09 115.24 55.50
C SER M 197 -69.84 116.24 56.38
N LYS M 198 -71.06 116.56 55.97
CA LYS M 198 -71.99 117.33 56.78
C LYS M 198 -72.79 116.46 57.74
N THR M 199 -72.54 115.15 57.74
CA THR M 199 -73.25 114.21 58.58
C THR M 199 -72.26 113.44 59.44
N GLY M 200 -72.68 113.09 60.66
CA GLY M 200 -71.84 112.40 61.60
C GLY M 200 -72.27 110.96 61.84
N PHE M 201 -71.78 110.40 62.94
CA PHE M 201 -72.11 109.02 63.29
C PHE M 201 -73.58 108.93 63.71
N ASN M 202 -74.22 107.82 63.36
CA ASN M 202 -75.63 107.61 63.63
C ASN M 202 -75.83 106.20 64.19
N ASN M 203 -76.98 106.00 64.83
CA ASN M 203 -77.36 104.68 65.33
C ASN M 203 -78.72 104.26 64.79
N VAL M 210 -69.26 94.99 66.98
CA VAL M 210 -69.20 94.97 65.53
C VAL M 210 -69.80 96.29 64.93
N PRO M 211 -69.33 97.48 65.37
CA PRO M 211 -69.58 98.68 64.58
C PRO M 211 -68.34 99.56 64.46
N LEU M 212 -68.52 100.85 64.21
CA LEU M 212 -67.39 101.78 64.24
C LEU M 212 -67.18 102.26 65.68
N PRO M 213 -66.24 101.66 66.42
CA PRO M 213 -66.24 101.86 67.86
C PRO M 213 -64.93 102.43 68.38
N PHE M 214 -64.58 102.04 69.60
CA PHE M 214 -63.30 102.34 70.22
C PHE M 214 -63.12 101.38 71.39
N SER M 215 -62.05 101.59 72.15
CA SER M 215 -61.85 100.84 73.40
C SER M 215 -62.83 101.33 74.44
N THR M 216 -62.31 101.82 75.58
CA THR M 216 -63.05 102.42 76.70
C THR M 216 -64.57 102.25 76.62
N GLN M 217 -65.02 101.01 76.72
CA GLN M 217 -66.45 100.73 76.69
C GLN M 217 -66.68 99.36 77.33
N VAL M 218 -67.66 98.64 76.82
CA VAL M 218 -67.95 97.28 77.29
C VAL M 218 -68.17 96.40 76.07
N LEU M 219 -67.43 95.29 75.99
CA LEU M 219 -67.51 94.36 74.87
C LEU M 219 -68.79 93.50 74.90
N ASN M 220 -69.83 93.92 75.63
CA ASN M 220 -71.10 93.19 75.75
C ASN M 220 -70.88 91.75 76.20
N ASP M 224 -73.28 100.80 74.01
CA ASP M 224 -74.68 100.96 73.67
C ASP M 224 -75.28 102.20 74.32
N ARG M 225 -74.97 102.41 75.61
CA ARG M 225 -75.50 103.56 76.33
C ARG M 225 -74.73 104.83 75.98
N LEU M 226 -73.41 104.74 75.84
CA LEU M 226 -72.59 105.88 75.46
C LEU M 226 -72.52 106.07 73.95
N LEU M 227 -72.95 105.08 73.16
CA LEU M 227 -72.96 105.19 71.71
C LEU M 227 -74.01 106.19 71.25
N SER M 228 -73.78 107.48 71.49
CA SER M 228 -74.73 108.51 71.12
C SER M 228 -74.44 109.01 69.70
N ASP M 229 -75.37 109.82 69.20
CA ASP M 229 -75.20 110.43 67.89
C ASP M 229 -74.06 111.44 67.96
N ALA M 230 -73.32 111.56 66.85
CA ALA M 230 -72.08 112.31 66.84
C ALA M 230 -72.20 113.58 65.99
N PRO M 231 -71.42 114.61 66.31
CA PRO M 231 -71.40 115.83 65.49
C PRO M 231 -70.92 115.52 64.08
N PRO M 232 -71.22 116.40 63.12
CA PRO M 232 -70.77 116.16 61.74
C PRO M 232 -69.26 116.13 61.65
N ARG M 233 -68.75 115.25 60.79
CA ARG M 233 -67.33 114.92 60.75
C ARG M 233 -66.47 115.99 60.09
N HIS M 234 -67.06 117.07 59.57
CA HIS M 234 -66.26 118.01 58.80
C HIS M 234 -65.25 118.78 59.64
N TYR M 235 -65.33 118.71 60.98
CA TYR M 235 -64.28 119.30 61.79
C TYR M 235 -62.95 118.58 61.62
N TYR M 236 -62.96 117.39 61.02
CA TYR M 236 -61.71 116.79 60.58
C TYR M 236 -61.06 117.62 59.48
N ALA M 237 -61.82 117.94 58.42
CA ALA M 237 -61.26 118.65 57.27
C ALA M 237 -60.65 119.98 57.69
N HIS M 238 -61.37 120.75 58.50
CA HIS M 238 -60.84 122.01 59.02
C HIS M 238 -59.51 121.80 59.73
N ALA M 239 -59.46 120.80 60.63
CA ALA M 239 -58.21 120.47 61.29
C ALA M 239 -57.15 120.07 60.28
N ALA M 240 -57.53 119.27 59.28
CA ALA M 240 -56.59 118.92 58.21
C ALA M 240 -56.13 120.15 57.46
N GLY M 241 -57.06 121.05 57.12
CA GLY M 241 -56.68 122.30 56.49
C GLY M 241 -55.69 123.09 57.31
N ARG M 242 -55.92 123.17 58.63
CA ARG M 242 -54.95 123.81 59.52
C ARG M 242 -53.58 123.18 59.38
N LEU M 243 -53.51 121.85 59.48
CA LEU M 243 -52.24 121.17 59.33
C LEU M 243 -51.60 121.51 57.99
N ALA M 244 -52.39 121.47 56.92
CA ALA M 244 -51.87 121.77 55.59
C ALA M 244 -51.18 123.12 55.55
N LYS M 245 -51.89 124.17 55.98
CA LYS M 245 -51.29 125.51 55.95
C LYS M 245 -50.12 125.61 56.92
N LEU M 246 -50.09 124.76 57.96
CA LEU M 246 -48.91 124.70 58.82
C LEU M 246 -47.67 124.35 58.01
N ILE M 247 -47.72 123.22 57.28
CA ILE M 247 -46.62 122.89 56.37
C ILE M 247 -46.36 124.02 55.40
N LYS M 248 -47.43 124.58 54.82
CA LYS M 248 -47.28 125.71 53.91
C LYS M 248 -46.55 126.86 54.59
N THR M 249 -46.97 127.19 55.83
CA THR M 249 -46.29 128.24 56.58
C THR M 249 -44.82 127.90 56.81
N ILE M 250 -44.51 126.63 57.08
CA ILE M 250 -43.12 126.23 57.22
C ILE M 250 -42.36 126.45 55.92
N ARG M 251 -42.94 126.03 54.79
CA ARG M 251 -42.30 126.25 53.50
C ARG M 251 -42.15 127.72 53.18
N ASN M 252 -42.97 128.59 53.79
CA ASN M 252 -42.80 130.02 53.60
C ASN M 252 -41.60 130.54 54.37
N GLN M 253 -41.38 130.04 55.59
CA GLN M 253 -40.37 130.58 56.49
C GLN M 253 -38.99 129.97 56.26
N HIS M 254 -38.92 128.64 56.14
CA HIS M 254 -37.65 127.94 55.92
C HIS M 254 -37.81 127.02 54.72
N PRO M 255 -37.76 127.56 53.51
CA PRO M 255 -37.93 126.71 52.31
C PRO M 255 -36.85 125.67 52.13
N GLU M 256 -35.66 125.87 52.70
CA GLU M 256 -34.54 124.96 52.53
C GLU M 256 -34.40 124.00 53.70
N ASP M 257 -35.51 123.46 54.19
CA ASP M 257 -35.47 122.61 55.38
C ASP M 257 -36.54 121.54 55.26
N THR M 258 -36.32 120.44 55.98
CA THR M 258 -37.15 119.24 55.84
C THR M 258 -38.31 119.25 56.82
N VAL M 259 -39.47 118.80 56.35
CA VAL M 259 -40.66 118.66 57.17
C VAL M 259 -41.12 117.20 57.11
N THR M 260 -41.50 116.66 58.27
CA THR M 260 -41.84 115.25 58.40
C THR M 260 -43.06 115.10 59.28
N VAL M 261 -44.16 114.63 58.71
CA VAL M 261 -45.41 114.47 59.44
C VAL M 261 -45.50 113.05 59.97
N LEU M 262 -45.71 112.91 61.28
CA LEU M 262 -45.86 111.63 61.96
C LEU M 262 -47.24 111.61 62.61
N SER M 263 -48.16 110.83 62.04
CA SER M 263 -49.56 110.84 62.43
C SER M 263 -50.00 109.46 62.89
N HIS M 264 -50.85 109.43 63.92
CA HIS M 264 -51.33 108.19 64.51
C HIS M 264 -52.84 108.10 64.35
N SER M 265 -53.30 106.92 63.93
CA SER M 265 -54.71 106.62 63.72
C SER M 265 -55.42 107.68 62.90
N GLN M 266 -56.38 108.38 63.51
CA GLN M 266 -57.17 109.37 62.77
C GLN M 266 -56.28 110.45 62.17
N GLY M 267 -55.17 110.79 62.85
CA GLY M 267 -54.29 111.81 62.31
C GLY M 267 -53.76 111.47 60.93
N THR M 268 -53.70 110.19 60.59
CA THR M 268 -53.32 109.79 59.24
C THR M 268 -54.23 110.44 58.22
N MET M 269 -55.55 110.29 58.39
CA MET M 269 -56.53 111.02 57.59
C MET M 269 -56.20 112.50 57.54
N ILE M 270 -56.01 113.10 58.71
CA ILE M 270 -55.59 114.50 58.77
C ILE M 270 -54.32 114.69 57.96
N ALA M 271 -53.33 113.84 58.20
CA ALA M 271 -52.06 113.93 57.47
C ALA M 271 -52.27 113.70 55.98
N LEU M 272 -53.05 112.68 55.60
CA LEU M 272 -53.32 112.43 54.19
C LEU M 272 -54.03 113.61 53.56
N ALA M 273 -55.06 114.14 54.23
CA ALA M 273 -55.76 115.31 53.70
C ALA M 273 -54.84 116.52 53.65
N ALA M 274 -53.92 116.65 54.61
CA ALA M 274 -52.92 117.71 54.55
C ALA M 274 -51.89 117.44 53.46
N ALA M 275 -51.58 116.18 53.20
CA ALA M 275 -50.64 115.85 52.14
C ALA M 275 -51.21 116.19 50.77
N ALA M 276 -52.51 115.99 50.58
CA ALA M 276 -53.12 116.30 49.29
C ALA M 276 -53.17 117.80 49.04
N ILE M 277 -53.18 118.61 50.10
CA ILE M 277 -53.11 120.07 49.98
C ILE M 277 -51.65 120.47 49.85
N GLU M 278 -50.88 120.32 50.92
CA GLU M 278 -49.45 120.63 50.94
C GLU M 278 -48.72 119.41 51.49
N ALA M 279 -48.18 118.58 50.61
CA ALA M 279 -47.52 117.37 51.03
C ALA M 279 -46.23 117.70 51.79
N PRO M 280 -45.91 116.94 52.84
CA PRO M 280 -44.63 117.15 53.52
C PRO M 280 -43.48 116.52 52.76
N ASP M 281 -42.29 116.48 53.36
CA ASP M 281 -41.15 115.82 52.74
C ASP M 281 -41.08 114.34 53.10
N ALA M 282 -41.80 113.91 54.14
CA ALA M 282 -41.86 112.50 54.52
C ALA M 282 -43.09 112.31 55.40
N LEU M 283 -43.97 111.40 55.00
CA LEU M 283 -45.22 111.15 55.69
C LEU M 283 -45.19 109.77 56.34
N PHE M 284 -45.63 109.71 57.60
CA PHE M 284 -45.66 108.47 58.36
C PHE M 284 -47.06 108.29 58.92
N VAL M 285 -47.65 107.11 58.69
CA VAL M 285 -49.01 106.82 59.14
C VAL M 285 -48.97 105.65 60.12
N MET M 286 -49.42 105.89 61.35
CA MET M 286 -49.35 104.92 62.43
C MET M 286 -50.75 104.40 62.70
N ASN M 287 -50.93 103.08 62.57
CA ASN M 287 -52.21 102.43 62.87
C ASN M 287 -53.36 103.11 62.13
N SER M 288 -53.17 103.34 60.84
CA SER M 288 -54.12 104.10 60.06
C SER M 288 -55.41 103.33 59.82
N PRO M 289 -56.55 104.00 59.80
CA PRO M 289 -57.79 103.34 59.40
C PRO M 289 -58.16 103.50 57.93
N TYR M 290 -57.19 103.75 57.05
CA TYR M 290 -57.47 103.87 55.63
C TYR M 290 -57.77 102.50 55.03
N ALA M 291 -59.00 102.28 54.59
CA ALA M 291 -59.44 100.99 54.08
C ALA M 291 -59.42 100.98 52.57
N LEU M 292 -59.00 99.84 52.01
CA LEU M 292 -58.97 99.66 50.56
C LEU M 292 -60.18 98.93 50.02
N GLU M 293 -61.03 98.38 50.90
CA GLU M 293 -62.27 97.74 50.47
C GLU M 293 -63.36 98.07 51.47
N ASN M 294 -64.59 98.20 50.96
CA ASN M 294 -65.73 98.60 51.77
C ASN M 294 -66.24 97.39 52.55
N GLU M 295 -66.08 97.42 53.87
CA GLU M 295 -66.59 96.37 54.72
C GLU M 295 -68.12 96.41 54.74
N PRO M 296 -68.77 95.31 55.09
CA PRO M 296 -70.24 95.35 55.22
C PRO M 296 -70.72 96.40 56.22
N THR M 297 -69.99 96.59 57.32
CA THR M 297 -70.32 97.67 58.24
C THR M 297 -70.11 99.03 57.57
N THR M 298 -69.10 99.15 56.72
CA THR M 298 -68.90 100.38 55.97
C THR M 298 -70.06 100.61 55.00
N TYR M 299 -70.60 99.54 54.43
CA TYR M 299 -71.80 99.66 53.61
C TYR M 299 -72.98 100.16 54.42
N ILE M 300 -73.16 99.64 55.64
CA ILE M 300 -74.36 99.92 56.42
C ILE M 300 -74.30 101.30 57.07
N SER M 301 -73.13 101.69 57.59
CA SER M 301 -73.03 102.92 58.36
C SER M 301 -72.96 104.14 57.46
N TYR M 302 -71.91 104.24 56.65
CA TYR M 302 -71.67 105.46 55.89
C TYR M 302 -72.77 105.65 54.84
N PRO M 303 -73.05 106.89 54.45
CA PRO M 303 -74.12 107.16 53.49
C PRO M 303 -73.64 106.90 52.06
N ILE M 304 -74.58 107.03 51.12
CA ILE M 304 -74.32 106.65 49.73
C ILE M 304 -73.17 107.45 49.16
N LYS M 305 -73.17 108.77 49.38
CA LYS M 305 -72.13 109.62 48.81
C LYS M 305 -70.75 109.35 49.39
N GLU M 306 -70.65 108.58 50.47
CA GLU M 306 -69.39 108.35 51.16
C GLU M 306 -69.13 106.86 51.35
N ILE M 307 -69.29 106.09 50.27
CA ILE M 307 -68.90 104.68 50.23
C ILE M 307 -68.02 104.53 48.99
N ILE M 308 -66.72 104.79 49.15
CA ILE M 308 -65.82 104.94 48.03
C ILE M 308 -65.43 103.58 47.48
N SER M 309 -65.38 103.47 46.15
CA SER M 309 -65.00 102.24 45.49
C SER M 309 -63.53 101.91 45.76
N ARG M 310 -63.20 100.62 45.64
CA ARG M 310 -61.86 100.17 45.96
C ARG M 310 -60.82 100.84 45.06
N LYS M 311 -61.09 100.92 43.77
CA LYS M 311 -60.15 101.54 42.84
C LYS M 311 -59.93 103.01 43.19
N ALA M 312 -60.98 103.71 43.60
CA ALA M 312 -60.85 105.12 43.94
C ALA M 312 -60.07 105.30 45.24
N ARG M 313 -60.26 104.40 46.21
CA ARG M 313 -59.50 104.46 47.44
C ARG M 313 -58.01 104.25 47.17
N SER M 314 -57.68 103.20 46.43
CA SER M 314 -56.28 102.92 46.11
C SER M 314 -55.67 104.05 45.30
N ALA M 315 -56.45 104.64 44.39
CA ALA M 315 -55.94 105.74 43.58
C ALA M 315 -55.67 106.98 44.43
N THR M 316 -56.58 107.28 45.36
CA THR M 316 -56.39 108.41 46.27
C THR M 316 -55.10 108.25 47.06
N PHE M 317 -54.90 107.09 47.67
CA PHE M 317 -53.69 106.85 48.44
C PHE M 317 -52.45 106.92 47.56
N ALA M 318 -52.50 106.30 46.37
CA ALA M 318 -51.34 106.28 45.50
C ALA M 318 -50.95 107.69 45.06
N ASP M 319 -51.94 108.51 44.69
CA ASP M 319 -51.63 109.86 44.25
C ASP M 319 -51.12 110.73 45.40
N ILE M 320 -51.60 110.49 46.62
CA ILE M 320 -51.06 111.19 47.77
C ILE M 320 -49.60 110.82 47.98
N VAL M 321 -49.28 109.53 47.84
CA VAL M 321 -47.89 109.09 47.97
C VAL M 321 -47.03 109.70 46.89
N LYS M 322 -47.55 109.77 45.65
CA LYS M 322 -46.80 110.38 44.56
C LYS M 322 -46.56 111.86 44.81
N LYS M 323 -47.56 112.56 45.35
CA LYS M 323 -47.38 113.98 45.66
C LYS M 323 -46.31 114.17 46.72
N VAL M 324 -46.29 113.30 47.72
CA VAL M 324 -45.22 113.36 48.72
C VAL M 324 -43.88 113.04 48.06
N ALA M 325 -43.86 112.04 47.17
CA ALA M 325 -42.62 111.65 46.51
C ALA M 325 -42.07 112.77 45.64
N GLU M 326 -42.94 113.64 45.13
CA GLU M 326 -42.49 114.78 44.32
C GLU M 326 -41.47 115.64 45.05
N ASN M 327 -41.42 115.56 46.38
CA ASN M 327 -40.49 116.33 47.19
C ASN M 327 -39.10 115.70 47.27
N LYS M 328 -38.85 114.61 46.54
CA LYS M 328 -37.53 114.01 46.53
C LYS M 328 -36.47 114.99 46.03
N THR M 329 -36.87 115.94 45.20
CA THR M 329 -35.97 116.95 44.68
C THR M 329 -36.10 118.27 45.45
N TRP M 350 -24.89 118.02 55.06
CA TRP M 350 -24.92 116.58 55.30
C TRP M 350 -24.88 115.81 53.99
N ILE M 351 -24.10 114.74 53.95
CA ILE M 351 -24.00 113.89 52.76
C ILE M 351 -24.40 112.47 53.12
N PRO M 352 -25.18 111.78 52.28
CA PRO M 352 -25.50 110.38 52.52
C PRO M 352 -24.39 109.40 52.15
N GLU M 353 -23.18 109.88 51.89
CA GLU M 353 -22.10 109.00 51.50
C GLU M 353 -21.47 108.29 52.69
N GLY M 354 -21.37 108.98 53.83
CA GLY M 354 -20.74 108.39 55.01
C GLY M 354 -21.61 107.29 55.58
N LYS M 355 -21.02 106.12 55.80
CA LYS M 355 -21.73 104.99 56.36
C LYS M 355 -22.01 105.21 57.84
N THR M 356 -22.97 104.43 58.36
CA THR M 356 -23.37 104.54 59.75
C THR M 356 -22.34 103.82 60.64
N HIS M 357 -22.70 103.59 61.90
CA HIS M 357 -21.80 102.90 62.81
C HIS M 357 -21.70 101.42 62.49
N ASN M 358 -22.80 100.81 62.03
CA ASN M 358 -22.85 99.37 61.75
C ASN M 358 -22.71 99.06 60.27
N GLY M 359 -21.82 99.76 59.57
CA GLY M 359 -21.49 99.41 58.20
C GLY M 359 -22.62 99.48 57.21
N LEU M 360 -23.69 100.21 57.53
CA LEU M 360 -24.78 100.40 56.60
C LEU M 360 -24.81 101.84 56.10
N PRO M 361 -24.94 102.06 54.80
CA PRO M 361 -24.91 103.44 54.29
C PRO M 361 -26.18 104.19 54.64
N GLU M 362 -26.02 105.40 55.16
CA GLU M 362 -27.17 106.24 55.48
C GLU M 362 -27.95 106.55 54.21
N ARG M 363 -29.27 106.55 54.32
CA ARG M 363 -30.15 106.70 53.16
C ARG M 363 -30.85 108.05 53.22
N ASP M 364 -30.88 108.74 52.08
CA ASP M 364 -31.74 109.90 51.93
C ASP M 364 -33.20 109.44 51.90
N ASN M 365 -34.04 110.06 52.72
CA ASN M 365 -35.39 109.56 52.94
C ASN M 365 -36.45 110.58 52.53
N HIS M 366 -36.13 111.45 51.58
CA HIS M 366 -37.11 112.44 51.14
C HIS M 366 -38.22 111.77 50.32
N GLY M 367 -39.41 112.37 50.40
CA GLY M 367 -40.54 111.92 49.60
C GLY M 367 -41.04 110.53 49.91
N THR M 368 -40.66 109.97 51.04
CA THR M 368 -41.03 108.60 51.39
C THR M 368 -42.26 108.60 52.29
N THR M 369 -43.19 107.69 51.98
CA THR M 369 -44.37 107.46 52.80
C THR M 369 -44.22 106.13 53.51
N TRP M 370 -44.54 106.10 54.81
CA TRP M 370 -44.34 104.91 55.64
C TRP M 370 -45.66 104.53 56.30
N ILE M 371 -45.99 103.24 56.23
CA ILE M 371 -47.18 102.69 56.88
C ILE M 371 -46.71 101.74 57.96
N TYR M 372 -47.08 102.04 59.21
CA TYR M 372 -46.74 101.22 60.35
C TYR M 372 -47.98 100.47 60.83
N CYS M 373 -47.88 99.15 60.97
CA CYS M 373 -49.02 98.31 61.28
C CYS M 373 -48.73 97.46 62.51
N ASN M 374 -49.79 97.19 63.28
CA ASN M 374 -49.71 96.39 64.49
C ASN M 374 -50.77 95.30 64.39
N PRO M 375 -50.39 94.02 64.38
CA PRO M 375 -51.37 92.94 64.25
C PRO M 375 -52.18 92.65 65.51
N HIS M 376 -52.02 93.44 66.57
CA HIS M 376 -52.79 93.24 67.80
C HIS M 376 -53.66 94.45 68.13
N ASP M 377 -53.78 95.41 67.23
CA ASP M 377 -54.56 96.62 67.47
C ASP M 377 -56.03 96.24 67.56
N ARG M 378 -56.54 96.14 68.80
CA ARG M 378 -57.88 95.62 69.02
C ARG M 378 -58.95 96.47 68.33
N VAL M 379 -58.80 97.80 68.38
CA VAL M 379 -59.71 98.65 67.63
C VAL M 379 -59.52 98.45 66.14
N MET M 380 -58.28 98.28 65.71
CA MET M 380 -57.99 98.37 64.28
C MET M 380 -58.22 97.05 63.56
N GLY M 381 -57.90 95.93 64.21
CA GLY M 381 -58.15 94.62 63.63
C GLY M 381 -59.58 94.15 63.71
N SER M 382 -60.48 94.97 64.23
CA SER M 382 -61.88 94.60 64.35
C SER M 382 -62.51 94.44 62.98
N SER M 383 -63.53 93.59 62.91
CA SER M 383 -64.23 93.32 61.66
C SER M 383 -64.72 94.56 60.92
N PRO M 384 -65.24 95.60 61.58
CA PRO M 384 -65.69 96.77 60.81
C PRO M 384 -64.57 97.51 60.10
N LEU M 385 -63.37 97.53 60.67
CA LEU M 385 -62.25 98.28 60.06
C LEU M 385 -61.42 97.37 59.16
N ARG M 386 -60.60 96.51 59.75
CA ARG M 386 -59.71 95.60 59.02
C ARG M 386 -58.91 96.35 57.96
N SER M 387 -58.18 97.37 58.40
CA SER M 387 -57.51 98.29 57.51
C SER M 387 -55.99 98.17 57.62
N ILE M 388 -55.31 99.05 56.87
CA ILE M 388 -53.86 98.95 56.69
C ILE M 388 -53.10 99.21 57.98
N GLY M 389 -53.68 99.94 58.93
CA GLY M 389 -53.01 100.10 60.21
C GLY M 389 -52.84 98.81 60.99
N TRP M 390 -53.53 97.75 60.58
CA TRP M 390 -53.46 96.46 61.23
C TRP M 390 -52.81 95.41 60.33
N GLN M 391 -53.36 95.19 59.15
CA GLN M 391 -52.87 94.17 58.23
C GLN M 391 -51.87 94.72 57.21
N GLY M 392 -51.52 96.00 57.29
CA GLY M 392 -50.55 96.56 56.36
C GLY M 392 -51.00 96.45 54.92
N LEU M 393 -50.08 96.03 54.07
CA LEU M 393 -50.38 95.76 52.67
C LEU M 393 -50.26 94.25 52.44
N PRO M 394 -51.29 93.48 52.77
CA PRO M 394 -51.17 92.02 52.69
C PRO M 394 -51.01 91.55 51.26
N ASP M 395 -50.36 90.39 51.11
CA ASP M 395 -50.00 89.91 49.79
C ASP M 395 -51.22 89.28 49.11
N THR M 396 -51.06 89.00 47.82
CA THR M 396 -52.13 88.40 47.04
C THR M 396 -52.30 86.93 47.44
N LYS M 397 -53.27 86.28 46.82
CA LYS M 397 -53.53 84.87 47.11
C LYS M 397 -52.39 83.97 46.66
N ASP M 398 -51.58 84.41 45.70
CA ASP M 398 -50.50 83.59 45.16
C ASP M 398 -49.12 84.02 45.64
N GLY M 399 -49.05 84.99 46.55
CA GLY M 399 -47.79 85.44 47.09
C GLY M 399 -47.25 86.72 46.49
N THR M 400 -47.81 87.18 45.39
CA THR M 400 -47.38 88.44 44.81
C THR M 400 -47.70 89.58 45.78
N PRO M 401 -46.79 90.54 45.96
CA PRO M 401 -47.05 91.67 46.84
C PRO M 401 -48.29 92.46 46.42
N HIS M 402 -48.69 93.38 47.29
CA HIS M 402 -49.89 94.17 47.05
C HIS M 402 -49.74 95.05 45.82
N THR M 403 -50.87 95.35 45.18
CA THR M 403 -50.85 96.17 43.97
C THR M 403 -50.46 97.62 44.27
N LEU M 404 -50.78 98.11 45.47
CA LEU M 404 -50.49 99.50 45.81
C LEU M 404 -49.00 99.79 45.82
N PHE M 405 -48.16 98.77 45.94
CA PHE M 405 -46.72 98.98 45.83
C PHE M 405 -46.35 99.53 44.45
N LYS M 406 -46.93 98.94 43.40
CA LYS M 406 -46.72 99.47 42.06
C LYS M 406 -47.54 100.73 41.83
N GLN M 407 -48.69 100.85 42.50
CA GLN M 407 -49.55 102.01 42.29
C GLN M 407 -48.92 103.28 42.83
N ALA M 408 -48.29 103.20 43.99
CA ALA M 408 -47.71 104.39 44.62
C ALA M 408 -46.31 104.69 44.11
N GLY M 409 -45.48 103.66 43.92
CA GLY M 409 -44.12 103.83 43.45
C GLY M 409 -43.14 103.15 44.38
N ASP M 410 -41.89 103.60 44.34
CA ASP M 410 -40.83 103.04 45.16
C ASP M 410 -40.57 103.86 46.41
N THR M 411 -41.51 104.72 46.80
CA THR M 411 -41.39 105.47 48.04
C THR M 411 -42.30 104.95 49.15
N LEU M 412 -43.33 104.18 48.80
CA LEU M 412 -44.18 103.59 49.82
C LEU M 412 -43.47 102.44 50.53
N TYR M 413 -43.50 102.46 51.85
CA TYR M 413 -42.86 101.45 52.66
C TYR M 413 -43.79 101.02 53.78
N VAL M 414 -43.66 99.75 54.19
CA VAL M 414 -44.53 99.15 55.20
C VAL M 414 -43.66 98.47 56.25
N ARG M 415 -43.93 98.77 57.52
CA ARG M 415 -43.27 98.10 58.64
C ARG M 415 -44.31 97.53 59.58
N ILE M 416 -43.94 96.45 60.27
CA ILE M 416 -44.83 95.76 61.18
C ILE M 416 -44.18 95.69 62.56
N LEU M 417 -45.01 95.78 63.60
CA LEU M 417 -44.56 95.67 64.98
C LEU M 417 -45.51 94.70 65.68
N GLY M 418 -45.06 93.46 65.86
CA GLY M 418 -45.86 92.45 66.52
C GLY M 418 -44.98 91.48 67.28
N ARG M 419 -45.63 90.66 68.10
CA ARG M 419 -44.90 89.71 68.92
C ARG M 419 -44.23 88.65 68.06
N ASN M 420 -43.03 88.23 68.47
CA ASN M 420 -42.25 87.22 67.75
C ASN M 420 -42.08 87.60 66.28
N THR M 421 -41.99 88.90 66.01
CA THR M 421 -41.87 89.40 64.64
C THR M 421 -40.79 90.46 64.58
N PRO M 422 -39.67 90.20 63.92
CA PRO M 422 -38.58 91.18 63.89
C PRO M 422 -39.01 92.47 63.20
N CYS M 423 -38.53 93.59 63.73
CA CYS M 423 -38.77 94.89 63.14
C CYS M 423 -37.43 95.61 62.98
N GLY M 424 -37.19 96.15 61.79
CA GLY M 424 -35.93 96.77 61.48
C GLY M 424 -34.90 95.85 60.85
N GLY M 425 -35.25 94.59 60.62
CA GLY M 425 -34.33 93.63 60.04
C GLY M 425 -34.33 93.69 58.52
N THR M 426 -33.68 92.70 57.93
CA THR M 426 -33.61 92.61 56.47
C THR M 426 -35.01 92.45 55.91
N PRO M 427 -35.34 93.15 54.81
CA PRO M 427 -36.65 92.97 54.19
C PRO M 427 -36.94 91.50 53.88
N THR M 428 -38.20 91.10 54.04
CA THR M 428 -38.62 89.73 53.81
C THR M 428 -39.93 89.74 53.04
N ALA M 429 -40.03 88.85 52.05
CA ALA M 429 -41.15 88.89 51.11
C ALA M 429 -42.46 88.46 51.77
N GLN M 430 -42.54 87.22 52.22
CA GLN M 430 -43.75 86.72 52.85
C GLN M 430 -43.56 86.61 54.36
N THR M 431 -43.56 87.79 55.00
CA THR M 431 -43.50 87.83 56.45
C THR M 431 -44.80 87.29 57.04
N HIS M 432 -44.67 86.56 58.14
CA HIS M 432 -45.82 85.89 58.74
C HIS M 432 -46.76 86.91 59.37
N PHE M 433 -48.06 86.72 59.13
CA PHE M 433 -49.10 87.54 59.72
C PHE M 433 -50.11 86.72 60.50
N SER M 434 -50.70 85.69 59.86
CA SER M 434 -51.72 84.89 60.53
C SER M 434 -51.10 83.88 61.49
N ASN M 435 -50.01 83.25 61.09
CA ASN M 435 -49.31 82.28 61.92
C ASN M 435 -48.10 82.98 62.54
N LEU M 436 -48.30 83.55 63.73
CA LEU M 436 -47.27 84.38 64.35
C LEU M 436 -46.10 83.57 64.90
N GLY M 437 -46.18 82.24 64.90
CA GLY M 437 -45.05 81.40 65.19
C GLY M 437 -44.82 81.06 66.65
N ASP M 438 -45.46 81.77 67.57
CA ASP M 438 -45.27 81.50 69.00
C ASP M 438 -46.31 80.54 69.58
N GLY M 439 -47.20 80.00 68.75
CA GLY M 439 -48.10 79.00 69.24
C GLY M 439 -49.38 79.59 69.80
N LYS M 440 -49.27 80.70 70.51
CA LYS M 440 -50.45 81.35 71.06
C LYS M 440 -51.34 81.85 69.92
N PRO M 441 -52.67 81.84 70.11
CA PRO M 441 -53.58 82.27 69.05
C PRO M 441 -53.33 83.72 68.65
N PHE M 442 -53.89 84.09 67.49
CA PHE M 442 -53.65 85.41 66.94
C PHE M 442 -54.16 86.50 67.88
N TRP M 443 -55.38 86.34 68.38
CA TRP M 443 -56.00 87.31 69.26
C TRP M 443 -55.81 86.86 70.70
N ASP M 444 -55.21 87.72 71.53
CA ASP M 444 -54.96 87.38 72.92
C ASP M 444 -56.29 87.30 73.67
N SER M 445 -56.61 86.10 74.17
CA SER M 445 -57.80 85.86 74.98
C SER M 445 -59.08 86.31 74.26
N THR M 446 -59.31 85.73 73.09
CA THR M 446 -60.55 85.91 72.33
C THR M 446 -61.17 84.53 72.19
N THR M 447 -62.07 84.20 73.12
CA THR M 447 -62.63 82.86 73.23
C THR M 447 -64.10 82.79 72.83
N THR M 448 -64.94 83.68 73.36
CA THR M 448 -66.37 83.57 73.13
C THR M 448 -66.72 83.82 71.66
N LEU M 449 -67.93 83.41 71.29
CA LEU M 449 -68.36 83.52 69.90
C LEU M 449 -68.50 84.98 69.48
N LEU M 450 -69.08 85.82 70.34
CA LEU M 450 -69.18 87.24 70.01
C LEU M 450 -67.82 87.90 69.97
N GLN M 451 -66.92 87.50 70.86
CA GLN M 451 -65.56 88.05 70.84
C GLN M 451 -64.86 87.71 69.52
N ARG M 452 -65.07 86.49 69.02
CA ARG M 452 -64.46 86.11 67.75
C ARG M 452 -65.15 86.79 66.58
N ALA M 453 -66.46 87.07 66.69
CA ALA M 453 -67.16 87.76 65.62
C ALA M 453 -66.69 89.22 65.51
N THR M 454 -66.45 89.87 66.64
CA THR M 454 -65.94 91.24 66.62
C THR M 454 -64.51 91.30 66.11
N TRP M 455 -63.72 90.26 66.39
CA TRP M 455 -62.32 90.19 65.96
C TRP M 455 -62.09 88.87 65.24
N PRO M 456 -62.54 88.76 63.98
CA PRO M 456 -62.28 87.53 63.23
C PRO M 456 -60.79 87.39 62.93
N ASP M 457 -60.31 86.15 62.99
CA ASP M 457 -58.92 85.88 62.71
C ASP M 457 -58.59 86.27 61.26
N PRO M 458 -57.33 86.61 60.98
CA PRO M 458 -56.96 86.96 59.61
C PRO M 458 -57.15 85.77 58.67
N ASP M 459 -57.12 86.07 57.38
CA ASP M 459 -57.34 85.04 56.37
C ASP M 459 -56.28 83.95 56.48
N SER M 460 -56.63 82.76 55.99
CA SER M 460 -55.77 81.59 56.08
C SER M 460 -54.42 81.83 55.42
N GLY M 461 -53.36 81.93 56.22
CA GLY M 461 -52.03 82.12 55.69
C GLY M 461 -51.78 83.48 55.08
N GLN M 462 -52.40 84.53 55.60
CA GLN M 462 -52.14 85.87 55.09
C GLN M 462 -50.70 86.27 55.36
N THR M 463 -50.08 86.91 54.36
CA THR M 463 -48.67 87.26 54.43
C THR M 463 -48.48 88.74 54.10
N LEU M 464 -47.41 89.31 54.64
CA LEU M 464 -47.06 90.71 54.46
C LEU M 464 -45.70 90.83 53.80
N THR M 465 -45.54 91.84 52.94
CA THR M 465 -44.24 92.22 52.42
C THR M 465 -43.69 93.37 53.25
N ILE M 466 -42.48 93.20 53.76
CA ILE M 466 -41.77 94.26 54.47
C ILE M 466 -40.66 94.77 53.57
N ASN M 467 -40.96 95.80 52.77
CA ASN M 467 -39.98 96.35 51.84
C ASN M 467 -39.10 97.43 52.46
N ALA M 468 -39.38 97.84 53.69
CA ALA M 468 -38.56 98.85 54.35
C ALA M 468 -37.14 98.30 54.58
N PRO M 469 -36.13 99.16 54.56
CA PRO M 469 -34.75 98.68 54.68
C PRO M 469 -34.36 98.31 56.10
N GLN M 470 -33.09 97.99 56.30
CA GLN M 470 -32.57 97.54 57.58
C GLN M 470 -32.08 98.72 58.40
N VAL M 471 -31.97 98.51 59.71
CA VAL M 471 -31.43 99.51 60.63
C VAL M 471 -30.29 98.87 61.41
N PRO M 472 -29.36 99.68 61.92
CA PRO M 472 -28.16 99.10 62.57
C PRO M 472 -28.46 98.27 63.80
N GLU M 473 -29.53 98.56 64.53
CA GLU M 473 -29.90 97.83 65.73
C GLU M 473 -31.35 97.38 65.61
N PRO M 474 -31.62 96.34 64.82
CA PRO M 474 -33.01 95.91 64.63
C PRO M 474 -33.59 95.28 65.89
N LEU M 475 -34.92 95.28 65.95
CA LEU M 475 -35.63 94.69 67.07
C LEU M 475 -35.73 93.17 66.86
N THR M 476 -35.16 92.40 67.77
CA THR M 476 -35.21 90.96 67.66
C THR M 476 -36.62 90.45 68.02
N ALA M 477 -36.99 89.33 67.40
CA ALA M 477 -38.26 88.71 67.73
C ALA M 477 -38.33 88.34 69.20
N GLU M 478 -37.19 87.92 69.77
CA GLU M 478 -37.14 87.61 71.19
C GLU M 478 -37.40 88.85 72.04
N GLU M 479 -36.95 90.02 71.58
CA GLU M 479 -37.25 91.26 72.30
C GLU M 479 -38.73 91.57 72.28
N LEU M 480 -39.43 91.18 71.23
CA LEU M 480 -40.86 91.43 71.11
C LEU M 480 -41.71 90.23 71.50
N LYS M 481 -41.10 89.20 72.10
CA LYS M 481 -41.88 88.05 72.56
C LYS M 481 -43.02 88.49 73.47
N ASN M 482 -42.75 89.43 74.37
CA ASN M 482 -43.79 90.02 75.21
C ASN M 482 -44.10 91.41 74.66
N PHE M 483 -44.94 91.43 73.63
CA PHE M 483 -45.43 92.67 73.05
C PHE M 483 -46.95 92.73 72.98
N ASP M 484 -47.60 91.62 72.66
CA ASP M 484 -49.05 91.55 72.69
C ASP M 484 -49.52 91.65 74.14
N GLN M 485 -50.10 92.79 74.51
CA GLN M 485 -50.54 93.01 75.88
C GLN M 485 -51.97 92.51 76.05
N ASP M 486 -52.17 91.66 77.05
CA ASP M 486 -53.44 91.02 77.35
C ASP M 486 -53.89 91.40 78.75
N TYR M 487 -55.04 90.87 79.17
CA TYR M 487 -55.54 91.04 80.52
C TYR M 487 -54.47 90.68 81.54
N ALA M 488 -54.08 91.65 82.36
CA ALA M 488 -53.21 91.34 83.49
C ALA M 488 -53.97 90.69 84.63
N ARG M 489 -55.29 90.91 84.71
CA ARG M 489 -56.12 90.44 85.81
C ARG M 489 -57.59 90.71 85.51
N ASP M 490 -58.35 89.67 85.18
CA ASP M 490 -59.77 89.81 84.85
C ASP M 490 -60.63 89.04 85.85
N GLU M 491 -60.28 89.11 87.13
CA GLU M 491 -61.08 88.55 88.19
C GLU M 491 -62.02 89.61 88.77
N LYS M 492 -62.89 89.18 89.68
CA LYS M 492 -63.84 90.10 90.29
C LYS M 492 -63.11 91.14 91.13
N GLN M 493 -63.61 92.37 91.08
CA GLN M 493 -63.01 93.51 91.77
C GLN M 493 -63.86 93.90 92.98
N SER M 494 -63.23 94.62 93.91
CA SER M 494 -63.93 95.04 95.12
C SER M 494 -64.99 96.08 94.80
N GLY M 495 -64.61 97.15 94.11
CA GLY M 495 -65.53 98.24 93.81
C GLY M 495 -64.90 99.59 94.07
N GLY M 496 -63.99 99.63 95.03
CA GLY M 496 -63.23 100.84 95.32
C GLY M 496 -61.74 100.58 95.35
N ALA M 497 -61.36 99.35 95.69
CA ALA M 497 -59.96 98.92 95.75
C ALA M 497 -59.77 97.82 94.71
N GLY M 498 -59.31 98.21 93.52
CA GLY M 498 -59.08 97.25 92.46
C GLY M 498 -58.51 97.95 91.24
N TYR M 499 -58.36 97.17 90.17
CA TYR M 499 -57.80 97.64 88.91
C TYR M 499 -58.86 97.48 87.82
N ALA M 500 -59.68 98.50 87.63
CA ALA M 500 -60.73 98.49 86.62
C ALA M 500 -60.96 99.92 86.13
N TYR M 501 -62.00 100.10 85.33
CA TYR M 501 -62.21 101.37 84.64
C TYR M 501 -62.47 102.50 85.64
N GLY M 502 -63.38 102.27 86.59
CA GLY M 502 -63.72 103.30 87.56
C GLY M 502 -63.26 102.98 88.97
N GLN M 503 -62.02 102.57 89.12
CA GLN M 503 -61.45 102.19 90.41
C GLN M 503 -60.25 103.08 90.74
N ILE M 504 -59.53 102.71 91.79
CA ILE M 504 -58.32 103.40 92.22
C ILE M 504 -57.18 102.38 92.19
N ASN M 505 -56.12 102.71 91.46
CA ASN M 505 -54.96 101.84 91.36
C ASN M 505 -54.28 101.75 92.71
N PRO M 506 -54.17 100.56 93.32
CA PRO M 506 -53.66 100.49 94.70
C PRO M 506 -52.16 100.73 94.83
N GLU M 507 -51.36 100.29 93.86
CA GLU M 507 -49.92 100.51 93.98
C GLU M 507 -49.50 101.95 93.72
N THR M 508 -50.42 102.81 93.25
CA THR M 508 -50.11 104.21 93.02
C THR M 508 -51.05 105.17 93.74
N LYS M 509 -52.13 104.68 94.34
CA LYS M 509 -53.15 105.54 94.96
C LYS M 509 -53.66 106.58 93.96
N LYS M 510 -53.80 106.16 92.71
CA LYS M 510 -54.22 107.01 91.61
C LYS M 510 -55.36 106.34 90.87
N PRO M 511 -56.18 107.11 90.14
CA PRO M 511 -57.21 106.49 89.32
C PRO M 511 -56.60 105.64 88.21
N VAL M 512 -57.22 104.50 87.95
CA VAL M 512 -56.71 103.58 86.94
C VAL M 512 -56.76 104.24 85.55
N ASP M 513 -57.92 104.76 85.18
CA ASP M 513 -58.10 105.47 83.92
C ASP M 513 -58.59 106.88 84.23
N THR M 514 -57.78 107.88 83.87
CA THR M 514 -58.14 109.27 84.12
C THR M 514 -59.37 109.69 83.31
N ASP M 515 -59.66 109.00 82.20
CA ASP M 515 -60.82 109.33 81.37
C ASP M 515 -62.14 108.99 82.04
N TYR M 516 -62.12 108.30 83.17
CA TYR M 516 -63.34 107.76 83.75
C TYR M 516 -64.32 108.86 84.14
N ARG M 517 -63.82 109.88 84.87
CA ARG M 517 -64.72 110.90 85.41
C ARG M 517 -65.38 111.71 84.30
N TYR M 518 -64.70 111.91 83.17
CA TYR M 518 -65.33 112.60 82.05
C TYR M 518 -66.33 111.69 81.33
N TYR M 519 -66.03 110.40 81.26
CA TYR M 519 -66.81 109.47 80.44
C TYR M 519 -68.00 108.88 81.18
N ILE M 520 -68.03 108.95 82.51
CA ILE M 520 -69.11 108.33 83.25
C ILE M 520 -70.45 109.05 83.04
N SER M 521 -70.42 110.33 82.68
CA SER M 521 -71.65 111.07 82.44
C SER M 521 -72.27 110.69 81.10
N GLN M 557 -83.06 100.76 85.22
CA GLN M 557 -82.36 100.12 86.32
C GLN M 557 -80.93 100.64 86.46
N GLU M 558 -80.73 101.58 87.38
CA GLU M 558 -79.39 102.09 87.66
C GLU M 558 -78.60 101.07 88.48
N GLU M 559 -77.97 101.51 89.57
CA GLU M 559 -77.09 100.66 90.37
C GLU M 559 -76.00 100.10 89.48
N MET M 560 -76.32 99.05 88.72
CA MET M 560 -75.49 98.67 87.60
C MET M 560 -75.58 99.75 86.54
N LEU M 561 -74.77 99.61 85.48
CA LEU M 561 -74.57 100.69 84.50
C LEU M 561 -74.21 101.99 85.24
N GLU M 562 -73.44 101.82 86.32
CA GLU M 562 -73.12 102.87 87.29
C GLU M 562 -72.19 102.24 88.32
N GLU M 563 -72.36 100.94 88.57
CA GLU M 563 -71.44 100.12 89.34
C GLU M 563 -70.64 99.15 88.49
N VAL M 564 -71.27 98.51 87.50
CA VAL M 564 -70.56 97.65 86.55
C VAL M 564 -69.44 98.41 85.84
N ARG M 565 -69.47 99.75 85.89
CA ARG M 565 -68.32 100.57 85.51
C ARG M 565 -67.00 100.04 86.08
N THR M 566 -67.05 99.12 87.05
CA THR M 566 -65.90 98.33 87.47
C THR M 566 -65.48 97.32 86.40
N TYR M 567 -65.94 97.53 85.17
CA TYR M 567 -65.56 96.67 84.05
C TYR M 567 -64.04 96.62 83.90
N VAL M 568 -63.50 95.42 83.85
CA VAL M 568 -62.07 95.26 83.58
C VAL M 568 -61.83 95.55 82.10
N GLN M 569 -61.18 96.68 81.82
CA GLN M 569 -61.05 97.15 80.46
C GLN M 569 -60.09 96.25 79.67
N ARG M 570 -60.41 96.07 78.39
CA ARG M 570 -59.59 95.21 77.53
C ARG M 570 -58.41 95.99 76.98
N PRO M 571 -57.17 95.53 77.18
CA PRO M 571 -56.02 96.22 76.58
C PRO M 571 -56.09 96.15 75.06
N THR M 572 -56.10 97.32 74.43
CA THR M 572 -56.15 97.44 72.98
C THR M 572 -54.79 97.92 72.51
N ASP M 573 -54.01 97.01 71.91
CA ASP M 573 -52.64 97.31 71.48
C ASP M 573 -52.63 98.36 70.38
N HIS M 574 -53.19 99.54 70.66
CA HIS M 574 -53.35 100.61 69.69
C HIS M 574 -52.32 101.72 69.86
N SER M 575 -51.95 102.04 71.10
CA SER M 575 -50.91 103.02 71.39
C SER M 575 -49.56 102.39 71.65
N THR M 576 -49.47 101.06 71.71
CA THR M 576 -48.20 100.41 71.97
C THR M 576 -47.20 100.68 70.85
N LEU M 577 -47.68 100.75 69.61
CA LEU M 577 -46.77 100.93 68.48
C LEU M 577 -46.11 102.30 68.48
N PRO M 578 -46.84 103.42 68.65
CA PRO M 578 -46.13 104.71 68.73
C PRO M 578 -45.38 104.91 70.03
N SER M 579 -45.93 104.46 71.15
CA SER M 579 -45.34 104.72 72.46
C SER M 579 -44.07 103.91 72.70
N ASP M 580 -43.76 102.94 71.85
CA ASP M 580 -42.62 102.06 72.10
C ASP M 580 -41.32 102.83 71.89
N GLU M 581 -40.52 102.91 72.95
CA GLU M 581 -39.24 103.62 72.86
C GLU M 581 -38.29 102.94 71.89
N ARG M 582 -38.26 101.60 71.91
CA ARG M 582 -37.34 100.87 71.03
C ARG M 582 -37.64 101.12 69.57
N PHE M 583 -38.92 101.17 69.22
CA PHE M 583 -39.31 101.32 67.81
C PHE M 583 -38.83 102.65 67.25
N MET M 584 -39.09 103.75 67.95
CA MET M 584 -38.72 105.07 67.44
C MET M 584 -37.21 105.28 67.53
N SER M 585 -36.58 104.83 68.61
CA SER M 585 -35.17 105.11 68.82
C SER M 585 -34.25 104.30 67.92
N ARG M 586 -34.65 103.08 67.55
CA ARG M 586 -33.79 102.19 66.78
C ARG M 586 -34.27 101.92 65.38
N VAL M 587 -35.51 102.26 65.04
CA VAL M 587 -36.05 101.94 63.73
C VAL M 587 -36.55 103.20 63.04
N VAL M 588 -37.52 103.88 63.65
CA VAL M 588 -38.16 105.03 63.00
C VAL M 588 -37.15 106.14 62.75
N ALA M 589 -36.36 106.48 63.78
CA ALA M 589 -35.41 107.58 63.68
C ALA M 589 -34.53 107.48 62.45
N TYR M 590 -34.18 106.25 62.04
CA TYR M 590 -33.43 106.07 60.80
C TYR M 590 -34.30 106.23 59.56
N ASP M 591 -35.63 106.06 59.70
CA ASP M 591 -36.53 106.24 58.57
C ASP M 591 -36.82 107.71 58.28
N LEU M 592 -36.53 108.61 59.21
CA LEU M 592 -36.72 110.03 58.99
C LEU M 592 -35.74 110.56 57.93
N PRO M 593 -36.11 111.61 57.22
CA PRO M 593 -35.16 112.28 56.33
C PRO M 593 -34.39 113.38 57.05
N ILE M 594 -33.21 113.67 56.51
CA ILE M 594 -32.31 114.65 57.08
C ILE M 594 -31.98 115.68 56.00
N GLY M 595 -32.09 116.96 56.35
CA GLY M 595 -31.75 118.01 55.42
C GLY M 595 -30.24 118.07 55.18
N TYR M 596 -29.87 118.25 53.91
CA TYR M 596 -28.46 118.32 53.57
C TYR M 596 -27.82 119.61 54.09
N CYS M 597 -28.59 120.68 54.16
CA CYS M 597 -28.13 121.99 54.63
C CYS M 597 -28.95 122.37 55.86
N TRP M 598 -28.41 122.05 57.04
CA TRP M 598 -29.08 122.43 58.28
C TRP M 598 -28.99 123.94 58.47
N HIS M 599 -29.87 124.46 59.32
CA HIS M 599 -29.93 125.91 59.55
C HIS M 599 -30.56 126.15 60.91
N SER M 600 -29.82 126.79 61.80
CA SER M 600 -30.34 127.08 63.13
C SER M 600 -31.63 127.91 63.03
N TRP M 601 -32.51 127.72 64.00
CA TRP M 601 -33.84 128.30 63.99
C TRP M 601 -33.94 129.36 65.08
N ASP M 602 -34.61 130.46 64.77
CA ASP M 602 -34.93 131.45 65.80
C ASP M 602 -35.96 130.86 66.75
N LYS M 603 -35.58 130.76 68.03
CA LYS M 603 -36.43 130.08 69.01
C LYS M 603 -37.81 130.72 69.11
N ALA M 604 -37.90 132.03 68.83
CA ALA M 604 -39.19 132.70 68.88
C ALA M 604 -40.10 132.22 67.76
N GLY M 605 -39.56 132.09 66.54
CA GLY M 605 -40.37 131.61 65.43
C GLY M 605 -40.75 130.16 65.60
N LEU M 606 -39.85 129.35 66.18
CA LEU M 606 -40.16 127.96 66.46
C LEU M 606 -41.29 127.85 67.48
N GLU M 607 -41.20 128.61 68.57
CA GLU M 607 -42.29 128.64 69.54
C GLU M 607 -43.57 129.18 68.92
N GLU M 608 -43.45 130.12 67.98
CA GLU M 608 -44.61 130.61 67.26
C GLU M 608 -45.27 129.49 66.46
N LEU M 609 -44.48 128.65 65.81
CA LEU M 609 -45.03 127.52 65.08
C LEU M 609 -45.73 126.54 66.00
N ARG M 610 -45.14 126.29 67.18
CA ARG M 610 -45.76 125.37 68.14
C ARG M 610 -47.07 125.94 68.67
N ARG M 611 -47.11 127.26 68.89
CA ARG M 611 -48.36 127.89 69.30
C ARG M 611 -49.41 127.83 68.20
N GLN M 612 -48.99 128.02 66.95
CA GLN M 612 -49.92 127.91 65.82
C GLN M 612 -50.45 126.48 65.68
N ALA M 613 -49.64 125.48 66.02
CA ALA M 613 -50.08 124.10 65.92
C ALA M 613 -51.19 123.81 66.92
N ASP M 614 -50.97 124.14 68.19
CA ASP M 614 -51.97 123.93 69.22
C ASP M 614 -53.23 124.74 68.91
N TRP M 615 -54.33 124.03 68.61
CA TRP M 615 -55.56 124.70 68.18
C TRP M 615 -56.22 125.45 69.33
N LEU M 616 -55.92 125.09 70.58
CA LEU M 616 -56.36 125.88 71.71
C LEU M 616 -55.68 127.24 71.77
N GLU M 617 -54.69 127.47 70.91
CA GLU M 617 -53.91 128.70 70.93
C GLU M 617 -54.05 129.55 69.68
N SER M 618 -54.51 128.98 68.56
CA SER M 618 -54.52 129.69 67.30
C SER M 618 -55.73 129.43 66.42
N ASP M 619 -56.61 128.50 66.77
CA ASP M 619 -57.75 128.17 65.93
C ASP M 619 -58.95 129.00 66.36
N ASP M 620 -59.45 129.84 65.45
CA ASP M 620 -60.68 130.59 65.72
C ASP M 620 -61.85 129.65 65.95
N TYR M 621 -61.81 128.46 65.35
CA TYR M 621 -62.85 127.47 65.56
C TYR M 621 -62.99 127.09 67.04
N TYR M 622 -61.89 127.17 67.79
CA TYR M 622 -61.96 126.95 69.23
C TYR M 622 -62.56 128.16 69.95
N PHE M 623 -62.20 129.37 69.51
CA PHE M 623 -62.62 130.58 70.21
C PHE M 623 -64.09 130.89 69.95
N SER M 624 -64.57 130.62 68.74
CA SER M 624 -65.94 130.92 68.36
C SER M 624 -66.72 129.69 67.91
N GLY M 625 -66.13 128.88 67.03
CA GLY M 625 -66.83 127.78 66.40
C GLY M 625 -66.94 127.92 64.88
N LYS M 626 -66.37 128.96 64.30
CA LYS M 626 -66.46 129.17 62.86
C LYS M 626 -65.55 128.17 62.15
N LEU M 627 -66.17 127.22 61.45
CA LEU M 627 -65.41 126.25 60.67
C LEU M 627 -64.79 126.91 59.45
N THR M 628 -63.64 126.38 59.03
CA THR M 628 -62.94 126.82 57.82
C THR M 628 -62.52 125.56 57.07
N VAL M 629 -63.45 125.01 56.29
CA VAL M 629 -63.16 123.77 55.57
C VAL M 629 -62.43 124.11 54.26
N PRO M 630 -61.31 123.45 53.97
CA PRO M 630 -60.63 123.66 52.69
C PRO M 630 -61.34 122.90 51.59
N PRO M 631 -61.09 123.23 50.33
CA PRO M 631 -61.73 122.48 49.24
C PRO M 631 -61.15 121.08 49.11
N ILE M 632 -61.97 120.20 48.54
CA ILE M 632 -61.57 118.82 48.31
C ILE M 632 -60.42 118.80 47.30
N PRO M 633 -59.25 118.28 47.68
CA PRO M 633 -58.10 118.30 46.77
C PRO M 633 -58.30 117.35 45.61
N PRO M 634 -57.55 117.51 44.52
CA PRO M 634 -57.71 116.62 43.37
C PRO M 634 -57.26 115.20 43.63
N ALA M 635 -56.49 114.96 44.70
CA ALA M 635 -55.97 113.61 44.95
C ALA M 635 -57.08 112.68 45.41
N ILE M 636 -57.99 113.15 46.25
CA ILE M 636 -59.06 112.32 46.79
C ILE M 636 -60.14 112.17 45.73
N LYS M 637 -60.31 110.95 45.23
CA LYS M 637 -61.38 110.67 44.29
C LYS M 637 -62.69 110.50 45.05
N GLN M 638 -63.80 110.72 44.33
CA GLN M 638 -65.13 110.60 44.90
C GLN M 638 -65.96 109.54 44.21
N ASP M 639 -65.35 108.67 43.42
CA ASP M 639 -66.08 107.61 42.74
C ASP M 639 -66.70 106.66 43.76
N VAL M 640 -67.92 106.21 43.46
CA VAL M 640 -68.71 105.40 44.38
C VAL M 640 -69.15 104.13 43.65
N ALA M 641 -68.85 102.98 44.23
CA ALA M 641 -69.24 101.71 43.64
C ALA M 641 -70.75 101.49 43.78
N GLU M 642 -71.24 100.47 43.07
CA GLU M 642 -72.67 100.18 43.06
C GLU M 642 -73.14 99.86 44.49
N ASP M 643 -74.09 100.66 44.98
CA ASP M 643 -74.25 100.86 46.42
C ASP M 643 -75.61 100.44 46.94
N ALA M 644 -76.71 100.98 46.41
CA ALA M 644 -78.02 100.75 47.01
C ALA M 644 -78.36 99.26 47.07
N GLU M 645 -77.93 98.50 46.06
CA GLU M 645 -78.11 97.05 46.10
C GLU M 645 -77.41 96.45 47.31
N GLN M 646 -76.17 96.87 47.56
CA GLN M 646 -75.49 96.46 48.78
C GLN M 646 -76.14 97.07 50.02
N ARG M 647 -76.70 98.28 49.87
CA ARG M 647 -77.30 98.96 51.02
C ARG M 647 -78.57 98.24 51.48
N LYS M 648 -79.38 97.76 50.55
CA LYS M 648 -80.60 97.05 50.93
C LYS M 648 -80.28 95.76 51.65
N ALA M 649 -79.19 95.09 51.25
CA ALA M 649 -78.82 93.83 51.89
C ALA M 649 -78.32 94.05 53.32
N GLU M 650 -77.60 95.15 53.56
CA GLU M 650 -77.10 95.43 54.89
C GLU M 650 -78.22 95.71 55.87
N GLU M 651 -79.33 96.27 55.40
CA GLU M 651 -80.47 96.54 56.29
C GLU M 651 -81.02 95.26 56.92
N LYS M 652 -81.08 94.19 56.13
CA LYS M 652 -81.52 92.90 56.62
C LYS M 652 -80.37 91.92 56.84
N ALA M 653 -79.13 92.41 56.84
CA ALA M 653 -77.96 91.55 57.02
C ALA M 653 -77.91 90.98 58.43
N PRO N 61 -51.93 74.76 96.41
CA PRO N 61 -52.58 75.85 95.68
C PRO N 61 -52.37 77.27 96.26
N PRO N 62 -52.39 77.48 97.58
CA PRO N 62 -52.12 78.82 98.10
C PRO N 62 -50.69 79.22 97.80
N PRO N 63 -50.41 80.52 97.69
CA PRO N 63 -49.06 80.96 97.32
C PRO N 63 -48.12 81.02 98.52
N VAL N 64 -46.85 80.83 98.23
CA VAL N 64 -45.79 80.90 99.23
C VAL N 64 -45.05 82.21 99.05
N TYR N 65 -45.02 83.02 100.11
CA TYR N 65 -44.35 84.31 100.08
C TYR N 65 -42.90 84.14 100.55
N GLY N 66 -41.97 84.74 99.81
CA GLY N 66 -40.57 84.67 100.14
C GLY N 66 -40.23 85.42 101.41
N PRO N 67 -39.11 85.09 102.02
CA PRO N 67 -38.70 85.77 103.26
C PRO N 67 -38.41 87.23 103.01
N PRO N 68 -38.98 88.13 103.84
CA PRO N 68 -38.62 89.55 103.76
C PRO N 68 -37.13 89.83 103.62
N GLN N 69 -36.76 90.81 102.81
CA GLN N 69 -35.36 91.13 102.58
C GLN N 69 -35.21 92.62 102.30
N VAL N 70 -34.03 93.14 102.63
CA VAL N 70 -33.75 94.56 102.46
C VAL N 70 -33.58 94.88 100.97
N ILE N 71 -34.13 96.01 100.55
CA ILE N 71 -33.93 96.50 99.19
C ILE N 71 -33.26 97.87 99.15
N PHE N 72 -33.37 98.67 100.20
CA PHE N 72 -32.76 100.01 100.24
C PHE N 72 -32.27 100.25 101.66
N ARG N 73 -30.97 100.11 101.88
CA ARG N 73 -30.38 100.25 103.21
C ARG N 73 -30.00 101.71 103.42
N ILE N 74 -30.85 102.44 104.14
CA ILE N 74 -30.58 103.86 104.40
C ILE N 74 -29.41 104.02 105.36
N ASP N 75 -29.47 103.34 106.51
CA ASP N 75 -28.40 103.36 107.50
C ASP N 75 -28.54 102.12 108.38
N ASP N 76 -27.72 102.07 109.43
CA ASP N 76 -27.76 100.91 110.33
C ASP N 76 -29.06 100.81 111.11
N ASN N 77 -29.84 101.89 111.18
CA ASN N 77 -31.10 101.89 111.90
C ASN N 77 -32.30 101.79 110.96
N ARG N 78 -32.47 102.78 110.08
CA ARG N 78 -33.57 102.78 109.14
C ARG N 78 -33.22 101.96 107.90
N TYR N 79 -34.23 101.33 107.31
CA TYR N 79 -34.03 100.56 106.09
C TYR N 79 -35.37 100.32 105.41
N PHE N 80 -35.31 99.83 104.18
CA PHE N 80 -36.47 99.49 103.37
C PHE N 80 -36.43 98.01 103.04
N THR N 81 -37.57 97.33 103.18
CA THR N 81 -37.65 95.90 102.95
C THR N 81 -38.82 95.54 102.05
N LEU N 82 -38.71 94.37 101.44
CA LEU N 82 -39.76 93.77 100.63
C LEU N 82 -40.28 92.54 101.36
N GLU N 83 -41.59 92.50 101.61
CA GLU N 83 -42.19 91.45 102.42
C GLU N 83 -43.40 90.87 101.71
N ASN N 84 -43.71 89.61 102.06
CA ASN N 84 -44.87 88.90 101.56
C ASN N 84 -44.93 88.94 100.03
N TYR N 85 -43.85 88.48 99.42
CA TYR N 85 -43.67 88.53 97.98
C TYR N 85 -43.36 87.14 97.44
N THR N 86 -43.82 86.87 96.22
CA THR N 86 -43.45 85.64 95.54
C THR N 86 -42.25 85.82 94.62
N HIS N 87 -41.92 87.06 94.25
CA HIS N 87 -40.70 87.37 93.53
C HIS N 87 -40.42 88.86 93.69
N CYS N 88 -39.24 89.28 93.23
CA CYS N 88 -38.79 90.64 93.47
C CYS N 88 -39.64 91.69 92.78
N GLU N 89 -40.49 91.30 91.83
CA GLU N 89 -41.31 92.24 91.07
C GLU N 89 -42.73 92.39 91.62
N ASN N 90 -43.01 91.81 92.78
CA ASN N 90 -44.30 92.00 93.43
C ASN N 90 -44.09 91.92 94.94
N GLY N 91 -45.17 92.11 95.70
CA GLY N 91 -45.10 92.08 97.14
C GLY N 91 -45.44 93.41 97.78
N GLN N 92 -44.98 93.61 99.01
CA GLN N 92 -45.20 94.87 99.74
C GLN N 92 -43.86 95.48 100.12
N THR N 93 -43.80 96.81 100.08
CA THR N 93 -42.59 97.56 100.41
C THR N 93 -42.80 98.25 101.74
N PHE N 94 -42.01 97.86 102.75
CA PHE N 94 -42.14 98.38 104.10
C PHE N 94 -40.97 99.31 104.41
N TYR N 95 -41.22 100.33 105.22
CA TYR N 95 -40.17 101.14 105.82
C TYR N 95 -39.99 100.67 107.27
N ASN N 96 -38.79 100.24 107.61
CA ASN N 96 -38.52 99.66 108.91
C ASN N 96 -37.58 100.56 109.70
N ASN N 97 -37.95 100.83 110.95
CA ASN N 97 -37.10 101.53 111.92
C ASN N 97 -37.02 100.68 113.17
N LYS N 98 -35.80 100.44 113.65
CA LYS N 98 -35.59 99.53 114.77
C LYS N 98 -35.73 100.23 116.12
N ALA N 99 -35.10 101.40 116.28
CA ALA N 99 -35.15 102.09 117.56
C ALA N 99 -36.56 102.54 117.90
N LYS N 100 -37.29 103.07 116.92
CA LYS N 100 -38.67 103.48 117.12
C LYS N 100 -39.66 102.35 116.91
N ASN N 101 -39.20 101.16 116.50
CA ASN N 101 -40.05 100.01 116.26
C ASN N 101 -41.17 100.33 115.28
N ILE N 102 -40.79 100.91 114.14
CA ILE N 102 -41.73 101.30 113.10
C ILE N 102 -41.71 100.23 112.02
N HIS N 103 -42.89 99.67 111.73
CA HIS N 103 -43.06 98.64 110.71
C HIS N 103 -44.34 99.00 109.95
N VAL N 104 -44.20 99.87 108.95
CA VAL N 104 -45.35 100.49 108.29
C VAL N 104 -45.37 100.08 106.82
N LYS N 105 -46.59 99.96 106.28
CA LYS N 105 -46.79 99.61 104.88
C LYS N 105 -46.75 100.88 104.04
N ILE N 106 -45.84 100.91 103.06
CA ILE N 106 -45.60 102.09 102.25
C ILE N 106 -46.08 101.89 100.81
N LEU N 107 -45.68 100.78 100.19
CA LEU N 107 -46.12 100.44 98.84
C LEU N 107 -46.83 99.09 98.85
N ASP N 108 -48.02 99.05 98.25
CA ASP N 108 -48.72 97.79 98.03
C ASP N 108 -48.10 96.97 96.91
N ALA N 109 -47.03 97.47 96.28
CA ALA N 109 -46.29 96.74 95.27
C ALA N 109 -44.81 96.77 95.62
N SER N 110 -44.04 95.95 94.90
CA SER N 110 -42.61 95.85 95.17
C SER N 110 -41.89 97.13 94.76
N GLY N 111 -40.92 97.54 95.57
CA GLY N 111 -40.11 98.70 95.26
C GLY N 111 -38.98 98.47 94.31
N TYR N 112 -38.65 97.21 94.03
CA TYR N 112 -37.55 96.90 93.10
C TYR N 112 -37.83 97.45 91.71
N LEU N 113 -39.11 97.58 91.34
CA LEU N 113 -39.46 98.07 90.01
C LEU N 113 -38.93 99.46 89.73
N PHE N 114 -38.52 100.20 90.78
CA PHE N 114 -37.85 101.49 90.58
C PHE N 114 -36.38 101.24 90.24
N LYS N 115 -35.95 101.77 89.10
CA LYS N 115 -34.59 101.56 88.61
C LYS N 115 -33.69 102.79 88.73
N GLY N 116 -34.24 103.94 89.10
CA GLY N 116 -33.44 105.14 89.27
C GLY N 116 -32.68 105.13 90.57
N ARG N 117 -32.16 106.30 90.92
CA ARG N 117 -31.41 106.49 92.16
C ARG N 117 -32.29 107.19 93.19
N LEU N 118 -32.11 106.80 94.45
CA LEU N 118 -32.85 107.38 95.57
C LEU N 118 -31.85 107.85 96.61
N PHE N 119 -32.04 109.08 97.09
CA PHE N 119 -31.13 109.71 98.06
C PHE N 119 -31.93 110.09 99.29
N TRP N 120 -31.77 109.32 100.37
CA TRP N 120 -32.41 109.64 101.64
C TRP N 120 -31.56 110.64 102.41
N LEU N 121 -32.13 111.80 102.70
CA LEU N 121 -31.48 112.78 103.56
C LEU N 121 -32.37 113.27 104.71
N SER N 122 -33.69 113.11 104.61
CA SER N 122 -34.57 113.52 105.69
C SER N 122 -34.39 112.60 106.90
N THR N 123 -34.34 113.21 108.08
CA THR N 123 -34.16 112.47 109.32
C THR N 123 -35.48 112.14 110.01
N ARG N 124 -36.61 112.56 109.45
CA ARG N 124 -37.91 112.38 110.08
C ARG N 124 -38.50 111.02 109.73
N ASP N 125 -39.25 110.46 110.67
CA ASP N 125 -39.93 109.19 110.49
C ASP N 125 -41.43 109.34 110.31
N ASP N 126 -41.95 110.57 110.39
CA ASP N 126 -43.37 110.82 110.13
C ASP N 126 -43.62 111.20 108.68
N PHE N 127 -42.65 111.83 108.03
CA PHE N 127 -42.75 112.21 106.62
C PHE N 127 -42.00 111.19 105.77
N LEU N 128 -42.72 110.47 104.92
CA LEU N 128 -42.13 109.47 104.05
C LEU N 128 -42.59 109.70 102.61
N ALA N 129 -41.68 109.47 101.67
CA ALA N 129 -41.97 109.53 100.25
C ALA N 129 -41.21 108.41 99.55
N PHE N 130 -41.89 107.69 98.66
CA PHE N 130 -41.29 106.52 98.04
C PHE N 130 -41.78 106.38 96.60
N PRO N 131 -40.90 106.00 95.66
CA PRO N 131 -41.34 105.87 94.26
C PRO N 131 -42.32 104.73 94.04
N ALA N 132 -43.59 105.09 93.83
CA ALA N 132 -44.62 104.12 93.46
C ALA N 132 -44.46 103.84 91.97
N THR N 133 -43.82 102.72 91.63
CA THR N 133 -43.46 102.40 90.26
C THR N 133 -44.27 101.20 89.78
N LEU N 134 -45.00 101.38 88.69
CA LEU N 134 -45.77 100.30 88.10
C LEU N 134 -44.85 99.26 87.49
N ASN N 135 -45.40 98.08 87.24
CA ASN N 135 -44.67 96.98 86.62
C ASN N 135 -45.03 96.90 85.14
N THR N 136 -44.00 96.82 84.29
CA THR N 136 -44.23 96.76 82.86
C THR N 136 -44.96 95.47 82.47
N ARG N 137 -44.41 94.32 82.84
CA ARG N 137 -44.97 93.05 82.41
C ARG N 137 -46.35 92.77 83.01
N HIS N 138 -46.75 93.50 84.05
CA HIS N 138 -48.03 93.25 84.69
C HIS N 138 -48.55 94.55 85.29
N ALA N 139 -49.63 95.08 84.72
CA ALA N 139 -50.31 96.26 85.24
C ALA N 139 -51.63 96.42 84.49
N SER N 140 -52.59 97.08 85.13
CA SER N 140 -53.86 97.35 84.48
C SER N 140 -53.72 98.37 83.35
N CYS N 141 -52.82 99.34 83.51
CA CYS N 141 -52.67 100.40 82.53
C CYS N 141 -52.02 99.93 81.23
N MET N 142 -51.37 98.76 81.24
CA MET N 142 -50.73 98.27 80.02
C MET N 142 -51.76 97.98 78.95
N GLY N 143 -51.38 98.22 77.71
CA GLY N 143 -52.27 98.05 76.58
C GLY N 143 -53.34 99.11 76.43
N SER N 144 -53.40 100.08 77.34
CA SER N 144 -54.40 101.13 77.25
C SER N 144 -54.03 102.13 76.16
N ASN N 145 -55.01 102.94 75.76
CA ASN N 145 -54.77 103.97 74.76
C ASN N 145 -53.89 105.08 75.31
N LYS N 146 -54.09 105.47 76.57
CA LYS N 146 -53.26 106.49 77.18
C LYS N 146 -51.89 105.93 77.54
N GLY N 147 -51.85 104.92 78.40
CA GLY N 147 -50.61 104.31 78.81
C GLY N 147 -50.50 104.12 80.31
N CYS N 148 -49.28 104.11 80.82
CA CYS N 148 -49.02 103.96 82.25
C CYS N 148 -48.34 105.22 82.77
N MET N 149 -48.65 105.59 84.01
CA MET N 149 -48.10 106.79 84.63
C MET N 149 -47.67 106.45 86.05
N ASN N 150 -46.39 106.68 86.35
CA ASN N 150 -45.85 106.38 87.65
C ASN N 150 -46.24 107.46 88.66
N ALA N 151 -45.95 107.20 89.94
CA ALA N 151 -46.33 108.13 90.99
C ALA N 151 -45.37 107.97 92.17
N VAL N 152 -45.65 108.70 93.24
CA VAL N 152 -44.87 108.65 94.48
C VAL N 152 -45.84 108.55 95.64
N ILE N 153 -45.67 107.54 96.48
CA ILE N 153 -46.47 107.39 97.69
C ILE N 153 -45.90 108.33 98.75
N VAL N 154 -46.75 109.20 99.28
CA VAL N 154 -46.34 110.24 100.22
C VAL N 154 -47.24 110.16 101.45
N THR N 155 -46.63 110.21 102.64
CA THR N 155 -47.37 110.27 103.89
C THR N 155 -46.68 111.26 104.83
N THR N 156 -47.48 111.89 105.68
CA THR N 156 -46.97 112.88 106.62
C THR N 156 -47.33 112.57 108.07
N ASP N 157 -47.85 111.38 108.36
CA ASP N 157 -48.24 111.01 109.71
C ASP N 157 -47.77 109.60 110.03
N GLY N 158 -46.51 109.31 109.69
CA GLY N 158 -45.94 108.00 109.99
C GLY N 158 -46.61 106.85 109.29
N GLY N 159 -46.94 107.02 108.01
CA GLY N 159 -47.55 105.95 107.26
C GLY N 159 -48.96 105.59 107.69
N LYS N 160 -49.74 106.57 108.13
CA LYS N 160 -51.14 106.36 108.47
C LYS N 160 -52.07 106.83 107.35
N ARG N 161 -51.90 108.06 106.89
CA ARG N 161 -52.65 108.61 105.76
C ARG N 161 -51.80 108.47 104.52
N ARG N 162 -52.22 107.58 103.61
CA ARG N 162 -51.48 107.32 102.39
C ARG N 162 -52.02 108.20 101.26
N SER N 163 -51.11 108.81 100.51
CA SER N 163 -51.49 109.65 99.39
C SER N 163 -50.57 109.36 98.21
N GLY N 164 -51.06 109.69 97.02
CA GLY N 164 -50.30 109.46 95.80
C GLY N 164 -50.11 110.72 94.98
N VAL N 165 -48.87 111.07 94.69
CA VAL N 165 -48.52 112.23 93.87
C VAL N 165 -48.01 111.71 92.53
N PRO N 166 -48.74 111.90 91.44
CA PRO N 166 -48.27 111.41 90.14
C PRO N 166 -47.22 112.32 89.54
N TYR N 167 -46.38 111.73 88.69
CA TYR N 167 -45.35 112.48 87.98
C TYR N 167 -45.14 111.84 86.61
N GLY N 168 -44.19 112.38 85.86
CA GLY N 168 -43.75 111.77 84.63
C GLY N 168 -44.77 111.87 83.52
N SER N 169 -44.41 111.27 82.39
CA SER N 169 -45.22 111.29 81.18
C SER N 169 -45.81 109.92 80.91
N TYR N 170 -46.93 109.90 80.18
CA TYR N 170 -47.60 108.64 79.86
C TYR N 170 -46.68 107.74 79.05
N THR N 171 -46.52 106.50 79.49
CA THR N 171 -45.60 105.56 78.86
C THR N 171 -46.24 104.19 78.78
N GLN N 172 -45.57 103.31 78.04
CA GLN N 172 -45.91 101.89 78.00
C GLN N 172 -44.82 101.02 78.59
N ASN N 173 -43.77 101.64 79.15
CA ASN N 173 -42.73 100.93 79.89
C ASN N 173 -42.49 101.71 81.17
N PRO N 174 -43.39 101.60 82.15
CA PRO N 174 -43.24 102.39 83.38
C PRO N 174 -42.04 101.99 84.21
N THR N 175 -41.66 100.71 84.20
CA THR N 175 -40.48 100.29 84.95
C THR N 175 -39.21 100.93 84.38
N GLY N 176 -39.10 100.96 83.05
CA GLY N 176 -37.93 101.54 82.42
C GLY N 176 -37.87 103.05 82.48
N ALA N 177 -39.00 103.70 82.72
CA ALA N 177 -39.01 105.15 82.86
C ALA N 177 -38.11 105.59 84.01
N THR N 178 -38.11 104.83 85.10
CA THR N 178 -37.33 105.18 86.28
C THR N 178 -35.84 105.16 86.02
N ARG N 179 -35.39 104.48 84.95
CA ARG N 179 -33.97 104.38 84.65
C ARG N 179 -33.37 105.74 84.30
N ASP N 180 -34.21 106.78 84.29
CA ASP N 180 -33.77 108.14 83.97
C ASP N 180 -34.12 109.13 85.09
N TYR N 181 -34.34 108.64 86.32
CA TYR N 181 -34.86 109.48 87.39
C TYR N 181 -33.97 109.40 88.62
N ASP N 182 -33.79 110.56 89.26
CA ASP N 182 -33.13 110.66 90.56
C ASP N 182 -34.08 111.36 91.52
N MET N 183 -34.36 110.71 92.65
CA MET N 183 -35.21 111.28 93.69
C MET N 183 -34.37 111.60 94.92
N LEU N 184 -34.54 112.80 95.45
CA LEU N 184 -33.98 113.20 96.72
C LEU N 184 -35.13 113.40 97.71
N VAL N 185 -34.94 112.93 98.94
CA VAL N 185 -35.94 113.08 99.99
C VAL N 185 -35.35 113.98 101.07
N MET N 186 -35.88 115.20 101.15
CA MET N 186 -35.44 116.20 102.10
C MET N 186 -36.38 116.26 103.30
N ASN N 187 -35.91 116.90 104.37
CA ASN N 187 -36.80 117.17 105.49
C ASN N 187 -37.88 118.17 105.10
N ASP N 188 -37.59 119.04 104.13
CA ASP N 188 -38.56 120.00 103.63
C ASP N 188 -39.54 119.41 102.63
N GLY N 189 -39.17 118.30 101.99
CA GLY N 189 -40.01 117.68 100.99
C GLY N 189 -39.23 116.67 100.16
N PHE N 190 -39.52 116.58 98.86
CA PHE N 190 -38.76 115.70 97.98
C PHE N 190 -38.62 116.35 96.61
N TYR N 191 -37.47 116.12 96.00
CA TYR N 191 -37.12 116.66 94.69
C TYR N 191 -36.98 115.53 93.69
N LEU N 192 -37.43 115.78 92.45
CA LEU N 192 -37.39 114.79 91.38
C LEU N 192 -36.63 115.34 90.20
N LEU N 193 -35.66 114.57 89.70
CA LEU N 193 -34.84 114.96 88.57
C LEU N 193 -35.01 113.96 87.44
N ARG N 194 -35.34 114.46 86.25
CA ARG N 194 -35.45 113.64 85.05
C ARG N 194 -34.40 114.12 84.05
N TYR N 195 -33.50 113.22 83.67
CA TYR N 195 -32.43 113.54 82.75
C TYR N 195 -32.88 113.24 81.32
N ARG N 196 -32.75 114.22 80.44
CA ARG N 196 -33.13 114.05 79.05
C ARG N 196 -31.90 114.04 78.15
N GLY N 197 -32.09 113.52 76.95
CA GLY N 197 -31.02 113.38 75.99
C GLY N 197 -30.67 111.93 75.71
N GLY N 198 -29.50 111.74 75.12
CA GLY N 198 -29.03 110.41 74.79
C GLY N 198 -28.17 109.79 75.88
N GLN N 199 -26.86 109.76 75.69
CA GLN N 199 -25.96 109.17 76.66
C GLN N 199 -25.96 109.98 77.96
N GLY N 200 -25.58 109.30 79.04
CA GLY N 200 -25.36 109.95 80.32
C GLY N 200 -26.60 110.54 80.98
N ARG N 201 -26.44 111.00 82.21
CA ARG N 201 -27.52 111.65 82.95
C ARG N 201 -27.28 113.16 83.01
N PHE N 202 -27.33 113.77 81.83
CA PHE N 202 -27.14 115.21 81.66
C PHE N 202 -28.47 115.86 81.30
N SER N 203 -28.46 117.20 81.29
CA SER N 203 -29.62 118.05 81.07
C SER N 203 -30.81 117.59 81.92
N PRO N 204 -30.81 117.89 83.21
CA PRO N 204 -31.95 117.48 84.07
C PRO N 204 -33.11 118.46 83.99
N VAL N 205 -34.26 117.99 84.47
CA VAL N 205 -35.40 118.83 84.78
C VAL N 205 -35.86 118.48 86.19
N ILE N 206 -36.00 119.49 87.05
CA ILE N 206 -36.23 119.27 88.47
C ILE N 206 -37.64 119.74 88.83
N LEU N 207 -38.31 118.97 89.68
CA LEU N 207 -39.61 119.34 90.23
C LEU N 207 -39.57 119.10 91.72
N ARG N 208 -39.91 120.12 92.51
CA ARG N 208 -39.82 120.06 93.97
C ARG N 208 -41.19 120.11 94.60
N TRP N 209 -41.37 119.31 95.66
CA TRP N 209 -42.58 119.32 96.47
C TRP N 209 -42.19 119.58 97.91
N ILE N 210 -42.92 120.49 98.58
CA ILE N 210 -42.65 120.84 99.97
C ILE N 210 -43.93 120.72 100.77
N LEU N 211 -43.78 120.69 102.09
CA LEU N 211 -44.90 120.44 102.99
C LEU N 211 -45.88 121.61 103.01
N SER N 212 -47.15 121.28 103.23
CA SER N 212 -48.21 122.27 103.38
C SER N 212 -49.41 121.58 104.00
N THR N 213 -49.95 122.14 105.08
CA THR N 213 -51.04 121.49 105.80
C THR N 213 -52.36 121.58 105.07
N GLU N 214 -52.55 122.59 104.21
CA GLU N 214 -53.81 122.81 103.53
C GLU N 214 -54.00 121.94 102.29
N ASP N 215 -53.25 120.85 102.17
CA ASP N 215 -53.39 119.92 101.05
C ASP N 215 -53.68 118.52 101.57
N SER N 216 -54.52 117.78 100.83
CA SER N 216 -54.86 116.42 101.24
C SER N 216 -53.64 115.50 101.19
N SER N 217 -52.80 115.66 100.17
CA SER N 217 -51.59 114.84 100.07
C SER N 217 -50.56 115.21 101.12
N GLY N 218 -50.66 116.40 101.70
CA GLY N 218 -49.69 116.88 102.66
C GLY N 218 -48.57 117.71 102.08
N VAL N 219 -48.34 117.62 100.76
CA VAL N 219 -47.28 118.37 100.09
C VAL N 219 -47.85 119.03 98.84
N VAL N 220 -47.18 120.09 98.41
CA VAL N 220 -47.56 120.86 97.24
C VAL N 220 -46.30 121.24 96.49
N ARG N 221 -46.38 121.26 95.16
CA ARG N 221 -45.24 121.62 94.34
C ARG N 221 -44.78 123.04 94.63
N SER N 222 -43.47 123.23 94.72
CA SER N 222 -42.85 124.53 94.92
C SER N 222 -42.23 124.98 93.60
N GLU N 223 -42.71 126.12 93.08
CA GLU N 223 -42.28 126.61 91.78
C GLU N 223 -40.84 127.13 91.77
N ASP N 224 -40.12 127.05 92.88
CA ASP N 224 -38.80 127.64 92.97
C ASP N 224 -37.74 126.61 93.30
N ALA N 225 -37.67 125.52 92.51
CA ALA N 225 -36.67 124.49 92.74
C ALA N 225 -35.31 124.91 92.19
N TYR N 226 -34.42 123.94 91.98
CA TYR N 226 -33.08 124.17 91.43
C TYR N 226 -32.25 125.10 92.31
N GLU N 227 -32.54 125.12 93.61
CA GLU N 227 -31.70 125.84 94.56
C GLU N 227 -30.60 124.95 95.14
N LEU N 228 -30.63 123.65 94.85
CA LEU N 228 -29.56 122.76 95.31
C LEU N 228 -28.25 123.05 94.59
N PHE N 229 -28.31 123.62 93.39
CA PHE N 229 -27.14 124.01 92.63
C PHE N 229 -27.41 125.34 91.94
N ARG N 230 -26.36 126.16 91.82
CA ARG N 230 -26.46 127.52 91.31
C ARG N 230 -27.52 128.27 92.10
N PRO N 231 -27.19 128.75 93.30
CA PRO N 231 -28.23 129.28 94.20
C PRO N 231 -28.93 130.52 93.67
N GLY N 232 -28.37 131.22 92.69
CA GLY N 232 -29.00 132.41 92.17
C GLY N 232 -28.62 132.71 90.73
N GLU N 233 -28.35 131.68 89.94
CA GLU N 233 -27.92 131.86 88.56
C GLU N 233 -29.07 132.13 87.60
N GLU N 234 -30.31 132.12 88.08
CA GLU N 234 -31.49 132.29 87.22
C GLU N 234 -31.45 131.28 86.07
N VAL N 235 -31.81 130.05 86.36
CA VAL N 235 -31.65 128.91 85.45
C VAL N 235 -32.21 129.22 84.06
N PRO N 236 -31.52 128.83 83.00
CA PRO N 236 -31.98 129.18 81.65
C PRO N 236 -33.15 128.35 81.19
N SER N 237 -33.50 128.45 79.89
CA SER N 237 -34.58 127.66 79.33
C SER N 237 -34.25 126.17 79.29
N THR N 238 -32.98 125.82 79.42
CA THR N 238 -32.53 124.43 79.44
C THR N 238 -32.18 123.93 80.83
N GLY N 239 -31.46 124.74 81.62
CA GLY N 239 -31.09 124.36 82.96
C GLY N 239 -29.99 123.33 83.06
N PHE N 240 -29.27 123.07 81.97
CA PHE N 240 -28.21 122.07 81.95
C PHE N 240 -26.88 122.75 82.23
N TYR N 241 -26.32 122.51 83.41
CA TYR N 241 -24.92 122.81 83.69
C TYR N 241 -24.26 121.63 84.40
N LYS N 242 -24.68 120.41 84.06
CA LYS N 242 -24.17 119.18 84.65
C LYS N 242 -24.29 119.21 86.18
N ILE N 243 -25.53 119.13 86.63
CA ILE N 243 -25.87 119.24 88.04
C ILE N 243 -25.17 118.16 88.83
N ASP N 244 -24.11 118.53 89.53
CA ASP N 244 -23.33 117.58 90.32
C ASP N 244 -24.07 117.24 91.60
N LEU N 245 -24.14 115.94 91.92
CA LEU N 245 -24.80 115.47 93.13
C LEU N 245 -23.84 114.71 94.03
N SER N 246 -22.53 114.79 93.79
CA SER N 246 -21.57 114.04 94.58
C SER N 246 -21.63 114.41 96.06
N ARG N 247 -22.00 115.66 96.37
CA ARG N 247 -22.18 116.04 97.76
C ARG N 247 -23.35 115.29 98.39
N PHE N 248 -24.33 114.89 97.60
CA PHE N 248 -25.50 114.15 98.07
C PHE N 248 -25.31 112.64 98.01
N TYR N 249 -24.16 112.17 97.54
CA TYR N 249 -23.90 110.74 97.47
C TYR N 249 -23.91 110.15 98.89
N PRO N 250 -24.36 108.92 99.05
CA PRO N 250 -24.46 108.33 100.38
C PRO N 250 -23.15 107.71 100.83
N LYS N 251 -23.02 107.55 102.16
CA LYS N 251 -21.80 107.00 102.73
C LYS N 251 -21.64 105.53 102.34
N ASN N 252 -22.70 104.74 102.47
CA ASN N 252 -22.67 103.34 102.09
C ASN N 252 -22.68 103.11 100.59
N ASN N 253 -22.70 104.19 99.79
CA ASN N 253 -22.75 104.10 98.34
C ASN N 253 -23.94 103.28 97.86
N VAL N 254 -25.07 103.42 98.56
CA VAL N 254 -26.30 102.79 98.10
C VAL N 254 -26.85 103.58 96.92
N MET N 255 -27.08 102.87 95.81
CA MET N 255 -27.36 103.52 94.54
C MET N 255 -28.76 103.22 94.04
N GLU N 256 -29.08 101.96 93.75
CA GLU N 256 -30.41 101.56 93.30
C GLU N 256 -30.92 100.44 94.20
N MET N 257 -32.09 99.92 93.84
CA MET N 257 -32.69 98.84 94.62
C MET N 257 -31.94 97.54 94.40
N GLN N 258 -31.93 96.70 95.44
CA GLN N 258 -31.25 95.41 95.39
C GLN N 258 -32.23 94.31 95.83
N CYS N 259 -32.05 93.12 95.27
CA CYS N 259 -32.91 91.99 95.63
C CYS N 259 -32.18 90.70 95.31
N ASP N 260 -31.91 89.90 96.33
CA ASP N 260 -31.32 88.57 96.16
C ASP N 260 -32.38 87.64 95.59
N ARG N 261 -32.28 87.36 94.28
CA ARG N 261 -33.31 86.56 93.61
C ARG N 261 -33.36 85.12 94.11
N THR N 262 -32.30 84.64 94.76
CA THR N 262 -32.27 83.26 95.22
C THR N 262 -33.31 82.98 96.30
N LEU N 263 -33.79 84.01 97.00
CA LEU N 263 -34.83 83.85 98.01
C LEU N 263 -36.22 83.70 97.41
N GLU N 264 -36.37 83.89 96.10
CA GLU N 264 -37.67 83.74 95.46
C GLU N 264 -38.08 82.26 95.48
N PRO N 265 -39.28 81.94 95.96
CA PRO N 265 -39.68 80.53 96.06
C PRO N 265 -40.30 79.99 94.78
N VAL N 266 -40.61 78.69 94.79
CA VAL N 266 -41.24 78.04 93.64
C VAL N 266 -42.55 77.38 94.07
N PRO O 46 -13.57 14.54 -109.35
CA PRO O 46 -12.96 15.86 -109.55
C PRO O 46 -11.71 16.05 -108.70
N GLY O 47 -10.54 15.76 -109.28
CA GLY O 47 -9.28 15.91 -108.58
C GLY O 47 -8.09 15.58 -109.46
N LEU O 48 -7.07 16.43 -109.44
CA LEU O 48 -5.92 16.26 -110.32
C LEU O 48 -4.89 15.33 -109.68
N ILE O 49 -4.29 14.49 -110.51
CA ILE O 49 -3.36 13.45 -110.07
C ILE O 49 -2.05 13.63 -110.83
N ILE O 50 -0.93 13.49 -110.14
CA ILE O 50 0.39 13.63 -110.74
C ILE O 50 1.17 12.33 -110.52
N PHE O 51 1.42 11.59 -111.59
CA PHE O 51 2.28 10.43 -111.53
C PHE O 51 3.74 10.87 -111.51
N VAL O 52 4.56 10.12 -110.77
CA VAL O 52 5.98 10.43 -110.63
C VAL O 52 6.76 9.14 -110.78
N HIS O 53 7.47 8.98 -111.88
CA HIS O 53 8.25 7.77 -112.13
C HIS O 53 9.51 7.82 -111.28
N GLY O 54 10.40 6.85 -111.48
CA GLY O 54 11.63 6.79 -110.71
C GLY O 54 12.86 6.56 -111.55
N VAL O 55 13.92 6.02 -110.92
CA VAL O 55 15.16 5.76 -111.63
C VAL O 55 14.93 4.73 -112.73
N ASN O 56 15.57 4.95 -113.87
CA ASN O 56 15.57 3.98 -114.98
C ASN O 56 14.20 3.81 -115.60
N SER O 57 13.38 4.86 -115.61
CA SER O 57 11.99 4.74 -116.01
C SER O 57 11.60 5.87 -116.95
N GLU O 58 10.60 5.59 -117.79
CA GLU O 58 9.94 6.58 -118.62
C GLU O 58 8.43 6.50 -118.45
N GLY O 59 7.97 6.12 -117.26
CA GLY O 59 6.55 5.98 -116.98
C GLY O 59 5.90 4.82 -117.71
N GLU O 60 6.51 3.63 -117.62
CA GLU O 60 5.94 2.46 -118.28
C GLU O 60 4.61 2.05 -117.65
N TRP O 61 4.55 2.03 -116.32
CA TRP O 61 3.33 1.66 -115.62
C TRP O 61 2.26 2.74 -115.67
N TYR O 62 2.57 3.90 -116.26
CA TYR O 62 1.61 5.01 -116.31
C TYR O 62 0.31 4.61 -116.97
N ASP O 63 0.35 3.67 -117.93
CA ASP O 63 -0.83 3.40 -118.74
C ASP O 63 -1.90 2.63 -117.96
N TYR O 64 -1.53 1.47 -117.41
CA TYR O 64 -2.48 0.80 -116.50
C TYR O 64 -2.81 1.68 -115.31
N ALA O 65 -1.83 2.41 -114.79
CA ALA O 65 -2.11 3.34 -113.70
C ALA O 65 -3.27 4.26 -114.06
N GLU O 66 -3.24 4.83 -115.26
CA GLU O 66 -4.30 5.74 -115.68
C GLU O 66 -5.62 4.99 -115.92
N ARG O 67 -5.57 3.92 -116.72
CA ARG O 67 -6.83 3.30 -117.15
C ARG O 67 -7.52 2.58 -116.00
N SER O 68 -6.78 1.85 -115.19
CA SER O 68 -7.39 1.15 -114.07
C SER O 68 -7.88 2.13 -113.01
N LEU O 69 -7.14 3.23 -112.79
CA LEU O 69 -7.58 4.22 -111.83
C LEU O 69 -8.83 4.94 -112.33
N CYS O 70 -8.90 5.22 -113.63
CA CYS O 70 -10.11 5.82 -114.20
C CYS O 70 -11.31 4.90 -114.02
N ALA O 71 -11.13 3.61 -114.26
CA ALA O 71 -12.21 2.66 -114.03
C ALA O 71 -12.61 2.62 -112.56
N GLY O 72 -11.63 2.77 -111.67
CA GLY O 72 -11.94 2.79 -110.24
C GLY O 72 -12.77 4.00 -109.85
N LEU O 73 -12.35 5.19 -110.30
CA LEU O 73 -13.17 6.37 -110.08
C LEU O 73 -14.53 6.26 -110.76
N ASN O 74 -14.60 5.54 -111.88
CA ASN O 74 -15.87 5.35 -112.57
C ASN O 74 -16.87 4.61 -111.69
N GLN O 75 -16.44 3.49 -111.10
CA GLN O 75 -17.36 2.72 -110.26
C GLN O 75 -17.57 3.37 -108.90
N ARG O 76 -16.54 4.05 -108.37
CA ARG O 76 -16.67 4.67 -107.06
C ARG O 76 -17.67 5.83 -107.10
N LEU O 77 -17.78 6.51 -108.24
CA LEU O 77 -18.61 7.71 -108.36
C LEU O 77 -19.87 7.50 -109.18
N GLY O 78 -20.19 6.25 -109.54
CA GLY O 78 -21.41 5.97 -110.27
C GLY O 78 -21.47 6.63 -111.63
N LEU O 79 -20.37 6.62 -112.37
CA LEU O 79 -20.32 7.27 -113.67
C LEU O 79 -20.71 6.30 -114.78
N GLU O 80 -21.33 6.84 -115.83
CA GLU O 80 -21.85 6.02 -116.92
C GLU O 80 -21.66 6.72 -118.25
N GLY O 81 -21.50 5.92 -119.30
CA GLY O 81 -21.54 6.46 -120.65
C GLY O 81 -20.40 7.42 -120.92
N GLU O 82 -20.66 8.42 -121.76
CA GLU O 82 -19.66 9.43 -122.08
C GLU O 82 -19.27 10.26 -120.86
N HIS O 83 -20.15 10.34 -119.85
CA HIS O 83 -19.82 11.06 -118.62
C HIS O 83 -18.66 10.40 -117.89
N GLY O 84 -18.52 9.08 -118.02
CA GLY O 84 -17.49 8.37 -117.29
C GLY O 84 -16.09 8.78 -117.74
N LEU O 85 -15.15 8.69 -116.80
CA LEU O 85 -13.77 9.07 -117.08
C LEU O 85 -13.13 8.06 -118.02
N LYS O 86 -12.46 8.56 -119.05
CA LYS O 86 -11.79 7.72 -120.04
C LYS O 86 -10.30 7.98 -120.00
N GLU O 87 -9.51 6.91 -120.07
CA GLU O 87 -8.06 7.04 -120.07
C GLU O 87 -7.60 7.69 -121.36
N ASN O 88 -6.40 8.28 -121.31
CA ASN O 88 -5.78 8.91 -122.47
C ASN O 88 -4.76 7.94 -123.07
N ASN O 89 -4.91 7.64 -124.35
CA ASN O 89 -4.00 6.75 -125.06
C ASN O 89 -2.97 7.57 -125.81
N TYR O 90 -1.72 7.07 -125.82
CA TYR O 90 -0.59 7.79 -126.38
C TYR O 90 0.00 7.00 -127.54
N GLU O 91 0.81 7.68 -128.34
CA GLU O 91 1.43 7.05 -129.50
C GLU O 91 2.36 5.92 -129.06
N GLY O 92 2.17 4.74 -129.64
CA GLY O 92 3.01 3.61 -129.32
C GLY O 92 4.37 3.69 -129.97
N GLY O 93 5.23 2.72 -129.61
CA GLY O 93 6.55 2.66 -130.19
C GLY O 93 6.57 2.01 -131.56
N PHE O 94 7.75 2.03 -132.17
CA PHE O 94 7.94 1.45 -133.50
C PHE O 94 9.39 1.00 -133.63
N PHE O 95 9.70 0.39 -134.78
CA PHE O 95 10.99 -0.23 -135.03
C PHE O 95 11.83 0.62 -135.97
N VAL O 96 13.15 0.45 -135.85
CA VAL O 96 14.09 1.05 -136.80
C VAL O 96 15.12 0.02 -137.21
N LYS O 116 16.07 -5.98 -135.97
CA LYS O 116 16.11 -4.53 -136.08
C LYS O 116 16.39 -3.88 -134.72
N LYS O 117 16.00 -2.62 -134.59
CA LYS O 117 16.18 -1.88 -133.34
C LYS O 117 14.87 -1.20 -132.98
N TRP O 118 14.62 -1.08 -131.67
CA TRP O 118 13.37 -0.54 -131.16
C TRP O 118 13.54 0.90 -130.70
N VAL O 119 12.51 1.70 -130.91
CA VAL O 119 12.50 3.10 -130.51
C VAL O 119 11.24 3.36 -129.69
N SER O 120 11.41 4.00 -128.53
CA SER O 120 10.28 4.38 -127.71
C SER O 120 9.45 5.44 -128.44
N GLY O 121 8.14 5.23 -128.51
CA GLY O 121 7.26 6.14 -129.20
C GLY O 121 7.24 7.52 -128.57
N PRO O 122 7.02 8.54 -129.40
CA PRO O 122 6.95 9.91 -128.87
C PRO O 122 5.72 10.09 -127.99
N ARG O 123 5.85 11.00 -127.02
CA ARG O 123 4.80 11.24 -126.03
C ARG O 123 3.75 12.17 -126.61
N LYS O 124 3.05 11.66 -127.62
CA LYS O 124 1.99 12.40 -128.31
C LYS O 124 0.67 11.67 -128.15
N ILE O 125 -0.42 12.44 -128.03
CA ILE O 125 -1.74 11.85 -127.95
C ILE O 125 -2.06 11.14 -129.26
N THR O 126 -2.54 9.91 -129.17
CA THR O 126 -2.85 9.14 -130.36
C THR O 126 -4.02 9.76 -131.11
N LYS O 127 -4.28 9.21 -132.30
CA LYS O 127 -5.37 9.70 -133.15
C LYS O 127 -6.72 9.56 -132.46
N GLY O 128 -7.28 10.67 -131.99
CA GLY O 128 -8.55 10.65 -131.29
C GLY O 128 -8.51 9.87 -129.99
N GLY O 129 -7.51 10.15 -129.15
CA GLY O 129 -7.34 9.42 -127.92
C GLY O 129 -7.55 10.25 -126.67
N ASP O 130 -7.81 11.55 -126.84
CA ASP O 130 -8.01 12.43 -125.69
C ASP O 130 -9.30 12.05 -124.97
N GLY O 131 -9.18 11.61 -123.72
CA GLY O 131 -10.32 11.24 -122.93
C GLY O 131 -10.31 11.95 -121.59
N ARG O 132 -11.44 11.83 -120.88
CA ARG O 132 -11.58 12.47 -119.57
C ARG O 132 -10.69 11.78 -118.54
N SER O 133 -9.47 12.29 -118.37
CA SER O 133 -8.52 11.71 -117.44
C SER O 133 -7.94 12.81 -116.54
N PRO O 134 -7.79 12.53 -115.24
CA PRO O 134 -7.19 13.51 -114.33
C PRO O 134 -5.70 13.35 -114.09
N VAL O 135 -5.01 12.54 -114.90
CA VAL O 135 -3.61 12.21 -114.66
C VAL O 135 -2.72 13.30 -115.26
N ILE O 136 -1.74 13.75 -114.49
CA ILE O 136 -0.70 14.64 -114.96
C ILE O 136 0.58 13.82 -115.07
N ARG O 137 0.99 13.52 -116.29
CA ARG O 137 2.14 12.65 -116.56
C ARG O 137 3.41 13.47 -116.39
N PHE O 138 4.00 13.41 -115.18
CA PHE O 138 5.20 14.15 -114.87
C PHE O 138 6.44 13.31 -115.19
N TYR O 139 7.35 13.88 -115.97
CA TYR O 139 8.58 13.21 -116.36
C TYR O 139 9.78 14.05 -115.92
N TRP O 140 10.90 13.36 -115.69
CA TRP O 140 12.13 14.00 -115.24
C TRP O 140 13.30 13.08 -115.59
N GLY O 141 14.51 13.61 -115.43
CA GLY O 141 15.70 12.83 -115.70
C GLY O 141 16.93 13.70 -115.70
N TYR O 142 18.03 13.10 -116.15
CA TYR O 142 19.33 13.75 -116.24
C TYR O 142 19.73 13.91 -117.70
N ARG O 143 20.53 14.93 -117.98
CA ARG O 143 21.10 15.12 -119.30
C ARG O 143 22.54 15.60 -119.16
N ALA O 144 23.35 15.29 -120.16
CA ALA O 144 24.76 15.66 -120.14
C ALA O 144 24.97 17.08 -120.61
N ALA O 145 25.97 17.74 -120.02
CA ALA O 145 26.34 19.08 -120.46
C ALA O 145 27.04 19.03 -121.81
N ASP O 146 27.30 20.21 -122.38
CA ASP O 146 27.89 20.28 -123.70
C ASP O 146 29.32 19.75 -123.70
N ASN O 147 30.13 20.18 -122.73
CA ASN O 147 31.52 19.73 -122.68
C ASN O 147 31.63 18.32 -122.13
N GLU O 148 30.80 17.95 -121.16
CA GLU O 148 30.84 16.63 -120.55
C GLU O 148 29.83 15.71 -121.22
N THR O 149 30.14 15.35 -122.47
CA THR O 149 29.27 14.46 -123.22
C THR O 149 29.26 13.07 -122.61
N ASP O 150 30.42 12.41 -122.57
CA ASP O 150 30.54 11.05 -122.05
C ASP O 150 31.61 10.96 -120.98
N THR O 151 31.78 12.03 -120.19
CA THR O 151 32.69 11.96 -119.05
C THR O 151 32.18 11.02 -117.96
N TYR O 152 30.88 10.74 -117.95
CA TYR O 152 30.30 9.68 -117.14
C TYR O 152 29.78 8.60 -118.07
N ALA O 153 30.10 7.34 -117.76
CA ALA O 153 29.77 6.21 -118.64
C ALA O 153 28.41 5.66 -118.27
N ILE O 154 27.37 6.33 -118.76
CA ILE O 154 25.99 5.89 -118.57
C ILE O 154 25.31 5.82 -119.93
N PRO O 155 24.25 5.00 -120.06
CA PRO O 155 23.51 4.98 -121.32
C PRO O 155 22.80 6.31 -121.57
N LEU O 156 22.74 6.70 -122.83
CA LEU O 156 22.18 7.98 -123.21
C LEU O 156 21.44 7.84 -124.53
N LYS O 157 20.51 8.77 -124.77
CA LYS O 157 19.76 8.79 -126.02
C LYS O 157 19.22 10.19 -126.25
N ASN O 158 18.90 10.47 -127.51
CA ASN O 158 18.34 11.75 -127.89
C ASN O 158 16.82 11.72 -127.70
N LYS O 159 16.14 12.79 -128.10
CA LYS O 159 14.67 12.79 -128.03
C LYS O 159 14.07 11.75 -128.98
N LYS O 160 14.62 11.64 -130.19
CA LYS O 160 14.08 10.69 -131.17
C LYS O 160 14.20 9.26 -130.67
N GLY O 161 15.22 8.96 -129.88
CA GLY O 161 15.39 7.62 -129.33
C GLY O 161 16.50 6.84 -130.01
N ASP O 162 17.67 7.46 -130.14
CA ASP O 162 18.83 6.84 -130.75
C ASP O 162 19.96 6.81 -129.73
N ASN O 163 20.65 5.67 -129.66
CA ASN O 163 21.70 5.49 -128.66
C ASN O 163 22.85 6.45 -128.92
N TYR O 164 23.37 7.04 -127.84
CA TYR O 164 24.53 7.92 -127.94
C TYR O 164 25.79 7.16 -128.34
N TYR O 165 25.85 5.87 -128.06
CA TYR O 165 27.00 5.04 -128.39
C TYR O 165 26.80 4.24 -129.68
N ASP O 166 25.58 4.21 -130.22
CA ASP O 166 25.33 3.64 -131.54
C ASP O 166 25.43 4.68 -132.65
N LEU O 167 26.19 5.75 -132.42
CA LEU O 167 26.43 6.82 -133.37
C LEU O 167 27.93 6.94 -133.67
N PRO O 168 28.30 7.41 -134.85
CA PRO O 168 29.68 7.81 -135.06
C PRO O 168 30.07 8.92 -134.13
N PRO O 169 31.35 9.03 -133.76
CA PRO O 169 31.73 9.98 -132.70
C PRO O 169 31.48 11.44 -133.06
N GLU O 170 31.50 11.80 -134.34
CA GLU O 170 31.30 13.20 -134.70
C GLU O 170 29.85 13.64 -134.57
N SER O 171 28.90 12.71 -134.72
CA SER O 171 27.49 13.04 -134.55
C SER O 171 27.12 13.23 -133.07
N ARG O 172 27.99 12.80 -132.16
CA ARG O 172 27.72 12.97 -130.73
C ARG O 172 27.76 14.45 -130.37
N LYS O 173 26.71 14.91 -129.67
CA LYS O 173 26.56 16.28 -129.19
C LYS O 173 26.35 17.25 -130.37
N ALA O 174 26.49 16.76 -131.59
CA ALA O 174 26.10 17.55 -132.75
C ALA O 174 24.60 17.84 -132.71
N LYS O 175 23.78 16.80 -132.76
CA LYS O 175 22.34 16.94 -132.60
C LYS O 175 21.75 15.56 -132.37
N GLY O 176 20.93 15.43 -131.33
CA GLY O 176 20.58 16.56 -130.48
C GLY O 176 21.04 16.44 -129.04
N PRO O 177 20.28 17.06 -128.12
CA PRO O 177 20.67 17.00 -126.70
C PRO O 177 20.62 15.58 -126.17
N TRP O 178 21.57 15.25 -125.30
CA TRP O 178 21.71 13.90 -124.77
C TRP O 178 21.19 13.86 -123.34
N PHE O 179 20.15 13.06 -123.12
CA PHE O 179 19.55 12.85 -121.81
C PHE O 179 19.27 11.36 -121.67
N TRP O 180 18.66 10.98 -120.55
CA TRP O 180 18.19 9.60 -120.40
C TRP O 180 17.20 9.55 -119.26
N GLY O 181 16.20 8.68 -119.41
CA GLY O 181 14.98 8.80 -118.63
C GLY O 181 15.18 8.53 -117.15
N GLY O 182 14.60 9.41 -116.32
CA GLY O 182 14.55 9.19 -114.88
C GLY O 182 15.90 9.11 -114.20
N GLY O 183 16.92 9.71 -114.79
CA GLY O 183 18.28 9.62 -114.21
C GLY O 183 18.88 8.24 -114.40
N PRO O 184 20.21 8.08 -114.23
CA PRO O 184 20.86 6.81 -114.48
C PRO O 184 20.56 5.76 -113.39
N PHE O 185 21.10 4.55 -113.56
CA PHE O 185 20.87 3.47 -112.58
C PHE O 185 21.89 3.60 -111.45
N GLN O 186 21.88 2.63 -110.54
CA GLN O 186 22.89 2.63 -109.45
C GLN O 186 23.17 4.05 -108.97
N ASN O 187 22.13 4.88 -108.82
CA ASN O 187 22.36 6.22 -108.24
C ASN O 187 21.23 6.54 -107.27
N GLY O 188 20.50 5.52 -106.82
CA GLY O 188 19.47 5.80 -105.84
C GLY O 188 20.03 6.13 -104.48
N CYS O 189 19.13 6.56 -103.59
CA CYS O 189 19.51 6.97 -102.24
C CYS O 189 18.37 6.67 -101.29
N ASN O 190 18.72 6.51 -100.01
CA ASN O 190 17.77 6.13 -98.97
C ASN O 190 17.49 7.26 -97.98
N GLN O 191 17.66 8.51 -98.41
CA GLN O 191 17.33 9.67 -97.59
C GLN O 191 17.16 10.87 -98.50
N LEU O 192 16.67 11.97 -97.93
CA LEU O 192 16.40 13.17 -98.70
C LEU O 192 17.56 14.14 -98.75
N VAL O 193 18.66 13.87 -98.04
CA VAL O 193 19.81 14.76 -98.10
C VAL O 193 20.59 14.56 -99.39
N SER O 194 20.59 13.34 -99.93
CA SER O 194 21.43 13.01 -101.08
C SER O 194 20.98 13.70 -102.36
N LEU O 195 19.78 14.28 -102.41
CA LEU O 195 19.35 14.97 -103.62
C LEU O 195 20.16 16.24 -103.87
N TRP O 196 20.70 16.86 -102.82
CA TRP O 196 21.54 18.04 -102.96
C TRP O 196 23.03 17.68 -103.04
N SER O 197 23.35 16.44 -103.36
CA SER O 197 24.74 16.00 -103.39
C SER O 197 25.46 16.61 -104.58
N LYS O 198 26.52 17.36 -104.31
CA LYS O 198 27.43 17.79 -105.36
C LYS O 198 28.35 16.68 -105.81
N THR O 199 28.23 15.49 -105.21
CA THR O 199 29.01 14.32 -105.58
C THR O 199 28.06 13.18 -105.88
N GLY O 200 28.16 12.62 -107.07
CA GLY O 200 27.29 11.54 -107.49
C GLY O 200 27.73 10.19 -106.96
N PHE O 201 27.23 9.15 -107.60
CA PHE O 201 27.59 7.79 -107.22
C PHE O 201 29.06 7.53 -107.46
N ASN O 202 29.71 6.91 -106.48
CA ASN O 202 31.13 6.58 -106.54
C ASN O 202 31.31 5.08 -106.39
N ASN O 203 32.17 4.50 -107.22
CA ASN O 203 32.45 3.07 -107.15
C ASN O 203 33.49 2.79 -106.08
N VAL O 210 27.43 -7.02 -102.48
CA VAL O 210 26.97 -6.11 -101.44
C VAL O 210 27.08 -4.61 -101.81
N PRO O 211 26.46 -4.21 -102.93
CA PRO O 211 26.57 -2.81 -103.36
C PRO O 211 25.25 -2.07 -103.26
N LEU O 212 25.13 -0.92 -103.91
CA LEU O 212 23.86 -0.21 -103.94
C LEU O 212 23.29 -0.27 -105.35
N PRO O 213 22.74 -1.41 -105.76
CA PRO O 213 22.45 -1.62 -107.17
C PRO O 213 20.98 -1.80 -107.46
N PHE O 214 20.70 -2.37 -108.63
CA PHE O 214 19.34 -2.72 -109.04
C PHE O 214 19.46 -4.01 -109.86
N SER O 215 18.37 -4.36 -110.55
CA SER O 215 18.40 -5.54 -111.42
C SER O 215 19.20 -5.26 -112.69
N THR O 216 19.04 -6.12 -113.69
CA THR O 216 19.69 -5.97 -115.00
C THR O 216 21.18 -5.66 -114.83
N GLN O 217 21.89 -6.59 -114.20
CA GLN O 217 23.32 -6.42 -113.93
C GLN O 217 23.96 -7.70 -113.42
N VAL O 218 23.78 -8.80 -114.15
CA VAL O 218 24.33 -10.10 -113.79
C VAL O 218 23.90 -10.48 -112.38
N LEU O 219 24.78 -11.13 -111.64
CA LEU O 219 24.46 -11.54 -110.27
C LEU O 219 25.68 -12.04 -109.52
N ASN O 220 26.51 -12.86 -110.19
CA ASN O 220 27.64 -13.57 -109.57
C ASN O 220 27.16 -14.54 -108.50
N ASP O 224 30.79 -6.32 -113.29
CA ASP O 224 30.95 -5.22 -112.35
C ASP O 224 31.44 -3.97 -113.07
N ARG O 225 31.75 -4.11 -114.36
CA ARG O 225 32.25 -3.00 -115.17
C ARG O 225 31.14 -2.14 -115.76
N LEU O 226 29.88 -2.52 -115.55
CA LEU O 226 28.77 -1.69 -115.99
C LEU O 226 28.46 -0.55 -115.03
N LEU O 227 28.99 -0.61 -113.81
CA LEU O 227 28.80 0.46 -112.82
C LEU O 227 29.88 1.51 -113.01
N SER O 228 29.48 2.69 -113.47
CA SER O 228 30.38 3.82 -113.64
C SER O 228 29.98 4.94 -112.70
N ASP O 229 30.97 5.76 -112.34
CA ASP O 229 30.72 6.89 -111.46
C ASP O 229 29.70 7.83 -112.09
N ALA O 230 28.61 8.08 -111.38
CA ALA O 230 27.47 8.83 -111.89
C ALA O 230 27.65 10.33 -111.66
N PRO O 231 26.93 11.16 -112.42
CA PRO O 231 27.01 12.61 -112.21
C PRO O 231 26.46 13.00 -110.86
N PRO O 232 26.80 14.19 -110.36
CA PRO O 232 26.25 14.65 -109.09
C PRO O 232 24.72 14.69 -109.13
N ARG O 233 24.11 14.31 -108.01
CA ARG O 233 22.67 14.05 -107.96
C ARG O 233 21.82 15.32 -107.85
N HIS O 234 22.34 16.48 -108.26
CA HIS O 234 21.53 17.69 -108.28
C HIS O 234 20.29 17.50 -109.13
N TYR O 235 20.41 16.74 -110.23
CA TYR O 235 19.27 16.53 -111.13
C TYR O 235 18.10 15.88 -110.43
N TYR O 236 18.33 15.21 -109.30
CA TYR O 236 17.22 14.76 -108.47
C TYR O 236 16.50 15.93 -107.83
N ALA O 237 17.22 16.68 -106.99
CA ALA O 237 16.60 17.80 -106.25
C ALA O 237 16.00 18.82 -107.21
N HIS O 238 16.67 19.09 -108.33
CA HIS O 238 16.13 20.01 -109.31
C HIS O 238 14.76 19.56 -109.80
N ALA O 239 14.64 18.29 -110.19
CA ALA O 239 13.35 17.76 -110.59
C ALA O 239 12.32 17.89 -109.47
N ALA O 240 12.75 17.67 -108.23
CA ALA O 240 11.86 17.87 -107.08
C ALA O 240 11.39 19.32 -107.01
N GLY O 241 12.32 20.26 -107.14
CA GLY O 241 11.93 21.66 -107.18
C GLY O 241 10.90 21.93 -108.27
N ARG O 242 11.12 21.39 -109.46
CA ARG O 242 10.16 21.52 -110.54
C ARG O 242 8.78 21.04 -110.12
N LEU O 243 8.70 19.81 -109.61
CA LEU O 243 7.42 19.29 -109.13
C LEU O 243 6.85 20.17 -108.02
N ALA O 244 7.71 20.66 -107.13
CA ALA O 244 7.25 21.61 -106.12
C ALA O 244 6.65 22.85 -106.76
N LYS O 245 7.37 23.47 -107.70
CA LYS O 245 6.80 24.58 -108.45
C LYS O 245 5.57 24.12 -109.22
N LEU O 246 5.64 22.93 -109.83
CA LEU O 246 4.47 22.37 -110.50
C LEU O 246 3.29 22.28 -109.55
N ILE O 247 3.50 21.69 -108.36
CA ILE O 247 2.43 21.61 -107.38
C ILE O 247 1.88 22.99 -107.07
N LYS O 248 2.77 23.94 -106.73
CA LYS O 248 2.33 25.31 -106.49
C LYS O 248 1.60 25.87 -107.70
N THR O 249 2.02 25.49 -108.91
CA THR O 249 1.41 26.03 -110.12
C THR O 249 -0.09 25.78 -110.15
N ILE O 250 -0.52 24.55 -109.85
CA ILE O 250 -1.96 24.29 -109.78
C ILE O 250 -2.64 25.18 -108.76
N ARG O 251 -1.99 25.40 -107.62
CA ARG O 251 -2.59 26.25 -106.60
C ARG O 251 -2.61 27.73 -106.98
N ASN O 252 -1.93 28.12 -108.06
CA ASN O 252 -2.20 29.41 -108.69
C ASN O 252 -3.32 29.32 -109.72
N GLN O 253 -3.32 28.25 -110.53
CA GLN O 253 -4.28 28.15 -111.63
C GLN O 253 -5.68 27.77 -111.12
N HIS O 254 -5.79 26.71 -110.32
CA HIS O 254 -7.05 26.29 -109.73
C HIS O 254 -6.85 26.01 -108.25
N PRO O 255 -6.81 27.06 -107.41
CA PRO O 255 -6.64 26.85 -105.97
C PRO O 255 -7.63 25.86 -105.36
N GLU O 256 -8.85 25.77 -105.89
CA GLU O 256 -9.95 25.05 -105.23
C GLU O 256 -10.13 23.64 -105.78
N ASP O 257 -9.04 22.93 -106.04
CA ASP O 257 -9.10 21.56 -106.55
C ASP O 257 -8.14 20.67 -105.78
N THR O 258 -8.20 19.37 -106.06
CA THR O 258 -7.45 18.36 -105.35
C THR O 258 -6.17 18.00 -106.11
N VAL O 259 -5.05 17.99 -105.39
CA VAL O 259 -3.75 17.69 -105.97
C VAL O 259 -3.19 16.46 -105.25
N THR O 260 -3.05 15.35 -105.97
CA THR O 260 -2.50 14.12 -105.43
C THR O 260 -1.22 13.77 -106.16
N VAL O 261 -0.29 13.16 -105.42
CA VAL O 261 1.00 12.74 -105.96
C VAL O 261 1.14 11.24 -105.76
N LEU O 262 1.39 10.52 -106.86
CA LEU O 262 1.63 9.08 -106.85
C LEU O 262 3.04 8.86 -107.35
N SER O 263 3.91 8.35 -106.48
CA SER O 263 5.35 8.36 -106.72
C SER O 263 5.94 6.98 -106.54
N HIS O 264 7.06 6.74 -107.23
CA HIS O 264 7.67 5.41 -107.29
C HIS O 264 9.19 5.54 -107.18
N SER O 265 9.77 4.68 -106.35
CA SER O 265 11.21 4.55 -106.11
C SER O 265 11.76 5.94 -105.74
N GLN O 266 12.89 6.39 -106.32
CA GLN O 266 13.41 7.73 -106.02
C GLN O 266 12.37 8.82 -106.26
N GLY O 267 11.44 8.61 -107.20
CA GLY O 267 10.36 9.54 -107.42
C GLY O 267 9.60 9.86 -106.15
N THR O 268 9.48 8.89 -105.23
CA THR O 268 8.93 9.18 -103.92
C THR O 268 9.73 10.25 -103.20
N MET O 269 11.05 10.05 -103.11
CA MET O 269 11.93 11.05 -102.53
C MET O 269 11.73 12.41 -103.19
N ILE O 270 11.63 12.41 -104.53
CA ILE O 270 11.30 13.61 -105.27
C ILE O 270 9.98 14.20 -104.76
N ALA O 271 8.95 13.36 -104.69
CA ALA O 271 7.66 13.81 -104.16
C ALA O 271 7.79 14.25 -102.71
N LEU O 272 8.59 13.52 -101.91
CA LEU O 272 8.86 13.96 -100.54
C LEU O 272 9.50 15.34 -100.52
N ALA O 273 10.57 15.51 -101.31
CA ALA O 273 11.19 16.83 -101.41
C ALA O 273 10.23 17.85 -102.01
N ALA O 274 9.34 17.41 -102.89
CA ALA O 274 8.31 18.32 -103.40
C ALA O 274 7.34 18.70 -102.30
N ALA O 275 6.94 17.75 -101.46
CA ALA O 275 6.07 18.06 -100.34
C ALA O 275 6.79 18.90 -99.29
N ALA O 276 8.10 18.74 -99.16
CA ALA O 276 8.87 19.50 -98.18
C ALA O 276 8.94 20.98 -98.53
N ILE O 277 8.65 21.35 -99.77
CA ILE O 277 8.58 22.75 -100.19
C ILE O 277 7.14 23.17 -100.46
N GLU O 278 6.43 22.42 -101.29
CA GLU O 278 5.01 22.67 -101.60
C GLU O 278 4.26 21.36 -101.36
N ALA O 279 3.72 21.21 -100.16
CA ALA O 279 3.02 19.99 -99.79
C ALA O 279 1.71 19.89 -100.58
N PRO O 280 1.46 18.77 -101.25
CA PRO O 280 0.20 18.59 -101.99
C PRO O 280 -0.91 18.16 -101.05
N ASP O 281 -2.08 17.90 -101.65
CA ASP O 281 -3.24 17.44 -100.88
C ASP O 281 -3.22 15.95 -100.63
N ALA O 282 -2.35 15.19 -101.30
CA ALA O 282 -2.27 13.75 -101.10
C ALA O 282 -0.93 13.26 -101.61
N LEU O 283 -0.20 12.53 -100.76
CA LEU O 283 1.10 11.97 -101.11
C LEU O 283 1.02 10.45 -101.03
N PHE O 284 1.39 9.79 -102.12
CA PHE O 284 1.38 8.33 -102.22
C PHE O 284 2.81 7.86 -102.44
N VAL O 285 3.56 7.72 -101.35
CA VAL O 285 4.87 7.09 -101.43
C VAL O 285 4.67 5.59 -101.62
N MET O 286 5.43 5.02 -102.56
CA MET O 286 5.04 3.75 -103.17
C MET O 286 6.28 3.08 -103.76
N ASN O 287 6.67 1.94 -103.17
CA ASN O 287 7.93 1.29 -103.46
C ASN O 287 9.10 2.25 -103.24
N SER O 288 9.20 2.74 -102.01
CA SER O 288 10.17 3.76 -101.66
C SER O 288 11.51 3.14 -101.25
N PRO O 289 12.61 3.85 -101.48
CA PRO O 289 13.90 3.47 -100.88
C PRO O 289 14.23 4.19 -99.59
N TYR O 290 13.31 4.99 -99.04
CA TYR O 290 13.57 5.76 -97.84
C TYR O 290 13.84 4.83 -96.65
N ALA O 291 14.99 4.99 -96.04
CA ALA O 291 15.38 4.18 -94.89
C ALA O 291 15.34 5.01 -93.62
N LEU O 292 15.10 4.34 -92.49
CA LEU O 292 15.03 4.98 -91.18
C LEU O 292 16.24 4.63 -90.32
N GLU O 293 17.29 4.08 -90.90
CA GLU O 293 18.34 3.42 -90.13
C GLU O 293 19.57 3.30 -91.02
N ASN O 294 20.75 3.44 -90.40
CA ASN O 294 22.01 3.45 -91.14
C ASN O 294 22.51 2.03 -91.30
N GLU O 295 22.33 1.47 -92.51
CA GLU O 295 22.80 0.13 -92.80
C GLU O 295 24.32 0.12 -92.97
N PRO O 296 24.96 -1.05 -92.81
CA PRO O 296 26.43 -1.09 -92.94
C PRO O 296 26.94 -0.62 -94.30
N THR O 297 26.25 -0.98 -95.39
CA THR O 297 26.66 -0.47 -96.69
C THR O 297 26.35 1.01 -96.84
N THR O 298 25.29 1.50 -96.18
CA THR O 298 25.03 2.93 -96.14
C THR O 298 26.16 3.67 -95.43
N TYR O 299 26.70 3.07 -94.37
CA TYR O 299 27.86 3.63 -93.70
C TYR O 299 29.06 3.68 -94.64
N ILE O 300 29.36 2.56 -95.30
CA ILE O 300 30.61 2.44 -96.05
C ILE O 300 30.58 3.22 -97.36
N SER O 301 29.40 3.45 -97.93
CA SER O 301 29.30 4.04 -99.26
C SER O 301 29.15 5.56 -99.21
N TYR O 302 28.13 6.04 -98.52
CA TYR O 302 27.79 7.45 -98.55
C TYR O 302 28.88 8.30 -97.89
N PRO O 303 29.03 9.55 -98.32
CA PRO O 303 29.96 10.46 -97.64
C PRO O 303 29.46 10.80 -96.25
N ILE O 304 30.39 11.32 -95.44
CA ILE O 304 30.08 11.64 -94.05
C ILE O 304 28.98 12.69 -93.96
N LYS O 305 28.91 13.59 -94.95
CA LYS O 305 27.88 14.61 -94.96
C LYS O 305 26.48 14.06 -95.25
N GLU O 306 26.38 12.80 -95.66
CA GLU O 306 25.12 12.21 -96.09
C GLU O 306 24.85 10.89 -95.37
N ILE O 307 25.10 10.87 -94.07
CA ILE O 307 24.76 9.73 -93.21
C ILE O 307 23.97 10.32 -92.06
N ILE O 308 22.64 10.28 -92.16
CA ILE O 308 21.76 11.05 -91.28
C ILE O 308 21.33 10.18 -90.10
N SER O 309 21.19 10.81 -88.93
CA SER O 309 20.80 10.10 -87.73
C SER O 309 19.39 9.53 -87.89
N ARG O 310 19.18 8.34 -87.31
CA ARG O 310 17.90 7.65 -87.46
C ARG O 310 16.75 8.49 -86.91
N LYS O 311 17.00 9.24 -85.83
CA LYS O 311 15.99 10.14 -85.30
C LYS O 311 15.64 11.22 -86.32
N ALA O 312 16.64 11.75 -87.01
CA ALA O 312 16.38 12.76 -88.04
C ALA O 312 15.74 12.14 -89.28
N ARG O 313 16.11 10.90 -89.62
CA ARG O 313 15.47 10.22 -90.73
C ARG O 313 13.97 10.08 -90.49
N SER O 314 13.58 9.67 -89.28
CA SER O 314 12.17 9.55 -88.96
C SER O 314 11.50 10.92 -88.86
N ALA O 315 12.21 11.90 -88.29
CA ALA O 315 11.61 13.22 -88.06
C ALA O 315 11.34 13.94 -89.38
N THR O 316 12.22 13.77 -90.36
CA THR O 316 12.02 14.42 -91.66
C THR O 316 10.73 13.92 -92.32
N PHE O 317 10.56 12.60 -92.37
CA PHE O 317 9.36 12.04 -92.99
C PHE O 317 8.11 12.42 -92.20
N ALA O 318 8.20 12.42 -90.87
CA ALA O 318 7.06 12.80 -90.05
C ALA O 318 6.68 14.26 -90.26
N ASP O 319 7.67 15.15 -90.38
CA ASP O 319 7.40 16.55 -90.67
C ASP O 319 6.72 16.70 -92.02
N ILE O 320 7.18 15.94 -93.01
CA ILE O 320 6.55 15.98 -94.33
C ILE O 320 5.10 15.52 -94.25
N VAL O 321 4.85 14.43 -93.51
CA VAL O 321 3.49 13.93 -93.36
C VAL O 321 2.59 14.98 -92.72
N LYS O 322 3.10 15.67 -91.69
CA LYS O 322 2.28 16.68 -91.02
C LYS O 322 2.02 17.87 -91.93
N LYS O 323 3.03 18.27 -92.73
CA LYS O 323 2.82 19.40 -93.64
C LYS O 323 1.81 19.05 -94.73
N VAL O 324 1.84 17.81 -95.20
CA VAL O 324 0.80 17.36 -96.14
C VAL O 324 -0.55 17.34 -95.45
N ALA O 325 -0.59 16.88 -94.19
CA ALA O 325 -1.84 16.81 -93.45
C ALA O 325 -2.44 18.19 -93.21
N GLU O 326 -1.61 19.24 -93.23
CA GLU O 326 -2.11 20.59 -93.04
C GLU O 326 -3.18 20.95 -94.08
N ASN O 327 -3.07 20.39 -95.28
CA ASN O 327 -4.00 20.69 -96.36
C ASN O 327 -5.38 20.08 -96.17
N LYS O 328 -5.63 19.38 -95.07
CA LYS O 328 -6.96 18.81 -94.85
C LYS O 328 -8.02 19.87 -94.63
N THR O 329 -7.64 21.11 -94.39
CA THR O 329 -8.58 22.22 -94.22
C THR O 329 -8.24 23.38 -95.14
N TRP O 350 -19.94 17.95 -103.32
CA TRP O 350 -20.14 16.56 -102.92
C TRP O 350 -20.02 16.41 -101.40
N ILE O 351 -20.87 15.58 -100.81
CA ILE O 351 -20.87 15.29 -99.38
C ILE O 351 -20.46 13.83 -99.18
N PRO O 352 -19.53 13.53 -98.26
CA PRO O 352 -19.10 12.15 -98.10
C PRO O 352 -19.78 11.44 -96.94
N GLU O 353 -20.91 11.96 -96.47
CA GLU O 353 -21.61 11.34 -95.37
C GLU O 353 -22.47 10.15 -95.81
N GLY O 354 -22.42 9.75 -97.08
CA GLY O 354 -23.20 8.64 -97.56
C GLY O 354 -22.45 7.32 -97.49
N LYS O 355 -23.06 6.30 -98.09
CA LYS O 355 -22.50 4.97 -98.15
C LYS O 355 -22.40 4.51 -99.59
N THR O 356 -21.36 3.74 -99.88
CA THR O 356 -21.11 3.25 -101.23
C THR O 356 -22.06 2.10 -101.55
N HIS O 357 -21.82 1.40 -102.67
CA HIS O 357 -22.65 0.27 -103.04
C HIS O 357 -22.49 -0.89 -102.06
N ASN O 358 -21.25 -1.15 -101.63
CA ASN O 358 -20.96 -2.23 -100.70
C ASN O 358 -21.08 -1.79 -99.24
N GLY O 359 -21.79 -0.69 -98.97
CA GLY O 359 -22.07 -0.26 -97.61
C GLY O 359 -20.91 0.34 -96.86
N LEU O 360 -19.70 0.32 -97.41
CA LEU O 360 -18.58 0.93 -96.72
C LEU O 360 -18.74 2.45 -96.71
N PRO O 361 -18.42 3.12 -95.60
CA PRO O 361 -18.63 4.56 -95.52
C PRO O 361 -17.78 5.31 -96.53
N GLU O 362 -18.32 6.41 -97.04
CA GLU O 362 -17.57 7.24 -97.97
C GLU O 362 -16.37 7.85 -97.27
N ARG O 363 -15.22 7.82 -97.94
CA ARG O 363 -13.95 8.14 -97.32
C ARG O 363 -13.31 9.33 -98.03
N ASP O 364 -12.77 10.25 -97.24
CA ASP O 364 -12.01 11.38 -97.75
C ASP O 364 -10.60 11.30 -97.20
N ASN O 365 -9.61 11.48 -98.07
CA ASN O 365 -8.22 11.17 -97.76
C ASN O 365 -7.32 12.41 -97.84
N HIS O 366 -7.87 13.59 -97.55
CA HIS O 366 -7.06 14.80 -97.62
C HIS O 366 -5.94 14.76 -96.58
N GLY O 367 -4.78 15.27 -96.97
CA GLY O 367 -3.61 15.29 -96.12
C GLY O 367 -3.06 13.95 -95.70
N THR O 368 -3.58 12.85 -96.24
CA THR O 368 -3.09 11.53 -95.87
C THR O 368 -1.81 11.19 -96.62
N THR O 369 -0.85 10.61 -95.89
CA THR O 369 0.39 10.11 -96.48
C THR O 369 0.26 8.59 -96.57
N TRP O 370 0.00 8.08 -97.77
CA TRP O 370 -0.11 6.65 -97.98
C TRP O 370 1.25 6.07 -98.36
N ILE O 371 1.59 4.95 -97.75
CA ILE O 371 2.84 4.25 -98.00
C ILE O 371 2.51 2.81 -98.41
N TYR O 372 2.85 2.47 -99.66
CA TYR O 372 2.57 1.16 -100.22
C TYR O 372 3.86 0.38 -100.35
N CYS O 373 3.80 -0.93 -100.10
CA CYS O 373 4.99 -1.76 -100.09
C CYS O 373 4.70 -3.13 -100.68
N ASN O 374 5.73 -3.72 -101.27
CA ASN O 374 5.64 -5.05 -101.88
C ASN O 374 6.75 -5.92 -101.27
N PRO O 375 6.40 -6.96 -100.52
CA PRO O 375 7.45 -7.74 -99.83
C PRO O 375 8.42 -8.44 -100.75
N HIS O 376 8.09 -8.59 -102.04
CA HIS O 376 8.97 -9.27 -102.98
C HIS O 376 9.73 -8.30 -103.88
N ASP O 377 9.72 -7.01 -103.56
CA ASP O 377 10.51 -6.03 -104.29
C ASP O 377 11.99 -6.31 -104.06
N ARG O 378 12.60 -7.07 -104.98
CA ARG O 378 13.97 -7.54 -104.80
C ARG O 378 15.01 -6.44 -104.85
N VAL O 379 14.61 -5.18 -104.99
CA VAL O 379 15.55 -4.06 -104.93
C VAL O 379 15.65 -3.56 -103.49
N MET O 380 14.52 -3.12 -102.94
CA MET O 380 14.50 -2.65 -101.56
C MET O 380 14.54 -3.79 -100.55
N GLY O 381 14.39 -5.04 -101.00
CA GLY O 381 14.63 -6.17 -100.12
C GLY O 381 16.09 -6.52 -99.93
N SER O 382 16.96 -5.98 -100.79
CA SER O 382 18.39 -6.21 -100.65
C SER O 382 18.90 -5.58 -99.37
N SER O 383 19.88 -6.24 -98.74
CA SER O 383 20.46 -5.81 -97.47
C SER O 383 20.96 -4.36 -97.47
N PRO O 384 21.45 -3.81 -98.58
CA PRO O 384 21.85 -2.39 -98.55
C PRO O 384 20.69 -1.43 -98.41
N LEU O 385 19.51 -1.78 -98.89
CA LEU O 385 18.35 -0.91 -98.74
C LEU O 385 17.51 -1.32 -97.52
N ARG O 386 16.73 -2.40 -97.65
CA ARG O 386 15.85 -2.88 -96.59
C ARG O 386 15.05 -1.74 -95.98
N SER O 387 14.28 -1.07 -96.84
CA SER O 387 13.66 0.20 -96.51
C SER O 387 12.14 0.06 -96.46
N ILE O 388 11.46 1.21 -96.33
CA ILE O 388 10.03 1.24 -96.06
C ILE O 388 9.22 0.79 -97.28
N GLY O 389 9.75 0.96 -98.48
CA GLY O 389 9.03 0.51 -99.66
C GLY O 389 8.91 -0.99 -99.78
N TRP O 390 9.66 -1.74 -98.96
CA TRP O 390 9.59 -3.19 -98.93
C TRP O 390 9.03 -3.72 -97.63
N GLN O 391 9.55 -3.28 -96.48
CA GLN O 391 9.12 -3.77 -95.18
C GLN O 391 8.15 -2.85 -94.47
N GLY O 392 7.70 -1.79 -95.13
CA GLY O 392 6.71 -0.90 -94.54
C GLY O 392 7.19 -0.30 -93.23
N LEU O 393 6.28 -0.23 -92.26
CA LEU O 393 6.60 0.19 -90.90
C LEU O 393 6.49 -1.04 -90.00
N PRO O 394 7.56 -1.82 -89.84
CA PRO O 394 7.47 -3.06 -89.06
C PRO O 394 7.19 -2.77 -87.59
N ASP O 395 6.48 -3.70 -86.97
CA ASP O 395 6.14 -3.55 -85.56
C ASP O 395 7.37 -3.75 -84.69
N THR O 396 7.31 -3.21 -83.48
CA THR O 396 8.43 -3.25 -82.55
C THR O 396 8.68 -4.69 -82.10
N LYS O 397 9.74 -4.87 -81.31
CA LYS O 397 10.10 -6.21 -80.84
C LYS O 397 9.03 -6.78 -79.92
N ASP O 398 8.31 -5.93 -79.20
CA ASP O 398 7.27 -6.36 -78.28
C ASP O 398 5.89 -6.33 -78.90
N GLY O 399 5.79 -6.16 -80.22
CA GLY O 399 4.51 -6.21 -80.91
C GLY O 399 3.76 -4.91 -80.99
N THR O 400 4.21 -3.86 -80.30
CA THR O 400 3.56 -2.56 -80.41
C THR O 400 3.79 -1.99 -81.80
N PRO O 401 2.89 -1.11 -82.27
CA PRO O 401 3.07 -0.49 -83.59
C PRO O 401 4.33 0.33 -83.67
N HIS O 402 4.64 0.78 -84.89
CA HIS O 402 5.90 1.45 -85.15
C HIS O 402 5.87 2.87 -84.58
N THR O 403 7.05 3.36 -84.19
CA THR O 403 7.13 4.66 -83.52
C THR O 403 6.72 5.80 -84.45
N LEU O 404 7.07 5.70 -85.74
CA LEU O 404 6.73 6.75 -86.69
C LEU O 404 5.21 6.92 -86.85
N PHE O 405 4.43 5.89 -86.50
CA PHE O 405 2.98 6.02 -86.56
C PHE O 405 2.50 7.18 -85.70
N LYS O 406 2.85 7.16 -84.40
CA LYS O 406 2.46 8.26 -83.53
C LYS O 406 3.29 9.51 -83.81
N GLN O 407 4.52 9.34 -84.31
CA GLN O 407 5.38 10.50 -84.57
C GLN O 407 4.86 11.33 -85.73
N ALA O 408 4.26 10.71 -86.73
CA ALA O 408 3.81 11.40 -87.93
C ALA O 408 2.31 11.70 -87.91
N GLY O 409 1.66 11.58 -86.77
CA GLY O 409 0.26 11.97 -86.66
C GLY O 409 -0.71 10.89 -87.06
N ASP O 410 -1.90 11.34 -87.45
CA ASP O 410 -3.05 10.47 -87.70
C ASP O 410 -3.36 10.32 -89.19
N THR O 411 -2.42 10.65 -90.07
CA THR O 411 -2.66 10.62 -91.51
C THR O 411 -1.75 9.68 -92.27
N LEU O 412 -0.81 9.03 -91.60
CA LEU O 412 0.06 8.05 -92.24
C LEU O 412 -0.65 6.68 -92.28
N TYR O 413 -0.73 6.09 -93.47
CA TYR O 413 -1.44 4.83 -93.65
C TYR O 413 -0.59 3.88 -94.49
N VAL O 414 -0.40 2.67 -93.98
CA VAL O 414 0.43 1.64 -94.64
C VAL O 414 -0.49 0.71 -95.41
N ARG O 415 0.03 0.16 -96.51
CA ARG O 415 -0.67 -0.89 -97.25
C ARG O 415 0.34 -1.89 -97.79
N ILE O 416 -0.02 -3.17 -97.71
CA ILE O 416 0.84 -4.28 -98.12
C ILE O 416 0.25 -4.92 -99.36
N LEU O 417 1.13 -5.54 -100.16
CA LEU O 417 0.69 -6.24 -101.37
C LEU O 417 1.70 -7.36 -101.64
N GLY O 418 1.39 -8.56 -101.13
CA GLY O 418 2.23 -9.72 -101.35
C GLY O 418 1.39 -10.97 -101.51
N ARG O 419 2.06 -12.08 -101.82
CA ARG O 419 1.35 -13.32 -102.06
C ARG O 419 0.71 -13.82 -100.78
N ASN O 420 -0.52 -14.34 -100.90
CA ASN O 420 -1.28 -14.89 -99.78
C ASN O 420 -1.38 -13.86 -98.64
N THR O 421 -1.62 -12.61 -99.01
CA THR O 421 -1.78 -11.54 -98.04
C THR O 421 -2.84 -10.58 -98.54
N PRO O 422 -4.03 -10.57 -97.95
CA PRO O 422 -5.11 -9.73 -98.47
C PRO O 422 -4.73 -8.25 -98.43
N CYS O 423 -5.25 -7.51 -99.41
CA CYS O 423 -5.03 -6.08 -99.52
C CYS O 423 -6.37 -5.40 -99.76
N GLY O 424 -6.62 -4.32 -99.03
CA GLY O 424 -7.91 -3.67 -99.06
C GLY O 424 -8.90 -4.21 -98.06
N GLY O 425 -8.52 -5.20 -97.25
CA GLY O 425 -9.39 -5.75 -96.24
C GLY O 425 -9.36 -4.93 -94.97
N THR O 426 -9.93 -5.51 -93.92
CA THR O 426 -9.96 -4.83 -92.64
C THR O 426 -8.55 -4.68 -92.09
N PRO O 427 -8.26 -3.57 -91.40
CA PRO O 427 -6.92 -3.40 -90.82
C PRO O 427 -6.60 -4.53 -89.84
N THR O 428 -5.34 -4.98 -89.89
CA THR O 428 -4.84 -6.00 -88.98
C THR O 428 -3.61 -5.46 -88.27
N ALA O 429 -3.60 -5.61 -86.94
CA ALA O 429 -2.55 -4.98 -86.15
C ALA O 429 -1.17 -5.56 -86.44
N GLN O 430 -1.08 -6.90 -86.57
CA GLN O 430 0.19 -7.58 -86.76
C GLN O 430 0.09 -8.50 -87.99
N THR O 431 -0.03 -7.88 -89.15
CA THR O 431 -0.05 -8.63 -90.39
C THR O 431 1.29 -9.34 -90.59
N HIS O 432 1.21 -10.60 -91.03
CA HIS O 432 2.40 -11.42 -91.19
C HIS O 432 3.32 -10.87 -92.27
N PHE O 433 4.63 -11.00 -92.05
CA PHE O 433 5.63 -10.55 -93.01
C PHE O 433 6.63 -11.66 -93.29
N SER O 434 7.23 -12.21 -92.25
CA SER O 434 8.23 -13.25 -92.42
C SER O 434 7.60 -14.55 -92.93
N ASN O 435 6.51 -14.98 -92.30
CA ASN O 435 5.80 -16.20 -92.67
C ASN O 435 4.59 -15.80 -93.50
N LEU O 436 4.65 -16.04 -94.80
CA LEU O 436 3.59 -15.59 -95.70
C LEU O 436 2.41 -16.55 -95.79
N GLY O 437 2.46 -17.70 -95.12
CA GLY O 437 1.31 -18.55 -94.96
C GLY O 437 1.22 -19.72 -95.91
N ASP O 438 1.97 -19.69 -97.01
CA ASP O 438 1.92 -20.76 -98.01
C ASP O 438 3.00 -21.80 -97.84
N GLY O 439 3.88 -21.64 -96.84
CA GLY O 439 5.00 -22.55 -96.66
C GLY O 439 6.16 -22.31 -97.59
N LYS O 440 6.02 -21.45 -98.58
CA LYS O 440 7.09 -21.11 -99.49
C LYS O 440 8.10 -20.20 -98.81
N PRO O 441 9.38 -20.29 -99.18
CA PRO O 441 10.37 -19.37 -98.61
C PRO O 441 10.04 -17.92 -98.96
N PHE O 442 10.55 -17.00 -98.14
CA PHE O 442 10.23 -15.59 -98.32
C PHE O 442 10.79 -15.06 -99.64
N TRP O 443 11.99 -15.52 -100.01
CA TRP O 443 12.61 -15.13 -101.27
C TRP O 443 12.50 -16.29 -102.25
N ASP O 444 11.80 -16.06 -103.36
CA ASP O 444 11.66 -17.10 -104.38
C ASP O 444 12.98 -17.36 -105.09
N SER O 445 13.31 -18.64 -105.27
CA SER O 445 14.50 -19.06 -106.01
C SER O 445 15.77 -18.42 -105.46
N THR O 446 15.86 -18.36 -104.13
CA THR O 446 17.04 -17.85 -103.44
C THR O 446 17.55 -18.95 -102.53
N THR O 447 18.54 -19.70 -102.98
CA THR O 447 19.05 -20.85 -102.25
C THR O 447 20.54 -20.81 -101.98
N THR O 448 21.33 -20.16 -102.81
CA THR O 448 22.77 -20.18 -102.65
C THR O 448 23.20 -19.24 -101.53
N LEU O 449 24.45 -19.40 -101.08
CA LEU O 449 24.95 -18.63 -99.95
C LEU O 449 24.98 -17.14 -100.25
N LEU O 450 25.55 -16.77 -101.40
CA LEU O 450 25.68 -15.35 -101.73
C LEU O 450 24.32 -14.71 -101.98
N GLN O 451 23.37 -15.45 -102.54
CA GLN O 451 22.06 -14.86 -102.84
C GLN O 451 21.25 -14.61 -101.57
N ARG O 452 21.50 -15.38 -100.50
CA ARG O 452 20.98 -14.98 -99.20
C ARG O 452 21.78 -13.84 -98.60
N ALA O 453 23.08 -13.78 -98.88
CA ALA O 453 23.91 -12.71 -98.34
C ALA O 453 23.50 -11.34 -98.86
N THR O 454 22.97 -11.29 -100.08
CA THR O 454 22.47 -10.04 -100.64
C THR O 454 20.98 -9.86 -100.42
N TRP O 455 20.24 -10.96 -100.27
CA TRP O 455 18.80 -10.93 -100.01
C TRP O 455 18.52 -11.74 -98.75
N PRO O 456 18.80 -11.19 -97.58
CA PRO O 456 18.54 -11.94 -96.34
C PRO O 456 17.06 -11.98 -96.03
N ASP O 457 16.63 -13.11 -95.47
CA ASP O 457 15.27 -13.20 -94.97
C ASP O 457 15.03 -12.10 -93.93
N PRO O 458 13.80 -11.59 -93.83
CA PRO O 458 13.52 -10.55 -92.85
C PRO O 458 13.67 -11.10 -91.43
N ASP O 459 13.70 -10.18 -90.48
CA ASP O 459 13.85 -10.55 -89.08
C ASP O 459 12.78 -11.57 -88.68
N SER O 460 13.21 -12.59 -87.94
CA SER O 460 12.34 -13.71 -87.63
C SER O 460 11.06 -13.25 -86.96
N GLY O 461 9.92 -13.65 -87.54
CA GLY O 461 8.63 -13.30 -86.98
C GLY O 461 8.30 -11.82 -87.04
N GLN O 462 8.78 -11.11 -88.06
CA GLN O 462 8.44 -9.71 -88.20
C GLN O 462 6.96 -9.56 -88.56
N THR O 463 6.36 -8.49 -88.06
CA THR O 463 4.95 -8.20 -88.29
C THR O 463 4.80 -6.74 -88.71
N LEU O 464 3.87 -6.50 -89.63
CA LEU O 464 3.49 -5.16 -90.05
C LEU O 464 2.21 -4.72 -89.35
N THR O 465 1.91 -3.43 -89.48
CA THR O 465 0.66 -2.86 -88.99
C THR O 465 -0.01 -2.14 -90.16
N ILE O 466 -0.94 -2.80 -90.82
CA ILE O 466 -1.74 -2.18 -91.87
C ILE O 466 -2.90 -1.43 -91.22
N ASN O 467 -2.89 -0.10 -91.34
CA ASN O 467 -3.88 0.75 -90.70
C ASN O 467 -4.82 1.39 -91.70
N ALA O 468 -4.73 1.04 -92.97
CA ALA O 468 -5.57 1.64 -93.99
C ALA O 468 -7.02 1.16 -93.84
N PRO O 469 -7.97 1.95 -94.30
CA PRO O 469 -9.38 1.54 -94.21
C PRO O 469 -9.73 0.40 -95.15
N GLN O 470 -11.00 0.03 -95.20
CA GLN O 470 -11.48 -1.10 -96.00
C GLN O 470 -12.10 -0.60 -97.29
N VAL O 471 -11.88 -1.36 -98.37
CA VAL O 471 -12.41 -1.03 -99.69
C VAL O 471 -13.59 -1.96 -100.01
N PRO O 472 -14.48 -1.57 -100.92
CA PRO O 472 -15.65 -2.43 -101.19
C PRO O 472 -15.30 -3.80 -101.74
N GLU O 473 -14.27 -3.89 -102.59
CA GLU O 473 -13.86 -5.15 -103.21
C GLU O 473 -12.41 -5.45 -102.82
N PRO O 474 -12.19 -5.91 -101.59
CA PRO O 474 -10.81 -6.18 -101.15
C PRO O 474 -10.20 -7.34 -101.91
N LEU O 475 -8.88 -7.29 -102.06
CA LEU O 475 -8.15 -8.34 -102.76
C LEU O 475 -7.96 -9.53 -101.83
N THR O 476 -8.50 -10.68 -102.21
CA THR O 476 -8.37 -11.87 -101.40
C THR O 476 -6.95 -12.43 -101.48
N ALA O 477 -6.58 -13.20 -100.47
CA ALA O 477 -5.27 -13.86 -100.49
C ALA O 477 -5.17 -14.92 -101.58
N GLU O 478 -6.31 -15.42 -102.07
CA GLU O 478 -6.29 -16.38 -103.16
C GLU O 478 -6.00 -15.71 -104.50
N GLU O 479 -6.50 -14.48 -104.69
CA GLU O 479 -6.20 -13.73 -105.90
C GLU O 479 -4.72 -13.42 -106.03
N LEU O 480 -3.96 -13.53 -104.94
CA LEU O 480 -2.57 -13.11 -104.91
C LEU O 480 -1.61 -14.30 -104.74
N LYS O 481 -2.11 -15.53 -104.84
CA LYS O 481 -1.23 -16.68 -104.68
C LYS O 481 -0.18 -16.72 -105.78
N ASN O 482 -0.54 -16.29 -106.98
CA ASN O 482 0.38 -16.19 -108.11
C ASN O 482 0.70 -14.72 -108.35
N PHE O 483 1.52 -14.16 -107.46
CA PHE O 483 1.86 -12.74 -107.52
C PHE O 483 3.35 -12.54 -107.38
N ASP O 484 4.01 -13.36 -106.57
CA ASP O 484 5.45 -13.29 -106.40
C ASP O 484 6.10 -13.97 -107.59
N GLN O 485 6.39 -13.19 -108.62
CA GLN O 485 6.89 -13.75 -109.87
C GLN O 485 8.33 -14.23 -109.72
N ASP O 486 8.61 -15.38 -110.33
CA ASP O 486 9.92 -16.02 -110.21
C ASP O 486 10.52 -16.29 -111.59
N TYR O 487 11.63 -17.02 -111.64
CA TYR O 487 12.19 -17.46 -112.92
C TYR O 487 11.16 -18.22 -113.72
N ALA O 488 11.12 -17.94 -115.03
CA ALA O 488 10.35 -18.80 -115.93
C ALA O 488 11.02 -20.17 -116.05
N ARG O 489 12.33 -20.17 -116.28
CA ARG O 489 13.12 -21.40 -116.29
C ARG O 489 14.58 -21.00 -116.19
N ASP O 490 15.22 -21.31 -115.07
CA ASP O 490 16.62 -20.92 -114.86
C ASP O 490 17.60 -21.71 -115.70
N GLU O 491 17.15 -22.51 -116.67
CA GLU O 491 18.07 -23.25 -117.52
C GLU O 491 18.77 -22.31 -118.50
N LYS O 492 19.81 -22.84 -119.14
CA LYS O 492 20.57 -22.05 -120.09
C LYS O 492 19.75 -21.76 -121.34
N GLN O 493 20.33 -20.95 -122.23
CA GLN O 493 19.68 -20.55 -123.47
C GLN O 493 20.46 -21.09 -124.66
N SER O 494 19.87 -20.97 -125.85
CA SER O 494 20.54 -21.35 -127.08
C SER O 494 21.45 -20.24 -127.60
N GLY O 495 21.36 -19.03 -127.06
CA GLY O 495 22.19 -17.93 -127.50
C GLY O 495 21.70 -17.19 -128.72
N GLY O 496 20.81 -17.79 -129.52
CA GLY O 496 20.29 -17.15 -130.71
C GLY O 496 18.88 -16.64 -130.54
N ALA O 497 18.02 -17.46 -129.93
CA ALA O 497 16.65 -17.08 -129.67
C ALA O 497 16.14 -17.83 -128.46
N GLY O 498 15.42 -17.12 -127.58
CA GLY O 498 14.90 -17.73 -126.38
C GLY O 498 14.40 -16.71 -125.35
N TYR O 499 14.74 -16.94 -124.09
CA TYR O 499 14.27 -16.10 -122.98
C TYR O 499 15.47 -15.70 -122.12
N ALA O 500 16.06 -14.55 -122.43
CA ALA O 500 17.16 -13.99 -121.67
C ALA O 500 17.20 -12.49 -121.91
N TYR O 501 18.30 -11.86 -121.53
CA TYR O 501 18.39 -10.40 -121.62
C TYR O 501 18.46 -9.95 -123.08
N GLY O 502 19.29 -10.60 -123.89
CA GLY O 502 19.53 -10.12 -125.23
C GLY O 502 19.19 -11.08 -126.36
N GLN O 503 18.03 -11.72 -126.29
CA GLN O 503 17.55 -12.56 -127.38
C GLN O 503 16.15 -12.09 -127.80
N ILE O 504 15.70 -12.63 -128.93
CA ILE O 504 14.36 -12.37 -129.43
C ILE O 504 13.42 -13.38 -128.78
N ASN O 505 12.34 -12.88 -128.18
CA ASN O 505 11.33 -13.75 -127.60
C ASN O 505 10.61 -14.50 -128.70
N PRO O 506 10.79 -15.81 -128.83
CA PRO O 506 10.15 -16.54 -129.94
C PRO O 506 8.64 -16.60 -129.82
N GLU O 507 8.10 -16.35 -128.63
CA GLU O 507 6.66 -16.38 -128.45
C GLU O 507 5.98 -15.26 -129.24
N THR O 508 6.71 -14.17 -129.50
CA THR O 508 6.15 -13.03 -130.21
C THR O 508 7.07 -12.45 -131.28
N LYS O 509 8.23 -13.04 -131.53
CA LYS O 509 9.20 -12.54 -132.51
C LYS O 509 9.59 -11.09 -132.21
N LYS O 510 9.82 -10.80 -130.93
CA LYS O 510 10.21 -9.49 -130.46
C LYS O 510 11.29 -9.65 -129.40
N PRO O 511 12.12 -8.64 -129.20
CA PRO O 511 13.14 -8.74 -128.16
C PRO O 511 12.53 -8.82 -126.76
N VAL O 512 13.19 -9.57 -125.89
CA VAL O 512 12.70 -9.73 -124.52
C VAL O 512 12.75 -8.40 -123.78
N ASP O 513 13.90 -7.75 -123.79
CA ASP O 513 14.10 -6.47 -123.11
C ASP O 513 14.53 -5.44 -124.14
N THR O 514 13.70 -4.41 -124.33
CA THR O 514 14.06 -3.31 -125.21
C THR O 514 15.23 -2.50 -124.66
N ASP O 515 15.52 -2.62 -123.37
CA ASP O 515 16.65 -1.93 -122.77
C ASP O 515 18.00 -2.52 -123.18
N TYR O 516 18.01 -3.72 -123.77
CA TYR O 516 19.27 -4.40 -124.04
C TYR O 516 20.12 -3.63 -125.05
N ARG O 517 19.49 -3.13 -126.12
CA ARG O 517 20.25 -2.46 -127.17
C ARG O 517 20.90 -1.17 -126.69
N TYR O 518 20.39 -0.57 -125.62
CA TYR O 518 21.00 0.65 -125.07
C TYR O 518 22.10 0.33 -124.07
N TYR O 519 21.86 -0.63 -123.17
CA TYR O 519 22.80 -0.90 -122.10
C TYR O 519 24.04 -1.64 -122.59
N ILE O 520 23.93 -2.40 -123.69
CA ILE O 520 25.00 -3.27 -124.13
C ILE O 520 26.29 -2.52 -124.44
N SER O 521 26.21 -1.20 -124.61
CA SER O 521 27.38 -0.39 -124.90
C SER O 521 28.40 -0.43 -123.76
N GLU O 558 36.85 -11.24 -123.59
CA GLU O 558 36.21 -12.34 -124.28
C GLU O 558 34.85 -11.95 -124.85
N GLU O 559 34.20 -12.91 -125.52
CA GLU O 559 32.85 -12.68 -126.02
C GLU O 559 31.86 -12.86 -124.88
N MET O 560 32.35 -12.68 -123.65
CA MET O 560 31.48 -12.71 -122.49
C MET O 560 30.31 -11.74 -122.64
N LEU O 561 30.51 -10.66 -123.39
CA LEU O 561 29.39 -9.79 -123.78
C LEU O 561 28.29 -10.59 -124.45
N GLU O 562 28.63 -11.40 -125.47
CA GLU O 562 27.67 -12.32 -126.07
C GLU O 562 27.18 -13.33 -125.04
N GLU O 563 28.11 -13.89 -124.22
CA GLU O 563 27.75 -14.80 -123.11
C GLU O 563 26.96 -14.08 -121.99
N VAL O 564 26.67 -12.78 -122.16
CA VAL O 564 25.79 -12.05 -121.26
C VAL O 564 24.42 -11.78 -121.88
N ARG O 565 24.31 -11.75 -123.21
CA ARG O 565 23.00 -11.70 -123.86
C ARG O 565 22.13 -12.90 -123.51
N THR O 566 22.71 -13.94 -122.90
CA THR O 566 21.99 -15.14 -122.51
C THR O 566 21.71 -15.23 -121.02
N TYR O 567 22.14 -14.24 -120.23
CA TYR O 567 21.98 -14.31 -118.78
C TYR O 567 20.52 -14.53 -118.41
N VAL O 568 20.29 -15.48 -117.51
CA VAL O 568 18.95 -15.73 -116.98
C VAL O 568 18.51 -14.52 -116.18
N GLN O 569 18.02 -13.51 -116.89
CA GLN O 569 17.58 -12.26 -116.28
C GLN O 569 16.61 -12.52 -115.14
N ARG O 570 17.00 -12.12 -113.94
CA ARG O 570 16.19 -12.38 -112.77
C ARG O 570 15.02 -11.39 -112.71
N PRO O 571 13.83 -11.85 -112.34
CA PRO O 571 12.71 -10.92 -112.14
C PRO O 571 12.79 -10.26 -110.79
N THR O 572 12.44 -8.98 -110.75
CA THR O 572 12.36 -8.22 -109.51
C THR O 572 10.95 -7.64 -109.40
N ASP O 573 10.16 -8.20 -108.48
CA ASP O 573 8.77 -7.79 -108.30
C ASP O 573 8.69 -6.33 -107.87
N HIS O 574 9.16 -5.44 -108.73
CA HIS O 574 9.26 -4.01 -108.45
C HIS O 574 8.13 -3.22 -109.10
N SER O 575 7.92 -3.41 -110.40
CA SER O 575 6.82 -2.77 -111.12
C SER O 575 5.52 -3.56 -111.03
N THR O 576 5.48 -4.62 -110.22
CA THR O 576 4.26 -5.40 -110.10
C THR O 576 3.15 -4.60 -109.41
N LEU O 577 3.51 -3.83 -108.39
CA LEU O 577 2.49 -3.08 -107.64
C LEU O 577 1.81 -2.01 -108.48
N PRO O 578 2.53 -1.17 -109.25
CA PRO O 578 1.83 -0.13 -110.04
C PRO O 578 0.98 -0.71 -111.18
N SER O 579 1.58 -1.59 -111.98
CA SER O 579 0.92 -2.11 -113.17
C SER O 579 -0.27 -3.00 -112.85
N ASP O 580 -0.46 -3.39 -111.59
CA ASP O 580 -1.55 -4.28 -111.23
C ASP O 580 -2.89 -3.58 -111.43
N GLU O 581 -3.71 -4.11 -112.33
CA GLU O 581 -5.02 -3.53 -112.59
C GLU O 581 -5.93 -3.63 -111.37
N ARG O 582 -5.80 -4.72 -110.61
CA ARG O 582 -6.71 -4.97 -109.51
C ARG O 582 -6.45 -4.01 -108.35
N PHE O 583 -5.19 -3.88 -107.94
CA PHE O 583 -4.86 -3.04 -106.80
C PHE O 583 -5.15 -1.57 -107.08
N MET O 584 -5.03 -1.15 -108.33
CA MET O 584 -5.34 0.25 -108.66
C MET O 584 -6.84 0.48 -108.73
N SER O 585 -7.57 -0.41 -109.40
CA SER O 585 -8.98 -0.18 -109.65
C SER O 585 -9.85 -0.43 -108.42
N ARG O 586 -9.37 -1.23 -107.46
CA ARG O 586 -10.19 -1.59 -106.31
C ARG O 586 -9.68 -1.04 -104.99
N VAL O 587 -8.44 -0.54 -104.93
CA VAL O 587 -7.88 -0.08 -103.66
C VAL O 587 -7.50 1.39 -103.75
N VAL O 588 -6.60 1.71 -104.68
CA VAL O 588 -6.04 3.07 -104.73
C VAL O 588 -7.10 4.07 -105.15
N ALA O 589 -7.96 3.71 -106.11
CA ALA O 589 -8.98 4.64 -106.59
C ALA O 589 -9.86 5.14 -105.44
N TYR O 590 -10.22 4.24 -104.53
CA TYR O 590 -10.96 4.66 -103.34
C TYR O 590 -10.06 5.44 -102.39
N ASP O 591 -8.77 5.11 -102.35
CA ASP O 591 -7.81 5.82 -101.50
C ASP O 591 -7.45 7.20 -102.03
N LEU O 592 -8.00 7.62 -103.15
CA LEU O 592 -7.73 8.98 -103.62
C LEU O 592 -8.69 9.96 -102.98
N PRO O 593 -8.24 11.18 -102.69
CA PRO O 593 -9.15 12.21 -102.19
C PRO O 593 -9.90 12.89 -103.33
N ILE O 594 -11.14 13.25 -103.04
CA ILE O 594 -12.02 13.93 -104.00
C ILE O 594 -12.43 15.27 -103.40
N GLY O 595 -12.27 16.33 -104.18
CA GLY O 595 -12.61 17.67 -103.74
C GLY O 595 -14.10 17.93 -103.69
N SER O 600 -16.11 24.23 -115.08
CA SER O 600 -15.51 22.93 -114.78
C SER O 600 -14.00 22.97 -114.95
N TRP O 601 -13.52 22.52 -116.10
CA TRP O 601 -12.09 22.45 -116.37
C TRP O 601 -11.78 23.01 -117.75
N ASP O 602 -10.62 23.67 -117.86
CA ASP O 602 -10.15 24.22 -119.12
C ASP O 602 -9.20 23.22 -119.77
N LYS O 603 -9.50 22.85 -121.02
CA LYS O 603 -8.66 21.88 -121.71
C LYS O 603 -7.28 22.43 -122.00
N ALA O 604 -7.19 23.70 -122.42
CA ALA O 604 -5.90 24.29 -122.75
C ALA O 604 -5.02 24.42 -121.52
N GLY O 605 -5.62 24.76 -120.37
CA GLY O 605 -4.85 24.85 -119.14
C GLY O 605 -4.32 23.50 -118.69
N LEU O 606 -5.14 22.46 -118.83
CA LEU O 606 -4.66 21.11 -118.51
C LEU O 606 -3.57 20.67 -119.47
N GLU O 607 -3.65 21.09 -120.74
CA GLU O 607 -2.64 20.72 -121.71
C GLU O 607 -1.30 21.38 -121.40
N GLU O 608 -1.32 22.66 -121.02
CA GLU O 608 -0.06 23.33 -120.68
C GLU O 608 0.48 22.83 -119.35
N LEU O 609 -0.38 22.34 -118.47
CA LEU O 609 0.11 21.68 -117.26
C LEU O 609 0.81 20.38 -117.59
N ARG O 610 0.27 19.61 -118.55
CA ARG O 610 0.95 18.42 -119.02
C ARG O 610 2.29 18.77 -119.66
N ARG O 611 2.32 19.84 -120.46
CA ARG O 611 3.57 20.30 -121.06
C ARG O 611 4.58 20.70 -119.98
N GLN O 612 4.10 21.37 -118.93
CA GLN O 612 5.00 21.76 -117.84
C GLN O 612 5.53 20.55 -117.09
N ALA O 613 4.69 19.53 -116.91
CA ALA O 613 5.10 18.35 -116.16
C ALA O 613 6.26 17.63 -116.85
N ASP O 614 6.07 17.28 -118.12
CA ASP O 614 7.12 16.63 -118.88
C ASP O 614 8.32 17.56 -119.04
N TRP O 615 9.51 17.03 -118.79
CA TRP O 615 10.73 17.83 -118.83
C TRP O 615 11.36 17.88 -120.23
N LEU O 616 10.83 17.13 -121.19
CA LEU O 616 11.29 17.21 -122.57
C LEU O 616 10.58 18.31 -123.36
N GLU O 617 9.57 18.95 -122.78
CA GLU O 617 8.81 19.99 -123.47
C GLU O 617 8.75 21.30 -122.70
N SER O 618 9.24 21.37 -121.47
CA SER O 618 9.19 22.61 -120.70
C SER O 618 10.42 22.86 -119.83
N ASP O 619 11.28 21.88 -119.61
CA ASP O 619 12.45 22.04 -118.76
C ASP O 619 13.60 22.61 -119.59
N ASP O 620 13.98 23.85 -119.29
CA ASP O 620 15.08 24.50 -120.00
C ASP O 620 16.41 23.83 -119.74
N TYR O 621 16.55 23.12 -118.62
CA TYR O 621 17.77 22.37 -118.36
C TYR O 621 17.99 21.30 -119.43
N TYR O 622 16.91 20.66 -119.89
CA TYR O 622 17.02 19.72 -120.99
C TYR O 622 17.51 20.40 -122.26
N PHE O 623 16.94 21.57 -122.58
CA PHE O 623 17.35 22.28 -123.79
C PHE O 623 18.77 22.83 -123.67
N SER O 624 19.21 23.14 -122.45
CA SER O 624 20.49 23.82 -122.26
C SER O 624 21.49 22.96 -121.50
N GLY O 625 21.17 22.52 -120.29
CA GLY O 625 22.13 21.91 -119.40
C GLY O 625 22.40 22.69 -118.14
N LYS O 626 21.56 23.67 -117.80
CA LYS O 626 21.75 24.52 -116.64
C LYS O 626 20.80 24.09 -115.52
N LEU O 627 21.36 23.83 -114.34
CA LEU O 627 20.61 23.32 -113.21
C LEU O 627 20.03 24.48 -112.40
N THR O 628 18.76 24.35 -112.02
CA THR O 628 18.07 25.31 -111.15
C THR O 628 17.71 24.55 -109.87
N VAL O 629 18.68 24.45 -108.97
CA VAL O 629 18.50 23.69 -107.73
C VAL O 629 17.78 24.57 -106.71
N PRO O 630 16.80 24.03 -106.00
CA PRO O 630 16.14 24.79 -104.93
C PRO O 630 16.87 24.58 -103.62
N PRO O 631 16.69 25.49 -102.65
CA PRO O 631 17.37 25.32 -101.36
C PRO O 631 16.73 24.21 -100.55
N ILE O 632 17.52 23.63 -99.65
CA ILE O 632 17.04 22.57 -98.76
C ILE O 632 15.97 23.16 -97.84
N PRO O 633 14.74 22.67 -97.91
CA PRO O 633 13.69 23.18 -97.03
C PRO O 633 13.98 22.85 -95.57
N PRO O 634 13.44 23.64 -94.63
CA PRO O 634 13.78 23.41 -93.22
C PRO O 634 13.21 22.12 -92.64
N ALA O 635 12.27 21.46 -93.33
CA ALA O 635 11.71 20.23 -92.81
C ALA O 635 12.67 19.05 -92.93
N ILE O 636 13.66 19.14 -93.81
CA ILE O 636 14.60 18.04 -94.03
C ILE O 636 15.80 18.28 -93.10
N LYS O 637 15.85 17.51 -92.01
CA LYS O 637 16.94 17.62 -91.07
C LYS O 637 18.19 16.93 -91.62
N GLN O 638 19.35 17.56 -91.41
CA GLN O 638 20.62 17.03 -91.85
C GLN O 638 21.49 16.58 -90.68
N ASP O 639 20.88 16.31 -89.53
CA ASP O 639 21.60 15.91 -88.33
C ASP O 639 22.33 14.59 -88.55
N VAL O 640 23.65 14.64 -88.72
CA VAL O 640 24.40 13.42 -89.01
C VAL O 640 24.44 12.53 -87.78
N ALA O 641 24.40 11.22 -88.00
CA ALA O 641 24.65 10.26 -86.93
C ALA O 641 26.15 10.15 -86.72
N GLU O 642 26.57 10.06 -85.46
CA GLU O 642 28.00 9.87 -85.23
C GLU O 642 28.36 8.45 -85.67
N ASP O 643 29.37 8.34 -86.52
CA ASP O 643 29.81 7.05 -87.05
C ASP O 643 31.01 7.20 -87.97
N ALA O 644 31.84 8.22 -87.73
CA ALA O 644 33.07 8.34 -88.50
C ALA O 644 33.97 7.12 -88.29
N GLU O 645 34.00 6.59 -87.07
CA GLU O 645 34.77 5.38 -86.80
C GLU O 645 34.19 4.16 -87.48
N GLN O 646 32.85 4.10 -87.61
CA GLN O 646 32.22 2.94 -88.24
C GLN O 646 32.68 2.78 -89.68
N ARG O 647 32.87 3.90 -90.40
CA ARG O 647 33.42 3.82 -91.75
C ARG O 647 34.83 3.27 -91.74
N LYS O 648 35.65 3.72 -90.80
CA LYS O 648 36.99 3.16 -90.66
C LYS O 648 36.93 1.71 -90.21
N ALA O 649 36.03 1.39 -89.28
CA ALA O 649 35.85 0.00 -88.87
C ALA O 649 35.36 -0.86 -90.02
N GLU O 650 34.40 -0.34 -90.81
CA GLU O 650 33.96 -1.06 -92.00
C GLU O 650 35.08 -1.17 -93.02
N GLU O 651 35.87 -0.11 -93.19
CA GLU O 651 37.05 -0.18 -94.05
C GLU O 651 38.03 -1.22 -93.55
N LYS O 652 38.25 -1.26 -92.23
CA LYS O 652 39.07 -2.33 -91.66
C LYS O 652 38.40 -3.68 -91.78
N ALA O 653 37.07 -3.73 -91.59
CA ALA O 653 36.34 -4.98 -91.77
C ALA O 653 36.38 -5.44 -93.22
N ARG O 654 36.29 -4.50 -94.17
CA ARG O 654 36.35 -4.83 -95.59
C ARG O 654 37.79 -4.70 -96.10
N TYR P 65 2.86 -35.26 -124.37
CA TYR P 65 2.06 -34.14 -124.86
C TYR P 65 0.60 -34.57 -125.08
N GLY P 66 -0.13 -33.79 -125.86
CA GLY P 66 -1.54 -34.05 -126.06
C GLY P 66 -1.93 -34.15 -127.51
N PRO P 67 -3.14 -34.68 -127.77
CA PRO P 67 -3.60 -34.80 -129.15
C PRO P 67 -3.95 -33.43 -129.72
N PRO P 68 -3.82 -33.25 -131.04
CA PRO P 68 -4.12 -31.94 -131.63
C PRO P 68 -5.58 -31.57 -131.45
N GLN P 69 -5.83 -30.27 -131.36
CA GLN P 69 -7.17 -29.75 -131.13
C GLN P 69 -7.41 -28.55 -132.04
N VAL P 70 -8.65 -28.07 -132.05
CA VAL P 70 -9.04 -26.89 -132.83
C VAL P 70 -9.32 -25.76 -131.85
N ILE P 71 -9.00 -24.54 -132.27
CA ILE P 71 -9.15 -23.37 -131.41
C ILE P 71 -9.98 -22.29 -132.09
N PHE P 72 -9.90 -22.21 -133.42
CA PHE P 72 -10.59 -21.15 -134.16
C PHE P 72 -10.94 -21.70 -135.54
N ARG P 73 -12.22 -22.00 -135.75
CA ARG P 73 -12.71 -22.57 -137.00
C ARG P 73 -13.25 -21.45 -137.88
N ILE P 74 -12.49 -21.08 -138.91
CA ILE P 74 -12.94 -20.07 -139.85
C ILE P 74 -14.05 -20.62 -140.73
N ASP P 75 -13.75 -21.69 -141.47
CA ASP P 75 -14.76 -22.42 -142.22
C ASP P 75 -14.26 -23.86 -142.36
N ASP P 76 -14.82 -24.59 -143.34
CA ASP P 76 -14.42 -25.99 -143.53
C ASP P 76 -12.96 -26.09 -143.94
N ASN P 77 -12.54 -25.28 -144.92
CA ASN P 77 -11.17 -25.36 -145.41
C ASN P 77 -10.19 -24.74 -144.44
N ARG P 78 -10.47 -23.53 -143.98
CA ARG P 78 -9.54 -22.75 -143.17
C ARG P 78 -9.93 -22.84 -141.71
N TYR P 79 -8.95 -23.12 -140.85
CA TYR P 79 -9.17 -23.18 -139.41
C TYR P 79 -7.82 -23.11 -138.70
N PHE P 80 -7.88 -23.02 -137.37
CA PHE P 80 -6.71 -22.90 -136.52
C PHE P 80 -6.66 -24.06 -135.54
N THR P 81 -5.47 -24.65 -135.38
CA THR P 81 -5.27 -25.78 -134.50
C THR P 81 -4.18 -25.50 -133.48
N LEU P 82 -4.20 -26.27 -132.39
CA LEU P 82 -3.16 -26.24 -131.37
C LEU P 82 -2.52 -27.62 -131.30
N GLU P 83 -1.19 -27.66 -131.32
CA GLU P 83 -0.45 -28.91 -131.39
C GLU P 83 0.74 -28.86 -130.44
N ASN P 84 1.19 -30.05 -130.02
CA ASN P 84 2.36 -30.23 -129.17
C ASN P 84 2.23 -29.43 -127.87
N TYR P 85 1.28 -29.87 -127.05
CA TYR P 85 0.97 -29.18 -125.81
C TYR P 85 0.65 -30.19 -124.72
N THR P 86 0.98 -29.83 -123.48
CA THR P 86 0.55 -30.60 -122.32
C THR P 86 -0.76 -30.07 -121.73
N HIS P 87 -1.13 -28.85 -122.06
CA HIS P 87 -2.37 -28.25 -121.58
C HIS P 87 -2.74 -27.11 -122.53
N CYS P 88 -3.80 -26.39 -122.18
CA CYS P 88 -4.30 -25.32 -123.04
C CYS P 88 -3.44 -24.06 -122.98
N GLU P 89 -2.44 -24.01 -122.09
CA GLU P 89 -1.58 -22.83 -121.96
C GLU P 89 -0.37 -22.89 -122.88
N ASN P 90 0.31 -24.04 -122.93
CA ASN P 90 1.47 -24.21 -123.79
C ASN P 90 1.03 -24.79 -125.14
N GLY P 91 2.00 -24.98 -126.04
CA GLY P 91 1.73 -25.51 -127.35
C GLY P 91 1.98 -24.49 -128.44
N GLN P 92 1.63 -24.89 -129.66
CA GLN P 92 1.85 -24.06 -130.84
C GLN P 92 0.57 -23.98 -131.67
N THR P 93 0.29 -22.80 -132.19
CA THR P 93 -0.91 -22.55 -133.00
C THR P 93 -0.56 -22.62 -134.47
N PHE P 94 -1.35 -23.38 -135.23
CA PHE P 94 -1.07 -23.68 -136.62
C PHE P 94 -2.24 -23.26 -137.50
N TYR P 95 -1.93 -22.76 -138.70
CA TYR P 95 -2.93 -22.57 -139.73
C TYR P 95 -3.24 -23.91 -140.40
N ASN P 96 -4.46 -24.03 -140.89
CA ASN P 96 -4.91 -25.29 -141.48
C ASN P 96 -5.79 -25.00 -142.69
N ASN P 97 -5.38 -25.47 -143.85
CA ASN P 97 -6.14 -25.35 -145.09
C ASN P 97 -6.13 -26.73 -145.75
N LYS P 98 -7.22 -27.48 -145.56
CA LYS P 98 -7.24 -28.87 -146.01
C LYS P 98 -7.22 -28.97 -147.53
N ALA P 99 -7.94 -28.08 -148.23
CA ALA P 99 -7.99 -28.15 -149.68
C ALA P 99 -6.65 -27.82 -150.32
N LYS P 100 -5.95 -26.81 -149.78
CA LYS P 100 -4.66 -26.42 -150.30
C LYS P 100 -3.49 -27.03 -149.52
N ASN P 101 -3.77 -27.89 -148.55
CA ASN P 101 -2.74 -28.60 -147.78
C ASN P 101 -1.74 -27.63 -147.16
N ILE P 102 -2.26 -26.61 -146.47
CA ILE P 102 -1.45 -25.61 -145.82
C ILE P 102 -1.50 -25.86 -144.32
N HIS P 103 -0.40 -26.36 -143.76
CA HIS P 103 -0.28 -26.68 -142.34
C HIS P 103 1.05 -26.13 -141.86
N VAL P 104 1.04 -24.87 -141.43
CA VAL P 104 2.26 -24.15 -141.07
C VAL P 104 2.09 -23.52 -139.69
N LYS P 105 3.21 -23.42 -138.98
CA LYS P 105 3.22 -22.89 -137.61
C LYS P 105 3.04 -21.38 -137.63
N ILE P 106 1.89 -20.91 -137.16
CA ILE P 106 1.66 -19.47 -137.11
C ILE P 106 2.22 -18.86 -135.83
N LEU P 107 2.22 -19.61 -134.74
CA LEU P 107 2.69 -19.07 -133.48
C LEU P 107 3.24 -20.18 -132.60
N ASP P 108 4.29 -19.85 -131.85
CA ASP P 108 4.88 -20.75 -130.87
C ASP P 108 4.07 -20.82 -129.57
N ALA P 109 2.91 -20.19 -129.52
CA ALA P 109 2.10 -20.10 -128.32
C ALA P 109 0.73 -20.73 -128.54
N SER P 110 0.01 -20.91 -127.45
CA SER P 110 -1.39 -21.32 -127.51
C SER P 110 -2.25 -20.11 -127.87
N GLY P 111 -3.23 -20.34 -128.75
CA GLY P 111 -4.20 -19.30 -129.03
C GLY P 111 -5.05 -18.94 -127.83
N TYR P 112 -5.18 -19.85 -126.86
CA TYR P 112 -6.04 -19.59 -125.71
C TYR P 112 -5.64 -18.32 -124.97
N LEU P 113 -4.33 -18.05 -124.87
CA LEU P 113 -3.85 -16.88 -124.16
C LEU P 113 -4.53 -15.59 -124.65
N PHE P 114 -5.01 -15.58 -125.89
CA PHE P 114 -5.81 -14.47 -126.39
C PHE P 114 -7.25 -14.64 -125.92
N LYS P 115 -7.78 -13.60 -125.27
CA LYS P 115 -9.15 -13.63 -124.77
C LYS P 115 -10.07 -12.60 -125.39
N GLY P 116 -9.59 -11.75 -126.28
CA GLY P 116 -10.46 -10.78 -126.92
C GLY P 116 -11.31 -11.41 -128.00
N ARG P 117 -11.71 -10.63 -129.00
CA ARG P 117 -12.45 -11.17 -130.13
C ARG P 117 -11.66 -10.98 -131.42
N LEU P 118 -11.77 -11.95 -132.31
CA LEU P 118 -11.05 -11.99 -133.57
C LEU P 118 -12.04 -12.09 -134.72
N PHE P 119 -11.83 -11.29 -135.76
CA PHE P 119 -12.68 -11.30 -136.95
C PHE P 119 -11.80 -11.52 -138.17
N TRP P 120 -11.82 -12.74 -138.69
CA TRP P 120 -11.10 -13.09 -139.91
C TRP P 120 -12.03 -12.90 -141.10
N LEU P 121 -11.63 -12.05 -142.05
CA LEU P 121 -12.47 -11.77 -143.21
C LEU P 121 -11.73 -11.87 -144.54
N SER P 122 -10.46 -12.24 -144.54
CA SER P 122 -9.70 -12.38 -145.77
C SER P 122 -9.56 -13.86 -146.14
N THR P 123 -9.58 -14.13 -147.44
CA THR P 123 -9.40 -15.47 -147.97
C THR P 123 -7.98 -15.72 -148.49
N ARG P 124 -7.03 -14.84 -148.13
CA ARG P 124 -5.66 -14.94 -148.62
C ARG P 124 -4.85 -15.82 -147.67
N ASP P 125 -4.42 -16.98 -148.17
CA ASP P 125 -3.59 -17.87 -147.36
C ASP P 125 -2.13 -17.45 -147.35
N ASP P 126 -1.71 -16.56 -148.26
CA ASP P 126 -0.33 -16.10 -148.25
C ASP P 126 -0.10 -15.04 -147.18
N PHE P 127 -1.08 -14.17 -146.96
CA PHE P 127 -0.98 -13.11 -145.96
C PHE P 127 -1.75 -13.53 -144.71
N LEU P 128 -1.07 -13.53 -143.56
CA LEU P 128 -1.67 -13.95 -142.31
C LEU P 128 -1.26 -12.99 -141.20
N ALA P 129 -2.24 -12.63 -140.35
CA ALA P 129 -2.01 -11.78 -139.19
C ALA P 129 -2.71 -12.40 -137.99
N PHE P 130 -1.95 -12.72 -136.96
CA PHE P 130 -2.43 -13.44 -135.79
C PHE P 130 -1.96 -12.74 -134.53
N PRO P 131 -2.72 -12.85 -133.42
CA PRO P 131 -2.28 -12.25 -132.15
C PRO P 131 -1.23 -13.10 -131.45
N ALA P 132 -0.03 -12.56 -131.32
CA ALA P 132 1.02 -13.17 -130.52
C ALA P 132 0.80 -12.77 -129.08
N THR P 133 0.19 -13.66 -128.29
CA THR P 133 -0.24 -13.36 -126.94
C THR P 133 0.70 -13.99 -125.93
N LEU P 134 0.86 -13.33 -124.79
CA LEU P 134 1.71 -13.80 -123.71
C LEU P 134 0.82 -14.30 -122.57
N ASN P 135 1.36 -15.21 -121.77
CA ASN P 135 0.63 -15.78 -120.63
C ASN P 135 1.05 -15.07 -119.37
N THR P 136 0.06 -14.68 -118.55
CA THR P 136 0.35 -13.96 -117.32
C THR P 136 1.13 -14.82 -116.33
N ARG P 137 0.75 -16.09 -116.20
CA ARG P 137 1.33 -16.93 -115.17
C ARG P 137 2.72 -17.43 -115.56
N HIS P 138 2.98 -17.61 -116.85
CA HIS P 138 4.27 -18.09 -117.34
C HIS P 138 4.76 -17.17 -118.44
N ALA P 139 5.80 -16.39 -118.15
CA ALA P 139 6.40 -15.50 -119.12
C ALA P 139 7.73 -15.00 -118.56
N SER P 140 8.75 -14.95 -119.43
CA SER P 140 10.07 -14.48 -119.01
C SER P 140 10.09 -12.97 -118.78
N CYS P 141 9.12 -12.24 -119.32
CA CYS P 141 9.08 -10.79 -119.18
C CYS P 141 8.49 -10.33 -117.85
N MET P 142 7.85 -11.22 -117.10
CA MET P 142 7.23 -10.80 -115.84
C MET P 142 8.28 -10.58 -114.76
N GLY P 143 7.91 -9.80 -113.76
CA GLY P 143 8.85 -9.40 -112.75
C GLY P 143 9.92 -8.44 -113.21
N SER P 144 9.77 -7.88 -114.42
CA SER P 144 10.72 -6.92 -114.95
C SER P 144 10.26 -5.50 -114.63
N ASN P 145 11.21 -4.56 -114.67
CA ASN P 145 10.92 -3.19 -114.32
C ASN P 145 9.95 -2.54 -115.30
N LYS P 146 9.93 -3.01 -116.55
CA LYS P 146 8.99 -2.50 -117.55
C LYS P 146 7.74 -3.37 -117.62
N GLY P 147 7.92 -4.67 -117.84
CA GLY P 147 6.79 -5.59 -117.90
C GLY P 147 6.82 -6.48 -119.13
N CYS P 148 5.70 -6.54 -119.84
CA CYS P 148 5.57 -7.35 -121.03
C CYS P 148 4.97 -6.52 -122.16
N MET P 149 4.80 -7.14 -123.32
CA MET P 149 4.34 -6.42 -124.51
C MET P 149 3.77 -7.44 -125.49
N ASN P 150 2.45 -7.45 -125.63
CA ASN P 150 1.82 -8.32 -126.62
C ASN P 150 2.22 -7.89 -128.03
N ALA P 151 2.17 -8.84 -128.96
CA ALA P 151 2.61 -8.60 -130.32
C ALA P 151 1.62 -9.23 -131.31
N VAL P 152 1.77 -8.86 -132.58
CA VAL P 152 0.97 -9.39 -133.67
C VAL P 152 1.93 -10.08 -134.64
N ILE P 153 1.75 -11.38 -134.83
CA ILE P 153 2.55 -12.13 -135.78
C ILE P 153 2.01 -11.88 -137.19
N VAL P 154 2.90 -11.45 -138.09
CA VAL P 154 2.54 -11.13 -139.46
C VAL P 154 3.45 -11.91 -140.39
N THR P 155 2.85 -12.53 -141.41
CA THR P 155 3.62 -13.15 -142.48
C THR P 155 2.94 -12.85 -143.81
N THR P 156 3.76 -12.68 -144.85
CA THR P 156 3.28 -12.47 -146.20
C THR P 156 3.68 -13.61 -147.12
N ASP P 157 4.14 -14.74 -146.58
CA ASP P 157 4.74 -15.80 -147.36
C ASP P 157 4.36 -17.19 -146.84
N GLY P 158 3.22 -17.28 -146.16
CA GLY P 158 2.79 -18.55 -145.62
C GLY P 158 3.54 -19.00 -144.38
N GLY P 159 4.37 -18.14 -143.78
CA GLY P 159 5.03 -18.45 -142.53
C GLY P 159 6.54 -18.63 -142.60
N LYS P 160 7.13 -18.56 -143.79
CA LYS P 160 8.57 -18.76 -143.89
C LYS P 160 9.34 -17.59 -143.28
N ARG P 161 8.82 -16.38 -143.42
CA ARG P 161 9.45 -15.19 -142.85
C ARG P 161 8.51 -14.65 -141.77
N ARG P 162 8.68 -15.16 -140.55
CA ARG P 162 7.85 -14.75 -139.43
C ARG P 162 8.28 -13.40 -138.89
N SER P 163 7.33 -12.49 -138.76
CA SER P 163 7.58 -11.17 -138.20
C SER P 163 6.60 -10.90 -137.07
N GLY P 164 7.00 -10.04 -136.14
CA GLY P 164 6.15 -9.69 -135.01
C GLY P 164 6.19 -8.22 -134.68
N VAL P 165 5.07 -7.53 -134.88
CA VAL P 165 4.96 -6.10 -134.61
C VAL P 165 4.41 -5.92 -133.20
N PRO P 166 5.10 -5.21 -132.32
CA PRO P 166 4.58 -5.01 -130.96
C PRO P 166 3.39 -4.06 -130.96
N TYR P 167 2.50 -4.29 -130.00
CA TYR P 167 1.31 -3.47 -129.84
C TYR P 167 0.92 -3.44 -128.37
N GLY P 168 0.03 -2.51 -128.03
CA GLY P 168 -0.44 -2.39 -126.66
C GLY P 168 0.59 -1.74 -125.78
N SER P 169 0.23 -1.43 -124.54
CA SER P 169 1.14 -0.78 -123.61
C SER P 169 1.96 -1.82 -122.83
N TYR P 170 2.97 -1.33 -122.14
CA TYR P 170 3.76 -2.19 -121.25
C TYR P 170 2.89 -2.70 -120.12
N THR P 171 2.90 -4.01 -119.92
CA THR P 171 1.93 -4.68 -119.07
C THR P 171 2.61 -5.61 -118.08
N GLN P 172 1.94 -5.82 -116.95
CA GLN P 172 2.24 -6.91 -116.04
C GLN P 172 1.11 -7.92 -116.00
N ASN P 173 0.28 -7.96 -117.05
CA ASN P 173 -0.79 -8.93 -117.21
C ASN P 173 -1.20 -8.88 -118.68
N PRO P 174 -0.62 -9.73 -119.54
CA PRO P 174 -0.98 -9.66 -120.96
C PRO P 174 -2.35 -10.23 -121.27
N THR P 175 -2.76 -11.29 -120.56
CA THR P 175 -4.06 -11.90 -120.84
C THR P 175 -5.21 -10.95 -120.51
N GLY P 176 -5.12 -10.25 -119.37
CA GLY P 176 -6.13 -9.25 -119.07
C GLY P 176 -6.14 -8.11 -120.07
N ALA P 177 -4.98 -7.77 -120.62
CA ALA P 177 -4.92 -6.76 -121.68
C ALA P 177 -5.68 -7.22 -122.91
N THR P 178 -5.36 -8.43 -123.40
CA THR P 178 -6.03 -8.92 -124.60
C THR P 178 -7.47 -9.31 -124.35
N ARG P 179 -7.91 -9.41 -123.08
CA ARG P 179 -9.34 -9.56 -122.80
C ARG P 179 -10.14 -8.40 -123.36
N ASP P 180 -9.50 -7.25 -123.61
CA ASP P 180 -10.19 -6.04 -124.02
C ASP P 180 -9.82 -5.57 -125.43
N TYR P 181 -9.52 -6.49 -126.36
CA TYR P 181 -9.38 -6.02 -127.73
C TYR P 181 -10.37 -6.70 -128.68
N ASP P 182 -10.46 -6.06 -129.85
CA ASP P 182 -11.03 -6.63 -131.06
C ASP P 182 -9.92 -6.57 -132.10
N MET P 183 -9.60 -7.72 -132.71
CA MET P 183 -8.65 -7.74 -133.81
C MET P 183 -9.38 -8.07 -135.11
N LEU P 184 -9.09 -7.30 -136.14
CA LEU P 184 -9.73 -7.41 -137.44
C LEU P 184 -8.68 -7.73 -138.49
N VAL P 185 -8.99 -8.67 -139.39
CA VAL P 185 -8.05 -9.13 -140.41
C VAL P 185 -8.69 -8.88 -141.77
N MET P 186 -8.16 -7.89 -142.48
CA MET P 186 -8.59 -7.58 -143.84
C MET P 186 -7.60 -8.13 -144.85
N ASN P 187 -8.07 -8.27 -146.09
CA ASN P 187 -7.16 -8.64 -147.18
C ASN P 187 -6.12 -7.56 -147.43
N ASP P 188 -6.35 -6.34 -146.94
CA ASP P 188 -5.41 -5.24 -147.06
C ASP P 188 -4.68 -4.95 -145.75
N GLY P 189 -4.60 -5.92 -144.85
CA GLY P 189 -3.88 -5.72 -143.59
C GLY P 189 -4.65 -6.16 -142.37
N PHE P 190 -4.56 -5.40 -141.28
CA PHE P 190 -5.28 -5.74 -140.07
C PHE P 190 -5.55 -4.49 -139.25
N TYR P 191 -6.50 -4.61 -138.32
CA TYR P 191 -6.98 -3.52 -137.49
C TYR P 191 -6.97 -3.94 -136.03
N LEU P 192 -6.70 -2.97 -135.14
CA LEU P 192 -6.68 -3.20 -133.71
C LEU P 192 -7.60 -2.20 -133.02
N LEU P 193 -8.37 -2.69 -132.05
CA LEU P 193 -9.31 -1.86 -131.30
C LEU P 193 -9.17 -2.18 -129.81
N ARG P 194 -8.77 -1.18 -129.03
CA ARG P 194 -8.67 -1.32 -127.57
C ARG P 194 -9.67 -0.38 -126.93
N TYR P 195 -10.56 -0.94 -126.10
CA TYR P 195 -11.59 -0.13 -125.47
C TYR P 195 -11.04 0.58 -124.25
N ARG P 196 -11.63 1.73 -123.93
CA ARG P 196 -11.18 2.57 -122.83
C ARG P 196 -12.30 2.72 -121.81
N GLY P 197 -12.08 3.58 -120.83
CA GLY P 197 -13.05 3.77 -119.77
C GLY P 197 -13.15 2.55 -118.87
N GLY P 198 -14.22 2.55 -118.08
CA GLY P 198 -14.48 1.45 -117.18
C GLY P 198 -15.24 0.32 -117.84
N GLN P 199 -16.42 0.01 -117.31
CA GLN P 199 -17.24 -1.05 -117.87
C GLN P 199 -17.72 -0.70 -119.27
N GLY P 200 -18.05 -1.73 -120.03
CA GLY P 200 -18.62 -1.55 -121.35
C GLY P 200 -17.57 -1.53 -122.45
N ARG P 201 -18.03 -1.81 -123.66
CA ARG P 201 -17.17 -1.82 -124.85
C ARG P 201 -17.41 -0.54 -125.65
N PHE P 202 -16.95 0.57 -125.08
CA PHE P 202 -17.18 1.89 -125.63
C PHE P 202 -15.88 2.68 -125.66
N SER P 203 -15.87 3.72 -126.51
CA SER P 203 -14.77 4.67 -126.64
C SER P 203 -13.43 3.97 -126.87
N PRO P 204 -13.23 3.34 -128.03
CA PRO P 204 -11.97 2.61 -128.24
C PRO P 204 -10.95 3.40 -129.06
N VAL P 205 -9.72 2.89 -129.10
CA VAL P 205 -8.66 3.41 -129.96
C VAL P 205 -8.42 2.42 -131.09
N ILE P 206 -8.34 2.91 -132.32
CA ILE P 206 -8.27 2.08 -133.51
C ILE P 206 -6.93 2.31 -134.20
N LEU P 207 -6.35 1.23 -134.72
CA LEU P 207 -5.10 1.28 -135.46
C LEU P 207 -5.20 0.36 -136.67
N ARG P 208 -4.43 0.68 -137.71
CA ARG P 208 -4.49 -0.06 -138.97
C ARG P 208 -3.10 -0.23 -139.55
N TRP P 209 -2.85 -1.40 -140.14
CA TRP P 209 -1.61 -1.69 -140.85
C TRP P 209 -1.98 -2.20 -142.24
N ILE P 210 -1.30 -1.67 -143.26
CA ILE P 210 -1.60 -2.00 -144.65
C ILE P 210 -0.39 -2.68 -145.28
N LEU P 211 -0.59 -3.14 -146.51
CA LEU P 211 0.40 -3.97 -147.19
C LEU P 211 1.51 -3.11 -147.78
N SER P 212 2.75 -3.38 -147.36
CA SER P 212 3.94 -2.75 -147.93
C SER P 212 5.19 -3.52 -147.51
N THR P 213 5.80 -4.23 -148.45
CA THR P 213 6.95 -5.08 -148.17
C THR P 213 8.26 -4.29 -148.12
N GLU P 214 8.21 -2.97 -147.95
CA GLU P 214 9.43 -2.19 -147.86
C GLU P 214 10.13 -2.38 -146.52
N ASP P 215 9.36 -2.68 -145.47
CA ASP P 215 9.92 -2.86 -144.14
C ASP P 215 10.22 -4.33 -143.87
N SER P 216 11.05 -4.56 -142.86
CA SER P 216 11.44 -5.93 -142.52
C SER P 216 10.26 -6.73 -141.97
N SER P 217 9.26 -6.06 -141.41
CA SER P 217 8.09 -6.77 -140.87
C SER P 217 7.23 -7.34 -141.99
N GLY P 218 6.67 -6.47 -142.81
CA GLY P 218 5.82 -6.90 -143.90
C GLY P 218 4.65 -5.98 -144.15
N VAL P 219 4.24 -5.25 -143.11
CA VAL P 219 3.15 -4.30 -143.19
C VAL P 219 3.57 -3.00 -142.53
N VAL P 220 2.97 -1.90 -142.97
CA VAL P 220 3.25 -0.58 -142.43
C VAL P 220 1.94 0.03 -141.92
N ARG P 221 2.05 0.77 -140.81
CA ARG P 221 0.86 1.38 -140.21
C ARG P 221 0.35 2.53 -141.06
N SER P 222 -0.97 2.64 -141.17
CA SER P 222 -1.62 3.68 -141.96
C SER P 222 -2.19 4.73 -141.03
N GLU P 223 -1.87 6.00 -141.30
CA GLU P 223 -2.34 7.10 -140.47
C GLU P 223 -3.85 7.31 -140.58
N ASP P 224 -4.47 6.82 -141.64
CA ASP P 224 -5.89 7.07 -141.90
C ASP P 224 -6.77 5.88 -141.49
N ALA P 225 -6.58 5.38 -140.27
CA ALA P 225 -7.40 4.30 -139.74
C ALA P 225 -8.77 4.86 -139.33
N TYR P 226 -9.59 4.01 -138.71
CA TYR P 226 -10.91 4.37 -138.20
C TYR P 226 -11.86 4.91 -139.27
N GLU P 227 -11.51 4.75 -140.55
CA GLU P 227 -12.33 5.23 -141.65
C GLU P 227 -13.32 4.18 -142.14
N LEU P 228 -13.47 3.08 -141.41
CA LEU P 228 -14.44 2.06 -141.82
C LEU P 228 -15.87 2.55 -141.64
N PHE P 229 -16.12 3.32 -140.58
CA PHE P 229 -17.45 3.83 -140.28
C PHE P 229 -17.58 5.22 -140.89
N ARG P 230 -18.11 5.28 -142.12
CA ARG P 230 -18.30 6.51 -142.88
C ARG P 230 -16.96 7.25 -143.01
N PRO P 231 -16.15 6.91 -144.01
CA PRO P 231 -14.79 7.49 -144.10
C PRO P 231 -14.75 9.01 -144.14
N GLY P 232 -15.88 9.68 -144.35
CA GLY P 232 -15.93 11.13 -144.21
C GLY P 232 -16.47 11.52 -142.84
N GLU P 233 -16.03 10.81 -141.80
CA GLU P 233 -16.60 10.99 -140.48
C GLU P 233 -16.11 12.25 -139.78
N GLU P 234 -14.91 12.72 -140.11
CA GLU P 234 -14.24 13.80 -139.37
C GLU P 234 -14.20 13.47 -137.89
N VAL P 235 -13.35 12.49 -137.57
CA VAL P 235 -13.32 11.91 -136.22
C VAL P 235 -12.92 12.98 -135.22
N PRO P 236 -13.58 13.07 -134.06
CA PRO P 236 -13.20 14.08 -133.06
C PRO P 236 -12.07 13.59 -132.15
N SER P 237 -11.80 14.34 -131.08
CA SER P 237 -10.70 14.02 -130.19
C SER P 237 -10.97 12.78 -129.32
N THR P 238 -12.19 12.29 -129.29
CA THR P 238 -12.55 11.09 -128.52
C THR P 238 -12.80 9.88 -129.39
N GLY P 239 -13.62 10.03 -130.44
CA GLY P 239 -13.91 8.95 -131.36
C GLY P 239 -15.01 8.01 -130.92
N PHE P 240 -15.66 8.26 -129.80
CA PHE P 240 -16.71 7.38 -129.28
C PHE P 240 -18.06 7.81 -129.86
N TYR P 241 -18.65 6.94 -130.68
CA TYR P 241 -20.06 7.06 -131.06
C TYR P 241 -20.67 5.67 -131.18
N LYS P 242 -20.32 4.80 -130.23
CA LYS P 242 -20.78 3.40 -130.21
C LYS P 242 -20.45 2.71 -131.53
N ILE P 243 -19.16 2.43 -131.71
CA ILE P 243 -18.68 1.82 -132.93
C ILE P 243 -19.32 0.45 -133.11
N ASP P 244 -19.88 0.21 -134.29
CA ASP P 244 -20.64 -1.00 -134.57
C ASP P 244 -19.80 -1.95 -135.42
N LEU P 245 -19.89 -3.24 -135.10
CA LEU P 245 -19.25 -4.28 -135.88
C LEU P 245 -20.23 -5.35 -136.35
N SER P 246 -21.53 -5.17 -136.10
CA SER P 246 -22.51 -6.21 -136.42
C SER P 246 -22.49 -6.56 -137.90
N ARG P 247 -22.27 -5.57 -138.76
CA ARG P 247 -22.13 -5.84 -140.19
C ARG P 247 -20.91 -6.71 -140.48
N PHE P 248 -19.94 -6.76 -139.55
CA PHE P 248 -18.74 -7.58 -139.70
C PHE P 248 -18.72 -8.74 -138.72
N TYR P 249 -19.88 -9.10 -138.16
CA TYR P 249 -19.97 -10.25 -137.27
C TYR P 249 -20.12 -11.54 -138.10
N PRO P 250 -19.19 -12.49 -137.99
CA PRO P 250 -19.36 -13.77 -138.69
C PRO P 250 -20.71 -14.40 -138.38
N LYS P 251 -21.27 -15.09 -139.38
CA LYS P 251 -22.54 -15.77 -139.21
C LYS P 251 -22.42 -17.08 -138.44
N ASN P 252 -21.20 -17.54 -138.18
CA ASN P 252 -20.99 -18.75 -137.38
C ASN P 252 -20.92 -18.48 -135.89
N ASN P 253 -20.94 -17.21 -135.48
CA ASN P 253 -20.91 -16.82 -134.07
C ASN P 253 -19.66 -17.33 -133.36
N VAL P 254 -18.51 -16.84 -133.81
CA VAL P 254 -17.23 -17.09 -133.15
C VAL P 254 -16.70 -15.75 -132.66
N MET P 255 -16.32 -15.70 -131.38
CA MET P 255 -15.82 -14.47 -130.78
C MET P 255 -14.45 -14.67 -130.15
N GLU P 256 -14.32 -15.57 -129.19
CA GLU P 256 -13.02 -15.94 -128.67
C GLU P 256 -12.53 -17.23 -129.33
N MET P 257 -11.39 -17.72 -128.87
CA MET P 257 -10.88 -19.03 -129.26
C MET P 257 -10.77 -19.88 -128.00
N GLN P 258 -11.24 -21.12 -128.09
CA GLN P 258 -11.47 -21.96 -126.92
C GLN P 258 -10.67 -23.25 -127.01
N CYS P 259 -10.45 -23.86 -125.85
CA CYS P 259 -9.74 -25.13 -125.72
C CYS P 259 -10.52 -26.09 -124.86
N ASP P 260 -10.51 -27.37 -125.24
CA ASP P 260 -11.11 -28.42 -124.45
C ASP P 260 -10.19 -28.72 -123.27
N ARG P 261 -10.65 -28.36 -122.06
CA ARG P 261 -9.80 -28.53 -120.87
C ARG P 261 -9.52 -29.99 -120.55
N THR P 262 -10.33 -30.92 -121.06
CA THR P 262 -10.12 -32.34 -120.82
C THR P 262 -9.05 -32.89 -121.77
N LEU P 263 -7.85 -32.32 -121.64
CA LEU P 263 -6.71 -32.71 -122.44
C LEU P 263 -5.45 -32.60 -121.60
N GLU P 264 -5.47 -33.23 -120.42
CA GLU P 264 -4.45 -33.03 -119.38
C GLU P 264 -3.71 -34.32 -119.08
N PRO P 265 -2.63 -34.63 -119.82
CA PRO P 265 -1.77 -35.74 -119.42
C PRO P 265 -1.26 -35.55 -117.99
N VAL P 266 -1.33 -36.62 -117.20
CA VAL P 266 -0.80 -36.63 -115.84
C VAL P 266 0.47 -37.47 -115.84
N GLN P 267 1.54 -36.91 -115.26
CA GLN P 267 2.86 -37.52 -115.35
C GLN P 267 3.69 -37.19 -114.11
N PRO P 268 4.39 -38.16 -113.52
CA PRO P 268 5.27 -37.89 -112.37
C PRO P 268 6.64 -37.36 -112.81
CA CA Q . 2.17 -78.48 -30.37
CA CA R . 6.05 1.13 53.89
CA CA S . 57.71 -8.26 -52.10
CA CA T . 14.89 -28.25 24.27
CA CA U . -35.11 73.57 38.36
CA CA V . -4.84 -89.60 13.37
CA CA W . -54.03 92.44 72.32
CA CA X . 10.60 -12.57 -106.50
#